data_6LSY
#
_entry.id   6LSY
#
_cell.length_a   1.00
_cell.length_b   1.00
_cell.length_c   1.00
_cell.angle_alpha   90.00
_cell.angle_beta   90.00
_cell.angle_gamma   90.00
#
_symmetry.space_group_name_H-M   'P 1'
#
_entity_poly.entity_id   1
_entity_poly.type   'polypeptide(L)'
_entity_poly.pdbx_seq_one_letter_code
;MNNNFNNFNNMDDLFNQLMGGMRGYSSENRRYLINGREVTPEEFAYYRATGQLPGNAESDVQMQQQASGMKQDGVLAKLG
RNLTAEAREGKLDPVIGRNKEIQEASEILSRRTKNNPVLVGDAGVGKTAVVEGLAQAIVNGDVPAAIKNKEIVSIDISGL
EAGTQYRGSFEENVQNLVNEVKEAGNIILFFDAIHQILGAGSTGGDSGSKGLADILKPALSRGELTVIGATTQDEYRNTI
LKNAALARRFNEVKVNAPSAENTFKILQGIRDLYQQHHNVILPDEVLKAAVDYSVQYIPQRSLPDKAIDLVDVTAAHLAA
QHPVTDVHAVEREIETEKDKQEKAVEAEDFEAALNYKTRIAELERKIENHTEDMKVTASVNDVAESVERMTGIPVSQMGA
SDIERLKDMAHRLQDKVIGQDKAVEVVARAICRNRAGFDEGNRPIGNFLFVGSTGVGKTELAKQLALDMFGTQDAIIRLD
MSEYSDRTAVSKLIGTTAGYVGYDDNSNTLTERVRRNPYSIILLDAIEKADPQVITLLLQVLDDGRLTDGQGNTVNFKNT
VIIATSNAGFGYEANLTEDADKPELMDRLKPFFRPEFLNRFNAVIEFSHLTKEDLSKIVDLMLAEVNQTLAKKDIDLVVS
QAAKDYITEEGYDEVMGVRPLRRVVEQEIRDKVTDFHLDHLDAKHLEADMEDGVLVIREKV
;
_entity_poly.pdbx_strand_id   A,B,C,D,E,F,G,H,I,J,K,L,M,N
#
# COMPACT_ATOMS: atom_id res chain seq x y z
N LEU A 76 -4.68 -41.00 -19.56
CA LEU A 76 -5.29 -39.85 -20.22
C LEU A 76 -6.82 -39.86 -20.14
N ALA A 77 -7.39 -40.75 -19.33
CA ALA A 77 -8.84 -40.82 -19.15
C ALA A 77 -9.29 -39.77 -18.14
N LYS A 78 -9.03 -38.50 -18.49
CA LYS A 78 -9.16 -37.40 -17.54
C LYS A 78 -10.13 -36.28 -17.91
N LEU A 79 -10.37 -35.87 -19.18
CA LEU A 79 -9.76 -36.12 -20.53
C LEU A 79 -10.10 -37.41 -21.28
N GLY A 80 -10.91 -38.30 -20.73
CA GLY A 80 -11.35 -39.46 -21.48
C GLY A 80 -12.02 -40.55 -20.68
N ARG A 81 -11.85 -41.77 -21.17
CA ARG A 81 -12.52 -42.96 -20.64
C ARG A 81 -11.56 -44.13 -20.71
N ASN A 82 -11.15 -44.64 -19.55
CA ASN A 82 -10.24 -45.78 -19.45
C ASN A 82 -11.07 -47.04 -19.68
N LEU A 83 -10.87 -47.68 -20.84
CA LEU A 83 -11.71 -48.81 -21.23
C LEU A 83 -11.28 -50.11 -20.54
N THR A 84 -9.98 -50.29 -20.30
CA THR A 84 -9.54 -51.49 -19.58
C THR A 84 -9.94 -51.43 -18.11
N ALA A 85 -9.95 -50.24 -17.51
CA ALA A 85 -10.40 -50.11 -16.13
C ALA A 85 -11.86 -50.51 -16.00
N GLU A 86 -12.69 -50.14 -16.97
CA GLU A 86 -14.08 -50.59 -16.95
C GLU A 86 -14.16 -52.08 -17.28
N ALA A 87 -13.16 -52.61 -18.00
CA ALA A 87 -13.11 -54.05 -18.23
C ALA A 87 -12.69 -54.79 -16.97
N ARG A 88 -11.77 -54.22 -16.19
CA ARG A 88 -11.36 -54.83 -14.93
C ARG A 88 -12.50 -54.87 -13.92
N GLU A 89 -13.48 -53.98 -14.04
CA GLU A 89 -14.62 -53.91 -13.12
C GLU A 89 -15.83 -54.67 -13.61
N GLY A 90 -15.74 -55.37 -14.75
CA GLY A 90 -16.88 -56.10 -15.26
C GLY A 90 -18.00 -55.22 -15.77
N LYS A 91 -17.67 -54.07 -16.36
CA LYS A 91 -18.66 -53.11 -16.82
C LYS A 91 -19.03 -53.29 -18.29
N LEU A 92 -18.50 -54.30 -18.97
CA LEU A 92 -18.71 -54.47 -20.40
C LEU A 92 -19.83 -55.47 -20.69
N ASP A 93 -20.35 -55.40 -21.91
CA ASP A 93 -21.35 -56.33 -22.42
C ASP A 93 -20.65 -57.51 -23.09
N PRO A 94 -20.58 -58.70 -22.45
CA PRO A 94 -19.85 -59.80 -23.14
C PRO A 94 -20.60 -60.36 -24.33
N VAL A 95 -20.51 -59.64 -25.46
CA VAL A 95 -21.04 -60.12 -26.73
C VAL A 95 -19.99 -60.99 -27.39
N ILE A 96 -20.42 -62.12 -27.96
CA ILE A 96 -19.52 -63.06 -28.63
C ILE A 96 -20.05 -63.31 -30.04
N GLY A 97 -19.34 -64.18 -30.77
CA GLY A 97 -19.51 -64.32 -32.20
C GLY A 97 -18.61 -63.40 -33.00
N ARG A 98 -18.12 -62.33 -32.38
CA ARG A 98 -17.13 -61.44 -32.98
C ARG A 98 -15.70 -61.87 -32.65
N ASN A 99 -15.50 -63.14 -32.28
CA ASN A 99 -14.19 -63.59 -31.86
C ASN A 99 -13.17 -63.51 -32.99
N LYS A 100 -13.62 -63.71 -34.24
CA LYS A 100 -12.72 -63.62 -35.38
C LYS A 100 -12.12 -62.23 -35.54
N GLU A 101 -12.81 -61.19 -35.10
CA GLU A 101 -12.26 -59.85 -35.15
C GLU A 101 -11.31 -59.58 -33.99
N ILE A 102 -11.44 -60.35 -32.90
CA ILE A 102 -10.39 -60.39 -31.89
C ILE A 102 -9.20 -61.19 -32.39
N GLN A 103 -9.47 -62.27 -33.12
CA GLN A 103 -8.39 -63.01 -33.79
C GLN A 103 -7.69 -62.10 -34.79
N GLU A 104 -8.45 -61.26 -35.49
CA GLU A 104 -7.86 -60.28 -36.38
C GLU A 104 -7.18 -59.17 -35.59
N ALA A 105 -7.58 -58.97 -34.33
CA ALA A 105 -6.88 -58.06 -33.44
C ALA A 105 -5.59 -58.66 -32.87
N SER A 106 -5.23 -59.89 -33.26
CA SER A 106 -3.91 -60.41 -32.91
C SER A 106 -2.81 -59.55 -33.50
N GLU A 107 -3.03 -59.02 -34.71
CA GLU A 107 -2.07 -58.11 -35.33
C GLU A 107 -2.21 -56.69 -34.79
N ILE A 108 -3.42 -56.28 -34.42
CA ILE A 108 -3.63 -54.93 -33.87
C ILE A 108 -2.78 -54.76 -32.62
N LEU A 109 -2.67 -55.80 -31.80
CA LEU A 109 -1.96 -55.70 -30.53
C LEU A 109 -0.46 -55.98 -30.68
N SER A 110 -0.06 -56.73 -31.71
CA SER A 110 1.27 -57.33 -31.76
C SER A 110 2.27 -56.62 -32.68
N ARG A 111 1.82 -56.00 -33.76
CA ARG A 111 2.74 -55.39 -34.71
C ARG A 111 3.60 -54.33 -34.03
N ARG A 112 4.92 -54.52 -34.12
CA ARG A 112 5.84 -53.68 -33.35
C ARG A 112 5.99 -52.28 -33.93
N THR A 113 5.79 -52.12 -35.23
CA THR A 113 5.94 -50.82 -35.87
C THR A 113 5.01 -50.74 -37.06
N LYS A 114 4.66 -49.50 -37.43
CA LYS A 114 3.75 -49.23 -38.54
C LYS A 114 2.44 -49.98 -38.33
N ASN A 115 1.95 -49.92 -37.08
CA ASN A 115 1.03 -50.90 -36.54
C ASN A 115 -0.37 -50.36 -36.27
N ASN A 116 -0.73 -49.22 -36.86
CA ASN A 116 -2.00 -48.58 -36.56
C ASN A 116 -3.07 -49.07 -37.54
N PRO A 117 -3.97 -49.97 -37.16
CA PRO A 117 -4.90 -50.55 -38.14
C PRO A 117 -5.90 -49.55 -38.69
N VAL A 118 -6.78 -50.06 -39.54
CA VAL A 118 -7.86 -49.29 -40.17
C VAL A 118 -9.14 -50.11 -40.02
N LEU A 119 -9.88 -49.88 -38.94
CA LEU A 119 -11.13 -50.58 -38.67
C LEU A 119 -12.25 -49.94 -39.49
N VAL A 120 -13.36 -50.67 -39.64
CA VAL A 120 -14.54 -50.19 -40.38
C VAL A 120 -15.79 -50.64 -39.65
N GLY A 121 -16.84 -49.81 -39.70
CA GLY A 121 -18.11 -50.18 -39.08
C GLY A 121 -19.14 -49.06 -39.17
N ASP A 122 -20.34 -49.37 -38.66
CA ASP A 122 -21.46 -48.44 -38.57
C ASP A 122 -21.39 -47.66 -37.26
N ALA A 123 -22.09 -46.52 -37.21
CA ALA A 123 -22.15 -45.69 -36.01
C ALA A 123 -22.76 -46.49 -34.88
N GLY A 124 -22.01 -46.67 -33.79
CA GLY A 124 -22.44 -47.53 -32.71
C GLY A 124 -22.70 -48.95 -33.12
N VAL A 125 -22.03 -49.44 -34.16
CA VAL A 125 -22.14 -50.84 -34.56
C VAL A 125 -21.70 -51.77 -33.45
N GLY A 126 -20.76 -51.32 -32.63
CA GLY A 126 -20.10 -52.16 -31.65
C GLY A 126 -18.75 -52.65 -32.10
N LYS A 127 -18.08 -51.92 -33.00
CA LYS A 127 -16.69 -52.21 -33.30
C LYS A 127 -15.80 -51.62 -32.22
N THR A 128 -16.29 -50.59 -31.53
CA THR A 128 -15.77 -50.26 -30.21
C THR A 128 -15.90 -51.44 -29.27
N ALA A 129 -17.03 -52.13 -29.31
CA ALA A 129 -17.24 -53.27 -28.42
C ALA A 129 -16.27 -54.41 -28.74
N VAL A 130 -15.77 -54.48 -29.97
CA VAL A 130 -14.70 -55.41 -30.29
C VAL A 130 -13.44 -55.04 -29.52
N VAL A 131 -13.03 -53.77 -29.61
CA VAL A 131 -11.83 -53.32 -28.91
C VAL A 131 -12.05 -53.37 -27.40
N GLU A 132 -13.28 -53.12 -26.95
CA GLU A 132 -13.61 -53.42 -25.55
C GLU A 132 -13.54 -54.93 -25.32
N GLY A 133 -14.02 -55.71 -26.29
CA GLY A 133 -13.82 -57.15 -26.24
C GLY A 133 -12.34 -57.51 -26.29
N LEU A 134 -11.54 -56.71 -26.98
CA LEU A 134 -10.10 -56.89 -26.92
C LEU A 134 -9.56 -56.49 -25.55
N ALA A 135 -10.04 -55.37 -25.01
CA ALA A 135 -9.67 -54.98 -23.65
C ALA A 135 -10.05 -56.08 -22.65
N GLN A 136 -11.24 -56.65 -22.80
CA GLN A 136 -11.62 -57.80 -21.97
C GLN A 136 -10.64 -58.94 -22.13
N ALA A 137 -10.18 -59.19 -23.35
CA ALA A 137 -9.20 -60.25 -23.58
C ALA A 137 -7.87 -59.93 -22.92
N ILE A 138 -7.53 -58.63 -22.80
CA ILE A 138 -6.28 -58.26 -22.15
C ILE A 138 -6.39 -58.47 -20.64
N VAL A 139 -7.54 -58.10 -20.06
CA VAL A 139 -7.72 -58.25 -18.61
C VAL A 139 -7.68 -59.73 -18.22
N ASN A 140 -8.38 -60.57 -18.97
CA ASN A 140 -8.47 -61.99 -18.67
C ASN A 140 -7.28 -62.80 -19.15
N GLY A 141 -6.28 -62.16 -19.78
CA GLY A 141 -5.13 -62.88 -20.28
C GLY A 141 -5.46 -63.81 -21.43
N ASP A 142 -6.42 -63.44 -22.27
CA ASP A 142 -6.72 -64.16 -23.51
C ASP A 142 -5.95 -63.59 -24.69
N VAL A 143 -4.77 -63.04 -24.43
CA VAL A 143 -3.96 -62.34 -25.42
C VAL A 143 -2.51 -62.78 -25.23
N PRO A 144 -1.67 -62.64 -26.25
CA PRO A 144 -0.25 -62.99 -26.07
C PRO A 144 0.47 -61.95 -25.21
N ALA A 145 1.72 -62.27 -24.90
CA ALA A 145 2.52 -61.41 -24.02
C ALA A 145 2.90 -60.08 -24.67
N ALA A 146 2.70 -59.94 -25.98
CA ALA A 146 3.05 -58.69 -26.66
C ALA A 146 2.28 -57.51 -26.11
N ILE A 147 1.09 -57.75 -25.54
CA ILE A 147 0.15 -56.71 -25.12
C ILE A 147 -0.10 -56.77 -23.61
N LYS A 148 0.76 -57.46 -22.85
CA LYS A 148 0.54 -57.56 -21.42
C LYS A 148 0.67 -56.19 -20.77
N ASN A 149 -0.28 -55.87 -19.89
CA ASN A 149 -0.26 -54.63 -19.11
C ASN A 149 -0.28 -53.40 -20.00
N LYS A 150 -1.00 -53.48 -21.12
CA LYS A 150 -1.19 -52.36 -22.03
C LYS A 150 -2.61 -51.81 -21.85
N GLU A 151 -2.71 -50.62 -21.27
CA GLU A 151 -3.98 -49.97 -21.00
C GLU A 151 -4.53 -49.35 -22.28
N ILE A 152 -5.86 -49.25 -22.36
CA ILE A 152 -6.55 -48.59 -23.47
C ILE A 152 -7.33 -47.42 -22.89
N VAL A 153 -7.26 -46.27 -23.56
CA VAL A 153 -8.01 -45.07 -23.18
C VAL A 153 -8.67 -44.52 -24.44
N SER A 154 -9.95 -44.18 -24.34
CA SER A 154 -10.67 -43.54 -25.44
C SER A 154 -10.47 -42.03 -25.36
N ILE A 155 -9.81 -41.47 -26.36
CA ILE A 155 -9.53 -40.05 -26.43
C ILE A 155 -10.68 -39.41 -27.22
N ASP A 156 -11.37 -38.47 -26.58
CA ASP A 156 -12.61 -37.91 -27.12
C ASP A 156 -12.28 -36.68 -27.95
N ILE A 157 -12.11 -36.88 -29.26
CA ILE A 157 -11.87 -35.77 -30.17
C ILE A 157 -13.10 -34.89 -30.32
N SER A 158 -14.30 -35.44 -30.06
CA SER A 158 -15.51 -34.63 -30.14
C SER A 158 -15.53 -33.52 -29.10
N GLY A 159 -14.77 -33.66 -28.01
CA GLY A 159 -14.57 -32.60 -27.06
C GLY A 159 -13.43 -31.66 -27.41
N LEU A 160 -13.02 -31.63 -28.68
CA LEU A 160 -11.97 -30.71 -29.11
C LEU A 160 -12.42 -29.28 -28.90
N GLU A 161 -11.49 -28.43 -28.44
CA GLU A 161 -11.70 -27.01 -28.16
C GLU A 161 -12.62 -26.77 -26.97
N ALA A 162 -13.02 -27.81 -26.23
CA ALA A 162 -13.92 -27.63 -25.10
C ALA A 162 -13.20 -26.95 -23.95
N GLY A 163 -13.71 -25.79 -23.53
CA GLY A 163 -13.15 -25.03 -22.44
C GLY A 163 -12.23 -23.89 -22.85
N THR A 164 -11.93 -23.76 -24.15
CA THR A 164 -11.10 -22.68 -24.63
C THR A 164 -11.86 -21.36 -24.80
N GLN A 165 -13.20 -21.41 -24.84
CA GLN A 165 -14.06 -20.28 -25.15
C GLN A 165 -13.82 -19.69 -26.54
N TYR A 166 -13.05 -20.38 -27.39
CA TYR A 166 -12.54 -19.84 -28.66
C TYR A 166 -11.79 -18.53 -28.45
N ARG A 167 -11.17 -18.36 -27.28
CA ARG A 167 -10.25 -17.26 -27.01
C ARG A 167 -8.83 -17.73 -26.70
N GLY A 168 -8.68 -18.93 -26.16
CA GLY A 168 -7.39 -19.49 -25.78
C GLY A 168 -6.84 -20.44 -26.82
N SER A 169 -6.29 -21.56 -26.34
CA SER A 169 -5.68 -22.56 -27.21
C SER A 169 -5.94 -23.95 -26.65
N PHE A 170 -5.84 -24.94 -27.55
CA PHE A 170 -5.93 -26.35 -27.20
C PHE A 170 -4.71 -27.15 -27.63
N GLU A 171 -3.89 -26.65 -28.55
CA GLU A 171 -2.85 -27.46 -29.17
C GLU A 171 -1.84 -27.96 -28.16
N GLU A 172 -1.70 -27.27 -27.02
CA GLU A 172 -0.84 -27.76 -25.95
C GLU A 172 -1.49 -28.90 -25.17
N ASN A 173 -2.81 -28.89 -25.01
CA ASN A 173 -3.52 -30.01 -24.42
C ASN A 173 -3.46 -31.26 -25.29
N VAL A 174 -3.09 -31.12 -26.56
CA VAL A 174 -2.81 -32.25 -27.45
C VAL A 174 -1.40 -32.78 -27.21
N GLN A 175 -0.40 -31.88 -27.24
CA GLN A 175 0.95 -32.26 -26.89
C GLN A 175 1.04 -32.79 -25.45
N ASN A 176 0.10 -32.38 -24.59
CA ASN A 176 0.01 -32.94 -23.25
C ASN A 176 -0.60 -34.33 -23.23
N LEU A 177 -1.34 -34.73 -24.27
CA LEU A 177 -1.68 -36.15 -24.40
C LEU A 177 -0.41 -36.96 -24.66
N VAL A 178 0.44 -36.48 -25.56
CA VAL A 178 1.71 -37.14 -25.86
C VAL A 178 2.59 -37.19 -24.60
N ASN A 179 2.66 -36.08 -23.87
CA ASN A 179 3.64 -35.93 -22.80
C ASN A 179 3.45 -36.93 -21.66
N GLU A 180 2.23 -37.40 -21.42
CA GLU A 180 2.02 -38.44 -20.41
C GLU A 180 2.35 -39.83 -20.95
N VAL A 181 1.81 -40.19 -22.10
CA VAL A 181 1.86 -41.59 -22.55
C VAL A 181 3.23 -41.96 -23.11
N LYS A 182 3.98 -40.99 -23.63
CA LYS A 182 5.34 -41.29 -24.12
C LYS A 182 6.22 -41.78 -22.98
N GLU A 183 6.06 -41.22 -21.79
CA GLU A 183 6.85 -41.59 -20.62
C GLU A 183 6.12 -42.48 -19.65
N ALA A 184 4.78 -42.40 -19.59
CA ALA A 184 4.02 -43.31 -18.73
C ALA A 184 4.24 -44.76 -19.15
N GLY A 185 4.35 -44.99 -20.45
CA GLY A 185 4.66 -46.31 -20.94
C GLY A 185 3.48 -47.25 -20.94
N ASN A 186 3.38 -48.03 -22.02
CA ASN A 186 2.41 -49.12 -22.15
C ASN A 186 0.96 -48.59 -22.14
N ILE A 187 0.70 -47.58 -22.98
CA ILE A 187 -0.63 -47.02 -23.18
C ILE A 187 -1.04 -47.28 -24.62
N ILE A 188 -2.26 -47.78 -24.81
CA ILE A 188 -2.94 -47.82 -26.10
C ILE A 188 -4.00 -46.72 -26.07
N LEU A 189 -4.31 -46.16 -27.23
CA LEU A 189 -5.32 -45.12 -27.35
C LEU A 189 -6.35 -45.51 -28.40
N PHE A 190 -7.58 -45.02 -28.23
CA PHE A 190 -8.72 -45.48 -29.00
C PHE A 190 -9.57 -44.32 -29.48
N PHE A 191 -10.24 -44.51 -30.62
CA PHE A 191 -11.32 -43.63 -31.05
C PHE A 191 -12.47 -44.46 -31.62
N ASP A 192 -13.69 -43.93 -31.47
CA ASP A 192 -14.86 -44.58 -32.06
C ASP A 192 -14.82 -44.48 -33.57
N ALA A 193 -14.75 -43.27 -34.10
CA ALA A 193 -14.65 -43.06 -35.54
C ALA A 193 -14.05 -41.69 -35.78
N ILE A 194 -12.99 -41.64 -36.60
CA ILE A 194 -12.32 -40.40 -36.96
C ILE A 194 -12.14 -40.36 -38.48
N HIS A 195 -12.50 -39.22 -39.05
CA HIS A 195 -11.88 -38.69 -40.26
C HIS A 195 -11.42 -37.25 -40.03
N GLN A 196 -12.03 -36.58 -39.06
CA GLN A 196 -11.85 -35.15 -38.83
C GLN A 196 -10.47 -34.80 -38.25
N ILE A 197 -9.66 -35.78 -37.86
CA ILE A 197 -8.34 -35.47 -37.30
C ILE A 197 -7.48 -34.75 -38.32
N LEU A 198 -7.62 -35.10 -39.59
CA LEU A 198 -6.79 -34.52 -40.64
C LEU A 198 -7.26 -33.14 -41.09
N GLY A 199 -8.24 -32.54 -40.40
CA GLY A 199 -8.55 -31.14 -40.64
C GLY A 199 -7.35 -30.25 -40.35
N ALA A 200 -6.74 -30.45 -39.18
CA ALA A 200 -5.42 -29.87 -38.88
C ALA A 200 -4.35 -30.80 -39.46
N GLY A 201 -4.39 -30.92 -40.79
CA GLY A 201 -3.56 -31.90 -41.48
C GLY A 201 -3.85 -31.87 -42.97
N SER A 202 -3.99 -33.07 -43.54
CA SER A 202 -4.25 -33.25 -44.97
C SER A 202 -5.54 -34.05 -45.14
N THR A 203 -6.62 -33.35 -45.51
CA THR A 203 -7.91 -33.99 -45.74
C THR A 203 -8.55 -33.35 -46.97
N GLY A 204 -9.84 -33.62 -47.17
CA GLY A 204 -10.55 -33.16 -48.34
C GLY A 204 -11.33 -31.88 -48.14
N GLY A 205 -12.66 -32.00 -48.03
CA GLY A 205 -13.51 -30.83 -47.94
C GLY A 205 -13.33 -30.02 -46.68
N ASP A 206 -12.92 -30.67 -45.59
CA ASP A 206 -12.73 -30.02 -44.30
C ASP A 206 -11.25 -29.76 -44.02
N SER A 207 -10.48 -29.41 -45.06
CA SER A 207 -9.07 -29.08 -44.88
C SER A 207 -8.92 -27.70 -44.26
N GLY A 208 -7.98 -27.58 -43.33
CA GLY A 208 -7.69 -26.32 -42.67
C GLY A 208 -8.40 -26.13 -41.34
N SER A 209 -9.40 -26.95 -41.04
CA SER A 209 -10.07 -26.87 -39.75
C SER A 209 -9.15 -27.34 -38.63
N LYS A 210 -9.66 -27.30 -37.41
CA LYS A 210 -8.89 -27.69 -36.25
C LYS A 210 -9.00 -29.19 -36.00
N GLY A 211 -7.92 -29.77 -35.50
CA GLY A 211 -7.88 -31.20 -35.27
C GLY A 211 -6.70 -31.56 -34.39
N LEU A 212 -6.25 -32.82 -34.52
CA LEU A 212 -5.10 -33.31 -33.78
C LEU A 212 -3.92 -33.70 -34.67
N ALA A 213 -4.12 -33.83 -35.98
CA ALA A 213 -3.12 -34.48 -36.83
C ALA A 213 -1.80 -33.71 -36.87
N ASP A 214 -1.83 -32.38 -36.67
CA ASP A 214 -0.57 -31.62 -36.68
C ASP A 214 0.38 -32.07 -35.58
N ILE A 215 -0.14 -32.63 -34.49
CA ILE A 215 0.69 -33.17 -33.41
C ILE A 215 0.87 -34.68 -33.54
N LEU A 216 -0.12 -35.36 -34.12
CA LEU A 216 -0.07 -36.83 -34.18
C LEU A 216 0.60 -37.32 -35.46
N LYS A 217 0.51 -36.56 -36.54
CA LYS A 217 1.15 -36.95 -37.80
C LYS A 217 2.67 -37.02 -37.61
N PRO A 218 3.30 -36.09 -36.88
CA PRO A 218 4.67 -36.37 -36.41
C PRO A 218 4.76 -37.60 -35.52
N ALA A 219 3.82 -37.76 -34.59
CA ALA A 219 3.85 -38.91 -33.70
C ALA A 219 3.74 -40.22 -34.47
N LEU A 220 2.99 -40.22 -35.57
CA LEU A 220 2.97 -41.38 -36.45
C LEU A 220 4.33 -41.57 -37.12
N SER A 221 4.91 -40.48 -37.64
CA SER A 221 6.21 -40.58 -38.29
C SER A 221 7.30 -41.00 -37.31
N ARG A 222 7.22 -40.52 -36.06
CA ARG A 222 8.19 -40.90 -35.05
C ARG A 222 7.97 -42.33 -34.55
N GLY A 223 6.72 -42.79 -34.55
CA GLY A 223 6.40 -44.09 -33.97
C GLY A 223 6.15 -44.05 -32.49
N GLU A 224 5.73 -42.90 -31.95
CA GLU A 224 5.49 -42.76 -30.52
C GLU A 224 4.09 -43.23 -30.12
N LEU A 225 3.06 -42.76 -30.83
CA LEU A 225 1.66 -42.99 -30.46
C LEU A 225 0.98 -43.81 -31.53
N THR A 226 0.24 -44.84 -31.11
CA THR A 226 -0.66 -45.61 -31.96
C THR A 226 -2.07 -45.47 -31.41
N VAL A 227 -2.97 -44.89 -32.19
CA VAL A 227 -4.37 -44.67 -31.80
C VAL A 227 -5.25 -45.37 -32.81
N ILE A 228 -6.26 -46.11 -32.32
CA ILE A 228 -6.94 -47.14 -33.11
C ILE A 228 -8.45 -46.93 -33.06
N GLY A 229 -9.10 -47.27 -34.17
CA GLY A 229 -10.53 -47.08 -34.28
C GLY A 229 -10.97 -47.20 -35.73
N ALA A 230 -12.28 -46.98 -35.93
CA ALA A 230 -12.93 -47.30 -37.20
C ALA A 230 -13.43 -46.06 -37.93
N THR A 231 -13.83 -46.27 -39.18
CA THR A 231 -14.44 -45.22 -40.00
C THR A 231 -15.19 -45.89 -41.16
N THR A 232 -15.54 -45.09 -42.17
CA THR A 232 -16.15 -45.61 -43.39
C THR A 232 -15.04 -46.07 -44.34
N GLN A 233 -15.23 -47.24 -44.95
CA GLN A 233 -14.19 -47.80 -45.82
C GLN A 233 -13.92 -46.92 -47.03
N ASP A 234 -14.94 -46.22 -47.53
CA ASP A 234 -14.77 -45.29 -48.64
C ASP A 234 -14.13 -43.98 -48.22
N GLU A 235 -14.24 -43.59 -46.94
CA GLU A 235 -13.53 -42.41 -46.45
C GLU A 235 -12.02 -42.65 -46.41
N TYR A 236 -11.59 -43.91 -46.37
CA TYR A 236 -10.18 -44.25 -46.36
C TYR A 236 -9.43 -43.79 -47.61
N ARG A 237 -10.17 -43.48 -48.69
CA ARG A 237 -9.55 -43.04 -49.94
C ARG A 237 -8.62 -41.85 -49.77
N ASN A 238 -8.84 -41.01 -48.75
CA ASN A 238 -8.03 -39.82 -48.52
C ASN A 238 -6.62 -40.14 -48.03
N THR A 239 -6.29 -41.43 -47.85
CA THR A 239 -4.91 -41.82 -47.54
C THR A 239 -3.93 -41.29 -48.56
N ILE A 240 -4.35 -41.23 -49.83
CA ILE A 240 -3.46 -40.83 -50.91
C ILE A 240 -2.94 -39.40 -50.72
N LEU A 241 -3.67 -38.56 -49.98
CA LEU A 241 -3.23 -37.19 -49.76
C LEU A 241 -1.90 -37.13 -49.03
N LYS A 242 -1.75 -37.91 -47.96
CA LYS A 242 -0.51 -38.01 -47.19
C LYS A 242 -0.23 -39.49 -46.93
N ASN A 243 -0.21 -40.28 -48.01
CA ASN A 243 0.17 -41.67 -47.93
C ASN A 243 1.48 -41.90 -47.19
N ALA A 244 2.44 -40.98 -47.30
CA ALA A 244 3.73 -41.15 -46.65
C ALA A 244 3.60 -41.26 -45.14
N ALA A 245 2.61 -40.59 -44.54
CA ALA A 245 2.34 -40.70 -43.11
C ALA A 245 1.28 -41.74 -42.78
N LEU A 246 0.31 -41.94 -43.67
CA LEU A 246 -0.84 -42.80 -43.40
C LEU A 246 -0.69 -44.17 -44.04
N ALA A 247 -0.32 -44.25 -45.32
CA ALA A 247 -0.17 -45.55 -45.97
C ALA A 247 1.03 -46.31 -45.42
N ARG A 248 2.11 -45.59 -45.10
CA ARG A 248 3.32 -46.21 -44.55
C ARG A 248 3.24 -46.45 -43.05
N ARG A 249 2.07 -46.32 -42.44
CA ARG A 249 1.89 -46.57 -41.01
C ARG A 249 0.66 -47.41 -40.70
N PHE A 250 -0.12 -47.82 -41.70
CA PHE A 250 -1.42 -48.45 -41.49
C PHE A 250 -1.50 -49.83 -42.13
N ASN A 251 -2.52 -50.57 -41.70
CA ASN A 251 -2.85 -51.89 -42.24
C ASN A 251 -4.37 -52.02 -42.22
N GLU A 252 -4.95 -52.53 -43.30
CA GLU A 252 -6.41 -52.56 -43.43
C GLU A 252 -7.02 -53.73 -42.67
N VAL A 253 -8.20 -53.49 -42.08
CA VAL A 253 -8.96 -54.50 -41.35
C VAL A 253 -10.03 -55.05 -42.29
N LYS A 254 -10.33 -56.34 -42.14
CA LYS A 254 -11.46 -56.96 -42.83
C LYS A 254 -12.73 -56.57 -42.07
N VAL A 255 -13.67 -56.01 -42.82
CA VAL A 255 -14.68 -55.08 -42.29
C VAL A 255 -15.50 -55.72 -41.18
N ASN A 256 -16.34 -56.69 -41.54
CA ASN A 256 -17.29 -57.29 -40.61
C ASN A 256 -18.06 -58.38 -41.36
N ALA A 257 -18.77 -59.20 -40.60
CA ALA A 257 -19.65 -60.22 -41.17
C ALA A 257 -20.81 -60.49 -40.21
N PRO A 258 -21.75 -59.55 -40.07
CA PRO A 258 -22.86 -59.74 -39.10
C PRO A 258 -23.90 -60.75 -39.60
N SER A 259 -23.62 -62.03 -39.33
CA SER A 259 -24.51 -63.10 -39.74
C SER A 259 -25.68 -63.24 -38.77
N ALA A 260 -26.79 -63.75 -39.28
CA ALA A 260 -27.95 -64.00 -38.42
C ALA A 260 -27.72 -65.19 -37.50
N GLU A 261 -26.76 -66.05 -37.82
CA GLU A 261 -26.48 -67.22 -36.98
C GLU A 261 -26.03 -66.80 -35.59
N ASN A 262 -25.06 -65.89 -35.50
CA ASN A 262 -24.60 -65.38 -34.22
C ASN A 262 -25.54 -64.33 -33.64
N THR A 263 -26.41 -63.74 -34.47
CA THR A 263 -27.39 -62.78 -33.98
C THR A 263 -28.28 -63.39 -32.91
N PHE A 264 -28.75 -64.62 -33.13
CA PHE A 264 -29.76 -65.21 -32.25
C PHE A 264 -29.23 -65.39 -30.83
N LYS A 265 -28.01 -65.90 -30.69
CA LYS A 265 -27.43 -66.04 -29.35
C LYS A 265 -27.27 -64.68 -28.69
N ILE A 266 -26.95 -63.66 -29.47
CA ILE A 266 -26.94 -62.30 -28.94
C ILE A 266 -28.35 -61.89 -28.53
N LEU A 267 -29.33 -62.17 -29.39
CA LEU A 267 -30.72 -61.78 -29.13
C LEU A 267 -31.22 -62.33 -27.80
N GLN A 268 -30.77 -63.52 -27.40
CA GLN A 268 -31.05 -64.01 -26.06
C GLN A 268 -30.34 -63.16 -25.01
N GLY A 269 -29.18 -62.62 -25.36
CA GLY A 269 -28.53 -61.65 -24.48
C GLY A 269 -29.23 -60.30 -24.48
N ILE A 270 -29.93 -59.98 -25.57
CA ILE A 270 -30.61 -58.69 -25.67
C ILE A 270 -31.87 -58.67 -24.80
N ARG A 271 -32.60 -59.79 -24.76
CA ARG A 271 -33.84 -59.79 -23.96
C ARG A 271 -33.54 -59.61 -22.48
N ASP A 272 -32.63 -60.40 -21.91
CA ASP A 272 -32.23 -60.29 -20.51
C ASP A 272 -31.68 -58.91 -20.15
N LEU A 273 -31.27 -58.11 -21.14
CA LEU A 273 -30.85 -56.74 -20.95
C LEU A 273 -32.02 -55.75 -20.97
N TYR A 274 -33.10 -56.06 -21.71
CA TYR A 274 -34.20 -55.12 -21.92
C TYR A 274 -35.57 -55.65 -21.53
N GLN A 275 -35.81 -56.96 -21.54
CA GLN A 275 -37.15 -57.46 -21.26
C GLN A 275 -37.60 -57.17 -19.84
N GLN A 276 -36.65 -56.98 -18.91
CA GLN A 276 -37.02 -56.58 -17.56
C GLN A 276 -37.47 -55.13 -17.46
N HIS A 277 -37.23 -54.32 -18.49
CA HIS A 277 -37.58 -52.90 -18.42
C HIS A 277 -39.10 -52.70 -18.41
N HIS A 278 -39.85 -53.53 -19.14
CA HIS A 278 -41.28 -53.35 -19.32
C HIS A 278 -42.11 -54.51 -18.77
N ASN A 279 -41.49 -55.41 -17.99
CA ASN A 279 -42.18 -56.60 -17.49
C ASN A 279 -42.71 -57.45 -18.64
N VAL A 280 -41.92 -57.56 -19.71
CA VAL A 280 -42.29 -58.28 -20.92
C VAL A 280 -41.51 -59.59 -20.96
N ILE A 281 -42.10 -60.61 -21.57
CA ILE A 281 -41.40 -61.84 -21.93
C ILE A 281 -41.14 -61.82 -23.43
N LEU A 282 -39.91 -62.17 -23.82
CA LEU A 282 -39.48 -62.20 -25.22
C LEU A 282 -38.99 -63.59 -25.53
N PRO A 283 -39.88 -64.57 -25.76
CA PRO A 283 -39.42 -65.95 -25.99
C PRO A 283 -38.66 -66.08 -27.30
N ASP A 284 -38.23 -67.32 -27.56
CA ASP A 284 -37.36 -67.58 -28.72
C ASP A 284 -38.04 -67.26 -30.04
N GLU A 285 -39.33 -67.62 -30.18
CA GLU A 285 -40.02 -67.36 -31.44
C GLU A 285 -40.16 -65.88 -31.73
N VAL A 286 -40.19 -65.04 -30.69
CA VAL A 286 -40.22 -63.59 -30.90
C VAL A 286 -38.85 -63.09 -31.33
N LEU A 287 -37.78 -63.59 -30.70
CA LEU A 287 -36.44 -63.20 -31.09
C LEU A 287 -36.15 -63.60 -32.54
N LYS A 288 -36.51 -64.84 -32.92
CA LYS A 288 -36.34 -65.27 -34.31
C LYS A 288 -37.18 -64.42 -35.25
N ALA A 289 -38.45 -64.19 -34.89
CA ALA A 289 -39.32 -63.38 -35.73
C ALA A 289 -38.81 -61.94 -35.84
N ALA A 290 -38.08 -61.46 -34.84
CA ALA A 290 -37.57 -60.10 -34.88
C ALA A 290 -36.57 -59.88 -36.00
N VAL A 291 -35.96 -60.96 -36.53
CA VAL A 291 -35.03 -60.89 -37.65
C VAL A 291 -35.53 -61.72 -38.84
N ASP A 292 -36.01 -62.94 -38.57
CA ASP A 292 -36.42 -63.82 -39.66
C ASP A 292 -37.60 -63.25 -40.44
N TYR A 293 -38.54 -62.61 -39.75
CA TYR A 293 -39.66 -61.96 -40.43
C TYR A 293 -39.29 -60.57 -40.92
N SER A 294 -38.44 -59.85 -40.19
CA SER A 294 -38.15 -58.46 -40.51
C SER A 294 -37.09 -58.30 -41.59
N VAL A 295 -36.15 -59.25 -41.72
CA VAL A 295 -35.07 -59.14 -42.71
C VAL A 295 -35.62 -58.91 -44.11
N GLN A 296 -36.81 -59.43 -44.39
CA GLN A 296 -37.44 -59.27 -45.69
C GLN A 296 -37.70 -57.81 -46.05
N TYR A 297 -37.93 -56.95 -45.05
CA TYR A 297 -38.40 -55.58 -45.26
C TYR A 297 -37.46 -54.54 -44.66
N ILE A 298 -36.18 -54.88 -44.47
CA ILE A 298 -35.19 -53.97 -43.92
C ILE A 298 -34.01 -53.94 -44.88
N PRO A 299 -33.94 -53.01 -45.83
CA PRO A 299 -32.73 -52.85 -46.64
C PRO A 299 -31.58 -52.12 -45.96
N GLN A 300 -31.64 -51.94 -44.64
CA GLN A 300 -30.69 -51.11 -43.91
C GLN A 300 -29.54 -51.95 -43.36
N ARG A 301 -28.38 -51.28 -43.22
CA ARG A 301 -27.24 -51.87 -42.53
C ARG A 301 -27.51 -52.03 -41.03
N SER A 302 -28.52 -51.34 -40.50
CA SER A 302 -28.82 -51.37 -39.08
C SER A 302 -29.70 -52.53 -38.65
N LEU A 303 -29.86 -53.57 -39.49
CA LEU A 303 -30.68 -54.73 -39.16
C LEU A 303 -30.30 -55.42 -37.87
N PRO A 304 -29.01 -55.65 -37.55
CA PRO A 304 -28.67 -56.44 -36.35
C PRO A 304 -29.22 -55.87 -35.04
N ASP A 305 -29.53 -54.57 -35.01
CA ASP A 305 -30.16 -53.94 -33.86
C ASP A 305 -31.62 -53.58 -34.11
N LYS A 306 -32.20 -53.99 -35.25
CA LYS A 306 -33.61 -53.74 -35.49
C LYS A 306 -34.49 -54.56 -34.56
N ALA A 307 -34.01 -55.71 -34.10
CA ALA A 307 -34.79 -56.54 -33.18
C ALA A 307 -35.08 -55.79 -31.88
N ILE A 308 -34.18 -54.91 -31.45
CA ILE A 308 -34.43 -54.09 -30.27
C ILE A 308 -35.61 -53.16 -30.52
N ASP A 309 -35.63 -52.51 -31.69
CA ASP A 309 -36.71 -51.58 -32.01
C ASP A 309 -38.07 -52.26 -32.01
N LEU A 310 -38.12 -53.51 -32.48
CA LEU A 310 -39.42 -54.21 -32.57
C LEU A 310 -39.94 -54.58 -31.19
N VAL A 311 -39.07 -55.05 -30.30
CA VAL A 311 -39.50 -55.37 -28.95
C VAL A 311 -39.69 -54.10 -28.12
N ASP A 312 -38.95 -53.04 -28.43
CA ASP A 312 -39.15 -51.76 -27.76
C ASP A 312 -40.51 -51.17 -28.12
N VAL A 313 -40.83 -51.12 -29.40
CA VAL A 313 -42.10 -50.56 -29.84
C VAL A 313 -43.25 -51.49 -29.47
N THR A 314 -43.00 -52.80 -29.46
CA THR A 314 -44.00 -53.75 -28.99
C THR A 314 -44.41 -53.45 -27.56
N ALA A 315 -43.42 -53.29 -26.66
CA ALA A 315 -43.73 -52.93 -25.29
C ALA A 315 -44.39 -51.57 -25.22
N ALA A 316 -44.01 -50.65 -26.10
CA ALA A 316 -44.65 -49.33 -26.13
C ALA A 316 -46.12 -49.45 -26.52
N HIS A 317 -46.43 -50.33 -27.46
CA HIS A 317 -47.82 -50.52 -27.89
C HIS A 317 -48.58 -51.41 -26.92
N LEU A 318 -47.92 -52.43 -26.36
CA LEU A 318 -48.55 -53.20 -25.29
C LEU A 318 -48.75 -52.36 -24.04
N ALA A 319 -47.91 -51.36 -23.82
CA ALA A 319 -48.08 -50.47 -22.66
C ALA A 319 -49.33 -49.61 -22.76
N ALA A 320 -50.00 -49.58 -23.92
CA ALA A 320 -51.27 -48.88 -24.02
C ALA A 320 -52.38 -49.57 -23.25
N GLN A 321 -52.18 -50.82 -22.82
CA GLN A 321 -53.18 -51.51 -22.01
C GLN A 321 -53.21 -50.97 -20.59
N HIS A 322 -52.04 -50.69 -20.00
CA HIS A 322 -51.95 -50.25 -18.61
C HIS A 322 -51.11 -48.97 -18.47
N PRO A 323 -51.61 -47.84 -18.96
CA PRO A 323 -51.02 -46.54 -18.58
C PRO A 323 -51.69 -45.82 -17.43
N VAL A 324 -52.70 -46.42 -16.77
CA VAL A 324 -53.56 -45.67 -15.86
C VAL A 324 -53.73 -46.35 -14.50
N THR A 325 -52.85 -47.29 -14.16
CA THR A 325 -52.94 -47.90 -12.84
C THR A 325 -52.62 -46.84 -11.78
N ASP A 326 -53.52 -46.68 -10.83
CA ASP A 326 -53.37 -45.67 -9.77
C ASP A 326 -52.55 -46.24 -8.61
N VAL A 327 -51.31 -46.64 -8.93
CA VAL A 327 -50.38 -47.08 -7.90
C VAL A 327 -50.13 -45.96 -6.90
N HIS A 328 -50.11 -44.71 -7.38
CA HIS A 328 -49.86 -43.58 -6.51
C HIS A 328 -51.04 -43.25 -5.61
N ALA A 329 -52.24 -43.74 -5.93
CA ALA A 329 -53.39 -43.52 -5.05
C ALA A 329 -53.15 -44.14 -3.68
N VAL A 330 -52.44 -45.27 -3.63
CA VAL A 330 -52.10 -45.90 -2.36
C VAL A 330 -50.84 -45.28 -1.77
N GLU A 331 -49.85 -44.93 -2.61
CA GLU A 331 -48.64 -44.29 -2.12
C GLU A 331 -48.96 -42.97 -1.42
N ARG A 332 -49.90 -42.21 -1.97
CA ARG A 332 -50.30 -40.96 -1.33
C ARG A 332 -51.03 -41.22 -0.02
N GLU A 333 -51.74 -42.35 0.07
CA GLU A 333 -52.34 -42.74 1.34
C GLU A 333 -51.27 -43.14 2.34
N ILE A 334 -50.21 -43.81 1.88
CA ILE A 334 -49.13 -44.22 2.79
C ILE A 334 -48.41 -42.99 3.34
N GLU A 335 -48.12 -42.02 2.48
CA GLU A 335 -47.41 -40.82 2.93
C GLU A 335 -48.24 -40.05 3.96
N THR A 336 -49.56 -40.09 3.84
CA THR A 336 -50.42 -39.52 4.86
C THR A 336 -50.35 -40.32 6.15
N GLU A 337 -50.55 -41.64 6.05
CA GLU A 337 -50.54 -42.49 7.24
C GLU A 337 -49.17 -42.52 7.90
N LYS A 338 -48.10 -42.47 7.10
CA LYS A 338 -46.76 -42.37 7.68
C LYS A 338 -46.57 -41.03 8.36
N ASP A 339 -47.12 -39.96 7.79
CA ASP A 339 -47.00 -38.65 8.41
C ASP A 339 -47.74 -38.60 9.74
N LYS A 340 -48.87 -39.31 9.85
CA LYS A 340 -49.53 -39.47 11.14
C LYS A 340 -48.70 -40.35 12.06
N GLN A 341 -48.13 -41.42 11.50
CA GLN A 341 -47.28 -42.33 12.29
C GLN A 341 -46.13 -41.59 12.94
N GLU A 342 -45.45 -40.72 12.19
CA GLU A 342 -44.36 -39.93 12.75
C GLU A 342 -44.85 -39.05 13.89
N LYS A 343 -46.11 -38.60 13.83
CA LYS A 343 -46.66 -37.77 14.90
C LYS A 343 -47.12 -38.63 16.08
N ALA A 344 -47.67 -39.82 15.80
CA ALA A 344 -48.01 -40.74 16.87
C ALA A 344 -46.77 -41.14 17.68
N VAL A 345 -45.61 -41.18 17.01
CA VAL A 345 -44.38 -41.54 17.69
C VAL A 345 -43.90 -40.40 18.58
N GLU A 346 -43.93 -39.17 18.06
CA GLU A 346 -43.49 -38.02 18.86
C GLU A 346 -44.36 -37.85 20.10
N ALA A 347 -45.66 -38.14 19.98
CA ALA A 347 -46.56 -38.15 21.13
C ALA A 347 -46.42 -39.42 21.96
N GLU A 348 -45.60 -40.38 21.53
CA GLU A 348 -45.42 -41.64 22.23
C GLU A 348 -46.76 -42.38 22.37
N ASP A 349 -47.56 -42.32 21.30
CA ASP A 349 -48.82 -43.06 21.20
C ASP A 349 -48.54 -44.25 20.28
N PHE A 350 -48.18 -45.37 20.87
CA PHE A 350 -47.68 -46.52 20.13
C PHE A 350 -48.73 -47.58 19.85
N GLU A 351 -49.92 -47.49 20.45
CA GLU A 351 -51.05 -48.23 19.91
C GLU A 351 -51.44 -47.67 18.55
N ALA A 352 -51.46 -46.34 18.43
CA ALA A 352 -51.76 -45.71 17.15
C ALA A 352 -50.62 -45.91 16.16
N ALA A 353 -49.38 -45.78 16.62
CA ALA A 353 -48.23 -45.93 15.74
C ALA A 353 -48.15 -47.34 15.18
N LEU A 354 -48.42 -48.36 16.01
CA LEU A 354 -48.42 -49.73 15.53
C LEU A 354 -49.55 -49.97 14.53
N ASN A 355 -50.72 -49.40 14.80
CA ASN A 355 -51.85 -49.55 13.88
C ASN A 355 -51.53 -49.01 12.49
N TYR A 356 -50.74 -47.93 12.43
CA TYR A 356 -50.40 -47.34 11.14
C TYR A 356 -49.36 -48.18 10.41
N LYS A 357 -48.33 -48.66 11.12
CA LYS A 357 -47.39 -49.59 10.51
C LYS A 357 -48.10 -50.85 10.03
N THR A 358 -49.15 -51.26 10.73
CA THR A 358 -49.93 -52.41 10.30
C THR A 358 -50.65 -52.13 8.98
N ARG A 359 -51.34 -50.99 8.90
CA ARG A 359 -52.08 -50.68 7.68
C ARG A 359 -51.14 -50.45 6.51
N ILE A 360 -50.05 -49.71 6.71
CA ILE A 360 -49.12 -49.40 5.61
C ILE A 360 -48.55 -50.70 5.03
N ALA A 361 -48.21 -51.66 5.89
CA ALA A 361 -47.67 -52.93 5.41
C ALA A 361 -48.64 -53.60 4.45
N GLU A 362 -49.94 -53.62 4.80
CA GLU A 362 -50.94 -54.10 3.86
C GLU A 362 -50.98 -53.22 2.62
N LEU A 363 -50.96 -51.89 2.80
CA LEU A 363 -51.02 -50.99 1.65
C LEU A 363 -49.81 -51.16 0.74
N GLU A 364 -48.64 -51.39 1.32
CA GLU A 364 -47.45 -51.61 0.50
C GLU A 364 -47.56 -52.93 -0.27
N ARG A 365 -48.13 -53.95 0.36
CA ARG A 365 -48.32 -55.23 -0.34
C ARG A 365 -49.33 -55.09 -1.48
N LYS A 366 -50.32 -54.19 -1.33
CA LYS A 366 -51.26 -53.97 -2.41
C LYS A 366 -50.57 -53.38 -3.63
N ILE A 367 -49.70 -52.39 -3.43
CA ILE A 367 -48.98 -51.77 -4.55
C ILE A 367 -48.13 -52.80 -5.27
N GLU A 368 -47.34 -53.56 -4.50
CA GLU A 368 -46.40 -54.50 -5.10
C GLU A 368 -47.13 -55.60 -5.87
N ASN A 369 -48.36 -55.91 -5.46
CA ASN A 369 -49.16 -56.92 -6.16
C ASN A 369 -49.81 -56.39 -7.42
N HIS A 370 -49.81 -55.08 -7.65
CA HIS A 370 -50.32 -54.54 -8.90
C HIS A 370 -49.49 -55.00 -10.10
N THR A 371 -48.19 -55.24 -9.90
CA THR A 371 -47.33 -55.72 -10.98
C THR A 371 -47.86 -57.02 -11.59
N GLU A 372 -48.45 -57.88 -10.78
CA GLU A 372 -48.93 -59.17 -11.28
C GLU A 372 -50.16 -59.04 -12.17
N ASP A 373 -50.88 -57.92 -12.12
CA ASP A 373 -52.00 -57.66 -13.01
C ASP A 373 -51.61 -56.94 -14.29
N MET A 374 -50.30 -56.81 -14.57
CA MET A 374 -49.80 -56.01 -15.69
C MET A 374 -48.71 -56.80 -16.42
N LYS A 375 -48.97 -58.07 -16.69
CA LYS A 375 -48.07 -58.87 -17.51
C LYS A 375 -48.14 -58.41 -18.95
N VAL A 376 -46.98 -58.28 -19.58
CA VAL A 376 -46.83 -57.73 -20.92
C VAL A 376 -46.43 -58.89 -21.82
N THR A 377 -47.37 -59.36 -22.65
CA THR A 377 -47.17 -60.58 -23.45
C THR A 377 -47.72 -60.33 -24.86
N ALA A 378 -46.81 -60.05 -25.80
CA ALA A 378 -47.19 -60.03 -27.20
C ALA A 378 -47.27 -61.45 -27.75
N SER A 379 -48.21 -61.65 -28.66
CA SER A 379 -48.13 -62.78 -29.57
C SER A 379 -47.06 -62.48 -30.61
N VAL A 380 -46.41 -63.53 -31.10
CA VAL A 380 -45.41 -63.35 -32.15
C VAL A 380 -46.06 -62.78 -33.40
N ASN A 381 -47.36 -63.03 -33.59
CA ASN A 381 -48.10 -62.40 -34.68
C ASN A 381 -48.25 -60.90 -34.44
N ASP A 382 -48.42 -60.49 -33.19
CA ASP A 382 -48.49 -59.07 -32.88
C ASP A 382 -47.15 -58.38 -33.07
N VAL A 383 -46.06 -59.06 -32.72
CA VAL A 383 -44.73 -58.52 -32.99
C VAL A 383 -44.52 -58.38 -34.48
N ALA A 384 -44.96 -59.36 -35.26
CA ALA A 384 -44.85 -59.27 -36.71
C ALA A 384 -45.72 -58.14 -37.25
N GLU A 385 -46.84 -57.86 -36.58
CA GLU A 385 -47.70 -56.76 -37.02
C GLU A 385 -47.09 -55.40 -36.69
N SER A 386 -46.21 -55.34 -35.67
CA SER A 386 -45.44 -54.13 -35.41
C SER A 386 -44.65 -53.68 -36.64
N VAL A 387 -44.22 -54.62 -37.48
CA VAL A 387 -43.43 -54.29 -38.66
C VAL A 387 -44.27 -53.46 -39.64
N GLU A 388 -45.60 -53.62 -39.61
CA GLU A 388 -46.49 -52.84 -40.46
C GLU A 388 -46.93 -51.54 -39.79
N ARG A 389 -47.16 -51.58 -38.48
CA ARG A 389 -47.77 -50.44 -37.80
C ARG A 389 -46.92 -49.18 -37.95
N MET A 390 -45.62 -49.29 -37.72
CA MET A 390 -44.71 -48.15 -37.81
C MET A 390 -43.95 -48.08 -39.14
N THR A 391 -44.42 -48.81 -40.16
CA THR A 391 -43.83 -48.73 -41.49
C THR A 391 -44.91 -48.46 -42.54
N GLY A 392 -46.13 -48.93 -42.30
CA GLY A 392 -47.22 -48.70 -43.23
C GLY A 392 -47.20 -49.55 -44.47
N ILE A 393 -46.71 -50.79 -44.37
CA ILE A 393 -46.45 -51.66 -45.51
C ILE A 393 -47.40 -52.85 -45.41
N PRO A 394 -48.45 -52.97 -46.29
CA PRO A 394 -49.56 -53.94 -46.02
C PRO A 394 -49.17 -55.40 -46.20
N VAL A 395 -48.63 -56.01 -45.14
CA VAL A 395 -48.00 -57.32 -45.23
C VAL A 395 -48.45 -58.25 -44.10
N SER A 396 -49.62 -57.99 -43.51
CA SER A 396 -50.11 -58.83 -42.43
C SER A 396 -50.39 -60.27 -42.89
N GLN A 397 -50.54 -60.49 -44.19
CA GLN A 397 -50.79 -61.82 -44.73
C GLN A 397 -49.58 -62.75 -44.60
N MET A 398 -48.39 -62.22 -44.37
CA MET A 398 -47.18 -63.03 -44.30
C MET A 398 -47.06 -63.70 -42.93
N GLY A 399 -46.31 -64.80 -42.83
CA GLY A 399 -45.59 -65.49 -43.92
C GLY A 399 -44.31 -66.15 -43.48
N ALA A 400 -43.78 -67.00 -44.37
CA ALA A 400 -42.50 -67.68 -44.21
C ALA A 400 -41.76 -67.41 -45.52
N SER A 401 -41.66 -66.13 -45.86
CA SER A 401 -41.72 -65.67 -47.24
C SER A 401 -40.35 -65.45 -47.87
N ASP A 402 -39.37 -66.29 -47.57
CA ASP A 402 -38.13 -66.26 -48.33
C ASP A 402 -38.36 -66.60 -49.79
N ILE A 403 -39.25 -67.56 -50.05
CA ILE A 403 -39.52 -68.04 -51.41
C ILE A 403 -40.86 -67.49 -51.90
N GLU A 404 -41.80 -67.28 -50.97
CA GLU A 404 -43.14 -66.84 -51.35
C GLU A 404 -43.09 -65.53 -52.13
N ARG A 405 -42.29 -64.57 -51.67
CA ARG A 405 -42.18 -63.31 -52.41
C ARG A 405 -41.46 -63.51 -53.73
N LEU A 406 -40.48 -64.40 -53.77
CA LEU A 406 -39.69 -64.62 -54.98
C LEU A 406 -40.58 -65.03 -56.15
N LYS A 407 -41.54 -65.92 -55.90
CA LYS A 407 -42.40 -66.45 -56.94
C LYS A 407 -43.69 -65.66 -57.10
N ASP A 408 -44.28 -65.17 -56.00
CA ASP A 408 -45.62 -64.59 -56.05
C ASP A 408 -45.63 -63.08 -56.30
N MET A 409 -44.56 -62.36 -55.95
CA MET A 409 -44.55 -60.92 -56.21
C MET A 409 -44.60 -60.64 -57.71
N ALA A 410 -44.08 -61.54 -58.53
CA ALA A 410 -44.22 -61.39 -59.97
C ALA A 410 -45.68 -61.51 -60.38
N HIS A 411 -46.39 -62.51 -59.86
CA HIS A 411 -47.82 -62.63 -60.12
C HIS A 411 -48.59 -61.49 -59.47
N ARG A 412 -48.16 -61.08 -58.26
CA ARG A 412 -48.83 -59.98 -57.57
C ARG A 412 -48.71 -58.68 -58.36
N LEU A 413 -47.59 -58.49 -59.05
CA LEU A 413 -47.42 -57.29 -59.87
C LEU A 413 -48.47 -57.24 -60.97
N GLN A 414 -48.50 -58.26 -61.84
CA GLN A 414 -49.32 -58.24 -63.04
C GLN A 414 -50.81 -58.07 -62.73
N ASP A 415 -51.24 -58.44 -61.53
CA ASP A 415 -52.62 -58.19 -61.13
C ASP A 415 -52.95 -56.70 -61.10
N LYS A 416 -51.93 -55.84 -60.97
CA LYS A 416 -52.11 -54.39 -60.95
C LYS A 416 -51.52 -53.69 -62.17
N VAL A 417 -50.98 -54.43 -63.14
CA VAL A 417 -50.32 -53.84 -64.29
C VAL A 417 -51.35 -53.60 -65.40
N ILE A 418 -51.13 -52.55 -66.18
CA ILE A 418 -51.84 -52.32 -67.43
C ILE A 418 -50.79 -52.36 -68.53
N GLY A 419 -50.68 -53.51 -69.20
CA GLY A 419 -49.78 -53.63 -70.33
C GLY A 419 -49.36 -55.07 -70.54
N GLN A 420 -48.23 -55.21 -71.25
CA GLN A 420 -47.70 -56.53 -71.59
C GLN A 420 -47.31 -57.29 -70.33
N ASP A 421 -47.35 -58.62 -70.41
CA ASP A 421 -47.13 -59.46 -69.23
C ASP A 421 -45.69 -59.92 -69.10
N LYS A 422 -44.93 -60.02 -70.20
CA LYS A 422 -43.57 -60.51 -70.12
C LYS A 422 -42.60 -59.53 -69.46
N ALA A 423 -43.06 -58.31 -69.14
CA ALA A 423 -42.18 -57.35 -68.47
C ALA A 423 -41.77 -57.83 -67.08
N VAL A 424 -42.64 -58.56 -66.38
CA VAL A 424 -42.31 -58.96 -65.02
C VAL A 424 -41.21 -60.02 -65.02
N GLU A 425 -41.21 -60.91 -66.02
CA GLU A 425 -40.19 -61.96 -66.07
C GLU A 425 -38.80 -61.35 -66.24
N VAL A 426 -38.70 -60.20 -66.88
CA VAL A 426 -37.41 -59.51 -67.02
C VAL A 426 -36.99 -58.91 -65.68
N VAL A 427 -37.90 -58.18 -65.02
CA VAL A 427 -37.52 -57.42 -63.83
C VAL A 427 -37.55 -58.30 -62.57
N ALA A 428 -38.52 -59.21 -62.48
CA ALA A 428 -38.65 -60.02 -61.27
C ALA A 428 -37.47 -60.97 -61.10
N ARG A 429 -37.01 -61.58 -62.20
CA ARG A 429 -35.89 -62.52 -62.15
C ARG A 429 -34.65 -61.87 -61.55
N ALA A 430 -34.47 -60.57 -61.77
CA ALA A 430 -33.31 -59.90 -61.22
C ALA A 430 -33.49 -59.65 -59.72
N ILE A 431 -34.75 -59.44 -59.30
CA ILE A 431 -35.09 -59.36 -57.87
C ILE A 431 -35.06 -60.75 -57.26
N CYS A 432 -35.23 -61.79 -58.09
CA CYS A 432 -35.19 -63.16 -57.59
C CYS A 432 -33.76 -63.64 -57.41
N ARG A 433 -32.93 -63.54 -58.46
CA ARG A 433 -31.59 -64.10 -58.40
C ARG A 433 -30.72 -63.36 -57.39
N ASN A 434 -30.92 -62.05 -57.22
CA ASN A 434 -30.20 -61.32 -56.19
C ASN A 434 -30.63 -61.77 -54.80
N ARG A 435 -31.93 -61.73 -54.51
CA ARG A 435 -32.41 -62.12 -53.18
C ARG A 435 -32.09 -63.58 -52.88
N ALA A 436 -32.03 -64.42 -53.92
CA ALA A 436 -31.58 -65.79 -53.73
C ALA A 436 -30.07 -65.86 -53.48
N GLY A 437 -29.32 -64.85 -53.92
CA GLY A 437 -27.88 -64.83 -53.80
C GLY A 437 -27.13 -65.38 -54.99
N PHE A 438 -27.82 -65.68 -56.09
CA PHE A 438 -27.19 -66.17 -57.31
C PHE A 438 -26.93 -64.98 -58.24
N ASP A 439 -25.79 -64.35 -58.01
CA ASP A 439 -25.41 -63.14 -58.71
C ASP A 439 -23.89 -63.04 -58.65
N GLU A 440 -23.31 -62.59 -59.76
CA GLU A 440 -21.86 -62.57 -59.88
C GLU A 440 -21.24 -61.65 -58.82
N GLY A 441 -19.93 -61.81 -58.62
CA GLY A 441 -19.26 -61.15 -57.51
C GLY A 441 -19.35 -59.64 -57.55
N ASN A 442 -19.44 -59.06 -58.74
CA ASN A 442 -19.62 -57.61 -58.90
C ASN A 442 -20.55 -57.36 -60.08
N ARG A 443 -21.84 -57.28 -59.79
CA ARG A 443 -22.82 -56.76 -60.74
C ARG A 443 -23.81 -55.90 -59.98
N PRO A 444 -23.96 -54.61 -60.31
CA PRO A 444 -25.30 -54.07 -60.03
C PRO A 444 -26.30 -54.84 -60.88
N ILE A 445 -27.58 -54.77 -60.48
CA ILE A 445 -28.65 -55.70 -60.89
C ILE A 445 -28.59 -56.02 -62.37
N GLY A 446 -28.37 -55.01 -63.18
CA GLY A 446 -28.44 -55.12 -64.63
C GLY A 446 -29.22 -53.96 -65.19
N ASN A 447 -28.91 -53.65 -66.45
CA ASN A 447 -29.45 -52.46 -67.10
C ASN A 447 -30.69 -52.84 -67.88
N PHE A 448 -31.81 -52.18 -67.57
CA PHE A 448 -33.10 -52.44 -68.19
C PHE A 448 -33.52 -51.25 -69.02
N LEU A 449 -34.22 -51.54 -70.13
CA LEU A 449 -34.73 -50.52 -71.04
C LEU A 449 -36.18 -50.86 -71.38
N PHE A 450 -37.09 -49.93 -71.06
CA PHE A 450 -38.48 -50.01 -71.46
C PHE A 450 -38.74 -49.00 -72.57
N VAL A 451 -39.11 -49.48 -73.75
CA VAL A 451 -39.47 -48.63 -74.87
C VAL A 451 -40.98 -48.46 -74.86
N GLY A 452 -41.43 -47.21 -74.88
CA GLY A 452 -42.84 -46.93 -74.74
C GLY A 452 -43.12 -45.45 -74.89
N SER A 453 -44.25 -45.02 -74.32
CA SER A 453 -44.66 -43.62 -74.34
C SER A 453 -45.17 -43.24 -72.96
N THR A 454 -45.43 -41.96 -72.74
CA THR A 454 -45.73 -41.43 -71.41
C THR A 454 -47.05 -41.97 -70.86
N GLY A 455 -47.24 -41.80 -69.55
CA GLY A 455 -48.52 -42.12 -68.92
C GLY A 455 -48.47 -43.43 -68.17
N VAL A 456 -49.47 -44.27 -68.41
CA VAL A 456 -49.61 -45.53 -67.68
C VAL A 456 -48.46 -46.46 -68.01
N GLY A 457 -48.19 -46.66 -69.30
CA GLY A 457 -47.12 -47.56 -69.71
C GLY A 457 -45.76 -47.13 -69.20
N LYS A 458 -45.57 -45.84 -69.01
CA LYS A 458 -44.26 -45.32 -68.62
C LYS A 458 -43.97 -45.62 -67.14
N THR A 459 -44.95 -45.42 -66.25
CA THR A 459 -44.67 -45.28 -64.83
C THR A 459 -45.15 -46.44 -63.95
N GLU A 460 -46.09 -47.28 -64.42
CA GLU A 460 -46.61 -48.33 -63.52
C GLU A 460 -45.51 -49.29 -63.09
N LEU A 461 -44.62 -49.66 -64.02
CA LEU A 461 -43.57 -50.62 -63.71
C LEU A 461 -42.69 -50.13 -62.56
N ALA A 462 -42.13 -48.93 -62.71
CA ALA A 462 -41.23 -48.41 -61.68
C ALA A 462 -41.97 -48.19 -60.35
N LYS A 463 -43.20 -47.69 -60.41
CA LYS A 463 -43.94 -47.41 -59.18
C LYS A 463 -44.35 -48.71 -58.49
N GLN A 464 -44.90 -49.67 -59.25
CA GLN A 464 -45.44 -50.87 -58.64
C GLN A 464 -44.32 -51.81 -58.16
N LEU A 465 -43.17 -51.80 -58.84
CA LEU A 465 -42.03 -52.55 -58.33
C LEU A 465 -41.53 -51.95 -57.02
N ALA A 466 -41.52 -50.62 -56.93
CA ALA A 466 -41.04 -49.96 -55.72
C ALA A 466 -41.93 -50.28 -54.52
N LEU A 467 -43.23 -50.50 -54.76
CA LEU A 467 -44.15 -50.80 -53.66
C LEU A 467 -44.08 -52.26 -53.24
N ASP A 468 -43.70 -53.16 -54.14
CA ASP A 468 -43.49 -54.56 -53.78
C ASP A 468 -42.07 -54.82 -53.29
N MET A 469 -41.09 -54.09 -53.82
CA MET A 469 -39.72 -54.21 -53.33
C MET A 469 -39.55 -53.44 -52.02
N PHE A 470 -40.04 -52.20 -51.97
CA PHE A 470 -39.67 -51.26 -50.91
C PHE A 470 -40.83 -50.53 -50.27
N GLY A 471 -42.01 -50.55 -50.87
CA GLY A 471 -43.22 -50.29 -50.15
C GLY A 471 -43.68 -48.85 -50.16
N THR A 472 -42.80 -47.90 -50.43
CA THR A 472 -43.19 -46.50 -50.40
C THR A 472 -42.34 -45.72 -51.41
N GLN A 473 -42.55 -44.41 -51.45
CA GLN A 473 -42.05 -43.54 -52.51
C GLN A 473 -40.73 -42.89 -52.09
N ASP A 474 -39.77 -43.73 -51.72
CA ASP A 474 -38.50 -43.26 -51.17
C ASP A 474 -37.30 -43.65 -52.02
N ALA A 475 -37.15 -44.94 -52.35
CA ALA A 475 -35.95 -45.44 -53.01
C ALA A 475 -36.11 -45.41 -54.53
N ILE A 476 -36.18 -44.20 -55.07
CA ILE A 476 -36.32 -44.03 -56.50
C ILE A 476 -35.93 -42.60 -56.88
N ILE A 477 -35.13 -42.46 -57.94
CA ILE A 477 -34.72 -41.17 -58.47
C ILE A 477 -35.05 -41.17 -59.95
N ARG A 478 -35.61 -40.05 -60.43
CA ARG A 478 -35.90 -39.84 -61.84
C ARG A 478 -34.87 -38.88 -62.42
N LEU A 479 -34.15 -39.34 -63.44
CA LEU A 479 -33.20 -38.50 -64.18
C LEU A 479 -33.95 -37.86 -65.33
N ASP A 480 -34.21 -36.56 -65.23
CA ASP A 480 -34.98 -35.84 -66.23
C ASP A 480 -34.07 -35.49 -67.40
N MET A 481 -34.24 -36.19 -68.53
CA MET A 481 -33.51 -35.84 -69.73
C MET A 481 -34.02 -34.54 -70.36
N SER A 482 -35.13 -33.97 -69.87
CA SER A 482 -35.56 -32.68 -70.39
C SER A 482 -34.50 -31.61 -70.14
N GLU A 483 -33.72 -31.76 -69.06
CA GLU A 483 -32.54 -30.93 -68.83
C GLU A 483 -31.39 -31.27 -69.78
N TYR A 484 -31.53 -32.29 -70.62
CA TYR A 484 -30.51 -32.73 -71.57
C TYR A 484 -30.98 -32.60 -73.03
N SER A 485 -31.76 -31.57 -73.35
CA SER A 485 -32.16 -31.33 -74.73
C SER A 485 -31.04 -30.65 -75.51
N ASP A 486 -30.45 -31.37 -76.46
CA ASP A 486 -29.41 -30.77 -77.30
C ASP A 486 -29.95 -29.65 -78.17
N ARG A 487 -31.23 -29.66 -78.50
CA ARG A 487 -31.80 -28.71 -79.45
C ARG A 487 -32.19 -27.39 -78.80
N THR A 488 -32.61 -27.42 -77.53
CA THR A 488 -33.26 -26.28 -76.89
C THR A 488 -32.51 -25.74 -75.69
N ALA A 489 -31.34 -26.29 -75.35
CA ALA A 489 -30.61 -25.86 -74.16
C ALA A 489 -29.90 -24.53 -74.44
N VAL A 490 -30.72 -23.48 -74.55
CA VAL A 490 -30.23 -22.11 -74.66
C VAL A 490 -30.93 -21.26 -73.61
N SER A 491 -31.27 -21.88 -72.47
CA SER A 491 -31.96 -21.24 -71.36
C SER A 491 -33.36 -20.76 -71.72
N LYS A 492 -33.99 -21.35 -72.74
CA LYS A 492 -35.44 -21.16 -72.85
C LYS A 492 -36.12 -21.78 -71.63
N LEU A 493 -35.64 -22.93 -71.21
CA LEU A 493 -36.02 -23.64 -70.00
C LEU A 493 -34.75 -23.71 -69.16
N ILE A 494 -34.67 -24.65 -68.21
CA ILE A 494 -33.85 -24.63 -67.00
C ILE A 494 -32.45 -24.07 -67.23
N GLY A 495 -31.81 -24.40 -68.35
CA GLY A 495 -30.47 -23.91 -68.56
C GLY A 495 -29.89 -24.29 -69.89
N THR A 496 -28.58 -24.05 -70.02
CA THR A 496 -27.83 -24.20 -71.25
C THR A 496 -27.18 -25.58 -71.34
N THR A 497 -26.37 -25.75 -72.38
CA THR A 497 -25.57 -26.96 -72.57
C THR A 497 -24.67 -27.23 -71.38
N ALA A 498 -24.09 -26.17 -70.80
CA ALA A 498 -23.16 -26.34 -69.69
C ALA A 498 -23.81 -26.92 -68.44
N GLY A 499 -25.13 -26.82 -68.33
CA GLY A 499 -25.84 -27.42 -67.21
C GLY A 499 -25.92 -28.93 -67.24
N TYR A 500 -25.42 -29.56 -68.30
CA TYR A 500 -25.46 -31.01 -68.42
C TYR A 500 -24.49 -31.71 -67.49
N VAL A 501 -23.40 -31.04 -67.09
CA VAL A 501 -22.32 -31.65 -66.33
C VAL A 501 -22.33 -31.07 -64.92
N GLY A 502 -21.91 -31.88 -63.96
CA GLY A 502 -21.72 -31.41 -62.60
C GLY A 502 -22.96 -31.47 -61.73
N TYR A 503 -24.05 -30.86 -62.18
CA TYR A 503 -25.25 -30.79 -61.34
C TYR A 503 -25.86 -32.17 -61.15
N ASP A 504 -26.14 -32.87 -62.26
CA ASP A 504 -26.69 -34.22 -62.19
C ASP A 504 -25.54 -35.23 -62.24
N ASP A 505 -24.53 -34.95 -61.40
CA ASP A 505 -23.42 -35.86 -61.19
C ASP A 505 -23.21 -36.11 -59.69
N ASN A 506 -23.22 -35.03 -58.89
CA ASN A 506 -23.17 -35.19 -57.43
C ASN A 506 -23.92 -34.09 -56.66
N SER A 507 -24.57 -33.16 -57.35
CA SER A 507 -24.99 -31.92 -56.70
C SER A 507 -26.38 -32.03 -56.06
N ASN A 508 -26.88 -30.89 -55.57
CA ASN A 508 -28.12 -30.81 -54.79
C ASN A 508 -29.31 -31.18 -55.71
N THR A 509 -29.91 -32.37 -55.56
CA THR A 509 -29.54 -33.49 -54.69
C THR A 509 -29.49 -34.77 -55.53
N LEU A 510 -28.29 -35.31 -55.69
CA LEU A 510 -28.08 -36.64 -56.25
C LEU A 510 -27.52 -37.62 -55.23
N THR A 511 -26.34 -37.33 -54.69
CA THR A 511 -25.58 -38.34 -53.96
C THR A 511 -26.12 -38.59 -52.57
N GLU A 512 -26.63 -37.56 -51.89
CA GLU A 512 -27.16 -37.74 -50.55
C GLU A 512 -28.37 -38.67 -50.52
N ARG A 513 -29.07 -38.82 -51.65
CA ARG A 513 -30.12 -39.83 -51.79
C ARG A 513 -29.54 -41.18 -52.19
N VAL A 514 -28.44 -41.20 -52.96
CA VAL A 514 -27.81 -42.46 -53.32
C VAL A 514 -27.15 -43.10 -52.11
N ARG A 515 -26.70 -42.29 -51.14
CA ARG A 515 -26.07 -42.83 -49.94
C ARG A 515 -27.08 -43.40 -48.97
N ARG A 516 -28.25 -42.78 -48.84
CA ARG A 516 -29.34 -43.36 -48.08
C ARG A 516 -29.89 -44.60 -48.75
N ASN A 517 -29.89 -44.60 -50.08
CA ASN A 517 -30.40 -45.71 -50.87
C ASN A 517 -29.35 -46.08 -51.92
N PRO A 518 -28.33 -46.88 -51.50
CA PRO A 518 -27.35 -47.43 -52.47
C PRO A 518 -27.96 -48.32 -53.55
N TYR A 519 -29.19 -48.77 -53.30
CA TYR A 519 -29.83 -49.91 -53.93
C TYR A 519 -30.93 -49.50 -54.90
N SER A 520 -31.14 -48.20 -55.05
CA SER A 520 -32.43 -47.66 -55.47
C SER A 520 -32.78 -48.07 -56.90
N ILE A 521 -33.98 -47.68 -57.32
CA ILE A 521 -34.37 -47.67 -58.71
C ILE A 521 -33.87 -46.37 -59.31
N ILE A 522 -33.16 -46.47 -60.44
CA ILE A 522 -32.83 -45.32 -61.26
C ILE A 522 -33.79 -45.31 -62.44
N LEU A 523 -34.34 -44.15 -62.75
CA LEU A 523 -35.15 -43.95 -63.94
C LEU A 523 -34.52 -42.89 -64.81
N LEU A 524 -34.06 -43.29 -65.99
CA LEU A 524 -33.60 -42.37 -67.02
C LEU A 524 -34.81 -42.07 -67.91
N ASP A 525 -35.30 -40.84 -67.82
CA ASP A 525 -36.55 -40.42 -68.45
C ASP A 525 -36.29 -40.02 -69.91
N ALA A 526 -36.72 -40.87 -70.86
CA ALA A 526 -36.69 -40.47 -72.27
C ALA A 526 -35.29 -40.21 -72.83
N ILE A 527 -34.52 -41.28 -73.07
CA ILE A 527 -33.13 -41.21 -73.54
C ILE A 527 -32.96 -40.17 -74.64
N GLU A 528 -33.88 -40.11 -75.60
CA GLU A 528 -33.61 -39.52 -76.92
C GLU A 528 -33.21 -38.05 -76.90
N LYS A 529 -33.33 -37.35 -75.77
CA LYS A 529 -33.14 -35.90 -75.78
C LYS A 529 -31.71 -35.48 -76.08
N ALA A 530 -30.72 -36.38 -76.08
CA ALA A 530 -29.32 -35.97 -76.10
C ALA A 530 -28.46 -36.86 -77.00
N ASP A 531 -27.29 -36.30 -77.32
CA ASP A 531 -26.09 -36.89 -77.91
C ASP A 531 -25.84 -38.29 -77.31
N PRO A 532 -25.48 -39.32 -78.09
CA PRO A 532 -25.24 -40.64 -77.45
C PRO A 532 -24.16 -40.64 -76.39
N GLN A 533 -23.24 -39.67 -76.40
CA GLN A 533 -22.16 -39.66 -75.42
C GLN A 533 -22.66 -39.29 -74.03
N VAL A 534 -23.71 -38.47 -73.93
CA VAL A 534 -24.28 -38.11 -72.63
C VAL A 534 -24.78 -39.36 -71.93
N ILE A 535 -25.57 -40.16 -72.64
CA ILE A 535 -26.19 -41.35 -72.09
C ILE A 535 -25.17 -42.47 -71.93
N THR A 536 -24.12 -42.44 -72.75
CA THR A 536 -23.09 -43.47 -72.72
C THR A 536 -22.28 -43.42 -71.43
N LEU A 537 -22.21 -42.25 -70.79
CA LEU A 537 -21.37 -42.10 -69.60
C LEU A 537 -21.81 -43.04 -68.48
N LEU A 538 -23.09 -42.98 -68.11
CA LEU A 538 -23.57 -43.75 -66.99
C LEU A 538 -23.47 -45.25 -67.27
N LEU A 539 -23.85 -45.69 -68.46
CA LEU A 539 -24.05 -47.11 -68.69
C LEU A 539 -22.74 -47.87 -68.86
N GLN A 540 -21.72 -47.25 -69.46
CA GLN A 540 -20.40 -47.89 -69.50
C GLN A 540 -19.78 -48.02 -68.12
N VAL A 541 -20.21 -47.21 -67.16
CA VAL A 541 -19.62 -47.15 -65.83
C VAL A 541 -20.34 -48.05 -64.84
N LEU A 542 -21.56 -48.49 -65.15
CA LEU A 542 -22.31 -49.41 -64.29
C LEU A 542 -21.83 -50.86 -64.39
N ASP A 543 -20.80 -51.15 -65.19
CA ASP A 543 -20.28 -52.51 -65.24
C ASP A 543 -19.73 -52.94 -63.88
N ASP A 544 -18.89 -52.10 -63.28
CA ASP A 544 -18.24 -52.40 -62.01
C ASP A 544 -19.02 -51.90 -60.81
N GLY A 545 -20.20 -51.32 -61.01
CA GLY A 545 -20.96 -50.77 -59.89
C GLY A 545 -20.26 -49.65 -59.18
N ARG A 546 -19.51 -48.82 -59.90
CA ARG A 546 -18.73 -47.74 -59.30
C ARG A 546 -18.59 -46.62 -60.30
N LEU A 547 -18.77 -45.37 -59.82
CA LEU A 547 -18.68 -44.18 -60.66
C LEU A 547 -17.85 -43.13 -59.94
N THR A 548 -16.81 -42.63 -60.62
CA THR A 548 -16.00 -41.52 -60.12
C THR A 548 -16.60 -40.21 -60.60
N ASP A 549 -16.91 -39.32 -59.66
CA ASP A 549 -17.62 -38.08 -59.96
C ASP A 549 -16.63 -36.98 -60.35
N GLY A 550 -17.16 -35.77 -60.56
CA GLY A 550 -16.33 -34.63 -60.95
C GLY A 550 -15.34 -34.20 -59.90
N GLN A 551 -15.60 -34.47 -58.62
CA GLN A 551 -14.72 -34.09 -57.53
C GLN A 551 -13.69 -35.16 -57.19
N GLY A 552 -13.61 -36.24 -57.96
CA GLY A 552 -12.67 -37.30 -57.69
C GLY A 552 -13.14 -38.33 -56.70
N ASN A 553 -14.37 -38.22 -56.18
CA ASN A 553 -14.92 -39.20 -55.25
C ASN A 553 -15.66 -40.30 -56.01
N THR A 554 -15.61 -41.51 -55.47
CA THR A 554 -16.26 -42.68 -56.06
C THR A 554 -17.52 -43.01 -55.29
N VAL A 555 -18.63 -43.13 -56.01
CA VAL A 555 -19.86 -43.70 -55.46
C VAL A 555 -19.82 -45.19 -55.74
N ASN A 556 -20.12 -46.00 -54.73
CA ASN A 556 -20.16 -47.45 -54.86
C ASN A 556 -21.63 -47.90 -54.87
N PHE A 557 -22.04 -48.55 -55.95
CA PHE A 557 -23.41 -48.99 -56.11
C PHE A 557 -23.58 -50.42 -55.60
N LYS A 558 -24.55 -50.59 -54.72
CA LYS A 558 -25.10 -51.89 -54.39
C LYS A 558 -26.38 -52.06 -55.19
N ASN A 559 -26.59 -53.28 -55.69
CA ASN A 559 -27.90 -53.87 -56.00
C ASN A 559 -28.88 -52.85 -56.58
N THR A 560 -28.39 -52.01 -57.50
CA THR A 560 -29.16 -50.94 -58.10
C THR A 560 -29.74 -51.42 -59.42
N VAL A 561 -31.00 -51.08 -59.66
CA VAL A 561 -31.68 -51.34 -60.93
C VAL A 561 -31.92 -50.01 -61.62
N ILE A 562 -31.55 -49.94 -62.90
CA ILE A 562 -31.86 -48.81 -63.76
C ILE A 562 -32.84 -49.27 -64.81
N ILE A 563 -33.97 -48.56 -64.93
CA ILE A 563 -34.92 -48.76 -66.02
C ILE A 563 -34.84 -47.49 -66.86
N ALA A 564 -34.08 -47.55 -67.95
CA ALA A 564 -34.04 -46.46 -68.91
C ALA A 564 -35.31 -46.48 -69.75
N THR A 565 -35.69 -45.31 -70.27
CA THR A 565 -36.93 -45.15 -71.01
C THR A 565 -36.71 -44.25 -72.21
N SER A 566 -37.46 -44.55 -73.28
CA SER A 566 -37.40 -43.81 -74.53
C SER A 566 -38.82 -43.57 -75.04
N ASN A 567 -38.95 -42.64 -75.98
CA ASN A 567 -40.21 -42.39 -76.68
C ASN A 567 -40.22 -43.22 -77.95
N ALA A 568 -40.94 -44.33 -77.91
CA ALA A 568 -40.93 -45.33 -78.96
C ALA A 568 -42.23 -45.32 -79.76
N GLY A 569 -42.28 -46.20 -80.76
CA GLY A 569 -43.42 -46.29 -81.65
C GLY A 569 -43.00 -46.91 -82.96
N PHE A 570 -43.91 -46.85 -83.92
CA PHE A 570 -43.63 -47.36 -85.26
C PHE A 570 -44.77 -46.95 -86.19
N GLY A 571 -44.39 -46.57 -87.43
CA GLY A 571 -45.37 -46.24 -88.46
C GLY A 571 -45.65 -47.42 -89.37
N TYR A 572 -46.93 -47.57 -89.72
CA TYR A 572 -47.45 -48.87 -90.16
C TYR A 572 -48.43 -48.67 -91.30
N GLU A 573 -48.93 -49.79 -91.82
CA GLU A 573 -49.96 -49.76 -92.86
C GLU A 573 -51.36 -49.82 -92.26
N ALA A 574 -51.66 -50.88 -91.51
CA ALA A 574 -52.96 -51.07 -90.86
C ALA A 574 -52.71 -51.44 -89.42
N ASN A 575 -53.62 -51.02 -88.53
CA ASN A 575 -53.42 -51.17 -87.09
C ASN A 575 -53.24 -52.61 -86.65
N LEU A 576 -53.64 -53.58 -87.47
CA LEU A 576 -53.35 -54.98 -87.23
C LEU A 576 -51.96 -55.41 -87.72
N THR A 577 -51.15 -54.45 -88.20
CA THR A 577 -49.76 -54.72 -88.62
C THR A 577 -48.76 -53.92 -87.80
N GLU A 578 -49.15 -53.44 -86.62
CA GLU A 578 -48.24 -52.63 -85.81
C GLU A 578 -47.05 -53.45 -85.33
N ASP A 579 -47.28 -54.69 -84.92
CA ASP A 579 -46.23 -55.56 -84.40
C ASP A 579 -45.57 -56.40 -85.49
N ALA A 580 -45.69 -56.00 -86.76
CA ALA A 580 -45.12 -56.80 -87.84
C ALA A 580 -43.59 -56.71 -87.87
N ASP A 581 -43.05 -55.53 -87.55
CA ASP A 581 -41.61 -55.25 -87.66
C ASP A 581 -41.03 -55.17 -86.25
N LYS A 582 -40.47 -56.28 -85.78
CA LYS A 582 -40.08 -56.41 -84.38
C LYS A 582 -38.75 -55.73 -84.07
N PRO A 583 -37.61 -56.08 -84.70
CA PRO A 583 -36.36 -55.39 -84.33
C PRO A 583 -36.27 -53.97 -84.85
N GLU A 584 -37.19 -53.55 -85.72
CA GLU A 584 -37.11 -52.22 -86.32
C GLU A 584 -37.48 -51.11 -85.34
N LEU A 585 -38.04 -51.44 -84.18
CA LEU A 585 -38.18 -50.45 -83.12
C LEU A 585 -36.82 -49.92 -82.69
N MET A 586 -35.84 -50.81 -82.54
CA MET A 586 -34.49 -50.41 -82.20
C MET A 586 -33.84 -49.63 -83.35
N ASP A 587 -34.20 -49.95 -84.59
CA ASP A 587 -33.68 -49.20 -85.72
C ASP A 587 -34.32 -47.81 -85.79
N ARG A 588 -35.60 -47.72 -85.44
CA ARG A 588 -36.23 -46.41 -85.32
C ARG A 588 -35.56 -45.59 -84.24
N LEU A 589 -35.29 -46.20 -83.08
CA LEU A 589 -34.65 -45.52 -81.96
C LEU A 589 -33.13 -45.43 -82.10
N LYS A 590 -32.55 -46.06 -83.13
CA LYS A 590 -31.12 -46.05 -83.38
C LYS A 590 -30.44 -44.67 -83.37
N PRO A 591 -31.03 -43.59 -83.91
CA PRO A 591 -30.24 -42.35 -84.08
C PRO A 591 -29.63 -41.78 -82.82
N PHE A 592 -30.17 -42.08 -81.63
CA PHE A 592 -29.68 -41.50 -80.39
C PHE A 592 -28.88 -42.48 -79.54
N PHE A 593 -28.61 -43.69 -80.03
CA PHE A 593 -27.67 -44.59 -79.36
C PHE A 593 -26.95 -45.42 -80.40
N ARG A 594 -26.15 -46.36 -79.92
CA ARG A 594 -25.34 -47.24 -80.75
C ARG A 594 -25.39 -48.64 -80.17
N PRO A 595 -24.92 -49.66 -80.92
CA PRO A 595 -24.94 -51.02 -80.38
C PRO A 595 -24.11 -51.20 -79.11
N GLU A 596 -23.10 -50.36 -78.90
CA GLU A 596 -22.35 -50.39 -77.65
C GLU A 596 -23.23 -50.04 -76.47
N PHE A 597 -24.29 -49.26 -76.69
CA PHE A 597 -25.27 -48.90 -75.67
C PHE A 597 -26.39 -49.93 -75.59
N LEU A 598 -26.76 -50.50 -76.73
CA LEU A 598 -27.89 -51.44 -76.77
C LEU A 598 -27.52 -52.78 -76.15
N ASN A 599 -26.32 -53.29 -76.46
CA ASN A 599 -25.93 -54.63 -76.07
C ASN A 599 -25.69 -54.80 -74.57
N ARG A 600 -25.78 -53.73 -73.79
CA ARG A 600 -25.62 -53.80 -72.34
C ARG A 600 -26.93 -54.03 -71.60
N PHE A 601 -28.04 -54.28 -72.30
CA PHE A 601 -29.36 -54.33 -71.73
C PHE A 601 -29.95 -55.74 -71.74
N ASN A 602 -30.80 -56.02 -70.75
CA ASN A 602 -31.29 -57.38 -70.50
C ASN A 602 -32.55 -57.63 -71.32
N ALA A 603 -32.29 -57.82 -72.60
CA ALA A 603 -33.11 -58.32 -73.70
C ALA A 603 -34.14 -57.39 -74.35
N VAL A 604 -35.01 -56.72 -73.59
CA VAL A 604 -35.38 -55.31 -73.65
C VAL A 604 -36.85 -55.50 -73.27
N ILE A 605 -37.60 -54.48 -72.83
CA ILE A 605 -39.05 -54.63 -72.69
C ILE A 605 -39.74 -53.88 -73.83
N GLU A 606 -40.63 -54.59 -74.54
CA GLU A 606 -41.15 -54.17 -75.84
C GLU A 606 -42.09 -52.97 -75.74
N PHE A 607 -42.60 -52.55 -76.91
CA PHE A 607 -43.45 -51.36 -76.99
C PHE A 607 -44.92 -51.70 -76.70
N SER A 608 -45.23 -52.99 -76.53
CA SER A 608 -46.54 -53.58 -76.84
C SER A 608 -47.76 -52.74 -76.49
N HIS A 609 -48.78 -52.82 -77.33
CA HIS A 609 -49.81 -51.79 -77.45
C HIS A 609 -51.04 -52.19 -76.63
N LEU A 610 -51.96 -51.24 -76.48
CA LEU A 610 -53.27 -51.53 -75.91
C LEU A 610 -54.13 -52.21 -76.96
N THR A 611 -54.69 -53.37 -76.61
CA THR A 611 -55.44 -54.21 -77.52
C THR A 611 -56.94 -54.04 -77.32
N LYS A 612 -57.69 -54.24 -78.40
CA LYS A 612 -59.15 -54.38 -78.28
C LYS A 612 -59.44 -55.80 -77.78
N GLU A 613 -59.26 -55.94 -76.47
CA GLU A 613 -59.36 -57.18 -75.73
C GLU A 613 -59.90 -56.77 -74.37
N ASP A 614 -59.62 -57.50 -73.30
CA ASP A 614 -60.33 -57.30 -72.03
C ASP A 614 -59.93 -55.95 -71.45
N LEU A 615 -60.54 -54.89 -72.00
CA LEU A 615 -60.45 -53.54 -71.43
C LEU A 615 -61.05 -53.46 -70.03
N SER A 616 -61.93 -54.40 -69.68
CA SER A 616 -62.67 -54.29 -68.42
C SER A 616 -61.74 -54.35 -67.21
N LYS A 617 -60.58 -54.97 -67.35
CA LYS A 617 -59.65 -55.04 -66.22
C LYS A 617 -59.19 -53.64 -65.80
N ILE A 618 -59.01 -52.72 -66.75
CA ILE A 618 -58.75 -51.34 -66.38
C ILE A 618 -60.00 -50.75 -65.72
N VAL A 619 -61.17 -51.00 -66.30
CA VAL A 619 -62.41 -50.41 -65.80
C VAL A 619 -62.78 -51.02 -64.44
N ASP A 620 -62.43 -52.29 -64.23
CA ASP A 620 -62.72 -52.91 -62.93
C ASP A 620 -61.87 -52.29 -61.84
N LEU A 621 -60.65 -51.85 -62.18
CA LEU A 621 -59.79 -51.21 -61.18
C LEU A 621 -60.19 -49.75 -60.96
N MET A 622 -60.49 -49.02 -62.03
CA MET A 622 -60.89 -47.62 -61.90
C MET A 622 -62.14 -47.50 -61.02
N LEU A 623 -63.16 -48.32 -61.31
CA LEU A 623 -64.37 -48.31 -60.50
C LEU A 623 -64.07 -48.65 -59.05
N ALA A 624 -63.07 -49.51 -58.80
CA ALA A 624 -62.65 -49.78 -57.43
C ALA A 624 -61.98 -48.55 -56.82
N GLU A 625 -61.26 -47.77 -57.62
CA GLU A 625 -60.65 -46.55 -57.11
C GLU A 625 -61.70 -45.49 -56.79
N VAL A 626 -62.83 -45.51 -57.51
CA VAL A 626 -63.92 -44.60 -57.20
C VAL A 626 -64.45 -44.87 -55.80
N ASN A 627 -64.80 -46.11 -55.52
CA ASN A 627 -65.38 -46.44 -54.22
C ASN A 627 -64.34 -46.36 -53.11
N GLN A 628 -63.08 -46.70 -53.40
CA GLN A 628 -62.01 -46.52 -52.43
C GLN A 628 -61.85 -45.04 -52.08
N THR A 629 -61.94 -44.16 -53.08
CA THR A 629 -61.96 -42.73 -52.83
C THR A 629 -63.17 -42.33 -52.00
N LEU A 630 -64.36 -42.76 -52.43
CA LEU A 630 -65.59 -42.40 -51.73
C LEU A 630 -65.68 -43.06 -50.36
N ALA A 631 -64.96 -44.16 -50.15
CA ALA A 631 -65.10 -44.91 -48.90
C ALA A 631 -64.58 -44.12 -47.70
N LYS A 632 -63.77 -43.08 -47.92
CA LYS A 632 -63.27 -42.29 -46.80
C LYS A 632 -64.41 -41.65 -46.03
N LYS A 633 -65.46 -41.20 -46.72
CA LYS A 633 -66.64 -40.63 -46.10
C LYS A 633 -67.77 -41.64 -45.94
N ASP A 634 -67.43 -42.94 -45.97
CA ASP A 634 -68.42 -44.01 -45.86
C ASP A 634 -69.46 -43.91 -46.99
N ILE A 635 -68.96 -43.70 -48.21
CA ILE A 635 -69.78 -43.57 -49.40
C ILE A 635 -69.35 -44.67 -50.36
N ASP A 636 -70.30 -45.53 -50.72
CA ASP A 636 -70.01 -46.72 -51.52
C ASP A 636 -71.26 -47.06 -52.32
N LEU A 637 -71.18 -46.89 -53.64
CA LEU A 637 -72.29 -47.10 -54.55
C LEU A 637 -72.14 -48.42 -55.29
N VAL A 638 -73.27 -48.91 -55.81
CA VAL A 638 -73.24 -49.96 -56.83
C VAL A 638 -72.86 -49.32 -58.15
N VAL A 639 -71.87 -49.90 -58.83
CA VAL A 639 -71.38 -49.40 -60.11
C VAL A 639 -71.50 -50.52 -61.13
N SER A 640 -72.25 -50.24 -62.20
CA SER A 640 -72.50 -51.26 -63.21
C SER A 640 -71.25 -51.55 -64.01
N GLN A 641 -71.04 -52.82 -64.36
CA GLN A 641 -69.96 -53.18 -65.26
C GLN A 641 -70.18 -52.63 -66.67
N ALA A 642 -71.43 -52.28 -67.02
CA ALA A 642 -71.75 -51.69 -68.31
C ALA A 642 -71.21 -50.28 -68.49
N ALA A 643 -70.54 -49.71 -67.48
CA ALA A 643 -69.85 -48.45 -67.66
C ALA A 643 -68.79 -48.54 -68.76
N LYS A 644 -68.26 -49.73 -69.02
CA LYS A 644 -67.28 -49.93 -70.09
C LYS A 644 -67.84 -49.54 -71.46
N ASP A 645 -69.15 -49.74 -71.67
CA ASP A 645 -69.73 -49.60 -73.01
C ASP A 645 -69.60 -48.19 -73.56
N TYR A 646 -69.50 -47.19 -72.70
CA TYR A 646 -69.32 -45.80 -73.08
C TYR A 646 -67.88 -45.34 -72.99
N ILE A 647 -67.08 -45.97 -72.13
CA ILE A 647 -65.68 -45.61 -71.95
C ILE A 647 -64.84 -46.09 -73.12
N THR A 648 -64.91 -47.39 -73.41
CA THR A 648 -64.03 -48.00 -74.40
C THR A 648 -64.17 -47.38 -75.78
N GLU A 649 -65.35 -46.81 -76.11
CA GLU A 649 -65.58 -46.17 -77.40
C GLU A 649 -64.45 -45.23 -77.81
N GLU A 650 -63.81 -44.58 -76.83
CA GLU A 650 -62.54 -43.89 -77.02
C GLU A 650 -61.36 -44.60 -76.40
N GLY A 651 -61.60 -45.47 -75.40
CA GLY A 651 -60.52 -46.14 -74.70
C GLY A 651 -59.58 -46.93 -75.58
N TYR A 652 -60.09 -47.86 -76.38
CA TYR A 652 -59.25 -48.73 -77.19
C TYR A 652 -58.79 -48.07 -78.49
N ASP A 653 -58.86 -46.74 -78.60
CA ASP A 653 -58.29 -46.05 -79.73
C ASP A 653 -56.78 -46.23 -79.74
N GLU A 654 -56.25 -46.83 -80.82
CA GLU A 654 -54.82 -47.12 -80.90
C GLU A 654 -53.98 -45.85 -80.94
N VAL A 655 -54.57 -44.72 -81.33
CA VAL A 655 -53.82 -43.46 -81.41
C VAL A 655 -53.30 -43.06 -80.04
N MET A 656 -54.13 -43.22 -79.01
CA MET A 656 -53.85 -42.69 -77.68
C MET A 656 -53.36 -43.75 -76.70
N GLY A 657 -53.89 -44.97 -76.76
CA GLY A 657 -53.59 -45.98 -75.76
C GLY A 657 -54.51 -45.83 -74.56
N VAL A 658 -53.94 -46.00 -73.36
CA VAL A 658 -54.71 -45.79 -72.14
C VAL A 658 -54.57 -44.31 -71.78
N ARG A 659 -55.17 -43.43 -72.59
CA ARG A 659 -55.41 -42.05 -72.19
C ARG A 659 -56.85 -41.79 -71.75
N PRO A 660 -57.89 -42.15 -72.53
CA PRO A 660 -59.25 -41.77 -72.12
C PRO A 660 -59.78 -42.51 -70.91
N LEU A 661 -59.15 -43.60 -70.48
CA LEU A 661 -59.76 -44.48 -69.49
C LEU A 661 -60.01 -43.74 -68.18
N ARG A 662 -59.01 -43.03 -67.66
CA ARG A 662 -59.19 -42.27 -66.43
C ARG A 662 -60.00 -41.00 -66.66
N ARG A 663 -59.95 -40.43 -67.87
CA ARG A 663 -60.60 -39.15 -68.11
C ARG A 663 -62.12 -39.30 -68.20
N VAL A 664 -62.60 -40.44 -68.71
CA VAL A 664 -64.04 -40.65 -68.85
C VAL A 664 -64.65 -41.00 -67.49
N VAL A 665 -63.99 -41.91 -66.74
CA VAL A 665 -64.54 -42.34 -65.45
C VAL A 665 -64.56 -41.18 -64.47
N GLU A 666 -63.46 -40.44 -64.36
CA GLU A 666 -63.37 -39.39 -63.36
C GLU A 666 -64.31 -38.23 -63.67
N GLN A 667 -64.80 -38.15 -64.91
CA GLN A 667 -65.82 -37.15 -65.26
C GLN A 667 -67.23 -37.73 -65.14
N GLU A 668 -67.41 -38.99 -65.56
CA GLU A 668 -68.76 -39.54 -65.70
C GLU A 668 -69.41 -39.78 -64.35
N ILE A 669 -68.71 -40.43 -63.42
CA ILE A 669 -69.30 -40.84 -62.15
C ILE A 669 -69.16 -39.74 -61.10
N ARG A 670 -67.99 -39.08 -61.07
CA ARG A 670 -67.63 -38.16 -59.98
C ARG A 670 -68.67 -37.06 -59.80
N ASP A 671 -69.16 -36.50 -60.90
CA ASP A 671 -70.08 -35.38 -60.82
C ASP A 671 -71.48 -35.83 -60.42
N LYS A 672 -71.88 -37.04 -60.82
CA LYS A 672 -73.22 -37.52 -60.51
C LYS A 672 -73.33 -37.92 -59.05
N VAL A 673 -72.29 -38.56 -58.50
CA VAL A 673 -72.30 -38.91 -57.08
C VAL A 673 -72.24 -37.64 -56.23
N THR A 674 -71.73 -36.53 -56.79
CA THR A 674 -71.68 -35.28 -56.06
C THR A 674 -73.06 -34.64 -55.95
N ASP A 675 -73.90 -34.84 -56.96
CA ASP A 675 -75.19 -34.16 -57.00
C ASP A 675 -76.18 -34.79 -56.01
N PHE A 676 -75.99 -36.07 -55.66
CA PHE A 676 -76.95 -36.76 -54.80
C PHE A 676 -76.55 -36.72 -53.33
N HIS A 677 -75.27 -36.48 -53.03
CA HIS A 677 -74.90 -36.20 -51.65
C HIS A 677 -75.60 -34.96 -51.12
N LEU A 678 -76.00 -34.05 -52.00
CA LEU A 678 -76.78 -32.87 -51.65
C LEU A 678 -78.19 -33.20 -51.21
N ASP A 679 -78.80 -34.25 -51.77
CA ASP A 679 -80.06 -34.78 -51.26
C ASP A 679 -79.87 -35.64 -50.03
N HIS A 680 -78.63 -35.81 -49.56
CA HIS A 680 -78.32 -36.60 -48.38
C HIS A 680 -78.84 -38.03 -48.52
N LEU A 681 -78.64 -38.60 -49.71
CA LEU A 681 -79.05 -39.96 -50.00
C LEU A 681 -77.95 -40.93 -49.64
N ASP A 682 -78.33 -42.07 -49.06
CA ASP A 682 -77.38 -43.08 -48.62
C ASP A 682 -76.85 -43.80 -49.85
N ALA A 683 -75.52 -43.80 -50.00
CA ALA A 683 -74.89 -44.39 -51.19
C ALA A 683 -75.14 -45.88 -51.30
N LYS A 684 -75.32 -46.57 -50.16
CA LYS A 684 -75.44 -48.03 -50.19
C LYS A 684 -76.71 -48.50 -50.88
N HIS A 685 -77.67 -47.61 -51.14
CA HIS A 685 -78.90 -47.92 -51.87
C HIS A 685 -79.04 -47.14 -53.18
N LEU A 686 -77.94 -46.63 -53.72
CA LEU A 686 -77.91 -45.96 -55.02
C LEU A 686 -77.17 -46.85 -56.00
N GLU A 687 -77.65 -46.89 -57.25
CA GLU A 687 -77.10 -47.75 -58.28
C GLU A 687 -76.74 -46.91 -59.51
N ALA A 688 -75.45 -46.89 -59.85
CA ALA A 688 -74.96 -46.17 -61.02
C ALA A 688 -75.31 -47.00 -62.25
N ASP A 689 -76.39 -46.60 -62.93
CA ASP A 689 -76.98 -47.35 -64.04
C ASP A 689 -77.15 -46.40 -65.22
N MET A 690 -76.32 -46.59 -66.25
CA MET A 690 -76.31 -45.69 -67.39
C MET A 690 -77.48 -45.96 -68.33
N GLU A 691 -77.93 -44.91 -69.02
CA GLU A 691 -79.00 -44.99 -70.00
C GLU A 691 -78.61 -44.15 -71.22
N ASP A 692 -78.44 -44.82 -72.37
CA ASP A 692 -78.13 -44.14 -73.63
C ASP A 692 -76.86 -43.32 -73.53
N GLY A 693 -75.82 -43.91 -72.94
CA GLY A 693 -74.54 -43.25 -72.80
C GLY A 693 -74.48 -42.19 -71.72
N VAL A 694 -75.59 -41.94 -71.01
CA VAL A 694 -75.66 -40.95 -69.93
C VAL A 694 -75.80 -41.71 -68.62
N LEU A 695 -75.04 -41.30 -67.61
CA LEU A 695 -75.17 -41.92 -66.29
C LEU A 695 -76.35 -41.34 -65.54
N VAL A 696 -77.31 -42.20 -65.22
CA VAL A 696 -78.41 -41.88 -64.32
C VAL A 696 -78.30 -42.82 -63.12
N ILE A 697 -77.69 -42.34 -62.05
CA ILE A 697 -77.60 -43.11 -60.81
C ILE A 697 -79.00 -43.26 -60.25
N ARG A 698 -79.38 -44.48 -59.91
CA ARG A 698 -80.72 -44.80 -59.43
C ARG A 698 -80.92 -44.30 -58.01
N LEU B 76 -33.43 -27.20 -15.12
CA LEU B 76 -32.91 -26.17 -16.02
C LEU B 76 -33.91 -25.03 -16.26
N ALA B 77 -34.99 -25.00 -15.49
CA ALA B 77 -35.99 -23.93 -15.61
C ALA B 77 -35.52 -22.69 -14.86
N LYS B 78 -34.37 -22.15 -15.28
CA LYS B 78 -33.66 -21.14 -14.52
C LYS B 78 -33.41 -19.80 -15.22
N LEU B 79 -33.19 -19.67 -16.55
CA LEU B 79 -32.92 -20.59 -17.70
C LEU B 79 -34.09 -21.34 -18.34
N GLY B 80 -35.32 -21.18 -17.88
CA GLY B 80 -36.45 -21.77 -18.57
C GLY B 80 -37.75 -21.78 -17.80
N ARG B 81 -38.56 -22.80 -18.09
CA ARG B 81 -39.91 -22.92 -17.59
C ARG B 81 -40.19 -24.39 -17.31
N ASN B 82 -40.38 -24.74 -16.03
CA ASN B 82 -40.66 -26.11 -15.62
C ASN B 82 -42.15 -26.36 -15.87
N LEU B 83 -42.45 -27.18 -16.87
CA LEU B 83 -43.84 -27.37 -17.29
C LEU B 83 -44.58 -28.35 -16.38
N THR B 84 -43.91 -29.37 -15.84
CA THR B 84 -44.57 -30.27 -14.92
C THR B 84 -44.85 -29.59 -13.58
N ALA B 85 -43.98 -28.69 -13.15
CA ALA B 85 -44.23 -27.94 -11.91
C ALA B 85 -45.49 -27.09 -12.03
N GLU B 86 -45.69 -26.47 -13.20
CA GLU B 86 -46.94 -25.74 -13.43
C GLU B 86 -48.11 -26.69 -13.59
N ALA B 87 -47.83 -27.94 -14.01
CA ALA B 87 -48.88 -28.95 -14.06
C ALA B 87 -49.24 -29.42 -12.65
N ARG B 88 -48.25 -29.55 -11.77
CA ARG B 88 -48.52 -29.95 -10.39
C ARG B 88 -49.33 -28.88 -9.64
N GLU B 89 -49.27 -27.62 -10.08
CA GLU B 89 -49.99 -26.53 -9.44
C GLU B 89 -51.34 -26.24 -10.08
N GLY B 90 -51.76 -27.03 -11.07
CA GLY B 90 -53.02 -26.77 -11.74
C GLY B 90 -53.04 -25.51 -12.56
N LYS B 91 -51.92 -25.17 -13.20
CA LYS B 91 -51.80 -23.93 -13.98
C LYS B 91 -52.10 -24.12 -15.46
N LEU B 92 -52.51 -25.31 -15.88
CA LEU B 92 -52.71 -25.62 -17.30
C LEU B 92 -54.17 -25.49 -17.70
N ASP B 93 -54.40 -25.35 -19.00
CA ASP B 93 -55.74 -25.32 -19.59
C ASP B 93 -56.15 -26.74 -19.97
N PRO B 94 -57.04 -27.40 -19.19
CA PRO B 94 -57.38 -28.80 -19.57
C PRO B 94 -58.24 -28.88 -20.83
N VAL B 95 -57.58 -28.77 -21.97
CA VAL B 95 -58.22 -28.98 -23.26
C VAL B 95 -58.18 -30.47 -23.58
N ILE B 96 -59.29 -31.00 -24.09
CA ILE B 96 -59.41 -32.41 -24.43
C ILE B 96 -59.87 -32.52 -25.89
N GLY B 97 -60.05 -33.77 -26.34
CA GLY B 97 -60.19 -34.07 -27.74
C GLY B 97 -58.88 -34.34 -28.44
N ARG B 98 -57.77 -33.88 -27.87
CA ARG B 98 -56.42 -34.19 -28.34
C ARG B 98 -55.85 -35.43 -27.67
N ASN B 99 -56.72 -36.29 -27.12
CA ASN B 99 -56.23 -37.44 -26.37
C ASN B 99 -55.47 -38.41 -27.27
N LYS B 100 -55.84 -38.50 -28.55
CA LYS B 100 -55.15 -39.39 -29.48
C LYS B 100 -53.70 -38.99 -29.67
N GLU B 101 -53.36 -37.70 -29.51
CA GLU B 101 -51.98 -37.28 -29.61
C GLU B 101 -51.22 -37.53 -28.30
N ILE B 102 -51.94 -37.67 -27.19
CA ILE B 102 -51.34 -38.22 -25.98
C ILE B 102 -51.17 -39.72 -26.13
N GLN B 103 -52.13 -40.39 -26.76
CA GLN B 103 -51.96 -41.80 -27.09
C GLN B 103 -50.78 -41.99 -28.02
N GLU B 104 -50.60 -41.05 -28.96
CA GLU B 104 -49.42 -41.08 -29.82
C GLU B 104 -48.17 -40.69 -29.04
N ALA B 105 -48.34 -39.96 -27.92
CA ALA B 105 -47.23 -39.69 -27.02
C ALA B 105 -46.89 -40.89 -26.12
N SER B 106 -47.58 -42.02 -26.27
CA SER B 106 -47.15 -43.24 -25.60
C SER B 106 -45.75 -43.65 -26.04
N GLU B 107 -45.44 -43.45 -27.32
CA GLU B 107 -44.09 -43.71 -27.82
C GLU B 107 -43.11 -42.59 -27.50
N ILE B 108 -43.59 -41.34 -27.45
CA ILE B 108 -42.73 -40.22 -27.11
C ILE B 108 -42.10 -40.42 -25.75
N LEU B 109 -42.87 -40.98 -24.81
CA LEU B 109 -42.40 -41.13 -23.44
C LEU B 109 -41.65 -42.44 -23.23
N SER B 110 -41.91 -43.46 -24.06
CA SER B 110 -41.51 -44.83 -23.75
C SER B 110 -40.29 -45.34 -24.50
N ARG B 111 -40.05 -44.86 -25.73
CA ARG B 111 -38.94 -45.39 -26.53
C ARG B 111 -37.62 -45.19 -25.81
N ARG B 112 -36.90 -46.30 -25.59
CA ARG B 112 -35.71 -46.26 -24.75
C ARG B 112 -34.52 -45.63 -25.45
N THR B 113 -34.47 -45.67 -26.78
CA THR B 113 -33.34 -45.12 -27.51
C THR B 113 -33.82 -44.66 -28.88
N LYS B 114 -33.08 -43.71 -29.46
CA LYS B 114 -33.41 -43.14 -30.76
C LYS B 114 -34.84 -42.60 -30.74
N ASN B 115 -35.16 -41.89 -29.65
CA ASN B 115 -36.53 -41.72 -29.19
C ASN B 115 -37.03 -40.28 -29.29
N ASN B 116 -36.36 -39.44 -30.08
CA ASN B 116 -36.70 -38.02 -30.13
C ASN B 116 -37.72 -37.78 -31.25
N PRO B 117 -39.00 -37.60 -30.97
CA PRO B 117 -40.01 -37.51 -32.04
C PRO B 117 -39.84 -36.27 -32.91
N VAL B 118 -40.76 -36.15 -33.87
CA VAL B 118 -40.84 -35.01 -34.79
C VAL B 118 -42.30 -34.56 -34.83
N LEU B 119 -42.65 -33.62 -33.96
CA LEU B 119 -44.00 -33.07 -33.87
C LEU B 119 -44.19 -32.03 -34.98
N VAL B 120 -45.46 -31.72 -35.28
CA VAL B 120 -45.82 -30.73 -36.31
C VAL B 120 -46.99 -29.91 -35.81
N GLY B 121 -47.04 -28.63 -36.18
CA GLY B 121 -48.16 -27.79 -35.80
C GLY B 121 -47.97 -26.34 -36.23
N ASP B 122 -49.01 -25.53 -35.95
CA ASP B 122 -49.01 -24.09 -36.22
C ASP B 122 -48.44 -23.33 -35.02
N ALA B 123 -48.02 -22.09 -35.26
CA ALA B 123 -47.47 -21.22 -34.21
C ALA B 123 -48.54 -21.01 -33.14
N GLY B 124 -48.23 -21.43 -31.92
CA GLY B 124 -49.22 -21.39 -30.86
C GLY B 124 -50.46 -22.21 -31.14
N VAL B 125 -50.35 -23.26 -31.95
CA VAL B 125 -51.48 -24.14 -32.20
C VAL B 125 -51.96 -24.79 -30.91
N GLY B 126 -51.05 -25.02 -29.97
CA GLY B 126 -51.31 -25.79 -28.78
C GLY B 126 -50.80 -27.22 -28.88
N LYS B 127 -49.76 -27.45 -29.69
CA LYS B 127 -49.07 -28.73 -29.65
C LYS B 127 -48.10 -28.76 -28.48
N THR B 128 -47.66 -27.58 -28.04
CA THR B 128 -47.13 -27.43 -26.69
C THR B 128 -48.16 -27.87 -25.66
N ALA B 129 -49.42 -27.48 -25.86
CA ALA B 129 -50.48 -27.84 -24.91
C ALA B 129 -50.71 -29.35 -24.87
N VAL B 130 -50.38 -30.06 -25.96
CA VAL B 130 -50.39 -31.52 -25.93
C VAL B 130 -49.32 -32.02 -24.96
N VAL B 131 -48.09 -31.53 -25.11
CA VAL B 131 -47.01 -31.96 -24.23
C VAL B 131 -47.25 -31.48 -22.81
N GLU B 132 -47.87 -30.30 -22.66
CA GLU B 132 -48.39 -29.92 -21.34
C GLU B 132 -49.51 -30.87 -20.93
N GLY B 133 -50.37 -31.26 -21.87
CA GLY B 133 -51.33 -32.30 -21.61
C GLY B 133 -50.67 -33.63 -21.31
N LEU B 134 -49.50 -33.87 -21.90
CA LEU B 134 -48.71 -35.03 -21.51
C LEU B 134 -48.14 -34.85 -20.11
N ALA B 135 -47.60 -33.66 -19.82
CA ALA B 135 -47.14 -33.36 -18.47
C ALA B 135 -48.26 -33.53 -17.45
N GLN B 136 -49.47 -33.06 -17.79
CA GLN B 136 -50.62 -33.30 -16.92
C GLN B 136 -50.86 -34.80 -16.73
N ALA B 137 -50.68 -35.58 -17.80
CA ALA B 137 -50.86 -37.03 -17.68
C ALA B 137 -49.79 -37.64 -16.79
N ILE B 138 -48.59 -37.05 -16.77
CA ILE B 138 -47.53 -37.57 -15.91
C ILE B 138 -47.83 -37.26 -14.45
N VAL B 139 -48.31 -36.05 -14.17
CA VAL B 139 -48.61 -35.67 -12.79
C VAL B 139 -49.73 -36.54 -12.23
N ASN B 140 -50.80 -36.74 -13.00
CA ASN B 140 -51.96 -37.49 -12.55
C ASN B 140 -51.77 -39.01 -12.68
N GLY B 141 -50.62 -39.47 -13.15
CA GLY B 141 -50.42 -40.91 -13.31
C GLY B 141 -51.29 -41.53 -14.39
N ASP B 142 -51.59 -40.79 -15.45
CA ASP B 142 -52.26 -41.31 -16.63
C ASP B 142 -51.27 -41.79 -17.68
N VAL B 143 -50.11 -42.25 -17.25
CA VAL B 143 -49.00 -42.65 -18.12
C VAL B 143 -48.42 -43.95 -17.57
N PRO B 144 -47.72 -44.71 -18.40
CA PRO B 144 -47.08 -45.94 -17.88
C PRO B 144 -45.87 -45.61 -17.02
N ALA B 145 -45.32 -46.66 -16.41
CA ALA B 145 -44.19 -46.50 -15.49
C ALA B 145 -42.90 -46.09 -16.19
N ALA B 146 -42.85 -46.16 -17.53
CA ALA B 146 -41.64 -45.79 -18.26
C ALA B 146 -41.26 -44.33 -18.03
N ILE B 147 -42.24 -43.48 -17.71
CA ILE B 147 -42.07 -42.04 -17.62
C ILE B 147 -42.35 -41.53 -16.21
N LYS B 148 -42.36 -42.41 -15.21
CA LYS B 148 -42.64 -41.97 -13.85
C LYS B 148 -41.54 -41.05 -13.34
N ASN B 149 -41.95 -39.94 -12.74
CA ASN B 149 -41.03 -38.98 -12.12
C ASN B 149 -40.06 -38.39 -13.14
N LYS B 150 -40.53 -38.19 -14.37
CA LYS B 150 -39.75 -37.55 -15.42
C LYS B 150 -40.25 -36.12 -15.61
N GLU B 151 -39.43 -35.16 -15.21
CA GLU B 151 -39.77 -33.74 -15.29
C GLU B 151 -39.59 -33.25 -16.72
N ILE B 152 -40.36 -32.22 -17.10
CA ILE B 152 -40.24 -31.56 -18.39
C ILE B 152 -39.88 -30.11 -18.13
N VAL B 153 -38.93 -29.60 -18.91
CA VAL B 153 -38.51 -28.19 -18.85
C VAL B 153 -38.46 -27.66 -20.27
N SER B 154 -39.02 -26.47 -20.48
CA SER B 154 -38.95 -25.80 -21.78
C SER B 154 -37.67 -24.97 -21.83
N ILE B 155 -36.77 -25.35 -22.74
CA ILE B 155 -35.50 -24.65 -22.91
C ILE B 155 -35.71 -23.61 -24.00
N ASP B 156 -35.46 -22.34 -23.64
CA ASP B 156 -35.81 -21.20 -24.49
C ASP B 156 -34.62 -20.86 -25.37
N ILE B 157 -34.60 -21.43 -26.57
CA ILE B 157 -33.55 -21.12 -27.54
C ILE B 157 -33.68 -19.69 -28.06
N SER B 158 -34.86 -19.10 -28.00
CA SER B 158 -35.02 -17.71 -28.42
C SER B 158 -34.25 -16.74 -27.55
N GLY B 159 -33.91 -17.13 -26.31
CA GLY B 159 -33.01 -16.38 -25.47
C GLY B 159 -31.55 -16.70 -25.68
N LEU B 160 -31.20 -17.29 -26.83
CA LEU B 160 -29.81 -17.59 -27.14
C LEU B 160 -29.01 -16.29 -27.19
N GLU B 161 -27.78 -16.33 -26.66
CA GLU B 161 -26.85 -15.21 -26.59
C GLU B 161 -27.31 -14.10 -25.66
N ALA B 162 -28.40 -14.28 -24.90
CA ALA B 162 -28.89 -13.24 -24.02
C ALA B 162 -27.96 -13.07 -22.84
N GLY B 163 -27.43 -11.85 -22.68
CA GLY B 163 -26.53 -11.53 -21.59
C GLY B 163 -25.06 -11.59 -21.93
N THR B 164 -24.70 -12.03 -23.13
CA THR B 164 -23.30 -12.07 -23.56
C THR B 164 -22.79 -10.71 -24.04
N GLN B 165 -23.68 -9.77 -24.36
CA GLN B 165 -23.36 -8.48 -24.97
C GLN B 165 -22.69 -8.64 -26.34
N TYR B 166 -22.69 -9.84 -26.93
CA TYR B 166 -21.89 -10.17 -28.11
C TYR B 166 -20.40 -9.83 -27.90
N ARG B 167 -19.93 -9.92 -26.66
CA ARG B 167 -18.52 -9.83 -26.32
C ARG B 167 -17.98 -11.09 -25.68
N GLY B 168 -18.82 -11.84 -24.97
CA GLY B 168 -18.44 -13.04 -24.27
C GLY B 168 -18.76 -14.30 -25.05
N SER B 169 -19.28 -15.30 -24.33
CA SER B 169 -19.62 -16.59 -24.93
C SER B 169 -20.87 -17.15 -24.28
N PHE B 170 -21.53 -18.06 -25.01
CA PHE B 170 -22.68 -18.81 -24.52
C PHE B 170 -22.48 -20.31 -24.58
N GLU B 171 -21.52 -20.82 -25.37
CA GLU B 171 -21.45 -22.25 -25.65
C GLU B 171 -21.23 -23.08 -24.39
N GLU B 172 -20.67 -22.47 -23.34
CA GLU B 172 -20.54 -23.15 -22.06
C GLU B 172 -21.87 -23.22 -21.31
N ASN B 173 -22.72 -22.19 -21.44
CA ASN B 173 -24.06 -22.25 -20.88
C ASN B 173 -24.93 -23.30 -21.56
N VAL B 174 -24.53 -23.77 -22.74
CA VAL B 174 -25.17 -24.90 -23.40
C VAL B 174 -24.67 -26.22 -22.81
N GLN B 175 -23.35 -26.39 -22.74
CA GLN B 175 -22.78 -27.55 -22.06
C GLN B 175 -23.20 -27.60 -20.59
N ASN B 176 -23.53 -26.45 -20.00
CA ASN B 176 -24.08 -26.42 -18.64
C ASN B 176 -25.54 -26.86 -18.59
N LEU B 177 -26.28 -26.80 -19.72
CA LEU B 177 -27.56 -27.49 -19.74
C LEU B 177 -27.35 -29.00 -19.62
N VAL B 178 -26.40 -29.53 -20.39
CA VAL B 178 -26.07 -30.96 -20.31
C VAL B 178 -25.60 -31.33 -18.91
N ASN B 179 -24.74 -30.50 -18.31
CA ASN B 179 -24.05 -30.89 -17.09
C ASN B 179 -24.99 -31.10 -15.91
N GLU B 180 -26.16 -30.44 -15.87
CA GLU B 180 -27.13 -30.71 -14.82
C GLU B 180 -27.95 -31.96 -15.10
N VAL B 181 -28.52 -32.06 -16.30
CA VAL B 181 -29.53 -33.09 -16.56
C VAL B 181 -28.90 -34.48 -16.76
N LYS B 182 -27.65 -34.54 -17.23
CA LYS B 182 -27.00 -35.84 -17.38
C LYS B 182 -26.86 -36.53 -16.03
N GLU B 183 -26.59 -35.77 -14.97
CA GLU B 183 -26.41 -36.31 -13.62
C GLU B 183 -27.62 -36.10 -12.72
N ALA B 184 -28.41 -35.05 -12.96
CA ALA B 184 -29.63 -34.87 -12.18
C ALA B 184 -30.59 -36.04 -12.37
N GLY B 185 -30.64 -36.58 -13.58
CA GLY B 185 -31.41 -37.77 -13.84
C GLY B 185 -32.90 -37.48 -13.99
N ASN B 186 -33.51 -38.16 -14.96
CA ASN B 186 -34.96 -38.18 -15.15
C ASN B 186 -35.48 -36.77 -15.52
N ILE B 187 -34.84 -36.14 -16.50
CA ILE B 187 -35.26 -34.85 -17.05
C ILE B 187 -35.65 -35.06 -18.51
N ILE B 188 -36.81 -34.52 -18.88
CA ILE B 188 -37.21 -34.36 -20.28
C ILE B 188 -37.07 -32.88 -20.60
N LEU B 189 -36.77 -32.57 -21.86
CA LEU B 189 -36.62 -31.19 -22.32
C LEU B 189 -37.54 -30.94 -23.50
N PHE B 190 -37.95 -29.67 -23.65
CA PHE B 190 -39.01 -29.32 -24.59
C PHE B 190 -38.64 -28.06 -25.37
N PHE B 191 -39.16 -27.97 -26.60
CA PHE B 191 -39.17 -26.72 -27.35
C PHE B 191 -40.52 -26.53 -28.04
N ASP B 192 -40.90 -25.26 -28.21
CA ASP B 192 -42.11 -24.95 -28.96
C ASP B 192 -41.95 -25.27 -30.44
N ALA B 193 -40.96 -24.68 -31.08
CA ALA B 193 -40.66 -24.96 -32.48
C ALA B 193 -39.21 -24.60 -32.75
N ILE B 194 -38.46 -25.55 -33.32
CA ILE B 194 -37.06 -25.33 -33.68
C ILE B 194 -36.85 -25.80 -35.11
N HIS B 195 -36.18 -24.95 -35.89
CA HIS B 195 -35.32 -25.37 -37.00
C HIS B 195 -33.94 -24.74 -36.84
N GLN B 196 -33.86 -23.62 -36.11
CA GLN B 196 -32.65 -22.80 -36.02
C GLN B 196 -31.54 -23.45 -35.20
N ILE B 197 -31.78 -24.58 -34.53
CA ILE B 197 -30.72 -25.22 -33.75
C ILE B 197 -29.57 -25.65 -34.64
N LEU B 198 -29.86 -26.06 -35.87
CA LEU B 198 -28.85 -26.55 -36.78
C LEU B 198 -28.07 -25.45 -37.48
N GLY B 199 -28.27 -24.18 -37.07
CA GLY B 199 -27.39 -23.13 -37.54
C GLY B 199 -25.96 -23.37 -37.11
N ALA B 200 -25.76 -23.66 -35.83
CA ALA B 200 -24.49 -24.19 -35.32
C ALA B 200 -24.49 -25.71 -35.55
N GLY B 201 -24.54 -26.08 -36.83
CA GLY B 201 -24.72 -27.46 -37.22
C GLY B 201 -24.81 -27.60 -38.73
N SER B 202 -25.79 -28.40 -39.17
CA SER B 202 -26.04 -28.65 -40.58
C SER B 202 -27.46 -28.25 -40.93
N THR B 203 -27.62 -27.10 -41.59
CA THR B 203 -28.92 -26.61 -42.02
C THR B 203 -28.78 -26.03 -43.42
N GLY B 204 -29.81 -25.30 -43.85
CA GLY B 204 -29.86 -24.76 -45.21
C GLY B 204 -29.40 -23.33 -45.31
N GLY B 205 -30.34 -22.40 -45.49
CA GLY B 205 -30.00 -21.00 -45.72
C GLY B 205 -29.33 -20.34 -44.54
N ASP B 206 -29.61 -20.78 -43.32
CA ASP B 206 -29.05 -20.21 -42.11
C ASP B 206 -27.91 -21.07 -41.56
N SER B 207 -27.10 -21.66 -42.44
CA SER B 207 -25.95 -22.44 -42.01
C SER B 207 -24.83 -21.52 -41.55
N GLY B 208 -24.17 -21.92 -40.45
CA GLY B 208 -23.06 -21.18 -39.90
C GLY B 208 -23.43 -20.22 -38.79
N SER B 209 -24.72 -19.93 -38.61
CA SER B 209 -25.15 -19.07 -37.52
C SER B 209 -24.97 -19.79 -36.17
N LYS B 210 -25.32 -19.10 -35.10
CA LYS B 210 -25.18 -19.64 -33.76
C LYS B 210 -26.41 -20.44 -33.37
N GLY B 211 -26.18 -21.49 -32.59
CA GLY B 211 -27.26 -22.38 -32.18
C GLY B 211 -26.82 -23.25 -31.03
N LEU B 212 -27.49 -24.41 -30.92
CA LEU B 212 -27.16 -25.40 -29.90
C LEU B 212 -26.65 -26.73 -30.46
N ALA B 213 -26.82 -26.97 -31.77
CA ALA B 213 -26.62 -28.32 -32.30
C ALA B 213 -25.19 -28.81 -32.16
N ASP B 214 -24.20 -27.91 -32.12
CA ASP B 214 -22.82 -28.35 -31.95
C ASP B 214 -22.59 -29.08 -30.63
N ILE B 215 -23.41 -28.79 -29.62
CA ILE B 215 -23.33 -29.48 -28.34
C ILE B 215 -24.37 -30.61 -28.25
N LEU B 216 -25.51 -30.44 -28.93
CA LEU B 216 -26.59 -31.43 -28.81
C LEU B 216 -26.48 -32.54 -29.85
N LYS B 217 -25.90 -32.25 -31.02
CA LYS B 217 -25.73 -33.27 -32.04
C LYS B 217 -24.81 -34.39 -31.54
N PRO B 218 -23.73 -34.08 -30.80
CA PRO B 218 -23.08 -35.15 -30.03
C PRO B 218 -24.00 -35.79 -29.00
N ALA B 219 -24.78 -34.98 -28.27
CA ALA B 219 -25.69 -35.52 -27.26
C ALA B 219 -26.73 -36.45 -27.89
N LEU B 220 -27.15 -36.16 -29.12
CA LEU B 220 -28.00 -37.09 -29.83
C LEU B 220 -27.25 -38.37 -30.17
N SER B 221 -26.03 -38.23 -30.68
CA SER B 221 -25.23 -39.40 -31.02
C SER B 221 -24.90 -40.24 -29.79
N ARG B 222 -24.64 -39.58 -28.65
CA ARG B 222 -24.35 -40.29 -27.42
C ARG B 222 -25.61 -40.92 -26.82
N GLY B 223 -26.76 -40.29 -27.02
CA GLY B 223 -27.99 -40.74 -26.38
C GLY B 223 -28.19 -40.18 -24.99
N GLU B 224 -27.61 -39.02 -24.71
CA GLU B 224 -27.73 -38.40 -23.39
C GLU B 224 -28.99 -37.58 -23.24
N LEU B 225 -29.27 -36.69 -24.19
CA LEU B 225 -30.36 -35.72 -24.10
C LEU B 225 -31.38 -35.99 -25.19
N THR B 226 -32.66 -36.00 -24.81
CA THR B 226 -33.78 -36.03 -25.75
C THR B 226 -34.61 -34.77 -25.51
N VAL B 227 -34.71 -33.93 -26.54
CA VAL B 227 -35.46 -32.67 -26.49
C VAL B 227 -36.52 -32.70 -27.57
N ILE B 228 -37.75 -32.32 -27.21
CA ILE B 228 -38.93 -32.65 -28.00
C ILE B 228 -39.74 -31.39 -28.30
N GLY B 229 -40.38 -31.39 -29.47
CA GLY B 229 -41.15 -30.26 -29.91
C GLY B 229 -41.46 -30.35 -31.38
N ALA B 230 -42.11 -29.30 -31.90
CA ALA B 230 -42.73 -29.31 -33.22
C ALA B 230 -42.06 -28.34 -34.18
N THR B 231 -42.42 -28.47 -35.45
CA THR B 231 -41.97 -27.56 -36.51
C THR B 231 -42.90 -27.70 -37.70
N THR B 232 -42.48 -27.18 -38.85
CA THR B 232 -43.20 -27.35 -40.11
C THR B 232 -42.80 -28.69 -40.73
N GLN B 233 -43.80 -29.44 -41.24
CA GLN B 233 -43.51 -30.76 -41.79
C GLN B 233 -42.60 -30.68 -43.01
N ASP B 234 -42.70 -29.61 -43.80
CA ASP B 234 -41.84 -29.41 -44.95
C ASP B 234 -40.43 -28.95 -44.56
N GLU B 235 -40.27 -28.32 -43.39
CA GLU B 235 -38.94 -27.99 -42.90
C GLU B 235 -38.15 -29.23 -42.51
N TYR B 236 -38.83 -30.34 -42.23
CA TYR B 236 -38.19 -31.60 -41.89
C TYR B 236 -37.30 -32.15 -43.00
N ARG B 237 -37.48 -31.66 -44.24
CA ARG B 237 -36.69 -32.14 -45.38
C ARG B 237 -35.18 -32.02 -45.14
N ASN B 238 -34.74 -31.08 -44.31
CA ASN B 238 -33.32 -30.87 -44.05
C ASN B 238 -32.69 -32.01 -43.23
N THR B 239 -33.45 -33.02 -42.83
CA THR B 239 -32.90 -34.21 -42.20
C THR B 239 -31.81 -34.83 -43.05
N ILE B 240 -31.97 -34.79 -44.38
CA ILE B 240 -31.04 -35.45 -45.28
C ILE B 240 -29.63 -34.88 -45.16
N LEU B 241 -29.49 -33.64 -44.69
CA LEU B 241 -28.17 -33.04 -44.55
C LEU B 241 -27.30 -33.81 -43.56
N LYS B 242 -27.85 -34.15 -42.40
CA LYS B 242 -27.16 -34.95 -41.38
C LYS B 242 -28.12 -36.03 -40.90
N ASN B 243 -28.66 -36.80 -41.85
CA ASN B 243 -29.49 -37.95 -41.52
C ASN B 243 -28.85 -38.88 -40.49
N ALA B 244 -27.53 -39.03 -40.51
CA ALA B 244 -26.85 -39.93 -39.59
C ALA B 244 -27.10 -39.55 -38.14
N ALA B 245 -27.25 -38.25 -37.85
CA ALA B 245 -27.58 -37.78 -36.50
C ALA B 245 -29.06 -37.58 -36.28
N LEU B 246 -29.80 -37.20 -37.33
CA LEU B 246 -31.21 -36.84 -37.22
C LEU B 246 -32.15 -37.97 -37.63
N ALA B 247 -31.91 -38.60 -38.79
CA ALA B 247 -32.77 -39.69 -39.23
C ALA B 247 -32.59 -40.93 -38.35
N ARG B 248 -31.37 -41.19 -37.89
CA ARG B 248 -31.09 -42.33 -37.04
C ARG B 248 -31.39 -42.08 -35.57
N ARG B 249 -32.07 -40.97 -35.24
CA ARG B 249 -32.45 -40.67 -33.86
C ARG B 249 -33.90 -40.22 -33.73
N PHE B 250 -34.67 -40.16 -34.81
CA PHE B 250 -36.00 -39.54 -34.81
C PHE B 250 -37.07 -40.51 -35.28
N ASN B 251 -38.31 -40.12 -35.00
CA ASN B 251 -39.52 -40.84 -35.43
C ASN B 251 -40.59 -39.80 -35.72
N GLU B 252 -41.31 -39.97 -36.83
CA GLU B 252 -42.25 -38.93 -37.27
C GLU B 252 -43.58 -39.05 -36.52
N VAL B 253 -44.18 -37.89 -36.22
CA VAL B 253 -45.48 -37.79 -35.56
C VAL B 253 -46.54 -37.58 -36.62
N LYS B 254 -47.72 -38.14 -36.39
CA LYS B 254 -48.90 -37.87 -37.22
C LYS B 254 -49.45 -36.51 -36.80
N VAL B 255 -49.58 -35.62 -37.80
CA VAL B 255 -49.56 -34.18 -37.61
C VAL B 255 -50.63 -33.71 -36.64
N ASN B 256 -51.89 -33.80 -37.04
CA ASN B 256 -53.00 -33.25 -36.27
C ASN B 256 -54.28 -33.55 -37.02
N ALA B 257 -55.42 -33.38 -36.34
CA ALA B 257 -56.74 -33.50 -36.96
C ALA B 257 -57.72 -32.60 -36.25
N PRO B 258 -57.62 -31.27 -36.41
CA PRO B 258 -58.53 -30.35 -35.70
C PRO B 258 -59.94 -30.35 -36.27
N SER B 259 -60.75 -31.30 -35.80
CA SER B 259 -62.12 -31.42 -36.27
C SER B 259 -63.03 -30.42 -35.55
N ALA B 260 -64.11 -30.03 -36.22
CA ALA B 260 -65.09 -29.13 -35.61
C ALA B 260 -65.90 -29.84 -34.52
N GLU B 261 -65.92 -31.18 -34.53
CA GLU B 261 -66.68 -31.92 -33.52
C GLU B 261 -66.13 -31.66 -32.12
N ASN B 262 -64.80 -31.77 -31.94
CA ASN B 262 -64.19 -31.47 -30.66
C ASN B 262 -64.01 -29.98 -30.42
N THR B 263 -64.08 -29.17 -31.48
CA THR B 263 -63.99 -27.73 -31.32
C THR B 263 -65.09 -27.20 -30.40
N PHE B 264 -66.33 -27.69 -30.58
CA PHE B 264 -67.46 -27.11 -29.86
C PHE B 264 -67.33 -27.26 -28.35
N LYS B 265 -66.95 -28.46 -27.89
CA LYS B 265 -66.75 -28.66 -26.46
C LYS B 265 -65.64 -27.75 -25.94
N ILE B 266 -64.61 -27.53 -26.75
CA ILE B 266 -63.58 -26.55 -26.40
C ILE B 266 -64.19 -25.16 -26.35
N LEU B 267 -65.01 -24.82 -27.36
CA LEU B 267 -65.61 -23.48 -27.44
C LEU B 267 -66.42 -23.14 -26.19
N GLN B 268 -67.05 -24.14 -25.57
CA GLN B 268 -67.67 -23.92 -24.27
C GLN B 268 -66.61 -23.66 -23.20
N GLY B 269 -65.43 -24.25 -23.36
CA GLY B 269 -64.32 -23.90 -22.48
C GLY B 269 -63.74 -22.53 -22.79
N ILE B 270 -63.89 -22.07 -24.04
CA ILE B 270 -63.33 -20.78 -24.43
C ILE B 270 -64.17 -19.63 -23.86
N ARG B 271 -65.50 -19.79 -23.83
CA ARG B 271 -66.33 -18.70 -23.32
C ARG B 271 -66.08 -18.45 -21.84
N ASP B 272 -66.12 -19.48 -21.01
CA ASP B 272 -65.84 -19.37 -19.58
C ASP B 272 -64.46 -18.82 -19.28
N LEU B 273 -63.54 -18.85 -20.24
CA LEU B 273 -62.22 -18.25 -20.13
C LEU B 273 -62.22 -16.77 -20.52
N TYR B 274 -63.11 -16.34 -21.42
CA TYR B 274 -63.09 -14.99 -21.97
C TYR B 274 -64.40 -14.22 -21.83
N GLN B 275 -65.55 -14.88 -21.73
CA GLN B 275 -66.81 -14.14 -21.69
C GLN B 275 -66.94 -13.29 -20.43
N GLN B 276 -66.23 -13.63 -19.35
CA GLN B 276 -66.23 -12.79 -18.16
C GLN B 276 -65.42 -11.52 -18.34
N HIS B 277 -64.59 -11.43 -19.38
CA HIS B 277 -63.75 -10.25 -19.56
C HIS B 277 -64.55 -9.01 -19.89
N HIS B 278 -65.64 -9.16 -20.66
CA HIS B 278 -66.42 -8.02 -21.16
C HIS B 278 -67.87 -8.04 -20.67
N ASN B 279 -68.19 -8.87 -19.68
CA ASN B 279 -69.56 -9.00 -19.19
C ASN B 279 -70.51 -9.41 -20.32
N VAL B 280 -70.03 -10.32 -21.17
CA VAL B 280 -70.77 -10.79 -22.33
C VAL B 280 -71.25 -12.21 -22.06
N ILE B 281 -72.39 -12.57 -22.66
CA ILE B 281 -72.86 -13.94 -22.71
C ILE B 281 -72.60 -14.48 -24.12
N LEU B 282 -72.06 -15.70 -24.20
CA LEU B 282 -71.75 -16.37 -25.46
C LEU B 282 -72.48 -17.70 -25.49
N PRO B 283 -73.78 -17.70 -25.79
CA PRO B 283 -74.54 -18.97 -25.74
C PRO B 283 -74.09 -19.93 -26.84
N ASP B 284 -74.75 -21.09 -26.86
CA ASP B 284 -74.33 -22.17 -27.76
C ASP B 284 -74.47 -21.79 -29.22
N GLU B 285 -75.56 -21.10 -29.59
CA GLU B 285 -75.75 -20.72 -30.99
C GLU B 285 -74.69 -19.75 -31.47
N VAL B 286 -74.12 -18.94 -30.57
CA VAL B 286 -73.02 -18.06 -30.95
C VAL B 286 -71.73 -18.86 -31.15
N LEU B 287 -71.46 -19.81 -30.25
CA LEU B 287 -70.28 -20.65 -30.39
C LEU B 287 -70.33 -21.45 -31.69
N LYS B 288 -71.49 -22.05 -31.98
CA LYS B 288 -71.65 -22.79 -33.24
C LYS B 288 -71.49 -21.85 -34.44
N ALA B 289 -72.15 -20.70 -34.38
CA ALA B 289 -72.05 -19.73 -35.47
C ALA B 289 -70.63 -19.22 -35.65
N ALA B 290 -69.83 -19.22 -34.57
CA ALA B 290 -68.46 -18.74 -34.67
C ALA B 290 -67.60 -19.61 -35.58
N VAL B 291 -68.00 -20.87 -35.82
CA VAL B 291 -67.31 -21.78 -36.73
C VAL B 291 -68.20 -22.21 -37.88
N ASP B 292 -69.45 -22.58 -37.59
CA ASP B 292 -70.33 -23.09 -38.62
C ASP B 292 -70.63 -22.05 -39.70
N TYR B 293 -70.77 -20.78 -39.31
CA TYR B 293 -70.96 -19.71 -40.27
C TYR B 293 -69.64 -19.21 -40.84
N SER B 294 -68.58 -19.21 -40.04
CA SER B 294 -67.32 -18.62 -40.45
C SER B 294 -66.46 -19.56 -41.29
N VAL B 295 -66.58 -20.87 -41.11
CA VAL B 295 -65.76 -21.84 -41.85
C VAL B 295 -65.86 -21.62 -43.35
N GLN B 296 -67.01 -21.14 -43.81
CA GLN B 296 -67.23 -20.89 -45.23
C GLN B 296 -66.27 -19.85 -45.80
N TYR B 297 -65.81 -18.90 -44.98
CA TYR B 297 -65.06 -17.75 -45.45
C TYR B 297 -63.68 -17.64 -44.79
N ILE B 298 -63.13 -18.73 -44.30
CA ILE B 298 -61.81 -18.76 -43.66
C ILE B 298 -60.99 -19.85 -44.34
N PRO B 299 -60.19 -19.52 -45.36
CA PRO B 299 -59.25 -20.51 -45.92
C PRO B 299 -57.99 -20.73 -45.09
N GLN B 300 -57.95 -20.26 -43.85
CA GLN B 300 -56.74 -20.26 -43.04
C GLN B 300 -56.66 -21.51 -42.17
N ARG B 301 -55.42 -21.90 -41.87
CA ARG B 301 -55.17 -22.95 -40.88
C ARG B 301 -55.54 -22.50 -39.47
N SER B 302 -55.68 -21.19 -39.25
CA SER B 302 -55.96 -20.64 -37.92
C SER B 302 -57.44 -20.64 -37.56
N LEU B 303 -58.28 -21.38 -38.28
CA LEU B 303 -59.72 -21.42 -38.00
C LEU B 303 -60.07 -21.85 -36.57
N PRO B 304 -59.42 -22.86 -35.98
CA PRO B 304 -59.88 -23.32 -34.65
C PRO B 304 -59.85 -22.24 -33.57
N ASP B 305 -59.06 -21.19 -33.75
CA ASP B 305 -59.04 -20.05 -32.83
C ASP B 305 -59.69 -18.80 -33.43
N LYS B 306 -60.32 -18.91 -34.61
CA LYS B 306 -61.02 -17.77 -35.18
C LYS B 306 -62.26 -17.43 -34.37
N ALA B 307 -62.85 -18.41 -33.67
CA ALA B 307 -64.02 -18.12 -32.85
C ALA B 307 -63.71 -17.13 -31.74
N ILE B 308 -62.48 -17.14 -31.25
CA ILE B 308 -62.07 -16.15 -30.25
C ILE B 308 -62.10 -14.75 -30.85
N ASP B 309 -61.57 -14.60 -32.07
CA ASP B 309 -61.53 -13.29 -32.71
C ASP B 309 -62.93 -12.73 -32.92
N LEU B 310 -63.89 -13.59 -33.24
CA LEU B 310 -65.24 -13.10 -33.52
C LEU B 310 -65.94 -12.62 -32.24
N VAL B 311 -65.77 -13.35 -31.15
CA VAL B 311 -66.37 -12.91 -29.89
C VAL B 311 -65.56 -11.78 -29.28
N ASP B 312 -64.25 -11.73 -29.54
CA ASP B 312 -63.44 -10.60 -29.09
C ASP B 312 -63.84 -9.31 -29.78
N VAL B 313 -63.95 -9.35 -31.12
CA VAL B 313 -64.32 -8.16 -31.87
C VAL B 313 -65.79 -7.82 -31.65
N THR B 314 -66.62 -8.84 -31.42
CA THR B 314 -68.02 -8.58 -31.07
C THR B 314 -68.11 -7.75 -29.81
N ALA B 315 -67.42 -8.16 -28.74
CA ALA B 315 -67.39 -7.38 -27.52
C ALA B 315 -66.78 -6.01 -27.76
N ALA B 316 -65.79 -5.92 -28.64
CA ALA B 316 -65.19 -4.64 -28.96
C ALA B 316 -66.20 -3.71 -29.63
N HIS B 317 -67.04 -4.27 -30.51
CA HIS B 317 -68.05 -3.46 -31.19
C HIS B 317 -69.27 -3.24 -30.30
N LEU B 318 -69.65 -4.24 -29.50
CA LEU B 318 -70.70 -4.02 -28.50
C LEU B 318 -70.25 -3.02 -27.44
N ALA B 319 -68.94 -2.96 -27.17
CA ALA B 319 -68.43 -2.01 -26.18
C ALA B 319 -68.57 -0.56 -26.65
N ALA B 320 -68.92 -0.33 -27.92
CA ALA B 320 -69.20 1.03 -28.38
C ALA B 320 -70.48 1.59 -27.77
N GLN B 321 -71.33 0.76 -27.17
CA GLN B 321 -72.54 1.25 -26.52
C GLN B 321 -72.21 1.95 -25.20
N HIS B 322 -71.27 1.42 -24.41
CA HIS B 322 -70.95 1.96 -23.09
C HIS B 322 -69.44 2.18 -22.94
N PRO B 323 -68.87 3.16 -23.65
CA PRO B 323 -67.51 3.63 -23.32
C PRO B 323 -67.45 4.85 -22.42
N VAL B 324 -68.58 5.37 -21.92
CA VAL B 324 -68.62 6.70 -21.32
C VAL B 324 -69.30 6.72 -19.96
N THR B 325 -69.48 5.56 -19.33
CA THR B 325 -70.05 5.54 -17.99
C THR B 325 -69.08 6.23 -17.03
N ASP B 326 -69.59 7.23 -16.30
CA ASP B 326 -68.78 8.00 -15.37
C ASP B 326 -68.73 7.32 -14.00
N VAL B 327 -68.23 6.08 -14.00
CA VAL B 327 -68.01 5.36 -12.76
C VAL B 327 -67.04 6.13 -11.87
N HIS B 328 -66.05 6.78 -12.47
CA HIS B 328 -65.06 7.53 -11.71
C HIS B 328 -65.62 8.81 -11.12
N ALA B 329 -66.75 9.32 -11.63
CA ALA B 329 -67.36 10.51 -11.04
C ALA B 329 -67.75 10.27 -9.59
N VAL B 330 -68.15 9.03 -9.27
CA VAL B 330 -68.48 8.69 -7.89
C VAL B 330 -67.21 8.30 -7.11
N GLU B 331 -66.28 7.59 -7.77
CA GLU B 331 -65.03 7.23 -7.10
C GLU B 331 -64.27 8.46 -6.65
N ARG B 332 -64.26 9.51 -7.48
CA ARG B 332 -63.58 10.74 -7.08
C ARG B 332 -64.32 11.42 -5.94
N GLU B 333 -65.64 11.25 -5.87
CA GLU B 333 -66.39 11.75 -4.71
C GLU B 333 -66.05 10.95 -3.47
N ILE B 334 -65.86 9.63 -3.61
CA ILE B 334 -65.52 8.80 -2.45
C ILE B 334 -64.15 9.18 -1.91
N GLU B 335 -63.17 9.37 -2.80
CA GLU B 335 -61.82 9.72 -2.36
C GLU B 335 -61.81 11.06 -1.63
N THR B 336 -62.70 11.98 -2.02
CA THR B 336 -62.86 13.22 -1.28
C THR B 336 -63.49 12.95 0.09
N GLU B 337 -64.62 12.25 0.10
CA GLU B 337 -65.32 11.99 1.36
C GLU B 337 -64.50 11.11 2.29
N LYS B 338 -63.73 10.17 1.74
CA LYS B 338 -62.83 9.39 2.56
C LYS B 338 -61.70 10.26 3.11
N ASP B 339 -61.22 11.21 2.31
CA ASP B 339 -60.16 12.10 2.79
C ASP B 339 -60.66 12.98 3.92
N LYS B 340 -61.94 13.40 3.86
CA LYS B 340 -62.54 14.09 5.00
C LYS B 340 -62.72 13.13 6.17
N GLN B 341 -63.15 11.90 5.88
CA GLN B 341 -63.34 10.89 6.92
C GLN B 341 -62.05 10.68 7.71
N GLU B 342 -60.93 10.54 7.02
CA GLU B 342 -59.65 10.38 7.71
C GLU B 342 -59.35 11.57 8.61
N LYS B 343 -59.80 12.76 8.23
CA LYS B 343 -59.58 13.94 9.05
C LYS B 343 -60.59 14.02 10.19
N ALA B 344 -61.83 13.60 9.95
CA ALA B 344 -62.81 13.53 11.03
C ALA B 344 -62.34 12.56 12.11
N VAL B 345 -61.61 11.52 11.73
CA VAL B 345 -61.12 10.54 12.69
C VAL B 345 -59.99 11.13 13.52
N GLU B 346 -59.04 11.81 12.86
CA GLU B 346 -57.91 12.40 13.59
C GLU B 346 -58.40 13.45 14.59
N ALA B 347 -59.45 14.19 14.23
CA ALA B 347 -60.09 15.11 15.15
C ALA B 347 -61.02 14.41 16.15
N GLU B 348 -61.19 13.09 16.02
CA GLU B 348 -62.09 12.33 16.88
C GLU B 348 -63.51 12.87 16.82
N ASP B 349 -63.93 13.25 15.62
CA ASP B 349 -65.31 13.69 15.33
C ASP B 349 -65.98 12.51 14.63
N PHE B 350 -66.64 11.66 15.43
CA PHE B 350 -67.16 10.39 14.94
C PHE B 350 -68.64 10.44 14.58
N GLU B 351 -69.35 11.50 14.90
CA GLU B 351 -70.63 11.74 14.22
C GLU B 351 -70.40 12.06 12.75
N ALA B 352 -69.38 12.89 12.48
CA ALA B 352 -69.03 13.21 11.10
C ALA B 352 -68.41 12.01 10.40
N ALA B 353 -67.53 11.28 11.10
CA ALA B 353 -66.87 10.13 10.49
C ALA B 353 -67.87 9.04 10.14
N LEU B 354 -68.85 8.80 11.01
CA LEU B 354 -69.88 7.81 10.71
C LEU B 354 -70.73 8.26 9.52
N ASN B 355 -71.07 9.55 9.47
CA ASN B 355 -71.87 10.06 8.36
C ASN B 355 -71.18 9.84 7.02
N TYR B 356 -69.85 9.92 6.99
CA TYR B 356 -69.12 9.74 5.74
C TYR B 356 -69.05 8.26 5.36
N LYS B 357 -68.80 7.38 6.32
CA LYS B 357 -68.86 5.95 6.04
C LYS B 357 -70.27 5.55 5.58
N THR B 358 -71.30 6.24 6.08
CA THR B 358 -72.66 5.98 5.63
C THR B 358 -72.84 6.37 4.17
N ARG B 359 -72.41 7.59 3.81
CA ARG B 359 -72.59 8.04 2.42
C ARG B 359 -71.76 7.20 1.45
N ILE B 360 -70.50 6.93 1.80
CA ILE B 360 -69.62 6.17 0.89
C ILE B 360 -70.21 4.80 0.61
N ALA B 361 -70.76 4.15 1.62
CA ALA B 361 -71.37 2.82 1.42
C ALA B 361 -72.46 2.88 0.37
N GLU B 362 -73.32 3.90 0.44
CA GLU B 362 -74.29 4.13 -0.63
C GLU B 362 -73.59 4.42 -1.95
N LEU B 363 -72.57 5.28 -1.93
CA LEU B 363 -71.87 5.63 -3.16
C LEU B 363 -71.17 4.42 -3.77
N GLU B 364 -70.62 3.53 -2.93
CA GLU B 364 -69.99 2.33 -3.45
C GLU B 364 -71.02 1.40 -4.07
N ARG B 365 -72.21 1.31 -3.45
CA ARG B 365 -73.27 0.48 -4.02
C ARG B 365 -73.76 1.04 -5.36
N LYS B 366 -73.72 2.36 -5.52
CA LYS B 366 -74.10 2.95 -6.79
C LYS B 366 -73.15 2.53 -7.91
N ILE B 367 -71.84 2.56 -7.65
CA ILE B 367 -70.85 2.16 -8.65
C ILE B 367 -71.07 0.71 -9.04
N GLU B 368 -71.16 -0.18 -8.05
CA GLU B 368 -71.26 -1.61 -8.32
C GLU B 368 -72.54 -1.95 -9.08
N ASN B 369 -73.58 -1.15 -8.91
CA ASN B 369 -74.83 -1.36 -9.63
C ASN B 369 -74.78 -0.85 -11.06
N HIS B 370 -73.77 -0.07 -11.44
CA HIS B 370 -73.63 0.35 -12.83
C HIS B 370 -73.39 -0.83 -13.76
N THR B 371 -72.75 -1.91 -13.27
CA THR B 371 -72.51 -3.09 -14.07
C THR B 371 -73.81 -3.67 -14.63
N GLU B 372 -74.90 -3.59 -13.86
CA GLU B 372 -76.16 -4.17 -14.29
C GLU B 372 -76.82 -3.40 -15.43
N ASP B 373 -76.41 -2.15 -15.67
CA ASP B 373 -76.90 -1.37 -16.79
C ASP B 373 -76.04 -1.51 -18.04
N MET B 374 -75.08 -2.44 -18.05
CA MET B 374 -74.10 -2.58 -19.13
C MET B 374 -73.96 -4.06 -19.51
N LYS B 375 -75.09 -4.73 -19.69
CA LYS B 375 -75.09 -6.10 -20.19
C LYS B 375 -74.71 -6.10 -21.66
N VAL B 376 -73.83 -7.03 -22.04
CA VAL B 376 -73.26 -7.10 -23.37
C VAL B 376 -73.84 -8.35 -24.03
N THR B 377 -74.78 -8.16 -24.96
CA THR B 377 -75.54 -9.26 -25.56
C THR B 377 -75.63 -9.04 -27.06
N ALA B 378 -74.80 -9.75 -27.82
CA ALA B 378 -74.96 -9.79 -29.27
C ALA B 378 -76.05 -10.76 -29.65
N SER B 379 -76.79 -10.42 -30.70
CA SER B 379 -77.54 -11.41 -31.43
C SER B 379 -76.58 -12.26 -32.26
N VAL B 380 -76.94 -13.52 -32.46
CA VAL B 380 -76.12 -14.38 -33.29
C VAL B 380 -76.04 -13.84 -34.72
N ASN B 381 -77.06 -13.10 -35.15
CA ASN B 381 -76.99 -12.41 -36.43
C ASN B 381 -75.96 -11.29 -36.41
N ASP B 382 -75.80 -10.61 -35.28
CA ASP B 382 -74.79 -9.57 -35.16
C ASP B 382 -73.39 -10.17 -35.15
N VAL B 383 -73.22 -11.32 -34.50
CA VAL B 383 -71.94 -12.03 -34.54
C VAL B 383 -71.63 -12.44 -35.96
N ALA B 384 -72.63 -12.93 -36.69
CA ALA B 384 -72.43 -13.30 -38.08
C ALA B 384 -72.10 -12.07 -38.93
N GLU B 385 -72.62 -10.90 -38.54
CA GLU B 385 -72.32 -9.69 -39.28
C GLU B 385 -70.91 -9.20 -38.99
N SER B 386 -70.34 -9.56 -37.83
CA SER B 386 -68.93 -9.31 -37.56
C SER B 386 -68.02 -9.89 -38.63
N VAL B 387 -68.42 -11.00 -39.25
CA VAL B 387 -67.61 -11.64 -40.27
C VAL B 387 -67.47 -10.74 -41.49
N GLU B 388 -68.44 -9.86 -41.72
CA GLU B 388 -68.38 -8.92 -42.84
C GLU B 388 -67.70 -7.61 -42.43
N ARG B 389 -67.94 -7.14 -41.21
CA ARG B 389 -67.49 -5.81 -40.80
C ARG B 389 -65.98 -5.67 -40.93
N MET B 390 -65.23 -6.64 -40.41
CA MET B 390 -63.78 -6.61 -40.43
C MET B 390 -63.18 -7.43 -41.57
N THR B 391 -63.98 -7.80 -42.58
CA THR B 391 -63.48 -8.51 -43.77
C THR B 391 -63.92 -7.79 -45.04
N GLY B 392 -65.08 -7.14 -45.01
CA GLY B 392 -65.55 -6.40 -46.16
C GLY B 392 -66.14 -7.26 -47.26
N ILE B 393 -66.77 -8.37 -46.92
CA ILE B 393 -67.22 -9.38 -47.87
C ILE B 393 -68.74 -9.42 -47.83
N PRO B 394 -69.48 -8.93 -48.89
CA PRO B 394 -70.94 -8.66 -48.74
C PRO B 394 -71.80 -9.93 -48.67
N VAL B 395 -71.96 -10.45 -47.46
CA VAL B 395 -72.56 -11.77 -47.24
C VAL B 395 -73.61 -11.76 -46.14
N SER B 396 -74.19 -10.59 -45.84
CA SER B 396 -75.21 -10.51 -44.80
C SER B 396 -76.45 -11.32 -45.13
N GLN B 397 -76.67 -11.66 -46.41
CA GLN B 397 -77.82 -12.46 -46.82
C GLN B 397 -77.76 -13.90 -46.33
N MET B 398 -76.59 -14.39 -45.91
CA MET B 398 -76.44 -15.77 -45.49
C MET B 398 -76.93 -15.95 -44.06
N GLY B 399 -77.30 -17.19 -43.69
CA GLY B 399 -77.31 -18.41 -44.51
C GLY B 399 -77.01 -19.67 -43.72
N ALA B 400 -77.28 -20.80 -44.37
CA ALA B 400 -76.99 -22.14 -43.87
C ALA B 400 -76.25 -22.83 -45.02
N SER B 401 -75.18 -22.16 -45.48
CA SER B 401 -74.80 -22.15 -46.88
C SER B 401 -73.73 -23.17 -47.23
N ASP B 402 -73.77 -24.37 -46.64
CA ASP B 402 -72.89 -25.44 -47.10
C ASP B 402 -73.23 -25.83 -48.54
N ILE B 403 -74.52 -25.85 -48.87
CA ILE B 403 -75.00 -26.27 -50.18
C ILE B 403 -75.42 -25.06 -51.00
N GLU B 404 -75.92 -24.01 -50.32
CA GLU B 404 -76.42 -22.83 -51.03
C GLU B 404 -75.35 -22.23 -51.92
N ARG B 405 -74.12 -22.10 -51.43
CA ARG B 405 -73.06 -21.56 -52.27
C ARG B 405 -72.68 -22.52 -53.38
N LEU B 406 -72.73 -23.84 -53.10
CA LEU B 406 -72.33 -24.83 -54.09
C LEU B 406 -73.17 -24.72 -55.36
N LYS B 407 -74.47 -24.51 -55.20
CA LYS B 407 -75.39 -24.47 -56.35
C LYS B 407 -75.60 -23.05 -56.86
N ASP B 408 -75.67 -22.04 -55.98
CA ASP B 408 -76.07 -20.71 -56.38
C ASP B 408 -74.92 -19.80 -56.80
N MET B 409 -73.69 -20.05 -56.33
CA MET B 409 -72.58 -19.21 -56.75
C MET B 409 -72.32 -19.34 -58.24
N ALA B 410 -72.64 -20.49 -58.82
CA ALA B 410 -72.55 -20.64 -60.27
C ALA B 410 -73.55 -19.74 -60.96
N HIS B 411 -74.80 -19.72 -60.49
CA HIS B 411 -75.80 -18.82 -61.03
C HIS B 411 -75.46 -17.37 -60.69
N ARG B 412 -74.92 -17.14 -59.48
CA ARG B 412 -74.55 -15.78 -59.08
C ARG B 412 -73.44 -15.24 -59.97
N LEU B 413 -72.53 -16.11 -60.44
CA LEU B 413 -71.48 -15.66 -61.33
C LEU B 413 -72.07 -15.12 -62.63
N GLN B 414 -72.82 -15.95 -63.36
CA GLN B 414 -73.27 -15.62 -64.70
C GLN B 414 -74.11 -14.34 -64.74
N ASP B 415 -74.74 -13.97 -63.62
CA ASP B 415 -75.45 -12.71 -63.55
C ASP B 415 -74.52 -11.52 -63.76
N LYS B 416 -73.21 -11.68 -63.53
CA LYS B 416 -72.22 -10.63 -63.72
C LYS B 416 -71.25 -10.91 -64.85
N VAL B 417 -71.42 -12.01 -65.60
CA VAL B 417 -70.48 -12.39 -66.65
C VAL B 417 -70.92 -11.75 -67.96
N ILE B 418 -69.94 -11.43 -68.80
CA ILE B 418 -70.16 -11.05 -70.19
C ILE B 418 -69.47 -12.13 -71.03
N GLY B 419 -70.23 -13.09 -71.53
CA GLY B 419 -69.71 -14.10 -72.41
C GLY B 419 -70.52 -15.37 -72.35
N GLN B 420 -69.87 -16.46 -72.79
CA GLN B 420 -70.52 -17.76 -72.85
C GLN B 420 -70.91 -18.23 -71.45
N ASP B 421 -71.95 -19.06 -71.38
CA ASP B 421 -72.51 -19.48 -70.10
C ASP B 421 -71.94 -20.81 -69.60
N LYS B 422 -71.47 -21.68 -70.50
CA LYS B 422 -70.97 -22.98 -70.08
C LYS B 422 -69.64 -22.90 -69.35
N ALA B 423 -69.01 -21.72 -69.28
CA ALA B 423 -67.74 -21.61 -68.56
C ALA B 423 -67.91 -21.89 -67.07
N VAL B 424 -69.06 -21.53 -66.49
CA VAL B 424 -69.22 -21.71 -65.04
C VAL B 424 -69.33 -23.19 -64.69
N GLU B 425 -69.96 -24.00 -65.56
CA GLU B 425 -70.10 -25.43 -65.27
C GLU B 425 -68.73 -26.10 -65.20
N VAL B 426 -67.75 -25.59 -65.94
CA VAL B 426 -66.39 -26.13 -65.88
C VAL B 426 -65.73 -25.75 -64.56
N VAL B 427 -65.79 -24.46 -64.21
CA VAL B 427 -65.02 -23.98 -63.06
C VAL B 427 -65.77 -24.20 -61.75
N ALA B 428 -67.09 -24.05 -61.75
CA ALA B 428 -67.85 -24.18 -60.51
C ALA B 428 -67.83 -25.62 -59.98
N ARG B 429 -67.94 -26.59 -60.88
CA ARG B 429 -67.95 -28.00 -60.48
C ARG B 429 -66.69 -28.37 -59.72
N ALA B 430 -65.57 -27.73 -60.05
CA ALA B 430 -64.32 -28.02 -59.35
C ALA B 430 -64.32 -27.37 -57.96
N ILE B 431 -64.99 -26.22 -57.84
CA ILE B 431 -65.22 -25.57 -56.54
C ILE B 431 -66.30 -26.33 -55.77
N CYS B 432 -67.15 -27.05 -56.50
CA CYS B 432 -68.20 -27.84 -55.84
C CYS B 432 -67.66 -29.16 -55.30
N ARG B 433 -67.00 -29.95 -56.16
CA ARG B 433 -66.57 -31.29 -55.74
C ARG B 433 -65.49 -31.22 -54.67
N ASN B 434 -64.62 -30.19 -54.71
CA ASN B 434 -63.65 -30.01 -53.64
C ASN B 434 -64.34 -29.66 -52.32
N ARG B 435 -65.17 -28.61 -52.33
CA ARG B 435 -65.82 -28.17 -51.10
C ARG B 435 -66.74 -29.27 -50.56
N ALA B 436 -67.30 -30.09 -51.45
CA ALA B 436 -68.06 -31.25 -51.02
C ALA B 436 -67.17 -32.33 -50.44
N GLY B 437 -65.90 -32.35 -50.84
CA GLY B 437 -64.96 -33.38 -50.41
C GLY B 437 -64.84 -34.56 -51.34
N PHE B 438 -65.46 -34.50 -52.52
CA PHE B 438 -65.37 -35.57 -53.52
C PHE B 438 -64.25 -35.23 -54.50
N ASP B 439 -63.05 -35.61 -54.11
CA ASP B 439 -61.84 -35.29 -54.85
C ASP B 439 -60.79 -36.33 -54.48
N GLU B 440 -60.02 -36.74 -55.48
CA GLU B 440 -59.07 -37.82 -55.31
C GLU B 440 -58.02 -37.45 -54.26
N GLY B 441 -57.30 -38.47 -53.76
CA GLY B 441 -56.42 -38.28 -52.62
C GLY B 441 -55.32 -37.27 -52.85
N ASN B 442 -54.88 -37.11 -54.11
CA ASN B 442 -53.89 -36.09 -54.46
C ASN B 442 -54.25 -35.54 -55.84
N ARG B 443 -55.03 -34.47 -55.85
CA ARG B 443 -55.21 -33.64 -57.03
C ARG B 443 -55.22 -32.18 -56.60
N PRO B 444 -54.32 -31.34 -57.11
CA PRO B 444 -54.78 -29.93 -57.18
C PRO B 444 -55.96 -29.89 -58.13
N ILE B 445 -56.76 -28.81 -58.02
CA ILE B 445 -58.14 -28.71 -58.53
C ILE B 445 -58.28 -29.31 -59.93
N GLY B 446 -57.32 -29.02 -60.78
CA GLY B 446 -57.39 -29.39 -62.18
C GLY B 446 -56.97 -28.21 -63.04
N ASN B 447 -56.47 -28.53 -64.23
CA ASN B 447 -55.88 -27.55 -65.11
C ASN B 447 -56.94 -27.06 -66.09
N PHE B 448 -57.17 -25.75 -66.09
CA PHE B 448 -58.17 -25.11 -66.94
C PHE B 448 -57.48 -24.24 -67.99
N LEU B 449 -58.11 -24.17 -69.16
CA LEU B 449 -57.62 -23.37 -70.29
C LEU B 449 -58.78 -22.60 -70.88
N PHE B 450 -58.67 -21.27 -70.88
CA PHE B 450 -59.61 -20.39 -71.55
C PHE B 450 -58.96 -19.81 -72.80
N VAL B 451 -59.51 -20.14 -73.97
CA VAL B 451 -59.03 -19.60 -75.24
C VAL B 451 -59.87 -18.37 -75.56
N GLY B 452 -59.21 -17.26 -75.83
CA GLY B 452 -59.92 -16.00 -76.01
C GLY B 452 -58.95 -14.90 -76.39
N SER B 453 -59.38 -13.66 -76.14
CA SER B 453 -58.56 -12.47 -76.40
C SER B 453 -58.68 -11.53 -75.21
N THR B 454 -57.86 -10.48 -75.21
CA THR B 454 -57.72 -9.60 -74.05
C THR B 454 -59.01 -8.84 -73.73
N GLY B 455 -59.06 -8.28 -72.52
CA GLY B 455 -60.16 -7.40 -72.15
C GLY B 455 -61.16 -8.09 -71.24
N VAL B 456 -62.44 -7.93 -71.60
CA VAL B 456 -63.52 -8.45 -70.76
C VAL B 456 -63.48 -9.97 -70.74
N GLY B 457 -63.40 -10.61 -71.91
CA GLY B 457 -63.39 -12.06 -71.96
C GLY B 457 -62.21 -12.67 -71.24
N LYS B 458 -61.09 -11.93 -71.17
CA LYS B 458 -59.88 -12.48 -70.56
C LYS B 458 -60.00 -12.55 -69.04
N THR B 459 -60.50 -11.48 -68.41
CA THR B 459 -60.29 -11.26 -66.98
C THR B 459 -61.53 -11.43 -66.10
N GLU B 460 -62.76 -11.37 -66.64
CA GLU B 460 -63.93 -11.44 -65.76
C GLU B 460 -63.98 -12.76 -65.00
N LEU B 461 -63.64 -13.87 -65.67
CA LEU B 461 -63.72 -15.18 -65.03
C LEU B 461 -62.83 -15.24 -63.79
N ALA B 462 -61.54 -14.93 -63.95
CA ALA B 462 -60.62 -15.01 -62.83
C ALA B 462 -60.99 -14.02 -61.73
N LYS B 463 -61.39 -12.81 -62.10
CA LYS B 463 -61.73 -11.80 -61.09
C LYS B 463 -63.02 -12.16 -60.36
N GLN B 464 -64.06 -12.53 -61.10
CA GLN B 464 -65.35 -12.76 -60.48
C GLN B 464 -65.37 -14.06 -59.67
N LEU B 465 -64.59 -15.07 -60.09
CA LEU B 465 -64.45 -16.26 -59.27
C LEU B 465 -63.74 -15.94 -57.96
N ALA B 466 -62.72 -15.08 -58.02
CA ALA B 466 -61.97 -14.72 -56.82
C ALA B 466 -62.85 -13.99 -55.81
N LEU B 467 -63.83 -13.23 -56.29
CA LEU B 467 -64.70 -12.48 -55.39
C LEU B 467 -65.79 -13.35 -54.79
N ASP B 468 -66.20 -14.42 -55.47
CA ASP B 468 -67.14 -15.37 -54.92
C ASP B 468 -66.45 -16.46 -54.11
N MET B 469 -65.23 -16.85 -54.50
CA MET B 469 -64.48 -17.82 -53.72
C MET B 469 -63.84 -17.14 -52.51
N PHE B 470 -63.21 -15.98 -52.70
CA PHE B 470 -62.30 -15.42 -51.71
C PHE B 470 -62.51 -13.94 -51.43
N GLY B 471 -63.26 -13.23 -52.26
CA GLY B 471 -63.88 -12.01 -51.84
C GLY B 471 -63.08 -10.75 -52.11
N THR B 472 -61.77 -10.86 -52.31
CA THR B 472 -60.94 -9.69 -52.53
C THR B 472 -59.76 -10.06 -53.42
N GLN B 473 -58.89 -9.07 -53.65
CA GLN B 473 -57.86 -9.14 -54.69
C GLN B 473 -56.53 -9.60 -54.09
N ASP B 474 -56.57 -10.77 -53.42
CA ASP B 474 -55.42 -11.27 -52.67
C ASP B 474 -54.90 -12.60 -53.19
N ALA B 475 -55.78 -13.60 -53.34
CA ALA B 475 -55.36 -14.96 -53.65
C ALA B 475 -55.37 -15.19 -55.17
N ILE B 476 -54.46 -14.50 -55.85
CA ILE B 476 -54.36 -14.62 -57.29
C ILE B 476 -52.99 -14.10 -57.74
N ILE B 477 -52.32 -14.85 -58.61
CA ILE B 477 -51.05 -14.45 -59.20
C ILE B 477 -51.19 -14.56 -60.70
N ARG B 478 -50.68 -13.56 -61.41
CA ARG B 478 -50.63 -13.55 -62.88
C ARG B 478 -49.21 -13.83 -63.34
N LEU B 479 -49.05 -14.90 -64.11
CA LEU B 479 -47.76 -15.24 -64.73
C LEU B 479 -47.71 -14.57 -66.09
N ASP B 480 -46.88 -13.53 -66.18
CA ASP B 480 -46.78 -12.73 -67.41
C ASP B 480 -45.87 -13.46 -68.39
N MET B 481 -46.47 -14.05 -69.44
CA MET B 481 -45.67 -14.65 -70.50
C MET B 481 -44.98 -13.61 -71.37
N SER B 482 -45.27 -12.31 -71.19
CA SER B 482 -44.53 -11.29 -71.94
C SER B 482 -43.05 -11.34 -71.59
N GLU B 483 -42.72 -11.74 -70.37
CA GLU B 483 -41.34 -12.04 -70.00
C GLU B 483 -40.80 -13.32 -70.64
N TYR B 484 -41.64 -14.07 -71.36
CA TYR B 484 -41.27 -15.32 -72.01
C TYR B 484 -41.41 -15.24 -73.54
N SER B 485 -41.11 -14.10 -74.14
CA SER B 485 -41.13 -13.98 -75.60
C SER B 485 -39.85 -14.56 -76.19
N ASP B 486 -39.97 -15.67 -76.91
CA ASP B 486 -38.80 -16.26 -77.57
C ASP B 486 -38.24 -15.36 -78.66
N ARG B 487 -39.07 -14.51 -79.25
CA ARG B 487 -38.66 -13.71 -80.40
C ARG B 487 -37.93 -12.43 -80.01
N THR B 488 -38.28 -11.84 -78.87
CA THR B 488 -37.86 -10.48 -78.53
C THR B 488 -37.02 -10.40 -77.25
N ALA B 489 -36.71 -11.54 -76.62
CA ALA B 489 -35.96 -11.53 -75.37
C ALA B 489 -34.48 -11.26 -75.63
N VAL B 490 -34.19 -10.02 -76.04
CA VAL B 490 -32.83 -9.54 -76.21
C VAL B 490 -32.68 -8.24 -75.44
N SER B 491 -33.43 -8.11 -74.33
CA SER B 491 -33.43 -6.93 -73.47
C SER B 491 -33.95 -5.68 -74.19
N LYS B 492 -34.76 -5.82 -75.24
CA LYS B 492 -35.54 -4.67 -75.67
C LYS B 492 -36.51 -4.27 -74.57
N LEU B 493 -37.10 -5.27 -73.92
CA LEU B 493 -37.95 -5.13 -72.74
C LEU B 493 -37.21 -5.91 -71.64
N ILE B 494 -37.93 -6.34 -70.60
CA ILE B 494 -37.44 -6.64 -69.25
C ILE B 494 -36.10 -7.38 -69.24
N GLY B 495 -35.89 -8.32 -70.16
CA GLY B 495 -34.64 -9.05 -70.12
C GLY B 495 -34.51 -10.05 -71.26
N THR B 496 -33.48 -10.87 -71.12
CA THR B 496 -33.05 -11.81 -72.15
C THR B 496 -33.68 -13.19 -71.93
N THR B 497 -33.24 -14.15 -72.74
CA THR B 497 -33.65 -15.53 -72.63
C THR B 497 -33.33 -16.09 -71.24
N ALA B 498 -32.17 -15.71 -70.68
CA ALA B 498 -31.75 -16.25 -69.39
C ALA B 498 -32.68 -15.83 -68.25
N GLY B 499 -33.45 -14.76 -68.42
CA GLY B 499 -34.42 -14.37 -67.42
C GLY B 499 -35.63 -15.27 -67.29
N TYR B 500 -35.73 -16.29 -68.14
CA TYR B 500 -36.86 -17.20 -68.09
C TYR B 500 -36.82 -18.14 -66.90
N VAL B 501 -35.63 -18.43 -66.36
CA VAL B 501 -35.42 -19.43 -65.32
C VAL B 501 -35.06 -18.71 -64.03
N GLY B 502 -35.45 -19.31 -62.91
CA GLY B 502 -35.04 -18.82 -61.61
C GLY B 502 -35.92 -17.74 -61.02
N TYR B 503 -36.13 -16.66 -61.76
CA TYR B 503 -36.89 -15.54 -61.20
C TYR B 503 -38.35 -15.91 -60.99
N ASP B 504 -39.01 -16.41 -62.04
CA ASP B 504 -40.39 -16.86 -61.94
C ASP B 504 -40.43 -18.35 -61.61
N ASP B 505 -39.61 -18.72 -60.62
CA ASP B 505 -39.59 -20.07 -60.07
C ASP B 505 -39.72 -20.01 -58.55
N ASN B 506 -38.94 -19.13 -57.89
CA ASN B 506 -39.10 -18.93 -56.45
C ASN B 506 -38.78 -17.50 -55.99
N SER B 507 -38.46 -16.58 -56.91
CA SER B 507 -37.81 -15.33 -56.52
C SER B 507 -38.80 -14.23 -56.17
N ASN B 508 -38.29 -13.02 -55.94
CA ASN B 508 -39.07 -11.88 -55.46
C ASN B 508 -40.05 -11.45 -56.55
N THR B 509 -41.37 -11.72 -56.40
CA THR B 509 -42.03 -12.51 -55.35
C THR B 509 -42.92 -13.55 -56.00
N LEU B 510 -42.56 -14.82 -55.82
CA LEU B 510 -43.42 -15.95 -56.17
C LEU B 510 -43.86 -16.74 -54.96
N THR B 511 -42.91 -17.29 -54.21
CA THR B 511 -43.22 -18.32 -53.22
C THR B 511 -43.82 -17.75 -51.95
N GLU B 512 -43.40 -16.56 -51.52
CA GLU B 512 -43.94 -15.97 -50.31
C GLU B 512 -45.43 -15.66 -50.44
N ARG B 513 -45.94 -15.50 -51.66
CA ARG B 513 -47.37 -15.41 -51.90
C ARG B 513 -48.02 -16.78 -52.01
N VAL B 514 -47.30 -17.78 -52.51
CA VAL B 514 -47.83 -19.14 -52.59
C VAL B 514 -47.95 -19.74 -51.19
N ARG B 515 -47.09 -19.32 -50.26
CA ARG B 515 -47.16 -19.84 -48.90
C ARG B 515 -48.29 -19.23 -48.09
N ARG B 516 -48.57 -17.94 -48.30
CA ARG B 516 -49.76 -17.34 -47.71
C ARG B 516 -51.02 -17.88 -48.33
N ASN B 517 -50.96 -18.19 -49.63
CA ASN B 517 -52.10 -18.70 -50.37
C ASN B 517 -51.66 -19.96 -51.12
N PRO B 518 -51.63 -21.13 -50.41
CA PRO B 518 -51.37 -22.42 -51.06
C PRO B 518 -52.40 -22.79 -52.14
N TYR B 519 -53.55 -22.11 -52.11
CA TYR B 519 -54.80 -22.52 -52.71
C TYR B 519 -55.14 -21.68 -53.93
N SER B 520 -54.28 -20.74 -54.29
CA SER B 520 -54.68 -19.55 -55.03
C SER B 520 -55.15 -19.88 -56.44
N ILE B 521 -55.60 -18.85 -57.15
CA ILE B 521 -55.78 -18.90 -58.59
C ILE B 521 -54.44 -18.59 -59.22
N ILE B 522 -54.01 -19.43 -60.15
CA ILE B 522 -52.87 -19.15 -61.02
C ILE B 522 -53.43 -18.72 -62.37
N LEU B 523 -52.89 -17.64 -62.91
CA LEU B 523 -53.19 -17.21 -64.27
C LEU B 523 -51.92 -17.20 -65.11
N LEU B 524 -51.89 -18.08 -66.10
CA LEU B 524 -50.84 -18.07 -67.11
C LEU B 524 -51.35 -17.22 -68.26
N ASP B 525 -50.73 -16.06 -68.43
CA ASP B 525 -51.19 -15.02 -69.35
C ASP B 525 -50.65 -15.30 -70.76
N ALA B 526 -51.52 -15.75 -71.67
CA ALA B 526 -51.13 -15.86 -73.08
C ALA B 526 -50.00 -16.84 -73.36
N ILE B 527 -50.32 -18.16 -73.30
CA ILE B 527 -49.35 -19.24 -73.47
C ILE B 527 -48.39 -18.97 -74.62
N GLU B 528 -48.90 -18.49 -75.76
CA GLU B 528 -48.21 -18.62 -77.05
C GLU B 528 -46.83 -17.99 -77.13
N LYS B 529 -46.43 -17.18 -76.15
CA LYS B 529 -45.19 -16.41 -76.27
C LYS B 529 -43.93 -17.26 -76.32
N ALA B 530 -43.99 -18.56 -75.99
CA ALA B 530 -42.78 -19.33 -75.77
C ALA B 530 -42.86 -20.75 -76.35
N ASP B 531 -41.66 -21.33 -76.48
CA ASP B 531 -41.32 -22.73 -76.72
C ASP B 531 -42.25 -23.65 -75.93
N PRO B 532 -42.77 -24.77 -76.49
CA PRO B 532 -43.66 -25.61 -75.66
C PRO B 532 -43.02 -26.17 -74.41
N GLN B 533 -41.68 -26.22 -74.33
CA GLN B 533 -41.02 -26.78 -73.16
C GLN B 533 -41.13 -25.85 -71.95
N VAL B 534 -41.17 -24.53 -72.17
CA VAL B 534 -41.33 -23.58 -71.08
C VAL B 534 -42.64 -23.82 -70.35
N ILE B 535 -43.73 -23.93 -71.12
CA ILE B 535 -45.07 -24.09 -70.58
C ILE B 535 -45.27 -25.51 -70.08
N THR B 536 -44.52 -26.46 -70.66
CA THR B 536 -44.66 -27.87 -70.29
C THR B 536 -44.16 -28.13 -68.87
N LEU B 537 -43.25 -27.29 -68.37
CA LEU B 537 -42.65 -27.53 -67.05
C LEU B 537 -43.70 -27.53 -65.96
N LEU B 538 -44.49 -26.46 -65.88
CA LEU B 538 -45.46 -26.34 -64.79
C LEU B 538 -46.52 -27.43 -64.86
N LEU B 539 -47.05 -27.69 -66.05
CA LEU B 539 -48.25 -28.51 -66.15
C LEU B 539 -47.97 -29.99 -65.94
N GLN B 540 -46.82 -30.50 -66.38
CA GLN B 540 -46.47 -31.88 -66.07
C GLN B 540 -46.22 -32.10 -64.58
N VAL B 541 -45.92 -31.04 -63.84
CA VAL B 541 -45.55 -31.12 -62.43
C VAL B 541 -46.76 -30.91 -61.52
N LEU B 542 -47.88 -30.38 -62.03
CA LEU B 542 -49.09 -30.20 -61.23
C LEU B 542 -49.89 -31.49 -61.06
N ASP B 543 -49.42 -32.62 -61.58
CA ASP B 543 -50.10 -33.89 -61.36
C ASP B 543 -50.15 -34.24 -59.88
N ASP B 544 -49.00 -34.18 -59.21
CA ASP B 544 -48.87 -34.55 -57.82
C ASP B 544 -49.04 -33.37 -56.86
N GLY B 545 -49.35 -32.18 -57.38
CA GLY B 545 -49.48 -31.02 -56.53
C GLY B 545 -48.20 -30.65 -55.81
N ARG B 546 -47.04 -30.85 -56.45
CA ARG B 546 -45.75 -30.59 -55.83
C ARG B 546 -44.74 -30.21 -56.91
N LEU B 547 -43.94 -29.19 -56.63
CA LEU B 547 -42.93 -28.70 -57.57
C LEU B 547 -41.63 -28.47 -56.81
N THR B 548 -40.55 -29.08 -57.31
CA THR B 548 -39.20 -28.86 -56.79
C THR B 548 -38.56 -27.69 -57.54
N ASP B 549 -38.11 -26.68 -56.79
CA ASP B 549 -37.62 -25.45 -57.38
C ASP B 549 -36.12 -25.57 -57.68
N GLY B 550 -35.53 -24.46 -58.15
CA GLY B 550 -34.12 -24.44 -58.47
C GLY B 550 -33.19 -24.64 -57.29
N GLN B 551 -33.63 -24.31 -56.09
CA GLN B 551 -32.82 -24.46 -54.88
C GLN B 551 -32.99 -25.82 -54.21
N GLY B 552 -33.73 -26.74 -54.82
CA GLY B 552 -33.95 -28.04 -54.23
C GLY B 552 -35.09 -28.12 -53.24
N ASN B 553 -35.81 -27.03 -53.01
CA ASN B 553 -36.96 -27.03 -52.12
C ASN B 553 -38.24 -27.35 -52.89
N THR B 554 -39.16 -28.02 -52.20
CA THR B 554 -40.44 -28.43 -52.78
C THR B 554 -41.54 -27.52 -52.25
N VAL B 555 -42.32 -26.95 -53.16
CA VAL B 555 -43.57 -26.28 -52.83
C VAL B 555 -44.67 -27.32 -52.92
N ASN B 556 -45.52 -27.38 -51.90
CA ASN B 556 -46.66 -28.29 -51.88
C ASN B 556 -47.94 -27.50 -52.13
N PHE B 557 -48.65 -27.87 -53.19
CA PHE B 557 -49.87 -27.17 -53.59
C PHE B 557 -51.09 -27.84 -52.96
N LYS B 558 -51.88 -27.02 -52.28
CA LYS B 558 -53.25 -27.35 -51.93
C LYS B 558 -54.17 -26.72 -52.96
N ASN B 559 -55.21 -27.46 -53.34
CA ASN B 559 -56.48 -26.94 -53.85
C ASN B 559 -56.31 -25.71 -54.74
N THR B 560 -55.31 -25.76 -55.63
CA THR B 560 -54.96 -24.66 -56.50
C THR B 560 -55.63 -24.84 -57.86
N VAL B 561 -56.18 -23.75 -58.40
CA VAL B 561 -56.76 -23.73 -59.73
C VAL B 561 -55.86 -22.88 -60.62
N ILE B 562 -55.51 -23.41 -61.79
CA ILE B 562 -54.79 -22.67 -62.82
C ILE B 562 -55.74 -22.48 -64.00
N ILE B 563 -55.92 -21.24 -64.43
CA ILE B 563 -56.62 -20.92 -65.66
C ILE B 563 -55.57 -20.38 -66.61
N ALA B 564 -55.07 -21.23 -67.50
CA ALA B 564 -54.17 -20.80 -68.55
C ALA B 564 -54.96 -20.08 -69.64
N THR B 565 -54.27 -19.18 -70.35
CA THR B 565 -54.92 -18.35 -71.35
C THR B 565 -54.04 -18.23 -72.59
N SER B 566 -54.70 -18.11 -73.74
CA SER B 566 -54.04 -17.98 -75.03
C SER B 566 -54.75 -16.91 -75.85
N ASN B 567 -54.07 -16.46 -76.90
CA ASN B 567 -54.65 -15.53 -77.87
C ASN B 567 -55.23 -16.35 -79.02
N ALA B 568 -56.55 -16.51 -78.99
CA ALA B 568 -57.26 -17.42 -79.90
C ALA B 568 -58.04 -16.64 -80.95
N GLY B 569 -58.71 -17.39 -81.82
CA GLY B 569 -59.47 -16.82 -82.91
C GLY B 569 -59.61 -17.84 -84.03
N PHE B 570 -60.11 -17.36 -85.16
CA PHE B 570 -60.24 -18.19 -86.34
C PHE B 570 -60.63 -17.33 -87.53
N GLY B 571 -60.04 -17.65 -88.70
CA GLY B 571 -60.36 -16.98 -89.94
C GLY B 571 -61.41 -17.73 -90.75
N TYR B 572 -62.32 -16.97 -91.33
CA TYR B 572 -63.62 -17.52 -91.72
C TYR B 572 -64.05 -16.94 -93.06
N GLU B 573 -65.22 -17.40 -93.53
CA GLU B 573 -65.80 -16.87 -94.77
C GLU B 573 -66.78 -15.73 -94.48
N ALA B 574 -67.82 -16.01 -93.69
CA ALA B 574 -68.82 -15.02 -93.31
C ALA B 574 -69.02 -15.10 -91.81
N ASN B 575 -69.32 -13.95 -91.20
CA ASN B 575 -69.37 -13.84 -89.74
C ASN B 575 -70.38 -14.78 -89.10
N LEU B 576 -71.34 -15.31 -89.86
CA LEU B 576 -72.24 -16.36 -89.41
C LEU B 576 -71.64 -17.76 -89.54
N THR B 577 -70.36 -17.87 -89.94
CA THR B 577 -69.67 -19.15 -90.02
C THR B 577 -68.44 -19.19 -89.11
N GLU B 578 -68.38 -18.32 -88.10
CA GLU B 578 -67.22 -18.28 -87.22
C GLU B 578 -67.10 -19.56 -86.41
N ASP B 579 -68.22 -20.08 -85.91
CA ASP B 579 -68.23 -21.28 -85.08
C ASP B 579 -68.40 -22.57 -85.89
N ALA B 580 -68.11 -22.52 -87.20
CA ALA B 580 -68.30 -23.70 -88.04
C ALA B 580 -67.24 -24.77 -87.76
N ASP B 581 -66.01 -24.35 -87.47
CA ASP B 581 -64.88 -25.26 -87.31
C ASP B 581 -64.49 -25.30 -85.83
N LYS B 582 -65.01 -26.30 -85.11
CA LYS B 582 -64.92 -26.35 -83.66
C LYS B 582 -63.55 -26.82 -83.16
N PRO B 583 -63.07 -28.03 -83.48
CA PRO B 583 -61.76 -28.42 -82.96
C PRO B 583 -60.59 -27.71 -83.60
N GLU B 584 -60.82 -26.97 -84.69
CA GLU B 584 -59.72 -26.34 -85.41
C GLU B 584 -59.15 -25.12 -84.68
N LEU B 585 -59.83 -24.64 -83.62
CA LEU B 585 -59.21 -23.66 -82.74
C LEU B 585 -57.94 -24.22 -82.11
N MET B 586 -58.01 -25.48 -81.65
CA MET B 586 -56.84 -26.13 -81.07
C MET B 586 -55.78 -26.39 -82.14
N ASP B 587 -56.20 -26.62 -83.39
CA ASP B 587 -55.24 -26.80 -84.46
C ASP B 587 -54.59 -25.47 -84.83
N ARG B 588 -55.35 -24.38 -84.78
CA ARG B 588 -54.77 -23.06 -84.94
C ARG B 588 -53.75 -22.77 -83.84
N LEU B 589 -54.11 -23.09 -82.60
CA LEU B 589 -53.23 -22.86 -81.45
C LEU B 589 -52.18 -23.95 -81.29
N LYS B 590 -52.24 -25.03 -82.07
CA LYS B 590 -51.29 -26.13 -82.03
C LYS B 590 -49.80 -25.77 -82.03
N PRO B 591 -49.33 -24.76 -82.81
CA PRO B 591 -47.87 -24.61 -82.96
C PRO B 591 -47.10 -24.38 -81.66
N PHE B 592 -47.72 -23.89 -80.60
CA PHE B 592 -47.03 -23.59 -79.35
C PHE B 592 -47.31 -24.60 -78.24
N PHE B 593 -48.03 -25.69 -78.53
CA PHE B 593 -48.15 -26.78 -77.57
C PHE B 593 -48.27 -28.09 -78.33
N ARG B 594 -48.49 -29.17 -77.58
CA ARG B 594 -48.61 -30.52 -78.11
C ARG B 594 -49.74 -31.23 -77.39
N PRO B 595 -50.18 -32.39 -77.90
CA PRO B 595 -51.26 -33.12 -77.21
C PRO B 595 -50.92 -33.54 -75.79
N GLU B 596 -49.64 -33.70 -75.47
CA GLU B 596 -49.24 -33.98 -74.10
C GLU B 596 -49.60 -32.82 -73.17
N PHE B 597 -49.67 -31.60 -73.70
CA PHE B 597 -50.07 -30.41 -72.97
C PHE B 597 -51.58 -30.21 -73.00
N LEU B 598 -52.21 -30.58 -74.12
CA LEU B 598 -53.64 -30.35 -74.29
C LEU B 598 -54.46 -31.33 -73.45
N ASN B 599 -54.06 -32.60 -73.43
CA ASN B 599 -54.87 -33.65 -72.82
C ASN B 599 -54.91 -33.58 -71.29
N ARG B 600 -54.19 -32.64 -70.67
CA ARG B 600 -54.20 -32.46 -69.23
C ARG B 600 -55.26 -31.46 -68.76
N PHE B 601 -56.13 -30.99 -69.65
CA PHE B 601 -57.04 -29.89 -69.36
C PHE B 601 -58.49 -30.37 -69.33
N ASN B 602 -59.30 -29.69 -68.51
CA ASN B 602 -60.67 -30.12 -68.21
C ASN B 602 -61.63 -29.54 -69.25
N ALA B 603 -61.55 -30.16 -70.42
CA ALA B 603 -62.41 -30.14 -71.60
C ALA B 603 -62.33 -28.95 -72.55
N VAL B 604 -62.40 -27.70 -72.09
CA VAL B 604 -61.57 -26.54 -72.40
C VAL B 604 -62.68 -25.49 -72.31
N ILE B 605 -62.40 -24.20 -72.16
CA ILE B 605 -63.46 -23.19 -72.31
C ILE B 605 -63.27 -22.47 -73.66
N GLU B 606 -64.35 -22.45 -74.44
CA GLU B 606 -64.31 -22.11 -75.87
C GLU B 606 -63.99 -20.62 -76.11
N PHE B 607 -63.95 -20.26 -77.40
CA PHE B 607 -63.59 -18.90 -77.80
C PHE B 607 -64.80 -17.97 -77.80
N SER B 608 -65.99 -18.51 -77.54
CA SER B 608 -67.28 -18.00 -78.05
C SER B 608 -67.43 -16.48 -78.07
N HIS B 609 -68.11 -15.98 -79.10
CA HIS B 609 -67.98 -14.60 -79.54
C HIS B 609 -69.11 -13.76 -78.97
N LEU B 610 -68.99 -12.44 -79.13
CA LEU B 610 -70.08 -11.53 -78.82
C LEU B 610 -71.11 -11.57 -79.94
N THR B 611 -72.36 -11.81 -79.57
CA THR B 611 -73.45 -12.01 -80.52
C THR B 611 -74.29 -10.75 -80.66
N LYS B 612 -74.88 -10.57 -81.85
CA LYS B 612 -75.93 -9.58 -82.02
C LYS B 612 -77.22 -10.13 -81.43
N GLU B 613 -77.28 -10.04 -80.10
CA GLU B 613 -78.32 -10.58 -79.26
C GLU B 613 -78.41 -9.59 -78.10
N ASP B 614 -78.84 -10.01 -76.91
CA ASP B 614 -79.21 -9.06 -75.86
C ASP B 614 -77.94 -8.36 -75.37
N LEU B 615 -77.51 -7.37 -76.17
CA LEU B 615 -76.44 -6.45 -75.76
C LEU B 615 -76.83 -5.63 -74.53
N SER B 616 -78.13 -5.49 -74.26
CA SER B 616 -78.59 -4.58 -73.22
C SER B 616 -78.09 -5.00 -71.84
N LYS B 617 -77.81 -6.29 -71.64
CA LYS B 617 -77.32 -6.74 -70.34
C LYS B 617 -75.97 -6.11 -70.01
N ILE B 618 -75.12 -5.88 -71.00
CA ILE B 618 -73.90 -5.11 -70.75
C ILE B 618 -74.29 -3.66 -70.45
N VAL B 619 -75.21 -3.09 -71.23
CA VAL B 619 -75.57 -1.68 -71.07
C VAL B 619 -76.34 -1.47 -69.77
N ASP B 620 -77.10 -2.48 -69.33
CA ASP B 620 -77.82 -2.36 -68.06
C ASP B 620 -76.85 -2.33 -66.89
N LEU B 621 -75.72 -3.02 -67.01
CA LEU B 621 -74.72 -3.01 -65.94
C LEU B 621 -73.87 -1.74 -65.99
N MET B 622 -73.46 -1.31 -67.19
CA MET B 622 -72.66 -0.10 -67.29
C MET B 622 -73.41 1.10 -66.73
N LEU B 623 -74.67 1.26 -67.13
CA LEU B 623 -75.48 2.35 -66.60
C LEU B 623 -75.61 2.26 -65.08
N ALA B 624 -75.64 1.04 -64.54
CA ALA B 624 -75.63 0.89 -63.09
C ALA B 624 -74.30 1.32 -62.49
N GLU B 625 -73.19 1.09 -63.21
CA GLU B 625 -71.90 1.53 -62.73
C GLU B 625 -71.79 3.06 -62.77
N VAL B 626 -72.49 3.70 -63.70
CA VAL B 626 -72.50 5.16 -63.74
C VAL B 626 -73.11 5.72 -62.46
N ASN B 627 -74.31 5.25 -62.11
CA ASN B 627 -74.99 5.78 -60.93
C ASN B 627 -74.32 5.32 -59.65
N GLN B 628 -73.76 4.11 -59.63
CA GLN B 628 -72.97 3.67 -58.48
C GLN B 628 -71.76 4.58 -58.28
N THR B 629 -71.10 4.97 -59.38
CA THR B 629 -70.02 5.94 -59.30
C THR B 629 -70.54 7.28 -58.80
N LEU B 630 -71.61 7.79 -59.43
CA LEU B 630 -72.15 9.09 -59.05
C LEU B 630 -72.78 9.06 -57.66
N ALA B 631 -73.17 7.88 -57.17
CA ALA B 631 -73.89 7.81 -55.90
C ALA B 631 -73.02 8.20 -54.72
N LYS B 632 -71.68 8.22 -54.88
CA LYS B 632 -70.81 8.62 -53.79
C LYS B 632 -71.09 10.05 -53.35
N LYS B 633 -71.40 10.93 -54.30
CA LYS B 633 -71.74 12.32 -54.02
C LYS B 633 -73.25 12.54 -53.98
N ASP B 634 -74.02 11.47 -53.78
CA ASP B 634 -75.48 11.55 -53.77
C ASP B 634 -76.01 12.10 -55.08
N ILE B 635 -75.48 11.57 -56.18
CA ILE B 635 -75.85 11.98 -57.54
C ILE B 635 -76.38 10.74 -58.24
N ASP B 636 -77.63 10.80 -58.69
CA ASP B 636 -78.31 9.65 -59.27
C ASP B 636 -79.33 10.17 -60.27
N LEU B 637 -79.09 9.89 -61.55
CA LEU B 637 -79.93 10.36 -62.64
C LEU B 637 -80.80 9.24 -63.18
N VAL B 638 -81.87 9.63 -63.86
CA VAL B 638 -82.62 8.71 -64.71
C VAL B 638 -81.82 8.52 -66.00
N VAL B 639 -81.59 7.26 -66.37
CA VAL B 639 -80.83 6.92 -67.58
C VAL B 639 -81.72 6.05 -68.46
N SER B 640 -81.94 6.51 -69.69
CA SER B 640 -82.84 5.82 -70.60
C SER B 640 -82.20 4.52 -71.08
N GLN B 641 -83.04 3.49 -71.22
CA GLN B 641 -82.57 2.24 -71.83
C GLN B 641 -82.24 2.42 -73.30
N ALA B 642 -82.74 3.48 -73.94
CA ALA B 642 -82.45 3.77 -75.33
C ALA B 642 -81.01 4.23 -75.56
N ALA B 643 -80.19 4.35 -74.51
CA ALA B 643 -78.76 4.59 -74.68
C ALA B 643 -78.11 3.50 -75.53
N LYS B 644 -78.68 2.29 -75.52
CA LYS B 644 -78.14 1.19 -76.32
C LYS B 644 -78.14 1.52 -77.81
N ASP B 645 -79.12 2.30 -78.28
CA ASP B 645 -79.33 2.50 -79.71
C ASP B 645 -78.13 3.17 -80.39
N TYR B 646 -77.34 3.93 -79.65
CA TYR B 646 -76.15 4.60 -80.15
C TYR B 646 -74.87 3.85 -79.81
N ILE B 647 -74.88 3.07 -78.74
CA ILE B 647 -73.72 2.31 -78.30
C ILE B 647 -73.48 1.10 -79.20
N THR B 648 -74.51 0.26 -79.35
CA THR B 648 -74.37 -1.01 -80.04
C THR B 648 -73.93 -0.84 -81.49
N GLU B 649 -74.23 0.31 -82.12
CA GLU B 649 -73.83 0.58 -83.50
C GLU B 649 -72.36 0.23 -83.77
N GLU B 650 -71.50 0.41 -82.75
CA GLU B 650 -70.14 -0.12 -82.76
C GLU B 650 -69.96 -1.30 -81.82
N GLY B 651 -70.82 -1.44 -80.80
CA GLY B 651 -70.67 -2.48 -79.81
C GLY B 651 -70.63 -3.90 -80.36
N TYR B 652 -71.64 -4.29 -81.15
CA TYR B 652 -71.72 -5.66 -81.66
C TYR B 652 -70.87 -5.89 -82.90
N ASP B 653 -69.89 -5.02 -83.17
CA ASP B 653 -68.93 -5.26 -84.24
C ASP B 653 -68.11 -6.50 -83.90
N GLU B 654 -68.17 -7.53 -84.76
CA GLU B 654 -67.46 -8.77 -84.50
C GLU B 654 -65.95 -8.60 -84.52
N VAL B 655 -65.45 -7.54 -85.16
CA VAL B 655 -64.01 -7.32 -85.23
C VAL B 655 -63.43 -7.12 -83.83
N MET B 656 -64.13 -6.37 -82.99
CA MET B 656 -63.61 -5.93 -81.70
C MET B 656 -64.15 -6.72 -80.52
N GLY B 657 -65.42 -7.11 -80.55
CA GLY B 657 -66.04 -7.74 -79.39
C GLY B 657 -66.58 -6.69 -78.44
N VAL B 658 -66.40 -6.92 -77.14
CA VAL B 658 -66.79 -5.93 -76.14
C VAL B 658 -65.60 -5.01 -75.94
N ARG B 659 -65.27 -4.20 -76.95
CA ARG B 659 -64.37 -3.06 -76.79
C ARG B 659 -65.13 -1.72 -76.69
N PRO B 660 -66.03 -1.38 -77.63
CA PRO B 660 -66.64 -0.04 -77.57
C PRO B 660 -67.61 0.17 -76.41
N LEU B 661 -68.05 -0.88 -75.73
CA LEU B 661 -69.17 -0.75 -74.79
C LEU B 661 -68.82 0.21 -73.67
N ARG B 662 -67.66 0.05 -73.04
CA ARG B 662 -67.25 0.96 -71.97
C ARG B 662 -66.79 2.30 -72.51
N ARG B 663 -66.26 2.34 -73.74
CA ARG B 663 -65.70 3.58 -74.27
C ARG B 663 -66.79 4.57 -74.66
N VAL B 664 -67.94 4.08 -75.12
CA VAL B 664 -69.02 4.98 -75.54
C VAL B 664 -69.75 5.52 -74.31
N VAL B 665 -70.05 4.65 -73.34
CA VAL B 665 -70.79 5.08 -72.15
C VAL B 665 -69.96 6.08 -71.33
N GLU B 666 -68.70 5.74 -71.08
CA GLU B 666 -67.89 6.59 -70.21
C GLU B 666 -67.59 7.94 -70.85
N GLN B 667 -67.78 8.07 -72.17
CA GLN B 667 -67.66 9.36 -72.84
C GLN B 667 -69.01 10.05 -72.96
N GLU B 668 -70.06 9.29 -73.25
CA GLU B 668 -71.34 9.89 -73.61
C GLU B 668 -72.01 10.56 -72.40
N ILE B 669 -72.11 9.84 -71.28
CA ILE B 669 -72.86 10.33 -70.12
C ILE B 669 -71.98 11.17 -69.20
N ARG B 670 -70.72 10.73 -69.00
CA ARG B 670 -69.85 11.30 -67.99
C ARG B 670 -69.67 12.81 -68.16
N ASP B 671 -69.50 13.26 -69.41
CA ASP B 671 -69.25 14.67 -69.65
C ASP B 671 -70.51 15.51 -69.50
N LYS B 672 -71.68 14.94 -69.84
CA LYS B 672 -72.93 15.70 -69.75
C LYS B 672 -73.37 15.88 -68.31
N VAL B 673 -73.22 14.84 -67.49
CA VAL B 673 -73.55 14.97 -66.07
C VAL B 673 -72.58 15.93 -65.38
N THR B 674 -71.39 16.12 -65.95
CA THR B 674 -70.42 17.05 -65.38
C THR B 674 -70.83 18.49 -65.64
N ASP B 675 -71.48 18.74 -66.78
CA ASP B 675 -71.79 20.12 -67.16
C ASP B 675 -72.93 20.68 -66.34
N PHE B 676 -73.82 19.82 -65.82
CA PHE B 676 -75.01 20.29 -65.10
C PHE B 676 -74.78 20.37 -63.59
N HIS B 677 -73.80 19.65 -63.06
CA HIS B 677 -73.41 19.88 -61.67
C HIS B 677 -72.94 21.32 -61.45
N LEU B 678 -72.46 21.97 -62.50
CA LEU B 678 -72.07 23.37 -62.47
C LEU B 678 -73.26 24.31 -62.30
N ASP B 679 -74.42 23.96 -62.85
CA ASP B 679 -75.66 24.67 -62.57
C ASP B 679 -76.25 24.28 -61.21
N HIS B 680 -75.61 23.37 -60.49
CA HIS B 680 -76.07 22.92 -59.18
C HIS B 680 -77.49 22.37 -59.26
N LEU B 681 -77.74 21.59 -60.31
CA LEU B 681 -79.03 20.96 -60.51
C LEU B 681 -79.08 19.60 -59.81
N ASP B 682 -80.23 19.32 -59.19
CA ASP B 682 -80.40 18.08 -58.44
C ASP B 682 -80.56 16.93 -59.44
N ALA B 683 -79.69 15.91 -59.31
CA ALA B 683 -79.68 14.81 -60.25
C ALA B 683 -80.98 14.01 -60.23
N LYS B 684 -81.67 13.97 -59.09
CA LYS B 684 -82.86 13.14 -58.97
C LYS B 684 -84.02 13.61 -59.86
N HIS B 685 -83.92 14.81 -60.42
CA HIS B 685 -84.93 15.34 -61.35
C HIS B 685 -84.37 15.63 -62.73
N LEU B 686 -83.23 15.02 -63.09
CA LEU B 686 -82.66 15.11 -64.42
C LEU B 686 -82.81 13.77 -65.12
N GLU B 687 -83.09 13.81 -66.42
CA GLU B 687 -83.34 12.60 -67.21
C GLU B 687 -82.41 12.58 -68.41
N ALA B 688 -81.55 11.57 -68.48
CA ALA B 688 -80.63 11.37 -69.60
C ALA B 688 -81.43 10.81 -70.77
N ASP B 689 -81.78 11.71 -71.70
CA ASP B 689 -82.68 11.41 -72.82
C ASP B 689 -82.01 11.84 -74.11
N MET B 690 -81.58 10.87 -74.91
CA MET B 690 -80.83 11.16 -76.12
C MET B 690 -81.74 11.63 -77.24
N GLU B 691 -81.19 12.45 -78.13
CA GLU B 691 -81.90 12.96 -79.30
C GLU B 691 -80.95 12.92 -80.50
N ASP B 692 -81.30 12.11 -81.50
CA ASP B 692 -80.53 12.00 -82.74
C ASP B 692 -79.08 11.61 -82.47
N GLY B 693 -78.90 10.61 -81.61
CA GLY B 693 -77.57 10.12 -81.27
C GLY B 693 -76.77 11.00 -80.35
N VAL B 694 -77.34 12.14 -79.92
CA VAL B 694 -76.67 13.08 -79.01
C VAL B 694 -77.40 13.02 -77.67
N LEU B 695 -76.65 12.96 -76.58
CA LEU B 695 -77.26 12.97 -75.27
C LEU B 695 -77.61 14.39 -74.85
N VAL B 696 -78.91 14.63 -74.64
CA VAL B 696 -79.42 15.85 -74.03
C VAL B 696 -80.11 15.47 -72.74
N ILE B 697 -79.40 15.57 -71.62
CA ILE B 697 -80.00 15.31 -70.31
C ILE B 697 -81.03 16.39 -70.05
N ARG B 698 -82.23 15.96 -69.65
CA ARG B 698 -83.36 16.86 -69.43
C ARG B 698 -83.17 17.66 -68.16
N LEU C 76 -41.57 3.77 -18.52
CA LEU C 76 -40.41 3.82 -19.40
C LEU C 76 -40.17 5.21 -19.99
N ALA C 77 -40.87 6.22 -19.47
CA ALA C 77 -40.70 7.61 -19.93
C ALA C 77 -39.48 8.23 -19.25
N LYS C 78 -38.31 7.61 -19.48
CA LYS C 78 -37.12 7.92 -18.71
C LYS C 78 -35.90 8.42 -19.50
N LEU C 79 -35.60 8.02 -20.75
CA LEU C 79 -36.07 6.96 -21.69
C LEU C 79 -37.38 7.19 -22.48
N GLY C 80 -38.06 8.32 -22.32
CA GLY C 80 -39.21 8.61 -23.15
C GLY C 80 -40.08 9.75 -22.68
N ARG C 81 -41.37 9.63 -23.02
CA ARG C 81 -42.37 10.66 -22.80
C ARG C 81 -43.68 9.99 -22.41
N ASN C 82 -44.12 10.22 -21.17
CA ASN C 82 -45.38 9.66 -20.67
C ASN C 82 -46.51 10.54 -21.20
N LEU C 83 -47.29 10.00 -22.13
CA LEU C 83 -48.30 10.80 -22.81
C LEU C 83 -49.57 10.95 -21.98
N THR C 84 -49.93 9.93 -21.19
CA THR C 84 -51.11 10.06 -20.32
C THR C 84 -50.82 11.03 -19.16
N ALA C 85 -49.59 11.05 -18.66
CA ALA C 85 -49.24 12.01 -17.61
C ALA C 85 -49.39 13.44 -18.10
N GLU C 86 -49.00 13.70 -19.35
CA GLU C 86 -49.22 15.03 -19.92
C GLU C 86 -50.70 15.25 -20.20
N ALA C 87 -51.46 14.16 -20.42
CA ALA C 87 -52.91 14.28 -20.56
C ALA C 87 -53.56 14.58 -19.21
N ARG C 88 -53.06 13.98 -18.13
CA ARG C 88 -53.60 14.25 -16.81
C ARG C 88 -53.35 15.69 -16.38
N GLU C 89 -52.33 16.35 -16.93
CA GLU C 89 -51.99 17.72 -16.60
C GLU C 89 -52.60 18.75 -17.54
N GLY C 90 -53.42 18.33 -18.49
CA GLY C 90 -54.00 19.26 -19.43
C GLY C 90 -53.01 19.88 -20.39
N LYS C 91 -52.01 19.12 -20.82
CA LYS C 91 -50.95 19.63 -21.69
C LYS C 91 -51.21 19.38 -23.17
N LEU C 92 -52.37 18.82 -23.54
CA LEU C 92 -52.66 18.44 -24.91
C LEU C 92 -53.49 19.51 -25.62
N ASP C 93 -53.47 19.44 -26.94
CA ASP C 93 -54.28 20.30 -27.80
C ASP C 93 -55.61 19.63 -28.09
N PRO C 94 -56.73 20.05 -27.45
CA PRO C 94 -57.99 19.32 -27.71
C PRO C 94 -58.55 19.60 -29.10
N VAL C 95 -57.98 18.92 -30.10
CA VAL C 95 -58.50 18.95 -31.46
C VAL C 95 -59.60 17.89 -31.58
N ILE C 96 -60.70 18.25 -32.25
CA ILE C 96 -61.83 17.36 -32.45
C ILE C 96 -62.14 17.29 -33.93
N GLY C 97 -63.19 16.52 -34.26
CA GLY C 97 -63.45 16.10 -35.63
C GLY C 97 -62.77 14.80 -35.99
N ARG C 98 -61.73 14.41 -35.25
CA ARG C 98 -61.09 13.12 -35.39
C ARG C 98 -61.70 12.07 -34.46
N ASN C 99 -62.93 12.28 -34.02
CA ASN C 99 -63.54 11.37 -33.06
C ASN C 99 -63.74 9.99 -33.64
N LYS C 100 -64.00 9.90 -34.95
CA LYS C 100 -64.19 8.61 -35.60
C LYS C 100 -62.94 7.74 -35.53
N GLU C 101 -61.75 8.35 -35.46
CA GLU C 101 -60.53 7.58 -35.31
C GLU C 101 -60.29 7.17 -33.86
N ILE C 102 -60.92 7.88 -32.91
CA ILE C 102 -61.00 7.38 -31.54
C ILE C 102 -62.04 6.26 -31.47
N GLN C 103 -63.14 6.40 -32.21
CA GLN C 103 -64.09 5.30 -32.33
C GLN C 103 -63.43 4.09 -32.95
N GLU C 104 -62.56 4.32 -33.94
CA GLU C 104 -61.78 3.24 -34.52
C GLU C 104 -60.71 2.76 -33.55
N ALA C 105 -60.32 3.60 -32.59
CA ALA C 105 -59.45 3.17 -31.50
C ALA C 105 -60.17 2.38 -30.43
N SER C 106 -61.48 2.13 -30.58
CA SER C 106 -62.17 1.20 -29.69
C SER C 106 -61.56 -0.19 -29.78
N GLU C 107 -61.14 -0.60 -30.98
CA GLU C 107 -60.47 -1.89 -31.15
C GLU C 107 -58.99 -1.81 -30.76
N ILE C 108 -58.35 -0.65 -30.96
CA ILE C 108 -56.94 -0.49 -30.59
C ILE C 108 -56.77 -0.76 -29.10
N LEU C 109 -57.72 -0.32 -28.29
CA LEU C 109 -57.61 -0.44 -26.84
C LEU C 109 -58.13 -1.78 -26.33
N SER C 110 -59.04 -2.42 -27.06
CA SER C 110 -59.84 -3.52 -26.51
C SER C 110 -59.41 -4.92 -26.94
N ARG C 111 -58.84 -5.09 -28.13
CA ARG C 111 -58.49 -6.42 -28.61
C ARG C 111 -57.52 -7.10 -27.65
N ARG C 112 -57.92 -8.27 -27.16
CA ARG C 112 -57.17 -8.93 -26.09
C ARG C 112 -55.88 -9.57 -26.59
N THR C 113 -55.82 -9.96 -27.86
CA THR C 113 -54.63 -10.61 -28.40
C THR C 113 -54.53 -10.29 -29.89
N LYS C 114 -53.30 -10.38 -30.40
CA LYS C 114 -53.02 -10.07 -31.80
C LYS C 114 -53.52 -8.67 -32.15
N ASN C 115 -53.23 -7.74 -31.25
CA ASN C 115 -54.01 -6.51 -31.11
C ASN C 115 -53.23 -5.25 -31.49
N ASN C 116 -52.12 -5.39 -32.21
CA ASN C 116 -51.25 -4.26 -32.50
C ASN C 116 -51.66 -3.63 -33.83
N PRO C 117 -52.36 -2.49 -33.84
CA PRO C 117 -52.89 -1.96 -35.11
C PRO C 117 -51.80 -1.49 -36.07
N VAL C 118 -52.25 -0.97 -37.20
CA VAL C 118 -51.40 -0.41 -38.25
C VAL C 118 -51.99 0.93 -38.64
N LEU C 119 -51.53 2.00 -38.00
CA LEU C 119 -51.98 3.36 -38.26
C LEU C 119 -51.26 3.89 -39.50
N VAL C 120 -51.82 4.96 -40.09
CA VAL C 120 -51.24 5.59 -41.28
C VAL C 120 -51.41 7.11 -41.15
N GLY C 121 -50.43 7.86 -41.66
CA GLY C 121 -50.53 9.31 -41.63
C GLY C 121 -49.28 9.99 -42.19
N ASP C 122 -49.34 11.33 -42.24
CA ASP C 122 -48.23 12.18 -42.66
C ASP C 122 -47.34 12.52 -41.46
N ALA C 123 -46.10 12.94 -41.75
CA ALA C 123 -45.14 13.35 -40.73
C ALA C 123 -45.72 14.51 -39.93
N GLY C 124 -45.90 14.32 -38.63
CA GLY C 124 -46.55 15.33 -37.82
C GLY C 124 -47.96 15.65 -38.26
N VAL C 125 -48.65 14.71 -38.90
CA VAL C 125 -50.04 14.92 -39.28
C VAL C 125 -50.91 15.16 -38.05
N GLY C 126 -50.54 14.58 -36.92
CA GLY C 126 -51.36 14.55 -35.74
C GLY C 126 -52.11 13.26 -35.55
N LYS C 127 -51.59 12.16 -36.08
CA LYS C 127 -52.13 10.85 -35.76
C LYS C 127 -51.58 10.39 -34.41
N THR C 128 -50.41 10.92 -34.02
CA THR C 128 -50.03 10.95 -32.62
C THR C 128 -51.07 11.68 -31.79
N ALA C 129 -51.57 12.80 -32.30
CA ALA C 129 -52.57 13.57 -31.55
C ALA C 129 -53.88 12.79 -31.38
N VAL C 130 -54.15 11.85 -32.29
CA VAL C 130 -55.28 10.93 -32.08
C VAL C 130 -55.02 10.07 -30.86
N VAL C 131 -53.85 9.43 -30.80
CA VAL C 131 -53.52 8.57 -29.67
C VAL C 131 -53.37 9.40 -28.40
N GLU C 132 -52.88 10.63 -28.53
CA GLU C 132 -52.98 11.57 -27.40
C GLU C 132 -54.45 11.88 -27.13
N GLY C 133 -55.25 12.05 -28.18
CA GLY C 133 -56.69 12.17 -28.00
C GLY C 133 -57.28 10.90 -27.41
N LEU C 134 -56.69 9.75 -27.71
CA LEU C 134 -57.09 8.52 -27.03
C LEU C 134 -56.64 8.55 -25.58
N ALA C 135 -55.41 8.99 -25.32
CA ALA C 135 -54.95 9.15 -23.95
C ALA C 135 -55.85 10.10 -23.18
N GLN C 136 -56.24 11.21 -23.80
CA GLN C 136 -57.21 12.11 -23.19
C GLN C 136 -58.51 11.38 -22.88
N ALA C 137 -58.95 10.51 -23.78
CA ALA C 137 -60.18 9.75 -23.54
C ALA C 137 -60.01 8.79 -22.38
N ILE C 138 -58.78 8.28 -22.17
CA ILE C 138 -58.53 7.38 -21.05
C ILE C 138 -58.56 8.15 -19.72
N VAL C 139 -57.96 9.34 -19.70
CA VAL C 139 -57.92 10.13 -18.47
C VAL C 139 -59.34 10.54 -18.06
N ASN C 140 -60.14 11.01 -19.01
CA ASN C 140 -61.49 11.48 -18.74
C ASN C 140 -62.52 10.36 -18.64
N GLY C 141 -62.11 9.11 -18.79
CA GLY C 141 -63.06 8.01 -18.74
C GLY C 141 -64.05 7.99 -19.89
N ASP C 142 -63.62 8.43 -21.08
CA ASP C 142 -64.41 8.32 -22.30
C ASP C 142 -64.09 7.03 -23.05
N VAL C 143 -63.71 5.99 -22.33
CA VAL C 143 -63.26 4.72 -22.90
C VAL C 143 -63.90 3.59 -22.09
N PRO C 144 -64.00 2.39 -22.65
CA PRO C 144 -64.55 1.28 -21.88
C PRO C 144 -63.56 0.80 -20.82
N ALA C 145 -64.04 -0.12 -19.98
CA ALA C 145 -63.23 -0.63 -18.88
C ALA C 145 -62.06 -1.49 -19.33
N ALA C 146 -62.02 -1.89 -20.61
CA ALA C 146 -60.93 -2.72 -21.11
C ALA C 146 -59.57 -2.02 -20.97
N ILE C 147 -59.56 -0.69 -20.98
CA ILE C 147 -58.36 0.12 -21.02
C ILE C 147 -58.21 0.99 -19.76
N LYS C 148 -58.95 0.67 -18.70
CA LYS C 148 -58.86 1.48 -17.49
C LYS C 148 -57.47 1.38 -16.88
N ASN C 149 -56.90 2.53 -16.51
CA ASN C 149 -55.61 2.60 -15.83
C ASN C 149 -54.49 2.02 -16.68
N LYS C 150 -54.58 2.20 -18.00
CA LYS C 150 -53.54 1.78 -18.93
C LYS C 150 -52.76 3.02 -19.38
N GLU C 151 -51.52 3.12 -18.94
CA GLU C 151 -50.65 4.24 -19.26
C GLU C 151 -50.08 4.08 -20.67
N ILE C 152 -49.78 5.21 -21.31
CA ILE C 152 -49.14 5.24 -22.62
C ILE C 152 -47.80 5.95 -22.47
N VAL C 153 -46.76 5.40 -23.07
CA VAL C 153 -45.44 5.99 -23.10
C VAL C 153 -44.92 5.95 -24.53
N SER C 154 -44.37 7.06 -24.99
CA SER C 154 -43.75 7.13 -26.32
C SER C 154 -42.29 6.70 -26.20
N ILE C 155 -41.95 5.59 -26.84
CA ILE C 155 -40.60 5.04 -26.82
C ILE C 155 -39.88 5.61 -28.04
N ASP C 156 -38.78 6.31 -27.79
CA ASP C 156 -38.08 7.09 -28.83
C ASP C 156 -37.02 6.22 -29.48
N ILE C 157 -37.38 5.56 -30.57
CA ILE C 157 -36.42 4.75 -31.32
C ILE C 157 -35.39 5.63 -32.02
N SER C 158 -35.71 6.90 -32.28
CA SER C 158 -34.73 7.78 -32.89
C SER C 158 -33.52 8.03 -32.00
N GLY C 159 -33.66 7.84 -30.69
CA GLY C 159 -32.55 7.85 -29.76
C GLY C 159 -31.85 6.52 -29.62
N LEU C 160 -32.02 5.62 -30.58
CA LEU C 160 -31.34 4.33 -30.56
C LEU C 160 -29.83 4.56 -30.59
N GLU C 161 -29.10 3.75 -29.81
CA GLU C 161 -27.64 3.79 -29.68
C GLU C 161 -27.13 5.06 -29.01
N ALA C 162 -28.01 5.91 -28.48
CA ALA C 162 -27.57 7.15 -27.85
C ALA C 162 -26.89 6.86 -26.53
N GLY C 163 -25.64 7.27 -26.40
CA GLY C 163 -24.86 7.08 -25.20
C GLY C 163 -23.94 5.87 -25.20
N THR C 164 -23.99 5.05 -26.25
CA THR C 164 -23.10 3.90 -26.36
C THR C 164 -21.72 4.26 -26.88
N GLN C 165 -21.56 5.43 -27.48
CA GLN C 165 -20.33 5.86 -28.17
C GLN C 165 -19.95 4.95 -29.33
N TYR C 166 -20.84 4.06 -29.75
CA TYR C 166 -20.52 2.97 -30.69
C TYR C 166 -19.33 2.14 -30.23
N ARG C 167 -19.14 2.04 -28.91
CA ARG C 167 -18.17 1.13 -28.29
C ARG C 167 -18.83 0.09 -27.40
N GLY C 168 -19.97 0.40 -26.80
CA GLY C 168 -20.68 -0.48 -25.89
C GLY C 168 -21.82 -1.21 -26.58
N SER C 169 -22.96 -1.30 -25.88
CA SER C 169 -24.12 -2.02 -26.37
C SER C 169 -25.39 -1.29 -25.93
N PHE C 170 -26.47 -1.55 -26.68
CA PHE C 170 -27.81 -1.07 -26.36
C PHE C 170 -28.83 -2.18 -26.19
N GLU C 171 -28.56 -3.39 -26.69
CA GLU C 171 -29.59 -4.42 -26.79
C GLU C 171 -30.15 -4.81 -25.42
N GLU C 172 -29.37 -4.59 -24.35
CA GLU C 172 -29.87 -4.80 -23.01
C GLU C 172 -30.81 -3.69 -22.56
N ASN C 173 -30.57 -2.45 -22.97
CA ASN C 173 -31.49 -1.37 -22.71
C ASN C 173 -32.83 -1.55 -23.44
N VAL C 174 -32.88 -2.42 -24.43
CA VAL C 174 -34.13 -2.83 -25.08
C VAL C 174 -34.83 -3.89 -24.25
N GLN C 175 -34.12 -4.96 -23.88
CA GLN C 175 -34.67 -5.95 -22.96
C GLN C 175 -35.05 -5.32 -21.62
N ASN C 176 -34.41 -4.20 -21.25
CA ASN C 176 -34.80 -3.46 -20.06
C ASN C 176 -36.08 -2.65 -20.27
N LEU C 177 -36.46 -2.35 -21.51
CA LEU C 177 -37.81 -1.84 -21.73
C LEU C 177 -38.83 -2.92 -21.39
N VAL C 178 -38.60 -4.15 -21.86
CA VAL C 178 -39.47 -5.27 -21.56
C VAL C 178 -39.52 -5.52 -20.06
N ASN C 179 -38.36 -5.49 -19.39
CA ASN C 179 -38.27 -5.94 -18.00
C ASN C 179 -39.10 -5.11 -17.04
N GLU C 180 -39.34 -3.82 -17.34
CA GLU C 180 -40.22 -3.03 -16.48
C GLU C 180 -41.69 -3.28 -16.78
N VAL C 181 -42.09 -3.21 -18.04
CA VAL C 181 -43.51 -3.18 -18.38
C VAL C 181 -44.16 -4.57 -18.29
N LYS C 182 -43.38 -5.63 -18.47
CA LYS C 182 -43.94 -6.98 -18.33
C LYS C 182 -44.44 -7.20 -16.91
N GLU C 183 -43.74 -6.68 -15.91
CA GLU C 183 -44.10 -6.82 -14.51
C GLU C 183 -44.76 -5.59 -13.91
N ALA C 184 -44.46 -4.39 -14.44
CA ALA C 184 -45.14 -3.19 -13.96
C ALA C 184 -46.63 -3.28 -14.21
N GLY C 185 -47.03 -3.87 -15.32
CA GLY C 185 -48.42 -4.11 -15.60
C GLY C 185 -49.15 -2.88 -16.09
N ASN C 186 -50.01 -3.09 -17.08
CA ASN C 186 -50.94 -2.07 -17.58
C ASN C 186 -50.20 -0.89 -18.21
N ILE C 187 -49.26 -1.20 -19.10
CA ILE C 187 -48.52 -0.20 -19.87
C ILE C 187 -48.85 -0.39 -21.35
N ILE C 188 -49.17 0.71 -22.02
CA ILE C 188 -49.24 0.79 -23.48
C ILE C 188 -48.00 1.54 -23.94
N LEU C 189 -47.51 1.21 -25.14
CA LEU C 189 -46.35 1.87 -25.71
C LEU C 189 -46.68 2.42 -27.09
N PHE C 190 -45.98 3.50 -27.46
CA PHE C 190 -46.34 4.28 -28.64
C PHE C 190 -45.11 4.62 -29.47
N PHE C 191 -45.32 4.77 -30.78
CA PHE C 191 -44.33 5.38 -31.66
C PHE C 191 -45.01 6.33 -32.64
N ASP C 192 -44.28 7.37 -33.04
CA ASP C 192 -44.80 8.29 -34.06
C ASP C 192 -44.87 7.62 -35.42
N ALA C 193 -43.74 7.10 -35.90
CA ALA C 193 -43.70 6.37 -37.16
C ALA C 193 -42.48 5.47 -37.16
N ILE C 194 -42.70 4.19 -37.44
CA ILE C 194 -41.62 3.20 -37.52
C ILE C 194 -41.77 2.40 -38.81
N HIS C 195 -40.65 2.27 -39.53
CA HIS C 195 -40.37 1.11 -40.35
C HIS C 195 -39.00 0.53 -39.99
N GLN C 196 -38.14 1.36 -39.39
CA GLN C 196 -36.74 1.01 -39.15
C GLN C 196 -36.55 -0.04 -38.05
N ILE C 197 -37.60 -0.41 -37.32
CA ILE C 197 -37.45 -1.40 -36.25
C ILE C 197 -36.99 -2.74 -36.82
N LEU C 198 -37.44 -3.08 -38.02
CA LEU C 198 -37.13 -4.36 -38.64
C LEU C 198 -35.74 -4.39 -39.28
N GLY C 199 -34.92 -3.35 -39.09
CA GLY C 199 -33.52 -3.44 -39.48
C GLY C 199 -32.81 -4.54 -38.73
N ALA C 200 -32.97 -4.56 -37.40
CA ALA C 200 -32.59 -5.72 -36.59
C ALA C 200 -33.72 -6.74 -36.63
N GLY C 201 -33.98 -7.23 -37.84
CA GLY C 201 -35.14 -8.07 -38.09
C GLY C 201 -35.23 -8.44 -39.55
N SER C 202 -36.45 -8.34 -40.09
CA SER C 202 -36.74 -8.65 -41.48
C SER C 202 -37.33 -7.43 -42.17
N THR C 203 -36.52 -6.76 -42.98
CA THR C 203 -36.96 -5.58 -43.73
C THR C 203 -36.37 -5.66 -45.14
N GLY C 204 -36.44 -4.53 -45.86
CA GLY C 204 -36.00 -4.48 -47.24
C GLY C 204 -34.60 -3.93 -47.42
N GLY C 205 -34.50 -2.69 -47.90
CA GLY C 205 -33.21 -2.12 -48.22
C GLY C 205 -32.31 -1.91 -47.01
N ASP C 206 -32.90 -1.69 -45.83
CA ASP C 206 -32.14 -1.45 -44.61
C ASP C 206 -32.10 -2.71 -43.73
N SER C 207 -31.99 -3.88 -44.35
CA SER C 207 -31.86 -5.12 -43.59
C SER C 207 -30.46 -5.26 -43.01
N GLY C 208 -30.39 -5.74 -41.77
CA GLY C 208 -29.14 -5.95 -41.08
C GLY C 208 -28.70 -4.80 -40.20
N SER C 209 -29.31 -3.63 -40.32
CA SER C 209 -28.99 -2.51 -39.46
C SER C 209 -29.49 -2.78 -38.04
N LYS C 210 -29.24 -1.82 -37.16
CA LYS C 210 -29.61 -1.95 -35.76
C LYS C 210 -31.04 -1.47 -35.54
N GLY C 211 -31.73 -2.11 -34.61
CA GLY C 211 -33.12 -1.78 -34.34
C GLY C 211 -33.57 -2.39 -33.04
N LEU C 212 -34.88 -2.60 -32.92
CA LEU C 212 -35.48 -3.23 -31.75
C LEU C 212 -36.13 -4.57 -32.04
N ALA C 213 -36.37 -4.92 -33.31
CA ALA C 213 -37.25 -6.05 -33.62
C ALA C 213 -36.71 -7.38 -33.11
N ASP C 214 -35.39 -7.53 -32.98
CA ASP C 214 -34.84 -8.78 -32.47
C ASP C 214 -35.32 -9.09 -31.05
N ILE C 215 -35.66 -8.07 -30.28
CA ILE C 215 -36.21 -8.26 -28.94
C ILE C 215 -37.74 -8.18 -28.94
N LEU C 216 -38.32 -7.41 -29.86
CA LEU C 216 -39.76 -7.21 -29.86
C LEU C 216 -40.50 -8.23 -30.70
N LYS C 217 -39.85 -8.76 -31.75
CA LYS C 217 -40.47 -9.78 -32.59
C LYS C 217 -40.76 -11.04 -31.77
N PRO C 218 -39.87 -11.47 -30.87
CA PRO C 218 -40.31 -12.44 -29.86
C PRO C 218 -41.43 -11.91 -28.98
N ALA C 219 -41.34 -10.66 -28.53
CA ALA C 219 -42.39 -10.10 -27.67
C ALA C 219 -43.73 -10.07 -28.39
N LEU C 220 -43.72 -9.86 -29.71
CA LEU C 220 -44.96 -10.00 -30.48
C LEU C 220 -45.43 -11.45 -30.49
N SER C 221 -44.52 -12.38 -30.74
CA SER C 221 -44.88 -13.79 -30.76
C SER C 221 -45.37 -14.27 -29.40
N ARG C 222 -44.74 -13.78 -28.33
CA ARG C 222 -45.18 -14.15 -26.98
C ARG C 222 -46.49 -13.47 -26.59
N GLY C 223 -46.74 -12.27 -27.11
CA GLY C 223 -47.90 -11.51 -26.70
C GLY C 223 -47.67 -10.67 -25.46
N GLU C 224 -46.42 -10.29 -25.19
CA GLU C 224 -46.08 -9.50 -24.01
C GLU C 224 -46.28 -8.01 -24.23
N LEU C 225 -45.73 -7.48 -25.32
CA LEU C 225 -45.70 -6.04 -25.57
C LEU C 225 -46.51 -5.72 -26.82
N THR C 226 -47.35 -4.69 -26.72
CA THR C 226 -48.05 -4.11 -27.86
C THR C 226 -47.63 -2.63 -27.96
N VAL C 227 -47.01 -2.28 -29.08
CA VAL C 227 -46.53 -0.92 -29.33
C VAL C 227 -47.18 -0.41 -30.61
N ILE C 228 -47.70 0.82 -30.57
CA ILE C 228 -48.67 1.29 -31.54
C ILE C 228 -48.23 2.62 -32.15
N GLY C 229 -48.57 2.80 -33.42
CA GLY C 229 -48.18 4.00 -34.14
C GLY C 229 -48.38 3.80 -35.63
N ALA C 230 -47.98 4.83 -36.39
CA ALA C 230 -48.33 4.96 -37.80
C ALA C 230 -47.10 4.85 -38.71
N THR C 231 -47.38 4.73 -40.00
CA THR C 231 -46.34 4.73 -41.03
C THR C 231 -46.99 5.04 -42.38
N THR C 232 -46.27 4.79 -43.47
CA THR C 232 -46.81 4.91 -44.82
C THR C 232 -47.54 3.62 -45.18
N GLN C 233 -48.73 3.76 -45.79
CA GLN C 233 -49.53 2.58 -46.12
C GLN C 233 -48.83 1.66 -47.12
N ASP C 234 -48.04 2.22 -48.02
CA ASP C 234 -47.27 1.45 -48.98
C ASP C 234 -46.04 0.81 -48.36
N GLU C 235 -45.51 1.35 -47.26
CA GLU C 235 -44.41 0.71 -46.55
C GLU C 235 -44.88 -0.58 -45.86
N TYR C 236 -46.18 -0.70 -45.60
CA TYR C 236 -46.74 -1.89 -44.98
C TYR C 236 -46.54 -3.16 -45.81
N ARG C 237 -46.23 -3.01 -47.10
CA ARG C 237 -46.03 -4.16 -47.98
C ARG C 237 -44.98 -5.14 -47.46
N ASN C 238 -44.02 -4.68 -46.66
CA ASN C 238 -42.96 -5.53 -46.13
C ASN C 238 -43.45 -6.52 -45.07
N THR C 239 -44.74 -6.50 -44.73
CA THR C 239 -45.32 -7.52 -43.85
C THR C 239 -45.06 -8.92 -44.37
N ILE C 240 -45.07 -9.09 -45.69
CA ILE C 240 -44.92 -10.40 -46.31
C ILE C 240 -43.59 -11.05 -45.95
N LEU C 241 -42.57 -10.26 -45.61
CA LEU C 241 -41.27 -10.81 -45.27
C LEU C 241 -41.34 -11.70 -44.03
N LYS C 242 -42.02 -11.24 -42.98
CA LYS C 242 -42.23 -12.01 -41.75
C LYS C 242 -43.71 -11.87 -41.36
N ASN C 243 -44.59 -12.19 -42.30
CA ASN C 243 -46.03 -12.23 -42.03
C ASN C 243 -46.38 -13.04 -40.79
N ALA C 244 -45.63 -14.12 -40.51
CA ALA C 244 -45.93 -14.97 -39.36
C ALA C 244 -45.86 -14.20 -38.05
N ALA C 245 -44.98 -13.20 -37.95
CA ALA C 245 -44.89 -12.34 -36.78
C ALA C 245 -45.71 -11.07 -36.91
N LEU C 246 -45.85 -10.53 -38.12
CA LEU C 246 -46.49 -9.24 -38.35
C LEU C 246 -47.93 -9.37 -38.81
N ALA C 247 -48.20 -10.22 -39.81
CA ALA C 247 -49.57 -10.37 -40.30
C ALA C 247 -50.44 -11.07 -39.26
N ARG C 248 -49.87 -12.03 -38.52
CA ARG C 248 -50.62 -12.77 -37.51
C ARG C 248 -50.68 -12.03 -36.17
N ARG C 249 -50.29 -10.76 -36.12
CA ARG C 249 -50.36 -9.96 -34.90
C ARG C 249 -50.96 -8.57 -35.13
N PHE C 250 -51.35 -8.22 -36.36
CA PHE C 250 -51.74 -6.85 -36.70
C PHE C 250 -53.15 -6.79 -37.28
N ASN C 251 -53.67 -5.57 -37.31
CA ASN C 251 -54.96 -5.23 -37.90
C ASN C 251 -54.85 -3.86 -38.52
N GLU C 252 -55.38 -3.69 -39.74
CA GLU C 252 -55.18 -2.45 -40.48
C GLU C 252 -56.16 -1.37 -40.02
N VAL C 253 -55.66 -0.12 -40.00
CA VAL C 253 -56.46 1.06 -39.65
C VAL C 253 -56.93 1.71 -40.93
N LYS C 254 -58.14 2.30 -40.89
CA LYS C 254 -58.63 3.13 -41.98
C LYS C 254 -57.97 4.50 -41.85
N VAL C 255 -57.34 4.91 -42.95
CA VAL C 255 -56.23 5.85 -42.93
C VAL C 255 -56.60 7.17 -42.26
N ASN C 256 -57.46 7.95 -42.91
CA ASN C 256 -57.79 9.30 -42.47
C ASN C 256 -58.81 9.88 -43.44
N ALA C 257 -59.44 10.99 -43.04
CA ALA C 257 -60.36 11.72 -43.90
C ALA C 257 -60.34 13.20 -43.52
N PRO C 258 -59.24 13.92 -43.82
CA PRO C 258 -59.15 15.35 -43.43
C PRO C 258 -60.03 16.25 -44.28
N SER C 259 -61.30 16.35 -43.88
CA SER C 259 -62.26 17.17 -44.62
C SER C 259 -62.10 18.64 -44.23
N ALA C 260 -62.48 19.53 -45.16
CA ALA C 260 -62.46 20.95 -44.88
C ALA C 260 -63.57 21.37 -43.91
N GLU C 261 -64.60 20.54 -43.76
CA GLU C 261 -65.70 20.86 -42.85
C GLU C 261 -65.21 20.96 -41.41
N ASN C 262 -64.46 19.96 -40.95
CA ASN C 262 -63.90 20.00 -39.60
C ASN C 262 -62.65 20.87 -39.51
N THR C 263 -62.03 21.18 -40.65
CA THR C 263 -60.87 22.07 -40.65
C THR C 263 -61.23 23.43 -40.05
N PHE C 264 -62.38 23.98 -40.42
CA PHE C 264 -62.70 25.36 -40.04
C PHE C 264 -62.81 25.52 -38.53
N LYS C 265 -63.49 24.59 -37.86
CA LYS C 265 -63.58 24.66 -36.40
C LYS C 265 -62.20 24.53 -35.77
N ILE C 266 -61.33 23.73 -36.38
CA ILE C 266 -59.94 23.68 -35.92
C ILE C 266 -59.28 25.02 -36.16
N LEU C 267 -59.48 25.61 -37.36
CA LEU C 267 -58.84 26.87 -37.72
C LEU C 267 -59.17 27.97 -36.72
N GLN C 268 -60.37 27.96 -36.14
CA GLN C 268 -60.65 28.87 -35.04
C GLN C 268 -59.82 28.50 -33.81
N GLY C 269 -59.52 27.22 -33.64
CA GLY C 269 -58.58 26.83 -32.60
C GLY C 269 -57.15 27.20 -32.93
N ILE C 270 -56.84 27.31 -34.23
CA ILE C 270 -55.46 27.63 -34.64
C ILE C 270 -55.16 29.10 -34.41
N ARG C 271 -56.13 29.99 -34.65
CA ARG C 271 -55.85 31.41 -34.45
C ARG C 271 -55.57 31.73 -32.99
N ASP C 272 -56.43 31.31 -32.07
CA ASP C 272 -56.23 31.52 -30.64
C ASP C 272 -54.93 30.92 -30.13
N LEU C 273 -54.32 30.00 -30.85
CA LEU C 273 -53.01 29.44 -30.54
C LEU C 273 -51.85 30.28 -31.09
N TYR C 274 -52.06 31.00 -32.21
CA TYR C 274 -51.00 31.70 -32.90
C TYR C 274 -51.25 33.20 -33.12
N GLN C 275 -52.50 33.65 -33.19
CA GLN C 275 -52.75 35.05 -33.51
C GLN C 275 -52.25 35.99 -32.42
N GLN C 276 -52.10 35.50 -31.19
CA GLN C 276 -51.52 36.31 -30.12
C GLN C 276 -50.01 36.48 -30.28
N HIS C 277 -49.36 35.68 -31.13
CA HIS C 277 -47.90 35.76 -31.25
C HIS C 277 -47.46 37.06 -31.90
N HIS C 278 -48.24 37.59 -32.85
CA HIS C 278 -47.84 38.76 -33.64
C HIS C 278 -48.81 39.93 -33.47
N ASN C 279 -49.71 39.88 -32.48
CA ASN C 279 -50.71 40.93 -32.27
C ASN C 279 -51.58 41.09 -33.52
N VAL C 280 -51.93 39.95 -34.15
CA VAL C 280 -52.71 39.92 -35.37
C VAL C 280 -54.12 39.45 -35.03
N ILE C 281 -55.09 39.92 -35.83
CA ILE C 281 -56.45 39.38 -35.82
C ILE C 281 -56.62 38.51 -37.05
N LEU C 282 -57.20 37.32 -36.88
CA LEU C 282 -57.45 36.37 -37.96
C LEU C 282 -58.94 36.06 -37.97
N PRO C 283 -59.77 36.94 -38.54
CA PRO C 283 -61.22 36.71 -38.51
C PRO C 283 -61.61 35.50 -39.36
N ASP C 284 -62.92 35.24 -39.38
CA ASP C 284 -63.45 34.04 -40.04
C ASP C 284 -63.16 34.05 -41.54
N GLU C 285 -63.33 35.19 -42.21
CA GLU C 285 -63.10 35.23 -43.65
C GLU C 285 -61.64 34.96 -44.01
N VAL C 286 -60.71 35.25 -43.11
CA VAL C 286 -59.30 34.93 -43.35
C VAL C 286 -59.08 33.43 -43.17
N LEU C 287 -59.68 32.84 -42.13
CA LEU C 287 -59.55 31.40 -41.91
C LEU C 287 -60.13 30.63 -43.09
N LYS C 288 -61.33 31.02 -43.55
CA LYS C 288 -61.93 30.37 -44.71
C LYS C 288 -61.06 30.57 -45.95
N ALA C 289 -60.60 31.80 -46.18
CA ALA C 289 -59.75 32.08 -47.33
C ALA C 289 -58.44 31.31 -47.25
N ALA C 290 -57.97 30.98 -46.05
CA ALA C 290 -56.72 30.25 -45.90
C ALA C 290 -56.79 28.84 -46.51
N VAL C 291 -58.00 28.29 -46.68
CA VAL C 291 -58.20 26.99 -47.30
C VAL C 291 -59.05 27.09 -48.56
N ASP C 292 -60.15 27.85 -48.49
CA ASP C 292 -61.07 27.94 -49.63
C ASP C 292 -60.41 28.56 -50.85
N TYR C 293 -59.55 29.56 -50.66
CA TYR C 293 -58.80 30.15 -51.76
C TYR C 293 -57.54 29.35 -52.10
N SER C 294 -56.90 28.76 -51.09
CA SER C 294 -55.62 28.11 -51.29
C SER C 294 -55.75 26.69 -51.82
N VAL C 295 -56.84 25.98 -51.50
CA VAL C 295 -57.02 24.59 -51.94
C VAL C 295 -56.85 24.45 -53.44
N GLN C 296 -57.20 25.49 -54.19
CA GLN C 296 -57.08 25.47 -55.64
C GLN C 296 -55.64 25.29 -56.11
N TYR C 297 -54.65 25.75 -55.33
CA TYR C 297 -53.26 25.81 -55.76
C TYR C 297 -52.32 25.02 -54.85
N ILE C 298 -52.83 24.04 -54.12
CA ILE C 298 -52.03 23.21 -53.22
C ILE C 298 -52.31 21.75 -53.58
N PRO C 299 -51.50 21.13 -54.44
CA PRO C 299 -51.62 19.68 -54.66
C PRO C 299 -51.02 18.80 -53.56
N GLN C 300 -50.69 19.37 -52.40
CA GLN C 300 -49.95 18.67 -51.37
C GLN C 300 -50.89 18.02 -50.36
N ARG C 301 -50.41 16.94 -49.75
CA ARG C 301 -51.10 16.32 -48.62
C ARG C 301 -51.05 17.22 -47.39
N SER C 302 -50.16 18.21 -47.36
CA SER C 302 -49.99 19.07 -46.19
C SER C 302 -50.95 20.26 -46.16
N LEU C 303 -52.02 20.23 -46.95
CA LEU C 303 -52.99 21.32 -46.97
C LEU C 303 -53.61 21.65 -45.62
N PRO C 304 -53.99 20.68 -44.77
CA PRO C 304 -54.70 21.03 -43.53
C PRO C 304 -53.92 21.96 -42.60
N ASP C 305 -52.59 22.01 -42.73
CA ASP C 305 -51.75 22.93 -41.98
C ASP C 305 -51.20 24.05 -42.85
N LYS C 306 -51.62 24.16 -44.11
CA LYS C 306 -51.17 25.27 -44.94
C LYS C 306 -51.73 26.60 -44.46
N ALA C 307 -52.90 26.58 -43.80
CA ALA C 307 -53.48 27.81 -43.29
C ALA C 307 -52.57 28.47 -42.25
N ILE C 308 -51.81 27.68 -41.51
CA ILE C 308 -50.83 28.24 -40.57
C ILE C 308 -49.76 29.01 -41.33
N ASP C 309 -49.24 28.43 -42.41
CA ASP C 309 -48.19 29.06 -43.18
C ASP C 309 -48.65 30.41 -43.75
N LEU C 310 -49.92 30.50 -44.16
CA LEU C 310 -50.39 31.74 -44.78
C LEU C 310 -50.54 32.85 -43.75
N VAL C 311 -51.04 32.53 -42.56
CA VAL C 311 -51.15 33.55 -41.51
C VAL C 311 -49.78 33.81 -40.88
N ASP C 312 -48.89 32.82 -40.88
CA ASP C 312 -47.53 33.05 -40.39
C ASP C 312 -46.78 33.99 -41.31
N VAL C 313 -46.82 33.73 -42.62
CA VAL C 313 -46.10 34.58 -43.57
C VAL C 313 -46.79 35.93 -43.70
N THR C 314 -48.13 35.96 -43.54
CA THR C 314 -48.85 37.22 -43.53
C THR C 314 -48.33 38.12 -42.42
N ALA C 315 -48.24 37.59 -41.20
CA ALA C 315 -47.69 38.37 -40.09
C ALA C 315 -46.24 38.74 -40.36
N ALA C 316 -45.49 37.85 -41.01
CA ALA C 316 -44.10 38.15 -41.35
C ALA C 316 -44.02 39.31 -42.32
N HIS C 317 -44.94 39.37 -43.29
CA HIS C 317 -44.94 40.46 -44.26
C HIS C 317 -45.59 41.71 -43.68
N LEU C 318 -46.64 41.55 -42.86
CA LEU C 318 -47.19 42.70 -42.14
C LEU C 318 -46.20 43.25 -41.13
N ALA C 319 -45.32 42.40 -40.60
CA ALA C 319 -44.31 42.86 -39.65
C ALA C 319 -43.27 43.76 -40.30
N ALA C 320 -43.26 43.87 -41.63
CA ALA C 320 -42.38 44.82 -42.30
C ALA C 320 -42.80 46.28 -42.06
N GLN C 321 -44.01 46.51 -41.55
CA GLN C 321 -44.44 47.86 -41.23
C GLN C 321 -43.76 48.38 -39.97
N HIS C 322 -43.60 47.54 -38.94
CA HIS C 322 -43.04 47.96 -37.66
C HIS C 322 -41.91 47.03 -37.22
N PRO C 323 -40.76 47.04 -37.90
CA PRO C 323 -39.54 46.43 -37.34
C PRO C 323 -38.60 47.38 -36.60
N VAL C 324 -38.96 48.66 -36.42
CA VAL C 324 -37.99 49.67 -36.00
C VAL C 324 -38.49 50.51 -34.83
N THR C 325 -39.52 50.05 -34.12
CA THR C 325 -39.96 50.78 -32.94
C THR C 325 -38.87 50.73 -31.88
N ASP C 326 -38.47 51.91 -31.41
CA ASP C 326 -37.39 52.03 -30.42
C ASP C 326 -37.94 51.89 -29.00
N VAL C 327 -38.56 50.72 -28.75
CA VAL C 327 -39.04 50.42 -27.41
C VAL C 327 -37.87 50.39 -26.43
N HIS C 328 -36.70 49.94 -26.89
CA HIS C 328 -35.53 49.87 -26.03
C HIS C 328 -34.94 51.24 -25.73
N ALA C 329 -35.25 52.26 -26.52
CA ALA C 329 -34.77 53.60 -26.22
C ALA C 329 -35.27 54.08 -24.87
N VAL C 330 -36.49 53.68 -24.48
CA VAL C 330 -37.02 54.03 -23.17
C VAL C 330 -36.54 53.03 -22.12
N GLU C 331 -36.46 51.75 -22.47
CA GLU C 331 -35.97 50.75 -21.52
C GLU C 331 -34.55 51.07 -21.06
N ARG C 332 -33.71 51.54 -21.98
CA ARG C 332 -32.34 51.92 -21.61
C ARG C 332 -32.35 53.17 -20.74
N GLU C 333 -33.34 54.05 -20.93
CA GLU C 333 -33.49 55.18 -20.02
C GLU C 333 -33.94 54.72 -18.64
N ILE C 334 -34.82 53.71 -18.59
CA ILE C 334 -35.29 53.21 -17.30
C ILE C 334 -34.14 52.58 -16.53
N GLU C 335 -33.33 51.76 -17.21
CA GLU C 335 -32.21 51.10 -16.53
C GLU C 335 -31.22 52.11 -15.98
N THR C 336 -31.07 53.26 -16.65
CA THR C 336 -30.26 54.33 -16.12
C THR C 336 -30.93 54.96 -14.89
N GLU C 337 -32.20 55.35 -15.03
CA GLU C 337 -32.90 56.00 -13.93
C GLU C 337 -33.08 55.05 -12.75
N LYS C 338 -33.29 53.76 -13.01
CA LYS C 338 -33.35 52.79 -11.93
C LYS C 338 -31.99 52.66 -11.26
N ASP C 339 -30.91 52.70 -12.05
CA ASP C 339 -29.57 52.60 -11.47
C ASP C 339 -29.27 53.81 -10.58
N LYS C 340 -29.77 54.99 -10.95
CA LYS C 340 -29.69 56.14 -10.06
C LYS C 340 -30.58 55.95 -8.85
N GLN C 341 -31.79 55.42 -9.07
CA GLN C 341 -32.73 55.16 -7.99
C GLN C 341 -32.11 54.27 -6.92
N GLU C 342 -31.46 53.19 -7.34
CA GLU C 342 -30.79 52.31 -6.38
C GLU C 342 -29.72 53.05 -5.58
N LYS C 343 -29.09 54.06 -6.19
CA LYS C 343 -28.08 54.85 -5.49
C LYS C 343 -28.72 55.90 -4.60
N ALA C 344 -29.83 56.49 -5.04
CA ALA C 344 -30.57 57.42 -4.20
C ALA C 344 -31.07 56.73 -2.93
N VAL C 345 -31.37 55.43 -3.03
CA VAL C 345 -31.84 54.68 -1.88
C VAL C 345 -30.70 54.41 -0.91
N GLU C 346 -29.54 53.99 -1.42
CA GLU C 346 -28.40 53.72 -0.54
C GLU C 346 -27.96 54.97 0.19
N ALA C 347 -28.05 56.13 -0.46
CA ALA C 347 -27.81 57.41 0.19
C ALA C 347 -28.98 57.88 1.04
N GLU C 348 -30.10 57.15 1.03
CA GLU C 348 -31.30 57.52 1.76
C GLU C 348 -31.79 58.91 1.35
N ASP C 349 -31.73 59.17 0.04
CA ASP C 349 -32.25 60.39 -0.58
C ASP C 349 -33.56 59.98 -1.25
N PHE C 350 -34.66 60.12 -0.53
CA PHE C 350 -35.94 59.57 -0.95
C PHE C 350 -36.85 60.59 -1.63
N GLU C 351 -36.51 61.88 -1.59
CA GLU C 351 -37.12 62.81 -2.55
C GLU C 351 -36.65 62.49 -3.97
N ALA C 352 -35.35 62.20 -4.12
CA ALA C 352 -34.82 61.81 -5.41
C ALA C 352 -35.30 60.43 -5.82
N ALA C 353 -35.32 59.49 -4.87
CA ALA C 353 -35.75 58.14 -5.18
C ALA C 353 -37.21 58.09 -5.61
N LEU C 354 -38.07 58.87 -4.94
CA LEU C 354 -39.47 58.93 -5.34
C LEU C 354 -39.62 59.56 -6.71
N ASN C 355 -38.85 60.61 -6.99
CA ASN C 355 -38.92 61.26 -8.30
C ASN C 355 -38.59 60.29 -9.43
N TYR C 356 -37.66 59.37 -9.18
CA TYR C 356 -37.28 58.41 -10.22
C TYR C 356 -38.34 57.33 -10.40
N LYS C 357 -38.90 56.82 -9.31
CA LYS C 357 -40.02 55.89 -9.42
C LYS C 357 -41.20 56.55 -10.13
N THR C 358 -41.36 57.88 -9.94
CA THR C 358 -42.42 58.60 -10.63
C THR C 358 -42.16 58.64 -12.13
N ARG C 359 -40.94 59.01 -12.54
CA ARG C 359 -40.65 59.10 -13.96
C ARG C 359 -40.70 57.73 -14.63
N ILE C 360 -40.12 56.70 -14.00
CA ILE C 360 -40.09 55.37 -14.60
C ILE C 360 -41.50 54.86 -14.85
N ALA C 361 -42.42 55.09 -13.89
CA ALA C 361 -43.80 54.66 -14.06
C ALA C 361 -44.41 55.25 -15.33
N GLU C 362 -44.18 56.54 -15.56
CA GLU C 362 -44.59 57.13 -16.83
C GLU C 362 -43.85 56.49 -18.00
N LEU C 363 -42.54 56.30 -17.87
CA LEU C 363 -41.76 55.70 -18.95
C LEU C 363 -42.21 54.28 -19.24
N GLU C 364 -42.57 53.51 -18.21
CA GLU C 364 -43.06 52.16 -18.45
C GLU C 364 -44.42 52.19 -19.14
N ARG C 365 -45.27 53.16 -18.79
CA ARG C 365 -46.57 53.27 -19.47
C ARG C 365 -46.38 53.67 -20.93
N LYS C 366 -45.34 54.43 -21.24
CA LYS C 366 -45.08 54.80 -22.64
C LYS C 366 -44.73 53.56 -23.46
N ILE C 367 -43.89 52.67 -22.92
CA ILE C 367 -43.51 51.46 -23.65
C ILE C 367 -44.74 50.60 -23.90
N GLU C 368 -45.53 50.34 -22.85
CA GLU C 368 -46.66 49.45 -22.96
C GLU C 368 -47.71 49.99 -23.94
N ASN C 369 -47.78 51.31 -24.09
CA ASN C 369 -48.71 51.91 -25.03
C ASN C 369 -48.22 51.86 -26.46
N HIS C 370 -46.95 51.52 -26.71
CA HIS C 370 -46.48 51.35 -28.08
C HIS C 370 -47.19 50.21 -28.79
N THR C 371 -47.61 49.17 -28.05
CA THR C 371 -48.33 48.05 -28.64
C THR C 371 -49.58 48.51 -29.39
N GLU C 372 -50.26 49.55 -28.88
CA GLU C 372 -51.49 50.01 -29.50
C GLU C 372 -51.27 50.70 -30.84
N ASP C 373 -50.05 51.15 -31.13
CA ASP C 373 -49.71 51.74 -32.41
C ASP C 373 -49.20 50.71 -33.42
N MET C 374 -49.31 49.41 -33.12
CA MET C 374 -48.73 48.35 -33.95
C MET C 374 -49.75 47.22 -34.11
N LYS C 375 -50.99 47.58 -34.43
CA LYS C 375 -52.01 46.60 -34.76
C LYS C 375 -51.68 45.96 -36.11
N VAL C 376 -51.81 44.64 -36.17
CA VAL C 376 -51.44 43.85 -37.34
C VAL C 376 -52.74 43.34 -37.96
N THR C 377 -53.15 43.92 -39.08
CA THR C 377 -54.46 43.64 -39.69
C THR C 377 -54.27 43.49 -41.20
N ALA C 378 -54.24 42.24 -41.67
CA ALA C 378 -54.31 41.99 -43.10
C ALA C 378 -55.74 42.09 -43.59
N SER C 379 -55.90 42.61 -44.81
CA SER C 379 -57.12 42.36 -45.56
C SER C 379 -57.10 40.92 -46.05
N VAL C 380 -58.29 40.33 -46.17
CA VAL C 380 -58.38 38.97 -46.71
C VAL C 380 -57.84 38.92 -48.14
N ASN C 381 -57.91 40.04 -48.87
CA ASN C 381 -57.29 40.13 -50.18
C ASN C 381 -55.76 40.07 -50.08
N ASP C 382 -55.20 40.67 -49.02
CA ASP C 382 -53.76 40.60 -48.82
C ASP C 382 -53.31 39.20 -48.43
N VAL C 383 -54.12 38.49 -47.63
CA VAL C 383 -53.84 37.10 -47.31
C VAL C 383 -53.89 36.26 -48.58
N ALA C 384 -54.86 36.52 -49.44
CA ALA C 384 -54.94 35.81 -50.71
C ALA C 384 -53.76 36.14 -51.60
N GLU C 385 -53.22 37.36 -51.48
CA GLU C 385 -52.07 37.73 -52.27
C GLU C 385 -50.79 37.07 -51.76
N SER C 386 -50.77 36.70 -50.47
CA SER C 386 -49.67 35.89 -49.93
C SER C 386 -49.48 34.60 -50.71
N VAL C 387 -50.57 34.04 -51.26
CA VAL C 387 -50.49 32.79 -52.01
C VAL C 387 -49.65 32.97 -53.27
N GLU C 388 -49.60 34.19 -53.80
CA GLU C 388 -48.78 34.48 -54.98
C GLU C 388 -47.36 34.91 -54.60
N ARG C 389 -47.22 35.67 -53.50
CA ARG C 389 -45.92 36.28 -53.19
C ARG C 389 -44.83 35.22 -53.00
N MET C 390 -45.13 34.17 -52.23
CA MET C 390 -44.17 33.12 -51.94
C MET C 390 -44.36 31.88 -52.83
N THR C 391 -45.11 32.00 -53.93
CA THR C 391 -45.27 30.92 -54.89
C THR C 391 -44.95 31.38 -56.30
N GLY C 392 -45.19 32.66 -56.60
CA GLY C 392 -44.88 33.20 -57.91
C GLY C 392 -45.86 32.82 -58.99
N ILE C 393 -47.13 32.68 -58.66
CA ILE C 393 -48.15 32.13 -59.56
C ILE C 393 -49.16 33.24 -59.84
N PRO C 394 -49.20 33.83 -61.08
CA PRO C 394 -49.95 35.11 -61.28
C PRO C 394 -51.46 34.96 -61.24
N VAL C 395 -52.03 35.03 -60.04
CA VAL C 395 -53.44 34.69 -59.79
C VAL C 395 -54.16 35.74 -58.96
N SER C 396 -53.65 36.97 -58.93
CA SER C 396 -54.29 38.02 -58.14
C SER C 396 -55.70 38.35 -58.63
N GLN C 397 -56.04 37.99 -59.87
CA GLN C 397 -57.36 38.23 -60.42
C GLN C 397 -58.45 37.39 -59.76
N MET C 398 -58.09 36.32 -59.06
CA MET C 398 -59.07 35.43 -58.45
C MET C 398 -59.60 36.03 -57.14
N GLY C 399 -60.79 35.59 -56.71
CA GLY C 399 -61.69 34.64 -57.36
C GLY C 399 -62.50 33.81 -56.38
N ALA C 400 -63.51 33.13 -56.94
CA ALA C 400 -64.37 32.18 -56.24
C ALA C 400 -64.36 30.93 -57.11
N SER C 401 -63.15 30.47 -57.41
CA SER C 401 -62.84 29.85 -58.70
C SER C 401 -62.90 28.33 -58.68
N ASP C 402 -63.87 27.75 -57.97
CA ASP C 402 -64.10 26.31 -58.12
C ASP C 402 -64.55 25.97 -59.52
N ILE C 403 -65.38 26.83 -60.12
CA ILE C 403 -65.96 26.60 -61.45
C ILE C 403 -65.27 27.48 -62.47
N GLU C 404 -64.80 28.67 -62.05
CA GLU C 404 -64.20 29.62 -62.97
C GLU C 404 -63.01 29.00 -63.69
N ARG C 405 -62.14 28.30 -62.97
CA ARG C 405 -61.01 27.66 -63.61
C ARG C 405 -61.45 26.51 -64.51
N LEU C 406 -62.49 25.78 -64.09
CA LEU C 406 -62.96 24.62 -64.84
C LEU C 406 -63.34 25.00 -66.26
N LYS C 407 -64.04 26.13 -66.42
CA LYS C 407 -64.54 26.55 -67.72
C LYS C 407 -63.57 27.49 -68.44
N ASP C 408 -62.88 28.38 -67.72
CA ASP C 408 -62.10 29.44 -68.35
C ASP C 408 -60.65 29.06 -68.62
N MET C 409 -60.07 28.11 -67.87
CA MET C 409 -58.69 27.73 -68.15
C MET C 409 -58.56 27.11 -69.52
N ALA C 410 -59.61 26.47 -70.01
CA ALA C 410 -59.60 25.96 -71.38
C ALA C 410 -59.52 27.11 -72.38
N HIS C 411 -60.34 28.15 -72.18
CA HIS C 411 -60.25 29.33 -73.03
C HIS C 411 -58.94 30.08 -72.80
N ARG C 412 -58.49 30.12 -71.54
CA ARG C 412 -57.23 30.79 -71.23
C ARG C 412 -56.06 30.11 -71.92
N LEU C 413 -56.11 28.79 -72.08
CA LEU C 413 -55.06 28.08 -72.77
C LEU C 413 -54.96 28.54 -74.22
N GLN C 414 -56.05 28.40 -74.99
CA GLN C 414 -56.02 28.63 -76.43
C GLN C 414 -55.58 30.04 -76.79
N ASP C 415 -55.76 31.00 -75.88
CA ASP C 415 -55.25 32.34 -76.12
C ASP C 415 -53.72 32.36 -76.27
N LYS C 416 -53.03 31.35 -75.74
CA LYS C 416 -51.58 31.25 -75.85
C LYS C 416 -51.11 30.08 -76.71
N VAL C 417 -52.03 29.34 -77.34
CA VAL C 417 -51.67 28.15 -78.12
C VAL C 417 -51.39 28.56 -79.55
N ILE C 418 -50.48 27.85 -80.20
CA ILE C 418 -50.28 27.92 -81.64
C ILE C 418 -50.60 26.53 -82.18
N GLY C 419 -51.81 26.36 -82.71
CA GLY C 419 -52.20 25.12 -83.34
C GLY C 419 -53.69 24.93 -83.30
N GLN C 420 -54.10 23.67 -83.47
CA GLN C 420 -55.51 23.30 -83.50
C GLN C 420 -56.18 23.62 -82.18
N ASP C 421 -57.49 23.88 -82.23
CA ASP C 421 -58.23 24.33 -81.05
C ASP C 421 -58.90 23.19 -80.30
N LYS C 422 -59.22 22.07 -80.97
CA LYS C 422 -59.92 20.99 -80.29
C LYS C 422 -59.03 20.22 -79.31
N ALA C 423 -57.72 20.53 -79.25
CA ALA C 423 -56.86 19.84 -78.29
C ALA C 423 -57.25 20.14 -76.85
N VAL C 424 -57.74 21.35 -76.58
CA VAL C 424 -58.05 21.71 -75.19
C VAL C 424 -59.27 20.93 -74.70
N GLU C 425 -60.25 20.68 -75.56
CA GLU C 425 -61.44 19.94 -75.15
C GLU C 425 -61.09 18.52 -74.71
N VAL C 426 -60.04 17.95 -75.28
CA VAL C 426 -59.58 16.62 -74.88
C VAL C 426 -58.91 16.69 -73.50
N VAL C 427 -57.99 17.63 -73.32
CA VAL C 427 -57.18 17.64 -72.10
C VAL C 427 -57.90 18.36 -70.97
N ALA C 428 -58.63 19.43 -71.27
CA ALA C 428 -59.27 20.20 -70.20
C ALA C 428 -60.38 19.41 -69.52
N ARG C 429 -61.16 18.65 -70.29
CA ARG C 429 -62.26 17.86 -69.75
C ARG C 429 -61.76 16.89 -68.69
N ALA C 430 -60.53 16.39 -68.84
CA ALA C 430 -60.00 15.45 -67.87
C ALA C 430 -59.56 16.19 -66.60
N ILE C 431 -59.12 17.45 -66.76
CA ILE C 431 -58.83 18.32 -65.62
C ILE C 431 -60.13 18.82 -65.02
N CYS C 432 -61.22 18.83 -65.81
CA CYS C 432 -62.51 19.26 -65.32
C CYS C 432 -63.20 18.15 -64.52
N ARG C 433 -63.34 16.95 -65.13
CA ARG C 433 -64.10 15.90 -64.47
C ARG C 433 -63.41 15.39 -63.20
N ASN C 434 -62.07 15.40 -63.18
CA ASN C 434 -61.35 15.05 -61.96
C ASN C 434 -61.59 16.10 -60.87
N ARG C 435 -61.31 17.37 -61.17
CA ARG C 435 -61.46 18.42 -60.17
C ARG C 435 -62.91 18.54 -59.71
N ALA C 436 -63.86 18.21 -60.60
CA ALA C 436 -65.26 18.14 -60.20
C ALA C 436 -65.54 16.93 -59.32
N GLY C 437 -64.72 15.88 -59.43
CA GLY C 437 -64.92 14.66 -58.71
C GLY C 437 -65.70 13.59 -59.44
N PHE C 438 -66.00 13.81 -60.73
CA PHE C 438 -66.71 12.82 -61.53
C PHE C 438 -65.69 11.99 -62.31
N ASP C 439 -65.22 10.94 -61.62
CA ASP C 439 -64.16 10.09 -62.12
C ASP C 439 -64.31 8.74 -61.42
N GLU C 440 -64.08 7.68 -62.18
CA GLU C 440 -64.30 6.33 -61.68
C GLU C 440 -63.39 6.05 -60.48
N GLY C 441 -63.73 4.99 -59.74
CA GLY C 441 -63.07 4.74 -58.46
C GLY C 441 -61.58 4.51 -58.58
N ASN C 442 -61.11 3.99 -59.72
CA ASN C 442 -59.69 3.82 -59.97
C ASN C 442 -59.43 4.10 -61.44
N ARG C 443 -59.11 5.36 -61.75
CA ARG C 443 -58.53 5.73 -63.02
C ARG C 443 -57.45 6.77 -62.79
N PRO C 444 -56.20 6.53 -63.19
CA PRO C 444 -55.42 7.73 -63.53
C PRO C 444 -56.11 8.41 -64.71
N ILE C 445 -55.80 9.70 -64.89
CA ILE C 445 -56.58 10.65 -65.69
C ILE C 445 -57.06 10.05 -67.00
N GLY C 446 -56.19 9.32 -67.66
CA GLY C 446 -56.45 8.81 -68.99
C GLY C 446 -55.24 9.04 -69.88
N ASN C 447 -55.11 8.18 -70.88
CA ASN C 447 -53.93 8.16 -71.73
C ASN C 447 -54.19 9.02 -72.96
N PHE C 448 -53.34 10.02 -73.17
CA PHE C 448 -53.45 10.96 -74.29
C PHE C 448 -52.31 10.76 -75.26
N LEU C 449 -52.60 10.98 -76.54
CA LEU C 449 -51.61 10.86 -77.61
C LEU C 449 -51.74 12.06 -78.53
N PHE C 450 -50.66 12.82 -78.66
CA PHE C 450 -50.55 13.92 -79.61
C PHE C 450 -49.64 13.50 -80.75
N VAL C 451 -50.18 13.43 -81.97
CA VAL C 451 -49.41 13.12 -83.16
C VAL C 451 -49.00 14.44 -83.80
N GLY C 452 -47.70 14.59 -84.05
CA GLY C 452 -47.18 15.86 -84.54
C GLY C 452 -45.70 15.75 -84.82
N SER C 453 -45.05 16.91 -84.82
CA SER C 453 -43.61 17.01 -85.04
C SER C 453 -43.02 17.97 -84.03
N THR C 454 -41.69 18.03 -83.97
CA THR C 454 -40.98 18.77 -82.92
C THR C 454 -41.24 20.27 -82.97
N GLY C 455 -40.90 20.96 -81.88
CA GLY C 455 -40.95 22.41 -81.86
C GLY C 455 -42.16 22.93 -81.11
N VAL C 456 -42.85 23.88 -81.74
CA VAL C 456 -43.99 24.55 -81.10
C VAL C 456 -45.12 23.56 -80.87
N GLY C 457 -45.49 22.83 -81.92
CA GLY C 457 -46.59 21.88 -81.81
C GLY C 457 -46.34 20.79 -80.78
N LYS C 458 -45.06 20.45 -80.56
CA LYS C 458 -44.73 19.37 -79.65
C LYS C 458 -44.92 19.77 -78.19
N THR C 459 -44.47 20.97 -77.82
CA THR C 459 -44.24 21.29 -76.42
C THR C 459 -45.19 22.30 -75.80
N GLU C 460 -45.92 23.11 -76.59
CA GLU C 460 -46.77 24.14 -75.98
C GLU C 460 -47.85 23.52 -75.09
N LEU C 461 -48.44 22.41 -75.54
CA LEU C 461 -49.52 21.79 -74.77
C LEU C 461 -49.06 21.39 -73.38
N ALA C 462 -47.99 20.61 -73.30
CA ALA C 462 -47.51 20.15 -72.00
C ALA C 462 -47.04 21.30 -71.14
N LYS C 463 -46.35 22.28 -71.72
CA LYS C 463 -45.85 23.39 -70.94
C LYS C 463 -46.97 24.30 -70.46
N GLN C 464 -47.90 24.65 -71.35
CA GLN C 464 -48.94 25.62 -70.99
C GLN C 464 -49.98 25.00 -70.06
N LEU C 465 -50.23 23.69 -70.18
CA LEU C 465 -51.09 23.02 -69.22
C LEU C 465 -50.45 23.01 -67.84
N ALA C 466 -49.13 22.79 -67.78
CA ALA C 466 -48.43 22.75 -66.50
C ALA C 466 -48.48 24.10 -65.80
N LEU C 467 -48.51 25.19 -66.55
CA LEU C 467 -48.54 26.52 -65.95
C LEU C 467 -49.94 26.92 -65.50
N ASP C 468 -50.98 26.37 -66.13
CA ASP C 468 -52.35 26.59 -65.67
C ASP C 468 -52.77 25.59 -64.61
N MET C 469 -52.28 24.35 -64.70
CA MET C 469 -52.56 23.38 -63.65
C MET C 469 -51.69 23.62 -62.42
N PHE C 470 -50.39 23.85 -62.62
CA PHE C 470 -49.42 23.78 -61.53
C PHE C 470 -48.44 24.93 -61.48
N GLY C 471 -48.34 25.74 -62.53
CA GLY C 471 -47.82 27.06 -62.40
C GLY C 471 -46.34 27.20 -62.63
N THR C 472 -45.57 26.12 -62.54
CA THR C 472 -44.12 26.21 -62.71
C THR C 472 -43.61 24.89 -63.28
N GLN C 473 -42.29 24.82 -63.44
CA GLN C 473 -41.63 23.76 -64.22
C GLN C 473 -41.16 22.64 -63.29
N ASP C 474 -42.10 22.09 -62.53
CA ASP C 474 -41.77 21.11 -61.50
C ASP C 474 -42.44 19.76 -61.74
N ALA C 475 -43.76 19.74 -61.94
CA ALA C 475 -44.51 18.49 -62.00
C ALA C 475 -44.63 18.00 -63.44
N ILE C 476 -43.49 17.60 -63.99
CA ILE C 476 -43.44 17.10 -65.36
C ILE C 476 -42.15 16.32 -65.56
N ILE C 477 -42.25 15.14 -66.17
CA ILE C 477 -41.09 14.32 -66.53
C ILE C 477 -41.20 13.99 -68.00
N ARG C 478 -40.07 14.08 -68.70
CA ARG C 478 -39.97 13.71 -70.10
C ARG C 478 -39.24 12.38 -70.23
N LEU C 479 -39.92 11.39 -70.82
CA LEU C 479 -39.32 10.08 -71.09
C LEU C 479 -38.70 10.15 -72.48
N ASP C 480 -37.37 10.17 -72.54
CA ASP C 480 -36.65 10.31 -73.79
C ASP C 480 -36.58 8.94 -74.46
N MET C 481 -37.36 8.76 -75.53
CA MET C 481 -37.25 7.55 -76.32
C MET C 481 -35.97 7.49 -77.15
N SER C 482 -35.17 8.57 -77.19
CA SER C 482 -33.89 8.49 -77.88
C SER C 482 -32.99 7.46 -77.23
N GLU C 483 -33.14 7.24 -75.92
CA GLU C 483 -32.50 6.13 -75.24
C GLU C 483 -33.11 4.77 -75.59
N TYR C 484 -34.18 4.73 -76.38
CA TYR C 484 -34.87 3.52 -76.79
C TYR C 484 -34.83 3.30 -78.30
N SER C 485 -33.73 3.66 -78.96
CA SER C 485 -33.58 3.41 -80.39
C SER C 485 -33.16 1.96 -80.63
N ASP C 486 -34.07 1.17 -81.21
CA ASP C 486 -33.73 -0.21 -81.54
C ASP C 486 -32.64 -0.32 -82.59
N ARG C 487 -32.49 0.69 -83.44
CA ARG C 487 -31.56 0.62 -84.56
C ARG C 487 -30.14 0.98 -84.18
N THR C 488 -29.96 1.90 -83.22
CA THR C 488 -28.67 2.53 -82.95
C THR C 488 -28.13 2.26 -81.56
N ALA C 489 -28.83 1.46 -80.74
CA ALA C 489 -28.39 1.22 -79.36
C ALA C 489 -27.23 0.23 -79.34
N VAL C 490 -26.09 0.71 -79.82
CA VAL C 490 -24.82 -0.02 -79.75
C VAL C 490 -23.76 0.88 -79.13
N SER C 491 -24.19 1.77 -78.23
CA SER C 491 -23.34 2.72 -77.53
C SER C 491 -22.68 3.73 -78.48
N LYS C 492 -23.27 3.98 -79.66
CA LYS C 492 -22.87 5.18 -80.38
C LYS C 492 -23.23 6.41 -79.55
N LEU C 493 -24.41 6.37 -78.94
CA LEU C 493 -24.91 7.36 -77.99
C LEU C 493 -25.09 6.58 -76.68
N ILE C 494 -25.92 7.10 -75.77
CA ILE C 494 -25.91 6.86 -74.32
C ILE C 494 -25.60 5.41 -73.94
N GLY C 495 -26.15 4.44 -74.67
CA GLY C 495 -25.90 3.07 -74.29
C GLY C 495 -26.52 2.07 -75.24
N THR C 496 -26.50 0.81 -74.80
CA THR C 496 -26.89 -0.34 -75.59
C THR C 496 -28.36 -0.69 -75.34
N THR C 497 -28.77 -1.82 -75.93
CA THR C 497 -30.11 -2.37 -75.74
C THR C 497 -30.38 -2.63 -74.26
N ALA C 498 -29.38 -3.10 -73.52
CA ALA C 498 -29.58 -3.45 -72.12
C ALA C 498 -29.90 -2.23 -71.26
N GLY C 499 -29.58 -1.03 -71.71
CA GLY C 499 -29.95 0.18 -71.00
C GLY C 499 -31.42 0.52 -71.02
N TYR C 500 -32.23 -0.25 -71.74
CA TYR C 500 -33.66 0.02 -71.82
C TYR C 500 -34.39 -0.33 -70.54
N VAL C 501 -33.88 -1.25 -69.74
CA VAL C 501 -34.55 -1.79 -68.57
C VAL C 501 -33.84 -1.30 -67.32
N GLY C 502 -34.60 -1.12 -66.24
CA GLY C 502 -34.02 -0.82 -64.95
C GLY C 502 -33.80 0.66 -64.70
N TYR C 503 -33.06 1.33 -65.59
CA TYR C 503 -32.72 2.73 -65.35
C TYR C 503 -33.96 3.62 -65.40
N ASP C 504 -34.72 3.54 -66.50
CA ASP C 504 -35.95 4.31 -66.64
C ASP C 504 -37.12 3.46 -66.15
N ASP C 505 -36.93 2.86 -64.97
CA ASP C 505 -37.98 2.12 -64.28
C ASP C 505 -38.09 2.61 -62.84
N ASN C 506 -36.94 2.75 -62.13
CA ASN C 506 -36.96 3.35 -60.80
C ASN C 506 -35.67 4.11 -60.45
N SER C 507 -34.73 4.25 -61.39
CA SER C 507 -33.38 4.65 -61.02
C SER C 507 -33.19 6.17 -61.02
N ASN C 508 -31.95 6.61 -60.83
CA ASN C 508 -31.60 8.02 -60.67
C ASN C 508 -31.85 8.76 -61.99
N THR C 509 -32.91 9.58 -62.08
CA THR C 509 -33.99 9.83 -61.10
C THR C 509 -35.34 9.68 -61.81
N LEU C 510 -36.08 8.64 -61.42
CA LEU C 510 -37.48 8.48 -61.80
C LEU C 510 -38.42 8.59 -60.61
N THR C 511 -38.26 7.71 -59.62
CA THR C 511 -39.30 7.52 -58.61
C THR C 511 -39.30 8.64 -57.57
N GLU C 512 -38.14 9.18 -57.22
CA GLU C 512 -38.09 10.24 -56.22
C GLU C 512 -38.81 11.51 -56.69
N ARG C 513 -38.96 11.69 -58.00
CA ARG C 513 -39.80 12.75 -58.56
C ARG C 513 -41.26 12.33 -58.63
N VAL C 514 -41.53 11.04 -58.85
CA VAL C 514 -42.92 10.55 -58.88
C VAL C 514 -43.52 10.59 -57.47
N ARG C 515 -42.69 10.44 -56.43
CA ARG C 515 -43.20 10.49 -55.07
C ARG C 515 -43.50 11.91 -54.60
N ARG C 516 -42.68 12.88 -55.01
CA ARG C 516 -43.00 14.27 -54.77
C ARG C 516 -44.20 14.71 -55.57
N ASN C 517 -44.34 14.16 -56.78
CA ASN C 517 -45.44 14.50 -57.68
C ASN C 517 -46.08 13.20 -58.16
N PRO C 518 -46.98 12.61 -57.33
CA PRO C 518 -47.77 11.44 -57.77
C PRO C 518 -48.66 11.71 -58.98
N TYR C 519 -48.88 12.99 -59.26
CA TYR C 519 -49.98 13.51 -60.07
C TYR C 519 -49.50 14.01 -61.43
N SER C 520 -48.20 13.88 -61.70
CA SER C 520 -47.51 14.75 -62.65
C SER C 520 -48.01 14.55 -64.08
N ILE C 521 -47.48 15.37 -64.97
CA ILE C 521 -47.56 15.13 -66.41
C ILE C 521 -46.43 14.18 -66.77
N ILE C 522 -46.76 13.11 -67.49
CA ILE C 522 -45.77 12.25 -68.12
C ILE C 522 -45.74 12.61 -69.60
N LEU C 523 -44.54 12.77 -70.14
CA LEU C 523 -44.34 12.94 -71.57
C LEU C 523 -43.49 11.81 -72.11
N LEU C 524 -44.09 11.00 -72.97
CA LEU C 524 -43.36 9.99 -73.73
C LEU C 524 -42.97 10.63 -75.05
N ASP C 525 -41.67 10.86 -75.22
CA ASP C 525 -41.13 11.65 -76.34
C ASP C 525 -40.94 10.74 -77.56
N ALA C 526 -41.80 10.87 -78.57
CA ALA C 526 -41.57 10.19 -79.84
C ALA C 526 -41.58 8.67 -79.75
N ILE C 527 -42.79 8.08 -79.61
CA ILE C 527 -43.00 6.64 -79.44
C ILE C 527 -42.11 5.83 -80.39
N GLU C 528 -42.01 6.23 -81.66
CA GLU C 528 -41.62 5.34 -82.75
C GLU C 528 -40.23 4.71 -82.61
N LYS C 529 -39.41 5.15 -81.66
CA LYS C 529 -38.03 4.70 -81.62
C LYS C 529 -37.86 3.22 -81.29
N ALA C 530 -38.91 2.52 -80.84
CA ALA C 530 -38.73 1.19 -80.27
C ALA C 530 -39.83 0.22 -80.69
N ASP C 531 -39.51 -1.06 -80.50
CA ASP C 531 -40.34 -2.27 -80.48
C ASP C 531 -41.67 -1.97 -79.81
N PRO C 532 -42.83 -2.42 -80.33
CA PRO C 532 -44.10 -2.11 -79.62
C PRO C 532 -44.17 -2.64 -78.18
N GLN C 533 -43.35 -3.64 -77.83
CA GLN C 533 -43.40 -4.20 -76.48
C GLN C 533 -42.82 -3.25 -75.44
N VAL C 534 -41.84 -2.43 -75.83
CA VAL C 534 -41.26 -1.45 -74.92
C VAL C 534 -42.33 -0.46 -74.47
N ILE C 535 -43.06 0.09 -75.42
CA ILE C 535 -44.08 1.10 -75.16
C ILE C 535 -45.32 0.46 -74.54
N THR C 536 -45.54 -0.82 -74.84
CA THR C 536 -46.71 -1.53 -74.34
C THR C 536 -46.67 -1.72 -72.83
N LEU C 537 -45.46 -1.74 -72.25
CA LEU C 537 -45.32 -2.02 -70.82
C LEU C 537 -46.05 -0.98 -69.98
N LEU C 538 -45.75 0.29 -70.20
CA LEU C 538 -46.32 1.34 -69.35
C LEU C 538 -47.83 1.41 -69.52
N LEU C 539 -48.32 1.34 -70.76
CA LEU C 539 -49.72 1.70 -71.01
C LEU C 539 -50.68 0.60 -70.57
N GLN C 540 -50.30 -0.67 -70.70
CA GLN C 540 -51.14 -1.74 -70.15
C GLN C 540 -51.23 -1.70 -68.64
N VAL C 541 -50.26 -1.08 -67.97
CA VAL C 541 -50.15 -1.06 -66.52
C VAL C 541 -50.81 0.17 -65.91
N LEU C 542 -51.09 1.22 -66.71
CA LEU C 542 -51.78 2.41 -66.23
C LEU C 542 -53.28 2.22 -66.06
N ASP C 543 -53.83 1.03 -66.34
CA ASP C 543 -55.24 0.80 -66.12
C ASP C 543 -55.60 0.96 -64.65
N ASP C 544 -54.85 0.31 -63.77
CA ASP C 544 -55.12 0.31 -62.34
C ASP C 544 -54.37 1.41 -61.59
N GLY C 545 -53.64 2.26 -62.30
CA GLY C 545 -52.87 3.30 -61.63
C GLY C 545 -51.79 2.76 -60.72
N ARG C 546 -51.18 1.63 -61.08
CA ARG C 546 -50.19 0.99 -60.22
C ARG C 546 -49.20 0.24 -61.10
N LEU C 547 -47.91 0.36 -60.79
CA LEU C 547 -46.84 -0.29 -61.53
C LEU C 547 -45.86 -0.94 -60.56
N THR C 548 -45.60 -2.24 -60.74
CA THR C 548 -44.60 -2.96 -59.97
C THR C 548 -43.26 -2.87 -60.70
N ASP C 549 -42.24 -2.37 -60.01
CA ASP C 549 -40.94 -2.11 -60.62
C ASP C 549 -40.06 -3.35 -60.58
N GLY C 550 -38.82 -3.20 -61.03
CA GLY C 550 -37.87 -4.30 -61.06
C GLY C 550 -37.48 -4.83 -59.69
N GLN C 551 -37.57 -4.01 -58.65
CA GLN C 551 -37.22 -4.42 -57.29
C GLN C 551 -38.40 -4.99 -56.51
N GLY C 552 -39.55 -5.18 -57.15
CA GLY C 552 -40.72 -5.70 -56.47
C GLY C 552 -41.57 -4.67 -55.75
N ASN C 553 -41.20 -3.39 -55.80
CA ASN C 553 -41.98 -2.33 -55.18
C ASN C 553 -43.02 -1.78 -56.15
N THR C 554 -44.16 -1.37 -55.61
CA THR C 554 -45.26 -0.83 -56.39
C THR C 554 -45.30 0.69 -56.22
N VAL C 555 -45.32 1.41 -57.34
CA VAL C 555 -45.62 2.83 -57.36
C VAL C 555 -47.12 2.97 -57.56
N ASN C 556 -47.76 3.80 -56.74
CA ASN C 556 -49.20 4.06 -56.85
C ASN C 556 -49.40 5.44 -57.47
N PHE C 557 -50.08 5.48 -58.60
CA PHE C 557 -50.32 6.72 -59.32
C PHE C 557 -51.64 7.35 -58.90
N LYS C 558 -51.56 8.61 -58.51
CA LYS C 558 -52.72 9.50 -58.41
C LYS C 558 -52.77 10.32 -59.68
N ASN C 559 -53.99 10.53 -60.18
CA ASN C 559 -54.38 11.67 -61.01
C ASN C 559 -53.29 12.11 -61.99
N THR C 560 -52.64 11.14 -62.62
CA THR C 560 -51.53 11.36 -63.53
C THR C 560 -52.05 11.42 -64.96
N VAL C 561 -51.54 12.39 -65.73
CA VAL C 561 -51.83 12.52 -67.16
C VAL C 561 -50.56 12.18 -67.92
N ILE C 562 -50.68 11.31 -68.91
CA ILE C 562 -49.61 11.00 -69.86
C ILE C 562 -50.02 11.54 -71.22
N ILE C 563 -49.16 12.36 -71.83
CA ILE C 563 -49.31 12.78 -73.21
C ILE C 563 -48.17 12.12 -73.97
N ALA C 564 -48.47 11.00 -74.63
CA ALA C 564 -47.51 10.36 -75.51
C ALA C 564 -47.42 11.14 -76.82
N THR C 565 -46.26 11.04 -77.47
CA THR C 565 -45.99 11.80 -78.68
C THR C 565 -45.27 10.94 -79.71
N SER C 566 -45.56 11.23 -80.97
CA SER C 566 -44.97 10.51 -82.10
C SER C 566 -44.56 11.52 -83.17
N ASN C 567 -43.74 11.05 -84.10
CA ASN C 567 -43.35 11.84 -85.28
C ASN C 567 -44.31 11.48 -86.42
N ALA C 568 -45.27 12.35 -86.65
CA ALA C 568 -46.37 12.09 -87.57
C ALA C 568 -46.24 12.90 -88.85
N GLY C 569 -47.21 12.70 -89.74
CA GLY C 569 -47.20 13.37 -91.03
C GLY C 569 -48.01 12.56 -92.02
N PHE C 570 -47.92 12.97 -93.29
CA PHE C 570 -48.59 12.25 -94.36
C PHE C 570 -48.13 12.79 -95.70
N GLY C 571 -47.94 11.88 -96.67
CA GLY C 571 -47.57 12.26 -98.02
C GLY C 571 -48.78 12.35 -98.93
N TYR C 572 -48.76 13.37 -99.79
CA TYR C 572 -49.99 13.89 -100.37
C TYR C 572 -49.76 14.26 -101.84
N GLU C 573 -50.84 14.70 -102.49
CA GLU C 573 -50.77 15.18 -103.87
C GLU C 573 -50.53 16.68 -103.93
N ALA C 574 -51.44 17.46 -103.35
CA ALA C 574 -51.35 18.91 -103.31
C ALA C 574 -51.61 19.37 -101.89
N ASN C 575 -50.95 20.47 -101.50
CA ASN C 575 -50.98 20.92 -100.11
C ASN C 575 -52.38 21.22 -99.58
N LEU C 576 -53.35 21.40 -100.46
CA LEU C 576 -54.76 21.51 -100.09
C LEU C 576 -55.43 20.15 -99.92
N THR C 577 -54.69 19.05 -100.04
CA THR C 577 -55.21 17.71 -99.82
C THR C 577 -54.49 17.00 -98.67
N GLU C 578 -53.84 17.74 -97.78
CA GLU C 578 -53.10 17.12 -96.68
C GLU C 578 -54.04 16.41 -95.71
N ASP C 579 -55.19 17.03 -95.41
CA ASP C 579 -56.15 16.48 -94.47
C ASP C 579 -57.19 15.59 -95.14
N ALA C 580 -56.92 15.09 -96.35
CA ALA C 580 -57.90 14.29 -97.06
C ALA C 580 -58.05 12.90 -96.44
N ASP C 581 -56.96 12.33 -95.94
CA ASP C 581 -56.92 10.95 -95.43
C ASP C 581 -56.78 11.00 -93.92
N LYS C 582 -57.92 10.92 -93.22
CA LYS C 582 -57.96 11.17 -91.78
C LYS C 582 -57.46 9.99 -90.95
N PRO C 583 -58.06 8.78 -91.02
CA PRO C 583 -57.54 7.69 -90.19
C PRO C 583 -56.21 7.13 -90.65
N GLU C 584 -55.75 7.51 -91.84
CA GLU C 584 -54.52 6.93 -92.38
C GLU C 584 -53.27 7.45 -91.69
N LEU C 585 -53.38 8.50 -90.87
CA LEU C 585 -52.27 8.88 -90.00
C LEU C 585 -51.92 7.75 -89.06
N MET C 586 -52.94 7.12 -88.46
CA MET C 586 -52.72 5.97 -87.59
C MET C 586 -52.18 4.78 -88.37
N ASP C 587 -52.58 4.64 -89.64
CA ASP C 587 -52.04 3.56 -90.47
C ASP C 587 -50.58 3.84 -90.83
N ARG C 588 -50.25 5.10 -91.07
CA ARG C 588 -48.85 5.47 -91.27
C ARG C 588 -48.03 5.17 -90.02
N LEU C 589 -48.56 5.53 -88.85
CA LEU C 589 -47.88 5.29 -87.59
C LEU C 589 -48.04 3.86 -87.07
N LYS C 590 -48.87 3.04 -87.72
CA LYS C 590 -49.11 1.66 -87.34
C LYS C 590 -47.87 0.80 -87.07
N PRO C 591 -46.76 0.89 -87.84
CA PRO C 591 -45.69 -0.11 -87.69
C PRO C 591 -45.08 -0.24 -86.30
N PHE C 592 -45.16 0.80 -85.46
CA PHE C 592 -44.54 0.77 -84.15
C PHE C 592 -45.55 0.59 -83.01
N PHE C 593 -46.83 0.38 -83.30
CA PHE C 593 -47.79 0.00 -82.27
C PHE C 593 -48.83 -0.93 -82.88
N ARG C 594 -49.83 -1.26 -82.07
CA ARG C 594 -50.91 -2.16 -82.45
C ARG C 594 -52.22 -1.61 -81.91
N PRO C 595 -53.37 -2.14 -82.35
CA PRO C 595 -54.65 -1.64 -81.83
C PRO C 595 -54.82 -1.83 -80.34
N GLU C 596 -54.13 -2.79 -79.73
CA GLU C 596 -54.15 -2.93 -78.28
C GLU C 596 -53.55 -1.72 -77.60
N PHE C 597 -52.64 -1.01 -78.27
CA PHE C 597 -52.01 0.21 -77.79
C PHE C 597 -52.83 1.44 -78.16
N LEU C 598 -53.46 1.40 -79.33
CA LEU C 598 -54.21 2.55 -79.82
C LEU C 598 -55.51 2.73 -79.08
N ASN C 599 -56.24 1.65 -78.82
CA ASN C 599 -57.58 1.71 -78.27
C ASN C 599 -57.62 2.15 -76.81
N ARG C 600 -56.48 2.36 -76.16
CA ARG C 600 -56.42 2.83 -74.79
C ARG C 600 -56.36 4.36 -74.67
N PHE C 601 -56.51 5.09 -75.78
CA PHE C 601 -56.27 6.52 -75.83
C PHE C 601 -57.57 7.29 -76.04
N ASN C 602 -57.60 8.52 -75.50
CA ASN C 602 -58.83 9.32 -75.45
C ASN C 602 -58.96 10.16 -76.72
N ALA C 603 -59.33 9.42 -77.77
CA ALA C 603 -59.81 9.78 -79.10
C ALA C 603 -58.80 10.26 -80.15
N VAL C 604 -57.91 11.22 -79.87
CA VAL C 604 -56.48 11.25 -80.12
C VAL C 604 -56.40 12.76 -80.39
N ILE C 605 -55.23 13.41 -80.35
CA ILE C 605 -55.13 14.79 -80.84
C ILE C 605 -54.41 14.79 -82.19
N GLU C 606 -55.04 15.42 -83.19
CA GLU C 606 -54.68 15.26 -84.60
C GLU C 606 -53.34 15.91 -84.94
N PHE C 607 -52.98 15.79 -86.23
CA PHE C 607 -51.69 16.30 -86.71
C PHE C 607 -51.75 17.79 -87.06
N SER C 608 -52.94 18.38 -87.00
CA SER C 608 -53.35 19.52 -87.83
C SER C 608 -52.29 20.59 -88.05
N HIS C 609 -52.29 21.16 -89.26
CA HIS C 609 -51.14 21.84 -89.83
C HIS C 609 -51.26 23.34 -89.61
N LEU C 610 -50.17 24.05 -89.89
CA LEU C 610 -50.17 25.50 -89.93
C LEU C 610 -50.82 25.96 -91.23
N THR C 611 -51.82 26.83 -91.12
CA THR C 611 -52.63 27.27 -92.24
C THR C 611 -52.20 28.65 -92.71
N LYS C 612 -52.39 28.92 -94.00
CA LYS C 612 -52.29 30.29 -94.51
C LYS C 612 -53.58 31.03 -94.14
N GLU C 613 -53.61 31.44 -92.88
CA GLU C 613 -54.73 32.07 -92.22
C GLU C 613 -54.09 33.04 -91.24
N ASP C 614 -54.75 33.37 -90.12
CA ASP C 614 -54.30 34.49 -89.30
C ASP C 614 -52.97 34.12 -88.64
N LEU C 615 -51.89 34.24 -89.43
CA LEU C 615 -50.53 34.13 -88.91
C LEU C 615 -50.21 35.24 -87.91
N SER C 616 -50.96 36.35 -87.93
CA SER C 616 -50.60 37.50 -87.12
C SER C 616 -50.67 37.21 -85.63
N LYS C 617 -51.48 36.22 -85.24
CA LYS C 617 -51.57 35.89 -83.81
C LYS C 617 -50.24 35.38 -83.28
N ILE C 618 -49.47 34.65 -84.09
CA ILE C 618 -48.10 34.31 -83.68
C ILE C 618 -47.26 35.58 -83.64
N VAL C 619 -47.38 36.43 -84.66
CA VAL C 619 -46.54 37.63 -84.74
C VAL C 619 -46.94 38.64 -83.67
N ASP C 620 -48.22 38.67 -83.30
CA ASP C 620 -48.65 39.57 -82.23
C ASP C 620 -48.05 39.16 -80.89
N LEU C 621 -47.85 37.86 -80.68
CA LEU C 621 -47.26 37.38 -79.44
C LEU C 621 -45.74 37.55 -79.45
N MET C 622 -45.08 37.23 -80.57
CA MET C 622 -43.63 37.39 -80.66
C MET C 622 -43.23 38.84 -80.41
N LEU C 623 -43.90 39.77 -81.09
CA LEU C 623 -43.61 41.19 -80.88
C LEU C 623 -43.84 41.59 -79.42
N ALA C 624 -44.81 40.96 -78.74
CA ALA C 624 -44.99 41.20 -77.32
C ALA C 624 -43.84 40.64 -76.52
N GLU C 625 -43.26 39.51 -76.95
CA GLU C 625 -42.11 38.95 -76.26
C GLU C 625 -40.87 39.82 -76.45
N VAL C 626 -40.79 40.53 -77.58
CA VAL C 626 -39.68 41.46 -77.80
C VAL C 626 -39.71 42.56 -76.75
N ASN C 627 -40.86 43.24 -76.61
CA ASN C 627 -40.95 44.35 -75.68
C ASN C 627 -40.92 43.86 -74.24
N GLN C 628 -41.48 42.69 -73.95
CA GLN C 628 -41.37 42.11 -72.62
C GLN C 628 -39.90 41.84 -72.28
N THR C 629 -39.14 41.34 -73.25
CA THR C 629 -37.69 41.18 -73.06
C THR C 629 -37.02 42.53 -72.85
N LEU C 630 -37.31 43.49 -73.73
CA LEU C 630 -36.68 44.81 -73.64
C LEU C 630 -37.17 45.58 -72.42
N ALA C 631 -38.35 45.24 -71.89
CA ALA C 631 -38.92 46.02 -70.79
C ALA C 631 -38.11 45.91 -69.51
N LYS C 632 -37.23 44.90 -69.40
CA LYS C 632 -36.41 44.78 -68.20
C LYS C 632 -35.52 45.99 -68.00
N LYS C 633 -34.99 46.55 -69.10
CA LYS C 633 -34.17 47.74 -69.05
C LYS C 633 -34.98 49.00 -69.37
N ASP C 634 -36.31 48.95 -69.22
CA ASP C 634 -37.19 50.08 -69.51
C ASP C 634 -37.04 50.50 -70.96
N ILE C 635 -37.05 49.51 -71.86
CA ILE C 635 -36.92 49.72 -73.30
C ILE C 635 -38.17 49.15 -73.94
N ASP C 636 -38.90 50.01 -74.66
CA ASP C 636 -40.20 49.63 -75.23
C ASP C 636 -40.41 50.47 -76.48
N LEU C 637 -40.41 49.83 -77.63
CA LEU C 637 -40.53 50.49 -78.92
C LEU C 637 -41.93 50.29 -79.49
N VAL C 638 -42.28 51.16 -80.43
CA VAL C 638 -43.43 50.91 -81.30
C VAL C 638 -43.00 49.90 -82.36
N VAL C 639 -43.80 48.85 -82.53
CA VAL C 639 -43.52 47.79 -83.49
C VAL C 639 -44.71 47.69 -84.43
N SER C 640 -44.44 47.84 -85.72
CA SER C 640 -45.51 47.85 -86.72
C SER C 640 -46.07 46.45 -86.89
N GLN C 641 -47.38 46.37 -87.09
CA GLN C 641 -48.01 45.09 -87.43
C GLN C 641 -47.59 44.61 -88.81
N ALA C 642 -47.08 45.50 -89.66
CA ALA C 642 -46.59 45.14 -90.99
C ALA C 642 -45.30 44.32 -90.96
N ALA C 643 -44.74 44.04 -89.78
CA ALA C 643 -43.63 43.10 -89.68
C ALA C 643 -44.01 41.72 -90.22
N LYS C 644 -45.30 41.37 -90.19
CA LYS C 644 -45.75 40.09 -90.73
C LYS C 644 -45.43 39.94 -92.21
N ASP C 645 -45.44 41.05 -92.97
CA ASP C 645 -45.36 40.99 -94.42
C ASP C 645 -44.05 40.38 -94.91
N TYR C 646 -42.99 40.46 -94.10
CA TYR C 646 -41.69 39.88 -94.42
C TYR C 646 -41.46 38.55 -93.73
N ILE C 647 -42.11 38.31 -92.60
CA ILE C 647 -41.96 37.07 -91.84
C ILE C 647 -42.70 35.93 -92.53
N THR C 648 -43.99 36.11 -92.78
CA THR C 648 -44.84 35.04 -93.28
C THR C 648 -44.36 34.48 -94.61
N GLU C 649 -43.65 35.28 -95.42
CA GLU C 649 -43.11 34.82 -96.70
C GLU C 649 -42.41 33.47 -96.61
N GLU C 650 -41.77 33.19 -95.47
CA GLU C 650 -41.32 31.84 -95.13
C GLU C 650 -42.14 31.19 -94.03
N GLY C 651 -42.84 31.98 -93.22
CA GLY C 651 -43.59 31.44 -92.09
C GLY C 651 -44.62 30.38 -92.47
N TYR C 652 -45.54 30.69 -93.38
CA TYR C 652 -46.61 29.76 -93.74
C TYR C 652 -46.17 28.68 -94.73
N ASP C 653 -44.87 28.45 -94.89
CA ASP C 653 -44.39 27.34 -95.70
C ASP C 653 -44.83 26.03 -95.05
N GLU C 654 -45.61 25.23 -95.77
CA GLU C 654 -46.12 23.98 -95.22
C GLU C 654 -45.02 22.96 -94.94
N VAL C 655 -43.85 23.11 -95.57
CA VAL C 655 -42.75 22.18 -95.36
C VAL C 655 -42.29 22.22 -93.91
N MET C 656 -42.20 23.41 -93.34
CA MET C 656 -41.59 23.62 -92.03
C MET C 656 -42.60 23.79 -90.90
N GLY C 657 -43.72 24.47 -91.15
CA GLY C 657 -44.65 24.81 -90.09
C GLY C 657 -44.24 26.09 -89.40
N VAL C 658 -44.37 26.12 -88.07
CA VAL C 658 -43.91 27.28 -87.30
C VAL C 658 -42.45 27.02 -86.96
N ARG C 659 -41.57 27.05 -87.97
CA ARG C 659 -40.13 27.16 -87.76
C ARG C 659 -39.60 28.59 -87.98
N PRO C 660 -39.87 29.25 -89.13
CA PRO C 660 -39.24 30.56 -89.35
C PRO C 660 -39.75 31.68 -88.47
N LEU C 661 -40.88 31.50 -87.77
CA LEU C 661 -41.53 32.62 -87.12
C LEU C 661 -40.63 33.26 -86.06
N ARG C 662 -40.04 32.44 -85.18
CA ARG C 662 -39.13 32.97 -84.18
C ARG C 662 -37.78 33.35 -84.77
N ARG C 663 -37.36 32.69 -85.84
CA ARG C 663 -36.03 32.94 -86.38
C ARG C 663 -35.95 34.28 -87.10
N VAL C 664 -37.04 34.70 -87.74
CA VAL C 664 -37.02 35.97 -88.48
C VAL C 664 -37.14 37.15 -87.51
N VAL C 665 -38.04 37.04 -86.53
CA VAL C 665 -38.24 38.15 -85.59
C VAL C 665 -37.00 38.36 -84.73
N GLU C 666 -36.44 37.28 -84.18
CA GLU C 666 -35.32 37.42 -83.27
C GLU C 666 -34.06 37.91 -83.99
N GLN C 667 -34.04 37.82 -85.32
CA GLN C 667 -32.93 38.38 -86.10
C GLN C 667 -33.26 39.79 -86.58
N GLU C 668 -34.52 40.02 -87.00
CA GLU C 668 -34.85 41.26 -87.69
C GLU C 668 -34.84 42.45 -86.74
N ILE C 669 -35.50 42.34 -85.58
CA ILE C 669 -35.66 43.47 -84.68
C ILE C 669 -34.49 43.57 -83.70
N ARG C 670 -34.03 42.42 -83.19
CA ARG C 670 -33.08 42.38 -82.09
C ARG C 670 -31.81 43.17 -82.39
N ASP C 671 -31.30 43.04 -83.62
CA ASP C 671 -30.04 43.68 -83.97
C ASP C 671 -30.22 45.18 -84.20
N LYS C 672 -31.39 45.60 -84.70
CA LYS C 672 -31.61 47.02 -84.97
C LYS C 672 -31.84 47.80 -83.68
N VAL C 673 -32.57 47.22 -82.74
CA VAL C 673 -32.75 47.89 -81.44
C VAL C 673 -31.43 47.95 -80.69
N THR C 674 -30.49 47.05 -81.00
CA THR C 674 -29.19 47.07 -80.35
C THR C 674 -28.33 48.22 -80.87
N ASP C 675 -28.49 48.58 -82.14
CA ASP C 675 -27.63 49.60 -82.73
C ASP C 675 -27.98 51.00 -82.24
N PHE C 676 -29.23 51.22 -81.83
CA PHE C 676 -29.66 52.57 -81.44
C PHE C 676 -29.54 52.81 -79.94
N HIS C 677 -29.47 51.76 -79.13
CA HIS C 677 -29.11 51.95 -77.72
C HIS C 677 -27.73 52.57 -77.58
N LEU C 678 -26.86 52.38 -78.58
CA LEU C 678 -25.55 52.98 -78.64
C LEU C 678 -25.59 54.49 -78.84
N ASP C 679 -26.59 55.00 -79.57
CA ASP C 679 -26.85 56.43 -79.64
C ASP C 679 -27.60 56.94 -78.41
N HIS C 680 -27.92 56.06 -77.46
CA HIS C 680 -28.61 56.43 -76.23
C HIS C 680 -29.95 57.11 -76.55
N LEU C 681 -30.66 56.54 -77.52
CA LEU C 681 -31.96 57.03 -77.92
C LEU C 681 -33.05 56.39 -77.08
N ASP C 682 -34.04 57.19 -76.70
CA ASP C 682 -35.15 56.71 -75.87
C ASP C 682 -36.07 55.86 -76.72
N ALA C 683 -36.30 54.62 -76.30
CA ALA C 683 -37.10 53.68 -77.08
C ALA C 683 -38.54 54.15 -77.24
N LYS C 684 -39.06 54.90 -76.27
CA LYS C 684 -40.47 55.27 -76.31
C LYS C 684 -40.81 56.21 -77.47
N HIS C 685 -39.81 56.78 -78.15
CA HIS C 685 -40.01 57.62 -79.31
C HIS C 685 -39.35 57.06 -80.57
N LEU C 686 -39.07 55.75 -80.60
CA LEU C 686 -38.57 55.07 -81.79
C LEU C 686 -39.66 54.16 -82.33
N GLU C 687 -39.76 54.08 -83.66
CA GLU C 687 -40.80 53.32 -84.34
C GLU C 687 -40.16 52.34 -85.31
N ALA C 688 -40.39 51.04 -85.07
CA ALA C 688 -39.89 49.99 -85.94
C ALA C 688 -40.77 49.94 -87.18
N ASP C 689 -40.28 50.54 -88.27
CA ASP C 689 -41.03 50.75 -89.50
C ASP C 689 -40.21 50.23 -90.66
N MET C 690 -40.63 49.10 -91.23
CA MET C 690 -39.87 48.44 -92.28
C MET C 690 -40.05 49.15 -93.63
N GLU C 691 -39.02 49.05 -94.47
CA GLU C 691 -39.03 49.61 -95.81
C GLU C 691 -38.40 48.60 -96.77
N ASP C 692 -39.20 48.10 -97.71
CA ASP C 692 -38.73 47.17 -98.75
C ASP C 692 -38.11 45.92 -98.13
N GLY C 693 -38.79 45.36 -97.14
CA GLY C 693 -38.33 44.16 -96.47
C GLY C 693 -37.18 44.35 -95.51
N VAL C 694 -36.70 45.58 -95.34
CA VAL C 694 -35.60 45.91 -94.44
C VAL C 694 -36.17 46.73 -93.29
N LEU C 695 -35.79 46.40 -92.05
CA LEU C 695 -36.23 47.16 -90.91
C LEU C 695 -35.40 48.42 -90.75
N VAL C 696 -36.05 49.57 -90.85
CA VAL C 696 -35.48 50.87 -90.51
C VAL C 696 -36.28 51.45 -89.36
N ILE C 697 -35.79 51.26 -88.14
CA ILE C 697 -36.45 51.83 -86.96
C ILE C 697 -36.30 53.35 -87.06
N ARG C 698 -37.41 54.06 -86.87
CA ARG C 698 -37.45 55.51 -87.01
C ARG C 698 -36.78 56.19 -85.83
N LEU D 76 -22.98 28.58 -27.22
CA LEU D 76 -22.15 27.55 -27.84
C LEU D 76 -20.91 28.11 -28.51
N ALA D 77 -20.62 29.39 -28.28
CA ALA D 77 -19.43 30.03 -28.86
C ALA D 77 -18.20 29.69 -28.01
N LYS D 78 -17.91 28.39 -27.92
CA LYS D 78 -16.94 27.88 -26.95
C LYS D 78 -15.74 27.11 -27.51
N LEU D 79 -15.79 26.34 -28.62
CA LEU D 79 -16.86 25.80 -29.52
C LEU D 79 -17.49 26.71 -30.58
N GLY D 80 -17.08 27.97 -30.69
CA GLY D 80 -17.54 28.80 -31.78
C GLY D 80 -17.26 30.28 -31.64
N ARG D 81 -18.16 31.07 -32.23
CA ARG D 81 -18.02 32.50 -32.34
C ARG D 81 -19.40 33.15 -32.18
N ASN D 82 -19.56 33.91 -31.09
CA ASN D 82 -20.82 34.60 -30.80
C ASN D 82 -20.86 35.86 -31.66
N LEU D 83 -21.73 35.87 -32.67
CA LEU D 83 -21.74 36.96 -33.64
C LEU D 83 -22.48 38.19 -33.11
N THR D 84 -23.52 38.00 -32.31
CA THR D 84 -24.22 39.15 -31.73
C THR D 84 -23.36 39.83 -30.66
N ALA D 85 -22.57 39.06 -29.92
CA ALA D 85 -21.66 39.65 -28.94
C ALA D 85 -20.64 40.57 -29.61
N GLU D 86 -20.12 40.14 -30.77
CA GLU D 86 -19.24 41.02 -31.53
C GLU D 86 -20.00 42.16 -32.15
N ALA D 87 -21.31 41.99 -32.38
CA ALA D 87 -22.14 43.10 -32.83
C ALA D 87 -22.39 44.08 -31.71
N ARG D 88 -22.59 43.60 -30.48
CA ARG D 88 -22.78 44.49 -29.34
C ARG D 88 -21.54 45.31 -29.04
N GLU D 89 -20.36 44.84 -29.44
CA GLU D 89 -19.11 45.54 -29.21
C GLU D 89 -18.67 46.42 -30.37
N GLY D 90 -19.48 46.53 -31.43
CA GLY D 90 -19.10 47.33 -32.57
C GLY D 90 -17.94 46.76 -33.37
N LYS D 91 -17.85 45.44 -33.48
CA LYS D 91 -16.75 44.77 -34.16
C LYS D 91 -17.03 44.47 -35.62
N LEU D 92 -18.19 44.87 -36.15
CA LEU D 92 -18.61 44.52 -37.50
C LEU D 92 -18.28 45.63 -38.49
N ASP D 93 -18.26 45.26 -39.77
CA ASP D 93 -18.08 46.20 -40.87
C ASP D 93 -19.45 46.68 -41.35
N PRO D 94 -19.87 47.92 -41.01
CA PRO D 94 -21.23 48.33 -41.45
C PRO D 94 -21.31 48.59 -42.96
N VAL D 95 -21.42 47.50 -43.72
CA VAL D 95 -21.66 47.57 -45.15
C VAL D 95 -23.16 47.69 -45.37
N ILE D 96 -23.56 48.56 -46.30
CA ILE D 96 -24.96 48.79 -46.62
C ILE D 96 -25.16 48.62 -48.13
N GLY D 97 -26.39 48.82 -48.58
CA GLY D 97 -26.82 48.42 -49.89
C GLY D 97 -27.36 47.02 -49.96
N ARG D 98 -27.03 46.17 -48.98
CA ARG D 98 -27.59 44.84 -48.82
C ARG D 98 -28.83 44.85 -47.93
N ASN D 99 -29.48 46.00 -47.78
CA ASN D 99 -30.62 46.10 -46.87
C ASN D 99 -31.78 45.23 -47.32
N LYS D 100 -31.95 45.05 -48.63
CA LYS D 100 -33.02 44.21 -49.16
C LYS D 100 -32.89 42.77 -48.71
N GLU D 101 -31.66 42.30 -48.47
CA GLU D 101 -31.46 40.94 -47.97
C GLU D 101 -31.70 40.86 -46.47
N ILE D 102 -31.60 41.99 -45.76
CA ILE D 102 -32.11 42.06 -44.38
C ILE D 102 -33.63 42.13 -44.41
N GLN D 103 -34.19 42.85 -45.38
CA GLN D 103 -35.65 42.84 -45.56
C GLN D 103 -36.11 41.43 -45.89
N GLU D 104 -35.33 40.71 -46.69
CA GLU D 104 -35.63 39.30 -46.95
C GLU D 104 -35.36 38.44 -45.72
N ALA D 105 -34.51 38.91 -44.81
CA ALA D 105 -34.33 38.26 -43.53
C ALA D 105 -35.45 38.55 -42.54
N SER D 106 -36.47 39.32 -42.94
CA SER D 106 -37.66 39.45 -42.11
C SER D 106 -38.33 38.09 -41.90
N GLU D 107 -38.32 37.24 -42.92
CA GLU D 107 -38.86 35.89 -42.80
C GLU D 107 -37.87 34.94 -42.11
N ILE D 108 -36.57 35.16 -42.32
CA ILE D 108 -35.56 34.31 -41.68
C ILE D 108 -35.71 34.37 -40.16
N LEU D 109 -36.03 35.55 -39.63
CA LEU D 109 -36.12 35.73 -38.19
C LEU D 109 -37.50 35.38 -37.64
N SER D 110 -38.55 35.47 -38.46
CA SER D 110 -39.93 35.50 -37.98
C SER D 110 -40.70 34.20 -38.12
N ARG D 111 -40.41 33.38 -39.14
CA ARG D 111 -41.17 32.17 -39.38
C ARG D 111 -41.12 31.25 -38.16
N ARG D 112 -42.29 30.91 -37.62
CA ARG D 112 -42.36 30.20 -36.36
C ARG D 112 -41.99 28.73 -36.49
N THR D 113 -42.20 28.13 -37.67
CA THR D 113 -41.90 26.72 -37.87
C THR D 113 -41.53 26.49 -39.32
N LYS D 114 -40.77 25.41 -39.55
CA LYS D 114 -40.30 25.06 -40.89
C LYS D 114 -39.54 26.24 -41.50
N ASN D 115 -38.68 26.84 -40.67
CA ASN D 115 -38.24 28.22 -40.85
C ASN D 115 -36.76 28.35 -41.19
N ASN D 116 -36.13 27.26 -41.64
CA ASN D 116 -34.68 27.28 -41.87
C ASN D 116 -34.41 27.67 -43.33
N PRO D 117 -34.00 28.90 -43.62
CA PRO D 117 -33.87 29.32 -45.03
C PRO D 117 -32.76 28.59 -45.78
N VAL D 118 -32.60 28.99 -47.04
CA VAL D 118 -31.57 28.46 -47.94
C VAL D 118 -30.90 29.65 -48.61
N LEU D 119 -29.82 30.14 -48.00
CA LEU D 119 -29.06 31.28 -48.52
C LEU D 119 -28.14 30.79 -49.64
N VAL D 120 -27.66 31.73 -50.46
CA VAL D 120 -26.74 31.43 -51.55
C VAL D 120 -25.69 32.54 -51.64
N GLY D 121 -24.46 32.18 -52.03
CA GLY D 121 -23.41 33.17 -52.20
C GLY D 121 -22.07 32.56 -52.54
N ASP D 122 -21.09 33.44 -52.76
CA ASP D 122 -19.71 33.06 -53.05
C ASP D 122 -18.92 32.90 -51.74
N ALA D 123 -17.80 32.20 -51.81
CA ALA D 123 -16.92 31.99 -50.65
C ALA D 123 -16.44 33.34 -50.14
N GLY D 124 -16.75 33.66 -48.89
CA GLY D 124 -16.45 34.97 -48.36
C GLY D 124 -17.08 36.11 -49.13
N VAL D 125 -18.22 35.87 -49.78
CA VAL D 125 -18.93 36.94 -50.46
C VAL D 125 -19.37 38.02 -49.49
N GLY D 126 -19.62 37.65 -48.24
CA GLY D 126 -20.22 38.52 -47.26
C GLY D 126 -21.70 38.30 -47.09
N LYS D 127 -22.19 37.08 -47.37
CA LYS D 127 -23.56 36.74 -47.01
C LYS D 127 -23.61 36.35 -45.53
N THR D 128 -22.47 35.93 -44.98
CA THR D 128 -22.27 35.99 -43.54
C THR D 128 -22.43 37.42 -43.04
N ALA D 129 -21.86 38.38 -43.77
CA ALA D 129 -21.95 39.77 -43.35
C ALA D 129 -23.39 40.29 -43.37
N VAL D 130 -24.25 39.68 -44.20
CA VAL D 130 -25.68 39.98 -44.12
C VAL D 130 -26.24 39.52 -42.79
N VAL D 131 -25.97 38.27 -42.40
CA VAL D 131 -26.48 37.76 -41.13
C VAL D 131 -25.81 38.49 -39.97
N GLU D 132 -24.55 38.87 -40.13
CA GLU D 132 -23.95 39.80 -39.17
C GLU D 132 -24.65 41.15 -39.25
N GLY D 133 -24.99 41.59 -40.46
CA GLY D 133 -25.84 42.76 -40.61
C GLY D 133 -27.21 42.55 -40.02
N LEU D 134 -27.71 41.31 -40.04
CA LEU D 134 -28.93 40.98 -39.32
C LEU D 134 -28.69 41.02 -37.82
N ALA D 135 -27.58 40.45 -37.36
CA ALA D 135 -27.21 40.54 -35.95
C ALA D 135 -27.10 41.99 -35.50
N GLN D 136 -26.48 42.83 -36.33
CA GLN D 136 -26.44 44.27 -36.05
C GLN D 136 -27.85 44.83 -35.94
N ALA D 137 -28.76 44.40 -36.80
CA ALA D 137 -30.13 44.87 -36.74
C ALA D 137 -30.82 44.41 -35.45
N ILE D 138 -30.42 43.23 -34.93
CA ILE D 138 -31.01 42.74 -33.68
C ILE D 138 -30.50 43.56 -32.50
N VAL D 139 -29.21 43.89 -32.49
CA VAL D 139 -28.64 44.66 -31.39
C VAL D 139 -29.26 46.05 -31.33
N ASN D 140 -29.37 46.70 -32.48
CA ASN D 140 -29.88 48.07 -32.56
C ASN D 140 -31.41 48.14 -32.54
N GLY D 141 -32.09 47.01 -32.46
CA GLY D 141 -33.55 47.03 -32.48
C GLY D 141 -34.14 47.47 -33.80
N ASP D 142 -33.48 47.15 -34.92
CA ASP D 142 -34.01 47.37 -36.26
C ASP D 142 -34.75 46.14 -36.77
N VAL D 143 -35.35 45.36 -35.86
CA VAL D 143 -36.00 44.10 -36.17
C VAL D 143 -37.30 44.05 -35.38
N PRO D 144 -38.26 43.23 -35.81
CA PRO D 144 -39.50 43.10 -35.03
C PRO D 144 -39.28 42.33 -33.74
N ALA D 145 -40.34 42.28 -32.93
CA ALA D 145 -40.26 41.64 -31.63
C ALA D 145 -40.14 40.12 -31.72
N ALA D 146 -40.36 39.54 -32.90
CA ALA D 146 -40.27 38.09 -33.05
C ALA D 146 -38.87 37.57 -32.72
N ILE D 147 -37.84 38.41 -32.87
CA ILE D 147 -36.45 38.02 -32.76
C ILE D 147 -35.75 38.76 -31.61
N LYS D 148 -36.51 39.35 -30.70
CA LYS D 148 -35.89 40.10 -29.61
C LYS D 148 -35.11 39.15 -28.71
N ASN D 149 -33.88 39.55 -28.36
CA ASN D 149 -33.03 38.82 -27.44
C ASN D 149 -32.71 37.41 -27.96
N LYS D 150 -32.57 37.28 -29.28
CA LYS D 150 -32.17 36.03 -29.91
C LYS D 150 -30.71 36.13 -30.33
N GLU D 151 -29.85 35.38 -29.66
CA GLU D 151 -28.42 35.38 -29.91
C GLU D 151 -28.12 34.53 -31.14
N ILE D 152 -27.03 34.87 -31.83
CA ILE D 152 -26.54 34.09 -32.98
C ILE D 152 -25.14 33.61 -32.62
N VAL D 153 -24.87 32.34 -32.93
CA VAL D 153 -23.55 31.73 -32.73
C VAL D 153 -23.19 30.99 -34.02
N SER D 154 -21.96 31.18 -34.48
CA SER D 154 -21.45 30.45 -35.64
C SER D 154 -20.84 29.14 -35.17
N ILE D 155 -21.44 28.02 -35.59
CA ILE D 155 -20.99 26.69 -35.22
C ILE D 155 -20.04 26.23 -36.31
N ASP D 156 -18.80 25.93 -35.92
CA ASP D 156 -17.71 25.66 -36.87
C ASP D 156 -17.67 24.16 -37.17
N ILE D 157 -18.36 23.76 -38.23
CA ILE D 157 -18.32 22.37 -38.66
C ILE D 157 -16.95 21.98 -39.22
N SER D 158 -16.18 22.96 -39.70
CA SER D 158 -14.83 22.66 -40.19
C SER D 158 -13.91 22.15 -39.08
N GLY D 159 -14.21 22.44 -37.83
CA GLY D 159 -13.54 21.85 -36.69
C GLY D 159 -14.11 20.52 -36.25
N LEU D 160 -14.87 19.85 -37.12
CA LEU D 160 -15.40 18.54 -36.79
C LEU D 160 -14.27 17.55 -36.53
N GLU D 161 -14.45 16.69 -35.53
CA GLU D 161 -13.49 15.68 -35.09
C GLU D 161 -12.21 16.27 -34.48
N ALA D 162 -12.16 17.58 -34.26
CA ALA D 162 -10.95 18.19 -33.71
C ALA D 162 -10.80 17.83 -32.24
N GLY D 163 -9.69 17.19 -31.90
CA GLY D 163 -9.39 16.79 -30.55
C GLY D 163 -9.72 15.34 -30.22
N THR D 164 -10.34 14.61 -31.14
CA THR D 164 -10.64 13.20 -30.92
C THR D 164 -9.45 12.29 -31.17
N GLN D 165 -8.42 12.77 -31.87
CA GLN D 165 -7.27 11.97 -32.32
C GLN D 165 -7.66 10.84 -33.26
N TYR D 166 -8.91 10.82 -33.75
CA TYR D 166 -9.48 9.69 -34.47
C TYR D 166 -9.37 8.39 -33.67
N ARG D 167 -9.40 8.49 -32.34
CA ARG D 167 -9.50 7.37 -31.43
C ARG D 167 -10.75 7.39 -30.57
N GLY D 168 -11.28 8.57 -30.28
CA GLY D 168 -12.45 8.76 -29.45
C GLY D 168 -13.71 8.96 -30.25
N SER D 169 -14.54 9.92 -29.81
CA SER D 169 -15.81 10.20 -30.45
C SER D 169 -16.10 11.69 -30.38
N PHE D 170 -16.96 12.15 -31.30
CA PHE D 170 -17.46 13.51 -31.33
C PHE D 170 -18.98 13.60 -31.25
N GLU D 171 -19.70 12.52 -31.54
CA GLU D 171 -21.15 12.60 -31.73
C GLU D 171 -21.86 13.09 -30.47
N GLU D 172 -21.25 12.91 -29.31
CA GLU D 172 -21.80 13.46 -28.08
C GLU D 172 -21.57 14.96 -27.97
N ASN D 173 -20.45 15.47 -28.47
CA ASN D 173 -20.23 16.91 -28.54
C ASN D 173 -21.19 17.60 -29.50
N VAL D 174 -21.84 16.84 -30.38
CA VAL D 174 -22.93 17.35 -31.22
C VAL D 174 -24.24 17.40 -30.43
N GLN D 175 -24.61 16.29 -29.80
CA GLN D 175 -25.76 16.28 -28.91
C GLN D 175 -25.59 17.28 -27.76
N ASN D 176 -24.34 17.60 -27.40
CA ASN D 176 -24.09 18.65 -26.42
C ASN D 176 -24.27 20.05 -26.98
N LEU D 177 -24.22 20.23 -28.31
CA LEU D 177 -24.70 21.49 -28.87
C LEU D 177 -26.20 21.64 -28.63
N VAL D 178 -26.96 20.57 -28.89
CA VAL D 178 -28.40 20.57 -28.65
C VAL D 178 -28.70 20.81 -27.17
N ASN D 179 -27.96 20.14 -26.29
CA ASN D 179 -28.30 20.12 -24.86
C ASN D 179 -28.24 21.49 -24.21
N GLU D 180 -27.40 22.41 -24.69
CA GLU D 180 -27.40 23.75 -24.14
C GLU D 180 -28.53 24.61 -24.72
N VAL D 181 -28.67 24.64 -26.04
CA VAL D 181 -29.55 25.62 -26.67
C VAL D 181 -31.03 25.24 -26.55
N LYS D 182 -31.34 23.95 -26.44
CA LYS D 182 -32.72 23.55 -26.26
C LYS D 182 -33.29 24.12 -24.96
N GLU D 183 -32.48 24.17 -23.91
CA GLU D 183 -32.89 24.68 -22.60
C GLU D 183 -32.39 26.09 -22.31
N ALA D 184 -31.27 26.50 -22.90
CA ALA D 184 -30.81 27.87 -22.72
C ALA D 184 -31.83 28.86 -23.27
N GLY D 185 -32.48 28.50 -24.36
CA GLY D 185 -33.55 29.32 -24.90
C GLY D 185 -33.05 30.52 -25.68
N ASN D 186 -33.72 30.78 -26.79
CA ASN D 186 -33.52 32.00 -27.60
C ASN D 186 -32.10 32.05 -28.19
N ILE D 187 -31.69 30.94 -28.82
CA ILE D 187 -30.42 30.85 -29.53
C ILE D 187 -30.71 30.62 -31.01
N ILE D 188 -30.04 31.39 -31.85
CA ILE D 188 -29.96 31.15 -33.29
C ILE D 188 -28.57 30.60 -33.56
N LEU D 189 -28.45 29.75 -34.58
CA LEU D 189 -27.16 29.17 -34.97
C LEU D 189 -26.89 29.44 -36.45
N PHE D 190 -25.60 29.52 -36.79
CA PHE D 190 -25.19 30.00 -38.10
C PHE D 190 -24.10 29.11 -38.69
N PHE D 191 -24.05 29.04 -40.02
CA PHE D 191 -22.90 28.50 -40.74
C PHE D 191 -22.58 29.37 -41.94
N ASP D 192 -21.30 29.40 -42.30
CA ASP D 192 -20.86 30.11 -43.50
C ASP D 192 -21.36 29.42 -44.76
N ALA D 193 -21.02 28.14 -44.93
CA ALA D 193 -21.49 27.36 -46.06
C ALA D 193 -21.40 25.88 -45.69
N ILE D 194 -22.50 25.16 -45.86
CA ILE D 194 -22.55 23.72 -45.59
C ILE D 194 -23.20 23.03 -46.78
N HIS D 195 -22.55 21.95 -47.22
CA HIS D 195 -23.22 20.80 -47.83
C HIS D 195 -22.80 19.52 -47.11
N GLN D 196 -21.64 19.54 -46.45
CA GLN D 196 -21.01 18.35 -45.88
C GLN D 196 -21.75 17.82 -44.64
N ILE D 197 -22.75 18.53 -44.12
CA ILE D 197 -23.46 18.04 -42.93
C ILE D 197 -24.15 16.72 -43.23
N LEU D 198 -24.64 16.54 -44.46
CA LEU D 198 -25.39 15.36 -44.83
C LEU D 198 -24.49 14.17 -45.16
N GLY D 199 -23.18 14.28 -44.92
CA GLY D 199 -22.33 13.09 -44.99
C GLY D 199 -22.74 12.05 -43.98
N ALA D 200 -22.93 12.47 -42.73
CA ALA D 200 -23.60 11.65 -41.71
C ALA D 200 -25.11 11.83 -41.88
N GLY D 201 -25.60 11.42 -43.05
CA GLY D 201 -26.98 11.68 -43.43
C GLY D 201 -27.25 11.17 -44.83
N SER D 202 -27.92 12.00 -45.63
CA SER D 202 -28.30 11.67 -47.00
C SER D 202 -27.70 12.72 -47.93
N THR D 203 -26.62 12.36 -48.63
CA THR D 203 -25.98 13.25 -49.59
C THR D 203 -25.59 12.43 -50.82
N GLY D 204 -24.74 13.03 -51.67
CA GLY D 204 -24.36 12.42 -52.92
C GLY D 204 -23.04 11.68 -52.87
N GLY D 205 -21.99 12.28 -53.45
CA GLY D 205 -20.70 11.62 -53.56
C GLY D 205 -20.03 11.37 -52.23
N ASP D 206 -20.29 12.22 -51.24
CA ASP D 206 -19.69 12.12 -49.91
C ASP D 206 -20.65 11.49 -48.90
N SER D 207 -21.45 10.53 -49.33
CA SER D 207 -22.36 9.82 -48.44
C SER D 207 -21.59 8.84 -47.56
N GLY D 208 -21.96 8.79 -46.28
CA GLY D 208 -21.36 7.89 -45.32
C GLY D 208 -20.24 8.51 -44.50
N SER D 209 -19.74 9.68 -44.89
CA SER D 209 -18.71 10.35 -44.12
C SER D 209 -19.31 10.89 -42.82
N LYS D 210 -18.44 11.52 -42.02
CA LYS D 210 -18.86 12.05 -40.73
C LYS D 210 -19.41 13.45 -40.88
N GLY D 211 -20.39 13.78 -40.04
CA GLY D 211 -21.05 15.07 -40.11
C GLY D 211 -21.85 15.33 -38.87
N LEU D 212 -22.87 16.19 -39.02
CA LEU D 212 -23.79 16.51 -37.93
C LEU D 212 -25.23 16.07 -38.18
N ALA D 213 -25.58 15.71 -39.43
CA ALA D 213 -27.00 15.58 -39.79
C ALA D 213 -27.69 14.46 -39.02
N ASP D 214 -26.96 13.43 -38.59
CA ASP D 214 -27.59 12.35 -37.84
C ASP D 214 -28.19 12.84 -36.53
N ILE D 215 -27.68 13.93 -35.97
CA ILE D 215 -28.23 14.53 -34.76
C ILE D 215 -29.17 15.70 -35.10
N LEU D 216 -28.90 16.40 -36.21
CA LEU D 216 -29.68 17.59 -36.53
C LEU D 216 -30.89 17.27 -37.39
N LYS D 217 -30.83 16.21 -38.20
CA LYS D 217 -31.97 15.83 -39.03
C LYS D 217 -33.16 15.44 -38.15
N PRO D 218 -32.95 14.72 -37.03
CA PRO D 218 -34.03 14.67 -36.02
C PRO D 218 -34.39 16.04 -35.47
N ALA D 219 -33.39 16.88 -35.17
CA ALA D 219 -33.68 18.21 -34.63
C ALA D 219 -34.48 19.05 -35.61
N LEU D 220 -34.26 18.86 -36.92
CA LEU D 220 -35.12 19.49 -37.90
C LEU D 220 -36.53 18.93 -37.84
N SER D 221 -36.65 17.60 -37.77
CA SER D 221 -37.96 16.97 -37.72
C SER D 221 -38.70 17.34 -36.44
N ARG D 222 -37.98 17.45 -35.32
CA ARG D 222 -38.60 17.86 -34.06
C ARG D 222 -38.94 19.34 -34.05
N GLY D 223 -38.16 20.17 -34.74
CA GLY D 223 -38.34 21.61 -34.68
C GLY D 223 -37.61 22.26 -33.52
N GLU D 224 -36.53 21.65 -33.04
CA GLU D 224 -35.77 22.18 -31.92
C GLU D 224 -34.74 23.22 -32.36
N LEU D 225 -33.93 22.89 -33.36
CA LEU D 225 -32.80 23.72 -33.77
C LEU D 225 -33.01 24.23 -35.19
N THR D 226 -32.78 25.52 -35.40
CA THR D 226 -32.73 26.13 -36.71
C THR D 226 -31.33 26.73 -36.90
N VAL D 227 -30.60 26.23 -37.90
CA VAL D 227 -29.25 26.68 -38.19
C VAL D 227 -29.22 27.18 -39.64
N ILE D 228 -28.61 28.35 -39.85
CA ILE D 228 -28.84 29.13 -41.06
C ILE D 228 -27.50 29.50 -41.71
N GLY D 229 -27.53 29.57 -43.03
CA GLY D 229 -26.33 29.86 -43.80
C GLY D 229 -26.53 29.53 -45.26
N ALA D 230 -25.45 29.71 -46.03
CA ALA D 230 -25.51 29.71 -47.49
C ALA D 230 -24.76 28.53 -48.10
N THR D 231 -24.96 28.34 -49.39
CA THR D 231 -24.26 27.33 -50.18
C THR D 231 -24.37 27.69 -51.66
N THR D 232 -24.05 26.74 -52.53
CA THR D 232 -24.23 26.89 -53.97
C THR D 232 -25.67 26.52 -54.33
N GLN D 233 -26.31 27.34 -55.19
CA GLN D 233 -27.71 27.11 -55.53
C GLN D 233 -27.92 25.78 -56.24
N ASP D 234 -26.94 25.34 -57.02
CA ASP D 234 -26.99 24.05 -57.69
C ASP D 234 -26.72 22.88 -56.76
N GLU D 235 -26.00 23.10 -55.65
CA GLU D 235 -25.84 22.05 -54.65
C GLU D 235 -27.14 21.75 -53.92
N TYR D 236 -28.09 22.69 -53.94
CA TYR D 236 -29.39 22.49 -53.30
C TYR D 236 -30.18 21.34 -53.92
N ARG D 237 -29.82 20.90 -55.12
CA ARG D 237 -30.52 19.82 -55.80
C ARG D 237 -30.63 18.55 -54.96
N ASN D 238 -29.69 18.33 -54.03
CA ASN D 238 -29.68 17.13 -53.19
C ASN D 238 -30.82 17.12 -52.15
N THR D 239 -31.64 18.16 -52.09
CA THR D 239 -32.83 18.15 -51.25
C THR D 239 -33.71 16.94 -51.53
N ILE D 240 -33.78 16.54 -52.80
CA ILE D 240 -34.66 15.45 -53.20
C ILE D 240 -34.32 14.14 -52.50
N LEU D 241 -33.07 13.98 -52.05
CA LEU D 241 -32.67 12.74 -51.38
C LEU D 241 -33.46 12.53 -50.09
N LYS D 242 -33.60 13.57 -49.26
CA LYS D 242 -34.38 13.53 -48.03
C LYS D 242 -35.23 14.80 -47.96
N ASN D 243 -36.00 15.02 -49.04
CA ASN D 243 -36.97 16.11 -49.07
C ASN D 243 -37.88 16.15 -47.84
N ALA D 244 -38.23 14.99 -47.29
CA ALA D 244 -39.13 14.94 -46.13
C ALA D 244 -38.56 15.70 -44.94
N ALA D 245 -37.23 15.71 -44.78
CA ALA D 245 -36.58 16.46 -43.72
C ALA D 245 -36.11 17.85 -44.17
N LEU D 246 -35.74 17.99 -45.44
CA LEU D 246 -35.15 19.23 -45.94
C LEU D 246 -36.16 20.10 -46.70
N ALA D 247 -36.93 19.52 -47.62
CA ALA D 247 -37.91 20.31 -48.35
C ALA D 247 -39.06 20.75 -47.46
N ARG D 248 -39.47 19.90 -46.51
CA ARG D 248 -40.54 20.23 -45.59
C ARG D 248 -40.09 21.07 -44.39
N ARG D 249 -38.86 21.60 -44.41
CA ARG D 249 -38.36 22.45 -43.35
C ARG D 249 -37.67 23.72 -43.86
N PHE D 250 -37.60 23.93 -45.17
CA PHE D 250 -36.79 24.99 -45.75
C PHE D 250 -37.61 25.94 -46.61
N ASN D 251 -37.02 27.09 -46.90
CA ASN D 251 -37.57 28.11 -47.78
C ASN D 251 -36.41 28.75 -48.53
N GLU D 252 -36.58 28.96 -49.84
CA GLU D 252 -35.46 29.42 -50.66
C GLU D 252 -35.28 30.93 -50.56
N VAL D 253 -34.01 31.37 -50.58
CA VAL D 253 -33.64 32.78 -50.54
C VAL D 253 -33.38 33.24 -51.97
N LYS D 254 -33.71 34.51 -52.25
CA LYS D 254 -33.34 35.15 -53.50
C LYS D 254 -31.88 35.56 -53.41
N VAL D 255 -31.10 35.10 -54.39
CA VAL D 255 -29.67 34.87 -54.25
C VAL D 255 -28.93 36.14 -53.84
N ASN D 256 -28.86 37.12 -54.75
CA ASN D 256 -28.06 38.32 -54.54
C ASN D 256 -28.23 39.21 -55.77
N ALA D 257 -27.81 40.46 -55.64
CA ALA D 257 -27.79 41.40 -56.75
C ALA D 257 -26.67 42.41 -56.56
N PRO D 258 -25.40 41.99 -56.71
CA PRO D 258 -24.27 42.92 -56.48
C PRO D 258 -24.11 43.94 -57.60
N SER D 259 -24.86 45.03 -57.49
CA SER D 259 -24.81 46.09 -58.50
C SER D 259 -23.61 46.99 -58.27
N ALA D 260 -23.13 47.61 -59.35
CA ALA D 260 -22.03 48.57 -59.24
C ALA D 260 -22.48 49.87 -58.58
N GLU D 261 -23.79 50.14 -58.57
CA GLU D 261 -24.29 51.37 -57.95
C GLU D 261 -23.97 51.42 -56.46
N ASN D 262 -24.26 50.34 -55.73
CA ASN D 262 -23.95 50.26 -54.31
C ASN D 262 -22.49 49.93 -54.07
N THR D 263 -21.79 49.40 -55.08
CA THR D 263 -20.36 49.11 -54.94
C THR D 263 -19.58 50.37 -54.59
N PHE D 264 -19.88 51.49 -55.27
CA PHE D 264 -19.06 52.69 -55.13
C PHE D 264 -19.07 53.23 -53.70
N LYS D 265 -20.26 53.31 -53.09
CA LYS D 265 -20.32 53.75 -51.70
C LYS D 265 -19.56 52.81 -50.78
N ILE D 266 -19.59 51.51 -51.08
CA ILE D 266 -18.76 50.58 -50.34
C ILE D 266 -17.29 50.87 -50.61
N LEU D 267 -16.93 51.11 -51.88
CA LEU D 267 -15.53 51.36 -52.25
C LEU D 267 -14.95 52.53 -51.47
N GLN D 268 -15.75 53.55 -51.16
CA GLN D 268 -15.29 54.60 -50.25
C GLN D 268 -15.09 54.05 -48.84
N GLY D 269 -15.88 53.05 -48.46
CA GLY D 269 -15.63 52.36 -47.21
C GLY D 269 -14.40 51.46 -47.28
N ILE D 270 -14.06 50.99 -48.48
CA ILE D 270 -12.92 50.08 -48.63
C ILE D 270 -11.61 50.85 -48.50
N ARG D 271 -11.55 52.07 -49.05
CA ARG D 271 -10.28 52.81 -48.97
C ARG D 271 -9.92 53.15 -47.53
N ASP D 272 -10.85 53.74 -46.78
CA ASP D 272 -10.62 54.07 -45.36
C ASP D 272 -10.27 52.86 -44.52
N LEU D 273 -10.56 51.64 -44.99
CA LEU D 273 -10.15 50.40 -44.34
C LEU D 273 -8.75 49.96 -44.73
N TYR D 274 -8.28 50.30 -45.94
CA TYR D 274 -7.01 49.80 -46.47
C TYR D 274 -6.03 50.87 -46.92
N GLN D 275 -6.49 52.07 -47.31
CA GLN D 275 -5.55 53.06 -47.83
C GLN D 275 -4.57 53.54 -46.77
N GLN D 276 -4.91 53.42 -45.49
CA GLN D 276 -3.96 53.75 -44.43
C GLN D 276 -2.85 52.73 -44.29
N HIS D 277 -3.00 51.53 -44.87
CA HIS D 277 -2.01 50.48 -44.70
C HIS D 277 -0.69 50.83 -45.39
N HIS D 278 -0.74 51.50 -46.54
CA HIS D 278 0.44 51.78 -47.36
C HIS D 278 0.71 53.27 -47.54
N ASN D 279 0.04 54.12 -46.75
CA ASN D 279 0.19 55.57 -46.89
C ASN D 279 -0.19 56.02 -48.31
N VAL D 280 -1.24 55.40 -48.85
CA VAL D 280 -1.72 55.67 -50.20
C VAL D 280 -3.00 56.49 -50.13
N ILE D 281 -3.24 57.32 -51.14
CA ILE D 281 -4.52 57.98 -51.37
C ILE D 281 -5.23 57.27 -52.50
N LEU D 282 -6.52 56.98 -52.31
CA LEU D 282 -7.36 56.29 -53.29
C LEU D 282 -8.55 57.20 -53.59
N PRO D 283 -8.39 58.23 -54.42
CA PRO D 283 -9.51 59.16 -54.68
C PRO D 283 -10.63 58.48 -55.43
N ASP D 284 -11.68 59.28 -55.71
CA ASP D 284 -12.89 58.73 -56.31
C ASP D 284 -12.64 58.18 -57.70
N GLU D 285 -11.84 58.87 -58.53
CA GLU D 285 -11.59 58.38 -59.88
C GLU D 285 -10.85 57.05 -59.89
N VAL D 286 -10.06 56.76 -58.85
CA VAL D 286 -9.41 55.46 -58.75
C VAL D 286 -10.42 54.38 -58.35
N LEU D 287 -11.29 54.70 -57.40
CA LEU D 287 -12.32 53.75 -57.00
C LEU D 287 -13.24 53.41 -58.17
N LYS D 288 -13.68 54.42 -58.91
CA LYS D 288 -14.50 54.18 -60.09
C LYS D 288 -13.74 53.37 -61.13
N ALA D 289 -12.49 53.76 -61.40
CA ALA D 289 -11.68 53.04 -62.37
C ALA D 289 -11.43 51.60 -61.93
N ALA D 290 -11.43 51.34 -60.61
CA ALA D 290 -11.19 49.99 -60.13
C ALA D 290 -12.28 49.01 -60.56
N VAL D 291 -13.47 49.51 -60.92
CA VAL D 291 -14.58 48.68 -61.41
C VAL D 291 -14.98 49.07 -62.82
N ASP D 292 -15.11 50.38 -63.08
CA ASP D 292 -15.59 50.84 -64.38
C ASP D 292 -14.62 50.45 -65.51
N TYR D 293 -13.31 50.50 -65.25
CA TYR D 293 -12.34 50.07 -66.25
C TYR D 293 -12.12 48.56 -66.20
N SER D 294 -12.21 47.95 -65.02
CA SER D 294 -11.86 46.54 -64.87
C SER D 294 -13.02 45.60 -65.23
N VAL D 295 -14.27 46.04 -65.07
CA VAL D 295 -15.42 45.18 -65.37
C VAL D 295 -15.36 44.61 -66.78
N GLN D 296 -14.75 45.36 -67.70
CA GLN D 296 -14.62 44.90 -69.08
C GLN D 296 -13.81 43.61 -69.21
N TYR D 297 -12.86 43.37 -68.30
CA TYR D 297 -11.90 42.28 -68.43
C TYR D 297 -11.94 41.31 -67.25
N ILE D 298 -13.06 41.24 -66.53
CA ILE D 298 -13.23 40.33 -65.40
C ILE D 298 -14.49 39.53 -65.63
N PRO D 299 -14.41 38.33 -66.22
CA PRO D 299 -15.59 37.45 -66.29
C PRO D 299 -15.92 36.72 -64.99
N GLN D 300 -15.33 37.11 -63.86
CA GLN D 300 -15.44 36.37 -62.62
C GLN D 300 -16.58 36.90 -61.76
N ARG D 301 -17.13 36.00 -60.95
CA ARG D 301 -18.10 36.38 -59.92
C ARG D 301 -17.45 37.21 -58.81
N SER D 302 -16.11 37.18 -58.71
CA SER D 302 -15.40 37.89 -57.65
C SER D 302 -15.12 39.35 -57.97
N LEU D 303 -15.79 39.94 -58.96
CA LEU D 303 -15.57 41.34 -59.32
C LEU D 303 -15.78 42.32 -58.17
N PRO D 304 -16.81 42.19 -57.32
CA PRO D 304 -17.05 43.23 -56.30
C PRO D 304 -15.88 43.46 -55.34
N ASP D 305 -14.99 42.47 -55.20
CA ASP D 305 -13.78 42.62 -54.40
C ASP D 305 -12.53 42.72 -55.26
N LYS D 306 -12.66 42.81 -56.58
CA LYS D 306 -11.48 42.97 -57.43
C LYS D 306 -10.86 44.35 -57.23
N ALA D 307 -11.65 45.35 -56.84
CA ALA D 307 -11.10 46.68 -56.61
C ALA D 307 -10.06 46.68 -55.50
N ILE D 308 -10.21 45.79 -54.52
CA ILE D 308 -9.20 45.65 -53.48
C ILE D 308 -7.88 45.17 -54.08
N ASP D 309 -7.95 44.16 -54.95
CA ASP D 309 -6.74 43.61 -55.54
C ASP D 309 -5.99 44.66 -56.35
N LEU D 310 -6.71 45.56 -57.03
CA LEU D 310 -6.05 46.54 -57.87
C LEU D 310 -5.33 47.59 -57.03
N VAL D 311 -5.96 48.05 -55.95
CA VAL D 311 -5.30 49.02 -55.08
C VAL D 311 -4.24 48.34 -54.21
N ASP D 312 -4.44 47.05 -53.89
CA ASP D 312 -3.41 46.31 -53.17
C ASP D 312 -2.15 46.13 -54.00
N VAL D 313 -2.32 45.69 -55.25
CA VAL D 313 -1.16 45.48 -56.13
C VAL D 313 -0.58 46.81 -56.57
N THR D 314 -1.42 47.84 -56.70
CA THR D 314 -0.91 49.17 -56.99
C THR D 314 0.06 49.63 -55.90
N ALA D 315 -0.35 49.53 -54.64
CA ALA D 315 0.55 49.87 -53.54
C ALA D 315 1.77 48.97 -53.53
N ALA D 316 1.60 47.70 -53.89
CA ALA D 316 2.74 46.79 -53.97
C ALA D 316 3.74 47.24 -55.04
N HIS D 317 3.23 47.73 -56.18
CA HIS D 317 4.10 48.19 -57.24
C HIS D 317 4.62 49.59 -56.97
N LEU D 318 3.78 50.46 -56.39
CA LEU D 318 4.27 51.76 -55.94
C LEU D 318 5.28 51.62 -54.81
N ALA D 319 5.18 50.56 -54.01
CA ALA D 319 6.13 50.33 -52.93
C ALA D 319 7.53 50.00 -53.44
N ALA D 320 7.67 49.73 -54.75
CA ALA D 320 9.01 49.53 -55.32
C ALA D 320 9.82 50.82 -55.34
N GLN D 321 9.19 51.98 -55.14
CA GLN D 321 9.94 53.23 -55.07
C GLN D 321 10.72 53.36 -53.77
N HIS D 322 10.13 52.95 -52.64
CA HIS D 322 10.75 53.10 -51.33
C HIS D 322 10.75 51.79 -50.55
N PRO D 323 11.53 50.80 -50.97
CA PRO D 323 11.81 49.64 -50.10
C PRO D 323 13.10 49.73 -49.30
N VAL D 324 13.84 50.84 -49.36
CA VAL D 324 15.22 50.87 -48.86
C VAL D 324 15.49 52.05 -47.93
N THR D 325 14.44 52.68 -47.40
CA THR D 325 14.67 53.76 -46.43
C THR D 325 15.29 53.17 -45.17
N ASP D 326 16.43 53.73 -44.77
CA ASP D 326 17.15 53.25 -43.59
C ASP D 326 16.62 53.91 -42.31
N VAL D 327 15.32 53.69 -42.07
CA VAL D 327 14.72 54.16 -40.83
C VAL D 327 15.41 53.52 -39.63
N HIS D 328 15.83 52.26 -39.77
CA HIS D 328 16.48 51.56 -38.68
C HIS D 328 17.91 52.06 -38.43
N ALA D 329 18.52 52.75 -39.38
CA ALA D 329 19.85 53.32 -39.15
C ALA D 329 19.83 54.31 -38.00
N VAL D 330 18.72 55.04 -37.84
CA VAL D 330 18.57 55.98 -36.73
C VAL D 330 18.08 55.25 -35.48
N GLU D 331 17.16 54.28 -35.65
CA GLU D 331 16.67 53.52 -34.50
C GLU D 331 17.82 52.79 -33.79
N ARG D 332 18.75 52.23 -34.57
CA ARG D 332 19.90 51.56 -33.97
C ARG D 332 20.81 52.57 -33.27
N GLU D 333 20.86 53.81 -33.77
CA GLU D 333 21.58 54.86 -33.06
C GLU D 333 20.88 55.23 -31.76
N ILE D 334 19.54 55.24 -31.77
CA ILE D 334 18.79 55.59 -30.56
C ILE D 334 19.01 54.52 -29.49
N GLU D 335 18.94 53.25 -29.88
CA GLU D 335 19.12 52.16 -28.91
C GLU D 335 20.51 52.20 -28.28
N THR D 336 21.51 52.65 -29.05
CA THR D 336 22.84 52.87 -28.48
C THR D 336 22.82 54.05 -27.51
N GLU D 337 22.31 55.20 -27.96
CA GLU D 337 22.30 56.39 -27.12
C GLU D 337 21.40 56.20 -25.90
N LYS D 338 20.30 55.48 -26.04
CA LYS D 338 19.47 55.16 -24.89
C LYS D 338 20.21 54.23 -23.93
N ASP D 339 20.97 53.28 -24.47
CA ASP D 339 21.73 52.37 -23.62
C ASP D 339 22.81 53.13 -22.84
N LYS D 340 23.40 54.15 -23.45
CA LYS D 340 24.30 55.03 -22.70
C LYS D 340 23.52 55.87 -21.69
N GLN D 341 22.35 56.37 -22.10
CA GLN D 341 21.49 57.15 -21.22
C GLN D 341 21.17 56.38 -19.94
N GLU D 342 20.77 55.11 -20.08
CA GLU D 342 20.49 54.29 -18.91
C GLU D 342 21.70 54.18 -18.00
N LYS D 343 22.91 54.20 -18.58
CA LYS D 343 24.12 54.12 -17.77
C LYS D 343 24.47 55.47 -17.17
N ALA D 344 24.23 56.56 -17.91
CA ALA D 344 24.42 57.90 -17.35
C ALA D 344 23.52 58.12 -16.15
N VAL D 345 22.35 57.49 -16.15
CA VAL D 345 21.40 57.64 -15.04
C VAL D 345 21.90 56.87 -13.83
N GLU D 346 22.34 55.63 -14.03
CA GLU D 346 22.82 54.82 -12.91
C GLU D 346 24.03 55.47 -12.25
N ALA D 347 24.88 56.11 -13.04
CA ALA D 347 26.00 56.90 -12.51
C ALA D 347 25.56 58.26 -11.99
N GLU D 348 24.28 58.62 -12.15
CA GLU D 348 23.76 59.91 -11.74
C GLU D 348 24.52 61.05 -12.41
N ASP D 349 24.82 60.86 -13.69
CA ASP D 349 25.44 61.88 -14.54
C ASP D 349 24.33 62.41 -15.43
N PHE D 350 23.68 63.49 -14.97
CA PHE D 350 22.47 63.98 -15.60
C PHE D 350 22.70 65.13 -16.56
N GLU D 351 23.91 65.71 -16.62
CA GLU D 351 24.25 66.52 -17.78
C GLU D 351 24.39 65.63 -19.00
N ALA D 352 25.00 64.46 -18.85
CA ALA D 352 25.12 63.51 -19.95
C ALA D 352 23.76 62.90 -20.28
N ALA D 353 22.99 62.54 -19.25
CA ALA D 353 21.69 61.92 -19.48
C ALA D 353 20.74 62.86 -20.21
N LEU D 354 20.75 64.15 -19.82
CA LEU D 354 19.92 65.13 -20.51
C LEU D 354 20.36 65.31 -21.96
N ASN D 355 21.67 65.34 -22.19
CA ASN D 355 22.19 65.50 -23.55
C ASN D 355 21.72 64.37 -24.46
N TYR D 356 21.58 63.16 -23.92
CA TYR D 356 21.15 62.02 -24.73
C TYR D 356 19.66 62.07 -25.00
N LYS D 357 18.85 62.42 -24.00
CA LYS D 357 17.43 62.64 -24.24
C LYS D 357 17.21 63.76 -25.24
N THR D 358 18.10 64.75 -25.26
CA THR D 358 18.01 65.83 -26.23
C THR D 358 18.27 65.31 -27.65
N ARG D 359 19.36 64.55 -27.83
CA ARG D 359 19.69 64.05 -29.16
C ARG D 359 18.64 63.06 -29.66
N ILE D 360 18.20 62.13 -28.80
CA ILE D 360 17.22 61.12 -29.22
C ILE D 360 15.93 61.78 -29.70
N ALA D 361 15.49 62.83 -28.99
CA ALA D 361 14.28 63.52 -29.39
C ALA D 361 14.39 64.05 -30.81
N GLU D 362 15.54 64.65 -31.15
CA GLU D 362 15.79 65.03 -32.54
C GLU D 362 15.82 63.79 -33.44
N LEU D 363 16.51 62.74 -33.00
CA LEU D 363 16.62 61.53 -33.83
C LEU D 363 15.25 60.88 -34.04
N GLU D 364 14.39 60.91 -33.02
CA GLU D 364 13.04 60.36 -33.19
C GLU D 364 12.23 61.21 -34.16
N ARG D 365 12.40 62.53 -34.12
CA ARG D 365 11.69 63.39 -35.06
C ARG D 365 12.17 63.16 -36.48
N LYS D 366 13.45 62.82 -36.66
CA LYS D 366 13.96 62.51 -37.99
C LYS D 366 13.27 61.29 -38.57
N ILE D 367 13.12 60.22 -37.77
CA ILE D 367 12.46 59.00 -38.26
C ILE D 367 11.02 59.30 -38.65
N GLU D 368 10.28 59.97 -37.77
CA GLU D 368 8.86 60.21 -38.02
C GLU D 368 8.66 61.09 -39.24
N ASN D 369 9.63 61.94 -39.56
CA ASN D 369 9.54 62.80 -40.74
C ASN D 369 9.88 62.06 -42.03
N HIS D 370 10.44 60.85 -41.96
CA HIS D 370 10.68 60.08 -43.17
C HIS D 370 9.38 59.69 -43.87
N THR D 371 8.29 59.53 -43.12
CA THR D 371 7.00 59.21 -43.71
C THR D 371 6.57 60.24 -44.75
N GLU D 372 6.91 61.52 -44.53
CA GLU D 372 6.50 62.57 -45.45
C GLU D 372 7.23 62.53 -46.77
N ASP D 373 8.37 61.83 -46.85
CA ASP D 373 9.10 61.66 -48.11
C ASP D 373 8.70 60.39 -48.85
N MET D 374 7.61 59.72 -48.43
CA MET D 374 7.22 58.42 -48.97
C MET D 374 5.70 58.42 -49.22
N LYS D 375 5.20 59.49 -49.84
CA LYS D 375 3.81 59.53 -50.25
C LYS D 375 3.59 58.58 -51.42
N VAL D 376 2.50 57.82 -51.35
CA VAL D 376 2.19 56.76 -52.31
C VAL D 376 0.99 57.25 -53.12
N THR D 377 1.23 57.65 -54.37
CA THR D 377 0.20 58.29 -55.21
C THR D 377 0.28 57.70 -56.61
N ALA D 378 -0.62 56.77 -56.91
CA ALA D 378 -0.80 56.32 -58.30
C ALA D 378 -1.63 57.33 -59.08
N SER D 379 -1.28 57.48 -60.35
CA SER D 379 -2.21 58.03 -61.31
C SER D 379 -3.28 56.99 -61.61
N VAL D 380 -4.49 57.46 -61.92
CA VAL D 380 -5.56 56.55 -62.30
C VAL D 380 -5.18 55.78 -63.56
N ASN D 381 -4.34 56.37 -64.41
CA ASN D 381 -3.81 55.65 -65.56
C ASN D 381 -2.87 54.52 -65.13
N ASP D 382 -2.10 54.73 -64.06
CA ASP D 382 -1.24 53.67 -63.55
C ASP D 382 -2.05 52.55 -62.91
N VAL D 383 -3.14 52.90 -62.23
CA VAL D 383 -4.04 51.88 -61.69
C VAL D 383 -4.65 51.07 -62.84
N ALA D 384 -5.05 51.76 -63.91
CA ALA D 384 -5.58 51.07 -65.07
C ALA D 384 -4.52 50.19 -65.72
N GLU D 385 -3.25 50.60 -65.64
CA GLU D 385 -2.18 49.79 -66.21
C GLU D 385 -1.90 48.56 -65.35
N SER D 386 -2.22 48.61 -64.05
CA SER D 386 -2.16 47.42 -63.21
C SER D 386 -3.00 46.27 -63.77
N VAL D 387 -4.08 46.58 -64.46
CA VAL D 387 -4.96 45.57 -65.03
C VAL D 387 -4.23 44.75 -66.09
N GLU D 388 -3.22 45.37 -66.75
CA GLU D 388 -2.43 44.66 -67.75
C GLU D 388 -1.21 43.98 -67.14
N ARG D 389 -0.58 44.62 -66.14
CA ARG D 389 0.69 44.13 -65.62
C ARG D 389 0.58 42.71 -65.09
N MET D 390 -0.44 42.44 -64.27
CA MET D 390 -0.65 41.13 -63.67
C MET D 390 -1.67 40.28 -64.42
N THR D 391 -2.01 40.64 -65.66
CA THR D 391 -2.90 39.84 -66.50
C THR D 391 -2.28 39.56 -67.86
N GLY D 392 -1.44 40.48 -68.35
CA GLY D 392 -0.76 40.29 -69.61
C GLY D 392 -1.63 40.52 -70.83
N ILE D 393 -2.58 41.43 -70.76
CA ILE D 393 -3.61 41.62 -71.78
C ILE D 393 -3.40 43.00 -72.40
N PRO D 394 -2.92 43.12 -73.68
CA PRO D 394 -2.40 44.43 -74.19
C PRO D 394 -3.50 45.45 -74.45
N VAL D 395 -3.86 46.21 -73.41
CA VAL D 395 -5.03 47.08 -73.44
C VAL D 395 -4.75 48.47 -72.89
N SER D 396 -3.48 48.89 -72.91
CA SER D 396 -3.13 50.21 -72.40
C SER D 396 -3.75 51.34 -73.22
N GLN D 397 -4.19 51.06 -74.45
CA GLN D 397 -4.83 52.06 -75.29
C GLN D 397 -6.19 52.49 -74.79
N MET D 398 -6.82 51.72 -73.90
CA MET D 398 -8.16 52.02 -73.42
C MET D 398 -8.11 53.09 -72.32
N GLY D 399 -9.22 53.81 -72.10
CA GLY D 399 -10.50 53.71 -72.81
C GLY D 399 -11.70 54.01 -71.95
N ALA D 400 -12.85 54.18 -72.62
CA ALA D 400 -14.15 54.39 -72.00
C ALA D 400 -15.06 53.38 -72.70
N SER D 401 -14.63 52.12 -72.68
CA SER D 401 -14.83 51.19 -73.79
C SER D 401 -16.04 50.28 -73.61
N ASP D 402 -17.14 50.78 -73.06
CA ASP D 402 -18.38 50.02 -73.06
C ASP D 402 -18.86 49.80 -74.49
N ILE D 403 -18.71 50.82 -75.35
CA ILE D 403 -19.19 50.77 -76.73
C ILE D 403 -18.02 50.58 -77.69
N GLU D 404 -16.84 51.09 -77.31
CA GLU D 404 -15.68 51.03 -78.19
C GLU D 404 -15.35 49.59 -78.57
N ARG D 405 -15.37 48.68 -77.59
CA ARG D 405 -15.10 47.28 -77.91
C ARG D 405 -16.22 46.67 -78.73
N LEU D 406 -17.47 47.07 -78.46
CA LEU D 406 -18.62 46.50 -79.15
C LEU D 406 -18.50 46.69 -80.66
N LYS D 407 -18.09 47.87 -81.09
CA LYS D 407 -18.01 48.20 -82.51
C LYS D 407 -16.65 47.91 -83.12
N ASP D 408 -15.56 48.15 -82.37
CA ASP D 408 -14.22 48.09 -82.94
C ASP D 408 -13.56 46.72 -82.85
N MET D 409 -13.94 45.87 -81.90
CA MET D 409 -13.34 44.54 -81.82
C MET D 409 -13.67 43.72 -83.05
N ALA D 410 -14.82 43.99 -83.68
CA ALA D 410 -15.13 43.32 -84.94
C ALA D 410 -14.15 43.76 -86.03
N HIS D 411 -13.89 45.06 -86.13
CA HIS D 411 -12.89 45.55 -87.08
C HIS D 411 -11.50 45.12 -86.66
N ARG D 412 -11.22 45.10 -85.36
CA ARG D 412 -9.92 44.68 -84.87
C ARG D 412 -9.65 43.22 -85.22
N LEU D 413 -10.70 42.39 -85.22
CA LEU D 413 -10.52 40.99 -85.59
C LEU D 413 -10.03 40.87 -87.02
N GLN D 414 -10.81 41.40 -87.98
CA GLN D 414 -10.56 41.17 -89.40
C GLN D 414 -9.17 41.66 -89.83
N ASP D 415 -8.60 42.62 -89.10
CA ASP D 415 -7.22 43.04 -89.38
C ASP D 415 -6.23 41.89 -89.20
N LYS D 416 -6.57 40.87 -88.42
CA LYS D 416 -5.71 39.71 -88.20
C LYS D 416 -6.27 38.42 -88.80
N VAL D 417 -7.40 38.48 -89.52
CA VAL D 417 -8.04 37.28 -90.05
C VAL D 417 -7.47 37.00 -91.45
N ILE D 418 -7.40 35.71 -91.78
CA ILE D 418 -7.15 35.26 -93.16
C ILE D 418 -8.40 34.49 -93.59
N GLY D 419 -9.28 35.16 -94.33
CA GLY D 419 -10.45 34.50 -94.88
C GLY D 419 -11.56 35.49 -95.14
N GLN D 420 -12.78 34.94 -95.23
CA GLN D 420 -13.97 35.73 -95.52
C GLN D 420 -14.21 36.75 -94.41
N ASP D 421 -14.85 37.87 -94.77
CA ASP D 421 -15.04 38.98 -93.84
C ASP D 421 -16.38 38.93 -93.11
N LYS D 422 -17.40 38.30 -93.70
CA LYS D 422 -18.71 38.29 -93.06
C LYS D 422 -18.78 37.38 -91.84
N ALA D 423 -17.71 36.63 -91.53
CA ALA D 423 -17.72 35.79 -90.34
C ALA D 423 -17.81 36.61 -89.07
N VAL D 424 -17.22 37.80 -89.04
CA VAL D 424 -17.21 38.59 -87.81
C VAL D 424 -18.61 39.10 -87.49
N GLU D 425 -19.39 39.46 -88.51
CA GLU D 425 -20.74 39.97 -88.27
C GLU D 425 -21.62 38.91 -87.61
N VAL D 426 -21.35 37.64 -87.87
CA VAL D 426 -22.09 36.55 -87.22
C VAL D 426 -21.68 36.44 -85.76
N VAL D 427 -20.37 36.40 -85.49
CA VAL D 427 -19.89 36.10 -84.14
C VAL D 427 -19.86 37.35 -83.28
N ALA D 428 -19.50 38.50 -83.85
CA ALA D 428 -19.37 39.72 -83.04
C ALA D 428 -20.72 40.18 -82.53
N ARG D 429 -21.77 40.10 -83.35
CA ARG D 429 -23.11 40.54 -82.96
C ARG D 429 -23.58 39.81 -81.72
N ALA D 430 -23.17 38.55 -81.55
CA ALA D 430 -23.58 37.79 -80.38
C ALA D 430 -22.79 38.25 -79.15
N ILE D 431 -21.54 38.68 -79.36
CA ILE D 431 -20.74 39.29 -78.30
C ILE D 431 -21.23 40.71 -78.04
N CYS D 432 -21.88 41.32 -79.04
CA CYS D 432 -22.41 42.66 -78.88
C CYS D 432 -23.74 42.65 -78.13
N ARG D 433 -24.71 41.86 -78.60
CA ARG D 433 -26.05 41.91 -77.99
C ARG D 433 -26.03 41.38 -76.56
N ASN D 434 -25.18 40.40 -76.26
CA ASN D 434 -25.04 39.95 -74.88
C ASN D 434 -24.44 41.04 -74.01
N ARG D 435 -23.27 41.57 -74.38
CA ARG D 435 -22.62 42.59 -73.57
C ARG D 435 -23.48 43.83 -73.45
N ALA D 436 -24.30 44.11 -74.47
CA ALA D 436 -25.27 45.20 -74.37
C ALA D 436 -26.42 44.84 -73.44
N GLY D 437 -26.69 43.55 -73.24
CA GLY D 437 -27.79 43.10 -72.43
C GLY D 437 -29.06 42.82 -73.19
N PHE D 438 -29.03 42.86 -74.52
CA PHE D 438 -30.21 42.57 -75.34
C PHE D 438 -30.14 41.11 -75.77
N ASP D 439 -30.68 40.27 -74.89
CA ASP D 439 -30.63 38.83 -75.05
C ASP D 439 -31.78 38.25 -74.24
N GLU D 440 -32.41 37.21 -74.80
CA GLU D 440 -33.61 36.65 -74.20
C GLU D 440 -33.29 36.09 -72.82
N GLY D 441 -34.36 35.85 -72.04
CA GLY D 441 -34.19 35.50 -70.63
C GLY D 441 -33.39 34.24 -70.40
N ASN D 442 -33.45 33.30 -71.34
CA ASN D 442 -32.64 32.06 -71.27
C ASN D 442 -32.19 31.70 -72.68
N ARG D 443 -31.01 32.20 -73.05
CA ARG D 443 -30.29 31.71 -74.22
C ARG D 443 -28.82 31.62 -73.88
N PRO D 444 -28.18 30.45 -73.97
CA PRO D 444 -26.74 30.57 -74.28
C PRO D 444 -26.62 31.22 -75.65
N ILE D 445 -25.42 31.77 -75.92
CA ILE D 445 -25.15 32.75 -76.98
C ILE D 445 -25.87 32.42 -78.27
N GLY D 446 -25.83 31.15 -78.64
CA GLY D 446 -26.32 30.70 -79.93
C GLY D 446 -25.33 29.74 -80.55
N ASN D 447 -25.86 28.88 -81.41
CA ASN D 447 -25.07 27.78 -81.98
C ASN D 447 -24.52 28.24 -83.33
N PHE D 448 -23.20 28.18 -83.47
CA PHE D 448 -22.50 28.60 -84.68
C PHE D 448 -21.87 27.39 -85.36
N LEU D 449 -21.83 27.45 -86.70
CA LEU D 449 -21.24 26.39 -87.51
C LEU D 449 -20.36 27.03 -88.56
N PHE D 450 -19.07 26.68 -88.55
CA PHE D 450 -18.12 27.07 -89.59
C PHE D 450 -17.81 25.86 -90.45
N VAL D 451 -18.16 25.94 -91.73
CA VAL D 451 -17.84 24.88 -92.69
C VAL D 451 -16.54 25.26 -93.38
N GLY D 452 -15.58 24.35 -93.37
CA GLY D 452 -14.25 24.66 -93.88
C GLY D 452 -13.36 23.43 -93.83
N SER D 453 -12.05 23.68 -93.82
CA SER D 453 -11.05 22.63 -93.75
C SER D 453 -9.98 23.05 -92.75
N THR D 454 -9.07 22.12 -92.43
CA THR D 454 -8.11 22.32 -91.35
C THR D 454 -7.13 23.44 -91.62
N GLY D 455 -6.43 23.89 -90.57
CA GLY D 455 -5.35 24.86 -90.73
C GLY D 455 -5.78 26.26 -90.33
N VAL D 456 -5.46 27.21 -91.19
CA VAL D 456 -5.71 28.62 -90.90
C VAL D 456 -7.21 28.89 -90.80
N GLY D 457 -7.97 28.44 -91.81
CA GLY D 457 -9.39 28.68 -91.81
C GLY D 457 -10.11 28.06 -90.65
N LYS D 458 -9.56 26.95 -90.12
CA LYS D 458 -10.22 26.23 -89.04
C LYS D 458 -10.11 26.98 -87.72
N THR D 459 -8.92 27.50 -87.40
CA THR D 459 -8.58 27.86 -86.02
C THR D 459 -8.46 29.35 -85.75
N GLU D 460 -8.26 30.21 -86.76
CA GLU D 460 -8.06 31.63 -86.47
C GLU D 460 -9.25 32.24 -85.77
N LEU D 461 -10.47 31.88 -86.19
CA LEU D 461 -11.68 32.46 -85.62
C LEU D 461 -11.75 32.20 -84.11
N ALA D 462 -11.67 30.93 -83.72
CA ALA D 462 -11.77 30.58 -82.30
C ALA D 462 -10.63 31.19 -81.49
N LYS D 463 -9.41 31.16 -82.04
CA LYS D 463 -8.26 31.68 -81.30
C LYS D 463 -8.33 33.20 -81.18
N GLN D 464 -8.61 33.90 -82.29
CA GLN D 464 -8.56 35.36 -82.27
C GLN D 464 -9.73 35.95 -81.51
N LEU D 465 -10.90 35.28 -81.53
CA LEU D 465 -12.01 35.72 -80.69
C LEU D 465 -11.66 35.56 -79.22
N ALA D 466 -10.99 34.46 -78.86
CA ALA D 466 -10.63 34.22 -77.46
C ALA D 466 -9.67 35.29 -76.95
N LEU D 467 -8.82 35.83 -77.82
CA LEU D 467 -7.84 36.83 -77.40
C LEU D 467 -8.46 38.22 -77.31
N ASP D 468 -9.52 38.49 -78.07
CA ASP D 468 -10.25 39.75 -77.93
C ASP D 468 -11.35 39.68 -76.89
N MET D 469 -11.96 38.51 -76.71
CA MET D 469 -12.94 38.35 -75.65
C MET D 469 -12.26 38.16 -74.30
N PHE D 470 -11.23 37.29 -74.24
CA PHE D 470 -10.71 36.79 -72.97
C PHE D 470 -9.20 36.81 -72.85
N GLY D 471 -8.47 37.01 -73.94
CA GLY D 471 -7.13 37.49 -73.86
C GLY D 471 -6.06 36.43 -73.80
N THR D 472 -6.40 35.21 -73.42
CA THR D 472 -5.40 34.15 -73.29
C THR D 472 -6.05 32.81 -73.58
N GLN D 473 -5.25 31.75 -73.44
CA GLN D 473 -5.59 30.41 -73.93
C GLN D 473 -6.18 29.57 -72.80
N ASP D 474 -7.24 30.10 -72.19
CA ASP D 474 -7.84 29.49 -71.01
C ASP D 474 -9.28 29.06 -71.21
N ALA D 475 -10.14 29.98 -71.70
CA ALA D 475 -11.58 29.71 -71.76
C ALA D 475 -11.97 29.15 -73.13
N ILE D 476 -11.51 27.93 -73.37
CA ILE D 476 -11.79 27.25 -74.63
C ILE D 476 -11.54 25.76 -74.46
N ILE D 477 -12.48 24.94 -74.94
CA ILE D 477 -12.35 23.49 -74.94
C ILE D 477 -12.60 23.00 -76.36
N ARG D 478 -11.77 22.05 -76.80
CA ARG D 478 -11.93 21.41 -78.10
C ARG D 478 -12.48 20.01 -77.90
N LEU D 479 -13.63 19.73 -78.51
CA LEU D 479 -14.24 18.41 -78.50
C LEU D 479 -13.72 17.66 -79.72
N ASP D 480 -12.85 16.68 -79.49
CA ASP D 480 -12.21 15.94 -80.56
C ASP D 480 -13.18 14.86 -81.04
N MET D 481 -13.77 15.07 -82.23
CA MET D 481 -14.60 14.02 -82.82
C MET D 481 -13.78 12.86 -83.35
N SER D 482 -12.45 12.94 -83.35
CA SER D 482 -11.65 11.79 -83.74
C SER D 482 -11.89 10.62 -82.79
N GLU D 483 -12.21 10.91 -81.52
CA GLU D 483 -12.67 9.88 -80.59
C GLU D 483 -14.09 9.39 -80.90
N TYR D 484 -14.77 9.98 -81.89
CA TYR D 484 -16.12 9.62 -82.30
C TYR D 484 -16.19 9.09 -83.72
N SER D 485 -15.17 8.35 -84.17
CA SER D 485 -15.21 7.74 -85.50
C SER D 485 -16.04 6.46 -85.48
N ASP D 486 -17.20 6.48 -86.14
CA ASP D 486 -18.03 5.28 -86.21
C ASP D 486 -17.34 4.16 -87.00
N ARG D 487 -16.44 4.49 -87.91
CA ARG D 487 -15.85 3.50 -88.79
C ARG D 487 -14.67 2.77 -88.16
N THR D 488 -13.91 3.44 -87.30
CA THR D 488 -12.61 2.96 -86.85
C THR D 488 -12.53 2.72 -85.34
N ALA D 489 -13.62 2.92 -84.60
CA ALA D 489 -13.59 2.78 -83.15
C ALA D 489 -13.60 1.30 -82.76
N VAL D 490 -12.48 0.65 -83.04
CA VAL D 490 -12.23 -0.73 -82.63
C VAL D 490 -10.89 -0.79 -81.90
N SER D 491 -10.54 0.30 -81.23
CA SER D 491 -9.29 0.44 -80.49
C SER D 491 -8.05 0.38 -81.39
N LYS D 492 -8.18 0.69 -82.67
CA LYS D 492 -6.96 0.98 -83.43
C LYS D 492 -6.30 2.22 -82.86
N LEU D 493 -7.12 3.22 -82.50
CA LEU D 493 -6.73 4.43 -81.80
C LEU D 493 -7.50 4.39 -80.48
N ILE D 494 -7.69 5.53 -79.83
CA ILE D 494 -7.92 5.72 -78.40
C ILE D 494 -8.86 4.67 -77.79
N GLY D 495 -9.91 4.28 -78.50
CA GLY D 495 -10.82 3.32 -77.92
C GLY D 495 -11.94 2.92 -78.86
N THR D 496 -12.90 2.21 -78.27
CA THR D 496 -14.01 1.58 -78.98
C THR D 496 -15.22 2.49 -79.01
N THR D 497 -16.33 1.95 -79.54
CA THR D 497 -17.62 2.63 -79.56
C THR D 497 -18.06 3.01 -78.16
N ALA D 498 -17.80 2.15 -77.18
CA ALA D 498 -18.26 2.41 -75.82
C ALA D 498 -17.59 3.63 -75.20
N GLY D 499 -16.44 4.05 -75.71
CA GLY D 499 -15.79 5.26 -75.23
C GLY D 499 -16.47 6.55 -75.60
N TYR D 500 -17.54 6.48 -76.39
CA TYR D 500 -18.26 7.68 -76.81
C TYR D 500 -19.06 8.32 -75.67
N VAL D 501 -19.47 7.53 -74.69
CA VAL D 501 -20.37 7.98 -73.63
C VAL D 501 -19.59 8.06 -72.33
N GLY D 502 -19.99 8.99 -71.46
CA GLY D 502 -19.45 9.06 -70.13
C GLY D 502 -18.19 9.89 -70.00
N TYR D 503 -17.16 9.57 -70.79
CA TYR D 503 -15.88 10.26 -70.64
C TYR D 503 -15.99 11.72 -71.07
N ASP D 504 -16.49 11.96 -72.28
CA ASP D 504 -16.70 13.32 -72.77
C ASP D 504 -18.12 13.77 -72.45
N ASP D 505 -18.51 13.52 -71.19
CA ASP D 505 -19.78 14.00 -70.65
C ASP D 505 -19.54 14.73 -69.34
N ASN D 506 -18.74 14.14 -68.43
CA ASN D 506 -18.35 14.84 -67.20
C ASN D 506 -16.95 14.47 -66.68
N SER D 507 -16.21 13.64 -67.41
CA SER D 507 -15.04 12.99 -66.81
C SER D 507 -13.77 13.81 -66.95
N ASN D 508 -12.63 13.23 -66.56
CA ASN D 508 -11.34 13.89 -66.49
C ASN D 508 -10.87 14.25 -67.91
N THR D 509 -10.93 15.52 -68.33
CA THR D 509 -11.48 16.70 -67.64
C THR D 509 -12.42 17.42 -68.59
N LEU D 510 -13.71 17.41 -68.24
CA LEU D 510 -14.71 18.24 -68.90
C LEU D 510 -15.29 19.29 -67.96
N THR D 511 -15.91 18.86 -66.86
CA THR D 511 -16.76 19.73 -66.07
C THR D 511 -15.96 20.70 -65.20
N GLU D 512 -14.82 20.27 -64.67
CA GLU D 512 -14.02 21.14 -63.82
C GLU D 512 -13.51 22.36 -64.58
N ARG D 513 -13.40 22.28 -65.90
CA ARG D 513 -13.10 23.43 -66.74
C ARG D 513 -14.36 24.22 -67.08
N VAL D 514 -15.51 23.56 -67.19
CA VAL D 514 -16.77 24.26 -67.45
C VAL D 514 -17.19 25.07 -66.22
N ARG D 515 -16.82 24.61 -65.02
CA ARG D 515 -17.17 25.33 -63.81
C ARG D 515 -16.31 26.55 -63.59
N ARG D 516 -15.02 26.47 -63.93
CA ARG D 516 -14.17 27.66 -63.93
C ARG D 516 -14.57 28.62 -65.02
N ASN D 517 -15.03 28.10 -66.15
CA ASN D 517 -15.43 28.90 -67.30
C ASN D 517 -16.81 28.43 -67.74
N PRO D 518 -17.88 28.91 -67.06
CA PRO D 518 -19.26 28.66 -67.51
C PRO D 518 -19.57 29.19 -68.90
N TYR D 519 -18.71 30.10 -69.38
CA TYR D 519 -18.98 31.04 -70.46
C TYR D 519 -18.25 30.68 -71.73
N SER D 520 -17.49 29.58 -71.72
CA SER D 520 -16.34 29.41 -72.59
C SER D 520 -16.75 29.30 -74.06
N ILE D 521 -15.73 29.22 -74.91
CA ILE D 521 -15.90 28.79 -76.29
C ILE D 521 -15.87 27.27 -76.28
N ILE D 522 -16.88 26.66 -76.93
CA ILE D 522 -16.86 25.23 -77.23
C ILE D 522 -16.50 25.09 -78.69
N LEU D 523 -15.59 24.17 -78.99
CA LEU D 523 -15.25 23.80 -80.35
C LEU D 523 -15.55 22.33 -80.57
N LEU D 524 -16.51 22.05 -81.43
CA LEU D 524 -16.78 20.69 -81.89
C LEU D 524 -15.99 20.50 -83.17
N ASP D 525 -14.96 19.65 -83.09
CA ASP D 525 -13.97 19.48 -84.15
C ASP D 525 -14.48 18.48 -85.18
N ALA D 526 -14.88 18.95 -86.37
CA ALA D 526 -15.19 18.04 -87.47
C ALA D 526 -16.37 17.11 -87.20
N ILE D 527 -17.60 17.67 -87.25
CA ILE D 527 -18.85 16.93 -86.96
C ILE D 527 -18.85 15.55 -87.59
N GLU D 528 -18.42 15.43 -88.86
CA GLU D 528 -18.80 14.31 -89.72
C GLU D 528 -18.39 12.93 -89.22
N LYS D 529 -17.57 12.83 -88.18
CA LYS D 529 -17.02 11.54 -87.78
C LYS D 529 -18.06 10.56 -87.26
N ALA D 530 -19.29 10.99 -86.97
CA ALA D 530 -20.23 10.15 -86.21
C ALA D 530 -21.65 10.25 -86.74
N ASP D 531 -22.43 9.24 -86.32
CA ASP D 531 -23.89 9.09 -86.35
C ASP D 531 -24.55 10.42 -86.02
N PRO D 532 -25.62 10.87 -86.70
CA PRO D 532 -26.23 12.16 -86.32
C PRO D 532 -26.75 12.22 -84.89
N GLN D 533 -27.01 11.08 -84.26
CA GLN D 533 -27.53 11.08 -82.89
C GLN D 533 -26.47 11.50 -81.87
N VAL D 534 -25.20 11.20 -82.14
CA VAL D 534 -24.11 11.62 -81.24
C VAL D 534 -24.08 13.13 -81.14
N ILE D 535 -24.09 13.79 -82.30
CA ILE D 535 -23.97 15.24 -82.38
C ILE D 535 -25.29 15.90 -81.96
N THR D 536 -26.40 15.19 -82.15
CA THR D 536 -27.72 15.71 -81.83
C THR D 536 -27.90 15.92 -80.33
N LEU D 537 -27.16 15.16 -79.51
CA LEU D 537 -27.36 15.22 -78.06
C LEU D 537 -27.07 16.61 -77.52
N LEU D 538 -25.89 17.14 -77.82
CA LEU D 538 -25.50 18.43 -77.25
C LEU D 538 -26.41 19.55 -77.73
N LEU D 539 -26.72 19.57 -79.03
CA LEU D 539 -27.34 20.76 -79.62
C LEU D 539 -28.82 20.88 -79.26
N GLN D 540 -29.55 19.76 -79.15
CA GLN D 540 -30.92 19.83 -78.68
C GLN D 540 -31.02 20.29 -77.23
N VAL D 541 -29.94 20.12 -76.46
CA VAL D 541 -29.93 20.40 -75.03
C VAL D 541 -29.44 21.82 -74.73
N LEU D 542 -28.79 22.49 -75.68
CA LEU D 542 -28.34 23.87 -75.49
C LEU D 542 -29.47 24.90 -75.64
N ASP D 543 -30.71 24.47 -75.88
CA ASP D 543 -31.81 25.42 -75.93
C ASP D 543 -31.99 26.13 -74.61
N ASP D 544 -32.04 25.38 -73.51
CA ASP D 544 -32.29 25.92 -72.18
C ASP D 544 -30.99 26.24 -71.43
N GLY D 545 -29.83 26.09 -72.06
CA GLY D 545 -28.58 26.33 -71.38
C GLY D 545 -28.35 25.41 -70.20
N ARG D 546 -28.79 24.16 -70.28
CA ARG D 546 -28.68 23.22 -69.16
C ARG D 546 -28.59 21.81 -69.73
N LEU D 547 -27.68 21.01 -69.16
CA LEU D 547 -27.46 19.63 -69.58
C LEU D 547 -27.36 18.74 -68.35
N THR D 548 -28.18 17.69 -68.32
CA THR D 548 -28.12 16.68 -67.27
C THR D 548 -27.16 15.57 -67.70
N ASP D 549 -26.15 15.30 -66.87
CA ASP D 549 -25.09 14.37 -67.23
C ASP D 549 -25.47 12.94 -66.85
N GLY D 550 -24.54 12.01 -67.05
CA GLY D 550 -24.77 10.61 -66.74
C GLY D 550 -25.00 10.31 -65.27
N GLN D 551 -24.47 11.15 -64.37
CA GLN D 551 -24.62 10.96 -62.94
C GLN D 551 -25.86 11.64 -62.36
N GLY D 552 -26.71 12.23 -63.21
CA GLY D 552 -27.89 12.92 -62.74
C GLY D 552 -27.68 14.36 -62.33
N ASN D 553 -26.47 14.89 -62.46
CA ASN D 553 -26.18 16.28 -62.14
C ASN D 553 -26.39 17.16 -63.37
N THR D 554 -26.83 18.39 -63.14
CA THR D 554 -27.09 19.36 -64.19
C THR D 554 -25.96 20.39 -64.22
N VAL D 555 -25.37 20.59 -65.39
CA VAL D 555 -24.48 21.71 -65.64
C VAL D 555 -25.34 22.85 -66.17
N ASN D 556 -25.15 24.05 -65.61
CA ASN D 556 -25.86 25.25 -66.05
C ASN D 556 -24.91 26.12 -66.85
N PHE D 557 -25.26 26.38 -68.11
CA PHE D 557 -24.44 27.17 -69.00
C PHE D 557 -24.83 28.64 -68.94
N LYS D 558 -23.82 29.47 -68.69
CA LYS D 558 -23.90 30.90 -68.95
C LYS D 558 -23.24 31.17 -70.28
N ASN D 559 -23.84 32.08 -71.06
CA ASN D 559 -23.19 32.89 -72.09
C ASN D 559 -22.10 32.14 -72.85
N THR D 560 -22.39 30.90 -73.22
CA THR D 560 -21.47 30.01 -73.89
C THR D 560 -21.69 30.08 -75.39
N VAL D 561 -20.58 30.14 -76.15
CA VAL D 561 -20.61 30.09 -77.60
C VAL D 561 -20.01 28.76 -78.04
N ILE D 562 -20.72 28.06 -78.93
CA ILE D 562 -20.20 26.86 -79.58
C ILE D 562 -20.00 27.18 -81.05
N ILE D 563 -18.80 26.91 -81.55
CA ILE D 563 -18.50 26.96 -82.98
C ILE D 563 -18.24 25.53 -83.39
N ALA D 564 -19.25 24.88 -83.97
CA ALA D 564 -19.08 23.55 -84.54
C ALA D 564 -18.37 23.67 -85.88
N THR D 565 -17.67 22.60 -86.26
CA THR D 565 -16.85 22.60 -87.47
C THR D 565 -17.01 21.28 -88.20
N SER D 566 -16.91 21.36 -89.53
CA SER D 566 -17.03 20.21 -90.41
C SER D 566 -15.95 20.29 -91.48
N ASN D 567 -15.72 19.17 -92.17
CA ASN D 567 -14.81 19.11 -93.31
C ASN D 567 -15.66 19.31 -94.57
N ALA D 568 -15.60 20.52 -95.12
CA ALA D 568 -16.47 20.95 -96.20
C ALA D 568 -15.70 21.05 -97.51
N GLY D 569 -16.42 21.43 -98.56
CA GLY D 569 -15.86 21.54 -99.89
C GLY D 569 -16.95 21.39 -100.93
N PHE D 570 -16.52 21.28 -102.18
CA PHE D 570 -17.45 21.06 -103.28
C PHE D 570 -16.66 20.74 -104.55
N GLY D 571 -17.20 19.80 -105.34
CA GLY D 571 -16.62 19.44 -106.62
C GLY D 571 -17.27 20.17 -107.77
N TYR D 572 -16.45 20.61 -108.72
CA TYR D 572 -16.81 21.70 -109.61
C TYR D 572 -16.32 21.41 -111.02
N GLU D 573 -16.65 22.34 -111.93
CA GLU D 573 -16.16 22.25 -113.31
C GLU D 573 -14.86 23.01 -113.50
N ALA D 574 -14.88 24.32 -113.23
CA ALA D 574 -13.71 25.19 -113.34
C ALA D 574 -13.60 26.00 -112.07
N ASN D 575 -12.35 26.31 -111.68
CA ASN D 575 -12.09 26.94 -110.39
C ASN D 575 -12.79 28.29 -110.21
N LEU D 576 -13.23 28.92 -111.30
CA LEU D 576 -14.06 30.11 -111.24
C LEU D 576 -15.55 29.78 -111.07
N THR D 577 -15.91 28.51 -110.89
CA THR D 577 -17.28 28.09 -110.62
C THR D 577 -17.42 27.40 -109.27
N GLU D 578 -16.46 27.60 -108.35
CA GLU D 578 -16.52 26.91 -107.07
C GLU D 578 -17.71 27.39 -106.24
N ASP D 579 -18.00 28.69 -106.26
CA ASP D 579 -19.08 29.28 -105.49
C ASP D 579 -20.40 29.32 -106.25
N ALA D 580 -20.54 28.52 -107.31
CA ALA D 580 -21.76 28.57 -108.11
C ALA D 580 -22.94 27.95 -107.38
N ASP D 581 -22.69 26.89 -106.60
CA ASP D 581 -23.75 26.12 -105.94
C ASP D 581 -23.70 26.41 -104.43
N LYS D 582 -24.52 27.35 -103.99
CA LYS D 582 -24.42 27.89 -102.64
C LYS D 582 -25.05 26.97 -101.58
N PRO D 583 -26.35 26.63 -101.63
CA PRO D 583 -26.89 25.75 -100.58
C PRO D 583 -26.44 24.31 -100.69
N GLU D 584 -25.80 23.92 -101.79
CA GLU D 584 -25.43 22.52 -101.98
C GLU D 584 -24.25 22.10 -101.11
N LEU D 585 -23.56 23.05 -100.47
CA LEU D 585 -22.60 22.67 -99.44
C LEU D 585 -23.29 21.93 -98.31
N MET D 586 -24.45 22.41 -97.88
CA MET D 586 -25.22 21.73 -96.85
C MET D 586 -25.75 20.40 -97.34
N ASP D 587 -26.05 20.30 -98.64
CA ASP D 587 -26.49 19.02 -99.20
C ASP D 587 -25.33 18.04 -99.28
N ARG D 588 -24.13 18.54 -99.59
CA ARG D 588 -22.95 17.69 -99.54
C ARG D 588 -22.70 17.20 -98.11
N LEU D 589 -22.83 18.09 -97.13
CA LEU D 589 -22.63 17.74 -95.73
C LEU D 589 -23.85 17.08 -95.09
N LYS D 590 -24.97 17.01 -95.80
CA LYS D 590 -26.21 16.40 -95.32
C LYS D 590 -26.08 15.01 -94.70
N PRO D 591 -25.25 14.07 -95.23
CA PRO D 591 -25.35 12.68 -94.74
C PRO D 591 -25.11 12.49 -93.25
N PHE D 592 -24.42 13.41 -92.57
CA PHE D 592 -24.10 13.25 -91.15
C PHE D 592 -24.93 14.14 -90.24
N PHE D 593 -25.92 14.87 -90.77
CA PHE D 593 -26.87 15.58 -89.94
C PHE D 593 -28.21 15.63 -90.63
N ARG D 594 -29.16 16.34 -90.03
CA ARG D 594 -30.52 16.47 -90.51
C ARG D 594 -30.96 17.91 -90.32
N PRO D 595 -32.09 18.31 -90.94
CA PRO D 595 -32.55 19.70 -90.77
C PRO D 595 -32.87 20.07 -89.32
N GLU D 596 -33.20 19.09 -88.48
CA GLU D 596 -33.38 19.37 -87.06
C GLU D 596 -32.10 19.84 -86.41
N PHE D 597 -30.95 19.46 -86.95
CA PHE D 597 -29.64 19.89 -86.50
C PHE D 597 -29.20 21.18 -87.18
N LEU D 598 -29.58 21.34 -88.45
CA LEU D 598 -29.16 22.51 -89.22
C LEU D 598 -29.89 23.77 -88.79
N ASN D 599 -31.20 23.67 -88.56
CA ASN D 599 -32.04 24.83 -88.32
C ASN D 599 -31.79 25.49 -86.97
N ARG D 600 -30.93 24.93 -86.12
CA ARG D 600 -30.59 25.51 -84.84
C ARG D 600 -29.40 26.46 -84.89
N PHE D 601 -28.89 26.77 -86.08
CA PHE D 601 -27.64 27.50 -86.25
C PHE D 601 -27.87 28.89 -86.82
N ASN D 602 -26.98 29.82 -86.46
CA ASN D 602 -27.16 31.25 -86.76
C ASN D 602 -26.55 31.56 -88.11
N ALA D 603 -27.29 31.12 -89.12
CA ALA D 603 -27.27 31.38 -90.56
C ALA D 603 -26.21 30.70 -91.42
N VAL D 604 -24.92 30.72 -91.06
CA VAL D 604 -23.95 29.63 -91.02
C VAL D 604 -22.74 30.46 -91.45
N ILE D 605 -21.49 30.02 -91.24
CA ILE D 605 -20.35 30.70 -91.85
C ILE D 605 -19.82 29.85 -93.01
N GLU D 606 -19.70 30.47 -94.19
CA GLU D 606 -19.53 29.77 -95.45
C GLU D 606 -18.15 29.12 -95.58
N PHE D 607 -17.94 28.47 -96.74
CA PHE D 607 -16.71 27.73 -96.99
C PHE D 607 -15.59 28.63 -97.53
N SER D 608 -15.91 29.90 -97.80
CA SER D 608 -15.26 30.73 -98.82
C SER D 608 -13.75 30.58 -98.93
N HIS D 609 -13.25 30.65 -100.17
CA HIS D 609 -11.96 30.09 -100.56
C HIS D 609 -10.91 31.19 -100.55
N LEU D 610 -9.65 30.76 -100.67
CA LEU D 610 -8.54 31.68 -100.89
C LEU D 610 -8.55 32.13 -102.34
N THR D 611 -8.54 33.44 -102.54
CA THR D 611 -8.67 34.06 -103.86
C THR D 611 -7.30 34.51 -104.39
N LYS D 612 -7.16 34.51 -105.72
CA LYS D 612 -6.03 35.18 -106.34
C LYS D 612 -6.31 36.68 -106.35
N GLU D 613 -6.08 37.26 -105.18
CA GLU D 613 -6.35 38.66 -104.85
C GLU D 613 -5.25 39.03 -103.88
N ASP D 614 -5.47 39.99 -102.98
CA ASP D 614 -4.36 40.56 -102.21
C ASP D 614 -3.82 39.51 -101.25
N LEU D 615 -3.00 38.61 -101.80
CA LEU D 615 -2.23 37.66 -101.00
C LEU D 615 -1.23 38.36 -100.09
N SER D 616 -0.86 39.60 -100.39
CA SER D 616 0.23 40.27 -99.68
C SER D 616 -0.12 40.48 -98.21
N LYS D 617 -1.42 40.56 -97.88
CA LYS D 617 -1.79 40.74 -96.49
C LYS D 617 -1.35 39.57 -95.62
N ILE D 618 -1.37 38.35 -96.15
CA ILE D 618 -0.77 37.23 -95.44
C ILE D 618 0.74 37.41 -95.36
N VAL D 619 1.36 37.80 -96.48
CA VAL D 619 2.81 37.94 -96.53
C VAL D 619 3.28 39.12 -95.68
N ASP D 620 2.46 40.17 -95.60
CA ASP D 620 2.83 41.31 -94.77
C ASP D 620 2.84 40.93 -93.28
N LEU D 621 1.95 40.00 -92.89
CA LEU D 621 1.93 39.56 -91.49
C LEU D 621 3.02 38.55 -91.21
N MET D 622 3.25 37.60 -92.12
CA MET D 622 4.31 36.61 -91.91
C MET D 622 5.66 37.29 -91.76
N LEU D 623 5.98 38.22 -92.67
CA LEU D 623 7.24 38.95 -92.57
C LEU D 623 7.34 39.72 -91.25
N ALA D 624 6.19 40.20 -90.73
CA ALA D 624 6.19 40.82 -89.42
C ALA D 624 6.47 39.81 -88.32
N GLU D 625 6.00 38.57 -88.50
CA GLU D 625 6.27 37.53 -87.51
C GLU D 625 7.75 37.12 -87.54
N VAL D 626 8.39 37.24 -88.71
CA VAL D 626 9.82 36.96 -88.80
C VAL D 626 10.60 37.93 -87.91
N ASN D 627 10.37 39.24 -88.10
CA ASN D 627 11.12 40.23 -87.34
C ASN D 627 10.70 40.25 -85.87
N GLN D 628 9.43 39.98 -85.58
CA GLN D 628 9.00 39.84 -84.19
C GLN D 628 9.72 38.68 -83.53
N THR D 629 9.87 37.57 -84.24
CA THR D 629 10.67 36.45 -83.74
C THR D 629 12.12 36.86 -83.55
N LEU D 630 12.72 37.46 -84.59
CA LEU D 630 14.12 37.86 -84.51
C LEU D 630 14.35 39.01 -83.53
N ALA D 631 13.30 39.78 -83.22
CA ALA D 631 13.47 40.96 -82.38
C ALA D 631 13.85 40.59 -80.94
N LYS D 632 13.64 39.34 -80.53
CA LYS D 632 14.01 38.95 -79.18
C LYS D 632 15.50 39.10 -78.94
N LYS D 633 16.31 38.81 -79.96
CA LYS D 633 17.76 38.97 -79.89
C LYS D 633 18.22 40.29 -80.51
N ASP D 634 17.32 41.27 -80.64
CA ASP D 634 17.63 42.56 -81.24
C ASP D 634 18.11 42.38 -82.68
N ILE D 635 17.40 41.54 -83.42
CA ILE D 635 17.71 41.23 -84.82
C ILE D 635 16.50 41.64 -85.64
N ASP D 636 16.71 42.55 -86.58
CA ASP D 636 15.62 43.13 -87.37
C ASP D 636 16.19 43.53 -88.73
N LEU D 637 15.74 42.83 -89.78
CA LEU D 637 16.23 43.04 -91.13
C LEU D 637 15.21 43.82 -91.95
N VAL D 638 15.69 44.40 -93.05
CA VAL D 638 14.81 44.87 -94.11
C VAL D 638 14.36 43.67 -94.92
N VAL D 639 13.05 43.55 -95.12
CA VAL D 639 12.46 42.44 -95.87
C VAL D 639 11.67 43.03 -97.02
N SER D 640 12.02 42.62 -98.25
CA SER D 640 11.38 43.18 -99.43
C SER D 640 9.96 42.66 -99.55
N GLN D 641 9.06 43.53 -100.02
CA GLN D 641 7.70 43.10 -100.33
C GLN D 641 7.66 42.15 -101.52
N ALA D 642 8.72 42.14 -102.34
CA ALA D 642 8.82 41.24 -103.49
C ALA D 642 9.01 39.78 -103.08
N ALA D 643 9.10 39.47 -101.79
CA ALA D 643 9.10 38.08 -101.34
C ALA D 643 7.83 37.36 -101.79
N LYS D 644 6.73 38.09 -101.98
CA LYS D 644 5.49 37.48 -102.45
C LYS D 644 5.65 36.80 -103.80
N ASP D 645 6.53 37.34 -104.67
CA ASP D 645 6.60 36.89 -106.06
C ASP D 645 7.00 35.42 -106.19
N TYR D 646 7.70 34.87 -105.19
CA TYR D 646 8.11 33.48 -105.15
C TYR D 646 7.21 32.63 -104.28
N ILE D 647 6.55 33.23 -103.29
CA ILE D 647 5.67 32.53 -102.37
C ILE D 647 4.35 32.16 -103.06
N THR D 648 3.68 33.18 -103.60
CA THR D 648 2.33 33.00 -104.13
C THR D 648 2.27 31.97 -105.26
N GLU D 649 3.38 31.76 -105.99
CA GLU D 649 3.44 30.77 -107.07
C GLU D 649 2.85 29.43 -106.67
N GLU D 650 3.00 29.05 -105.40
CA GLU D 650 2.24 27.94 -104.80
C GLU D 650 1.16 28.40 -103.84
N GLY D 651 1.27 29.62 -103.29
CA GLY D 651 0.33 30.08 -102.29
C GLY D 651 -1.12 30.08 -102.75
N TYR D 652 -1.44 30.73 -103.88
CA TYR D 652 -2.82 30.86 -104.33
C TYR D 652 -3.31 29.61 -105.08
N ASP D 653 -2.64 28.47 -104.93
CA ASP D 653 -3.16 27.22 -105.48
C ASP D 653 -4.47 26.85 -104.77
N GLU D 654 -5.55 26.75 -105.55
CA GLU D 654 -6.86 26.47 -104.99
C GLU D 654 -6.93 25.08 -104.36
N VAL D 655 -6.03 24.17 -104.75
CA VAL D 655 -6.06 22.82 -104.20
C VAL D 655 -5.81 22.85 -102.70
N MET D 656 -4.87 23.69 -102.25
CA MET D 656 -4.38 23.67 -100.88
C MET D 656 -4.94 24.80 -100.02
N GLY D 657 -5.13 25.99 -100.59
CA GLY D 657 -5.52 27.13 -99.79
C GLY D 657 -4.31 27.82 -99.19
N VAL D 658 -4.43 28.25 -97.93
CA VAL D 658 -3.29 28.81 -97.23
C VAL D 658 -2.55 27.66 -96.55
N ARG D 659 -1.92 26.80 -97.36
CA ARG D 659 -0.92 25.85 -96.85
C ARG D 659 0.52 26.31 -97.13
N PRO D 660 0.90 26.67 -98.37
CA PRO D 660 2.32 26.98 -98.61
C PRO D 660 2.81 28.28 -97.99
N LEU D 661 1.91 29.15 -97.54
CA LEU D 661 2.31 30.51 -97.17
C LEU D 661 3.34 30.49 -96.03
N ARG D 662 3.05 29.75 -94.97
CA ARG D 662 4.00 29.65 -93.85
C ARG D 662 5.18 28.77 -94.18
N ARG D 663 5.00 27.78 -95.07
CA ARG D 663 6.08 26.82 -95.33
C ARG D 663 7.18 27.44 -96.18
N VAL D 664 6.84 28.37 -97.08
CA VAL D 664 7.85 28.98 -97.94
C VAL D 664 8.62 30.04 -97.16
N VAL D 665 7.92 30.88 -96.39
CA VAL D 665 8.58 31.95 -95.64
C VAL D 665 9.51 31.37 -94.59
N GLU D 666 9.01 30.41 -93.80
CA GLU D 666 9.80 29.89 -92.69
C GLU D 666 11.02 29.10 -93.18
N GLN D 667 11.03 28.71 -94.46
CA GLN D 667 12.20 28.08 -95.05
C GLN D 667 13.09 29.09 -95.76
N GLU D 668 12.48 30.06 -96.45
CA GLU D 668 13.24 30.93 -97.34
C GLU D 668 14.12 31.90 -96.55
N ILE D 669 13.55 32.59 -95.56
CA ILE D 669 14.27 33.64 -94.85
C ILE D 669 15.05 33.08 -93.66
N ARG D 670 14.45 32.14 -92.94
CA ARG D 670 14.99 31.67 -91.66
C ARG D 670 16.42 31.16 -91.78
N ASP D 671 16.70 30.41 -92.85
CA ASP D 671 18.02 29.81 -93.00
C ASP D 671 19.06 30.84 -93.43
N LYS D 672 18.65 31.84 -94.22
CA LYS D 672 19.60 32.84 -94.70
C LYS D 672 20.00 33.80 -93.59
N VAL D 673 19.03 34.21 -92.75
CA VAL D 673 19.37 35.06 -91.63
C VAL D 673 20.23 34.31 -90.61
N THR D 674 20.17 32.98 -90.61
CA THR D 674 20.99 32.18 -89.70
C THR D 674 22.44 32.16 -90.17
N ASP D 675 22.67 32.21 -91.48
CA ASP D 675 24.02 32.07 -91.99
C ASP D 675 24.85 33.33 -91.76
N PHE D 676 24.21 34.49 -91.64
CA PHE D 676 24.93 35.76 -91.52
C PHE D 676 25.13 36.18 -90.07
N HIS D 677 24.32 35.66 -89.14
CA HIS D 677 24.64 35.85 -87.72
C HIS D 677 26.00 35.26 -87.36
N LEU D 678 26.45 34.26 -88.12
CA LEU D 678 27.77 33.67 -87.97
C LEU D 678 28.89 34.61 -88.36
N ASP D 679 28.68 35.49 -89.34
CA ASP D 679 29.61 36.56 -89.64
C ASP D 679 29.46 37.73 -88.65
N HIS D 680 28.54 37.63 -87.70
CA HIS D 680 28.31 38.67 -86.69
C HIS D 680 27.98 40.01 -87.37
N LEU D 681 27.15 39.94 -88.40
CA LEU D 681 26.70 41.12 -89.12
C LEU D 681 25.46 41.72 -88.46
N ASP D 682 25.43 43.04 -88.39
CA ASP D 682 24.32 43.75 -87.76
C ASP D 682 23.11 43.69 -88.69
N ALA D 683 22.00 43.18 -88.17
CA ALA D 683 20.80 42.98 -88.99
C ALA D 683 20.23 44.29 -89.51
N LYS D 684 20.42 45.38 -88.77
CA LYS D 684 19.81 46.65 -89.15
C LYS D 684 20.36 47.22 -90.45
N HIS D 685 21.47 46.68 -90.96
CA HIS D 685 22.05 47.09 -92.24
C HIS D 685 22.10 45.95 -93.26
N LEU D 686 21.28 44.91 -93.07
CA LEU D 686 21.13 43.82 -94.04
C LEU D 686 19.76 43.92 -94.70
N GLU D 687 19.71 43.63 -95.99
CA GLU D 687 18.48 43.74 -96.77
C GLU D 687 18.19 42.42 -97.47
N ALA D 688 17.04 41.82 -97.13
CA ALA D 688 16.59 40.58 -97.74
C ALA D 688 16.04 40.90 -99.13
N ASP D 689 16.87 40.66 -100.14
CA ASP D 689 16.61 41.05 -101.53
C ASP D 689 16.79 39.84 -102.41
N MET D 690 15.69 39.30 -102.93
CA MET D 690 15.73 38.08 -103.71
C MET D 690 16.21 38.33 -105.13
N GLU D 691 16.83 37.32 -105.72
CA GLU D 691 17.32 37.36 -107.10
C GLU D 691 17.01 36.03 -107.76
N ASP D 692 16.16 36.08 -108.80
CA ASP D 692 15.80 34.90 -109.58
C ASP D 692 15.20 33.80 -108.71
N GLY D 693 14.29 34.18 -107.82
CA GLY D 693 13.64 33.24 -106.94
C GLY D 693 14.48 32.75 -105.78
N VAL D 694 15.73 33.20 -105.66
CA VAL D 694 16.64 32.81 -104.59
C VAL D 694 16.84 34.03 -103.70
N LEU D 695 16.77 33.82 -102.38
CA LEU D 695 17.02 34.92 -101.45
C LEU D 695 18.51 35.14 -101.27
N VAL D 696 18.97 36.33 -101.65
CA VAL D 696 20.32 36.80 -101.35
C VAL D 696 20.19 38.04 -100.47
N ILE D 697 20.30 37.85 -99.16
CA ILE D 697 20.27 38.97 -98.22
C ILE D 697 21.53 39.81 -98.46
N ARG D 698 21.34 41.11 -98.61
CA ARG D 698 22.44 42.03 -98.92
C ARG D 698 23.33 42.25 -97.71
N LEU E 76 8.34 28.55 -34.66
CA LEU E 76 8.12 27.14 -34.95
C LEU E 76 9.38 26.43 -35.43
N ALA E 77 10.54 27.07 -35.28
CA ALA E 77 11.81 26.46 -35.66
C ALA E 77 12.31 25.55 -34.54
N LYS E 78 11.49 24.53 -34.23
CA LYS E 78 11.68 23.72 -33.03
C LYS E 78 11.90 22.22 -33.24
N LEU E 79 11.32 21.50 -34.23
CA LEU E 79 10.27 21.74 -35.26
C LEU E 79 10.62 22.52 -36.53
N GLY E 80 11.84 22.99 -36.71
CA GLY E 80 12.22 23.60 -37.96
C GLY E 80 13.53 24.36 -37.95
N ARG E 81 13.57 25.38 -38.79
CA ARG E 81 14.78 26.17 -39.05
C ARG E 81 14.38 27.63 -39.25
N ASN E 82 14.80 28.49 -38.32
CA ASN E 82 14.51 29.92 -38.39
C ASN E 82 15.49 30.54 -39.37
N LEU E 83 14.99 30.95 -40.54
CA LEU E 83 15.85 31.42 -41.61
C LEU E 83 16.30 32.86 -41.40
N THR E 84 15.44 33.71 -40.82
CA THR E 84 15.85 35.08 -40.54
C THR E 84 16.87 35.14 -39.41
N ALA E 85 16.75 34.24 -38.42
CA ALA E 85 17.74 34.19 -37.36
C ALA E 85 19.12 33.85 -37.90
N GLU E 86 19.20 32.93 -38.86
CA GLU E 86 20.46 32.64 -39.51
C GLU E 86 20.88 33.79 -40.42
N ALA E 87 19.91 34.58 -40.90
CA ALA E 87 20.24 35.79 -41.65
C ALA E 87 20.79 36.87 -40.73
N ARG E 88 20.22 36.99 -39.53
CA ARG E 88 20.73 37.98 -38.57
C ARG E 88 22.15 37.66 -38.11
N GLU E 89 22.57 36.39 -38.19
CA GLU E 89 23.89 35.97 -37.77
C GLU E 89 24.90 35.93 -38.92
N GLY E 90 24.52 36.34 -40.12
CA GLY E 90 25.42 36.29 -41.25
C GLY E 90 25.78 34.89 -41.71
N LYS E 91 24.82 33.96 -41.63
CA LYS E 91 25.07 32.56 -41.98
C LYS E 91 24.71 32.23 -43.44
N LEU E 92 24.31 33.21 -44.24
CA LEU E 92 23.83 32.98 -45.59
C LEU E 92 24.92 33.22 -46.62
N ASP E 93 24.72 32.66 -47.81
CA ASP E 93 25.60 32.85 -48.95
C ASP E 93 25.12 34.06 -49.76
N PRO E 94 25.78 35.23 -49.68
CA PRO E 94 25.24 36.38 -50.43
C PRO E 94 25.46 36.25 -51.94
N VAL E 95 24.59 35.46 -52.57
CA VAL E 95 24.56 35.34 -54.02
C VAL E 95 23.68 36.46 -54.58
N ILE E 96 24.14 37.09 -55.66
CA ILE E 96 23.43 38.19 -56.30
C ILE E 96 23.24 37.87 -57.78
N GLY E 97 22.63 38.80 -58.50
CA GLY E 97 22.11 38.55 -59.82
C GLY E 97 20.68 38.04 -59.83
N ARG E 98 20.21 37.50 -58.71
CA ARG E 98 18.83 37.11 -58.52
C ARG E 98 18.00 38.23 -57.91
N ASN E 99 18.45 39.48 -58.05
CA ASN E 99 17.75 40.60 -57.42
C ASN E 99 16.36 40.80 -58.00
N LYS E 100 16.18 40.50 -59.28
CA LYS E 100 14.87 40.63 -59.92
C LYS E 100 13.83 39.72 -59.29
N GLU E 101 14.25 38.57 -58.73
CA GLU E 101 13.31 37.69 -58.05
C GLU E 101 13.03 38.16 -56.62
N ILE E 102 13.93 38.97 -56.06
CA ILE E 102 13.59 39.73 -54.85
C ILE E 102 12.67 40.89 -55.20
N GLN E 103 12.90 41.52 -56.34
CA GLN E 103 11.97 42.53 -56.83
C GLN E 103 10.60 41.91 -57.07
N GLU E 104 10.58 40.69 -57.59
CA GLU E 104 9.33 39.96 -57.75
C GLU E 104 8.79 39.50 -56.40
N ALA E 105 9.66 39.40 -55.39
CA ALA E 105 9.21 39.15 -54.03
C ALA E 105 8.67 40.40 -53.34
N SER E 106 8.61 41.54 -54.04
CA SER E 106 7.91 42.70 -53.50
C SER E 106 6.43 42.38 -53.28
N GLU E 107 5.83 41.58 -54.17
CA GLU E 107 4.46 41.16 -54.00
C GLU E 107 4.34 39.99 -53.02
N ILE E 108 5.35 39.12 -52.95
CA ILE E 108 5.32 37.99 -52.02
C ILE E 108 5.19 38.51 -50.60
N LEU E 109 5.86 39.62 -50.29
CA LEU E 109 5.87 40.13 -48.92
C LEU E 109 4.70 41.07 -48.64
N SER E 110 4.12 41.70 -49.68
CA SER E 110 3.24 42.85 -49.50
C SER E 110 1.76 42.55 -49.66
N ARG E 111 1.38 41.58 -50.48
CA ARG E 111 -0.04 41.32 -50.73
C ARG E 111 -0.76 40.98 -49.44
N ARG E 112 -1.80 41.76 -49.12
CA ARG E 112 -2.45 41.66 -47.81
C ARG E 112 -3.33 40.43 -47.70
N THR E 113 -3.85 39.92 -48.81
CA THR E 113 -4.75 38.77 -48.77
C THR E 113 -4.61 37.99 -50.08
N LYS E 114 -4.94 36.70 -50.02
CA LYS E 114 -4.84 35.80 -51.17
C LYS E 114 -3.42 35.84 -51.74
N ASN E 115 -2.45 35.80 -50.83
CA ASN E 115 -1.11 36.31 -51.07
C ASN E 115 -0.04 35.21 -51.11
N ASN E 116 -0.44 33.95 -51.28
CA ASN E 116 0.51 32.85 -51.20
C ASN E 116 1.05 32.55 -52.60
N PRO E 117 2.28 32.95 -52.94
CA PRO E 117 2.75 32.79 -54.32
C PRO E 117 2.94 31.33 -54.73
N VAL E 118 3.41 31.16 -55.97
CA VAL E 118 3.70 29.86 -56.56
C VAL E 118 5.08 29.96 -57.21
N LEU E 119 6.12 29.62 -56.46
CA LEU E 119 7.50 29.66 -56.93
C LEU E 119 7.78 28.41 -57.75
N VAL E 120 8.85 28.46 -58.56
CA VAL E 120 9.26 27.32 -59.40
C VAL E 120 10.78 27.24 -59.39
N GLY E 121 11.31 26.02 -59.47
CA GLY E 121 12.76 25.83 -59.52
C GLY E 121 13.15 24.37 -59.50
N ASP E 122 14.47 24.15 -59.61
CA ASP E 122 15.09 22.82 -59.55
C ASP E 122 15.42 22.46 -58.10
N ALA E 123 15.60 21.16 -57.84
CA ALA E 123 15.95 20.67 -56.51
C ALA E 123 17.27 21.29 -56.08
N GLY E 124 17.26 22.02 -54.97
CA GLY E 124 18.42 22.75 -54.55
C GLY E 124 18.93 23.76 -55.55
N VAL E 125 18.04 24.30 -56.40
CA VAL E 125 18.43 25.34 -57.34
C VAL E 125 18.93 26.57 -56.62
N GLY E 126 18.42 26.82 -55.41
CA GLY E 126 18.65 28.04 -54.70
C GLY E 126 17.52 29.03 -54.82
N LYS E 127 16.31 28.56 -55.05
CA LYS E 127 15.14 29.42 -54.94
C LYS E 127 14.75 29.57 -53.48
N THR E 128 15.12 28.60 -52.65
CA THR E 128 15.23 28.84 -51.22
C THR E 128 16.20 29.97 -50.94
N ALA E 129 17.33 30.00 -51.64
CA ALA E 129 18.32 31.04 -51.41
C ALA E 129 17.79 32.42 -51.81
N VAL E 130 16.81 32.47 -52.71
CA VAL E 130 16.11 33.72 -52.98
C VAL E 130 15.35 34.17 -51.75
N VAL E 131 14.55 33.28 -51.17
CA VAL E 131 13.76 33.63 -49.99
C VAL E 131 14.69 33.87 -48.79
N GLU E 132 15.81 33.14 -48.73
CA GLU E 132 16.87 33.53 -47.80
C GLU E 132 17.45 34.88 -48.17
N GLY E 133 17.62 35.12 -49.47
CA GLY E 133 17.97 36.45 -49.93
C GLY E 133 16.90 37.47 -49.62
N LEU E 134 15.64 37.04 -49.61
CA LEU E 134 14.57 37.90 -49.13
C LEU E 134 14.68 38.11 -47.62
N ALA E 135 14.94 37.03 -46.87
CA ALA E 135 15.17 37.16 -45.44
C ALA E 135 16.33 38.11 -45.15
N GLN E 136 17.41 37.99 -45.93
CA GLN E 136 18.52 38.93 -45.81
C GLN E 136 18.05 40.36 -46.07
N ALA E 137 17.17 40.54 -47.06
CA ALA E 137 16.64 41.87 -47.34
C ALA E 137 15.79 42.39 -46.18
N ILE E 138 15.12 41.48 -45.45
CA ILE E 138 14.31 41.89 -44.31
C ILE E 138 15.21 42.32 -43.16
N VAL E 139 16.29 41.57 -42.90
CA VAL E 139 17.19 41.90 -41.80
C VAL E 139 17.86 43.26 -42.05
N ASN E 140 18.35 43.48 -43.27
CA ASN E 140 19.05 44.71 -43.61
C ASN E 140 18.13 45.87 -43.93
N GLY E 141 16.82 45.68 -43.86
CA GLY E 141 15.90 46.76 -44.19
C GLY E 141 15.92 47.16 -45.64
N ASP E 142 16.16 46.21 -46.55
CA ASP E 142 16.04 46.41 -47.98
C ASP E 142 14.65 46.07 -48.50
N VAL E 143 13.64 46.22 -47.64
CA VAL E 143 12.26 45.83 -47.93
C VAL E 143 11.34 46.95 -47.45
N PRO E 144 10.11 47.03 -47.97
CA PRO E 144 9.19 48.05 -47.46
C PRO E 144 8.68 47.71 -46.07
N ALA E 145 7.93 48.65 -45.50
CA ALA E 145 7.43 48.50 -44.14
C ALA E 145 6.35 47.42 -44.02
N ALA E 146 5.81 46.93 -45.15
CA ALA E 146 4.77 45.91 -45.10
C ALA E 146 5.25 44.62 -44.43
N ILE E 147 6.57 44.36 -44.46
CA ILE E 147 7.16 43.13 -44.01
C ILE E 147 8.12 43.35 -42.84
N LYS E 148 8.04 44.51 -42.17
CA LYS E 148 8.95 44.78 -41.07
C LYS E 148 8.70 43.82 -39.92
N ASN E 149 9.78 43.26 -39.37
CA ASN E 149 9.72 42.37 -38.21
C ASN E 149 8.87 41.13 -38.49
N LYS E 150 8.93 40.62 -39.71
CA LYS E 150 8.25 39.39 -40.10
C LYS E 150 9.29 38.28 -40.21
N GLU E 151 9.23 37.34 -39.28
CA GLU E 151 10.18 36.22 -39.23
C GLU E 151 9.78 35.16 -40.25
N ILE E 152 10.76 34.42 -40.73
CA ILE E 152 10.55 33.29 -41.65
C ILE E 152 11.06 32.03 -40.96
N VAL E 153 10.28 30.95 -41.04
CA VAL E 153 10.65 29.65 -40.50
C VAL E 153 10.38 28.61 -41.58
N SER E 154 11.33 27.71 -41.79
CA SER E 154 11.16 26.60 -42.72
C SER E 154 10.51 25.44 -41.98
N ILE E 155 9.30 25.08 -42.38
CA ILE E 155 8.55 23.98 -41.77
C ILE E 155 8.86 22.72 -42.58
N ASP E 156 9.41 21.71 -41.91
CA ASP E 156 9.95 20.52 -42.56
C ASP E 156 8.86 19.47 -42.65
N ILE E 157 8.15 19.46 -43.79
CA ILE E 157 7.13 18.46 -44.03
C ILE E 157 7.75 17.08 -44.24
N SER E 158 9.02 17.01 -44.66
CA SER E 158 9.67 15.72 -44.81
C SER E 158 9.81 14.97 -43.49
N GLY E 159 9.79 15.68 -42.36
CA GLY E 159 9.72 15.08 -41.05
C GLY E 159 8.31 14.76 -40.58
N LEU E 160 7.36 14.69 -41.51
CA LEU E 160 6.00 14.33 -41.15
C LEU E 160 5.97 12.93 -40.54
N GLU E 161 5.14 12.76 -39.51
CA GLU E 161 4.97 11.50 -38.76
C GLU E 161 6.20 11.09 -37.97
N ALA E 162 7.23 11.93 -37.90
CA ALA E 162 8.45 11.56 -37.18
C ALA E 162 8.19 11.58 -35.68
N GLY E 163 8.41 10.43 -35.04
CA GLY E 163 8.23 10.27 -33.62
C GLY E 163 6.90 9.69 -33.19
N THR E 164 5.98 9.45 -34.13
CA THR E 164 4.70 8.83 -33.82
C THR E 164 4.78 7.32 -33.71
N GLN E 165 5.85 6.69 -34.21
CA GLN E 165 6.00 5.24 -34.32
C GLN E 165 4.92 4.59 -35.18
N TYR E 166 4.14 5.38 -35.92
CA TYR E 166 2.92 4.91 -36.60
C TYR E 166 1.97 4.20 -35.64
N ARG E 167 1.97 4.60 -34.37
CA ARG E 167 1.00 4.18 -33.37
C ARG E 167 0.17 5.32 -32.81
N GLY E 168 0.73 6.53 -32.78
CA GLY E 168 0.07 7.71 -32.24
C GLY E 168 -0.55 8.57 -33.31
N SER E 169 -0.37 9.89 -33.18
CA SER E 169 -0.94 10.85 -34.10
C SER E 169 0.02 12.03 -34.27
N PHE E 170 -0.16 12.73 -35.39
CA PHE E 170 0.57 13.96 -35.69
C PHE E 170 -0.34 15.14 -35.96
N GLU E 171 -1.62 14.93 -36.26
CA GLU E 171 -2.48 16.00 -36.76
C GLU E 171 -2.62 17.13 -35.74
N GLU E 172 -2.42 16.84 -34.46
CA GLU E 172 -2.41 17.89 -33.45
C GLU E 172 -1.12 18.70 -33.47
N ASN E 173 0.01 18.08 -33.78
CA ASN E 173 1.25 18.81 -33.97
C ASN E 173 1.21 19.73 -35.19
N VAL E 174 0.25 19.52 -36.09
CA VAL E 174 -0.01 20.43 -37.20
C VAL E 174 -0.85 21.62 -36.72
N GLN E 175 -1.98 21.34 -36.05
CA GLN E 175 -2.76 22.40 -35.43
C GLN E 175 -1.95 23.18 -34.40
N ASN E 176 -0.92 22.55 -33.82
CA ASN E 176 0.00 23.26 -32.93
C ASN E 176 0.99 24.15 -33.69
N LEU E 177 1.21 23.91 -34.99
CA LEU E 177 1.90 24.93 -35.78
C LEU E 177 1.05 26.18 -35.89
N VAL E 178 -0.25 26.00 -36.17
CA VAL E 178 -1.18 27.12 -36.24
C VAL E 178 -1.26 27.84 -34.90
N ASN E 179 -1.35 27.08 -33.81
CA ASN E 179 -1.65 27.66 -32.50
C ASN E 179 -0.60 28.64 -32.00
N GLU E 180 0.66 28.49 -32.41
CA GLU E 180 1.67 29.47 -32.04
C GLU E 180 1.62 30.70 -32.94
N VAL E 181 1.62 30.52 -34.25
CA VAL E 181 1.84 31.64 -35.17
C VAL E 181 0.59 32.51 -35.33
N LYS E 182 -0.60 31.95 -35.12
CA LYS E 182 -1.81 32.76 -35.19
C LYS E 182 -1.80 33.85 -34.13
N GLU E 183 -1.29 33.53 -32.93
CA GLU E 183 -1.22 34.47 -31.82
C GLU E 183 0.16 35.07 -31.60
N ALA E 184 1.22 34.35 -31.98
CA ALA E 184 2.56 34.93 -31.87
C ALA E 184 2.69 36.18 -32.73
N GLY E 185 2.05 36.17 -33.89
CA GLY E 185 2.00 37.35 -34.74
C GLY E 185 3.28 37.56 -35.52
N ASN E 186 3.10 37.94 -36.78
CA ASN E 186 4.20 38.38 -37.66
C ASN E 186 5.17 37.23 -37.94
N ILE E 187 4.63 36.08 -38.33
CA ILE E 187 5.41 34.91 -38.75
C ILE E 187 5.11 34.63 -40.21
N ILE E 188 6.18 34.42 -40.99
CA ILE E 188 6.10 33.86 -42.33
C ILE E 188 6.59 32.43 -42.24
N LEU E 189 6.08 31.56 -43.10
CA LEU E 189 6.47 30.16 -43.14
C LEU E 189 6.92 29.78 -44.54
N PHE E 190 7.83 28.80 -44.61
CA PHE E 190 8.53 28.47 -45.85
C PHE E 190 8.58 26.98 -46.09
N PHE E 191 8.61 26.58 -47.37
CA PHE E 191 8.97 25.22 -47.75
C PHE E 191 9.90 25.24 -48.95
N ASP E 192 10.77 24.23 -49.04
CA ASP E 192 11.64 24.08 -50.19
C ASP E 192 10.84 23.72 -51.44
N ALA E 193 10.11 22.61 -51.37
CA ALA E 193 9.26 22.18 -52.48
C ALA E 193 8.18 21.27 -51.93
N ILE E 194 6.92 21.59 -52.23
CA ILE E 194 5.78 20.78 -51.82
C ILE E 194 4.87 20.53 -53.01
N HIS E 195 4.49 19.27 -53.19
CA HIS E 195 3.22 18.88 -53.78
C HIS E 195 2.47 17.93 -52.84
N GLN E 196 3.21 17.25 -51.96
CA GLN E 196 2.67 16.18 -51.13
C GLN E 196 1.73 16.67 -50.03
N ILE E 197 1.61 17.98 -49.81
CA ILE E 197 0.72 18.48 -48.76
C ILE E 197 -0.72 18.08 -49.04
N LEU E 198 -1.10 18.04 -50.30
CA LEU E 198 -2.48 17.75 -50.69
C LEU E 198 -2.80 16.25 -50.67
N GLY E 199 -1.88 15.42 -50.17
CA GLY E 199 -2.24 14.02 -49.92
C GLY E 199 -3.36 13.90 -48.91
N ALA E 200 -3.21 14.61 -47.78
CA ALA E 200 -4.32 14.83 -46.85
C ALA E 200 -5.14 16.02 -47.34
N GLY E 201 -5.71 15.84 -48.54
CA GLY E 201 -6.38 16.92 -49.23
C GLY E 201 -6.89 16.46 -50.59
N SER E 202 -6.65 17.29 -51.59
CA SER E 202 -7.06 17.03 -52.97
C SER E 202 -5.83 17.04 -53.87
N THR E 203 -5.39 15.85 -54.28
CA THR E 203 -4.25 15.72 -55.18
C THR E 203 -4.56 14.61 -56.19
N GLY E 204 -3.52 14.17 -56.90
CA GLY E 204 -3.68 13.19 -57.97
C GLY E 204 -3.40 11.76 -57.54
N GLY E 205 -2.24 11.24 -57.97
CA GLY E 205 -1.92 9.85 -57.71
C GLY E 205 -1.73 9.52 -56.25
N ASP E 206 -1.30 10.49 -55.45
CA ASP E 206 -1.05 10.29 -54.03
C ASP E 206 -2.20 10.85 -53.17
N SER E 207 -3.43 10.72 -53.65
CA SER E 207 -4.59 11.16 -52.88
C SER E 207 -4.89 10.18 -51.76
N GLY E 208 -5.23 10.73 -50.59
CA GLY E 208 -5.57 9.94 -49.43
C GLY E 208 -4.42 9.69 -48.47
N SER E 209 -3.19 9.97 -48.88
CA SER E 209 -2.05 9.82 -47.99
C SER E 209 -2.08 10.91 -46.92
N LYS E 210 -1.09 10.87 -46.04
CA LYS E 210 -1.00 11.82 -44.94
C LYS E 210 -0.27 13.09 -45.36
N GLY E 211 -0.70 14.20 -44.79
CA GLY E 211 -0.13 15.49 -45.16
C GLY E 211 -0.51 16.54 -44.15
N LEU E 212 -0.51 17.80 -44.62
CA LEU E 212 -0.90 18.94 -43.79
C LEU E 212 -2.15 19.66 -44.29
N ALA E 213 -2.58 19.40 -45.53
CA ALA E 213 -3.59 20.27 -46.16
C ALA E 213 -4.92 20.26 -45.44
N ASP E 214 -5.26 19.16 -44.75
CA ASP E 214 -6.53 19.13 -44.02
C ASP E 214 -6.61 20.19 -42.93
N ILE E 215 -5.46 20.64 -42.41
CA ILE E 215 -5.41 21.72 -41.42
C ILE E 215 -5.11 23.05 -42.09
N LEU E 216 -4.35 23.04 -43.18
CA LEU E 216 -3.92 24.29 -43.81
C LEU E 216 -4.91 24.78 -44.85
N LYS E 217 -5.64 23.87 -45.51
CA LYS E 217 -6.63 24.27 -46.51
C LYS E 217 -7.73 25.10 -45.85
N PRO E 218 -8.19 24.77 -44.64
CA PRO E 218 -8.97 25.76 -43.89
C PRO E 218 -8.19 27.03 -43.59
N ALA E 219 -6.92 26.91 -43.19
CA ALA E 219 -6.11 28.08 -42.88
C ALA E 219 -5.95 28.97 -44.10
N LEU E 220 -5.89 28.38 -45.30
CA LEU E 220 -5.90 29.18 -46.52
C LEU E 220 -7.25 29.87 -46.69
N SER E 221 -8.35 29.14 -46.50
CA SER E 221 -9.67 29.72 -46.64
C SER E 221 -9.92 30.80 -45.60
N ARG E 222 -9.42 30.60 -44.37
CA ARG E 222 -9.56 31.61 -43.33
C ARG E 222 -8.66 32.81 -43.56
N GLY E 223 -7.49 32.60 -44.17
CA GLY E 223 -6.51 33.65 -44.32
C GLY E 223 -5.60 33.81 -43.12
N GLU E 224 -5.39 32.74 -42.35
CA GLU E 224 -4.55 32.79 -41.17
C GLU E 224 -3.07 32.58 -41.50
N LEU E 225 -2.75 31.54 -42.26
CA LEU E 225 -1.38 31.13 -42.51
C LEU E 225 -1.06 31.28 -44.00
N THR E 226 0.09 31.87 -44.29
CA THR E 226 0.65 31.91 -45.65
C THR E 226 2.02 31.21 -45.60
N VAL E 227 2.15 30.12 -46.35
CA VAL E 227 3.38 29.34 -46.40
C VAL E 227 3.85 29.29 -47.85
N ILE E 228 5.14 29.53 -48.07
CA ILE E 228 5.66 29.91 -49.39
C ILE E 228 6.82 29.01 -49.78
N GLY E 229 6.92 28.75 -51.08
CA GLY E 229 7.96 27.87 -51.60
C GLY E 229 7.64 27.46 -53.03
N ALA E 230 8.50 26.60 -53.57
CA ALA E 230 8.53 26.30 -55.00
C ALA E 230 8.15 24.85 -55.29
N THR E 231 7.92 24.58 -56.57
CA THR E 231 7.64 23.22 -57.06
C THR E 231 7.93 23.20 -58.56
N THR E 232 7.44 22.15 -59.22
CA THR E 232 7.50 22.03 -60.68
C THR E 232 6.32 22.77 -61.29
N GLN E 233 6.57 23.55 -62.34
CA GLN E 233 5.51 24.36 -62.94
C GLN E 233 4.40 23.50 -63.53
N ASP E 234 4.72 22.30 -64.02
CA ASP E 234 3.73 21.37 -64.53
C ASP E 234 2.97 20.65 -63.42
N GLU E 235 3.54 20.53 -62.23
CA GLU E 235 2.81 19.98 -61.10
C GLU E 235 1.70 20.92 -60.63
N TYR E 236 1.82 22.22 -60.95
CA TYR E 236 0.80 23.20 -60.60
C TYR E 236 -0.56 22.91 -61.22
N ARG E 237 -0.61 22.07 -62.26
CA ARG E 237 -1.86 21.75 -62.94
C ARG E 237 -2.93 21.22 -62.00
N ASN E 238 -2.55 20.60 -60.88
CA ASN E 238 -3.50 20.04 -59.91
C ASN E 238 -4.28 21.11 -59.15
N THR E 239 -4.02 22.39 -59.39
CA THR E 239 -4.83 23.47 -58.82
C THR E 239 -6.31 23.28 -59.14
N ILE E 240 -6.61 22.77 -60.33
CA ILE E 240 -7.99 22.64 -60.78
C ILE E 240 -8.80 21.72 -59.88
N LEU E 241 -8.14 20.80 -59.16
CA LEU E 241 -8.86 19.90 -58.27
C LEU E 241 -9.59 20.65 -57.16
N LYS E 242 -8.92 21.60 -56.51
CA LYS E 242 -9.51 22.45 -55.47
C LYS E 242 -9.09 23.89 -55.75
N ASN E 243 -9.37 24.35 -56.97
CA ASN E 243 -9.15 25.74 -57.34
C ASN E 243 -9.76 26.73 -56.35
N ALA E 244 -10.91 26.38 -55.75
CA ALA E 244 -11.57 27.29 -54.82
C ALA E 244 -10.69 27.62 -53.62
N ALA E 245 -9.83 26.70 -53.19
CA ALA E 245 -8.89 26.95 -52.11
C ALA E 245 -7.51 27.37 -52.61
N LEU E 246 -7.09 26.89 -53.78
CA LEU E 246 -5.75 27.12 -54.29
C LEU E 246 -5.70 28.23 -55.34
N ALA E 247 -6.60 28.22 -56.32
CA ALA E 247 -6.59 29.26 -57.34
C ALA E 247 -7.02 30.60 -56.77
N ARG E 248 -7.98 30.59 -55.83
CA ARG E 248 -8.47 31.81 -55.21
C ARG E 248 -7.59 32.29 -54.05
N ARG E 249 -6.40 31.72 -53.88
CA ARG E 249 -5.47 32.14 -52.84
C ARG E 249 -4.04 32.31 -53.33
N PHE E 250 -3.76 32.08 -54.61
CA PHE E 250 -2.40 32.02 -55.13
C PHE E 250 -2.18 33.03 -56.26
N ASN E 251 -0.89 33.24 -56.55
CA ASN E 251 -0.43 34.08 -57.64
C ASN E 251 0.84 33.46 -58.19
N GLU E 252 0.96 33.40 -59.53
CA GLU E 252 2.06 32.69 -60.14
C GLU E 252 3.33 33.53 -60.18
N VAL E 253 4.49 32.87 -59.99
CA VAL E 253 5.80 33.50 -60.04
C VAL E 253 6.39 33.26 -61.41
N LYS E 254 7.15 34.24 -61.91
CA LYS E 254 7.94 34.08 -63.13
C LYS E 254 9.19 33.28 -62.77
N VAL E 255 9.38 32.19 -63.51
CA VAL E 255 10.13 31.02 -63.04
C VAL E 255 11.55 31.39 -62.64
N ASN E 256 12.39 31.73 -63.62
CA ASN E 256 13.80 31.96 -63.38
C ASN E 256 14.43 32.35 -64.72
N ALA E 257 15.66 32.87 -64.65
CA ALA E 257 16.44 33.18 -65.85
C ALA E 257 17.92 33.03 -65.54
N PRO E 258 18.43 31.81 -65.37
CA PRO E 258 19.85 31.62 -65.01
C PRO E 258 20.78 31.88 -66.19
N SER E 259 21.13 33.15 -66.38
CA SER E 259 22.02 33.55 -67.46
C SER E 259 23.48 33.28 -67.10
N ALA E 260 24.31 33.07 -68.12
CA ALA E 260 25.74 32.90 -67.89
C ALA E 260 26.42 34.21 -67.51
N GLU E 261 25.78 35.35 -67.79
CA GLU E 261 26.37 36.64 -67.45
C GLU E 261 26.55 36.79 -65.94
N ASN E 262 25.49 36.50 -65.18
CA ASN E 262 25.58 36.55 -63.72
C ASN E 262 26.24 35.32 -63.13
N THR E 263 26.33 34.23 -63.90
CA THR E 263 27.03 33.03 -63.43
C THR E 263 28.48 33.34 -63.08
N PHE E 264 29.17 34.11 -63.92
CA PHE E 264 30.61 34.29 -63.76
C PHE E 264 30.95 34.99 -62.43
N LYS E 265 30.22 36.06 -62.11
CA LYS E 265 30.44 36.72 -60.83
C LYS E 265 30.18 35.79 -59.67
N ILE E 266 29.18 34.91 -59.81
CA ILE E 266 28.96 33.87 -58.80
C ILE E 266 30.15 32.93 -58.78
N LEU E 267 30.62 32.50 -59.97
CA LEU E 267 31.72 31.55 -60.06
C LEU E 267 32.97 32.04 -59.32
N GLN E 268 33.21 33.35 -59.31
CA GLN E 268 34.26 33.90 -58.46
C GLN E 268 33.90 33.73 -56.99
N GLY E 269 32.61 33.77 -56.66
CA GLY E 269 32.19 33.44 -55.30
C GLY E 269 32.29 31.96 -55.01
N ILE E 270 32.21 31.12 -56.05
CA ILE E 270 32.25 29.68 -55.85
C ILE E 270 33.68 29.23 -55.54
N ARG E 271 34.68 29.82 -56.20
CA ARG E 271 36.05 29.38 -55.95
C ARG E 271 36.48 29.68 -54.51
N ASP E 272 36.30 30.91 -54.04
CA ASP E 272 36.63 31.29 -52.66
C ASP E 272 35.88 30.46 -51.62
N LEU E 273 34.80 29.79 -52.00
CA LEU E 273 34.08 28.86 -51.14
C LEU E 273 34.66 27.45 -51.16
N TYR E 274 35.28 27.04 -52.29
CA TYR E 274 35.73 25.66 -52.47
C TYR E 274 37.21 25.51 -52.82
N GLN E 275 37.85 26.51 -53.43
CA GLN E 275 39.23 26.33 -53.87
C GLN E 275 40.19 26.16 -52.69
N GLN E 276 39.81 26.64 -51.50
CA GLN E 276 40.63 26.41 -50.32
C GLN E 276 40.55 24.97 -49.82
N HIS E 277 39.57 24.19 -50.28
CA HIS E 277 39.39 22.83 -49.78
C HIS E 277 40.54 21.92 -50.21
N HIS E 278 41.08 22.11 -51.42
CA HIS E 278 42.08 21.22 -51.99
C HIS E 278 43.41 21.92 -52.28
N ASN E 279 43.60 23.14 -51.76
CA ASN E 279 44.81 23.92 -52.04
C ASN E 279 44.97 24.15 -53.55
N VAL E 280 43.85 24.40 -54.22
CA VAL E 280 43.80 24.60 -55.67
C VAL E 280 43.60 26.08 -55.96
N ILE E 281 44.13 26.53 -57.09
CA ILE E 281 43.83 27.84 -57.65
C ILE E 281 42.87 27.65 -58.83
N LEU E 282 41.82 28.46 -58.88
CA LEU E 282 40.81 28.41 -59.93
C LEU E 282 40.73 29.79 -60.58
N PRO E 283 41.67 30.13 -61.47
CA PRO E 283 41.67 31.47 -62.06
C PRO E 283 40.47 31.69 -62.96
N ASP E 284 40.41 32.89 -63.54
CA ASP E 284 39.26 33.32 -64.32
C ASP E 284 39.05 32.44 -65.55
N GLU E 285 40.13 32.09 -66.26
CA GLU E 285 39.98 31.29 -67.46
C GLU E 285 39.44 29.89 -67.16
N VAL E 286 39.68 29.37 -65.95
CA VAL E 286 39.10 28.08 -65.56
C VAL E 286 37.62 28.24 -65.26
N LEU E 287 37.25 29.32 -64.55
CA LEU E 287 35.84 29.56 -64.26
C LEU E 287 35.04 29.75 -65.55
N LYS E 288 35.57 30.55 -66.50
CA LYS E 288 34.91 30.72 -67.79
C LYS E 288 34.83 29.40 -68.54
N ALA E 289 35.95 28.65 -68.58
CA ALA E 289 35.95 27.37 -69.26
C ALA E 289 35.00 26.37 -68.61
N ALA E 290 34.74 26.52 -67.31
CA ALA E 290 33.84 25.60 -66.63
C ALA E 290 32.40 25.69 -67.16
N VAL E 291 32.04 26.80 -67.82
CA VAL E 291 30.72 26.97 -68.42
C VAL E 291 30.83 27.17 -69.94
N ASP E 292 31.75 28.04 -70.37
CA ASP E 292 31.86 28.36 -71.79
C ASP E 292 32.24 27.15 -72.63
N TYR E 293 33.10 26.28 -72.11
CA TYR E 293 33.45 25.04 -72.81
C TYR E 293 32.43 23.94 -72.55
N SER E 294 31.85 23.90 -71.34
CA SER E 294 30.99 22.79 -70.95
C SER E 294 29.56 22.96 -71.45
N VAL E 295 29.08 24.19 -71.61
CA VAL E 295 27.69 24.43 -72.03
C VAL E 295 27.36 23.68 -73.32
N GLN E 296 28.36 23.48 -74.18
CA GLN E 296 28.16 22.78 -75.43
C GLN E 296 27.71 21.34 -75.24
N TYR E 297 28.09 20.70 -74.12
CA TYR E 297 27.88 19.26 -73.92
C TYR E 297 27.06 18.96 -72.67
N ILE E 298 26.25 19.91 -72.20
CA ILE E 298 25.41 19.73 -71.02
C ILE E 298 23.97 20.09 -71.42
N PRO E 299 23.14 19.14 -71.83
CA PRO E 299 21.71 19.43 -72.05
C PRO E 299 20.88 19.52 -70.78
N GLN E 300 21.51 19.59 -69.61
CA GLN E 300 20.82 19.51 -68.33
C GLN E 300 20.44 20.89 -67.80
N ARG E 301 19.36 20.92 -67.01
CA ARG E 301 18.98 22.11 -66.27
C ARG E 301 19.99 22.43 -65.16
N SER E 302 20.82 21.45 -64.78
CA SER E 302 21.76 21.62 -63.67
C SER E 302 23.08 22.26 -64.09
N LEU E 303 23.15 22.89 -65.27
CA LEU E 303 24.37 23.53 -65.74
C LEU E 303 24.94 24.58 -64.78
N PRO E 304 24.13 25.47 -64.17
CA PRO E 304 24.73 26.54 -63.35
C PRO E 304 25.60 26.06 -62.20
N ASP E 305 25.42 24.82 -61.76
CA ASP E 305 26.26 24.21 -60.74
C ASP E 305 27.20 23.14 -61.32
N LYS E 306 27.24 22.97 -62.64
CA LYS E 306 28.17 22.01 -63.23
C LYS E 306 29.61 22.47 -63.08
N ALA E 307 29.84 23.78 -62.98
CA ALA E 307 31.20 24.28 -62.80
C ALA E 307 31.82 23.78 -61.51
N ILE E 308 31.00 23.55 -60.48
CA ILE E 308 31.50 22.98 -59.24
C ILE E 308 32.00 21.56 -59.48
N ASP E 309 31.22 20.76 -60.22
CA ASP E 309 31.61 19.38 -60.48
C ASP E 309 32.94 19.30 -61.23
N LEU E 310 33.19 20.23 -62.14
CA LEU E 310 34.41 20.17 -62.94
C LEU E 310 35.63 20.51 -62.10
N VAL E 311 35.52 21.52 -61.23
CA VAL E 311 36.65 21.86 -60.37
C VAL E 311 36.77 20.85 -59.22
N ASP E 312 35.64 20.26 -58.80
CA ASP E 312 35.70 19.21 -57.78
C ASP E 312 36.41 17.97 -58.32
N VAL E 313 36.03 17.50 -59.51
CA VAL E 313 36.64 16.32 -60.09
C VAL E 313 38.07 16.63 -60.55
N THR E 314 38.32 17.87 -60.97
CA THR E 314 39.68 18.28 -61.31
C THR E 314 40.60 18.11 -60.10
N ALA E 315 40.19 18.64 -58.95
CA ALA E 315 40.99 18.47 -57.73
C ALA E 315 41.08 16.99 -57.35
N ALA E 316 40.03 16.22 -57.60
CA ALA E 316 40.06 14.79 -57.32
C ALA E 316 41.10 14.10 -58.20
N HIS E 317 41.20 14.50 -59.47
CA HIS E 317 42.16 13.89 -60.37
C HIS E 317 43.56 14.47 -60.18
N LEU E 318 43.65 15.78 -59.88
CA LEU E 318 44.94 16.34 -59.49
C LEU E 318 45.43 15.78 -58.17
N ALA E 319 44.50 15.38 -57.30
CA ALA E 319 44.90 14.79 -56.02
C ALA E 319 45.56 13.43 -56.18
N ALA E 320 45.52 12.84 -57.38
CA ALA E 320 46.25 11.60 -57.63
C ALA E 320 47.76 11.80 -57.63
N GLN E 321 48.24 13.05 -57.70
CA GLN E 321 49.67 13.31 -57.63
C GLN E 321 50.20 13.12 -56.21
N HIS E 322 49.46 13.57 -55.20
CA HIS E 322 49.92 13.53 -53.80
C HIS E 322 48.87 12.88 -52.90
N PRO E 323 48.64 11.58 -53.03
CA PRO E 323 47.90 10.85 -51.99
C PRO E 323 48.75 10.14 -50.95
N VAL E 324 50.08 10.29 -50.97
CA VAL E 324 50.97 9.41 -50.20
C VAL E 324 52.00 10.18 -49.38
N THR E 325 51.79 11.48 -49.17
CA THR E 325 52.70 12.22 -48.31
C THR E 325 52.60 11.69 -46.89
N ASP E 326 53.73 11.31 -46.31
CA ASP E 326 53.78 10.75 -44.97
C ASP E 326 53.88 11.87 -43.92
N VAL E 327 52.87 12.74 -43.93
CA VAL E 327 52.78 13.78 -42.91
C VAL E 327 52.68 13.15 -41.53
N HIS E 328 52.00 12.01 -41.43
CA HIS E 328 51.84 11.33 -40.15
C HIS E 328 53.11 10.67 -39.66
N ALA E 329 54.09 10.43 -40.54
CA ALA E 329 55.35 9.87 -40.09
C ALA E 329 56.05 10.79 -39.10
N VAL E 330 55.89 12.11 -39.27
CA VAL E 330 56.45 13.06 -38.32
C VAL E 330 55.52 13.26 -37.14
N GLU E 331 54.20 13.28 -37.38
CA GLU E 331 53.25 13.44 -36.28
C GLU E 331 53.40 12.30 -35.27
N ARG E 332 53.61 11.07 -35.76
CA ARG E 332 53.81 9.95 -34.85
C ARG E 332 55.12 10.09 -34.10
N GLU E 333 56.12 10.71 -34.72
CA GLU E 333 57.37 11.01 -34.01
C GLU E 333 57.13 12.08 -32.93
N ILE E 334 56.28 13.07 -33.23
CA ILE E 334 56.01 14.13 -32.25
C ILE E 334 55.27 13.55 -31.05
N GLU E 335 54.28 12.69 -31.29
CA GLU E 335 53.53 12.11 -30.18
C GLU E 335 54.41 11.26 -29.28
N THR E 336 55.44 10.63 -29.87
CA THR E 336 56.44 9.93 -29.06
C THR E 336 57.28 10.92 -28.26
N GLU E 337 57.85 11.91 -28.95
CA GLU E 337 58.71 12.88 -28.27
C GLU E 337 57.95 13.70 -27.26
N LYS E 338 56.68 14.02 -27.54
CA LYS E 338 55.85 14.70 -26.56
C LYS E 338 55.57 13.80 -25.37
N ASP E 339 55.37 12.51 -25.62
CA ASP E 339 55.12 11.58 -24.52
C ASP E 339 56.35 11.45 -23.63
N LYS E 340 57.55 11.52 -24.21
CA LYS E 340 58.76 11.59 -23.40
C LYS E 340 58.84 12.94 -22.69
N GLN E 341 58.49 14.02 -23.39
CA GLN E 341 58.50 15.35 -22.80
C GLN E 341 57.64 15.41 -21.55
N GLU E 342 56.43 14.86 -21.62
CA GLU E 342 55.56 14.84 -20.44
C GLU E 342 56.21 14.07 -19.29
N LYS E 343 57.03 13.07 -19.60
CA LYS E 343 57.71 12.32 -18.54
C LYS E 343 58.95 13.06 -18.04
N ALA E 344 59.66 13.75 -18.95
CA ALA E 344 60.78 14.59 -18.52
C ALA E 344 60.30 15.68 -17.57
N VAL E 345 59.07 16.15 -17.75
CA VAL E 345 58.54 17.20 -16.90
C VAL E 345 58.20 16.64 -15.52
N GLU E 346 57.54 15.47 -15.47
CA GLU E 346 57.19 14.88 -14.19
C GLU E 346 58.42 14.55 -13.36
N ALA E 347 59.51 14.15 -14.04
CA ALA E 347 60.79 13.95 -13.37
C ALA E 347 61.53 15.26 -13.13
N GLU E 348 60.99 16.39 -13.59
CA GLU E 348 61.63 17.69 -13.45
C GLU E 348 63.01 17.69 -14.07
N ASP E 349 63.13 17.05 -15.24
CA ASP E 349 64.34 17.03 -16.05
C ASP E 349 64.08 17.98 -17.22
N PHE E 350 64.46 19.24 -17.04
CA PHE E 350 64.09 20.30 -17.96
C PHE E 350 65.17 20.64 -18.98
N GLU E 351 66.37 20.10 -18.84
CA GLU E 351 67.28 20.08 -20.00
C GLU E 351 66.73 19.13 -21.06
N ALA E 352 66.23 17.97 -20.63
CA ALA E 352 65.63 17.02 -21.56
C ALA E 352 64.31 17.55 -22.10
N ALA E 353 63.50 18.14 -21.22
CA ALA E 353 62.19 18.65 -21.64
C ALA E 353 62.34 19.77 -22.65
N LEU E 354 63.31 20.66 -22.45
CA LEU E 354 63.56 21.74 -23.40
C LEU E 354 64.04 21.19 -24.74
N ASN E 355 64.92 20.18 -24.68
CA ASN E 355 65.44 19.57 -25.91
C ASN E 355 64.32 18.99 -26.76
N TYR E 356 63.28 18.45 -26.12
CA TYR E 356 62.17 17.86 -26.85
C TYR E 356 61.26 18.92 -27.45
N LYS E 357 60.96 19.98 -26.69
CA LYS E 357 60.22 21.10 -27.25
C LYS E 357 60.99 21.73 -28.40
N THR E 358 62.32 21.71 -28.34
CA THR E 358 63.13 22.22 -29.44
C THR E 358 62.97 21.36 -30.69
N ARG E 359 63.10 20.03 -30.55
CA ARG E 359 62.98 19.16 -31.70
C ARG E 359 61.58 19.19 -32.30
N ILE E 360 60.54 19.13 -31.45
CA ILE E 360 59.16 19.11 -31.94
C ILE E 360 58.86 20.36 -32.75
N ALA E 361 59.34 21.52 -32.29
CA ALA E 361 59.11 22.77 -33.02
C ALA E 361 59.66 22.66 -34.44
N GLU E 362 60.87 22.12 -34.59
CA GLU E 362 61.39 21.85 -35.92
C GLU E 362 60.52 20.83 -36.64
N LEU E 363 60.12 19.76 -35.96
CA LEU E 363 59.31 18.72 -36.59
C LEU E 363 57.95 19.27 -37.01
N GLU E 364 57.37 20.15 -36.21
CA GLU E 364 56.09 20.76 -36.59
C GLU E 364 56.25 21.66 -37.80
N ARG E 365 57.37 22.39 -37.89
CA ARG E 365 57.62 23.23 -39.05
C ARG E 365 57.83 22.39 -40.30
N LYS E 366 58.39 21.18 -40.15
CA LYS E 366 58.55 20.30 -41.31
C LYS E 366 57.19 19.89 -41.88
N ILE E 367 56.24 19.52 -41.01
CA ILE E 367 54.91 19.11 -41.46
C ILE E 367 54.24 20.28 -42.19
N GLU E 368 54.23 21.46 -41.57
CA GLU E 368 53.51 22.59 -42.14
C GLU E 368 54.10 23.01 -43.48
N ASN E 369 55.40 22.76 -43.68
CA ASN E 369 56.04 23.08 -44.94
C ASN E 369 55.76 22.06 -46.05
N HIS E 370 55.20 20.89 -45.71
CA HIS E 370 54.81 19.94 -46.73
C HIS E 370 53.72 20.49 -47.65
N THR E 371 52.86 21.37 -47.13
CA THR E 371 51.81 21.98 -47.94
C THR E 371 52.38 22.69 -49.16
N GLU E 372 53.55 23.31 -49.02
CA GLU E 372 54.14 24.06 -50.12
C GLU E 372 54.64 23.17 -51.25
N ASP E 373 54.85 21.87 -51.01
CA ASP E 373 55.25 20.93 -52.05
C ASP E 373 54.05 20.25 -52.71
N MET E 374 52.82 20.71 -52.44
CA MET E 374 51.60 20.06 -52.91
C MET E 374 50.64 21.11 -53.46
N LYS E 375 51.16 22.01 -54.30
CA LYS E 375 50.32 22.97 -55.00
C LYS E 375 49.50 22.25 -56.06
N VAL E 376 48.21 22.58 -56.14
CA VAL E 376 47.25 21.91 -57.01
C VAL E 376 46.89 22.91 -58.10
N THR E 377 47.41 22.68 -59.32
CA THR E 377 47.27 23.65 -60.42
C THR E 377 46.94 22.89 -61.70
N ALA E 378 45.67 22.89 -62.07
CA ALA E 378 45.27 22.41 -63.39
C ALA E 378 45.55 23.46 -64.46
N SER E 379 45.95 23.00 -65.63
CA SER E 379 45.82 23.81 -66.82
C SER E 379 44.34 23.87 -67.22
N VAL E 380 43.95 24.99 -67.83
CA VAL E 380 42.58 25.10 -68.31
C VAL E 380 42.29 24.04 -69.37
N ASN E 381 43.33 23.58 -70.09
CA ASN E 381 43.16 22.46 -71.00
C ASN E 381 42.89 21.16 -70.25
N ASP E 382 43.49 20.99 -69.08
CA ASP E 382 43.22 19.80 -68.27
C ASP E 382 41.80 19.83 -67.70
N VAL E 383 41.33 21.02 -67.30
CA VAL E 383 39.95 21.16 -66.85
C VAL E 383 39.00 20.84 -68.00
N ALA E 384 39.33 21.30 -69.20
CA ALA E 384 38.50 20.99 -70.36
C ALA E 384 38.54 19.49 -70.66
N GLU E 385 39.67 18.84 -70.36
CA GLU E 385 39.77 17.41 -70.59
C GLU E 385 38.96 16.62 -69.55
N SER E 386 38.73 17.19 -68.37
CA SER E 386 37.82 16.59 -67.40
C SER E 386 36.44 16.35 -67.98
N VAL E 387 36.01 17.19 -68.92
CA VAL E 387 34.69 17.05 -69.54
C VAL E 387 34.60 15.74 -70.31
N GLU E 388 35.74 15.24 -70.81
CA GLU E 388 35.76 13.97 -71.53
C GLU E 388 35.99 12.78 -70.60
N ARG E 389 36.84 12.97 -69.57
CA ARG E 389 37.26 11.83 -68.75
C ARG E 389 36.08 11.15 -68.08
N MET E 390 35.18 11.93 -67.48
CA MET E 390 34.02 11.39 -66.77
C MET E 390 32.74 11.42 -67.62
N THR E 391 32.86 11.61 -68.94
CA THR E 391 31.72 11.56 -69.85
C THR E 391 31.97 10.59 -71.00
N GLY E 392 33.23 10.44 -71.41
CA GLY E 392 33.58 9.52 -72.47
C GLY E 392 33.25 10.02 -73.86
N ILE E 393 33.34 11.31 -74.10
CA ILE E 393 32.87 11.95 -75.33
C ILE E 393 34.08 12.51 -76.05
N PRO E 394 34.54 11.94 -77.21
CA PRO E 394 35.89 12.26 -77.74
C PRO E 394 35.99 13.66 -78.35
N VAL E 395 36.29 14.66 -77.51
CA VAL E 395 36.20 16.06 -77.89
C VAL E 395 37.43 16.86 -77.47
N SER E 396 38.56 16.19 -77.26
CA SER E 396 39.78 16.89 -76.85
C SER E 396 40.27 17.87 -77.91
N GLN E 397 39.83 17.72 -79.16
CA GLN E 397 40.23 18.63 -80.23
C GLN E 397 39.65 20.03 -80.08
N MET E 398 38.62 20.20 -79.26
CA MET E 398 37.96 21.50 -79.11
C MET E 398 38.76 22.40 -78.17
N GLY E 399 38.58 23.73 -78.28
CA GLY E 399 37.72 24.43 -79.23
C GLY E 399 37.13 25.71 -78.67
N ALA E 400 36.57 26.51 -79.59
CA ALA E 400 35.85 27.74 -79.29
C ALA E 400 34.53 27.61 -80.04
N SER E 401 33.84 26.50 -79.79
CA SER E 401 33.06 25.80 -80.79
C SER E 401 31.58 26.15 -80.76
N ASP E 402 31.23 27.41 -80.51
CA ASP E 402 29.84 27.83 -80.70
C ASP E 402 29.43 27.71 -82.17
N ILE E 403 30.35 28.04 -83.08
CA ILE E 403 30.08 28.04 -84.52
C ILE E 403 30.72 26.83 -85.17
N GLU E 404 31.86 26.38 -84.63
CA GLU E 404 32.59 25.27 -85.23
C GLU E 404 31.73 24.03 -85.35
N ARG E 405 30.98 23.70 -84.30
CA ARG E 405 30.09 22.54 -84.38
C ARG E 405 28.94 22.78 -85.35
N LEU E 406 28.44 24.01 -85.40
CA LEU E 406 27.29 24.34 -86.24
C LEU E 406 27.58 24.01 -87.70
N LYS E 407 28.78 24.35 -88.17
CA LYS E 407 29.14 24.17 -89.57
C LYS E 407 29.83 22.83 -89.84
N ASP E 408 30.67 22.36 -88.90
CA ASP E 408 31.51 21.20 -89.18
C ASP E 408 30.88 19.86 -88.79
N MET E 409 29.94 19.84 -87.84
CA MET E 409 29.31 18.58 -87.48
C MET E 409 28.53 18.00 -88.65
N ALA E 410 28.02 18.86 -89.53
CA ALA E 410 27.38 18.37 -90.74
C ALA E 410 28.39 17.67 -91.65
N HIS E 411 29.56 18.28 -91.84
CA HIS E 411 30.62 17.63 -92.60
C HIS E 411 31.16 16.43 -91.85
N ARG E 412 31.26 16.53 -90.53
CA ARG E 412 31.76 15.41 -89.72
C ARG E 412 30.83 14.21 -89.83
N LEU E 413 29.53 14.45 -89.96
CA LEU E 413 28.58 13.36 -90.11
C LEU E 413 28.88 12.58 -91.39
N GLN E 414 28.82 13.25 -92.54
CA GLN E 414 28.89 12.58 -93.84
C GLN E 414 30.17 11.77 -94.02
N ASP E 415 31.24 12.12 -93.31
CA ASP E 415 32.45 11.32 -93.33
C ASP E 415 32.21 9.90 -92.82
N LYS E 416 31.16 9.69 -92.01
CA LYS E 416 30.82 8.37 -91.48
C LYS E 416 29.50 7.83 -92.03
N VAL E 417 28.86 8.51 -92.96
CA VAL E 417 27.55 8.10 -93.49
C VAL E 417 27.76 7.18 -94.67
N ILE E 418 26.85 6.23 -94.84
CA ILE E 418 26.73 5.43 -96.06
C ILE E 418 25.36 5.76 -96.66
N GLY E 419 25.33 6.65 -97.65
CA GLY E 419 24.11 6.97 -98.34
C GLY E 419 24.16 8.36 -98.95
N GLN E 420 22.97 8.88 -99.22
CA GLN E 420 22.83 10.19 -99.85
C GLN E 420 23.39 11.28 -98.96
N ASP E 421 23.85 12.38 -99.57
CA ASP E 421 24.53 13.44 -98.83
C ASP E 421 23.60 14.56 -98.41
N LYS E 422 22.49 14.78 -99.12
CA LYS E 422 21.60 15.89 -98.78
C LYS E 422 20.81 15.65 -97.49
N ALA E 423 20.92 14.46 -96.89
CA ALA E 423 20.20 14.22 -95.64
C ALA E 423 20.71 15.10 -94.50
N VAL E 424 22.01 15.43 -94.50
CA VAL E 424 22.55 16.22 -93.40
C VAL E 424 22.03 17.65 -93.45
N GLU E 425 21.85 18.21 -94.65
CA GLU E 425 21.36 19.58 -94.77
C GLU E 425 19.96 19.72 -94.18
N VAL E 426 19.17 18.64 -94.23
CA VAL E 426 17.83 18.67 -93.62
C VAL E 426 17.94 18.64 -92.10
N VAL E 427 18.74 17.71 -91.57
CA VAL E 427 18.75 17.49 -90.12
C VAL E 427 19.69 18.47 -89.42
N ALA E 428 20.83 18.80 -90.04
CA ALA E 428 21.80 19.66 -89.37
C ALA E 428 21.27 21.08 -89.20
N ARG E 429 20.57 21.60 -90.23
CA ARG E 429 20.03 22.95 -90.18
C ARG E 429 19.10 23.14 -88.98
N ALA E 430 18.40 22.07 -88.59
CA ALA E 430 17.50 22.17 -87.45
C ALA E 430 18.29 22.18 -86.14
N ILE E 431 19.43 21.47 -86.13
CA ILE E 431 20.38 21.53 -85.01
C ILE E 431 21.13 22.85 -85.03
N CYS E 432 21.22 23.47 -86.21
CA CYS E 432 21.91 24.75 -86.32
C CYS E 432 21.01 25.90 -85.87
N ARG E 433 19.79 26.01 -86.44
CA ARG E 433 18.95 27.15 -86.14
C ARG E 433 18.49 27.16 -84.69
N ASN E 434 18.27 25.98 -84.10
CA ASN E 434 17.95 25.92 -82.68
C ASN E 434 19.13 26.38 -81.83
N ARG E 435 20.31 25.77 -82.01
CA ARG E 435 21.46 26.13 -81.20
C ARG E 435 21.85 27.58 -81.42
N ALA E 436 21.60 28.11 -82.62
CA ALA E 436 21.79 29.54 -82.85
C ALA E 436 20.74 30.39 -82.15
N GLY E 437 19.57 29.80 -81.87
CA GLY E 437 18.47 30.51 -81.26
C GLY E 437 17.48 31.11 -82.23
N PHE E 438 17.59 30.80 -83.53
CA PHE E 438 16.66 31.28 -84.53
C PHE E 438 15.59 30.20 -84.77
N ASP E 439 14.57 30.27 -83.92
CA ASP E 439 13.51 29.29 -83.89
C ASP E 439 12.29 29.96 -83.28
N GLU E 440 11.12 29.64 -83.84
CA GLU E 440 9.89 30.31 -83.44
C GLU E 440 9.59 30.04 -81.96
N GLY E 441 8.69 30.85 -81.40
CA GLY E 441 8.47 30.85 -79.97
C GLY E 441 8.01 29.51 -79.42
N ASN E 442 7.29 28.73 -80.24
CA ASN E 442 6.87 27.39 -79.85
C ASN E 442 6.95 26.49 -81.08
N ARG E 443 8.10 25.83 -81.25
CA ARG E 443 8.23 24.72 -82.18
C ARG E 443 9.12 23.66 -81.52
N PRO E 444 8.63 22.44 -81.33
CA PRO E 444 9.66 21.38 -81.34
C PRO E 444 10.30 21.37 -82.72
N ILE E 445 11.50 20.77 -82.79
CA ILE E 445 12.48 20.95 -83.88
C ILE E 445 11.82 20.96 -85.25
N GLY E 446 10.90 20.03 -85.45
CA GLY E 446 10.29 19.80 -86.75
C GLY E 446 10.24 18.32 -87.03
N ASN E 447 9.27 17.95 -87.86
CA ASN E 447 8.98 16.55 -88.13
C ASN E 447 9.73 16.11 -89.37
N PHE E 448 10.55 15.07 -89.23
CA PHE E 448 11.37 14.54 -90.30
C PHE E 448 10.89 13.14 -90.68
N LEU E 449 11.01 12.83 -91.97
CA LEU E 449 10.63 11.53 -92.51
C LEU E 449 11.73 11.03 -93.43
N PHE E 450 12.29 9.87 -93.11
CA PHE E 450 13.24 9.18 -93.96
C PHE E 450 12.56 7.96 -94.59
N VAL E 451 12.46 7.96 -95.91
CA VAL E 451 11.90 6.83 -96.65
C VAL E 451 13.06 5.96 -97.08
N GLY E 452 12.99 4.67 -96.76
CA GLY E 452 14.09 3.77 -97.01
C GLY E 452 13.73 2.35 -96.63
N SER E 453 14.76 1.55 -96.38
CA SER E 453 14.59 0.16 -95.97
C SER E 453 15.56 -0.13 -94.82
N THR E 454 15.42 -1.30 -94.21
CA THR E 454 16.14 -1.64 -92.98
C THR E 454 17.64 -1.71 -93.17
N GLY E 455 18.38 -1.68 -92.06
CA GLY E 455 19.82 -1.91 -92.10
C GLY E 455 20.60 -0.61 -91.97
N VAL E 456 21.57 -0.44 -92.85
CA VAL E 456 22.48 0.71 -92.77
C VAL E 456 21.71 2.00 -93.04
N GLY E 457 20.94 2.03 -94.12
CA GLY E 457 20.20 3.24 -94.47
C GLY E 457 19.20 3.64 -93.40
N LYS E 458 18.69 2.66 -92.65
CA LYS E 458 17.66 2.95 -91.66
C LYS E 458 18.25 3.66 -90.43
N THR E 459 19.39 3.18 -89.93
CA THR E 459 19.82 3.49 -88.57
C THR E 459 21.03 4.42 -88.45
N GLU E 460 21.85 4.57 -89.50
CA GLU E 460 23.06 5.39 -89.34
C GLU E 460 22.72 6.83 -88.99
N LEU E 461 21.68 7.39 -89.61
CA LEU E 461 21.33 8.79 -89.37
C LEU E 461 21.01 9.03 -87.90
N ALA E 462 20.07 8.26 -87.35
CA ALA E 462 19.68 8.46 -85.96
C ALA E 462 20.83 8.19 -85.00
N LYS E 463 21.62 7.15 -85.27
CA LYS E 463 22.72 6.81 -84.37
C LYS E 463 23.84 7.84 -84.45
N GLN E 464 24.24 8.23 -85.66
CA GLN E 464 25.38 9.12 -85.82
C GLN E 464 25.04 10.54 -85.40
N LEU E 465 23.79 10.96 -85.58
CA LEU E 465 23.37 12.26 -85.05
C LEU E 465 23.40 12.26 -83.54
N ALA E 466 22.98 11.16 -82.91
CA ALA E 466 22.97 11.08 -81.46
C ALA E 466 24.37 11.17 -80.88
N LEU E 467 25.37 10.67 -81.61
CA LEU E 467 26.75 10.69 -81.11
C LEU E 467 27.41 12.05 -81.32
N ASP E 468 26.97 12.82 -82.31
CA ASP E 468 27.46 14.18 -82.49
C ASP E 468 26.65 15.19 -81.69
N MET E 469 25.35 14.95 -81.52
CA MET E 469 24.54 15.82 -80.67
C MET E 469 24.77 15.52 -79.19
N PHE E 470 24.77 14.23 -78.82
CA PHE E 470 24.66 13.83 -77.42
C PHE E 470 25.64 12.76 -76.99
N GLY E 471 26.31 12.10 -77.91
CA GLY E 471 27.55 11.42 -77.61
C GLY E 471 27.42 9.98 -77.20
N THR E 472 26.24 9.55 -76.74
CA THR E 472 26.08 8.18 -76.28
C THR E 472 24.64 7.72 -76.54
N GLN E 473 24.34 6.50 -76.12
CA GLN E 473 23.13 5.79 -76.50
C GLN E 473 22.05 5.96 -75.44
N ASP E 474 21.75 7.22 -75.13
CA ASP E 474 20.83 7.55 -74.03
C ASP E 474 19.59 8.31 -74.50
N ALA E 475 19.76 9.40 -75.25
CA ALA E 475 18.65 10.28 -75.59
C ALA E 475 18.02 9.87 -76.93
N ILE E 476 17.39 8.70 -76.92
CA ILE E 476 16.75 8.18 -78.12
C ILE E 476 15.76 7.10 -77.73
N ILE E 477 14.56 7.16 -78.29
CA ILE E 477 13.52 6.14 -78.09
C ILE E 477 13.06 5.68 -79.46
N ARG E 478 12.90 4.36 -79.61
CA ARG E 478 12.36 3.76 -80.83
C ARG E 478 10.93 3.32 -80.58
N LEU E 479 10.01 3.86 -81.38
CA LEU E 479 8.60 3.46 -81.34
C LEU E 479 8.42 2.31 -82.33
N ASP E 480 8.23 1.11 -81.81
CA ASP E 480 8.11 -0.08 -82.64
C ASP E 480 6.69 -0.17 -83.18
N MET E 481 6.53 0.11 -84.47
CA MET E 481 5.22 -0.08 -85.10
C MET E 481 4.88 -1.55 -85.30
N SER E 482 5.81 -2.48 -85.03
CA SER E 482 5.46 -3.89 -85.10
C SER E 482 4.37 -4.24 -84.09
N GLU E 483 4.32 -3.51 -82.97
CA GLU E 483 3.19 -3.59 -82.04
C GLU E 483 1.92 -2.93 -82.58
N TYR E 484 1.98 -2.30 -83.75
CA TYR E 484 0.85 -1.64 -84.38
C TYR E 484 0.47 -2.25 -85.73
N SER E 485 0.57 -3.58 -85.86
CA SER E 485 0.16 -4.25 -87.08
C SER E 485 -1.36 -4.44 -87.08
N ASP E 486 -2.05 -3.74 -87.97
CA ASP E 486 -3.50 -3.91 -88.09
C ASP E 486 -3.89 -5.30 -88.56
N ARG E 487 -3.01 -5.98 -89.30
CA ARG E 487 -3.35 -7.27 -89.90
C ARG E 487 -3.18 -8.45 -88.96
N THR E 488 -2.21 -8.37 -88.05
CA THR E 488 -1.76 -9.52 -87.27
C THR E 488 -1.96 -9.36 -85.77
N ALA E 489 -2.56 -8.27 -85.30
CA ALA E 489 -2.71 -8.03 -83.87
C ALA E 489 -3.87 -8.86 -83.33
N VAL E 490 -3.63 -10.18 -83.27
CA VAL E 490 -4.55 -11.13 -82.66
C VAL E 490 -3.76 -11.97 -81.66
N SER E 491 -2.72 -11.38 -81.06
CA SER E 491 -1.84 -12.04 -80.10
C SER E 491 -1.07 -13.21 -80.70
N LYS E 492 -0.86 -13.23 -82.02
CA LYS E 492 0.19 -14.11 -82.53
C LYS E 492 1.55 -13.67 -81.98
N LEU E 493 1.75 -12.36 -81.92
CA LEU E 493 2.90 -11.71 -81.31
C LEU E 493 2.31 -10.86 -80.18
N ILE E 494 3.03 -9.83 -79.73
CA ILE E 494 2.96 -9.21 -78.42
C ILE E 494 1.53 -9.04 -77.90
N GLY E 495 0.60 -8.68 -78.76
CA GLY E 495 -0.76 -8.48 -78.27
C GLY E 495 -1.75 -8.14 -79.37
N THR E 496 -2.93 -7.74 -78.93
CA THR E 496 -4.08 -7.50 -79.78
C THR E 496 -4.17 -6.02 -80.18
N THR E 497 -5.27 -5.69 -80.85
CA THR E 497 -5.59 -4.32 -81.22
C THR E 497 -5.64 -3.40 -80.00
N ALA E 498 -6.18 -3.91 -78.89
CA ALA E 498 -6.34 -3.07 -77.70
C ALA E 498 -5.00 -2.65 -77.10
N GLY E 499 -3.91 -3.36 -77.41
CA GLY E 499 -2.60 -2.96 -76.95
C GLY E 499 -2.04 -1.73 -77.61
N TYR E 500 -2.73 -1.16 -78.59
CA TYR E 500 -2.25 0.02 -79.28
C TYR E 500 -2.34 1.28 -78.43
N VAL E 501 -3.25 1.32 -77.46
CA VAL E 501 -3.55 2.52 -76.69
C VAL E 501 -3.05 2.30 -75.26
N GLY E 502 -2.63 3.40 -74.62
CA GLY E 502 -2.29 3.36 -73.22
C GLY E 502 -0.85 2.99 -72.94
N TYR E 503 -0.40 1.84 -73.44
CA TYR E 503 0.94 1.37 -73.11
C TYR E 503 2.01 2.28 -73.72
N ASP E 504 1.93 2.52 -75.03
CA ASP E 504 2.87 3.40 -75.72
C ASP E 504 2.28 4.82 -75.75
N ASP E 505 1.78 5.24 -74.58
CA ASP E 505 1.30 6.61 -74.38
C ASP E 505 1.95 7.21 -73.15
N ASN E 506 1.97 6.46 -72.02
CA ASN E 506 2.70 6.92 -70.84
C ASN E 506 3.29 5.78 -70.00
N SER E 507 3.17 4.52 -70.44
CA SER E 507 3.40 3.39 -69.53
C SER E 507 4.85 2.94 -69.50
N ASN E 508 5.11 1.83 -68.81
CA ASN E 508 6.46 1.31 -68.56
C ASN E 508 7.09 0.86 -69.87
N THR E 509 8.05 1.61 -70.44
CA THR E 509 8.57 2.92 -70.03
C THR E 509 8.55 3.86 -71.23
N LEU E 510 7.70 4.88 -71.17
CA LEU E 510 7.72 5.98 -72.12
C LEU E 510 8.10 7.30 -71.45
N THR E 511 7.32 7.74 -70.47
CA THR E 511 7.41 9.12 -69.98
C THR E 511 8.61 9.35 -69.08
N GLU E 512 9.00 8.36 -68.28
CA GLU E 512 10.14 8.53 -67.39
C GLU E 512 11.44 8.74 -68.16
N ARG E 513 11.50 8.29 -69.42
CA ARG E 513 12.62 8.60 -70.29
C ARG E 513 12.44 9.95 -70.99
N VAL E 514 11.19 10.35 -71.26
CA VAL E 514 10.93 11.66 -71.87
C VAL E 514 11.22 12.77 -70.85
N ARG E 515 11.05 12.49 -69.56
CA ARG E 515 11.32 13.51 -68.54
C ARG E 515 12.80 13.69 -68.30
N ARG E 516 13.58 12.62 -68.34
CA ARG E 516 15.04 12.74 -68.29
C ARG E 516 15.57 13.38 -69.56
N ASN E 517 14.92 13.11 -70.68
CA ASN E 517 15.33 13.65 -71.97
C ASN E 517 14.11 14.27 -72.64
N PRO E 518 13.76 15.52 -72.26
CA PRO E 518 12.69 16.27 -72.97
C PRO E 518 12.96 16.51 -74.45
N TYR E 519 14.23 16.34 -74.84
CA TYR E 519 14.83 16.88 -76.05
C TYR E 519 15.09 15.80 -77.09
N SER E 520 14.73 14.55 -76.78
CA SER E 520 15.38 13.38 -77.36
C SER E 520 15.11 13.27 -78.86
N ILE E 521 15.74 12.26 -79.47
CA ILE E 521 15.36 11.78 -80.79
C ILE E 521 14.21 10.81 -80.60
N ILE E 522 13.14 11.00 -81.36
CA ILE E 522 12.07 10.02 -81.48
C ILE E 522 12.26 9.31 -82.80
N LEU E 523 12.16 7.98 -82.79
CA LEU E 523 12.15 7.18 -84.01
C LEU E 523 10.85 6.41 -84.09
N LEU E 524 10.05 6.73 -85.10
CA LEU E 524 8.86 5.98 -85.45
C LEU E 524 9.29 4.95 -86.50
N ASP E 525 9.31 3.68 -86.10
CA ASP E 525 9.87 2.59 -86.90
C ASP E 525 8.81 2.09 -87.88
N ALA E 526 8.97 2.41 -89.18
CA ALA E 526 8.13 1.79 -90.20
C ALA E 526 6.65 2.14 -90.09
N ILE E 527 6.29 3.38 -90.46
CA ILE E 527 4.91 3.90 -90.35
C ILE E 527 3.87 2.87 -90.81
N GLU E 528 4.13 2.18 -91.93
CA GLU E 528 3.06 1.55 -92.72
C GLU E 528 2.24 0.49 -91.98
N LYS E 529 2.65 0.07 -90.78
CA LYS E 529 2.00 -1.06 -90.13
C LYS E 529 0.55 -0.79 -89.73
N ALA E 530 0.08 0.46 -89.75
CA ALA E 530 -1.20 0.79 -89.12
C ALA E 530 -2.02 1.78 -89.95
N ASP E 531 -3.31 1.82 -89.59
CA ASP E 531 -4.36 2.79 -89.91
C ASP E 531 -3.78 4.20 -89.88
N PRO E 532 -4.10 5.11 -90.83
CA PRO E 532 -3.52 6.46 -90.74
C PRO E 532 -3.87 7.22 -89.47
N GLN E 533 -4.94 6.83 -88.77
CA GLN E 533 -5.34 7.55 -87.55
C GLN E 533 -4.39 7.29 -86.39
N VAL E 534 -3.79 6.09 -86.34
CA VAL E 534 -2.81 5.77 -85.30
C VAL E 534 -1.63 6.72 -85.37
N ILE E 535 -1.07 6.88 -86.57
CA ILE E 535 0.10 7.70 -86.79
C ILE E 535 -0.26 9.18 -86.75
N THR E 536 -1.51 9.49 -87.08
CA THR E 536 -1.97 10.88 -87.12
C THR E 536 -2.00 11.50 -85.72
N LEU E 537 -2.15 10.67 -84.68
CA LEU E 537 -2.30 11.19 -83.32
C LEU E 537 -1.07 12.00 -82.90
N LEU E 538 0.11 11.39 -83.01
CA LEU E 538 1.32 12.06 -82.52
C LEU E 538 1.61 13.32 -83.32
N LEU E 539 1.49 13.25 -84.65
CA LEU E 539 2.03 14.32 -85.49
C LEU E 539 1.15 15.57 -85.47
N GLN E 540 -0.17 15.42 -85.39
CA GLN E 540 -1.03 16.60 -85.23
C GLN E 540 -0.81 17.30 -83.89
N VAL E 541 -0.28 16.59 -82.89
CA VAL E 541 -0.12 17.09 -81.54
C VAL E 541 1.25 17.71 -81.31
N LEU E 542 2.23 17.43 -82.18
CA LEU E 542 3.56 18.02 -82.06
C LEU E 542 3.63 19.46 -82.56
N ASP E 543 2.52 20.05 -83.02
CA ASP E 543 2.54 21.45 -83.41
C ASP E 543 2.92 22.35 -82.25
N ASP E 544 2.24 22.17 -81.11
CA ASP E 544 2.44 23.00 -79.93
C ASP E 544 3.48 22.44 -78.97
N GLY E 545 4.13 21.33 -79.32
CA GLY E 545 5.10 20.73 -78.42
C GLY E 545 4.49 20.25 -77.11
N ARG E 546 3.25 19.77 -77.14
CA ARG E 546 2.56 19.37 -75.93
C ARG E 546 1.57 18.27 -76.28
N LEU E 547 1.51 17.23 -75.44
CA LEU E 547 0.62 16.09 -75.64
C LEU E 547 -0.06 15.74 -74.32
N THR E 548 -1.39 15.69 -74.34
CA THR E 548 -2.18 15.25 -73.20
C THR E 548 -2.38 13.74 -73.28
N ASP E 549 -1.98 13.02 -72.22
CA ASP E 549 -1.99 11.56 -72.24
C ASP E 549 -3.35 11.03 -71.78
N GLY E 550 -3.45 9.70 -71.66
CA GLY E 550 -4.69 9.07 -71.25
C GLY E 550 -5.12 9.40 -69.84
N GLN E 551 -4.19 9.75 -68.96
CA GLN E 551 -4.50 10.08 -67.57
C GLN E 551 -4.79 11.56 -67.36
N GLY E 552 -4.87 12.36 -68.42
CA GLY E 552 -5.11 13.78 -68.29
C GLY E 552 -3.90 14.63 -68.02
N ASN E 553 -2.70 14.04 -67.96
CA ASN E 553 -1.47 14.79 -67.76
C ASN E 553 -0.87 15.21 -69.10
N THR E 554 -0.23 16.37 -69.11
CA THR E 554 0.40 16.93 -70.31
C THR E 554 1.91 16.75 -70.21
N VAL E 555 2.50 16.15 -71.25
CA VAL E 555 3.94 16.15 -71.43
C VAL E 555 4.28 17.38 -72.26
N ASN E 556 5.30 18.13 -71.83
CA ASN E 556 5.77 19.31 -72.55
C ASN E 556 7.09 18.97 -73.22
N PHE E 557 7.12 19.10 -74.54
CA PHE E 557 8.30 18.78 -75.34
C PHE E 557 9.16 20.01 -75.54
N LYS E 558 10.44 19.87 -75.17
CA LYS E 558 11.50 20.76 -75.61
C LYS E 558 12.18 20.12 -76.80
N ASN E 559 12.53 20.96 -77.79
CA ASN E 559 13.62 20.76 -78.74
C ASN E 559 13.78 19.29 -79.16
N THR E 560 12.65 18.64 -79.44
CA THR E 560 12.60 17.22 -79.79
C THR E 560 12.59 17.08 -81.30
N VAL E 561 13.37 16.13 -81.80
CA VAL E 561 13.39 15.77 -83.21
C VAL E 561 12.78 14.37 -83.35
N ILE E 562 11.84 14.24 -84.28
CA ILE E 562 11.27 12.96 -84.67
C ILE E 562 11.72 12.66 -86.09
N ILE E 563 12.32 11.49 -86.28
CA ILE E 563 12.61 10.96 -87.62
C ILE E 563 11.70 9.75 -87.79
N ALA E 564 10.59 9.95 -88.48
CA ALA E 564 9.71 8.85 -88.85
C ALA E 564 10.32 8.07 -90.01
N THR E 565 9.96 6.80 -90.10
CA THR E 565 10.55 5.90 -91.10
C THR E 565 9.47 5.00 -91.68
N SER E 566 9.66 4.67 -92.97
CA SER E 566 8.75 3.82 -93.72
C SER E 566 9.56 2.82 -94.53
N ASN E 567 8.87 1.78 -95.01
CA ASN E 567 9.46 0.80 -95.92
C ASN E 567 9.13 1.25 -97.35
N ALA E 568 10.12 1.84 -98.00
CA ALA E 568 9.94 2.49 -99.30
C ALA E 568 10.58 1.68 -100.42
N GLY E 569 10.45 2.21 -101.64
CA GLY E 569 10.96 1.55 -102.82
C GLY E 569 10.20 2.02 -104.04
N PHE E 570 10.44 1.32 -105.14
CA PHE E 570 9.73 1.60 -106.39
C PHE E 570 10.06 0.52 -107.41
N GLY E 571 9.02 0.13 -108.17
CA GLY E 571 9.19 -0.83 -109.25
C GLY E 571 9.38 -0.15 -110.60
N TYR E 572 10.28 -0.72 -111.39
CA TYR E 572 10.92 0.04 -112.46
C TYR E 572 11.08 -0.85 -113.70
N GLU E 573 11.63 -0.24 -114.76
CA GLU E 573 11.93 -0.97 -115.99
C GLU E 573 13.37 -1.49 -115.97
N ALA E 574 14.34 -0.59 -115.87
CA ALA E 574 15.76 -0.92 -115.84
C ALA E 574 16.40 -0.19 -114.67
N ASN E 575 17.41 -0.82 -114.07
CA ASN E 575 18.01 -0.31 -112.84
C ASN E 575 18.58 1.11 -112.98
N LEU E 576 18.83 1.57 -114.21
CA LEU E 576 19.20 2.96 -114.46
C LEU E 576 17.99 3.88 -114.57
N THR E 577 16.77 3.38 -114.31
CA THR E 577 15.56 4.19 -114.30
C THR E 577 14.87 4.16 -112.94
N GLU E 578 15.60 3.81 -111.87
CA GLU E 578 14.99 3.73 -110.55
C GLU E 578 14.54 5.10 -110.06
N ASP E 579 15.35 6.13 -110.29
CA ASP E 579 15.07 7.49 -109.84
C ASP E 579 14.30 8.31 -110.88
N ALA E 580 13.63 7.65 -111.83
CA ALA E 580 12.93 8.38 -112.87
C ALA E 580 11.66 9.04 -112.34
N ASP E 581 10.96 8.37 -111.41
CA ASP E 581 9.67 8.81 -110.89
C ASP E 581 9.85 9.32 -109.47
N LYS E 582 10.02 10.63 -109.32
CA LYS E 582 10.43 11.22 -108.05
C LYS E 582 9.28 11.34 -107.04
N PRO E 583 8.19 12.08 -107.33
CA PRO E 583 7.11 12.17 -106.32
C PRO E 583 6.31 10.90 -106.16
N GLU E 584 6.48 9.91 -107.05
CA GLU E 584 5.66 8.70 -107.00
C GLU E 584 6.04 7.78 -105.84
N LEU E 585 7.19 8.03 -105.18
CA LEU E 585 7.48 7.33 -103.93
C LEU E 585 6.40 7.63 -102.89
N MET E 586 6.01 8.89 -102.78
CA MET E 586 4.94 9.28 -101.86
C MET E 586 3.60 8.70 -102.31
N ASP E 587 3.39 8.56 -103.62
CA ASP E 587 2.16 7.93 -104.10
C ASP E 587 2.16 6.44 -103.81
N ARG E 588 3.34 5.80 -103.92
CA ARG E 588 3.45 4.40 -103.51
C ARG E 588 3.15 4.26 -102.03
N LEU E 589 3.71 5.15 -101.21
CA LEU E 589 3.51 5.11 -99.77
C LEU E 589 2.18 5.74 -99.33
N LYS E 590 1.44 6.35 -100.24
CA LYS E 590 0.16 6.99 -99.96
C LYS E 590 -0.86 6.16 -99.17
N PRO E 591 -1.01 4.84 -99.39
CA PRO E 591 -2.16 4.13 -98.78
C PRO E 591 -2.23 4.20 -97.26
N PHE E 592 -1.11 4.43 -96.56
CA PHE E 592 -1.09 4.43 -95.10
C PHE E 592 -0.99 5.83 -94.50
N PHE E 593 -1.03 6.89 -95.31
CA PHE E 593 -1.14 8.25 -94.78
C PHE E 593 -1.95 9.10 -95.75
N ARG E 594 -2.03 10.39 -95.44
CA ARG E 594 -2.78 11.35 -96.22
C ARG E 594 -1.98 12.65 -96.30
N PRO E 595 -2.37 13.58 -97.18
CA PRO E 595 -1.61 14.83 -97.28
C PRO E 595 -1.60 15.65 -95.99
N GLU E 596 -2.60 15.47 -95.13
CA GLU E 596 -2.58 16.12 -93.83
C GLU E 596 -1.41 15.63 -92.97
N PHE E 597 -0.94 14.41 -93.22
CA PHE E 597 0.20 13.83 -92.55
C PHE E 597 1.51 14.17 -93.26
N LEU E 598 1.45 14.24 -94.60
CA LEU E 598 2.64 14.48 -95.40
C LEU E 598 3.12 15.93 -95.28
N ASN E 599 2.18 16.88 -95.33
CA ASN E 599 2.53 18.29 -95.41
C ASN E 599 3.12 18.86 -94.13
N ARG E 600 3.21 18.07 -93.05
CA ARG E 600 3.81 18.50 -91.80
C ARG E 600 5.30 18.21 -91.71
N PHE E 601 5.93 17.74 -92.80
CA PHE E 601 7.30 17.23 -92.78
C PHE E 601 8.24 18.15 -93.56
N ASN E 602 9.50 18.18 -93.12
CA ASN E 602 10.49 19.14 -93.61
C ASN E 602 11.19 18.56 -94.85
N ALA E 603 10.43 18.60 -95.93
CA ALA E 603 10.71 18.40 -97.35
C ALA E 603 10.90 16.98 -97.87
N VAL E 604 11.74 16.13 -97.27
CA VAL E 604 11.52 14.74 -96.88
C VAL E 604 12.96 14.27 -97.14
N ILE E 605 13.41 13.13 -96.61
CA ILE E 605 14.70 12.57 -97.05
C ILE E 605 14.44 11.37 -97.96
N GLU E 606 15.05 11.40 -99.16
CA GLU E 606 14.69 10.53 -100.27
C GLU E 606 15.07 9.06 -100.02
N PHE E 607 14.78 8.22 -101.01
CA PHE E 607 15.01 6.78 -100.92
C PHE E 607 16.44 6.41 -101.31
N SER E 608 17.22 7.38 -101.78
CA SER E 608 18.32 7.19 -102.73
C SER E 608 19.18 5.95 -102.52
N HIS E 609 19.61 5.33 -103.61
CA HIS E 609 20.03 3.94 -103.66
C HIS E 609 21.55 3.86 -103.55
N LEU E 610 22.04 2.63 -103.36
CA LEU E 610 23.46 2.35 -103.44
C LEU E 610 23.88 2.29 -104.90
N THR E 611 24.90 3.07 -105.26
CA THR E 611 25.34 3.24 -106.62
C THR E 611 26.58 2.40 -106.90
N LYS E 612 26.74 1.98 -108.16
CA LYS E 612 28.01 1.42 -108.61
C LYS E 612 28.98 2.59 -108.86
N GLU E 613 29.52 3.06 -107.73
CA GLU E 613 30.39 4.22 -107.64
C GLU E 613 31.34 3.87 -106.51
N ASP E 614 31.89 4.85 -105.80
CA ASP E 614 33.01 4.59 -104.89
C ASP E 614 32.50 3.75 -103.71
N LEU E 615 32.37 2.44 -103.97
CA LEU E 615 32.10 1.46 -102.92
C LEU E 615 33.24 1.39 -101.90
N SER E 616 34.44 1.83 -102.27
CA SER E 616 35.61 1.63 -101.43
C SER E 616 35.49 2.37 -100.09
N LYS E 617 34.69 3.45 -100.06
CA LYS E 617 34.53 4.17 -98.81
C LYS E 617 33.88 3.31 -97.73
N ILE E 618 32.95 2.42 -98.12
CA ILE E 618 32.44 1.45 -97.16
C ILE E 618 33.56 0.46 -96.79
N VAL E 619 34.31 0.00 -97.79
CA VAL E 619 35.35 -1.01 -97.54
C VAL E 619 36.50 -0.40 -96.77
N ASP E 620 36.77 0.89 -96.98
CA ASP E 620 37.85 1.55 -96.23
C ASP E 620 37.49 1.65 -94.75
N LEU E 621 36.19 1.80 -94.44
CA LEU E 621 35.78 1.87 -93.04
C LEU E 621 35.70 0.50 -92.41
N MET E 622 35.16 -0.49 -93.14
CA MET E 622 35.07 -1.85 -92.59
C MET E 622 36.45 -2.38 -92.24
N LEU E 623 37.41 -2.24 -93.16
CA LEU E 623 38.78 -2.68 -92.88
C LEU E 623 39.36 -1.94 -91.68
N ALA E 624 38.97 -0.68 -91.48
CA ALA E 624 39.39 0.03 -90.28
C ALA E 624 38.74 -0.56 -89.03
N GLU E 625 37.49 -1.04 -89.15
CA GLU E 625 36.83 -1.67 -88.01
C GLU E 625 37.47 -3.01 -87.68
N VAL E 626 38.03 -3.69 -88.69
CA VAL E 626 38.75 -4.94 -88.44
C VAL E 626 39.94 -4.69 -87.53
N ASN E 627 40.80 -3.74 -87.92
CA ASN E 627 42.01 -3.48 -87.14
C ASN E 627 41.68 -2.81 -85.81
N GLN E 628 40.64 -1.97 -85.77
CA GLN E 628 40.20 -1.42 -84.49
C GLN E 628 39.74 -2.52 -83.56
N THR E 629 39.02 -3.51 -84.09
CA THR E 629 38.66 -4.67 -83.29
C THR E 629 39.90 -5.44 -82.85
N LEU E 630 40.79 -5.74 -83.80
CA LEU E 630 41.99 -6.51 -83.49
C LEU E 630 42.96 -5.72 -82.61
N ALA E 631 42.87 -4.39 -82.63
CA ALA E 631 43.85 -3.57 -81.92
C ALA E 631 43.74 -3.73 -80.40
N LYS E 632 42.62 -4.27 -79.89
CA LYS E 632 42.49 -4.47 -78.46
C LYS E 632 43.57 -5.42 -77.93
N LYS E 633 43.92 -6.44 -78.71
CA LYS E 633 44.97 -7.39 -78.36
C LYS E 633 46.30 -7.03 -79.02
N ASP E 634 46.47 -5.78 -79.44
CA ASP E 634 47.68 -5.34 -80.13
C ASP E 634 47.92 -6.15 -81.39
N ILE E 635 46.86 -6.33 -82.17
CA ILE E 635 46.88 -7.09 -83.42
C ILE E 635 46.47 -6.14 -84.52
N ASP E 636 47.34 -5.94 -85.50
CA ASP E 636 47.12 -4.96 -86.56
C ASP E 636 47.86 -5.44 -87.80
N LEU E 637 47.09 -5.81 -88.83
CA LEU E 637 47.62 -6.36 -90.07
C LEU E 637 47.59 -5.32 -91.17
N VAL E 638 48.40 -5.56 -92.20
CA VAL E 638 48.25 -4.86 -93.48
C VAL E 638 47.08 -5.49 -94.21
N VAL E 639 46.15 -4.65 -94.68
CA VAL E 639 44.96 -5.10 -95.40
C VAL E 639 44.95 -4.42 -96.75
N SER E 640 44.93 -5.22 -97.82
CA SER E 640 45.00 -4.68 -99.17
C SER E 640 43.69 -4.00 -99.52
N GLN E 641 43.80 -2.89 -100.26
CA GLN E 641 42.62 -2.24 -100.80
C GLN E 641 41.92 -3.09 -101.86
N ALA E 642 42.62 -4.07 -102.43
CA ALA E 642 42.05 -4.99 -103.41
C ALA E 642 41.05 -5.97 -102.81
N ALA E 643 40.81 -5.91 -101.49
CA ALA E 643 39.72 -6.69 -100.90
C ALA E 643 38.37 -6.32 -101.51
N LYS E 644 38.24 -5.09 -102.03
CA LYS E 644 37.00 -4.67 -102.68
C LYS E 644 36.65 -5.55 -103.87
N ASP E 645 37.65 -6.06 -104.59
CA ASP E 645 37.42 -6.73 -105.87
C ASP E 645 36.56 -7.98 -105.72
N TYR E 646 36.55 -8.61 -104.55
CA TYR E 646 35.75 -9.78 -104.26
C TYR E 646 34.47 -9.45 -103.50
N ILE E 647 34.47 -8.35 -102.76
CA ILE E 647 33.31 -7.93 -101.97
C ILE E 647 32.23 -7.35 -102.87
N THR E 648 32.59 -6.34 -103.66
CA THR E 648 31.62 -5.59 -104.44
C THR E 648 30.84 -6.46 -105.42
N GLU E 649 31.43 -7.59 -105.87
CA GLU E 649 30.76 -8.52 -106.79
C GLU E 649 29.33 -8.83 -106.36
N GLU E 650 29.08 -8.88 -105.06
CA GLU E 650 27.73 -8.89 -104.50
C GLU E 650 27.33 -7.58 -103.86
N GLY E 651 28.30 -6.76 -103.44
CA GLY E 651 28.01 -5.52 -102.73
C GLY E 651 27.09 -4.56 -103.48
N TYR E 652 27.45 -4.20 -104.71
CA TYR E 652 26.67 -3.21 -105.47
C TYR E 652 25.44 -3.81 -106.14
N ASP E 653 24.99 -4.98 -105.73
CA ASP E 653 23.73 -5.53 -106.22
C ASP E 653 22.58 -4.63 -105.77
N GLU E 654 21.85 -4.09 -106.75
CA GLU E 654 20.75 -3.17 -106.44
C GLU E 654 19.62 -3.84 -105.67
N VAL E 655 19.52 -5.17 -105.75
CA VAL E 655 18.44 -5.89 -105.07
C VAL E 655 18.55 -5.69 -103.56
N MET E 656 19.78 -5.76 -103.03
CA MET E 656 20.02 -5.80 -101.59
C MET E 656 20.47 -4.46 -101.02
N GLY E 657 21.29 -3.70 -101.75
CA GLY E 657 21.88 -2.49 -101.19
C GLY E 657 23.15 -2.82 -100.43
N VAL E 658 23.35 -2.15 -99.29
CA VAL E 658 24.48 -2.47 -98.43
C VAL E 658 24.04 -3.57 -97.48
N ARG E 659 23.82 -4.78 -98.02
CA ARG E 659 23.72 -5.99 -97.22
C ARG E 659 25.01 -6.83 -97.24
N PRO E 660 25.58 -7.18 -98.40
CA PRO E 660 26.75 -8.09 -98.37
C PRO E 660 28.03 -7.47 -97.82
N LEU E 661 28.10 -6.14 -97.67
CA LEU E 661 29.37 -5.50 -97.39
C LEU E 661 29.96 -5.99 -96.07
N ARG E 662 29.16 -6.00 -95.00
CA ARG E 662 29.64 -6.48 -93.72
C ARG E 662 29.75 -8.00 -93.68
N ARG E 663 28.92 -8.70 -94.46
CA ARG E 663 28.89 -10.15 -94.38
C ARG E 663 30.11 -10.78 -95.03
N VAL E 664 30.64 -10.16 -96.09
CA VAL E 664 31.80 -10.72 -96.78
C VAL E 664 33.07 -10.43 -95.99
N VAL E 665 33.23 -9.21 -95.49
CA VAL E 665 34.43 -8.84 -94.76
C VAL E 665 34.54 -9.64 -93.46
N GLU E 666 33.45 -9.69 -92.70
CA GLU E 666 33.51 -10.34 -91.39
C GLU E 666 33.70 -11.84 -91.51
N GLN E 667 33.47 -12.41 -92.70
CA GLN E 667 33.77 -13.81 -92.95
C GLN E 667 35.15 -13.99 -93.56
N GLU E 668 35.53 -13.10 -94.49
CA GLU E 668 36.73 -13.32 -95.29
C GLU E 668 38.00 -13.15 -94.46
N ILE E 669 38.12 -12.07 -93.70
CA ILE E 669 39.35 -11.76 -92.98
C ILE E 669 39.37 -12.41 -91.60
N ARG E 670 38.22 -12.39 -90.91
CA ARG E 670 38.15 -12.78 -89.50
C ARG E 670 38.68 -14.19 -89.26
N ASP E 671 38.34 -15.13 -90.14
CA ASP E 671 38.74 -16.51 -89.94
C ASP E 671 40.21 -16.71 -90.26
N LYS E 672 40.76 -15.98 -91.23
CA LYS E 672 42.16 -16.16 -91.61
C LYS E 672 43.09 -15.57 -90.56
N VAL E 673 42.75 -14.41 -90.00
CA VAL E 673 43.56 -13.84 -88.93
C VAL E 673 43.50 -14.71 -87.69
N THR E 674 42.43 -15.51 -87.55
CA THR E 674 42.31 -16.40 -86.39
C THR E 674 43.25 -17.60 -86.53
N ASP E 675 43.50 -18.05 -87.76
CA ASP E 675 44.28 -19.25 -87.95
C ASP E 675 45.78 -19.01 -87.71
N PHE E 676 46.24 -17.76 -87.87
CA PHE E 676 47.67 -17.47 -87.74
C PHE E 676 48.04 -17.00 -86.34
N HIS E 677 47.09 -16.52 -85.54
CA HIS E 677 47.36 -16.30 -84.14
C HIS E 677 47.77 -17.59 -83.43
N LEU E 678 47.33 -18.73 -83.95
CA LEU E 678 47.72 -20.05 -83.45
C LEU E 678 49.19 -20.37 -83.70
N ASP E 679 49.77 -19.88 -84.81
CA ASP E 679 51.20 -19.95 -85.01
C ASP E 679 51.95 -18.87 -84.24
N HIS E 680 51.24 -18.03 -83.49
CA HIS E 680 51.85 -16.96 -82.69
C HIS E 680 52.68 -16.03 -83.57
N LEU E 681 52.14 -15.70 -84.73
CA LEU E 681 52.79 -14.81 -85.67
C LEU E 681 52.42 -13.37 -85.37
N ASP E 682 53.41 -12.47 -85.47
CA ASP E 682 53.21 -11.06 -85.17
C ASP E 682 52.42 -10.44 -86.32
N ALA E 683 51.28 -9.82 -86.00
CA ALA E 683 50.41 -9.26 -87.02
C ALA E 683 51.07 -8.12 -87.80
N LYS E 684 51.99 -7.39 -87.17
CA LYS E 684 52.59 -6.23 -87.82
C LYS E 684 53.43 -6.58 -89.04
N HIS E 685 53.76 -7.87 -89.24
CA HIS E 685 54.50 -8.34 -90.40
C HIS E 685 53.71 -9.33 -91.24
N LEU E 686 52.39 -9.36 -91.11
CA LEU E 686 51.50 -10.16 -91.95
C LEU E 686 50.73 -9.24 -92.88
N GLU E 687 50.53 -9.70 -94.12
CA GLU E 687 49.87 -8.91 -95.16
C GLU E 687 48.70 -9.69 -95.73
N ALA E 688 47.49 -9.16 -95.58
CA ALA E 688 46.27 -9.76 -96.12
C ALA E 688 46.24 -9.48 -97.62
N ASP E 689 46.65 -10.48 -98.40
CA ASP E 689 46.83 -10.37 -99.84
C ASP E 689 46.06 -11.49 -100.53
N MET E 690 44.97 -11.14 -101.19
CA MET E 690 44.10 -12.13 -101.79
C MET E 690 44.66 -12.65 -103.10
N GLU E 691 44.32 -13.90 -103.42
CA GLU E 691 44.73 -14.56 -104.65
C GLU E 691 43.54 -15.33 -105.22
N ASP E 692 43.07 -14.92 -106.40
CA ASP E 692 41.98 -15.59 -107.10
C ASP E 692 40.72 -15.65 -106.25
N GLY E 693 40.38 -14.52 -105.62
CA GLY E 693 39.20 -14.42 -104.79
C GLY E 693 39.31 -15.09 -103.43
N VAL E 694 40.45 -15.68 -103.10
CA VAL E 694 40.69 -16.34 -101.83
C VAL E 694 41.71 -15.50 -101.07
N LEU E 695 41.45 -15.28 -99.78
CA LEU E 695 42.40 -14.55 -98.96
C LEU E 695 43.52 -15.47 -98.49
N VAL E 696 44.75 -15.14 -98.89
CA VAL E 696 45.96 -15.76 -98.38
C VAL E 696 46.78 -14.67 -97.70
N ILE E 697 46.64 -14.56 -96.38
CA ILE E 697 47.44 -13.60 -95.61
C ILE E 697 48.90 -14.05 -95.68
N ARG E 698 49.78 -13.12 -96.01
CA ARG E 698 51.20 -13.42 -96.19
C ARG E 698 51.89 -13.65 -94.85
N LEU F 76 28.82 3.71 -35.23
CA LEU F 76 27.61 2.91 -35.41
C LEU F 76 27.89 1.41 -35.51
N ALA F 77 29.12 1.00 -35.21
CA ALA F 77 29.50 -0.41 -35.23
C ALA F 77 29.06 -1.09 -33.92
N LYS F 78 27.75 -1.07 -33.68
CA LYS F 78 27.20 -1.43 -32.39
C LYS F 78 26.19 -2.59 -32.36
N LEU F 79 25.33 -2.85 -33.36
CA LEU F 79 24.87 -2.18 -34.60
C LEU F 79 25.76 -2.23 -35.86
N GLY F 80 26.91 -2.88 -35.83
CA GLY F 80 27.69 -3.08 -37.04
C GLY F 80 29.10 -3.55 -36.84
N ARG F 81 29.96 -3.14 -37.76
CA ARG F 81 31.33 -3.58 -37.86
C ARG F 81 32.21 -2.41 -38.30
N ASN F 82 33.09 -1.96 -37.41
CA ASN F 82 34.00 -0.85 -37.72
C ASN F 82 35.15 -1.41 -38.54
N LEU F 83 35.19 -1.07 -39.83
CA LEU F 83 36.16 -1.66 -40.73
C LEU F 83 37.54 -1.02 -40.61
N THR F 84 37.61 0.28 -40.33
CA THR F 84 38.91 0.92 -40.14
C THR F 84 39.55 0.47 -38.83
N ALA F 85 38.75 0.22 -37.79
CA ALA F 85 39.30 -0.28 -36.53
C ALA F 85 39.95 -1.64 -36.73
N GLU F 86 39.33 -2.50 -37.54
CA GLU F 86 39.96 -3.78 -37.87
C GLU F 86 41.16 -3.57 -38.79
N ALA F 87 41.16 -2.47 -39.56
CA ALA F 87 42.33 -2.13 -40.36
C ALA F 87 43.47 -1.62 -39.48
N ARG F 88 43.14 -0.84 -38.44
CA ARG F 88 44.17 -0.36 -37.52
C ARG F 88 44.81 -1.50 -36.74
N GLU F 89 44.13 -2.63 -36.58
CA GLU F 89 44.64 -3.78 -35.85
C GLU F 89 45.30 -4.82 -36.74
N GLY F 90 45.42 -4.56 -38.04
CA GLY F 90 46.03 -5.53 -38.93
C GLY F 90 45.20 -6.78 -39.14
N LYS F 91 43.88 -6.66 -39.16
CA LYS F 91 42.99 -7.80 -39.28
C LYS F 91 42.56 -8.09 -40.73
N LEU F 92 43.09 -7.36 -41.71
CA LEU F 92 42.67 -7.48 -43.09
C LEU F 92 43.61 -8.39 -43.88
N ASP F 93 43.11 -8.88 -45.02
CA ASP F 93 43.87 -9.68 -45.96
C ASP F 93 44.52 -8.74 -46.99
N PRO F 94 45.84 -8.46 -46.91
CA PRO F 94 46.41 -7.53 -47.89
C PRO F 94 46.52 -8.12 -49.30
N VAL F 95 45.39 -8.14 -49.99
CA VAL F 95 45.35 -8.53 -51.41
C VAL F 95 45.67 -7.31 -52.25
N ILE F 96 46.50 -7.51 -53.28
CA ILE F 96 46.90 -6.43 -54.18
C ILE F 96 46.61 -6.86 -55.62
N GLY F 97 46.96 -5.99 -56.55
CA GLY F 97 46.49 -6.08 -57.92
C GLY F 97 45.19 -5.35 -58.17
N ARG F 98 44.42 -5.08 -57.12
CA ARG F 98 43.22 -4.27 -57.18
C ARG F 98 43.52 -2.80 -56.91
N ASN F 99 44.77 -2.37 -57.09
CA ASN F 99 45.15 -1.00 -56.75
C ASN F 99 44.43 0.01 -57.63
N LYS F 100 44.14 -0.36 -58.89
CA LYS F 100 43.43 0.54 -59.79
C LYS F 100 42.03 0.88 -59.29
N GLU F 101 41.40 -0.02 -58.53
CA GLU F 101 40.10 0.27 -57.96
C GLU F 101 40.21 1.12 -56.70
N ILE F 102 41.39 1.11 -56.06
CA ILE F 102 41.68 2.12 -55.04
C ILE F 102 41.99 3.45 -55.71
N GLN F 103 42.68 3.41 -56.85
CA GLN F 103 42.88 4.63 -57.64
C GLN F 103 41.53 5.17 -58.08
N GLU F 104 40.61 4.28 -58.46
CA GLU F 104 39.25 4.71 -58.78
C GLU F 104 38.50 5.14 -57.53
N ALA F 105 38.93 4.67 -56.36
CA ALA F 105 38.39 5.17 -55.10
C ALA F 105 38.96 6.53 -54.70
N SER F 106 39.83 7.12 -55.53
CA SER F 106 40.24 8.50 -55.29
C SER F 106 39.03 9.44 -55.35
N GLU F 107 38.08 9.17 -56.24
CA GLU F 107 36.86 9.95 -56.31
C GLU F 107 35.85 9.54 -55.26
N ILE F 108 35.83 8.25 -54.88
CA ILE F 108 34.91 7.78 -53.84
C ILE F 108 35.15 8.55 -52.55
N LEU F 109 36.41 8.83 -52.23
CA LEU F 109 36.75 9.47 -50.97
C LEU F 109 36.71 11.00 -51.06
N SER F 110 36.86 11.56 -52.26
CA SER F 110 37.16 12.98 -52.41
C SER F 110 35.99 13.85 -52.84
N ARG F 111 35.04 13.32 -53.61
CA ARG F 111 33.94 14.14 -54.12
C ARG F 111 33.15 14.76 -52.97
N ARG F 112 33.08 16.10 -52.98
CA ARG F 112 32.52 16.83 -51.84
C ARG F 112 31.00 16.72 -51.77
N THR F 113 30.33 16.52 -52.90
CA THR F 113 28.87 16.45 -52.91
C THR F 113 28.44 15.55 -54.06
N LYS F 114 27.23 14.98 -53.91
CA LYS F 114 26.66 14.07 -54.91
C LYS F 114 27.63 12.93 -55.16
N ASN F 115 28.18 12.39 -54.07
CA ASN F 115 29.44 11.67 -54.08
C ASN F 115 29.29 10.18 -53.76
N ASN F 116 28.08 9.63 -53.86
CA ASN F 116 27.85 8.26 -53.45
C ASN F 116 28.02 7.33 -54.66
N PRO F 117 29.14 6.60 -54.78
CA PRO F 117 29.38 5.82 -56.00
C PRO F 117 28.41 4.67 -56.19
N VAL F 118 28.64 3.92 -57.28
CA VAL F 118 27.86 2.73 -57.63
C VAL F 118 28.86 1.64 -57.98
N LEU F 119 29.23 0.83 -56.99
CA LEU F 119 30.17 -0.27 -57.15
C LEU F 119 29.43 -1.47 -57.75
N VAL F 120 30.19 -2.42 -58.31
CA VAL F 120 29.63 -3.64 -58.90
C VAL F 120 30.54 -4.81 -58.57
N GLY F 121 29.96 -6.00 -58.38
CA GLY F 121 30.75 -7.18 -58.10
C GLY F 121 29.88 -8.40 -57.83
N ASP F 122 30.56 -9.54 -57.63
CA ASP F 122 29.95 -10.82 -57.28
C ASP F 122 29.82 -10.93 -55.76
N ALA F 123 28.93 -11.84 -55.32
CA ALA F 123 28.71 -12.09 -53.90
C ALA F 123 30.01 -12.56 -53.26
N GLY F 124 30.51 -11.83 -52.28
CA GLY F 124 31.81 -12.12 -51.71
C GLY F 124 32.94 -12.09 -52.71
N VAL F 125 32.82 -11.30 -53.77
CA VAL F 125 33.91 -11.16 -54.73
C VAL F 125 35.15 -10.57 -54.06
N GLY F 126 34.95 -9.76 -53.04
CA GLY F 126 36.00 -8.97 -52.44
C GLY F 126 36.04 -7.55 -52.91
N LYS F 127 34.90 -7.01 -53.33
CA LYS F 127 34.81 -5.57 -53.58
C LYS F 127 34.60 -4.84 -52.27
N THR F 128 34.06 -5.54 -51.27
CA THR F 128 34.25 -5.13 -49.88
C THR F 128 35.72 -5.05 -49.53
N ALA F 129 36.50 -6.03 -49.98
CA ALA F 129 37.93 -6.04 -49.67
C ALA F 129 38.66 -4.87 -50.33
N VAL F 130 38.11 -4.34 -51.43
CA VAL F 130 38.63 -3.09 -51.99
C VAL F 130 38.43 -1.95 -51.00
N VAL F 131 37.20 -1.79 -50.50
CA VAL F 131 36.91 -0.72 -49.56
C VAL F 131 37.62 -0.97 -48.24
N GLU F 132 37.80 -2.23 -47.86
CA GLU F 132 38.72 -2.54 -46.76
C GLU F 132 40.15 -2.20 -47.18
N GLY F 133 40.51 -2.49 -48.42
CA GLY F 133 41.77 -2.01 -48.96
C GLY F 133 41.84 -0.51 -49.00
N LEU F 134 40.70 0.16 -49.21
CA LEU F 134 40.65 1.60 -49.07
C LEU F 134 40.82 2.01 -47.60
N ALA F 135 40.12 1.32 -46.70
CA ALA F 135 40.29 1.57 -45.28
C ALA F 135 41.76 1.38 -44.87
N GLN F 136 42.39 0.33 -45.37
CA GLN F 136 43.82 0.14 -45.14
C GLN F 136 44.62 1.32 -45.66
N ALA F 137 44.24 1.86 -46.82
CA ALA F 137 44.93 3.02 -47.36
C ALA F 137 44.72 4.25 -46.48
N ILE F 138 43.56 4.33 -45.81
CA ILE F 138 43.31 5.47 -44.92
C ILE F 138 44.16 5.35 -43.66
N VAL F 139 44.27 4.15 -43.10
CA VAL F 139 45.05 3.96 -41.88
C VAL F 139 46.52 4.26 -42.14
N ASN F 140 47.06 3.75 -43.25
CA ASN F 140 48.48 3.93 -43.57
C ASN F 140 48.79 5.28 -44.22
N GLY F 141 47.79 6.13 -44.41
CA GLY F 141 48.04 7.42 -45.04
C GLY F 141 48.43 7.31 -46.50
N ASP F 142 47.89 6.32 -47.22
CA ASP F 142 48.05 6.19 -48.66
C ASP F 142 46.91 6.87 -49.40
N VAL F 143 46.34 7.92 -48.82
CA VAL F 143 45.17 8.62 -49.34
C VAL F 143 45.41 10.12 -49.19
N PRO F 144 44.71 10.95 -49.96
CA PRO F 144 44.87 12.40 -49.80
C PRO F 144 44.21 12.88 -48.51
N ALA F 145 44.42 14.16 -48.22
CA ALA F 145 43.92 14.77 -46.99
C ALA F 145 42.40 14.90 -46.99
N ALA F 146 41.74 14.72 -48.13
CA ALA F 146 40.28 14.84 -48.19
C ALA F 146 39.58 13.84 -47.27
N ILE F 147 40.23 12.70 -47.00
CA ILE F 147 39.63 11.58 -46.28
C ILE F 147 40.38 11.30 -44.97
N LYS F 148 41.18 12.25 -44.48
CA LYS F 148 41.92 12.01 -43.25
C LYS F 148 40.96 11.87 -42.08
N ASN F 149 41.20 10.85 -41.25
CA ASN F 149 40.44 10.61 -40.04
C ASN F 149 38.96 10.38 -40.33
N LYS F 150 38.67 9.72 -41.45
CA LYS F 150 37.30 9.35 -41.82
C LYS F 150 37.12 7.85 -41.58
N GLU F 151 36.32 7.52 -40.58
CA GLU F 151 36.06 6.14 -40.19
C GLU F 151 35.05 5.52 -41.15
N ILE F 152 35.15 4.19 -41.32
CA ILE F 152 34.19 3.42 -42.11
C ILE F 152 33.52 2.42 -41.18
N VAL F 153 32.20 2.28 -41.31
CA VAL F 153 31.41 1.32 -40.56
C VAL F 153 30.50 0.59 -41.54
N SER F 154 30.44 -0.73 -41.43
CA SER F 154 29.51 -1.52 -42.23
C SER F 154 28.18 -1.61 -41.52
N ILE F 155 27.14 -1.04 -42.12
CA ILE F 155 25.79 -1.04 -41.55
C ILE F 155 25.07 -2.26 -42.13
N ASP F 156 24.62 -3.14 -41.24
CA ASP F 156 24.09 -4.45 -41.62
C ASP F 156 22.58 -4.33 -41.82
N ILE F 157 22.18 -4.09 -43.06
CA ILE F 157 20.76 -4.04 -43.40
C ILE F 157 20.12 -5.41 -43.30
N SER F 158 20.90 -6.49 -43.43
CA SER F 158 20.34 -7.83 -43.28
C SER F 158 19.80 -8.09 -41.89
N GLY F 159 20.27 -7.35 -40.88
CA GLY F 159 19.70 -7.37 -39.55
C GLY F 159 18.54 -6.43 -39.37
N LEU F 160 17.90 -5.98 -40.45
CA LEU F 160 16.73 -5.12 -40.34
C LEU F 160 15.63 -5.84 -39.60
N GLU F 161 14.91 -5.10 -38.74
CA GLU F 161 13.81 -5.58 -37.91
C GLU F 161 14.25 -6.57 -36.84
N ALA F 162 15.56 -6.79 -36.64
CA ALA F 162 16.03 -7.73 -35.65
C ALA F 162 15.80 -7.19 -34.25
N GLY F 163 15.03 -7.92 -33.44
CA GLY F 163 14.73 -7.54 -32.08
C GLY F 163 13.40 -6.84 -31.89
N THR F 164 12.67 -6.54 -32.97
CA THR F 164 11.36 -5.92 -32.85
C THR F 164 10.25 -6.90 -32.55
N GLN F 165 10.49 -8.20 -32.75
CA GLN F 165 9.48 -9.25 -32.64
C GLN F 165 8.33 -9.09 -33.63
N TYR F 166 8.46 -8.18 -34.61
CA TYR F 166 7.36 -7.75 -35.46
C TYR F 166 6.15 -7.27 -34.66
N ARG F 167 6.40 -6.72 -33.47
CA ARG F 167 5.40 -6.04 -32.66
C ARG F 167 5.72 -4.57 -32.42
N GLY F 168 6.99 -4.20 -32.42
CA GLY F 168 7.44 -2.85 -32.18
C GLY F 168 7.77 -2.10 -33.46
N SER F 169 8.88 -1.36 -33.44
CA SER F 169 9.29 -0.55 -34.56
C SER F 169 10.81 -0.55 -34.67
N PHE F 170 11.29 -0.25 -35.88
CA PHE F 170 12.72 -0.07 -36.16
C PHE F 170 13.05 1.29 -36.75
N GLU F 171 12.07 2.02 -37.28
CA GLU F 171 12.36 3.22 -38.08
C GLU F 171 13.08 4.28 -37.26
N GLU F 172 12.94 4.25 -35.93
CA GLU F 172 13.69 5.15 -35.07
C GLU F 172 15.14 4.72 -34.92
N ASN F 173 15.41 3.41 -34.92
CA ASN F 173 16.79 2.91 -34.92
C ASN F 173 17.51 3.24 -36.23
N VAL F 174 16.79 3.60 -37.27
CA VAL F 174 17.36 4.11 -38.51
C VAL F 174 17.70 5.59 -38.37
N GLN F 175 16.73 6.40 -37.92
CA GLN F 175 17.01 7.79 -37.61
C GLN F 175 18.08 7.93 -36.53
N ASN F 176 18.24 6.92 -35.68
CA ASN F 176 19.33 6.90 -34.71
C ASN F 176 20.67 6.55 -35.34
N LEU F 177 20.70 5.94 -36.52
CA LEU F 177 21.95 5.88 -37.26
C LEU F 177 22.36 7.29 -37.70
N VAL F 178 21.41 8.06 -38.23
CA VAL F 178 21.67 9.43 -38.63
C VAL F 178 22.10 10.27 -37.43
N ASN F 179 21.42 10.11 -36.29
CA ASN F 179 21.60 11.01 -35.16
C ASN F 179 23.01 10.97 -34.58
N GLU F 180 23.73 9.85 -34.68
CA GLU F 180 25.10 9.82 -34.23
C GLU F 180 26.07 10.42 -35.25
N VAL F 181 25.98 10.00 -36.50
CA VAL F 181 27.02 10.33 -37.47
C VAL F 181 26.89 11.76 -37.99
N LYS F 182 25.69 12.34 -37.99
CA LYS F 182 25.53 13.72 -38.41
C LYS F 182 26.31 14.66 -37.50
N GLU F 183 26.35 14.35 -36.19
CA GLU F 183 27.05 15.17 -35.21
C GLU F 183 28.38 14.58 -34.77
N ALA F 184 28.54 13.27 -34.83
CA ALA F 184 29.85 12.67 -34.51
C ALA F 184 30.92 13.17 -35.47
N GLY F 185 30.55 13.35 -36.73
CA GLY F 185 31.47 13.93 -37.70
C GLY F 185 32.48 12.93 -38.22
N ASN F 186 32.73 13.01 -39.52
CA ASN F 186 33.81 12.27 -40.20
C ASN F 186 33.56 10.76 -40.12
N ILE F 187 32.35 10.34 -40.48
CA ILE F 187 31.98 8.93 -40.58
C ILE F 187 31.65 8.61 -42.03
N ILE F 188 32.21 7.51 -42.53
CA ILE F 188 31.80 6.89 -43.79
C ILE F 188 31.01 5.64 -43.42
N LEU F 189 30.05 5.27 -44.26
CA LEU F 189 29.24 4.08 -44.05
C LEU F 189 29.30 3.17 -45.27
N PHE F 190 29.14 1.87 -45.03
CA PHE F 190 29.40 0.87 -46.06
C PHE F 190 28.30 -0.19 -46.09
N PHE F 191 28.08 -0.77 -47.27
CA PHE F 191 27.29 -1.98 -47.41
C PHE F 191 27.97 -2.94 -48.38
N ASP F 192 27.75 -4.24 -48.16
CA ASP F 192 28.26 -5.25 -49.09
C ASP F 192 27.52 -5.19 -50.41
N ALA F 193 26.20 -5.34 -50.38
CA ALA F 193 25.38 -5.24 -51.57
C ALA F 193 23.96 -4.90 -51.17
N ILE F 194 23.41 -3.84 -51.77
CA ILE F 194 22.04 -3.41 -51.51
C ILE F 194 21.32 -3.20 -52.83
N HIS F 195 20.11 -3.75 -52.92
CA HIS F 195 19.03 -3.21 -53.73
C HIS F 195 17.77 -3.04 -52.86
N GLN F 196 17.69 -3.80 -51.78
CA GLN F 196 16.49 -3.88 -50.96
C GLN F 196 16.21 -2.62 -50.14
N ILE F 197 17.13 -1.65 -50.11
CA ILE F 197 16.88 -0.43 -49.33
C ILE F 197 15.66 0.32 -49.87
N LEU F 198 15.45 0.28 -51.17
CA LEU F 198 14.36 1.01 -51.80
C LEU F 198 13.01 0.30 -51.68
N GLY F 199 12.92 -0.79 -50.90
CA GLY F 199 11.63 -1.35 -50.57
C GLY F 199 10.77 -0.36 -49.80
N ALA F 200 11.35 0.25 -48.77
CA ALA F 200 10.76 1.42 -48.12
C ALA F 200 11.16 2.66 -48.92
N GLY F 201 10.71 2.68 -50.17
CA GLY F 201 11.14 3.71 -51.11
C GLY F 201 10.53 3.46 -52.48
N SER F 202 11.38 3.57 -53.52
CA SER F 202 10.97 3.38 -54.90
C SER F 202 11.81 2.27 -55.52
N THR F 203 11.21 1.10 -55.68
CA THR F 203 11.87 -0.05 -56.30
C THR F 203 10.88 -0.76 -57.21
N GLY F 204 11.24 -1.97 -57.63
CA GLY F 204 10.44 -2.72 -58.58
C GLY F 204 9.51 -3.74 -57.94
N GLY F 205 9.87 -5.02 -58.04
CA GLY F 205 9.01 -6.09 -57.56
C GLY F 205 8.80 -6.08 -56.06
N ASP F 206 9.79 -5.59 -55.31
CA ASP F 206 9.73 -5.57 -53.85
C ASP F 206 9.37 -4.17 -53.34
N SER F 207 8.50 -3.46 -54.04
CA SER F 207 8.06 -2.14 -53.60
C SER F 207 7.07 -2.27 -52.45
N GLY F 208 7.21 -1.39 -51.46
CA GLY F 208 6.34 -1.37 -50.30
C GLY F 208 6.85 -2.14 -49.10
N SER F 209 7.86 -2.97 -49.28
CA SER F 209 8.45 -3.69 -48.15
C SER F 209 9.21 -2.72 -47.25
N LYS F 210 9.77 -3.27 -46.17
CA LYS F 210 10.49 -2.47 -45.20
C LYS F 210 11.95 -2.31 -45.61
N GLY F 211 12.51 -1.15 -45.29
CA GLY F 211 13.87 -0.84 -45.67
C GLY F 211 14.39 0.36 -44.91
N LEU F 212 15.38 1.04 -45.50
CA LEU F 212 15.96 2.25 -44.92
C LEU F 212 15.73 3.50 -45.75
N ALA F 213 15.31 3.37 -47.02
CA ALA F 213 15.36 4.50 -47.94
C ALA F 213 14.45 5.65 -47.51
N ASP F 214 13.36 5.36 -46.79
CA ASP F 214 12.49 6.45 -46.34
C ASP F 214 13.20 7.44 -45.43
N ILE F 215 14.25 7.01 -44.74
CA ILE F 215 15.06 7.89 -43.90
C ILE F 215 16.32 8.36 -44.64
N LEU F 216 16.85 7.53 -45.55
CA LEU F 216 18.11 7.86 -46.21
C LEU F 216 17.89 8.65 -47.49
N LYS F 217 16.76 8.45 -48.17
CA LYS F 217 16.48 9.18 -49.39
C LYS F 217 16.37 10.69 -49.09
N PRO F 218 15.76 11.10 -47.97
CA PRO F 218 15.99 12.49 -47.53
C PRO F 218 17.45 12.78 -47.23
N ALA F 219 18.14 11.86 -46.55
CA ALA F 219 19.55 12.09 -46.22
C ALA F 219 20.39 12.24 -47.48
N LEU F 220 20.03 11.53 -48.56
CA LEU F 220 20.69 11.77 -49.83
C LEU F 220 20.37 13.15 -50.37
N SER F 221 19.09 13.54 -50.32
CA SER F 221 18.69 14.85 -50.82
C SER F 221 19.31 15.97 -49.98
N ARG F 222 19.43 15.77 -48.67
CA ARG F 222 20.05 16.76 -47.81
C ARG F 222 21.57 16.80 -47.99
N GLY F 223 22.17 15.66 -48.30
CA GLY F 223 23.63 15.58 -48.36
C GLY F 223 24.27 15.29 -47.02
N GLU F 224 23.55 14.64 -46.11
CA GLU F 224 24.06 14.33 -44.78
C GLU F 224 24.87 13.04 -44.77
N LEU F 225 24.32 11.95 -45.32
CA LEU F 225 24.91 10.62 -45.23
C LEU F 225 25.29 10.13 -46.61
N THR F 226 26.50 9.59 -46.73
CA THR F 226 26.96 8.87 -47.92
C THR F 226 27.30 7.45 -47.51
N VAL F 227 26.60 6.48 -48.08
CA VAL F 227 26.78 5.06 -47.78
C VAL F 227 27.11 4.35 -49.09
N ILE F 228 28.14 3.49 -49.05
CA ILE F 228 28.82 3.04 -50.25
C ILE F 228 28.90 1.51 -50.29
N GLY F 229 28.83 0.97 -51.50
CA GLY F 229 28.85 -0.47 -51.68
C GLY F 229 28.40 -0.84 -53.08
N ALA F 230 28.32 -2.15 -53.32
CA ALA F 230 28.17 -2.70 -54.65
C ALA F 230 26.83 -3.40 -54.85
N THR F 231 26.54 -3.72 -56.11
CA THR F 231 25.35 -4.49 -56.48
C THR F 231 25.57 -5.07 -57.88
N THR F 232 24.50 -5.53 -58.51
CA THR F 232 24.52 -6.00 -59.88
C THR F 232 24.35 -4.80 -60.82
N GLN F 233 25.17 -4.75 -61.88
CA GLN F 233 25.12 -3.60 -62.79
C GLN F 233 23.77 -3.47 -63.49
N ASP F 234 23.10 -4.58 -63.75
CA ASP F 234 21.77 -4.56 -64.35
C ASP F 234 20.68 -4.20 -63.35
N GLU F 235 20.90 -4.41 -62.05
CA GLU F 235 19.95 -3.95 -61.04
C GLU F 235 19.93 -2.43 -60.94
N TYR F 236 21.01 -1.77 -61.38
CA TYR F 236 21.09 -0.31 -61.36
C TYR F 236 20.03 0.36 -62.23
N ARG F 237 19.40 -0.38 -63.15
CA ARG F 237 18.38 0.17 -64.03
C ARG F 237 17.24 0.86 -63.27
N ASN F 238 16.97 0.45 -62.04
CA ASN F 238 15.89 1.02 -61.24
C ASN F 238 16.16 2.45 -60.79
N THR F 239 17.32 3.01 -61.12
CA THR F 239 17.60 4.43 -60.87
C THR F 239 16.51 5.32 -61.46
N ILE F 240 16.00 4.93 -62.62
CA ILE F 240 15.02 5.75 -63.33
C ILE F 240 13.76 5.99 -62.52
N LEU F 241 13.44 5.09 -61.58
CA LEU F 241 12.25 5.25 -60.76
C LEU F 241 12.30 6.54 -59.93
N LYS F 242 13.42 6.80 -59.27
CA LYS F 242 13.65 8.02 -58.49
C LYS F 242 15.03 8.56 -58.84
N ASN F 243 15.26 8.77 -60.13
CA ASN F 243 16.48 9.40 -60.61
C ASN F 243 16.80 10.71 -59.89
N ALA F 244 15.77 11.48 -59.52
CA ALA F 244 15.99 12.76 -58.86
C ALA F 244 16.77 12.61 -57.55
N ALA F 245 16.58 11.49 -56.84
CA ALA F 245 17.34 11.21 -55.63
C ALA F 245 18.57 10.35 -55.87
N LEU F 246 18.52 9.46 -56.87
CA LEU F 246 19.58 8.49 -57.10
C LEU F 246 20.51 8.92 -58.23
N ALA F 247 19.97 9.33 -59.38
CA ALA F 247 20.83 9.74 -60.50
C ALA F 247 21.54 11.05 -60.18
N ARG F 248 20.87 11.96 -59.47
CA ARG F 248 21.47 13.26 -59.12
C ARG F 248 22.33 13.19 -57.87
N ARG F 249 22.66 11.98 -57.38
CA ARG F 249 23.53 11.83 -56.22
C ARG F 249 24.60 10.75 -56.42
N PHE F 250 24.67 10.10 -57.58
CA PHE F 250 25.53 8.93 -57.79
C PHE F 250 26.49 9.14 -58.95
N ASN F 251 27.50 8.27 -58.98
CA ASN F 251 28.49 8.20 -60.04
C ASN F 251 28.86 6.73 -60.24
N GLU F 252 28.94 6.29 -61.50
CA GLU F 252 29.14 4.88 -61.79
C GLU F 252 30.61 4.48 -61.65
N VAL F 253 30.83 3.25 -61.14
CA VAL F 253 32.16 2.67 -60.99
C VAL F 253 32.42 1.75 -62.17
N LYS F 254 33.68 1.70 -62.60
CA LYS F 254 34.12 0.73 -63.60
C LYS F 254 34.30 -0.61 -62.90
N VAL F 255 33.62 -1.63 -63.43
CA VAL F 255 33.19 -2.80 -62.68
C VAL F 255 34.36 -3.51 -62.04
N ASN F 256 35.21 -4.14 -62.85
CA ASN F 256 36.28 -4.99 -62.36
C ASN F 256 37.05 -5.53 -63.57
N ALA F 257 38.23 -6.09 -63.30
CA ALA F 257 39.03 -6.75 -64.33
C ALA F 257 39.86 -7.86 -63.71
N PRO F 258 39.23 -8.96 -63.28
CA PRO F 258 39.99 -10.05 -62.61
C PRO F 258 40.84 -10.85 -63.58
N SER F 259 42.05 -10.34 -63.85
CA SER F 259 42.97 -11.01 -64.76
C SER F 259 43.69 -12.15 -64.07
N ALA F 260 44.11 -13.14 -64.86
CA ALA F 260 44.89 -14.26 -64.32
C ALA F 260 46.31 -13.83 -63.95
N GLU F 261 46.78 -12.71 -64.50
CA GLU F 261 48.13 -12.24 -64.19
C GLU F 261 48.29 -11.91 -62.71
N ASN F 262 47.35 -11.14 -62.15
CA ASN F 262 47.38 -10.82 -60.73
C ASN F 262 46.84 -11.96 -59.87
N THR F 263 46.10 -12.90 -60.47
CA THR F 263 45.61 -14.05 -59.73
C THR F 263 46.76 -14.84 -59.12
N PHE F 264 47.83 -15.07 -59.88
CA PHE F 264 48.89 -15.97 -59.44
C PHE F 264 49.58 -15.47 -58.17
N LYS F 265 49.91 -14.17 -58.13
CA LYS F 265 50.51 -13.61 -56.92
C LYS F 265 49.56 -13.73 -55.74
N ILE F 266 48.25 -13.59 -55.98
CA ILE F 266 47.27 -13.84 -54.93
C ILE F 266 47.31 -15.31 -54.55
N LEU F 267 47.35 -16.21 -55.54
CA LEU F 267 47.33 -17.64 -55.28
C LEU F 267 48.48 -18.07 -54.36
N GLN F 268 49.63 -17.41 -54.46
CA GLN F 268 50.69 -17.65 -53.48
C GLN F 268 50.27 -17.13 -52.10
N GLY F 269 49.45 -16.08 -52.06
CA GLY F 269 48.86 -15.66 -50.81
C GLY F 269 47.78 -16.60 -50.32
N ILE F 270 47.14 -17.32 -51.24
CA ILE F 270 46.05 -18.22 -50.87
C ILE F 270 46.61 -19.49 -50.21
N ARG F 271 47.73 -20.00 -50.71
CA ARG F 271 48.28 -21.23 -50.12
C ARG F 271 48.70 -21.02 -48.67
N ASP F 272 49.51 -19.99 -48.40
CA ASP F 272 49.94 -19.67 -47.05
C ASP F 272 48.79 -19.39 -46.09
N LEU F 273 47.59 -19.11 -46.61
CA LEU F 273 46.38 -18.96 -45.82
C LEU F 273 45.67 -20.29 -45.55
N TYR F 274 45.81 -21.28 -46.45
CA TYR F 274 45.06 -22.53 -46.37
C TYR F 274 45.90 -23.79 -46.39
N GLN F 275 47.12 -23.77 -46.96
CA GLN F 275 47.89 -25.01 -47.07
C GLN F 275 48.31 -25.53 -45.71
N GLN F 276 48.38 -24.67 -44.68
CA GLN F 276 48.68 -25.14 -43.34
C GLN F 276 47.50 -25.87 -42.70
N HIS F 277 46.30 -25.76 -43.26
CA HIS F 277 45.12 -26.37 -42.66
C HIS F 277 45.18 -27.89 -42.72
N HIS F 278 45.74 -28.45 -43.80
CA HIS F 278 45.72 -29.89 -44.04
C HIS F 278 47.13 -30.50 -44.12
N ASN F 279 48.16 -29.74 -43.72
CA ASN F 279 49.54 -30.20 -43.83
C ASN F 279 49.88 -30.54 -45.29
N VAL F 280 49.40 -29.71 -46.21
CA VAL F 280 49.59 -29.90 -47.64
C VAL F 280 50.61 -28.88 -48.14
N ILE F 281 51.35 -29.25 -49.19
CA ILE F 281 52.17 -28.32 -49.95
C ILE F 281 51.46 -28.03 -51.27
N LEU F 282 51.42 -26.75 -51.64
CA LEU F 282 50.77 -26.29 -52.87
C LEU F 282 51.81 -25.52 -53.67
N PRO F 283 52.71 -26.21 -54.38
CA PRO F 283 53.76 -25.50 -55.11
C PRO F 283 53.20 -24.68 -56.27
N ASP F 284 54.12 -24.02 -56.98
CA ASP F 284 53.72 -23.08 -58.03
C ASP F 284 52.99 -23.78 -59.17
N GLU F 285 53.45 -24.97 -59.59
CA GLU F 285 52.79 -25.66 -60.69
C GLU F 285 51.37 -26.07 -60.34
N VAL F 286 51.07 -26.29 -59.06
CA VAL F 286 49.70 -26.58 -58.65
C VAL F 286 48.85 -25.32 -58.69
N LEU F 287 49.40 -24.20 -58.21
CA LEU F 287 48.66 -22.93 -58.26
C LEU F 287 48.35 -22.54 -59.71
N LYS F 288 49.35 -22.65 -60.60
CA LYS F 288 49.11 -22.36 -62.01
C LYS F 288 48.09 -23.32 -62.60
N ALA F 289 48.24 -24.62 -62.31
CA ALA F 289 47.29 -25.61 -62.82
C ALA F 289 45.89 -25.38 -62.28
N ALA F 290 45.78 -24.79 -61.09
CA ALA F 290 44.46 -24.53 -60.50
C ALA F 290 43.63 -23.55 -61.34
N VAL F 291 44.27 -22.74 -62.18
CA VAL F 291 43.58 -21.81 -63.07
C VAL F 291 43.88 -22.11 -64.53
N ASP F 292 45.16 -22.36 -64.86
CA ASP F 292 45.54 -22.56 -66.25
C ASP F 292 44.89 -23.80 -66.84
N TYR F 293 44.76 -24.87 -66.06
CA TYR F 293 44.07 -26.07 -66.52
C TYR F 293 42.57 -25.97 -66.35
N SER F 294 42.10 -25.29 -65.29
CA SER F 294 40.68 -25.25 -64.97
C SER F 294 39.91 -24.22 -65.77
N VAL F 295 40.55 -23.11 -66.18
CA VAL F 295 39.86 -22.04 -66.92
C VAL F 295 39.14 -22.58 -68.14
N GLN F 296 39.67 -23.65 -68.74
CA GLN F 296 39.07 -24.26 -69.91
C GLN F 296 37.66 -24.78 -69.65
N TYR F 297 37.36 -25.19 -68.42
CA TYR F 297 36.13 -25.90 -68.09
C TYR F 297 35.31 -25.20 -67.02
N ILE F 298 35.49 -23.89 -66.85
CA ILE F 298 34.75 -23.10 -65.86
C ILE F 298 34.14 -21.92 -66.60
N PRO F 299 32.88 -22.01 -67.05
CA PRO F 299 32.20 -20.82 -67.60
C PRO F 299 31.67 -19.85 -66.55
N GLN F 300 32.08 -19.98 -65.29
CA GLN F 300 31.51 -19.22 -64.19
C GLN F 300 32.30 -17.95 -63.92
N ARG F 301 31.58 -16.95 -63.39
CA ARG F 301 32.23 -15.74 -62.89
C ARG F 301 33.05 -16.01 -61.64
N SER F 302 32.83 -17.15 -60.97
CA SER F 302 33.51 -17.48 -59.72
C SER F 302 34.87 -18.14 -59.93
N LEU F 303 35.45 -18.07 -61.13
CA LEU F 303 36.75 -18.67 -61.41
C LEU F 303 37.87 -18.19 -60.49
N PRO F 304 38.00 -16.88 -60.16
CA PRO F 304 39.17 -16.45 -59.37
C PRO F 304 39.30 -17.13 -58.01
N ASP F 305 38.22 -17.68 -57.47
CA ASP F 305 38.24 -18.45 -56.23
C ASP F 305 38.06 -19.94 -56.46
N LYS F 306 38.02 -20.39 -57.72
CA LYS F 306 37.91 -21.83 -57.99
C LYS F 306 39.19 -22.57 -57.59
N ALA F 307 40.33 -21.88 -57.60
CA ALA F 307 41.58 -22.53 -57.19
C ALA F 307 41.53 -22.99 -55.74
N ILE F 308 40.78 -22.28 -54.89
CA ILE F 308 40.60 -22.71 -53.51
C ILE F 308 39.85 -24.04 -53.48
N ASP F 309 38.78 -24.16 -54.26
CA ASP F 309 37.98 -25.38 -54.28
C ASP F 309 38.80 -26.58 -54.71
N LEU F 310 39.73 -26.39 -55.66
CA LEU F 310 40.50 -27.52 -56.16
C LEU F 310 41.51 -28.01 -55.13
N VAL F 311 42.17 -27.08 -54.43
CA VAL F 311 43.12 -27.49 -53.39
C VAL F 311 42.37 -27.94 -52.14
N ASP F 312 41.17 -27.39 -51.89
CA ASP F 312 40.36 -27.86 -50.77
C ASP F 312 39.89 -29.30 -51.00
N VAL F 313 39.34 -29.58 -52.17
CA VAL F 313 38.86 -30.93 -52.47
C VAL F 313 40.04 -31.89 -52.64
N THR F 314 41.16 -31.39 -53.14
CA THR F 314 42.36 -32.21 -53.23
C THR F 314 42.77 -32.71 -51.85
N ALA F 315 42.87 -31.80 -50.89
CA ALA F 315 43.19 -32.20 -49.52
C ALA F 315 42.11 -33.12 -48.95
N ALA F 316 40.85 -32.88 -49.33
CA ALA F 316 39.77 -33.76 -48.88
C ALA F 316 39.93 -35.17 -49.43
N HIS F 317 40.37 -35.28 -50.69
CA HIS F 317 40.57 -36.59 -51.29
C HIS F 317 41.90 -37.21 -50.87
N LEU F 318 42.94 -36.38 -50.72
CA LEU F 318 44.19 -36.88 -50.14
C LEU F 318 44.01 -37.28 -48.68
N ALA F 319 43.07 -36.65 -47.98
CA ALA F 319 42.81 -37.00 -46.59
C ALA F 319 42.20 -38.40 -46.45
N ALA F 320 41.79 -39.03 -47.55
CA ALA F 320 41.32 -40.40 -47.49
C ALA F 320 42.44 -41.38 -47.19
N GLN F 321 43.71 -40.96 -47.31
CA GLN F 321 44.82 -41.84 -46.97
C GLN F 321 44.96 -42.01 -45.46
N HIS F 322 44.77 -40.94 -44.69
CA HIS F 322 44.97 -40.97 -43.23
C HIS F 322 43.76 -40.39 -42.50
N PRO F 323 42.61 -41.08 -42.52
CA PRO F 323 41.53 -40.76 -41.57
C PRO F 323 41.49 -41.59 -40.30
N VAL F 324 42.47 -42.48 -40.06
CA VAL F 324 42.33 -43.50 -39.02
C VAL F 324 43.54 -43.58 -38.10
N THR F 325 44.38 -42.54 -38.08
CA THR F 325 45.50 -42.54 -37.15
C THR F 325 44.97 -42.45 -35.74
N ASP F 326 45.38 -43.40 -34.90
CA ASP F 326 44.91 -43.48 -33.51
C ASP F 326 45.78 -42.59 -32.60
N VAL F 327 45.80 -41.30 -32.93
CA VAL F 327 46.49 -40.33 -32.08
C VAL F 327 45.88 -40.33 -30.69
N HIS F 328 44.57 -40.53 -30.60
CA HIS F 328 43.88 -40.52 -29.32
C HIS F 328 44.18 -41.76 -28.49
N ALA F 329 44.66 -42.84 -29.11
CA ALA F 329 45.02 -44.04 -28.34
C ALA F 329 46.13 -43.72 -27.34
N VAL F 330 47.04 -42.81 -27.70
CA VAL F 330 48.08 -42.39 -26.78
C VAL F 330 47.59 -41.29 -25.85
N GLU F 331 46.76 -40.37 -26.36
CA GLU F 331 46.21 -39.31 -25.51
C GLU F 331 45.39 -39.90 -24.37
N ARG F 332 44.61 -40.95 -24.65
CA ARG F 332 43.84 -41.59 -23.59
C ARG F 332 44.75 -42.29 -22.60
N GLU F 333 45.92 -42.78 -23.06
CA GLU F 333 46.91 -43.33 -22.14
C GLU F 333 47.52 -42.23 -21.29
N ILE F 334 47.74 -41.05 -21.87
CA ILE F 334 48.32 -39.94 -21.11
C ILE F 334 47.36 -39.48 -20.02
N GLU F 335 46.07 -39.35 -20.36
CA GLU F 335 45.09 -38.90 -19.38
C GLU F 335 44.97 -39.89 -18.22
N THR F 336 45.18 -41.18 -18.49
CA THR F 336 45.24 -42.16 -17.41
C THR F 336 46.51 -41.97 -16.58
N GLU F 337 47.67 -41.92 -17.24
CA GLU F 337 48.93 -41.79 -16.52
C GLU F 337 49.01 -40.44 -15.79
N LYS F 338 48.46 -39.38 -16.39
CA LYS F 338 48.40 -38.10 -15.68
C LYS F 338 47.48 -38.19 -14.48
N ASP F 339 46.37 -38.91 -14.61
CA ASP F 339 45.44 -39.07 -13.49
C ASP F 339 46.10 -39.83 -12.35
N LYS F 340 46.95 -40.81 -12.67
CA LYS F 340 47.74 -41.47 -11.63
C LYS F 340 48.80 -40.51 -11.08
N GLN F 341 49.43 -39.73 -11.97
CA GLN F 341 50.43 -38.75 -11.56
C GLN F 341 49.86 -37.78 -10.52
N GLU F 342 48.67 -37.25 -10.78
CA GLU F 342 48.03 -36.35 -9.83
C GLU F 342 47.81 -37.04 -8.48
N LYS F 343 47.59 -38.35 -8.48
CA LYS F 343 47.40 -39.08 -7.22
C LYS F 343 48.73 -39.40 -6.57
N ALA F 344 49.76 -39.70 -7.37
CA ALA F 344 51.11 -39.89 -6.83
C ALA F 344 51.59 -38.63 -6.14
N VAL F 345 51.17 -37.46 -6.63
CA VAL F 345 51.59 -36.20 -6.04
C VAL F 345 50.87 -35.98 -4.70
N GLU F 346 49.56 -36.22 -4.66
CA GLU F 346 48.82 -36.03 -3.42
C GLU F 346 49.33 -36.96 -2.33
N ALA F 347 49.74 -38.17 -2.69
CA ALA F 347 50.38 -39.08 -1.76
C ALA F 347 51.85 -38.73 -1.51
N GLU F 348 52.39 -37.73 -2.21
CA GLU F 348 53.79 -37.34 -2.10
C GLU F 348 54.71 -38.51 -2.41
N ASP F 349 54.34 -39.28 -3.44
CA ASP F 349 55.15 -40.38 -3.97
C ASP F 349 55.75 -39.85 -5.26
N PHE F 350 56.96 -39.31 -5.16
CA PHE F 350 57.57 -38.57 -6.26
C PHE F 350 58.57 -39.40 -7.06
N GLU F 351 58.94 -40.60 -6.61
CA GLU F 351 59.54 -41.55 -7.53
C GLU F 351 58.52 -42.00 -8.56
N ALA F 352 57.29 -42.27 -8.12
CA ALA F 352 56.22 -42.65 -9.04
C ALA F 352 55.80 -41.47 -9.90
N ALA F 353 55.69 -40.28 -9.29
CA ALA F 353 55.26 -39.11 -10.04
C ALA F 353 56.27 -38.74 -11.13
N LEU F 354 57.56 -38.84 -10.82
CA LEU F 354 58.58 -38.56 -11.82
C LEU F 354 58.54 -39.60 -12.95
N ASN F 355 58.33 -40.87 -12.59
CA ASN F 355 58.26 -41.92 -13.60
C ASN F 355 57.13 -41.67 -14.60
N TYR F 356 56.02 -41.10 -14.12
CA TYR F 356 54.89 -40.84 -15.00
C TYR F 356 55.15 -39.63 -15.90
N LYS F 357 55.73 -38.56 -15.35
CA LYS F 357 56.13 -37.43 -16.18
C LYS F 357 57.16 -37.88 -17.22
N THR F 358 58.00 -38.86 -16.87
CA THR F 358 58.96 -39.39 -17.83
C THR F 358 58.26 -40.11 -18.97
N ARG F 359 57.32 -41.01 -18.65
CA ARG F 359 56.64 -41.76 -19.70
C ARG F 359 55.79 -40.84 -20.57
N ILE F 360 55.04 -39.92 -19.95
CA ILE F 360 54.15 -39.04 -20.72
C ILE F 360 54.96 -38.22 -21.72
N ALA F 361 56.13 -37.72 -21.30
CA ALA F 361 56.96 -36.94 -22.21
C ALA F 361 57.31 -37.74 -23.46
N GLU F 362 57.68 -39.01 -23.29
CA GLU F 362 57.86 -39.88 -24.45
C GLU F 362 56.55 -40.06 -25.21
N LEU F 363 55.45 -40.28 -24.49
CA LEU F 363 54.16 -40.49 -25.16
C LEU F 363 53.72 -39.24 -25.92
N GLU F 364 53.99 -38.06 -25.37
CA GLU F 364 53.65 -36.83 -26.09
C GLU F 364 54.51 -36.67 -27.33
N ARG F 365 55.79 -37.06 -27.26
CA ARG F 365 56.65 -36.98 -28.44
C ARG F 365 56.19 -37.96 -29.51
N LYS F 366 55.63 -39.10 -29.11
CA LYS F 366 55.11 -40.05 -30.08
C LYS F 366 53.95 -39.45 -30.88
N ILE F 367 53.01 -38.78 -30.18
CA ILE F 367 51.88 -38.17 -30.86
C ILE F 367 52.35 -37.11 -31.85
N GLU F 368 53.23 -36.20 -31.39
CA GLU F 368 53.66 -35.09 -32.23
C GLU F 368 54.42 -35.58 -33.45
N ASN F 369 55.07 -36.75 -33.35
CA ASN F 369 55.80 -37.32 -34.48
C ASN F 369 54.88 -38.01 -35.47
N HIS F 370 53.61 -38.26 -35.13
CA HIS F 370 52.68 -38.83 -36.09
C HIS F 370 52.44 -37.89 -37.27
N THR F 371 52.54 -36.58 -37.06
CA THR F 371 52.37 -35.61 -38.15
C THR F 371 53.34 -35.86 -39.29
N GLU F 372 54.56 -36.32 -38.98
CA GLU F 372 55.56 -36.53 -40.01
C GLU F 372 55.25 -37.73 -40.90
N ASP F 373 54.39 -38.65 -40.46
CA ASP F 373 53.96 -39.78 -41.28
C ASP F 373 52.71 -39.49 -42.09
N MET F 374 52.26 -38.23 -42.14
CA MET F 374 51.00 -37.85 -42.78
C MET F 374 51.21 -36.61 -43.64
N LYS F 375 52.27 -36.63 -44.46
CA LYS F 375 52.49 -35.56 -45.42
C LYS F 375 51.47 -35.68 -46.54
N VAL F 376 50.90 -34.54 -46.93
CA VAL F 376 49.81 -34.46 -47.90
C VAL F 376 50.39 -33.82 -49.15
N THR F 377 50.62 -34.64 -50.19
CA THR F 377 51.32 -34.19 -51.40
C THR F 377 50.58 -34.73 -52.63
N ALA F 378 49.78 -33.88 -53.27
CA ALA F 378 49.22 -34.21 -54.57
C ALA F 378 50.26 -33.99 -55.66
N SER F 379 50.21 -34.86 -56.66
CA SER F 379 50.80 -34.53 -57.95
C SER F 379 49.92 -33.51 -58.65
N VAL F 380 50.54 -32.66 -59.46
CA VAL F 380 49.78 -31.69 -60.23
C VAL F 380 48.83 -32.40 -61.19
N ASN F 381 49.19 -33.63 -61.61
CA ASN F 381 48.26 -34.44 -62.40
C ASN F 381 47.06 -34.87 -61.59
N ASP F 382 47.25 -35.15 -60.29
CA ASP F 382 46.13 -35.50 -59.43
C ASP F 382 45.23 -34.31 -59.17
N VAL F 383 45.81 -33.12 -59.03
CA VAL F 383 45.01 -31.90 -58.91
C VAL F 383 44.20 -31.69 -60.18
N ALA F 384 44.82 -31.91 -61.33
CA ALA F 384 44.10 -31.79 -62.60
C ALA F 384 43.00 -32.84 -62.70
N GLU F 385 43.22 -34.00 -62.10
CA GLU F 385 42.19 -35.04 -62.13
C GLU F 385 41.03 -34.70 -61.20
N SER F 386 41.27 -33.89 -60.16
CA SER F 386 40.18 -33.36 -59.35
C SER F 386 39.13 -32.64 -60.18
N VAL F 387 39.54 -32.01 -61.28
CA VAL F 387 38.61 -31.27 -62.13
C VAL F 387 37.59 -32.23 -62.76
N GLU F 388 37.95 -33.50 -62.94
CA GLU F 388 37.03 -34.50 -63.47
C GLU F 388 36.23 -35.19 -62.38
N ARG F 389 36.86 -35.45 -61.22
CA ARG F 389 36.23 -36.28 -60.20
C ARG F 389 34.92 -35.70 -59.73
N MET F 390 34.90 -34.39 -59.43
CA MET F 390 33.72 -33.71 -58.93
C MET F 390 32.96 -32.95 -60.02
N THR F 391 33.25 -33.23 -61.30
CA THR F 391 32.51 -32.64 -62.41
C THR F 391 31.99 -33.71 -63.36
N GLY F 392 32.71 -34.83 -63.48
CA GLY F 392 32.28 -35.92 -64.32
C GLY F 392 32.50 -35.71 -65.80
N ILE F 393 33.57 -35.00 -66.17
CA ILE F 393 33.81 -34.54 -67.54
C ILE F 393 35.06 -35.26 -68.04
N PRO F 394 34.97 -36.24 -68.99
CA PRO F 394 36.11 -37.15 -69.27
C PRO F 394 37.27 -36.48 -70.01
N VAL F 395 38.18 -35.87 -69.25
CA VAL F 395 39.21 -35.01 -69.80
C VAL F 395 40.60 -35.30 -69.22
N SER F 396 40.80 -36.51 -68.71
CA SER F 396 42.10 -36.86 -68.13
C SER F 396 43.22 -36.86 -69.16
N GLN F 397 42.88 -36.93 -70.46
CA GLN F 397 43.87 -36.90 -71.53
C GLN F 397 44.57 -35.55 -71.66
N MET F 398 44.01 -34.48 -71.11
CA MET F 398 44.56 -33.14 -71.25
C MET F 398 45.72 -32.95 -70.29
N GLY F 399 46.62 -31.99 -70.58
CA GLY F 399 46.65 -31.14 -71.77
C GLY F 399 47.23 -29.76 -71.50
N ALA F 400 47.52 -29.05 -72.61
CA ALA F 400 47.99 -27.68 -72.62
C ALA F 400 47.07 -26.96 -73.61
N SER F 401 45.77 -27.10 -73.37
CA SER F 401 44.78 -27.21 -74.43
C SER F 401 44.09 -25.90 -74.76
N ASP F 402 44.82 -24.78 -74.74
CA ASP F 402 44.26 -23.53 -75.27
C ASP F 402 43.97 -23.65 -76.76
N ILE F 403 44.85 -24.34 -77.49
CA ILE F 403 44.75 -24.48 -78.95
C ILE F 403 44.26 -25.88 -79.31
N GLU F 404 44.63 -26.87 -78.47
CA GLU F 404 44.28 -28.26 -78.78
C GLU F 404 42.78 -28.44 -78.93
N ARG F 405 41.99 -27.84 -78.03
CA ARG F 405 40.54 -27.95 -78.16
C ARG F 405 40.03 -27.18 -79.37
N LEU F 406 40.65 -26.03 -79.66
CA LEU F 406 40.20 -25.19 -80.76
C LEU F 406 40.21 -25.95 -82.08
N LYS F 407 41.26 -26.73 -82.33
CA LYS F 407 41.42 -27.45 -83.59
C LYS F 407 40.85 -28.86 -83.54
N ASP F 408 40.98 -29.56 -82.41
CA ASP F 408 40.66 -30.98 -82.35
C ASP F 408 39.22 -31.27 -81.95
N MET F 409 38.55 -30.37 -81.22
CA MET F 409 37.16 -30.62 -80.86
C MET F 409 36.27 -30.69 -82.09
N ALA F 410 36.65 -29.98 -83.16
CA ALA F 410 35.92 -30.10 -84.41
C ALA F 410 36.06 -31.51 -84.99
N HIS F 411 37.29 -32.03 -85.01
CA HIS F 411 37.52 -33.40 -85.44
C HIS F 411 36.91 -34.39 -84.46
N ARG F 412 37.00 -34.08 -83.16
CA ARG F 412 36.43 -34.96 -82.14
C ARG F 412 34.91 -35.07 -82.30
N LEU F 413 34.26 -33.99 -82.73
CA LEU F 413 32.83 -34.02 -82.95
C LEU F 413 32.47 -35.04 -84.04
N GLN F 414 33.01 -34.85 -85.24
CA GLN F 414 32.60 -35.63 -86.42
C GLN F 414 32.81 -37.12 -86.22
N ASP F 415 33.73 -37.52 -85.34
CA ASP F 415 33.91 -38.92 -85.02
C ASP F 415 32.65 -39.53 -84.40
N LYS F 416 31.77 -38.70 -83.82
CA LYS F 416 30.52 -39.15 -83.21
C LYS F 416 29.28 -38.66 -83.96
N VAL F 417 29.43 -37.97 -85.09
CA VAL F 417 28.31 -37.39 -85.82
C VAL F 417 27.79 -38.42 -86.82
N ILE F 418 26.49 -38.38 -87.07
CA ILE F 418 25.85 -39.10 -88.18
C ILE F 418 25.26 -38.02 -89.07
N GLY F 419 25.96 -37.67 -90.15
CA GLY F 419 25.45 -36.73 -91.13
C GLY F 419 26.58 -36.04 -91.86
N GLN F 420 26.22 -34.89 -92.45
CA GLN F 420 27.16 -34.11 -93.24
C GLN F 420 28.32 -33.63 -92.38
N ASP F 421 29.47 -33.41 -93.01
CA ASP F 421 30.69 -33.07 -92.28
C ASP F 421 30.92 -31.57 -92.20
N LYS F 422 30.41 -30.77 -93.15
CA LYS F 422 30.67 -29.34 -93.14
C LYS F 422 29.93 -28.61 -92.03
N ALA F 423 29.05 -29.29 -91.28
CA ALA F 423 28.35 -28.62 -90.19
C ALA F 423 29.30 -28.17 -89.09
N VAL F 424 30.39 -28.91 -88.84
CA VAL F 424 31.29 -28.55 -87.76
C VAL F 424 32.05 -27.27 -88.09
N GLU F 425 32.41 -27.07 -89.36
CA GLU F 425 33.15 -25.87 -89.73
C GLU F 425 32.33 -24.61 -89.48
N VAL F 426 31.00 -24.71 -89.56
CA VAL F 426 30.14 -23.58 -89.27
C VAL F 426 30.11 -23.32 -87.76
N VAL F 427 29.89 -24.36 -86.96
CA VAL F 427 29.66 -24.16 -85.52
C VAL F 427 30.98 -24.08 -84.76
N ALA F 428 31.99 -24.85 -85.17
CA ALA F 428 33.25 -24.86 -84.41
C ALA F 428 33.98 -23.53 -84.54
N ARG F 429 33.97 -22.93 -85.73
CA ARG F 429 34.66 -21.66 -85.96
C ARG F 429 34.15 -20.58 -85.02
N ALA F 430 32.86 -20.64 -84.66
CA ALA F 430 32.30 -19.64 -83.76
C ALA F 430 32.77 -19.92 -82.32
N ILE F 431 32.96 -21.19 -81.98
CA ILE F 431 33.55 -21.59 -80.70
C ILE F 431 35.05 -21.31 -80.72
N CYS F 432 35.64 -21.26 -81.92
CA CYS F 432 37.07 -20.98 -82.04
C CYS F 432 37.34 -19.48 -81.92
N ARG F 433 36.67 -18.66 -82.75
CA ARG F 433 36.99 -17.24 -82.78
C ARG F 433 36.63 -16.55 -81.46
N ASN F 434 35.56 -17.00 -80.80
CA ASN F 434 35.23 -16.47 -79.47
C ASN F 434 36.31 -16.84 -78.46
N ARG F 435 36.60 -18.14 -78.32
CA ARG F 435 37.59 -18.57 -77.33
C ARG F 435 38.97 -17.99 -77.63
N ALA F 436 39.26 -17.74 -78.91
CA ALA F 436 40.49 -17.04 -79.26
C ALA F 436 40.42 -15.56 -78.90
N GLY F 437 39.21 -15.00 -78.81
CA GLY F 437 39.03 -13.59 -78.54
C GLY F 437 38.88 -12.72 -79.76
N PHE F 438 38.78 -13.32 -80.94
CA PHE F 438 38.59 -12.56 -82.19
C PHE F 438 37.10 -12.51 -82.51
N ASP F 439 36.46 -11.51 -81.92
CA ASP F 439 35.01 -11.35 -81.99
C ASP F 439 34.71 -9.88 -81.74
N GLU F 440 33.74 -9.36 -82.49
CA GLU F 440 33.44 -7.94 -82.44
C GLU F 440 32.98 -7.53 -81.05
N GLY F 441 33.00 -6.22 -80.79
CA GLY F 441 32.78 -5.71 -79.44
C GLY F 441 31.44 -6.09 -78.85
N ASN F 442 30.42 -6.26 -79.70
CA ASN F 442 29.10 -6.71 -79.25
C ASN F 442 28.52 -7.63 -80.32
N ARG F 443 28.78 -8.92 -80.17
CA ARG F 443 28.06 -9.95 -80.90
C ARG F 443 27.78 -11.11 -79.96
N PRO F 444 26.53 -11.49 -79.74
CA PRO F 444 26.37 -12.92 -79.40
C PRO F 444 26.84 -13.73 -80.59
N ILE F 445 27.17 -15.01 -80.35
CA ILE F 445 27.98 -15.88 -81.21
C ILE F 445 27.62 -15.71 -82.68
N GLY F 446 26.34 -15.67 -82.96
CA GLY F 446 25.83 -15.67 -84.32
C GLY F 446 24.68 -16.64 -84.43
N ASN F 447 23.81 -16.36 -85.41
CA ASN F 447 22.57 -17.09 -85.56
C ASN F 447 22.76 -18.22 -86.56
N PHE F 448 22.49 -19.45 -86.11
CA PHE F 448 22.66 -20.65 -86.92
C PHE F 448 21.31 -21.27 -87.23
N LEU F 449 21.20 -21.87 -88.42
CA LEU F 449 19.99 -22.54 -88.87
C LEU F 449 20.37 -23.88 -89.47
N PHE F 450 19.82 -24.96 -88.90
CA PHE F 450 19.94 -26.30 -89.44
C PHE F 450 18.61 -26.71 -90.04
N VAL F 451 18.60 -26.95 -91.35
CA VAL F 451 17.42 -27.43 -92.04
C VAL F 451 17.51 -28.95 -92.13
N GLY F 452 16.46 -29.63 -91.68
CA GLY F 452 16.50 -31.08 -91.57
C GLY F 452 15.17 -31.62 -91.12
N SER F 453 15.20 -32.83 -90.55
CA SER F 453 14.01 -33.48 -90.02
C SER F 453 14.36 -34.10 -88.68
N THR F 454 13.34 -34.60 -87.97
CA THR F 454 13.50 -35.04 -86.60
C THR F 454 14.42 -36.24 -86.46
N GLY F 455 14.86 -36.51 -85.22
CA GLY F 455 15.62 -37.72 -84.93
C GLY F 455 17.10 -37.44 -84.78
N VAL F 456 17.90 -38.26 -85.46
CA VAL F 456 19.35 -38.18 -85.33
C VAL F 456 19.86 -36.86 -85.90
N GLY F 457 19.44 -36.52 -87.12
CA GLY F 457 19.91 -35.31 -87.75
C GLY F 457 19.52 -34.05 -86.98
N LYS F 458 18.41 -34.12 -86.24
CA LYS F 458 17.92 -32.94 -85.52
C LYS F 458 18.77 -32.64 -84.30
N THR F 459 19.12 -33.66 -83.51
CA THR F 459 19.57 -33.46 -82.14
C THR F 459 21.05 -33.74 -81.88
N GLU F 460 21.76 -34.49 -82.74
CA GLU F 460 23.15 -34.82 -82.43
C GLU F 460 24.01 -33.57 -82.32
N LEU F 461 23.81 -32.61 -83.22
CA LEU F 461 24.63 -31.40 -83.23
C LEU F 461 24.54 -30.66 -81.90
N ALA F 462 23.33 -30.32 -81.47
CA ALA F 462 23.16 -29.58 -80.23
C ALA F 462 23.65 -30.37 -79.02
N LYS F 463 23.37 -31.69 -78.99
CA LYS F 463 23.79 -32.50 -77.84
C LYS F 463 25.29 -32.68 -77.81
N GLN F 464 25.91 -33.01 -78.94
CA GLN F 464 27.32 -33.33 -78.96
C GLN F 464 28.18 -32.07 -78.80
N LEU F 465 27.70 -30.93 -79.29
CA LEU F 465 28.40 -29.67 -79.02
C LEU F 465 28.35 -29.34 -77.54
N ALA F 466 27.21 -29.57 -76.89
CA ALA F 466 27.07 -29.27 -75.47
C ALA F 466 28.01 -30.11 -74.62
N LEU F 467 28.30 -31.34 -75.06
CA LEU F 467 29.18 -32.22 -74.29
C LEU F 467 30.66 -31.89 -74.51
N ASP F 468 31.00 -31.32 -75.67
CA ASP F 468 32.38 -30.85 -75.89
C ASP F 468 32.59 -29.43 -75.41
N MET F 469 31.55 -28.59 -75.49
CA MET F 469 31.66 -27.24 -74.93
C MET F 469 31.51 -27.25 -73.42
N PHE F 470 30.51 -27.98 -72.91
CA PHE F 470 30.06 -27.81 -71.53
C PHE F 470 29.86 -29.11 -70.77
N GLY F 471 29.82 -30.25 -71.45
CA GLY F 471 30.09 -31.50 -70.82
C GLY F 471 28.89 -32.23 -70.26
N THR F 472 27.78 -31.53 -70.02
CA THR F 472 26.60 -32.18 -69.45
C THR F 472 25.35 -31.46 -69.95
N GLN F 473 24.20 -31.92 -69.46
CA GLN F 473 22.89 -31.57 -70.01
C GLN F 473 22.27 -30.41 -69.22
N ASP F 474 23.04 -29.31 -69.14
CA ASP F 474 22.65 -28.17 -68.30
C ASP F 474 22.44 -26.89 -69.11
N ALA F 475 23.42 -26.50 -69.94
CA ALA F 475 23.40 -25.20 -70.60
C ALA F 475 22.75 -25.32 -71.99
N ILE F 476 21.45 -25.60 -71.97
CA ILE F 476 20.70 -25.74 -73.21
C ILE F 476 19.21 -25.61 -72.91
N ILE F 477 18.51 -24.82 -73.73
CA ILE F 477 17.06 -24.66 -73.62
C ILE F 477 16.48 -24.94 -75.00
N ARG F 478 15.37 -25.67 -75.02
CA ARG F 478 14.62 -25.96 -76.24
C ARG F 478 13.35 -25.12 -76.26
N LEU F 479 13.21 -24.29 -77.29
CA LEU F 479 12.00 -23.50 -77.50
C LEU F 479 11.05 -24.32 -78.36
N ASP F 480 9.99 -24.82 -77.75
CA ASP F 480 9.04 -25.70 -78.43
C ASP F 480 8.09 -24.83 -79.25
N MET F 481 8.25 -24.84 -80.57
CA MET F 481 7.29 -24.16 -81.44
C MET F 481 5.96 -24.88 -81.54
N SER F 482 5.84 -26.08 -80.97
CA SER F 482 4.53 -26.74 -80.94
C SER F 482 3.52 -25.91 -80.16
N GLU F 483 3.99 -25.15 -79.16
CA GLU F 483 3.17 -24.15 -78.49
C GLU F 483 2.87 -22.93 -79.36
N TYR F 484 3.45 -22.85 -80.56
CA TYR F 484 3.26 -21.75 -81.49
C TYR F 484 2.60 -22.18 -82.80
N SER F 485 1.68 -23.13 -82.75
CA SER F 485 0.94 -23.54 -83.95
C SER F 485 -0.18 -22.55 -84.25
N ASP F 486 -0.05 -21.80 -85.34
CA ASP F 486 -1.10 -20.87 -85.73
C ASP F 486 -2.39 -21.58 -86.11
N ARG F 487 -2.32 -22.83 -86.55
CA ARG F 487 -3.48 -23.54 -87.07
C ARG F 487 -4.32 -24.18 -85.97
N THR F 488 -3.68 -24.63 -84.89
CA THR F 488 -4.31 -25.51 -83.91
C THR F 488 -4.39 -24.90 -82.51
N ALA F 489 -3.95 -23.66 -82.32
CA ALA F 489 -3.94 -23.05 -80.98
C ALA F 489 -5.35 -22.61 -80.60
N VAL F 490 -6.20 -23.60 -80.35
CA VAL F 490 -7.54 -23.38 -79.83
C VAL F 490 -7.74 -24.27 -78.60
N SER F 491 -6.65 -24.51 -77.87
CA SER F 491 -6.64 -25.34 -76.67
C SER F 491 -6.99 -26.79 -76.95
N LYS F 492 -6.81 -27.28 -78.18
CA LYS F 492 -6.79 -28.73 -78.36
C LYS F 492 -5.61 -29.32 -77.59
N LEU F 493 -4.47 -28.63 -77.64
CA LEU F 493 -3.27 -28.91 -76.88
C LEU F 493 -3.05 -27.67 -76.01
N ILE F 494 -1.82 -27.45 -75.54
CA ILE F 494 -1.45 -26.68 -74.35
C ILE F 494 -2.27 -25.40 -74.18
N GLY F 495 -2.55 -24.69 -75.25
CA GLY F 495 -3.29 -23.45 -75.09
C GLY F 495 -3.61 -22.77 -76.40
N THR F 496 -4.10 -21.53 -76.27
CA THR F 496 -4.61 -20.73 -77.37
C THR F 496 -3.52 -19.83 -77.95
N THR F 497 -3.94 -18.97 -78.88
CA THR F 497 -3.07 -17.96 -79.47
C THR F 497 -2.47 -17.06 -78.40
N ALA F 498 -3.25 -16.71 -77.38
CA ALA F 498 -2.78 -15.78 -76.36
C ALA F 498 -1.63 -16.35 -75.55
N GLY F 499 -1.44 -17.68 -75.53
CA GLY F 499 -0.32 -18.28 -74.85
C GLY F 499 1.02 -18.08 -75.51
N TYR F 500 1.05 -17.43 -76.68
CA TYR F 500 2.29 -17.20 -77.40
C TYR F 500 3.16 -16.13 -76.74
N VAL F 501 2.56 -15.20 -75.99
CA VAL F 501 3.25 -14.05 -75.44
C VAL F 501 3.34 -14.22 -73.93
N GLY F 502 4.42 -13.68 -73.35
CA GLY F 502 4.55 -13.61 -71.92
C GLY F 502 5.17 -14.84 -71.28
N TYR F 503 4.60 -16.02 -71.54
CA TYR F 503 5.09 -17.23 -70.89
C TYR F 503 6.50 -17.58 -71.36
N ASP F 504 6.69 -17.69 -72.68
CA ASP F 504 8.00 -17.98 -73.25
C ASP F 504 8.71 -16.65 -73.57
N ASP F 505 8.65 -15.74 -72.60
CA ASP F 505 9.38 -14.47 -72.67
C ASP F 505 10.20 -14.28 -71.40
N ASN F 506 9.59 -14.51 -70.22
CA ASN F 506 10.35 -14.47 -68.97
C ASN F 506 9.82 -15.43 -67.90
N SER F 507 8.81 -16.24 -68.20
CA SER F 507 8.04 -16.90 -67.14
C SER F 507 8.64 -18.25 -66.75
N ASN F 508 7.92 -18.98 -65.89
CA ASN F 508 8.38 -20.23 -65.30
C ASN F 508 8.50 -21.30 -66.39
N THR F 509 9.72 -21.68 -66.83
CA THR F 509 11.03 -21.12 -66.47
C THR F 509 11.79 -20.81 -67.75
N LEU F 510 12.02 -19.51 -67.99
CA LEU F 510 12.93 -19.06 -69.03
C LEU F 510 14.14 -18.34 -68.46
N THR F 511 13.94 -17.26 -67.72
CA THR F 511 15.02 -16.34 -67.41
C THR F 511 15.93 -16.86 -66.31
N GLU F 512 15.39 -17.58 -65.32
CA GLU F 512 16.21 -18.09 -64.23
C GLU F 512 17.24 -19.10 -64.73
N ARG F 513 16.99 -19.73 -65.89
CA ARG F 513 18.00 -20.57 -66.54
C ARG F 513 18.94 -19.74 -67.41
N VAL F 514 18.45 -18.64 -67.99
CA VAL F 514 19.32 -17.76 -68.78
C VAL F 514 20.30 -17.03 -67.87
N ARG F 515 19.92 -16.77 -66.63
CA ARG F 515 20.82 -16.09 -65.70
C ARG F 515 21.91 -17.00 -65.16
N ARG F 516 21.59 -18.27 -64.92
CA ARG F 516 22.61 -19.24 -64.59
C ARG F 516 23.51 -19.53 -65.77
N ASN F 517 22.94 -19.49 -66.96
CA ASN F 517 23.67 -19.76 -68.19
C ASN F 517 23.39 -18.63 -69.18
N PRO F 518 24.10 -17.49 -69.03
CA PRO F 518 24.03 -16.40 -70.03
C PRO F 518 24.45 -16.81 -71.44
N TYR F 519 25.16 -17.93 -71.53
CA TYR F 519 26.01 -18.33 -72.65
C TYR F 519 25.40 -19.45 -73.46
N SER F 520 24.21 -19.90 -73.09
CA SER F 520 23.75 -21.26 -73.38
C SER F 520 23.56 -21.49 -74.88
N ILE F 521 23.23 -22.73 -75.21
CA ILE F 521 22.68 -23.06 -76.51
C ILE F 521 21.19 -22.80 -76.46
N ILE F 522 20.68 -22.06 -77.45
CA ILE F 522 19.25 -21.92 -77.68
C ILE F 522 18.90 -22.84 -78.84
N LEU F 523 17.81 -23.60 -78.69
CA LEU F 523 17.26 -24.40 -79.77
C LEU F 523 15.83 -23.94 -80.04
N LEU F 524 15.61 -23.39 -81.23
CA LEU F 524 14.28 -23.08 -81.72
C LEU F 524 13.83 -24.29 -82.53
N ASP F 525 12.85 -25.01 -81.99
CA ASP F 525 12.41 -26.30 -82.52
C ASP F 525 11.39 -26.08 -83.64
N ALA F 526 11.80 -26.31 -84.90
CA ALA F 526 10.84 -26.32 -86.00
C ALA F 526 10.14 -24.99 -86.25
N ILE F 527 10.87 -24.02 -86.82
CA ILE F 527 10.38 -22.65 -87.08
C ILE F 527 8.95 -22.64 -87.62
N GLU F 528 8.64 -23.54 -88.57
CA GLU F 528 7.51 -23.35 -89.49
C GLU F 528 6.14 -23.24 -88.81
N LYS F 529 6.03 -23.51 -87.51
CA LYS F 529 4.71 -23.60 -86.89
C LYS F 529 3.97 -22.27 -86.84
N ALA F 530 4.62 -21.13 -87.11
CA ALA F 530 4.03 -19.83 -86.81
C ALA F 530 4.29 -18.79 -87.89
N ASP F 531 3.47 -17.74 -87.83
CA ASP F 531 3.55 -16.43 -88.47
C ASP F 531 5.00 -15.95 -88.49
N PRO F 532 5.54 -15.37 -89.58
CA PRO F 532 6.94 -14.91 -89.53
C PRO F 532 7.23 -13.87 -88.47
N GLN F 533 6.22 -13.16 -87.97
CA GLN F 533 6.45 -12.13 -86.96
C GLN F 533 6.81 -12.72 -85.61
N VAL F 534 6.28 -13.91 -85.29
CA VAL F 534 6.61 -14.57 -84.02
C VAL F 534 8.10 -14.86 -83.97
N ILE F 535 8.64 -15.46 -85.02
CA ILE F 535 10.03 -15.86 -85.09
C ILE F 535 10.93 -14.65 -85.31
N THR F 536 10.38 -13.60 -85.92
CA THR F 536 11.14 -12.39 -86.22
C THR F 536 11.53 -11.65 -84.94
N LEU F 537 10.76 -11.82 -83.87
CA LEU F 537 11.00 -11.05 -82.64
C LEU F 537 12.37 -11.33 -82.07
N LEU F 538 12.68 -12.62 -81.86
CA LEU F 538 13.94 -12.96 -81.21
C LEU F 538 15.13 -12.58 -82.07
N LEU F 539 15.07 -12.85 -83.38
CA LEU F 539 16.27 -12.76 -84.20
C LEU F 539 16.66 -11.33 -84.52
N GLN F 540 15.69 -10.43 -84.70
CA GLN F 540 16.03 -9.01 -84.86
C GLN F 540 16.64 -8.41 -83.61
N VAL F 541 16.39 -9.01 -82.45
CA VAL F 541 16.82 -8.48 -81.16
C VAL F 541 18.16 -9.06 -80.72
N LEU F 542 18.62 -10.15 -81.32
CA LEU F 542 19.92 -10.73 -81.00
C LEU F 542 21.09 -9.99 -81.63
N ASP F 543 20.85 -8.92 -82.38
CA ASP F 543 21.95 -8.14 -82.92
C ASP F 543 22.82 -7.56 -81.82
N ASP F 544 22.20 -6.91 -80.84
CA ASP F 544 22.91 -6.25 -79.75
C ASP F 544 23.10 -7.14 -78.53
N GLY F 545 22.70 -8.40 -78.61
CA GLY F 545 22.81 -9.28 -77.45
C GLY F 545 22.00 -8.83 -76.26
N ARG F 546 20.83 -8.22 -76.49
CA ARG F 546 20.01 -7.69 -75.41
C ARG F 546 18.56 -7.73 -75.82
N LEU F 547 17.68 -8.15 -74.91
CA LEU F 547 16.25 -8.27 -75.16
C LEU F 547 15.49 -7.68 -73.98
N THR F 548 14.58 -6.73 -74.27
CA THR F 548 13.69 -6.15 -73.28
C THR F 548 12.41 -6.98 -73.22
N ASP F 549 12.07 -7.48 -72.03
CA ASP F 549 10.96 -8.40 -71.87
C ASP F 549 9.66 -7.63 -71.65
N GLY F 550 8.57 -8.37 -71.40
CA GLY F 550 7.27 -7.77 -71.19
C GLY F 550 7.17 -6.90 -69.95
N GLN F 551 8.00 -7.15 -68.94
CA GLN F 551 7.98 -6.38 -67.70
C GLN F 551 8.91 -5.17 -67.73
N GLY F 552 9.54 -4.88 -68.88
CA GLY F 552 10.45 -3.76 -68.97
C GLY F 552 11.87 -4.05 -68.55
N ASN F 553 12.19 -5.29 -68.17
CA ASN F 553 13.55 -5.67 -67.80
C ASN F 553 14.31 -6.17 -69.02
N THR F 554 15.62 -5.91 -69.03
CA THR F 554 16.50 -6.30 -70.12
C THR F 554 17.33 -7.50 -69.70
N VAL F 555 17.30 -8.56 -70.51
CA VAL F 555 18.23 -9.67 -70.38
C VAL F 555 19.44 -9.34 -71.25
N ASN F 556 20.64 -9.50 -70.71
CA ASN F 556 21.88 -9.28 -71.44
C ASN F 556 22.50 -10.62 -71.78
N PHE F 557 22.68 -10.88 -73.08
CA PHE F 557 23.23 -12.14 -73.55
C PHE F 557 24.74 -12.04 -73.70
N LYS F 558 25.43 -12.99 -73.07
CA LYS F 558 26.81 -13.30 -73.38
C LYS F 558 26.83 -14.49 -74.31
N ASN F 559 27.74 -14.46 -75.29
CA ASN F 559 28.32 -15.61 -75.96
C ASN F 559 27.33 -16.76 -76.17
N THR F 560 26.11 -16.41 -76.59
CA THR F 560 25.02 -17.35 -76.77
C THR F 560 24.97 -17.80 -78.22
N VAL F 561 24.77 -19.10 -78.43
CA VAL F 561 24.57 -19.67 -79.76
C VAL F 561 23.12 -20.13 -79.86
N ILE F 562 22.46 -19.75 -80.94
CA ILE F 562 21.13 -20.24 -81.28
C ILE F 562 21.26 -21.10 -82.54
N ILE F 563 20.75 -22.33 -82.45
CA ILE F 563 20.60 -23.19 -83.62
C ILE F 563 19.10 -23.33 -83.84
N ALA F 564 18.57 -22.54 -84.78
CA ALA F 564 17.19 -22.69 -85.18
C ALA F 564 17.04 -23.90 -86.08
N THR F 565 15.84 -24.47 -86.10
CA THR F 565 15.58 -25.71 -86.84
C THR F 565 14.23 -25.63 -87.54
N SER F 566 14.16 -26.28 -88.69
CA SER F 566 12.95 -26.33 -89.51
C SER F 566 12.75 -27.75 -90.02
N ASN F 567 11.53 -28.02 -90.50
CA ASN F 567 11.20 -29.29 -91.16
C ASN F 567 11.40 -29.11 -92.65
N ALA F 568 12.53 -29.61 -93.15
CA ALA F 568 12.96 -29.37 -94.52
C ALA F 568 12.81 -30.63 -95.38
N GLY F 569 13.18 -30.48 -96.64
CA GLY F 569 13.07 -31.57 -97.61
C GLY F 569 12.98 -30.99 -99.01
N PHE F 570 12.67 -31.88 -99.95
CA PHE F 570 12.49 -31.47 -101.33
C PHE F 570 11.91 -32.63 -102.13
N GLY F 571 10.98 -32.31 -103.06
CA GLY F 571 10.41 -33.30 -103.95
C GLY F 571 11.11 -33.32 -105.29
N TYR F 572 11.30 -34.53 -105.80
CA TYR F 572 12.34 -34.79 -106.79
C TYR F 572 11.82 -35.76 -107.85
N GLU F 573 12.69 -36.03 -108.84
CA GLU F 573 12.38 -37.01 -109.87
C GLU F 573 12.91 -38.39 -109.50
N ALA F 574 14.22 -38.51 -109.31
CA ALA F 574 14.87 -39.77 -108.93
C ALA F 574 15.79 -39.48 -107.75
N ASN F 575 15.94 -40.49 -106.87
CA ASN F 575 16.65 -40.30 -105.62
C ASN F 575 18.10 -39.87 -105.80
N LEU F 576 18.67 -40.05 -106.98
CA LEU F 576 19.98 -39.51 -107.33
C LEU F 576 19.92 -38.05 -107.80
N THR F 577 18.74 -37.41 -107.75
CA THR F 577 18.57 -36.01 -108.09
C THR F 577 18.05 -35.19 -106.91
N GLU F 578 18.19 -35.69 -105.68
CA GLU F 578 17.68 -34.98 -104.51
C GLU F 578 18.42 -33.67 -104.30
N ASP F 579 19.74 -33.67 -104.47
CA ASP F 579 20.58 -32.49 -104.25
C ASP F 579 20.75 -31.65 -105.51
N ALA F 580 19.86 -31.81 -106.50
CA ALA F 580 20.02 -31.07 -107.75
C ALA F 580 19.67 -29.59 -107.58
N ASP F 581 18.69 -29.28 -106.75
CA ASP F 581 18.17 -27.93 -106.57
C ASP F 581 18.60 -27.41 -105.21
N LYS F 582 19.71 -26.66 -105.18
CA LYS F 582 20.36 -26.29 -103.93
C LYS F 582 19.67 -25.11 -103.22
N PRO F 583 19.54 -23.92 -103.82
CA PRO F 583 18.88 -22.83 -103.08
C PRO F 583 17.37 -23.01 -102.94
N GLU F 584 16.77 -23.97 -103.65
CA GLU F 584 15.33 -24.12 -103.63
C GLU F 584 14.81 -24.71 -102.31
N LEU F 585 15.70 -25.24 -101.47
CA LEU F 585 15.29 -25.59 -100.11
C LEU F 585 14.78 -24.37 -99.36
N MET F 586 15.49 -23.25 -99.50
CA MET F 586 15.06 -22.01 -98.88
C MET F 586 13.78 -21.49 -99.51
N ASP F 587 13.59 -21.74 -100.81
CA ASP F 587 12.35 -21.34 -101.47
C ASP F 587 11.19 -22.23 -101.02
N ARG F 588 11.45 -23.51 -100.81
CA ARG F 588 10.45 -24.39 -100.21
C ARG F 588 10.07 -23.91 -98.81
N LEU F 589 11.07 -23.56 -98.00
CA LEU F 589 10.85 -23.09 -96.64
C LEU F 589 10.46 -21.61 -96.58
N LYS F 590 10.50 -20.90 -97.70
CA LYS F 590 10.14 -19.48 -97.77
C LYS F 590 8.82 -19.07 -97.12
N PRO F 591 7.72 -19.85 -97.21
CA PRO F 591 6.42 -19.30 -96.77
C PRO F 591 6.35 -18.85 -95.32
N PHE F 592 7.21 -19.36 -94.43
CA PHE F 592 7.15 -19.02 -93.01
C PHE F 592 8.27 -18.08 -92.58
N PHE F 593 9.08 -17.56 -93.50
CA PHE F 593 10.02 -16.49 -93.17
C PHE F 593 10.20 -15.59 -94.38
N ARG F 594 11.11 -14.64 -94.25
CA ARG F 594 11.41 -13.66 -95.28
C ARG F 594 12.91 -13.46 -95.34
N PRO F 595 13.43 -12.80 -96.39
CA PRO F 595 14.87 -12.57 -96.48
C PRO F 595 15.44 -11.75 -95.31
N GLU F 596 14.62 -10.92 -94.67
CA GLU F 596 15.08 -10.22 -93.48
C GLU F 596 15.41 -11.19 -92.35
N PHE F 597 14.78 -12.36 -92.34
CA PHE F 597 15.06 -13.42 -91.38
C PHE F 597 16.18 -14.33 -91.85
N LEU F 598 16.27 -14.55 -93.15
CA LEU F 598 17.26 -15.48 -93.70
C LEU F 598 18.66 -14.88 -93.66
N ASN F 599 18.79 -13.60 -94.02
CA ASN F 599 20.10 -12.97 -94.19
C ASN F 599 20.84 -12.76 -92.89
N ARG F 600 20.25 -13.07 -91.74
CA ARG F 600 20.90 -12.93 -90.44
C ARG F 600 21.64 -14.21 -90.01
N PHE F 601 21.73 -15.21 -90.87
CA PHE F 601 22.23 -16.53 -90.50
C PHE F 601 23.56 -16.83 -91.17
N ASN F 602 24.38 -17.64 -90.48
CA ASN F 602 25.78 -17.88 -90.87
C ASN F 602 25.85 -19.05 -91.85
N ALA F 603 25.42 -18.72 -93.05
CA ALA F 603 25.52 -19.39 -94.35
C ALA F 603 24.59 -20.56 -94.65
N VAL F 604 24.45 -21.56 -93.78
CA VAL F 604 23.23 -22.20 -93.29
C VAL F 604 23.80 -23.62 -93.19
N ILE F 605 23.20 -24.55 -92.44
CA ILE F 605 23.62 -25.96 -92.53
C ILE F 605 22.58 -26.74 -93.32
N GLU F 606 23.05 -27.46 -94.36
CA GLU F 606 22.20 -28.00 -95.40
C GLU F 606 21.32 -29.16 -94.91
N PHE F 607 20.53 -29.71 -95.85
CA PHE F 607 19.57 -30.77 -95.52
C PHE F 607 20.22 -32.15 -95.56
N SER F 608 21.50 -32.22 -95.97
CA SER F 608 22.10 -33.38 -96.64
C SER F 608 21.69 -34.75 -96.10
N HIS F 609 21.56 -35.72 -97.00
CA HIS F 609 20.76 -36.92 -96.79
C HIS F 609 21.67 -38.06 -96.35
N LEU F 610 21.04 -39.15 -95.91
CA LEU F 610 21.74 -40.40 -95.66
C LEU F 610 22.04 -41.09 -96.99
N THR F 611 23.30 -41.44 -97.20
CA THR F 611 23.79 -41.98 -98.46
C THR F 611 23.95 -43.48 -98.36
N LYS F 612 23.79 -44.17 -99.50
CA LYS F 612 24.21 -45.57 -99.61
C LYS F 612 25.72 -45.60 -99.77
N GLU F 613 26.38 -45.44 -98.63
CA GLU F 613 27.82 -45.31 -98.49
C GLU F 613 28.12 -45.97 -97.14
N ASP F 614 29.19 -45.59 -96.46
CA ASP F 614 29.66 -46.35 -95.31
C ASP F 614 28.64 -46.23 -94.18
N LEU F 615 27.56 -47.03 -94.30
CA LEU F 615 26.60 -47.19 -93.22
C LEU F 615 27.22 -47.84 -91.99
N SER F 616 28.35 -48.54 -92.14
CA SER F 616 28.91 -49.32 -91.04
C SER F 616 29.33 -48.44 -89.88
N LYS F 617 29.64 -47.16 -90.13
CA LYS F 617 30.04 -46.28 -89.04
C LYS F 617 28.91 -46.10 -88.03
N ILE F 618 27.65 -46.07 -88.49
CA ILE F 618 26.54 -46.09 -87.55
C ILE F 618 26.48 -47.44 -86.85
N VAL F 619 26.65 -48.53 -87.60
CA VAL F 619 26.54 -49.87 -87.03
C VAL F 619 27.72 -50.16 -86.09
N ASP F 620 28.89 -49.59 -86.40
CA ASP F 620 30.04 -49.78 -85.52
C ASP F 620 29.83 -49.10 -84.18
N LEU F 621 29.10 -47.98 -84.16
CA LEU F 621 28.81 -47.28 -82.91
C LEU F 621 27.67 -47.95 -82.15
N MET F 622 26.61 -48.36 -82.85
CA MET F 622 25.50 -49.02 -82.18
C MET F 622 25.95 -50.30 -81.48
N LEU F 623 26.72 -51.14 -82.19
CA LEU F 623 27.26 -52.34 -81.58
C LEU F 623 28.13 -52.02 -80.38
N ALA F 624 28.84 -50.89 -80.41
CA ALA F 624 29.59 -50.46 -79.24
C ALA F 624 28.67 -50.06 -78.10
N GLU F 625 27.51 -49.47 -78.42
CA GLU F 625 26.55 -49.12 -77.39
C GLU F 625 25.91 -50.36 -76.77
N VAL F 626 25.80 -51.44 -77.55
CA VAL F 626 25.29 -52.70 -77.01
C VAL F 626 26.22 -53.20 -75.91
N ASN F 627 27.51 -53.33 -76.21
CA ASN F 627 28.45 -53.87 -75.23
C ASN F 627 28.69 -52.88 -74.09
N GLN F 628 28.66 -51.58 -74.37
CA GLN F 628 28.74 -50.59 -73.29
C GLN F 628 27.55 -50.73 -72.34
N THR F 629 26.36 -50.96 -72.90
CA THR F 629 25.20 -51.24 -72.06
C THR F 629 25.39 -52.53 -71.28
N LEU F 630 25.78 -53.61 -71.98
CA LEU F 630 25.94 -54.91 -71.33
C LEU F 630 27.13 -54.91 -70.38
N ALA F 631 28.10 -54.00 -70.57
CA ALA F 631 29.32 -54.03 -69.76
C ALA F 631 29.05 -53.70 -68.29
N LYS F 632 27.90 -53.09 -67.98
CA LYS F 632 27.59 -52.79 -66.59
C LYS F 632 27.54 -54.05 -65.74
N LYS F 633 27.02 -55.14 -66.29
CA LYS F 633 26.95 -56.43 -65.62
C LYS F 633 28.11 -57.35 -66.02
N ASP F 634 29.20 -56.78 -66.55
CA ASP F 634 30.35 -57.55 -67.00
C ASP F 634 29.94 -58.54 -68.08
N ILE F 635 29.15 -58.06 -69.05
CA ILE F 635 28.65 -58.86 -70.16
C ILE F 635 29.16 -58.21 -71.43
N ASP F 636 29.92 -58.96 -72.22
CA ASP F 636 30.58 -58.43 -73.41
C ASP F 636 30.73 -59.57 -74.40
N LEU F 637 30.01 -59.49 -75.52
CA LEU F 637 29.99 -60.51 -76.54
C LEU F 637 30.83 -60.10 -77.75
N VAL F 638 31.21 -61.09 -78.54
CA VAL F 638 31.70 -60.84 -79.89
C VAL F 638 30.51 -60.55 -80.78
N VAL F 639 30.57 -59.44 -81.52
CA VAL F 639 29.50 -59.03 -82.42
C VAL F 639 30.08 -58.92 -83.82
N SER F 640 29.50 -59.66 -84.76
CA SER F 640 30.01 -59.69 -86.12
C SER F 640 29.72 -58.38 -86.83
N GLN F 641 30.67 -57.94 -87.65
CA GLN F 641 30.43 -56.78 -88.50
C GLN F 641 29.38 -57.06 -89.57
N ALA F 642 29.11 -58.33 -89.86
CA ALA F 642 28.09 -58.73 -90.83
C ALA F 642 26.67 -58.47 -90.34
N ALA F 643 26.49 -57.94 -89.12
CA ALA F 643 25.18 -57.49 -88.68
C ALA F 643 24.62 -56.41 -89.61
N LYS F 644 25.49 -55.65 -90.28
CA LYS F 644 25.04 -54.63 -91.22
C LYS F 644 24.20 -55.21 -92.35
N ASP F 645 24.50 -56.44 -92.78
CA ASP F 645 23.89 -57.00 -93.98
C ASP F 645 22.38 -57.13 -93.88
N TYR F 646 21.84 -57.25 -92.66
CA TYR F 646 20.41 -57.33 -92.42
C TYR F 646 19.81 -56.00 -91.98
N ILE F 647 20.61 -55.12 -91.40
CA ILE F 647 20.15 -53.81 -90.93
C ILE F 647 19.95 -52.87 -92.10
N THR F 648 20.98 -52.68 -92.91
CA THR F 648 20.96 -51.67 -93.97
C THR F 648 19.85 -51.89 -94.97
N GLU F 649 19.38 -53.14 -95.15
CA GLU F 649 18.30 -53.46 -96.07
C GLU F 649 17.11 -52.51 -95.93
N GLU F 650 16.84 -52.04 -94.71
CA GLU F 650 15.94 -50.92 -94.46
C GLU F 650 16.66 -49.64 -94.07
N GLY F 651 17.90 -49.74 -93.56
CA GLY F 651 18.62 -48.57 -93.08
C GLY F 651 18.80 -47.47 -94.11
N TYR F 652 19.37 -47.79 -95.27
CA TYR F 652 19.65 -46.76 -96.28
C TYR F 652 18.44 -46.40 -97.14
N ASP F 653 17.23 -46.72 -96.68
CA ASP F 653 16.03 -46.26 -97.36
C ASP F 653 15.95 -44.74 -97.28
N GLU F 654 15.93 -44.08 -98.44
CA GLU F 654 15.92 -42.62 -98.48
C GLU F 654 14.64 -42.03 -97.90
N VAL F 655 13.57 -42.82 -97.85
CA VAL F 655 12.30 -42.31 -97.32
C VAL F 655 12.45 -41.91 -95.86
N MET F 656 13.16 -42.74 -95.09
CA MET F 656 13.22 -42.59 -93.64
C MET F 656 14.51 -41.94 -93.14
N GLY F 657 15.64 -42.24 -93.76
CA GLY F 657 16.92 -41.77 -93.24
C GLY F 657 17.46 -42.73 -92.19
N VAL F 658 18.03 -42.18 -91.12
CA VAL F 658 18.48 -43.01 -90.01
C VAL F 658 17.31 -43.16 -89.06
N ARG F 659 16.27 -43.89 -89.49
CA ARG F 659 15.25 -44.40 -88.58
C ARG F 659 15.44 -45.88 -88.22
N PRO F 660 15.58 -46.81 -89.19
CA PRO F 660 15.65 -48.23 -88.81
C PRO F 660 16.91 -48.65 -88.08
N LEU F 661 17.96 -47.82 -88.08
CA LEU F 661 19.26 -48.29 -87.61
C LEU F 661 19.20 -48.71 -86.15
N ARG F 662 18.64 -47.88 -85.28
CA ARG F 662 18.51 -48.24 -83.87
C ARG F 662 17.42 -49.27 -83.64
N ARG F 663 16.38 -49.29 -84.48
CA ARG F 663 15.25 -50.16 -84.24
C ARG F 663 15.59 -51.62 -84.54
N VAL F 664 16.46 -51.86 -85.53
CA VAL F 664 16.80 -53.23 -85.89
C VAL F 664 17.81 -53.81 -84.88
N VAL F 665 18.82 -53.01 -84.51
CA VAL F 665 19.84 -53.50 -83.59
C VAL F 665 19.23 -53.78 -82.22
N GLU F 666 18.46 -52.83 -81.69
CA GLU F 666 17.94 -52.97 -80.33
C GLU F 666 16.92 -54.10 -80.24
N GLN F 667 16.40 -54.57 -81.38
CA GLN F 667 15.52 -55.73 -81.39
C GLN F 667 16.31 -57.01 -81.67
N GLU F 668 17.28 -56.95 -82.59
CA GLU F 668 17.92 -58.16 -83.08
C GLU F 668 18.82 -58.79 -82.03
N ILE F 669 19.69 -58.00 -81.40
CA ILE F 669 20.69 -58.55 -80.47
C ILE F 669 20.14 -58.64 -79.06
N ARG F 670 19.38 -57.62 -78.63
CA ARG F 670 18.97 -57.48 -77.23
C ARG F 670 18.23 -58.71 -76.72
N ASP F 671 17.34 -59.26 -77.54
CA ASP F 671 16.52 -60.38 -77.09
C ASP F 671 17.32 -61.68 -77.07
N LYS F 672 18.28 -61.84 -77.98
CA LYS F 672 19.06 -63.07 -78.04
C LYS F 672 20.07 -63.14 -76.89
N VAL F 673 20.70 -62.02 -76.56
CA VAL F 673 21.61 -62.00 -75.42
C VAL F 673 20.84 -62.21 -74.11
N THR F 674 19.55 -61.90 -74.11
CA THR F 674 18.73 -62.10 -72.91
C THR F 674 18.43 -63.58 -72.70
N ASP F 675 18.31 -64.34 -73.79
CA ASP F 675 17.90 -65.74 -73.67
C ASP F 675 19.02 -66.61 -73.13
N PHE F 676 20.29 -66.20 -73.35
CA PHE F 676 21.42 -67.04 -72.96
C PHE F 676 21.96 -66.69 -71.57
N HIS F 677 21.67 -65.49 -71.06
CA HIS F 677 21.96 -65.22 -69.66
C HIS F 677 21.19 -66.17 -68.74
N LEU F 678 20.06 -66.70 -69.20
CA LEU F 678 19.29 -67.69 -68.48
C LEU F 678 20.00 -69.03 -68.37
N ASP F 679 20.79 -69.41 -69.37
CA ASP F 679 21.67 -70.56 -69.27
C ASP F 679 22.94 -70.25 -68.48
N HIS F 680 23.09 -69.01 -68.01
CA HIS F 680 24.26 -68.59 -67.23
C HIS F 680 25.55 -68.83 -68.01
N LEU F 681 25.51 -68.50 -69.30
CA LEU F 681 26.66 -68.63 -70.18
C LEU F 681 27.51 -67.36 -70.13
N ASP F 682 28.83 -67.56 -70.13
CA ASP F 682 29.76 -66.44 -70.05
C ASP F 682 29.80 -65.74 -71.40
N ALA F 683 29.52 -64.44 -71.40
CA ALA F 683 29.43 -63.68 -72.65
C ALA F 683 30.75 -63.63 -73.39
N LYS F 684 31.88 -63.71 -72.68
CA LYS F 684 33.18 -63.55 -73.33
C LYS F 684 33.51 -64.69 -74.28
N HIS F 685 32.75 -65.79 -74.25
CA HIS F 685 32.92 -66.91 -75.17
C HIS F 685 31.69 -67.17 -76.04
N LEU F 686 30.82 -66.18 -76.19
CA LEU F 686 29.67 -66.24 -77.09
C LEU F 686 29.92 -65.31 -78.27
N GLU F 687 29.49 -65.74 -79.46
CA GLU F 687 29.72 -64.99 -80.70
C GLU F 687 28.40 -64.77 -81.41
N ALA F 688 28.04 -63.50 -81.58
CA ALA F 688 26.82 -63.13 -82.29
C ALA F 688 27.08 -63.27 -83.78
N ASP F 689 26.60 -64.40 -84.34
CA ASP F 689 26.88 -64.81 -85.71
C ASP F 689 25.56 -65.11 -86.41
N MET F 690 25.15 -64.24 -87.33
CA MET F 690 23.86 -64.36 -87.97
C MET F 690 23.90 -65.44 -89.06
N GLU F 691 22.73 -66.05 -89.30
CA GLU F 691 22.55 -67.06 -90.33
C GLU F 691 21.22 -66.80 -91.04
N ASP F 692 21.29 -66.49 -92.33
CA ASP F 692 20.11 -66.27 -93.16
C ASP F 692 19.21 -65.17 -92.60
N GLY F 693 19.83 -64.06 -92.20
CA GLY F 693 19.10 -62.94 -91.65
C GLY F 693 18.61 -63.11 -90.23
N VAL F 694 18.88 -64.26 -89.61
CA VAL F 694 18.46 -64.55 -88.23
C VAL F 694 19.72 -64.59 -87.37
N LEU F 695 19.66 -63.95 -86.21
CA LEU F 695 20.80 -63.98 -85.30
C LEU F 695 20.79 -65.28 -84.49
N VAL F 696 21.85 -66.07 -84.67
CA VAL F 696 22.13 -67.23 -83.84
C VAL F 696 23.46 -66.98 -83.14
N ILE F 697 23.40 -66.50 -81.90
CA ILE F 697 24.61 -66.29 -81.10
C ILE F 697 25.19 -67.67 -80.80
N ARG F 698 26.49 -67.82 -81.04
CA ARG F 698 27.19 -69.09 -80.89
C ARG F 698 27.39 -69.41 -79.41
N LEU G 76 23.02 -27.25 -28.52
CA LEU G 76 21.64 -26.91 -28.85
C LEU G 76 20.68 -28.09 -28.71
N ALA G 77 21.14 -29.18 -28.10
CA ALA G 77 20.31 -30.36 -27.89
C ALA G 77 19.45 -30.15 -26.63
N LYS G 78 18.61 -29.12 -26.68
CA LYS G 78 17.92 -28.63 -25.48
C LYS G 78 16.39 -28.62 -25.54
N LEU G 79 15.67 -28.39 -26.66
CA LEU G 79 15.96 -27.92 -28.05
C LEU G 79 16.54 -28.90 -29.07
N GLY G 80 16.78 -30.16 -28.72
CA GLY G 80 17.19 -31.14 -29.70
C GLY G 80 17.73 -32.44 -29.15
N ARG G 81 18.64 -33.02 -29.92
CA ARG G 81 19.20 -34.35 -29.66
C ARG G 81 20.67 -34.35 -30.05
N ASN G 82 21.54 -34.50 -29.06
CA ASN G 82 22.99 -34.54 -29.29
C ASN G 82 23.33 -35.94 -29.77
N LEU G 83 23.70 -36.06 -31.06
CA LEU G 83 23.90 -37.37 -31.66
C LEU G 83 25.27 -37.95 -31.33
N THR G 84 26.30 -37.10 -31.19
CA THR G 84 27.61 -37.60 -30.81
C THR G 84 27.62 -38.05 -29.35
N ALA G 85 26.87 -37.37 -28.48
CA ALA G 85 26.77 -37.79 -27.09
C ALA G 85 26.16 -39.19 -26.98
N GLU G 86 25.14 -39.48 -27.79
CA GLU G 86 24.60 -40.82 -27.83
C GLU G 86 25.57 -41.79 -28.50
N ALA G 87 26.44 -41.28 -29.37
CA ALA G 87 27.49 -42.11 -29.94
C ALA G 87 28.57 -42.42 -28.90
N ARG G 88 28.91 -41.44 -28.06
CA ARG G 88 29.89 -41.67 -27.00
C ARG G 88 29.40 -42.68 -25.97
N GLU G 89 28.08 -42.85 -25.83
CA GLU G 89 27.50 -43.78 -24.88
C GLU G 89 27.17 -45.15 -25.48
N GLY G 90 27.52 -45.38 -26.74
CA GLY G 90 27.21 -46.65 -27.37
C GLY G 90 25.73 -46.88 -27.60
N LYS G 91 24.97 -45.84 -27.91
CA LYS G 91 23.53 -45.93 -28.09
C LYS G 91 23.10 -46.15 -29.53
N LEU G 92 24.04 -46.31 -30.46
CA LEU G 92 23.75 -46.40 -31.88
C LEU G 92 23.69 -47.85 -32.34
N ASP G 93 23.05 -48.07 -33.49
CA ASP G 93 22.98 -49.36 -34.15
C ASP G 93 24.15 -49.49 -35.12
N PRO G 94 25.21 -50.27 -34.79
CA PRO G 94 26.35 -50.32 -35.75
C PRO G 94 26.02 -51.12 -37.01
N VAL G 95 25.32 -50.46 -37.93
CA VAL G 95 25.05 -51.02 -39.26
C VAL G 95 26.24 -50.69 -40.15
N ILE G 96 26.67 -51.65 -40.95
CA ILE G 96 27.79 -51.50 -41.87
C ILE G 96 27.34 -51.89 -43.28
N GLY G 97 28.28 -51.82 -44.21
CA GLY G 97 27.98 -51.86 -45.62
C GLY G 97 27.69 -50.50 -46.23
N ARG G 98 27.36 -49.51 -45.40
CA ARG G 98 27.22 -48.12 -45.82
C ARG G 98 28.52 -47.35 -45.66
N ASN G 99 29.66 -48.04 -45.61
CA ASN G 99 30.93 -47.37 -45.38
C ASN G 99 31.29 -46.41 -46.51
N LYS G 100 30.88 -46.73 -47.74
CA LYS G 100 31.16 -45.85 -48.88
C LYS G 100 30.48 -44.49 -48.73
N GLU G 101 29.36 -44.42 -48.01
CA GLU G 101 28.71 -43.14 -47.77
C GLU G 101 29.38 -42.39 -46.63
N ILE G 102 30.09 -43.10 -45.75
CA ILE G 102 31.01 -42.43 -44.82
C ILE G 102 32.26 -41.98 -45.56
N GLN G 103 32.73 -42.78 -46.51
CA GLN G 103 33.81 -42.34 -47.38
C GLN G 103 33.39 -41.12 -48.17
N GLU G 104 32.14 -41.09 -48.62
CA GLU G 104 31.60 -39.90 -49.27
C GLU G 104 31.39 -38.78 -48.28
N ALA G 105 31.26 -39.11 -46.99
CA ALA G 105 31.22 -38.09 -45.93
C ALA G 105 32.62 -37.56 -45.59
N SER G 106 33.67 -38.02 -46.28
CA SER G 106 34.97 -37.38 -46.12
C SER G 106 34.92 -35.92 -46.55
N GLU G 107 34.14 -35.61 -47.58
CA GLU G 107 33.95 -34.23 -48.01
C GLU G 107 32.94 -33.50 -47.14
N ILE G 108 31.92 -34.20 -46.63
CA ILE G 108 30.93 -33.58 -45.76
C ILE G 108 31.60 -32.96 -44.55
N LEU G 109 32.62 -33.64 -44.01
CA LEU G 109 33.27 -33.19 -42.79
C LEU G 109 34.41 -32.20 -43.07
N SER G 110 34.99 -32.24 -44.27
CA SER G 110 36.29 -31.60 -44.52
C SER G 110 36.22 -30.28 -45.28
N ARG G 111 35.23 -30.11 -46.17
CA ARG G 111 35.18 -28.90 -46.99
C ARG G 111 35.10 -27.65 -46.12
N ARG G 112 36.06 -26.75 -46.30
CA ARG G 112 36.21 -25.61 -45.40
C ARG G 112 35.15 -24.54 -45.64
N THR G 113 34.61 -24.44 -46.85
CA THR G 113 33.62 -23.42 -47.17
C THR G 113 32.71 -23.94 -48.26
N LYS G 114 31.50 -23.37 -48.32
CA LYS G 114 30.49 -23.77 -49.29
C LYS G 114 30.24 -25.27 -49.19
N ASN G 115 30.13 -25.76 -47.95
CA ASN G 115 30.39 -27.15 -47.61
C ASN G 115 29.14 -27.90 -47.16
N ASN G 116 27.95 -27.39 -47.44
CA ASN G 116 26.73 -27.98 -46.94
C ASN G 116 26.19 -28.99 -47.96
N PRO G 117 26.36 -30.30 -47.75
CA PRO G 117 25.98 -31.26 -48.80
C PRO G 117 24.48 -31.33 -49.05
N VAL G 118 24.11 -32.22 -49.97
CA VAL G 118 22.72 -32.49 -50.33
C VAL G 118 22.53 -34.01 -50.33
N LEU G 119 22.12 -34.55 -49.19
CA LEU G 119 21.88 -35.98 -49.02
C LEU G 119 20.51 -36.33 -49.62
N VAL G 120 20.30 -37.64 -49.89
CA VAL G 120 19.04 -38.13 -50.44
C VAL G 120 18.71 -39.46 -49.77
N GLY G 121 17.43 -39.74 -49.58
CA GLY G 121 17.01 -41.02 -49.00
C GLY G 121 15.51 -41.08 -48.78
N ASP G 122 15.07 -42.26 -48.30
CA ASP G 122 13.69 -42.53 -47.94
C ASP G 122 13.44 -42.14 -46.49
N ALA G 123 12.15 -41.96 -46.14
CA ALA G 123 11.75 -41.62 -44.77
C ALA G 123 12.20 -42.74 -43.83
N GLY G 124 13.04 -42.40 -42.85
CA GLY G 124 13.61 -43.40 -42.00
C GLY G 124 14.42 -44.45 -42.72
N VAL G 125 14.99 -44.12 -43.88
CA VAL G 125 15.85 -45.06 -44.60
C VAL G 125 17.06 -45.43 -43.76
N GLY G 126 17.51 -44.53 -42.90
CA GLY G 126 18.75 -44.67 -42.18
C GLY G 126 19.89 -43.90 -42.80
N LYS G 127 19.60 -42.82 -43.52
CA LYS G 127 20.64 -41.90 -43.95
C LYS G 127 21.01 -40.98 -42.81
N THR G 128 20.08 -40.78 -41.87
CA THR G 128 20.44 -40.32 -40.53
C THR G 128 21.44 -41.28 -39.89
N ALA G 129 21.21 -42.59 -40.04
CA ALA G 129 22.10 -43.58 -39.44
C ALA G 129 23.50 -43.52 -40.06
N VAL G 130 23.61 -43.03 -41.31
CA VAL G 130 24.92 -42.77 -41.89
C VAL G 130 25.62 -41.66 -41.11
N VAL G 131 24.92 -40.54 -40.91
CA VAL G 131 25.51 -39.41 -40.18
C VAL G 131 25.72 -39.79 -38.71
N GLU G 132 24.85 -40.63 -38.16
CA GLU G 132 25.15 -41.24 -36.87
C GLU G 132 26.35 -42.17 -37.01
N GLY G 133 26.42 -42.91 -38.11
CA GLY G 133 27.62 -43.67 -38.41
C GLY G 133 28.83 -42.77 -38.61
N LEU G 134 28.60 -41.56 -39.13
CA LEU G 134 29.67 -40.58 -39.19
C LEU G 134 30.02 -40.10 -37.78
N ALA G 135 29.01 -39.81 -36.97
CA ALA G 135 29.24 -39.44 -35.58
C ALA G 135 30.01 -40.53 -34.84
N GLN G 136 29.65 -41.79 -35.08
CA GLN G 136 30.41 -42.90 -34.52
C GLN G 136 31.85 -42.87 -35.00
N ALA G 137 32.07 -42.52 -36.27
CA ALA G 137 33.43 -42.42 -36.79
C ALA G 137 34.19 -41.28 -36.13
N ILE G 138 33.48 -40.22 -35.72
CA ILE G 138 34.14 -39.10 -35.05
C ILE G 138 34.55 -39.50 -33.64
N VAL G 139 33.67 -40.21 -32.93
CA VAL G 139 33.96 -40.61 -31.56
C VAL G 139 35.16 -41.56 -31.54
N ASN G 140 35.17 -42.55 -32.43
CA ASN G 140 36.22 -43.56 -32.47
C ASN G 140 37.49 -43.09 -33.19
N GLY G 141 37.51 -41.86 -33.68
CA GLY G 141 38.68 -41.38 -34.41
C GLY G 141 38.92 -42.08 -35.72
N ASP G 142 37.85 -42.49 -36.41
CA ASP G 142 37.92 -43.02 -37.76
C ASP G 142 37.74 -41.92 -38.81
N VAL G 143 38.15 -40.71 -38.48
CA VAL G 143 37.95 -39.53 -39.33
C VAL G 143 39.25 -38.71 -39.30
N PRO G 144 39.46 -37.86 -40.30
CA PRO G 144 40.67 -37.02 -40.27
C PRO G 144 40.55 -35.92 -39.23
N ALA G 145 41.66 -35.19 -39.06
CA ALA G 145 41.74 -34.15 -38.04
C ALA G 145 40.86 -32.95 -38.37
N ALA G 146 40.35 -32.85 -39.60
CA ALA G 146 39.52 -31.71 -39.98
C ALA G 146 38.25 -31.61 -39.12
N ILE G 147 37.79 -32.73 -38.58
CA ILE G 147 36.52 -32.85 -37.88
C ILE G 147 36.71 -33.25 -36.42
N LYS G 148 37.93 -33.12 -35.89
CA LYS G 148 38.17 -33.53 -34.51
C LYS G 148 37.39 -32.63 -33.55
N ASN G 149 36.73 -33.26 -32.58
CA ASN G 149 35.99 -32.56 -31.53
C ASN G 149 34.88 -31.69 -32.11
N LYS G 150 34.24 -32.16 -33.17
CA LYS G 150 33.10 -31.48 -33.78
C LYS G 150 31.83 -32.24 -33.40
N GLU G 151 31.01 -31.63 -32.56
CA GLU G 151 29.77 -32.23 -32.09
C GLU G 151 28.69 -32.10 -33.15
N ILE G 152 27.74 -33.04 -33.14
CA ILE G 152 26.58 -33.02 -34.02
C ILE G 152 25.34 -32.94 -33.14
N VAL G 153 24.39 -32.08 -33.53
CA VAL G 153 23.12 -31.94 -32.85
C VAL G 153 22.02 -31.95 -33.91
N SER G 154 20.96 -32.72 -33.66
CA SER G 154 19.81 -32.73 -34.54
C SER G 154 18.84 -31.64 -34.12
N ILE G 155 18.63 -30.66 -34.99
CA ILE G 155 17.74 -29.54 -34.73
C ILE G 155 16.38 -29.91 -35.29
N ASP G 156 15.37 -29.92 -34.42
CA ASP G 156 14.05 -30.46 -34.75
C ASP G 156 13.17 -29.32 -35.26
N ILE G 157 13.16 -29.17 -36.59
CA ILE G 157 12.31 -28.17 -37.23
C ILE G 157 10.83 -28.54 -37.11
N SER G 158 10.52 -29.82 -36.94
CA SER G 158 9.14 -30.23 -36.75
C SER G 158 8.52 -29.67 -35.48
N GLY G 159 9.34 -29.31 -34.50
CA GLY G 159 8.89 -28.59 -33.33
C GLY G 159 8.86 -27.09 -33.49
N LEU G 160 8.83 -26.60 -34.74
CA LEU G 160 8.74 -25.17 -34.99
C LEU G 160 7.44 -24.63 -34.41
N GLU G 161 7.51 -23.43 -33.83
CA GLU G 161 6.39 -22.72 -33.19
C GLU G 161 5.87 -23.42 -31.94
N ALA G 162 6.54 -24.47 -31.45
CA ALA G 162 6.07 -25.18 -30.27
C ALA G 162 6.27 -24.33 -29.03
N GLY G 163 5.18 -24.04 -28.32
CA GLY G 163 5.22 -23.25 -27.11
C GLY G 163 4.89 -21.79 -27.29
N THR G 164 4.71 -21.32 -28.52
CA THR G 164 4.33 -19.93 -28.77
C THR G 164 2.84 -19.67 -28.59
N GLN G 165 2.01 -20.71 -28.57
CA GLN G 165 0.55 -20.62 -28.56
C GLN G 165 -0.01 -19.89 -29.79
N TYR G 166 0.81 -19.64 -30.81
CA TYR G 166 0.47 -18.77 -31.93
C TYR G 166 0.02 -17.39 -31.46
N ARG G 167 0.56 -16.93 -30.32
CA ARG G 167 0.40 -15.57 -29.82
C ARG G 167 1.71 -14.83 -29.70
N GLY G 168 2.81 -15.53 -29.47
CA GLY G 168 4.13 -14.95 -29.30
C GLY G 168 4.96 -15.01 -30.56
N SER G 169 6.24 -15.35 -30.39
CA SER G 169 7.18 -15.42 -31.50
C SER G 169 8.17 -16.56 -31.27
N PHE G 170 8.76 -17.01 -32.38
CA PHE G 170 9.82 -18.01 -32.38
C PHE G 170 11.10 -17.54 -33.04
N GLU G 171 11.07 -16.48 -33.85
CA GLU G 171 12.19 -16.12 -34.70
C GLU G 171 13.43 -15.79 -33.88
N GLU G 172 13.25 -15.38 -32.63
CA GLU G 172 14.39 -15.16 -31.74
C GLU G 172 14.99 -16.48 -31.23
N ASN G 173 14.16 -17.50 -31.01
CA ASN G 173 14.65 -18.82 -30.67
C ASN G 173 15.43 -19.46 -31.81
N VAL G 174 15.29 -18.94 -33.04
CA VAL G 174 16.12 -19.33 -34.17
C VAL G 174 17.46 -18.62 -34.14
N GLN G 175 17.44 -17.29 -33.99
CA GLN G 175 18.66 -16.53 -33.81
C GLN G 175 19.41 -16.97 -32.55
N ASN G 176 18.69 -17.53 -31.56
CA ASN G 176 19.34 -18.12 -30.40
C ASN G 176 19.97 -19.47 -30.68
N LEU G 177 19.56 -20.16 -31.75
CA LEU G 177 20.37 -21.30 -32.19
C LEU G 177 21.72 -20.82 -32.70
N VAL G 178 21.72 -19.76 -33.51
CA VAL G 178 22.96 -19.16 -34.00
C VAL G 178 23.82 -18.67 -32.84
N ASN G 179 23.21 -18.00 -31.86
CA ASN G 179 23.96 -17.28 -30.84
C ASN G 179 24.81 -18.21 -29.97
N GLU G 180 24.42 -19.47 -29.79
CA GLU G 180 25.27 -20.40 -29.05
C GLU G 180 26.38 -20.97 -29.90
N VAL G 181 26.06 -21.48 -31.10
CA VAL G 181 27.02 -22.26 -31.86
C VAL G 181 28.07 -21.38 -32.56
N LYS G 182 27.73 -20.13 -32.88
CA LYS G 182 28.71 -19.23 -33.48
C LYS G 182 29.89 -19.00 -32.54
N GLU G 183 29.62 -18.91 -31.24
CA GLU G 183 30.65 -18.67 -30.23
C GLU G 183 31.04 -19.93 -29.45
N ALA G 184 30.13 -20.90 -29.32
CA ALA G 184 30.49 -22.15 -28.67
C ALA G 184 31.61 -22.86 -29.43
N GLY G 185 31.58 -22.77 -30.74
CA GLY G 185 32.65 -23.30 -31.56
C GLY G 185 32.57 -24.81 -31.73
N ASN G 186 32.85 -25.25 -32.96
CA ASN G 186 33.01 -26.67 -33.29
C ASN G 186 31.69 -27.43 -33.09
N ILE G 187 30.60 -26.90 -33.65
CA ILE G 187 29.29 -27.55 -33.65
C ILE G 187 28.90 -27.84 -35.09
N ILE G 188 28.46 -29.07 -35.33
CA ILE G 188 27.78 -29.46 -36.56
C ILE G 188 26.30 -29.58 -36.22
N LEU G 189 25.44 -29.32 -37.20
CA LEU G 189 23.99 -29.42 -37.03
C LEU G 189 23.40 -30.33 -38.08
N PHE G 190 22.28 -30.98 -37.74
CA PHE G 190 21.73 -32.05 -38.55
C PHE G 190 20.22 -31.91 -38.69
N PHE G 191 19.69 -32.41 -39.83
CA PHE G 191 18.26 -32.62 -39.98
C PHE G 191 18.01 -33.96 -40.67
N ASP G 192 16.88 -34.58 -40.34
CA ASP G 192 16.47 -35.81 -41.01
C ASP G 192 16.09 -35.55 -42.47
N ALA G 193 15.13 -34.65 -42.69
CA ALA G 193 14.74 -34.28 -44.04
C ALA G 193 14.07 -32.91 -43.98
N ILE G 194 14.54 -31.99 -44.81
CA ILE G 194 13.98 -30.65 -44.90
C ILE G 194 13.75 -30.30 -46.36
N HIS G 195 12.55 -29.78 -46.64
CA HIS G 195 12.31 -28.82 -47.72
C HIS G 195 11.60 -27.59 -47.17
N GLN G 196 10.91 -27.75 -46.03
CA GLN G 196 10.03 -26.72 -45.48
C GLN G 196 10.78 -25.52 -44.90
N ILE G 197 12.10 -25.57 -44.80
CA ILE G 197 12.84 -24.44 -44.23
C ILE G 197 12.66 -23.20 -45.09
N LEU G 198 12.54 -23.38 -46.41
CA LEU G 198 12.43 -22.26 -47.34
C LEU G 198 11.03 -21.69 -47.41
N GLY G 199 10.11 -22.13 -46.55
CA GLY G 199 8.82 -21.45 -46.44
C GLY G 199 8.99 -20.02 -46.00
N ALA G 200 9.77 -19.80 -44.94
CA ALA G 200 10.27 -18.47 -44.57
C ALA G 200 11.51 -18.17 -45.41
N GLY G 201 11.29 -18.13 -46.72
CA GLY G 201 12.39 -18.03 -47.67
C GLY G 201 11.88 -18.05 -49.10
N SER G 202 12.55 -18.84 -49.93
CA SER G 202 12.22 -18.99 -51.34
C SER G 202 11.94 -20.47 -51.62
N THR G 203 10.66 -20.80 -51.77
CA THR G 203 10.24 -22.17 -52.09
C THR G 203 9.10 -22.10 -53.10
N GLY G 204 8.43 -23.23 -53.30
CA GLY G 204 7.39 -23.36 -54.30
C GLY G 204 5.98 -23.17 -53.75
N GLY G 205 5.24 -24.27 -53.62
CA GLY G 205 3.85 -24.19 -53.22
C GLY G 205 3.65 -23.68 -51.81
N ASP G 206 4.61 -23.92 -50.91
CA ASP G 206 4.53 -23.51 -49.53
C ASP G 206 5.35 -22.24 -49.26
N SER G 207 5.36 -21.32 -50.22
CA SER G 207 6.06 -20.05 -50.03
C SER G 207 5.27 -19.13 -49.11
N GLY G 208 5.99 -18.44 -48.23
CA GLY G 208 5.39 -17.50 -47.29
C GLY G 208 5.08 -18.08 -45.93
N SER G 209 5.11 -19.40 -45.78
CA SER G 209 4.87 -20.02 -44.48
C SER G 209 6.06 -19.75 -43.56
N LYS G 210 5.95 -20.26 -42.33
CA LYS G 210 6.99 -20.05 -41.34
C LYS G 210 8.07 -21.12 -41.44
N GLY G 211 9.30 -20.72 -41.15
CA GLY G 211 10.43 -21.62 -41.27
C GLY G 211 11.64 -21.05 -40.55
N LEU G 212 12.82 -21.49 -41.00
CA LEU G 212 14.09 -21.01 -40.46
C LEU G 212 14.93 -20.25 -41.46
N ALA G 213 14.63 -20.33 -42.77
CA ALA G 213 15.56 -19.87 -43.79
C ALA G 213 15.84 -18.37 -43.71
N ASP G 214 14.89 -17.58 -43.20
CA ASP G 214 15.14 -16.13 -43.08
C ASP G 214 16.31 -15.82 -42.16
N ILE G 215 16.62 -16.70 -41.21
CA ILE G 215 17.78 -16.53 -40.34
C ILE G 215 18.97 -17.33 -40.84
N LEU G 216 18.73 -18.46 -41.51
CA LEU G 216 19.82 -19.35 -41.92
C LEU G 216 20.34 -18.99 -43.31
N LYS G 217 19.50 -18.45 -44.19
CA LYS G 217 19.93 -18.06 -45.52
C LYS G 217 21.00 -16.96 -45.43
N PRO G 218 20.88 -15.99 -44.53
CA PRO G 218 22.06 -15.17 -44.20
C PRO G 218 23.21 -15.98 -43.63
N ALA G 219 22.92 -16.92 -42.72
CA ALA G 219 23.98 -17.73 -42.13
C ALA G 219 24.70 -18.56 -43.19
N LEU G 220 23.98 -18.99 -44.23
CA LEU G 220 24.64 -19.64 -45.36
C LEU G 220 25.52 -18.64 -46.11
N SER G 221 24.98 -17.45 -46.38
CA SER G 221 25.76 -16.44 -47.10
C SER G 221 26.97 -15.99 -46.30
N ARG G 222 26.83 -15.89 -44.97
CA ARG G 222 27.95 -15.51 -44.13
C ARG G 222 28.96 -16.64 -43.98
N GLY G 223 28.50 -17.89 -44.01
CA GLY G 223 29.37 -19.03 -43.76
C GLY G 223 29.50 -19.37 -42.29
N GLU G 224 28.50 -19.03 -41.48
CA GLU G 224 28.53 -19.29 -40.05
C GLU G 224 28.07 -20.70 -39.71
N LEU G 225 26.91 -21.11 -40.24
CA LEU G 225 26.26 -22.36 -39.86
C LEU G 225 26.20 -23.29 -41.07
N THR G 226 26.57 -24.55 -40.86
CA THR G 226 26.37 -25.62 -41.84
C THR G 226 25.48 -26.68 -41.19
N VAL G 227 24.31 -26.91 -41.78
CA VAL G 227 23.33 -27.87 -41.28
C VAL G 227 23.07 -28.89 -42.39
N ILE G 228 23.06 -30.17 -42.04
CA ILE G 228 23.21 -31.25 -43.01
C ILE G 228 22.10 -32.28 -42.85
N GLY G 229 21.70 -32.86 -43.97
CA GLY G 229 20.62 -33.84 -43.98
C GLY G 229 20.12 -34.07 -45.38
N ALA G 230 19.07 -34.89 -45.48
CA ALA G 230 18.61 -35.46 -46.74
C ALA G 230 17.23 -34.96 -47.13
N THR G 231 16.86 -35.26 -48.37
CA THR G 231 15.52 -34.96 -48.90
C THR G 231 15.29 -35.82 -50.13
N THR G 232 14.27 -35.47 -50.92
CA THR G 232 13.99 -36.11 -52.19
C THR G 232 14.85 -35.44 -53.27
N GLN G 233 15.46 -36.26 -54.14
CA GLN G 233 16.35 -35.72 -55.16
C GLN G 233 15.62 -34.80 -56.14
N ASP G 234 14.35 -35.07 -56.42
CA ASP G 234 13.54 -34.23 -57.27
C ASP G 234 13.07 -32.96 -56.59
N GLU G 235 12.98 -32.94 -55.25
CA GLU G 235 12.67 -31.71 -54.53
C GLU G 235 13.83 -30.72 -54.61
N TYR G 236 15.04 -31.19 -54.88
CA TYR G 236 16.21 -30.33 -55.03
C TYR G 236 16.08 -29.32 -56.18
N ARG G 237 15.15 -29.56 -57.11
CA ARG G 237 14.96 -28.66 -58.25
C ARG G 237 14.71 -27.22 -57.84
N ASN G 238 14.16 -26.97 -56.64
CA ASN G 238 13.87 -25.63 -56.17
C ASN G 238 15.13 -24.82 -55.84
N THR G 239 16.32 -25.39 -55.98
CA THR G 239 17.56 -24.63 -55.84
C THR G 239 17.57 -23.41 -56.76
N ILE G 240 17.00 -23.55 -57.96
CA ILE G 240 17.03 -22.48 -58.94
C ILE G 240 16.37 -21.21 -58.45
N LEU G 241 15.43 -21.33 -57.49
CA LEU G 241 14.75 -20.15 -56.98
C LEU G 241 15.73 -19.17 -56.31
N LYS G 242 16.62 -19.68 -55.47
CA LYS G 242 17.65 -18.88 -54.80
C LYS G 242 18.97 -19.64 -54.91
N ASN G 243 19.34 -19.99 -56.15
CA ASN G 243 20.63 -20.60 -56.43
C ASN G 243 21.80 -19.84 -55.82
N ALA G 244 21.71 -18.50 -55.76
CA ALA G 244 22.81 -17.69 -55.23
C ALA G 244 23.12 -18.04 -53.78
N ALA G 245 22.12 -18.45 -53.00
CA ALA G 245 22.33 -18.90 -51.63
C ALA G 245 22.48 -20.40 -51.50
N LEU G 246 21.81 -21.17 -52.36
CA LEU G 246 21.77 -22.62 -52.26
C LEU G 246 22.75 -23.31 -53.21
N ALA G 247 22.76 -22.92 -54.49
CA ALA G 247 23.68 -23.55 -55.42
C ALA G 247 25.13 -23.18 -55.13
N ARG G 248 25.36 -21.94 -54.70
CA ARG G 248 26.71 -21.47 -54.37
C ARG G 248 27.16 -21.86 -52.98
N ARG G 249 26.44 -22.74 -52.29
CA ARG G 249 26.81 -23.21 -50.96
C ARG G 249 26.70 -24.72 -50.80
N PHE G 250 26.30 -25.46 -51.84
CA PHE G 250 25.96 -26.87 -51.72
C PHE G 250 26.79 -27.73 -52.66
N ASN G 251 26.77 -29.03 -52.38
CA ASN G 251 27.41 -30.07 -53.19
C ASN G 251 26.53 -31.31 -53.14
N GLU G 252 26.31 -31.95 -54.28
CA GLU G 252 25.36 -33.06 -54.35
C GLU G 252 26.00 -34.36 -53.86
N VAL G 253 25.18 -35.19 -53.18
CA VAL G 253 25.59 -36.50 -52.67
C VAL G 253 25.11 -37.55 -53.66
N LYS G 254 25.90 -38.61 -53.80
CA LYS G 254 25.49 -39.78 -54.56
C LYS G 254 24.54 -40.60 -53.67
N VAL G 255 23.36 -40.87 -54.23
CA VAL G 255 22.15 -41.12 -53.46
C VAL G 255 22.32 -42.29 -52.49
N ASN G 256 22.43 -43.50 -53.03
CA ASN G 256 22.44 -44.71 -52.22
C ASN G 256 22.58 -45.90 -53.17
N ALA G 257 22.90 -47.06 -52.59
CA ALA G 257 22.97 -48.31 -53.35
C ALA G 257 22.62 -49.47 -52.43
N PRO G 258 21.35 -49.63 -52.02
CA PRO G 258 20.98 -50.71 -51.08
C PRO G 258 20.96 -52.08 -51.75
N SER G 259 22.13 -52.70 -51.81
CA SER G 259 22.26 -54.02 -52.42
C SER G 259 21.82 -55.11 -51.46
N ALA G 260 21.36 -56.24 -52.02
CA ALA G 260 20.99 -57.38 -51.20
C ALA G 260 22.21 -58.07 -50.59
N GLU G 261 23.40 -57.84 -51.16
CA GLU G 261 24.61 -58.46 -50.63
C GLU G 261 24.89 -58.02 -49.20
N ASN G 262 24.86 -56.71 -48.95
CA ASN G 262 25.05 -56.19 -47.61
C ASN G 262 23.80 -56.30 -46.74
N THR G 263 22.63 -56.50 -47.38
CA THR G 263 21.40 -56.69 -46.62
C THR G 263 21.50 -57.90 -45.69
N PHE G 264 22.06 -59.00 -46.17
CA PHE G 264 22.02 -60.26 -45.41
C PHE G 264 22.79 -60.13 -44.10
N LYS G 265 23.99 -59.55 -44.14
CA LYS G 265 24.75 -59.35 -42.91
C LYS G 265 23.99 -58.44 -41.95
N ILE G 266 23.28 -57.45 -42.48
CA ILE G 266 22.41 -56.64 -41.63
C ILE G 266 21.28 -57.51 -41.08
N LEU G 267 20.67 -58.34 -41.93
CA LEU G 267 19.55 -59.19 -41.52
C LEU G 267 19.92 -60.07 -40.34
N GLN G 268 21.17 -60.53 -40.26
CA GLN G 268 21.62 -61.22 -39.05
C GLN G 268 21.68 -60.26 -37.87
N GLY G 269 21.95 -58.98 -38.14
CA GLY G 269 21.84 -57.98 -37.08
C GLY G 269 20.40 -57.66 -36.73
N ILE G 270 19.48 -57.87 -37.68
CA ILE G 270 18.08 -57.55 -37.43
C ILE G 270 17.44 -58.61 -36.53
N ARG G 271 17.79 -59.88 -36.72
CA ARG G 271 17.17 -60.92 -35.89
C ARG G 271 17.55 -60.75 -34.43
N ASP G 272 18.84 -60.63 -34.10
CA ASP G 272 19.30 -60.42 -32.74
C ASP G 272 18.71 -59.16 -32.09
N LEU G 273 18.19 -58.24 -32.88
CA LEU G 273 17.48 -57.06 -32.38
C LEU G 273 16.01 -57.32 -32.11
N TYR G 274 15.38 -58.26 -32.84
CA TYR G 274 13.94 -58.48 -32.78
C TYR G 274 13.52 -59.91 -32.46
N GLN G 275 14.34 -60.92 -32.77
CA GLN G 275 13.88 -62.30 -32.56
C GLN G 275 13.70 -62.62 -31.08
N GLN G 276 14.35 -61.88 -30.19
CA GLN G 276 14.12 -62.08 -28.76
C GLN G 276 12.78 -61.52 -28.31
N HIS G 277 12.12 -60.69 -29.11
CA HIS G 277 10.87 -60.07 -28.70
C HIS G 277 9.74 -61.09 -28.56
N HIS G 278 9.71 -62.12 -29.43
CA HIS G 278 8.61 -63.08 -29.49
C HIS G 278 9.08 -64.51 -29.21
N ASN G 279 10.29 -64.70 -28.70
CA ASN G 279 10.83 -66.04 -28.45
C ASN G 279 10.87 -66.85 -29.75
N VAL G 280 11.23 -66.19 -30.85
CA VAL G 280 11.28 -66.79 -32.18
C VAL G 280 12.73 -67.01 -32.56
N ILE G 281 12.96 -68.04 -33.38
CA ILE G 281 14.24 -68.24 -34.05
C ILE G 281 14.08 -67.85 -35.52
N LEU G 282 15.04 -67.08 -36.04
CA LEU G 282 15.04 -66.61 -37.42
C LEU G 282 16.34 -67.08 -38.07
N PRO G 283 16.42 -68.34 -38.49
CA PRO G 283 17.67 -68.85 -39.06
C PRO G 283 17.99 -68.20 -40.39
N ASP G 284 19.13 -68.62 -40.97
CA ASP G 284 19.63 -67.99 -42.19
C ASP G 284 18.68 -68.16 -43.36
N GLU G 285 18.09 -69.34 -43.53
CA GLU G 285 17.19 -69.56 -44.66
C GLU G 285 15.94 -68.70 -44.57
N VAL G 286 15.52 -68.31 -43.37
CA VAL G 286 14.40 -67.39 -43.22
C VAL G 286 14.81 -65.96 -43.59
N LEU G 287 16.01 -65.54 -43.15
CA LEU G 287 16.50 -64.22 -43.50
C LEU G 287 16.67 -64.09 -45.01
N LYS G 288 17.26 -65.09 -45.65
CA LYS G 288 17.40 -65.08 -47.11
C LYS G 288 16.04 -65.08 -47.78
N ALA G 289 15.13 -65.94 -47.32
CA ALA G 289 13.79 -65.99 -47.90
C ALA G 289 13.03 -64.68 -47.69
N ALA G 290 13.36 -63.94 -46.63
CA ALA G 290 12.68 -62.67 -46.38
C ALA G 290 12.94 -61.64 -47.47
N VAL G 291 14.01 -61.79 -48.26
CA VAL G 291 14.32 -60.91 -49.38
C VAL G 291 14.35 -61.67 -50.69
N ASP G 292 15.00 -62.84 -50.71
CA ASP G 292 15.16 -63.59 -51.96
C ASP G 292 13.82 -64.03 -52.53
N TYR G 293 12.87 -64.43 -51.66
CA TYR G 293 11.54 -64.80 -52.11
C TYR G 293 10.64 -63.57 -52.28
N SER G 294 10.82 -62.55 -51.44
CA SER G 294 9.91 -61.41 -51.42
C SER G 294 10.24 -60.37 -52.48
N VAL G 295 11.52 -60.24 -52.88
CA VAL G 295 11.93 -59.24 -53.86
C VAL G 295 11.11 -59.34 -55.14
N GLN G 296 10.67 -60.55 -55.48
CA GLN G 296 9.87 -60.76 -56.68
C GLN G 296 8.56 -60.00 -56.66
N TYR G 297 7.98 -59.75 -55.48
CA TYR G 297 6.63 -59.22 -55.34
C TYR G 297 6.60 -57.90 -54.56
N ILE G 298 7.71 -57.17 -54.50
CA ILE G 298 7.79 -55.89 -53.79
C ILE G 298 8.33 -54.86 -54.78
N PRO G 299 7.48 -54.11 -55.48
CA PRO G 299 7.97 -52.99 -56.30
C PRO G 299 8.33 -51.73 -55.50
N GLN G 300 8.43 -51.81 -54.18
CA GLN G 300 8.59 -50.65 -53.32
C GLN G 300 10.05 -50.36 -53.05
N ARG G 301 10.33 -49.08 -52.80
CA ARG G 301 11.65 -48.66 -52.33
C ARG G 301 11.91 -49.14 -50.90
N SER G 302 10.86 -49.54 -50.17
CA SER G 302 10.99 -49.95 -48.78
C SER G 302 11.38 -51.43 -48.61
N LEU G 303 11.86 -52.09 -49.66
CA LEU G 303 12.25 -53.50 -49.57
C LEU G 303 13.30 -53.80 -48.50
N PRO G 304 14.36 -52.98 -48.31
CA PRO G 304 15.40 -53.38 -47.35
C PRO G 304 14.91 -53.59 -45.93
N ASP G 305 13.76 -53.02 -45.57
CA ASP G 305 13.14 -53.23 -44.27
C ASP G 305 11.88 -54.09 -44.35
N LYS G 306 11.57 -54.64 -45.53
CA LYS G 306 10.42 -55.54 -45.64
C LYS G 306 10.66 -56.85 -44.89
N ALA G 307 11.92 -57.26 -44.74
CA ALA G 307 12.21 -58.49 -44.01
C ALA G 307 11.76 -58.40 -42.56
N ILE G 308 11.77 -57.20 -41.98
CA ILE G 308 11.26 -57.02 -40.62
C ILE G 308 9.76 -57.30 -40.59
N ASP G 309 9.02 -56.77 -41.57
CA ASP G 309 7.57 -56.96 -41.60
C ASP G 309 7.20 -58.43 -41.71
N LEU G 310 7.99 -59.21 -42.45
CA LEU G 310 7.65 -60.62 -42.65
C LEU G 310 7.88 -61.43 -41.38
N VAL G 311 8.98 -61.15 -40.67
CA VAL G 311 9.22 -61.86 -39.40
C VAL G 311 8.34 -61.30 -38.30
N ASP G 312 7.97 -60.01 -38.38
CA ASP G 312 7.05 -59.44 -37.41
C ASP G 312 5.66 -60.06 -37.55
N VAL G 313 5.14 -60.13 -38.78
CA VAL G 313 3.81 -60.69 -39.00
C VAL G 313 3.84 -62.21 -38.82
N THR G 314 4.97 -62.84 -39.12
CA THR G 314 5.13 -64.27 -38.86
C THR G 314 4.93 -64.55 -37.37
N ALA G 315 5.65 -63.81 -36.52
CA ALA G 315 5.48 -63.98 -35.08
C ALA G 315 4.06 -63.63 -34.65
N ALA G 316 3.45 -62.64 -35.31
CA ALA G 316 2.06 -62.30 -35.00
C ALA G 316 1.13 -63.44 -35.34
N HIS G 317 1.37 -64.14 -36.44
CA HIS G 317 0.52 -65.26 -36.83
C HIS G 317 0.89 -66.52 -36.06
N LEU G 318 2.19 -66.73 -35.80
CA LEU G 318 2.59 -67.83 -34.92
C LEU G 318 2.10 -67.61 -33.49
N ALA G 319 1.94 -66.35 -33.08
CA ALA G 319 1.44 -66.05 -31.75
C ALA G 319 -0.03 -66.45 -31.58
N ALA G 320 -0.73 -66.81 -32.66
CA ALA G 320 -2.08 -67.31 -32.54
C ALA G 320 -2.12 -68.70 -31.89
N GLN G 321 -0.98 -69.39 -31.79
CA GLN G 321 -0.95 -70.68 -31.12
C GLN G 321 -1.07 -70.53 -29.61
N HIS G 322 -0.40 -69.54 -29.01
CA HIS G 322 -0.37 -69.35 -27.56
C HIS G 322 -0.74 -67.92 -27.18
N PRO G 323 -2.00 -67.52 -27.35
CA PRO G 323 -2.49 -66.30 -26.71
C PRO G 323 -3.20 -66.49 -25.38
N VAL G 324 -3.28 -67.71 -24.84
CA VAL G 324 -4.19 -68.02 -23.74
C VAL G 324 -3.51 -68.73 -22.58
N THR G 325 -2.18 -68.70 -22.51
CA THR G 325 -1.51 -69.29 -21.36
C THR G 325 -1.86 -68.50 -20.11
N ASP G 326 -2.36 -69.21 -19.10
CA ASP G 326 -2.77 -68.58 -17.85
C ASP G 326 -1.59 -68.45 -16.89
N VAL G 327 -0.57 -67.72 -17.36
CA VAL G 327 0.58 -67.41 -16.50
C VAL G 327 0.12 -66.62 -15.28
N HIS G 328 -0.88 -65.76 -15.45
CA HIS G 328 -1.38 -64.96 -14.35
C HIS G 328 -2.18 -65.76 -13.34
N ALA G 329 -2.66 -66.95 -13.71
CA ALA G 329 -3.37 -67.79 -12.75
C ALA G 329 -2.47 -68.17 -11.57
N VAL G 330 -1.17 -68.34 -11.84
CA VAL G 330 -0.22 -68.63 -10.76
C VAL G 330 0.24 -67.35 -10.11
N GLU G 331 0.46 -66.28 -10.89
CA GLU G 331 0.87 -65.00 -10.31
C GLU G 331 -0.16 -64.50 -9.30
N ARG G 332 -1.45 -64.66 -9.61
CA ARG G 332 -2.48 -64.25 -8.67
C ARG G 332 -2.48 -65.13 -7.43
N GLU G 333 -2.09 -66.39 -7.58
CA GLU G 333 -1.91 -67.26 -6.41
C GLU G 333 -0.72 -66.80 -5.58
N ILE G 334 0.36 -66.37 -6.24
CA ILE G 334 1.54 -65.91 -5.51
C ILE G 334 1.21 -64.65 -4.71
N GLU G 335 0.50 -63.70 -5.33
CA GLU G 335 0.17 -62.45 -4.64
C GLU G 335 -0.71 -62.72 -3.43
N THR G 336 -1.55 -63.75 -3.50
CA THR G 336 -2.31 -64.17 -2.32
C THR G 336 -1.39 -64.77 -1.27
N GLU G 337 -0.58 -65.75 -1.66
CA GLU G 337 0.30 -66.42 -0.72
C GLU G 337 1.34 -65.47 -0.15
N LYS G 338 1.83 -64.53 -0.96
CA LYS G 338 2.74 -63.51 -0.45
C LYS G 338 2.02 -62.59 0.54
N ASP G 339 0.76 -62.27 0.25
CA ASP G 339 0.00 -61.42 1.16
C ASP G 339 -0.23 -62.12 2.51
N LYS G 340 -0.41 -63.43 2.49
CA LYS G 340 -0.44 -64.18 3.74
C LYS G 340 0.93 -64.23 4.39
N GLN G 341 1.97 -64.41 3.56
CA GLN G 341 3.35 -64.42 4.07
C GLN G 341 3.68 -63.15 4.82
N GLU G 342 3.32 -61.99 4.26
CA GLU G 342 3.57 -60.72 4.95
C GLU G 342 2.84 -60.68 6.29
N LYS G 343 1.69 -61.35 6.40
CA LYS G 343 0.95 -61.38 7.65
C LYS G 343 1.53 -62.41 8.61
N ALA G 344 2.00 -63.54 8.09
CA ALA G 344 2.69 -64.52 8.93
C ALA G 344 3.94 -63.91 9.55
N VAL G 345 4.58 -62.98 8.84
CA VAL G 345 5.79 -62.35 9.36
C VAL G 345 5.43 -61.36 10.47
N GLU G 346 4.40 -60.54 10.27
CA GLU G 346 4.01 -59.58 11.29
C GLU G 346 3.58 -60.27 12.57
N ALA G 347 2.93 -61.44 12.44
CA ALA G 347 2.62 -62.27 13.60
C ALA G 347 3.80 -63.07 14.10
N GLU G 348 4.95 -62.99 13.42
CA GLU G 348 6.15 -63.75 13.78
C GLU G 348 5.86 -65.24 13.81
N ASP G 349 5.07 -65.70 12.83
CA ASP G 349 4.78 -67.12 12.61
C ASP G 349 5.64 -67.55 11.42
N PHE G 350 6.83 -68.06 11.71
CA PHE G 350 7.84 -68.31 10.69
C PHE G 350 7.89 -69.75 10.22
N GLU G 351 7.18 -70.67 10.87
CA GLU G 351 6.88 -71.95 10.23
C GLU G 351 5.93 -71.74 9.06
N ALA G 352 4.91 -70.89 9.27
CA ALA G 352 3.98 -70.56 8.19
C ALA G 352 4.65 -69.71 7.12
N ALA G 353 5.46 -68.73 7.55
CA ALA G 353 6.11 -67.84 6.60
C ALA G 353 7.09 -68.61 5.71
N LEU G 354 7.84 -69.55 6.30
CA LEU G 354 8.75 -70.37 5.50
C LEU G 354 7.98 -71.25 4.53
N ASN G 355 6.86 -71.84 4.98
CA ASN G 355 6.06 -72.68 4.11
C ASN G 355 5.58 -71.93 2.88
N TYR G 356 5.28 -70.64 3.03
CA TYR G 356 4.79 -69.85 1.90
C TYR G 356 5.92 -69.48 0.95
N LYS G 357 7.08 -69.11 1.48
CA LYS G 357 8.24 -68.89 0.62
C LYS G 357 8.62 -70.18 -0.11
N THR G 358 8.38 -71.33 0.52
CA THR G 358 8.64 -72.60 -0.14
C THR G 358 7.70 -72.82 -1.31
N ARG G 359 6.39 -72.62 -1.10
CA ARG G 359 5.43 -72.84 -2.17
C ARG G 359 5.63 -71.84 -3.30
N ILE G 360 5.82 -70.55 -2.97
CA ILE G 360 5.96 -69.53 -4.01
C ILE G 360 7.15 -69.84 -4.91
N ALA G 361 8.26 -70.29 -4.31
CA ALA G 361 9.44 -70.63 -5.11
C ALA G 361 9.11 -71.68 -6.16
N GLU G 362 8.37 -72.72 -5.76
CA GLU G 362 7.87 -73.68 -6.73
C GLU G 362 6.94 -73.01 -7.73
N LEU G 363 6.01 -72.17 -7.24
CA LEU G 363 5.06 -71.52 -8.14
C LEU G 363 5.77 -70.58 -9.12
N GLU G 364 6.82 -69.89 -8.67
CA GLU G 364 7.57 -69.04 -9.58
C GLU G 364 8.31 -69.87 -10.63
N ARG G 365 8.83 -71.03 -10.24
CA ARG G 365 9.50 -71.90 -11.21
C ARG G 365 8.50 -72.44 -12.23
N LYS G 366 7.25 -72.65 -11.82
CA LYS G 366 6.24 -73.11 -12.77
C LYS G 366 5.99 -72.05 -13.85
N ILE G 367 5.87 -70.79 -13.47
CA ILE G 367 5.64 -69.72 -14.44
C ILE G 367 6.80 -69.64 -15.41
N GLU G 368 8.02 -69.59 -14.89
CA GLU G 368 9.19 -69.41 -15.75
C GLU G 368 9.36 -70.57 -16.71
N ASN G 369 8.89 -71.76 -16.33
CA ASN G 369 8.98 -72.92 -17.21
C ASN G 369 7.90 -72.93 -18.29
N HIS G 370 6.88 -72.07 -18.19
CA HIS G 370 5.89 -71.98 -19.26
C HIS G 370 6.51 -71.49 -20.57
N THR G 371 7.57 -70.67 -20.50
CA THR G 371 8.25 -70.19 -21.69
C THR G 371 8.73 -71.34 -22.57
N GLU G 372 9.16 -72.44 -21.96
CA GLU G 372 9.69 -73.57 -22.73
C GLU G 372 8.62 -74.32 -23.51
N ASP G 373 7.34 -74.16 -23.16
CA ASP G 373 6.24 -74.75 -23.90
C ASP G 373 5.69 -73.84 -24.99
N MET G 374 6.38 -72.73 -25.29
CA MET G 374 5.87 -71.71 -26.21
C MET G 374 7.00 -71.28 -27.16
N LYS G 375 7.71 -72.26 -27.71
CA LYS G 375 8.71 -71.98 -28.75
C LYS G 375 8.01 -71.57 -30.02
N VAL G 376 8.53 -70.52 -30.65
CA VAL G 376 7.94 -69.90 -31.84
C VAL G 376 8.86 -70.23 -33.00
N THR G 377 8.44 -71.15 -33.87
CA THR G 377 9.29 -71.67 -34.95
C THR G 377 8.46 -71.77 -36.23
N ALA G 378 8.63 -70.78 -37.12
CA ALA G 378 8.08 -70.90 -38.47
C ALA G 378 8.95 -71.78 -39.33
N SER G 379 8.30 -72.54 -40.21
CA SER G 379 9.00 -73.07 -41.37
C SER G 379 9.24 -71.94 -42.36
N VAL G 380 10.34 -72.05 -43.11
CA VAL G 380 10.62 -71.05 -44.13
C VAL G 380 9.51 -71.04 -45.18
N ASN G 381 8.82 -72.17 -45.37
CA ASN G 381 7.65 -72.20 -46.23
C ASN G 381 6.50 -71.40 -45.65
N ASP G 382 6.35 -71.40 -44.32
CA ASP G 382 5.33 -70.60 -43.68
C ASP G 382 5.64 -69.12 -43.76
N VAL G 383 6.92 -68.76 -43.64
CA VAL G 383 7.33 -67.37 -43.83
C VAL G 383 7.03 -66.94 -45.26
N ALA G 384 7.31 -67.81 -46.23
CA ALA G 384 7.01 -67.50 -47.62
C ALA G 384 5.50 -67.38 -47.83
N GLU G 385 4.72 -68.14 -47.05
CA GLU G 385 3.26 -68.05 -47.19
C GLU G 385 2.73 -66.76 -46.57
N SER G 386 3.46 -66.17 -45.62
CA SER G 386 3.12 -64.84 -45.11
C SER G 386 3.04 -63.81 -46.23
N VAL G 387 3.83 -63.97 -47.28
CA VAL G 387 3.84 -63.03 -48.40
C VAL G 387 2.49 -63.03 -49.11
N GLU G 388 1.76 -64.15 -49.05
CA GLU G 388 0.43 -64.22 -49.66
C GLU G 388 -0.67 -63.82 -48.67
N ARG G 389 -0.52 -64.18 -47.39
CA ARG G 389 -1.60 -63.99 -46.43
C ARG G 389 -2.02 -62.54 -46.32
N MET G 390 -1.05 -61.63 -46.19
CA MET G 390 -1.31 -60.21 -46.04
C MET G 390 -1.17 -59.43 -47.34
N THR G 391 -1.14 -60.12 -48.49
CA THR G 391 -1.11 -59.47 -49.80
C THR G 391 -2.22 -60.00 -50.70
N GLY G 392 -2.61 -61.26 -50.53
CA GLY G 392 -3.68 -61.84 -51.31
C GLY G 392 -3.29 -62.22 -52.72
N ILE G 393 -2.06 -62.64 -52.94
CA ILE G 393 -1.49 -62.85 -54.27
C ILE G 393 -1.20 -64.35 -54.40
N PRO G 394 -1.98 -65.12 -55.24
CA PRO G 394 -1.92 -66.61 -55.15
C PRO G 394 -0.64 -67.22 -55.70
N VAL G 395 0.39 -67.31 -54.85
CA VAL G 395 1.74 -67.67 -55.26
C VAL G 395 2.38 -68.73 -54.37
N SER G 396 1.56 -69.52 -53.69
CA SER G 396 2.10 -70.57 -52.81
C SER G 396 2.87 -71.63 -53.59
N GLN G 397 2.66 -71.74 -54.89
CA GLN G 397 3.37 -72.70 -55.72
C GLN G 397 4.85 -72.39 -55.87
N MET G 398 5.28 -71.16 -55.58
CA MET G 398 6.66 -70.76 -55.77
C MET G 398 7.53 -71.26 -54.60
N GLY G 399 8.85 -71.39 -54.81
CA GLY G 399 9.58 -71.15 -56.06
C GLY G 399 10.99 -70.64 -55.84
N ALA G 400 11.76 -70.67 -56.94
CA ALA G 400 13.11 -70.15 -57.01
C ALA G 400 13.12 -69.25 -58.25
N SER G 401 12.16 -68.33 -58.27
CA SER G 401 11.49 -67.91 -59.50
C SER G 401 12.08 -66.66 -60.12
N ASP G 402 13.39 -66.48 -60.09
CA ASP G 402 14.01 -65.41 -60.86
C ASP G 402 13.80 -65.62 -62.35
N ILE G 403 13.88 -66.89 -62.80
CA ILE G 403 13.77 -67.24 -64.22
C ILE G 403 12.41 -67.86 -64.49
N GLU G 404 11.85 -68.55 -63.50
CA GLU G 404 10.58 -69.25 -63.70
C GLU G 404 9.48 -68.30 -64.14
N ARG G 405 9.39 -67.12 -63.51
CA ARG G 405 8.38 -66.15 -63.93
C ARG G 405 8.70 -65.58 -65.31
N LEU G 406 9.98 -65.38 -65.60
CA LEU G 406 10.39 -64.77 -66.85
C LEU G 406 9.87 -65.57 -68.04
N LYS G 407 9.97 -66.90 -67.97
CA LYS G 407 9.59 -67.78 -69.07
C LYS G 407 8.13 -68.25 -68.97
N ASP G 408 7.63 -68.52 -67.76
CA ASP G 408 6.34 -69.16 -67.61
C ASP G 408 5.16 -68.18 -67.49
N MET G 409 5.39 -66.95 -67.03
CA MET G 409 4.29 -66.00 -66.94
C MET G 409 3.72 -65.69 -68.32
N ALA G 410 4.55 -65.77 -69.35
CA ALA G 410 4.04 -65.60 -70.71
C ALA G 410 3.11 -66.74 -71.08
N HIS G 411 3.50 -67.99 -70.77
CA HIS G 411 2.61 -69.12 -70.99
C HIS G 411 1.42 -69.07 -70.04
N ARG G 412 1.64 -68.63 -68.81
CA ARG G 412 0.56 -68.52 -67.83
C ARG G 412 -0.49 -67.52 -68.29
N LEU G 413 -0.05 -66.45 -68.97
CA LEU G 413 -1.01 -65.47 -69.49
C LEU G 413 -1.95 -66.11 -70.49
N GLN G 414 -1.40 -66.67 -71.58
CA GLN G 414 -2.20 -67.14 -72.70
C GLN G 414 -3.22 -68.20 -72.30
N ASP G 415 -2.96 -68.93 -71.20
CA ASP G 415 -3.96 -69.86 -70.68
C ASP G 415 -5.26 -69.17 -70.28
N LYS G 416 -5.22 -67.86 -70.00
CA LYS G 416 -6.39 -67.08 -69.63
C LYS G 416 -6.78 -66.04 -70.66
N VAL G 417 -6.09 -65.98 -71.82
CA VAL G 417 -6.35 -64.96 -72.83
C VAL G 417 -7.42 -65.47 -73.79
N ILE G 418 -8.22 -64.54 -74.31
CA ILE G 418 -9.11 -64.79 -75.43
C ILE G 418 -8.63 -63.89 -76.56
N GLY G 419 -7.87 -64.44 -77.49
CA GLY G 419 -7.43 -63.71 -78.66
C GLY G 419 -6.14 -64.27 -79.22
N GLN G 420 -5.47 -63.42 -80.00
CA GLN G 420 -4.23 -63.80 -80.67
C GLN G 420 -3.15 -64.14 -79.64
N ASP G 421 -2.21 -65.01 -80.04
CA ASP G 421 -1.21 -65.51 -79.11
C ASP G 421 0.10 -64.71 -79.15
N LYS G 422 0.41 -64.06 -80.28
CA LYS G 422 1.68 -63.35 -80.37
C LYS G 422 1.70 -62.06 -79.55
N ALA G 423 0.59 -61.68 -78.93
CA ALA G 423 0.59 -60.48 -78.10
C ALA G 423 1.49 -60.63 -76.89
N VAL G 424 1.62 -61.84 -76.33
CA VAL G 424 2.42 -62.01 -75.13
C VAL G 424 3.91 -61.84 -75.43
N GLU G 425 4.35 -62.28 -76.61
CA GLU G 425 5.77 -62.15 -76.97
C GLU G 425 6.18 -60.69 -77.03
N VAL G 426 5.25 -59.80 -77.39
CA VAL G 426 5.55 -58.38 -77.42
C VAL G 426 5.67 -57.83 -76.00
N VAL G 427 4.68 -58.13 -75.14
CA VAL G 427 4.62 -57.50 -73.83
C VAL G 427 5.50 -58.24 -72.82
N ALA G 428 5.58 -59.56 -72.90
CA ALA G 428 6.34 -60.32 -71.90
C ALA G 428 7.84 -60.05 -72.03
N ARG G 429 8.35 -59.95 -73.26
CA ARG G 429 9.77 -59.70 -73.49
C ARG G 429 10.23 -58.41 -72.81
N ALA G 430 9.34 -57.42 -72.73
CA ALA G 430 9.70 -56.16 -72.08
C ALA G 430 9.72 -56.33 -70.57
N ILE G 431 8.84 -57.21 -70.04
CA ILE G 431 8.87 -57.59 -68.62
C ILE G 431 10.05 -58.52 -68.37
N CYS G 432 10.51 -59.21 -69.41
CA CYS G 432 11.65 -60.11 -69.25
C CYS G 432 12.97 -59.33 -69.26
N ARG G 433 13.20 -58.52 -70.30
CA ARG G 433 14.49 -57.86 -70.43
C ARG G 433 14.73 -56.83 -69.32
N ASN G 434 13.67 -56.18 -68.84
CA ASN G 434 13.81 -55.29 -67.68
C ASN G 434 14.17 -56.08 -66.43
N ARG G 435 13.36 -57.08 -66.08
CA ARG G 435 13.61 -57.84 -64.86
C ARG G 435 14.96 -58.55 -64.93
N ALA G 436 15.39 -58.92 -66.14
CA ALA G 436 16.74 -59.46 -66.30
C ALA G 436 17.81 -58.39 -66.14
N GLY G 437 17.45 -57.13 -66.37
CA GLY G 437 18.39 -56.03 -66.31
C GLY G 437 19.03 -55.66 -67.64
N PHE G 438 18.56 -56.24 -68.74
CA PHE G 438 19.08 -55.92 -70.08
C PHE G 438 18.17 -54.88 -70.71
N ASP G 439 18.49 -53.62 -70.38
CA ASP G 439 17.69 -52.48 -70.78
C ASP G 439 18.61 -51.27 -70.78
N GLU G 440 18.42 -50.40 -71.78
CA GLU G 440 19.31 -49.26 -71.96
C GLU G 440 19.26 -48.34 -70.75
N GLY G 441 20.26 -47.46 -70.65
CA GLY G 441 20.44 -46.66 -69.44
C GLY G 441 19.27 -45.77 -69.12
N ASN G 442 18.52 -45.33 -70.13
CA ASN G 442 17.31 -44.53 -69.92
C ASN G 442 16.29 -44.94 -70.98
N ARG G 443 15.44 -45.92 -70.62
CA ARG G 443 14.24 -46.22 -71.36
C ARG G 443 13.12 -46.52 -70.38
N PRO G 444 12.02 -45.78 -70.38
CA PRO G 444 10.81 -46.50 -69.91
C PRO G 444 10.55 -47.64 -70.88
N ILE G 445 9.77 -48.63 -70.41
CA ILE G 445 9.67 -49.98 -70.98
C ILE G 445 9.63 -49.97 -72.50
N GLY G 446 8.86 -49.06 -73.05
CA GLY G 446 8.59 -49.02 -74.47
C GLY G 446 7.12 -48.80 -74.72
N ASN G 447 6.81 -48.23 -75.87
CA ASN G 447 5.47 -47.81 -76.19
C ASN G 447 4.78 -48.91 -76.99
N PHE G 448 3.64 -49.39 -76.47
CA PHE G 448 2.87 -50.46 -77.07
C PHE G 448 1.55 -49.92 -77.59
N LEU G 449 1.08 -50.52 -78.70
CA LEU G 449 -0.19 -50.16 -79.31
C LEU G 449 -0.95 -51.43 -79.66
N PHE G 450 -2.15 -51.56 -79.08
CA PHE G 450 -3.08 -52.64 -79.42
C PHE G 450 -4.22 -52.07 -80.24
N VAL G 451 -4.35 -52.52 -81.49
CA VAL G 451 -5.44 -52.12 -82.36
C VAL G 451 -6.54 -53.17 -82.23
N GLY G 452 -7.75 -52.71 -81.94
CA GLY G 452 -8.84 -53.64 -81.66
C GLY G 452 -10.14 -52.88 -81.44
N SER G 453 -11.05 -53.55 -80.74
CA SER G 453 -12.36 -52.97 -80.41
C SER G 453 -12.67 -53.29 -78.95
N THR G 454 -13.73 -52.69 -78.42
CA THR G 454 -14.04 -52.76 -76.99
C THR G 454 -14.37 -54.16 -76.53
N GLY G 455 -14.35 -54.37 -75.20
CA GLY G 455 -14.80 -55.61 -74.62
C GLY G 455 -13.64 -56.50 -74.19
N VAL G 456 -13.72 -57.77 -74.58
CA VAL G 456 -12.73 -58.76 -74.16
C VAL G 456 -11.37 -58.42 -74.76
N GLY G 457 -11.33 -58.20 -76.07
CA GLY G 457 -10.06 -57.91 -76.73
C GLY G 457 -9.39 -56.65 -76.21
N LYS G 458 -10.19 -55.70 -75.72
CA LYS G 458 -9.64 -54.43 -75.27
C LYS G 458 -8.91 -54.57 -73.93
N THR G 459 -9.50 -55.29 -72.98
CA THR G 459 -9.13 -55.16 -71.58
C THR G 459 -8.40 -56.36 -70.98
N GLU G 460 -8.49 -57.56 -71.58
CA GLU G 460 -7.85 -58.73 -70.94
C GLU G 460 -6.35 -58.55 -70.81
N LEU G 461 -5.71 -57.99 -71.83
CA LEU G 461 -4.25 -57.83 -71.80
C LEU G 461 -3.81 -56.99 -70.61
N ALA G 462 -4.35 -55.79 -70.50
CA ALA G 462 -3.95 -54.89 -69.42
C ALA G 462 -4.30 -55.47 -68.06
N LYS G 463 -5.47 -56.09 -67.93
CA LYS G 463 -5.88 -56.63 -66.63
C LYS G 463 -5.06 -57.84 -66.25
N GLN G 464 -4.87 -58.78 -67.19
CA GLN G 464 -4.19 -60.03 -66.86
C GLN G 464 -2.69 -59.82 -66.67
N LEU G 465 -2.10 -58.86 -67.39
CA LEU G 465 -0.70 -58.52 -67.13
C LEU G 465 -0.55 -57.91 -65.73
N ALA G 466 -1.50 -57.07 -65.33
CA ALA G 466 -1.42 -56.44 -64.02
C ALA G 466 -1.50 -57.46 -62.89
N LEU G 467 -2.23 -58.57 -63.11
CA LEU G 467 -2.37 -59.58 -62.08
C LEU G 467 -1.16 -60.51 -62.01
N ASP G 468 -0.44 -60.68 -63.12
CA ASP G 468 0.80 -61.45 -63.11
C ASP G 468 2.00 -60.59 -62.77
N MET G 469 1.99 -59.31 -63.16
CA MET G 469 3.06 -58.40 -62.76
C MET G 469 2.88 -57.94 -61.33
N PHE G 470 1.66 -57.54 -60.95
CA PHE G 470 1.43 -56.78 -59.72
C PHE G 470 0.28 -57.27 -58.88
N GLY G 471 -0.58 -58.12 -59.41
CA GLY G 471 -1.40 -58.97 -58.59
C GLY G 471 -2.76 -58.41 -58.23
N THR G 472 -2.95 -57.10 -58.32
CA THR G 472 -4.22 -56.50 -57.93
C THR G 472 -4.46 -55.24 -58.76
N GLN G 473 -5.57 -54.57 -58.48
CA GLN G 473 -6.11 -53.51 -59.33
C GLN G 473 -5.67 -52.14 -58.83
N ASP G 474 -4.34 -51.99 -58.72
CA ASP G 474 -3.75 -50.78 -58.14
C ASP G 474 -2.88 -50.01 -59.11
N ALA G 475 -1.90 -50.68 -59.74
CA ALA G 475 -0.90 -49.99 -60.56
C ALA G 475 -1.35 -49.92 -62.02
N ILE G 476 -2.39 -49.14 -62.24
CA ILE G 476 -2.92 -48.98 -63.59
C ILE G 476 -3.79 -47.72 -63.63
N ILE G 477 -3.60 -46.90 -64.66
CA ILE G 477 -4.41 -45.71 -64.89
C ILE G 477 -4.94 -45.78 -66.32
N ARG G 478 -6.22 -45.44 -66.49
CA ARG G 478 -6.86 -45.36 -67.79
C ARG G 478 -7.03 -43.90 -68.17
N LEU G 479 -6.45 -43.51 -69.31
CA LEU G 479 -6.61 -42.17 -69.87
C LEU G 479 -7.81 -42.20 -70.80
N ASP G 480 -8.90 -41.59 -70.37
CA ASP G 480 -10.15 -41.60 -71.13
C ASP G 480 -10.06 -40.55 -72.23
N MET G 481 -9.90 -40.99 -73.48
CA MET G 481 -9.94 -40.07 -74.60
C MET G 481 -11.35 -39.56 -74.89
N SER G 482 -12.38 -40.10 -74.22
CA SER G 482 -13.72 -39.55 -74.39
C SER G 482 -13.78 -38.09 -73.94
N GLU G 483 -12.94 -37.72 -72.97
CA GLU G 483 -12.74 -36.32 -72.61
C GLU G 483 -11.95 -35.54 -73.66
N TYR G 484 -11.46 -36.20 -74.71
CA TYR G 484 -10.70 -35.58 -75.79
C TYR G 484 -11.39 -35.69 -77.14
N SER G 485 -12.72 -35.59 -77.18
CA SER G 485 -13.44 -35.59 -78.45
C SER G 485 -13.39 -34.22 -79.09
N ASP G 486 -12.68 -34.10 -80.21
CA ASP G 486 -12.63 -32.83 -80.92
C ASP G 486 -13.99 -32.41 -81.48
N ARG G 487 -14.87 -33.37 -81.75
CA ARG G 487 -16.14 -33.09 -82.41
C ARG G 487 -17.22 -32.62 -81.45
N THR G 488 -17.21 -33.11 -80.21
CA THR G 488 -18.33 -32.96 -79.29
C THR G 488 -17.99 -32.20 -78.02
N ALA G 489 -16.76 -31.69 -77.89
CA ALA G 489 -16.35 -30.99 -76.66
C ALA G 489 -16.93 -29.58 -76.65
N VAL G 490 -18.25 -29.53 -76.47
CA VAL G 490 -18.98 -28.27 -76.27
C VAL G 490 -19.82 -28.39 -75.01
N SER G 491 -19.35 -29.18 -74.05
CA SER G 491 -20.03 -29.43 -72.78
C SER G 491 -21.37 -30.16 -72.95
N LYS G 492 -21.56 -30.89 -74.05
CA LYS G 492 -22.64 -31.87 -74.05
C LYS G 492 -22.37 -32.92 -72.98
N LEU G 493 -21.11 -33.33 -72.87
CA LEU G 493 -20.59 -34.23 -71.84
C LEU G 493 -19.54 -33.39 -71.11
N ILE G 494 -18.61 -34.04 -70.41
CA ILE G 494 -17.83 -33.54 -69.27
C ILE G 494 -17.39 -32.09 -69.42
N GLY G 495 -16.97 -31.69 -70.63
CA GLY G 495 -16.51 -30.32 -70.76
C GLY G 495 -16.14 -29.96 -72.19
N THR G 496 -15.51 -28.79 -72.31
CA THR G 496 -15.17 -28.16 -73.57
C THR G 496 -13.76 -28.54 -74.01
N THR G 497 -13.33 -27.91 -75.11
CA THR G 497 -11.97 -28.05 -75.62
C THR G 497 -10.94 -27.65 -74.57
N ALA G 498 -11.23 -26.62 -73.78
CA ALA G 498 -10.26 -26.14 -72.79
C ALA G 498 -10.00 -27.15 -71.69
N GLY G 499 -10.89 -28.11 -71.49
CA GLY G 499 -10.66 -29.17 -70.51
C GLY G 499 -9.61 -30.18 -70.91
N TYR G 500 -9.05 -30.07 -72.10
CA TYR G 500 -8.03 -31.01 -72.56
C TYR G 500 -6.69 -30.82 -71.86
N VAL G 501 -6.41 -29.61 -71.38
CA VAL G 501 -5.11 -29.26 -70.84
C VAL G 501 -5.25 -29.07 -69.33
N GLY G 502 -4.17 -29.38 -68.61
CA GLY G 502 -4.10 -29.09 -67.19
C GLY G 502 -4.66 -30.17 -66.30
N TYR G 503 -5.92 -30.57 -66.53
CA TYR G 503 -6.57 -31.54 -65.65
C TYR G 503 -5.91 -32.92 -65.77
N ASP G 504 -5.81 -33.43 -66.99
CA ASP G 504 -5.15 -34.72 -67.23
C ASP G 504 -3.67 -34.48 -67.56
N ASP G 505 -3.05 -33.63 -66.73
CA ASP G 505 -1.62 -33.37 -66.80
C ASP G 505 -1.00 -33.55 -65.41
N ASN G 506 -1.62 -32.97 -64.37
CA ASN G 506 -1.16 -33.21 -63.00
C ASN G 506 -2.28 -33.17 -61.96
N SER G 507 -3.54 -33.01 -62.38
CA SER G 507 -4.59 -32.62 -61.43
C SER G 507 -5.26 -33.81 -60.76
N ASN G 508 -6.32 -33.54 -60.00
CA ASN G 508 -7.01 -34.54 -59.17
C ASN G 508 -7.69 -35.56 -60.08
N THR G 509 -7.18 -36.80 -60.20
CA THR G 509 -5.93 -37.33 -59.64
C THR G 509 -5.14 -37.99 -60.76
N LEU G 510 -3.99 -37.40 -61.10
CA LEU G 510 -3.01 -38.03 -61.98
C LEU G 510 -1.71 -38.34 -61.25
N THR G 511 -1.04 -37.32 -60.71
CA THR G 511 0.34 -37.46 -60.27
C THR G 511 0.48 -38.20 -58.95
N GLU G 512 -0.47 -38.01 -58.03
CA GLU G 512 -0.39 -38.69 -56.75
C GLU G 512 -0.47 -40.21 -56.88
N ARG G 513 -1.06 -40.70 -57.98
CA ARG G 513 -1.02 -42.12 -58.31
C ARG G 513 0.26 -42.50 -59.05
N VAL G 514 0.81 -41.58 -59.84
CA VAL G 514 2.08 -41.85 -60.53
C VAL G 514 3.24 -41.89 -59.53
N ARG G 515 3.12 -41.15 -58.43
CA ARG G 515 4.18 -41.15 -57.42
C ARG G 515 4.16 -42.41 -56.57
N ARG G 516 2.97 -42.91 -56.23
CA ARG G 516 2.86 -44.21 -55.59
C ARG G 516 3.28 -45.33 -56.51
N ASN G 517 3.00 -45.18 -57.79
CA ASN G 517 3.32 -46.18 -58.80
C ASN G 517 4.05 -45.49 -59.95
N PRO G 518 5.38 -45.26 -59.79
CA PRO G 518 6.21 -44.74 -60.90
C PRO G 518 6.24 -45.65 -62.13
N TYR G 519 5.83 -46.90 -61.94
CA TYR G 519 6.14 -48.05 -62.80
C TYR G 519 4.92 -48.51 -63.58
N SER G 520 3.79 -47.83 -63.42
CA SER G 520 2.48 -48.42 -63.64
C SER G 520 2.25 -48.78 -65.10
N ILE G 521 1.10 -49.41 -65.36
CA ILE G 521 0.55 -49.53 -66.69
C ILE G 521 -0.20 -48.25 -66.99
N ILE G 522 0.07 -47.64 -68.14
CA ILE G 522 -0.73 -46.55 -68.68
C ILE G 522 -1.60 -47.15 -69.78
N LEU G 523 -2.89 -46.80 -69.77
CA LEU G 523 -3.80 -47.15 -70.84
C LEU G 523 -4.36 -45.88 -71.46
N LEU G 524 -4.02 -45.65 -72.73
CA LEU G 524 -4.62 -44.60 -73.52
C LEU G 524 -5.80 -45.22 -74.26
N ASP G 525 -7.01 -44.82 -73.86
CA ASP G 525 -8.25 -45.45 -74.32
C ASP G 525 -8.68 -44.82 -75.64
N ALA G 526 -8.53 -45.57 -76.74
CA ALA G 526 -9.11 -45.14 -78.01
C ALA G 526 -8.52 -43.83 -78.56
N ILE G 527 -7.29 -43.89 -79.08
CA ILE G 527 -6.54 -42.73 -79.60
C ILE G 527 -7.44 -41.80 -80.42
N GLU G 528 -8.28 -42.36 -81.30
CA GLU G 528 -8.81 -41.63 -82.46
C GLU G 528 -9.63 -40.39 -82.11
N LYS G 529 -9.99 -40.17 -80.84
CA LYS G 529 -10.93 -39.11 -80.50
C LYS G 529 -10.39 -37.70 -80.76
N ALA G 530 -9.08 -37.53 -81.02
CA ALA G 530 -8.49 -36.19 -81.01
C ALA G 530 -7.47 -35.99 -82.13
N ASP G 531 -7.20 -34.71 -82.37
CA ASP G 531 -6.11 -34.09 -83.13
C ASP G 531 -4.82 -34.85 -82.90
N PRO G 532 -3.97 -35.14 -83.91
CA PRO G 532 -2.73 -35.87 -83.62
C PRO G 532 -1.79 -35.18 -82.65
N GLN G 533 -1.93 -33.85 -82.46
CA GLN G 533 -1.03 -33.13 -81.56
C GLN G 533 -1.33 -33.45 -80.10
N VAL G 534 -2.58 -33.74 -79.76
CA VAL G 534 -2.94 -34.11 -78.39
C VAL G 534 -2.21 -35.37 -77.98
N ILE G 535 -2.27 -36.39 -78.82
CA ILE G 535 -1.67 -37.69 -78.54
C ILE G 535 -0.17 -37.63 -78.71
N THR G 536 0.32 -36.71 -79.55
CA THR G 536 1.75 -36.58 -79.81
C THR G 536 2.51 -36.09 -78.58
N LEU G 537 1.83 -35.37 -77.68
CA LEU G 537 2.51 -34.77 -76.54
C LEU G 537 3.14 -35.83 -75.65
N LEU G 538 2.35 -36.81 -75.23
CA LEU G 538 2.87 -37.80 -74.29
C LEU G 538 3.97 -38.64 -74.92
N LEU G 539 3.79 -39.08 -76.17
CA LEU G 539 4.66 -40.11 -76.72
C LEU G 539 6.03 -39.56 -77.13
N GLN G 540 6.10 -38.32 -77.62
CA GLN G 540 7.41 -37.71 -77.87
C GLN G 540 8.20 -37.48 -76.59
N VAL G 541 7.53 -37.40 -75.44
CA VAL G 541 8.15 -37.07 -74.16
C VAL G 541 8.54 -38.32 -73.38
N LEU G 542 8.03 -39.50 -73.74
CA LEU G 542 8.41 -40.74 -73.08
C LEU G 542 9.76 -41.29 -73.54
N ASP G 543 10.47 -40.60 -74.44
CA ASP G 543 11.79 -41.05 -74.84
C ASP G 543 12.75 -41.06 -73.65
N ASP G 544 12.80 -39.97 -72.90
CA ASP G 544 13.70 -39.81 -71.78
C ASP G 544 13.08 -40.23 -70.45
N GLY G 545 11.86 -40.75 -70.45
CA GLY G 545 11.21 -41.11 -69.20
C GLY G 545 10.98 -39.94 -68.27
N ARG G 546 10.70 -38.76 -68.82
CA ARG G 546 10.54 -37.55 -68.01
C ARG G 546 9.58 -36.61 -68.72
N LEU G 547 8.66 -36.02 -67.96
CA LEU G 547 7.66 -35.09 -68.49
C LEU G 547 7.57 -33.87 -67.58
N THR G 548 7.73 -32.69 -68.16
CA THR G 548 7.54 -31.43 -67.45
C THR G 548 6.09 -30.99 -67.58
N ASP G 549 5.43 -30.77 -66.44
CA ASP G 549 4.00 -30.49 -66.40
C ASP G 549 3.74 -29.00 -66.57
N GLY G 550 2.47 -28.62 -66.46
CA GLY G 550 2.09 -27.22 -66.60
C GLY G 550 2.62 -26.30 -65.52
N GLN G 551 2.92 -26.83 -64.33
CA GLN G 551 3.44 -26.04 -63.23
C GLN G 551 4.96 -25.97 -63.20
N GLY G 552 5.64 -26.50 -64.22
CA GLY G 552 7.09 -26.50 -64.25
C GLY G 552 7.77 -27.63 -63.51
N ASN G 553 7.00 -28.54 -62.93
CA ASN G 553 7.56 -29.70 -62.24
C ASN G 553 7.73 -30.87 -63.20
N THR G 554 8.77 -31.67 -62.96
CA THR G 554 9.09 -32.83 -63.78
C THR G 554 8.69 -34.10 -63.05
N VAL G 555 7.90 -34.94 -63.72
CA VAL G 555 7.64 -36.30 -63.27
C VAL G 555 8.71 -37.19 -63.90
N ASN G 556 9.33 -38.04 -63.10
CA ASN G 556 10.33 -38.99 -63.58
C ASN G 556 9.73 -40.39 -63.62
N PHE G 557 9.71 -40.99 -64.80
CA PHE G 557 9.12 -42.30 -65.00
C PHE G 557 10.16 -43.39 -64.84
N LYS G 558 9.86 -44.34 -63.97
CA LYS G 558 10.52 -45.63 -63.94
C LYS G 558 9.67 -46.62 -64.69
N ASN G 559 10.33 -47.50 -65.46
CA ASN G 559 9.85 -48.82 -65.84
C ASN G 559 8.34 -48.86 -66.12
N THR G 560 7.85 -47.85 -66.83
CA THR G 560 6.43 -47.69 -67.12
C THR G 560 6.14 -48.27 -68.49
N VAL G 561 5.02 -49.00 -68.58
CA VAL G 561 4.51 -49.54 -69.85
C VAL G 561 3.23 -48.79 -70.19
N ILE G 562 3.15 -48.31 -71.43
CA ILE G 562 1.93 -47.73 -71.98
C ILE G 562 1.42 -48.66 -73.07
N ILE G 563 0.15 -49.05 -72.96
CA ILE G 563 -0.55 -49.76 -74.01
C ILE G 563 -1.61 -48.80 -74.54
N ALA G 564 -1.31 -48.13 -75.64
CA ALA G 564 -2.29 -47.30 -76.31
C ALA G 564 -3.27 -48.18 -77.07
N THR G 565 -4.48 -47.66 -77.27
CA THR G 565 -5.55 -48.43 -77.91
C THR G 565 -6.33 -47.55 -78.87
N SER G 566 -6.82 -48.19 -79.94
CA SER G 566 -7.59 -47.53 -80.98
C SER G 566 -8.78 -48.40 -81.34
N ASN G 567 -9.74 -47.79 -82.03
CA ASN G 567 -10.89 -48.51 -82.58
C ASN G 567 -10.57 -48.90 -84.02
N ALA G 568 -10.20 -50.16 -84.21
CA ALA G 568 -9.67 -50.66 -85.47
C ALA G 568 -10.69 -51.54 -86.19
N GLY G 569 -10.28 -52.02 -87.36
CA GLY G 569 -11.14 -52.85 -88.18
C GLY G 569 -10.69 -52.77 -89.62
N PHE G 570 -11.53 -53.32 -90.51
CA PHE G 570 -11.26 -53.26 -91.94
C PHE G 570 -12.48 -53.76 -92.69
N GLY G 571 -12.79 -53.09 -93.82
CA GLY G 571 -13.87 -53.50 -94.69
C GLY G 571 -13.38 -54.36 -95.84
N TYR G 572 -14.16 -55.39 -96.16
CA TYR G 572 -13.63 -56.55 -96.87
C TYR G 572 -14.67 -57.05 -97.88
N GLU G 573 -14.27 -58.08 -98.63
CA GLU G 573 -15.17 -58.72 -99.59
C GLU G 573 -15.90 -59.90 -98.95
N ALA G 574 -15.16 -60.90 -98.46
CA ALA G 574 -15.71 -62.07 -97.81
C ALA G 574 -14.97 -62.30 -96.52
N ASN G 575 -15.68 -62.83 -95.51
CA ASN G 575 -15.14 -62.94 -94.16
C ASN G 575 -13.87 -63.77 -94.09
N LEU G 576 -13.57 -64.59 -95.09
CA LEU G 576 -12.31 -65.29 -95.20
C LEU G 576 -11.21 -64.44 -95.84
N THR G 577 -11.48 -63.16 -96.12
CA THR G 577 -10.50 -62.22 -96.66
C THR G 577 -10.26 -61.04 -95.72
N GLU G 578 -10.61 -61.17 -94.44
CA GLU G 578 -10.45 -60.06 -93.50
C GLU G 578 -8.99 -59.72 -93.29
N ASP G 579 -8.13 -60.74 -93.19
CA ASP G 579 -6.71 -60.56 -92.93
C ASP G 579 -5.89 -60.45 -94.21
N ALA G 580 -6.53 -60.14 -95.34
CA ALA G 580 -5.81 -60.08 -96.61
C ALA G 580 -4.91 -58.85 -96.70
N ASP G 581 -5.36 -57.72 -96.13
CA ASP G 581 -4.65 -56.45 -96.23
C ASP G 581 -4.05 -56.10 -94.88
N LYS G 582 -2.77 -56.44 -94.71
CA LYS G 582 -2.12 -56.38 -93.40
C LYS G 582 -1.70 -54.97 -93.00
N PRO G 583 -0.84 -54.26 -93.74
CA PRO G 583 -0.47 -52.90 -93.30
C PRO G 583 -1.58 -51.88 -93.47
N GLU G 584 -2.66 -52.21 -94.16
CA GLU G 584 -3.72 -51.23 -94.43
C GLU G 584 -4.55 -50.92 -93.20
N LEU G 585 -4.42 -51.71 -92.12
CA LEU G 585 -5.02 -51.31 -90.86
C LEU G 585 -4.45 -49.99 -90.38
N MET G 586 -3.13 -49.82 -90.48
CA MET G 586 -2.49 -48.57 -90.13
C MET G 586 -2.88 -47.45 -91.08
N ASP G 587 -3.14 -47.78 -92.35
CA ASP G 587 -3.61 -46.77 -93.29
C ASP G 587 -5.04 -46.37 -93.00
N ARG G 588 -5.87 -47.33 -92.58
CA ARG G 588 -7.22 -47.00 -92.11
C ARG G 588 -7.15 -46.09 -90.90
N LEU G 589 -6.28 -46.41 -89.94
CA LEU G 589 -6.14 -45.62 -88.72
C LEU G 589 -5.26 -44.39 -88.91
N LYS G 590 -4.63 -44.23 -90.07
CA LYS G 590 -3.77 -43.09 -90.39
C LYS G 590 -4.35 -41.70 -90.09
N PRO G 591 -5.64 -41.41 -90.32
CA PRO G 591 -6.08 -39.99 -90.23
C PRO G 591 -5.84 -39.31 -88.89
N PHE G 592 -5.72 -40.06 -87.79
CA PHE G 592 -5.57 -39.46 -86.47
C PHE G 592 -4.14 -39.58 -85.91
N PHE G 593 -3.19 -40.08 -86.70
CA PHE G 593 -1.78 -40.01 -86.30
C PHE G 593 -0.93 -39.85 -87.55
N ARG G 594 0.38 -39.89 -87.35
CA ARG G 594 1.38 -39.74 -88.39
C ARG G 594 2.50 -40.73 -88.16
N PRO G 595 3.39 -40.93 -89.15
CA PRO G 595 4.50 -41.88 -88.96
C PRO G 595 5.42 -41.51 -87.80
N GLU G 596 5.50 -40.22 -87.45
CA GLU G 596 6.28 -39.82 -86.28
C GLU G 596 5.70 -40.41 -85.00
N PHE G 597 4.40 -40.70 -84.98
CA PHE G 597 3.71 -41.33 -83.86
C PHE G 597 3.77 -42.85 -83.97
N LEU G 598 3.71 -43.37 -85.20
CA LEU G 598 3.67 -44.81 -85.41
C LEU G 598 5.03 -45.46 -85.15
N ASN G 599 6.10 -44.83 -85.62
CA ASN G 599 7.43 -45.43 -85.59
C ASN G 599 8.02 -45.53 -84.19
N ARG G 600 7.34 -45.02 -83.16
CA ARG G 600 7.80 -45.11 -81.78
C ARG G 600 7.28 -46.35 -81.05
N PHE G 601 6.61 -47.27 -81.76
CA PHE G 601 5.91 -48.38 -81.13
C PHE G 601 6.57 -49.71 -81.46
N ASN G 602 6.45 -50.66 -80.52
CA ASN G 602 7.18 -51.94 -80.58
C ASN G 602 6.38 -52.96 -81.37
N ALA G 603 6.41 -52.73 -82.68
CA ALA G 603 6.02 -53.53 -83.83
C ALA G 603 4.54 -53.66 -84.17
N VAL G 604 3.64 -53.98 -83.25
CA VAL G 604 2.35 -53.37 -82.95
C VAL G 604 1.64 -54.66 -82.56
N ILE G 605 0.50 -54.63 -81.86
CA ILE G 605 -0.30 -55.86 -81.69
C ILE G 605 -1.53 -55.78 -82.58
N GLU G 606 -1.73 -56.82 -83.40
CA GLU G 606 -2.65 -56.80 -84.54
C GLU G 606 -4.12 -56.76 -84.11
N PHE G 607 -5.00 -56.76 -85.11
CA PHE G 607 -6.44 -56.65 -84.88
C PHE G 607 -7.08 -58.01 -84.62
N SER G 608 -6.30 -59.09 -84.73
CA SER G 608 -6.77 -60.43 -85.11
C SER G 608 -8.10 -60.87 -84.52
N HIS G 609 -8.88 -61.60 -85.31
CA HIS G 609 -10.32 -61.73 -85.12
C HIS G 609 -10.63 -63.01 -84.37
N LEU G 610 -11.89 -63.13 -83.95
CA LEU G 610 -12.40 -64.38 -83.40
C LEU G 610 -12.68 -65.35 -84.55
N THR G 611 -12.12 -66.55 -84.45
CA THR G 611 -12.17 -67.55 -85.50
C THR G 611 -13.21 -68.60 -85.19
N LYS G 612 -13.78 -69.19 -86.26
CA LYS G 612 -14.58 -70.40 -86.11
C LYS G 612 -13.63 -71.58 -85.94
N GLU G 613 -13.13 -71.69 -84.71
CA GLU G 613 -12.12 -72.65 -84.29
C GLU G 613 -12.49 -72.95 -82.84
N ASP G 614 -11.54 -73.33 -82.00
CA ASP G 614 -11.88 -73.89 -80.68
C ASP G 614 -12.49 -72.80 -79.81
N LEU G 615 -13.78 -72.53 -80.07
CA LEU G 615 -14.60 -71.68 -79.21
C LEU G 615 -14.74 -72.25 -77.80
N SER G 616 -14.54 -73.56 -77.64
CA SER G 616 -14.83 -74.21 -76.36
C SER G 616 -13.94 -73.68 -75.24
N LYS G 617 -12.76 -73.16 -75.57
CA LYS G 617 -11.88 -72.64 -74.54
C LYS G 617 -12.51 -71.45 -73.82
N ILE G 618 -13.28 -70.61 -74.54
CA ILE G 618 -14.05 -69.58 -73.86
C ILE G 618 -15.15 -70.23 -73.02
N VAL G 619 -15.84 -71.23 -73.58
CA VAL G 619 -16.96 -71.85 -72.89
C VAL G 619 -16.46 -72.69 -71.71
N ASP G 620 -15.26 -73.26 -71.82
CA ASP G 620 -14.71 -74.02 -70.71
C ASP G 620 -14.40 -73.11 -69.53
N LEU G 621 -14.01 -71.85 -69.81
CA LEU G 621 -13.72 -70.91 -68.73
C LEU G 621 -15.00 -70.32 -68.15
N MET G 622 -15.96 -69.95 -69.01
CA MET G 622 -17.22 -69.40 -68.52
C MET G 622 -17.92 -70.38 -67.59
N LEU G 623 -18.03 -71.63 -68.01
CA LEU G 623 -18.65 -72.66 -67.18
C LEU G 623 -17.90 -72.81 -65.85
N ALA G 624 -16.57 -72.61 -65.87
CA ALA G 624 -15.81 -72.63 -64.63
C ALA G 624 -16.16 -71.42 -63.77
N GLU G 625 -16.44 -70.27 -64.40
CA GLU G 625 -16.84 -69.09 -63.64
C GLU G 625 -18.22 -69.26 -63.03
N VAL G 626 -19.08 -70.05 -63.67
CA VAL G 626 -20.40 -70.35 -63.11
C VAL G 626 -20.25 -71.08 -61.79
N ASN G 627 -19.49 -72.18 -61.79
CA ASN G 627 -19.34 -72.98 -60.58
C ASN G 627 -18.50 -72.27 -59.54
N GLN G 628 -17.50 -71.49 -59.97
CA GLN G 628 -16.74 -70.67 -59.02
C GLN G 628 -17.65 -69.66 -58.34
N THR G 629 -18.57 -69.06 -59.10
CA THR G 629 -19.58 -68.18 -58.50
C THR G 629 -20.48 -68.96 -57.56
N LEU G 630 -21.02 -70.08 -58.02
CA LEU G 630 -21.93 -70.87 -57.19
C LEU G 630 -21.21 -71.53 -56.02
N ALA G 631 -19.89 -71.71 -56.11
CA ALA G 631 -19.16 -72.43 -55.07
C ALA G 631 -19.15 -71.67 -53.74
N LYS G 632 -19.45 -70.37 -53.75
CA LYS G 632 -19.47 -69.61 -52.49
C LYS G 632 -20.52 -70.18 -51.54
N LYS G 633 -21.66 -70.61 -52.05
CA LYS G 633 -22.72 -71.22 -51.27
C LYS G 633 -22.66 -72.75 -51.30
N ASP G 634 -21.50 -73.31 -51.65
CA ASP G 634 -21.32 -74.76 -51.75
C ASP G 634 -22.30 -75.35 -52.77
N ILE G 635 -22.39 -74.69 -53.93
CA ILE G 635 -23.27 -75.09 -55.02
C ILE G 635 -22.38 -75.35 -56.23
N ASP G 636 -22.44 -76.59 -56.74
CA ASP G 636 -21.55 -77.01 -57.82
C ASP G 636 -22.28 -78.08 -58.62
N LEU G 637 -22.62 -77.77 -59.86
CA LEU G 637 -23.37 -78.65 -60.73
C LEU G 637 -22.46 -79.28 -61.78
N VAL G 638 -22.94 -80.39 -62.35
CA VAL G 638 -22.36 -80.91 -63.59
C VAL G 638 -22.87 -80.05 -64.73
N VAL G 639 -21.95 -79.58 -65.57
CA VAL G 639 -22.28 -78.75 -66.72
C VAL G 639 -21.75 -79.43 -67.97
N SER G 640 -22.65 -79.70 -68.91
CA SER G 640 -22.27 -80.42 -70.12
C SER G 640 -21.43 -79.54 -71.02
N GLN G 641 -20.44 -80.16 -71.68
CA GLN G 641 -19.66 -79.44 -72.69
C GLN G 641 -20.51 -79.11 -73.91
N ALA G 642 -21.64 -79.79 -74.10
CA ALA G 642 -22.56 -79.52 -75.21
C ALA G 642 -23.29 -78.18 -75.07
N ALA G 643 -23.07 -77.43 -73.99
CA ALA G 643 -23.59 -76.07 -73.89
C ALA G 643 -23.07 -75.19 -75.04
N LYS G 644 -21.90 -75.52 -75.59
CA LYS G 644 -21.36 -74.77 -76.71
C LYS G 644 -22.30 -74.78 -77.92
N ASP G 645 -23.03 -75.89 -78.13
CA ASP G 645 -23.79 -76.08 -79.35
C ASP G 645 -24.87 -75.03 -79.57
N TYR G 646 -25.35 -74.41 -78.48
CA TYR G 646 -26.36 -73.36 -78.54
C TYR G 646 -25.74 -71.97 -78.40
N ILE G 647 -24.58 -71.86 -77.77
CA ILE G 647 -23.90 -70.59 -77.57
C ILE G 647 -23.26 -70.11 -78.85
N THR G 648 -22.41 -70.94 -79.46
CA THR G 648 -21.60 -70.55 -80.59
C THR G 648 -22.44 -70.11 -81.78
N GLU G 649 -23.68 -70.60 -81.90
CA GLU G 649 -24.59 -70.22 -83.00
C GLU G 649 -24.62 -68.71 -83.22
N GLU G 650 -24.50 -67.92 -82.14
CA GLU G 650 -24.23 -66.49 -82.23
C GLU G 650 -22.81 -66.12 -81.85
N GLY G 651 -22.11 -66.97 -81.08
CA GLY G 651 -20.78 -66.64 -80.60
C GLY G 651 -19.77 -66.33 -81.69
N TYR G 652 -19.60 -67.22 -82.66
CA TYR G 652 -18.58 -67.02 -83.70
C TYR G 652 -19.05 -66.10 -84.83
N ASP G 653 -20.08 -65.30 -84.61
CA ASP G 653 -20.48 -64.29 -85.57
C ASP G 653 -19.37 -63.25 -85.70
N GLU G 654 -18.82 -63.10 -86.91
CA GLU G 654 -17.71 -62.18 -87.12
C GLU G 654 -18.11 -60.72 -86.90
N VAL G 655 -19.40 -60.41 -86.98
CA VAL G 655 -19.86 -59.03 -86.80
C VAL G 655 -19.53 -58.55 -85.39
N MET G 656 -19.73 -59.40 -84.39
CA MET G 656 -19.66 -59.01 -82.99
C MET G 656 -18.36 -59.43 -82.31
N GLY G 657 -17.82 -60.60 -82.64
CA GLY G 657 -16.67 -61.12 -81.92
C GLY G 657 -17.10 -61.88 -80.68
N VAL G 658 -16.37 -61.69 -79.59
CA VAL G 658 -16.76 -62.29 -78.31
C VAL G 658 -17.68 -61.29 -77.62
N ARG G 659 -18.88 -61.09 -78.17
CA ARG G 659 -19.98 -60.45 -77.44
C ARG G 659 -20.99 -61.44 -76.89
N PRO G 660 -21.56 -62.36 -77.68
CA PRO G 660 -22.63 -63.22 -77.12
C PRO G 660 -22.17 -64.24 -76.10
N LEU G 661 -20.87 -64.50 -75.97
CA LEU G 661 -20.41 -65.63 -75.19
C LEU G 661 -20.84 -65.52 -73.73
N ARG G 662 -20.60 -64.36 -73.11
CA ARG G 662 -21.03 -64.16 -71.73
C ARG G 662 -22.53 -63.96 -71.61
N ARG G 663 -23.17 -63.40 -72.65
CA ARG G 663 -24.58 -63.06 -72.54
C ARG G 663 -25.46 -64.31 -72.60
N VAL G 664 -25.04 -65.34 -73.34
CA VAL G 664 -25.85 -66.55 -73.45
C VAL G 664 -25.68 -67.41 -72.20
N VAL G 665 -24.45 -67.57 -71.72
CA VAL G 665 -24.21 -68.40 -70.54
C VAL G 665 -24.87 -67.81 -69.31
N GLU G 666 -24.67 -66.51 -69.08
CA GLU G 666 -25.17 -65.89 -67.87
C GLU G 666 -26.70 -65.84 -67.84
N GLN G 667 -27.34 -66.02 -69.01
CA GLN G 667 -28.79 -66.12 -69.06
C GLN G 667 -29.25 -67.57 -69.02
N GLU G 668 -28.54 -68.47 -69.72
CA GLU G 668 -29.02 -69.83 -69.92
C GLU G 668 -28.98 -70.64 -68.63
N ILE G 669 -27.85 -70.63 -67.93
CA ILE G 669 -27.67 -71.49 -66.75
C ILE G 669 -28.17 -70.81 -65.48
N ARG G 670 -27.89 -69.50 -65.35
CA ARG G 670 -28.11 -68.77 -64.10
C ARG G 670 -29.55 -68.89 -63.61
N ASP G 671 -30.51 -68.77 -64.53
CA ASP G 671 -31.91 -68.78 -64.13
C ASP G 671 -32.39 -70.18 -63.78
N LYS G 672 -31.84 -71.21 -64.44
CA LYS G 672 -32.28 -72.58 -64.20
C LYS G 672 -31.75 -73.09 -62.86
N VAL G 673 -30.49 -72.77 -62.54
CA VAL G 673 -29.95 -73.16 -61.24
C VAL G 673 -30.66 -72.40 -60.11
N THR G 674 -31.26 -71.26 -60.41
CA THR G 674 -32.00 -70.51 -59.41
C THR G 674 -33.33 -71.16 -59.10
N ASP G 675 -33.94 -71.82 -60.08
CA ASP G 675 -35.28 -72.37 -59.89
C ASP G 675 -35.25 -73.63 -59.03
N PHE G 676 -34.11 -74.35 -59.02
CA PHE G 676 -34.04 -75.62 -58.30
C PHE G 676 -33.50 -75.46 -56.88
N HIS G 677 -32.78 -74.37 -56.59
CA HIS G 677 -32.46 -74.08 -55.20
C HIS G 677 -33.71 -73.90 -54.35
N LEU G 678 -34.82 -73.51 -54.98
CA LEU G 678 -36.12 -73.39 -54.33
C LEU G 678 -36.69 -74.75 -53.92
N ASP G 679 -36.43 -75.80 -54.67
CA ASP G 679 -36.74 -77.16 -54.25
C ASP G 679 -35.73 -77.71 -53.26
N HIS G 680 -34.70 -76.93 -52.92
CA HIS G 680 -33.67 -77.33 -51.97
C HIS G 680 -32.98 -78.61 -52.42
N LEU G 681 -32.69 -78.68 -53.71
CA LEU G 681 -32.02 -79.82 -54.30
C LEU G 681 -30.51 -79.64 -54.23
N ASP G 682 -29.81 -80.73 -53.93
CA ASP G 682 -28.35 -80.69 -53.78
C ASP G 682 -27.73 -80.60 -55.17
N ALA G 683 -26.91 -79.56 -55.38
CA ALA G 683 -26.33 -79.31 -56.70
C ALA G 683 -25.42 -80.45 -57.15
N LYS G 684 -24.78 -81.14 -56.21
CA LYS G 684 -23.80 -82.15 -56.57
C LYS G 684 -24.41 -83.35 -57.30
N HIS G 685 -25.74 -83.48 -57.30
CA HIS G 685 -26.44 -84.53 -58.02
C HIS G 685 -27.38 -83.99 -59.09
N LEU G 686 -27.18 -82.76 -59.54
CA LEU G 686 -27.93 -82.17 -60.65
C LEU G 686 -27.00 -82.04 -61.86
N GLU G 687 -27.55 -82.29 -63.05
CA GLU G 687 -26.78 -82.28 -64.29
C GLU G 687 -27.42 -81.34 -65.29
N ALA G 688 -26.68 -80.30 -65.68
CA ALA G 688 -27.15 -79.33 -66.67
C ALA G 688 -27.02 -79.97 -68.05
N ASP G 689 -28.15 -80.47 -68.56
CA ASP G 689 -28.22 -81.26 -69.78
C ASP G 689 -29.28 -80.65 -70.69
N MET G 690 -28.82 -80.02 -71.77
CA MET G 690 -29.72 -79.30 -72.67
C MET G 690 -30.47 -80.26 -73.58
N GLU G 691 -31.67 -79.84 -73.99
CA GLU G 691 -32.52 -80.60 -74.91
C GLU G 691 -33.13 -79.63 -75.91
N ASP G 692 -32.79 -79.79 -77.18
CA ASP G 692 -33.35 -78.98 -78.27
C ASP G 692 -33.11 -77.49 -78.03
N GLY G 693 -31.88 -77.14 -77.65
CA GLY G 693 -31.52 -75.77 -77.41
C GLY G 693 -32.04 -75.18 -76.11
N VAL G 694 -32.77 -75.95 -75.32
CA VAL G 694 -33.32 -75.50 -74.04
C VAL G 694 -32.58 -76.24 -72.93
N LEU G 695 -32.18 -75.52 -71.89
CA LEU G 695 -31.53 -76.16 -70.76
C LEU G 695 -32.55 -76.79 -69.83
N VAL G 696 -32.47 -78.11 -69.69
CA VAL G 696 -33.22 -78.87 -68.69
C VAL G 696 -32.21 -79.51 -67.74
N ILE G 697 -31.94 -78.87 -66.62
CA ILE G 697 -31.04 -79.42 -65.61
C ILE G 697 -31.72 -80.67 -65.03
N ARG G 698 -30.99 -81.77 -64.98
CA ARG G 698 -31.52 -83.05 -64.52
C ARG G 698 -31.72 -83.06 -63.02
N LEU H 76 -30.02 4.14 34.17
CA LEU H 76 -28.64 3.80 34.49
C LEU H 76 -28.47 2.36 34.99
N ALA H 77 -29.51 1.55 34.86
CA ALA H 77 -29.46 0.14 35.27
C ALA H 77 -28.79 -0.69 34.17
N LYS H 78 -27.53 -0.34 33.88
CA LYS H 78 -26.85 -0.86 32.69
C LYS H 78 -25.55 -1.63 32.93
N LEU H 79 -24.69 -1.36 33.93
CA LEU H 79 -24.50 -0.27 34.94
C LEU H 79 -25.37 -0.27 36.20
N GLY H 80 -26.28 -1.21 36.38
CA GLY H 80 -27.01 -1.30 37.63
C GLY H 80 -28.22 -2.21 37.62
N ARG H 81 -29.20 -1.84 38.44
CA ARG H 81 -30.39 -2.63 38.71
C ARG H 81 -31.57 -1.69 38.86
N ASN H 82 -32.52 -1.77 37.92
CA ASN H 82 -33.73 -0.93 37.96
C ASN H 82 -34.69 -1.58 38.94
N LEU H 83 -34.89 -0.93 40.10
CA LEU H 83 -35.68 -1.53 41.17
C LEU H 83 -37.18 -1.38 40.94
N THR H 84 -37.61 -0.27 40.33
CA THR H 84 -39.03 -0.12 40.02
C THR H 84 -39.47 -1.06 38.90
N ALA H 85 -38.59 -1.31 37.94
CA ALA H 85 -38.91 -2.28 36.88
C ALA H 85 -39.14 -3.66 37.46
N GLU H 86 -38.33 -4.07 38.44
CA GLU H 86 -38.57 -5.34 39.11
C GLU H 86 -39.80 -5.26 40.00
N ALA H 87 -40.17 -4.05 40.45
CA ALA H 87 -41.42 -3.87 41.18
C ALA H 87 -42.61 -3.97 40.24
N ARG H 88 -42.49 -3.42 39.02
CA ARG H 88 -43.58 -3.53 38.05
C ARG H 88 -43.82 -4.97 37.62
N GLU H 89 -42.82 -5.84 37.74
CA GLU H 89 -42.95 -7.25 37.34
C GLU H 89 -43.32 -8.16 38.51
N GLY H 90 -43.56 -7.62 39.69
CA GLY H 90 -43.89 -8.45 40.83
C GLY H 90 -42.75 -9.31 41.33
N LYS H 91 -41.51 -8.80 41.26
CA LYS H 91 -40.32 -9.55 41.64
C LYS H 91 -39.90 -9.33 43.09
N LEU H 92 -40.66 -8.56 43.87
CA LEU H 92 -40.27 -8.18 45.22
C LEU H 92 -40.93 -9.08 46.26
N ASP H 93 -40.35 -9.08 47.46
CA ASP H 93 -40.90 -9.80 48.61
C ASP H 93 -41.83 -8.86 49.39
N PRO H 94 -43.16 -9.01 49.29
CA PRO H 94 -44.02 -8.06 50.02
C PRO H 94 -44.01 -8.28 51.53
N VAL H 95 -42.95 -7.77 52.16
CA VAL H 95 -42.85 -7.76 53.61
C VAL H 95 -43.55 -6.51 54.13
N ILE H 96 -44.32 -6.66 55.21
CA ILE H 96 -45.06 -5.56 55.81
C ILE H 96 -44.72 -5.50 57.29
N GLY H 97 -45.34 -4.55 57.99
CA GLY H 97 -44.92 -4.14 59.31
C GLY H 97 -43.90 -3.03 59.31
N ARG H 98 -43.21 -2.83 58.19
CA ARG H 98 -42.31 -1.71 57.99
C ARG H 98 -43.01 -0.51 57.36
N ASN H 99 -44.34 -0.44 57.47
CA ASN H 99 -45.09 0.62 56.81
C ASN H 99 -44.74 1.99 57.36
N LYS H 100 -44.40 2.07 58.66
CA LYS H 100 -44.02 3.33 59.27
C LYS H 100 -42.77 3.93 58.64
N GLU H 101 -41.88 3.09 58.11
CA GLU H 101 -40.69 3.60 57.44
C GLU H 101 -41.00 4.01 56.00
N ILE H 102 -42.09 3.48 55.43
CA ILE H 102 -42.63 4.06 54.19
C ILE H 102 -43.34 5.37 54.51
N GLN H 103 -44.04 5.43 55.64
CA GLN H 103 -44.60 6.69 56.09
C GLN H 103 -43.51 7.71 56.33
N GLU H 104 -42.38 7.26 56.89
CA GLU H 104 -41.23 8.14 57.03
C GLU H 104 -40.58 8.43 55.69
N ALA H 105 -40.81 7.56 54.70
CA ALA H 105 -40.38 7.85 53.32
C ALA H 105 -41.32 8.83 52.61
N SER H 106 -42.35 9.33 53.28
CA SER H 106 -43.14 10.42 52.71
C SER H 106 -42.27 11.65 52.48
N GLU H 107 -41.31 11.91 53.38
CA GLU H 107 -40.37 13.01 53.19
C GLU H 107 -39.25 12.65 52.23
N ILE H 108 -38.84 11.37 52.21
CA ILE H 108 -37.78 10.95 51.30
C ILE H 108 -38.18 11.24 49.85
N LEU H 109 -39.46 11.04 49.54
CA LEU H 109 -39.93 11.21 48.16
C LEU H 109 -40.32 12.64 47.85
N SER H 110 -40.69 13.44 48.87
CA SER H 110 -41.40 14.69 48.65
C SER H 110 -40.55 15.95 48.79
N ARG H 111 -39.52 15.94 49.63
CA ARG H 111 -38.74 17.15 49.86
C ARG H 111 -38.13 17.66 48.57
N ARG H 112 -38.44 18.91 48.22
CA ARG H 112 -38.07 19.44 46.91
C ARG H 112 -36.59 19.78 46.80
N THR H 113 -35.93 20.09 47.92
CA THR H 113 -34.52 20.45 47.89
C THR H 113 -33.88 20.05 49.22
N LYS H 114 -32.57 19.86 49.17
CA LYS H 114 -31.80 19.43 50.34
C LYS H 114 -32.40 18.16 50.93
N ASN H 115 -32.72 17.22 50.04
CA ASN H 115 -33.71 16.19 50.29
C ASN H 115 -33.12 14.78 50.36
N ASN H 116 -31.80 14.66 50.55
CA ASN H 116 -31.15 13.36 50.51
C ASN H 116 -31.10 12.77 51.93
N PRO H 117 -31.97 11.80 52.27
CA PRO H 117 -32.02 11.33 53.67
C PRO H 117 -30.75 10.61 54.12
N VAL H 118 -30.79 10.14 55.36
CA VAL H 118 -29.72 9.37 55.98
C VAL H 118 -30.36 8.15 56.65
N LEU H 119 -30.44 7.05 55.92
CA LEU H 119 -31.01 5.80 56.39
C LEU H 119 -29.99 5.07 57.26
N VAL H 120 -30.46 4.12 58.08
CA VAL H 120 -29.58 3.32 58.95
C VAL H 120 -30.09 1.89 58.96
N GLY H 121 -29.18 0.93 59.07
CA GLY H 121 -29.57 -0.48 59.15
C GLY H 121 -28.39 -1.41 59.16
N ASP H 122 -28.70 -2.71 59.30
CA ASP H 122 -27.71 -3.80 59.27
C ASP H 122 -27.48 -4.26 57.82
N ALA H 123 -26.36 -4.95 57.60
CA ALA H 123 -26.02 -5.49 56.28
C ALA H 123 -27.09 -6.47 55.85
N GLY H 124 -27.74 -6.19 54.73
CA GLY H 124 -28.88 -7.00 54.31
C GLY H 124 -30.01 -7.05 55.30
N VAL H 125 -30.17 -6.01 56.13
CA VAL H 125 -31.29 -5.94 57.06
C VAL H 125 -32.61 -5.95 56.31
N GLY H 126 -32.63 -5.40 55.09
CA GLY H 126 -33.83 -5.15 54.35
C GLY H 126 -34.31 -3.72 54.44
N LYS H 127 -33.40 -2.78 54.66
CA LYS H 127 -33.75 -1.37 54.52
C LYS H 127 -33.71 -0.98 53.06
N THR H 128 -32.95 -1.72 52.25
CA THR H 128 -33.18 -1.76 50.82
C THR H 128 -34.61 -2.22 50.52
N ALA H 129 -35.08 -3.23 51.25
CA ALA H 129 -36.43 -3.75 51.01
C ALA H 129 -37.49 -2.71 51.36
N VAL H 130 -37.17 -1.77 52.26
CA VAL H 130 -38.06 -0.63 52.49
C VAL H 130 -38.16 0.22 51.23
N VAL H 131 -37.01 0.59 50.66
CA VAL H 131 -37.01 1.43 49.47
C VAL H 131 -37.58 0.64 48.29
N GLU H 132 -37.35 -0.67 48.25
CA GLU H 132 -38.09 -1.51 47.31
C GLU H 132 -39.58 -1.51 47.68
N GLY H 133 -39.88 -1.56 48.97
CA GLY H 133 -41.25 -1.35 49.41
C GLY H 133 -41.77 0.03 49.07
N LEU H 134 -40.88 1.02 49.04
CA LEU H 134 -41.25 2.33 48.53
C LEU H 134 -41.47 2.28 47.02
N ALA H 135 -40.57 1.61 46.30
CA ALA H 135 -40.76 1.41 44.87
C ALA H 135 -42.07 0.70 44.58
N GLN H 136 -42.40 -0.32 45.37
CA GLN H 136 -43.70 -0.98 45.25
C GLN H 136 -44.83 0.02 45.47
N ALA H 137 -44.66 0.92 46.44
CA ALA H 137 -45.69 1.94 46.68
C ALA H 137 -45.82 2.90 45.51
N ILE H 138 -44.71 3.14 44.79
CA ILE H 138 -44.77 4.02 43.63
C ILE H 138 -45.49 3.33 42.47
N VAL H 139 -45.22 2.05 42.25
CA VAL H 139 -45.86 1.32 41.16
C VAL H 139 -47.37 1.25 41.39
N ASN H 140 -47.78 0.90 42.61
CA ASN H 140 -49.19 0.74 42.94
C ASN H 140 -49.91 2.04 43.22
N GLY H 141 -49.23 3.18 43.14
CA GLY H 141 -49.87 4.45 43.43
C GLY H 141 -50.26 4.61 44.88
N ASP H 142 -49.49 4.05 45.80
CA ASP H 142 -49.65 4.26 47.24
C ASP H 142 -48.79 5.42 47.73
N VAL H 143 -48.54 6.40 46.87
CA VAL H 143 -47.64 7.52 47.15
C VAL H 143 -48.31 8.79 46.61
N PRO H 144 -47.91 9.96 47.12
CA PRO H 144 -48.49 11.20 46.59
C PRO H 144 -47.95 11.50 45.19
N ALA H 145 -48.52 12.55 44.59
CA ALA H 145 -48.16 12.93 43.22
C ALA H 145 -46.75 13.50 43.12
N ALA H 146 -46.11 13.83 44.25
CA ALA H 146 -44.76 14.38 44.21
C ALA H 146 -43.76 13.43 43.57
N ILE H 147 -44.03 12.13 43.62
CA ILE H 147 -43.10 11.08 43.20
C ILE H 147 -43.68 10.27 42.04
N LYS H 148 -44.70 10.77 41.36
CA LYS H 148 -45.29 10.01 40.26
C LYS H 148 -44.29 9.86 39.12
N ASN H 149 -44.19 8.63 38.61
CA ASN H 149 -43.33 8.32 37.46
C ASN H 149 -41.87 8.61 37.74
N LYS H 150 -41.44 8.39 38.99
CA LYS H 150 -40.04 8.54 39.38
C LYS H 150 -39.43 7.15 39.54
N GLU H 151 -38.52 6.82 38.63
CA GLU H 151 -37.86 5.52 38.61
C GLU H 151 -36.74 5.50 39.65
N ILE H 152 -36.44 4.30 40.16
CA ILE H 152 -35.34 4.09 41.10
C ILE H 152 -34.37 3.12 40.43
N VAL H 153 -33.08 3.42 40.53
CA VAL H 153 -32.01 2.55 40.03
C VAL H 153 -30.95 2.42 41.12
N SER H 154 -30.51 1.19 41.36
CA SER H 154 -29.43 0.95 42.31
C SER H 154 -28.09 1.07 41.59
N ILE H 155 -27.29 2.06 41.98
CA ILE H 155 -25.99 2.30 41.38
C ILE H 155 -24.97 1.55 42.22
N ASP H 156 -24.23 0.64 41.57
CA ASP H 156 -23.36 -0.31 42.26
C ASP H 156 -21.96 0.30 42.37
N ILE H 157 -21.70 0.96 43.49
CA ILE H 157 -20.38 1.52 43.73
C ILE H 157 -19.35 0.41 43.98
N SER H 158 -19.78 -0.77 44.41
CA SER H 158 -18.85 -1.87 44.60
C SER H 158 -18.21 -2.33 43.30
N GLY H 159 -18.83 -2.05 42.16
CA GLY H 159 -18.23 -2.24 40.86
C GLY H 159 -17.39 -1.09 40.39
N LEU H 160 -16.95 -0.21 41.29
CA LEU H 160 -16.09 0.90 40.92
C LEU H 160 -14.79 0.37 40.34
N GLU H 161 -14.29 1.04 39.29
CA GLU H 161 -13.06 0.70 38.58
C GLU H 161 -13.15 -0.62 37.81
N ALA H 162 -14.33 -1.24 37.73
CA ALA H 162 -14.45 -2.52 37.04
C ALA H 162 -14.34 -2.31 35.53
N GLY H 163 -13.36 -2.97 34.93
CA GLY H 163 -13.13 -2.88 33.51
C GLY H 163 -12.06 -1.91 33.08
N THR H 164 -11.50 -1.13 34.01
CA THR H 164 -10.43 -0.20 33.69
C THR H 164 -9.06 -0.86 33.61
N GLN H 165 -8.91 -2.07 34.14
CA GLN H 165 -7.63 -2.78 34.28
C GLN H 165 -6.62 -2.02 35.15
N TYR H 166 -7.05 -0.97 35.85
CA TYR H 166 -6.16 -0.03 36.53
C TYR H 166 -5.12 0.56 35.57
N ARG H 167 -5.47 0.69 34.29
CA ARG H 167 -4.69 1.39 33.29
C ARG H 167 -5.42 2.58 32.70
N GLY H 168 -6.74 2.54 32.65
CA GLY H 168 -7.57 3.59 32.07
C GLY H 168 -8.14 4.53 33.12
N SER H 169 -9.42 4.88 32.95
CA SER H 169 -10.09 5.79 33.86
C SER H 169 -11.55 5.37 34.01
N PHE H 170 -12.15 5.82 35.12
CA PHE H 170 -13.57 5.64 35.41
C PHE H 170 -14.31 6.94 35.63
N GLU H 171 -13.61 8.05 35.91
CA GLU H 171 -14.27 9.26 36.38
C GLU H 171 -15.24 9.81 35.34
N GLU H 172 -15.04 9.48 34.07
CA GLU H 172 -16.00 9.86 33.03
C GLU H 172 -17.24 8.99 33.05
N ASN H 173 -17.12 7.71 33.40
CA ASN H 173 -18.28 6.86 33.59
C ASN H 173 -19.12 7.28 34.79
N VAL H 174 -18.57 8.10 35.68
CA VAL H 174 -19.32 8.74 36.76
C VAL H 174 -20.08 9.95 36.26
N GLN H 175 -19.38 10.86 35.57
CA GLN H 175 -20.04 11.99 34.92
C GLN H 175 -21.06 11.51 33.88
N ASN H 176 -20.88 10.31 33.34
CA ASN H 176 -21.87 9.72 32.45
C ASN H 176 -23.08 9.18 33.20
N LEU H 177 -22.97 8.91 34.50
CA LEU H 177 -24.18 8.68 35.28
C LEU H 177 -25.01 9.96 35.35
N VAL H 178 -24.34 11.09 35.62
CA VAL H 178 -25.02 12.39 35.66
C VAL H 178 -25.63 12.71 34.30
N ASN H 179 -24.88 12.47 33.22
CA ASN H 179 -25.27 12.95 31.90
C ASN H 179 -26.58 12.35 31.40
N GLU H 180 -26.94 11.14 31.83
CA GLU H 180 -28.23 10.59 31.44
C GLU H 180 -29.37 11.13 32.31
N VAL H 181 -29.20 11.08 33.64
CA VAL H 181 -30.34 11.34 34.53
C VAL H 181 -30.66 12.82 34.65
N LYS H 182 -29.67 13.70 34.44
CA LYS H 182 -29.95 15.14 34.48
C LYS H 182 -30.94 15.53 33.39
N GLU H 183 -30.84 14.90 32.21
CA GLU H 183 -31.71 15.19 31.08
C GLU H 183 -32.79 14.14 30.87
N ALA H 184 -32.56 12.89 31.27
CA ALA H 184 -33.61 11.89 31.17
C ALA H 184 -34.81 12.27 32.01
N GLY H 185 -34.57 12.88 33.16
CA GLY H 185 -35.65 13.39 33.98
C GLY H 185 -36.36 12.31 34.78
N ASN H 186 -36.66 12.66 36.04
CA ASN H 186 -37.50 11.83 36.91
C ASN H 186 -36.82 10.50 37.23
N ILE H 187 -35.55 10.56 37.64
CA ILE H 187 -34.79 9.40 38.09
C ILE H 187 -34.43 9.58 39.56
N ILE H 188 -34.67 8.54 40.35
CA ILE H 188 -34.15 8.41 41.70
C ILE H 188 -33.01 7.41 41.64
N LEU H 189 -32.02 7.56 42.51
CA LEU H 189 -30.88 6.65 42.58
C LEU H 189 -30.73 6.12 44.01
N PHE H 190 -30.18 4.90 44.11
CA PHE H 190 -30.18 4.17 45.37
C PHE H 190 -28.81 3.55 45.63
N PHE H 191 -28.48 3.38 46.92
CA PHE H 191 -27.37 2.53 47.33
C PHE H 191 -27.78 1.70 48.55
N ASP H 192 -27.18 0.52 48.66
CA ASP H 192 -27.41 -0.32 49.84
C ASP H 192 -26.77 0.29 51.07
N ALA H 193 -25.46 0.54 51.03
CA ALA H 193 -24.76 1.18 52.13
C ALA H 193 -23.49 1.81 51.58
N ILE H 194 -23.29 3.10 51.87
CA ILE H 194 -22.10 3.83 51.46
C ILE H 194 -21.53 4.59 52.65
N HIS H 195 -20.22 4.45 52.83
CA HIS H 195 -19.38 5.49 53.42
C HIS H 195 -18.20 5.79 52.50
N GLN H 196 -17.85 4.82 51.63
CA GLN H 196 -16.64 4.88 50.82
C GLN H 196 -16.71 5.91 49.70
N ILE H 197 -17.86 6.53 49.45
CA ILE H 197 -17.96 7.52 48.38
C ILE H 197 -17.04 8.70 48.64
N LEU H 198 -16.88 9.07 49.90
CA LEU H 198 -16.08 10.23 50.27
C LEU H 198 -14.58 9.94 50.28
N GLY H 199 -14.15 8.77 49.82
CA GLY H 199 -12.73 8.54 49.59
C GLY H 199 -12.17 9.50 48.56
N ALA H 200 -12.86 9.62 47.42
CA ALA H 200 -12.61 10.71 46.46
C ALA H 200 -13.40 11.94 46.93
N GLY H 201 -13.03 12.42 48.12
CA GLY H 201 -13.77 13.47 48.78
C GLY H 201 -13.17 13.79 50.14
N SER H 202 -14.05 13.91 51.13
CA SER H 202 -13.67 14.22 52.51
C SER H 202 -14.16 13.11 53.42
N THR H 203 -13.25 12.25 53.86
CA THR H 203 -13.57 11.16 54.78
C THR H 203 -12.45 11.04 55.81
N GLY H 204 -12.45 9.93 56.55
CA GLY H 204 -11.52 9.72 57.62
C GLY H 204 -10.30 8.89 57.24
N GLY H 205 -10.27 7.63 57.68
CA GLY H 205 -9.11 6.78 57.47
C GLY H 205 -8.87 6.45 56.02
N ASP H 206 -9.92 6.42 55.20
CA ASP H 206 -9.80 6.08 53.78
C ASP H 206 -9.86 7.34 52.90
N SER H 207 -9.27 8.44 53.36
CA SER H 207 -9.21 9.66 52.57
C SER H 207 -8.18 9.53 51.46
N GLY H 208 -8.54 10.04 50.28
CA GLY H 208 -7.66 10.01 49.12
C GLY H 208 -7.87 8.84 48.19
N SER H 209 -8.61 7.82 48.62
CA SER H 209 -8.91 6.70 47.74
C SER H 209 -9.88 7.13 46.64
N LYS H 210 -10.22 6.17 45.78
CA LYS H 210 -11.11 6.45 44.67
C LYS H 210 -12.57 6.27 45.08
N GLY H 211 -13.43 7.08 44.48
CA GLY H 211 -14.83 7.07 44.82
C GLY H 211 -15.64 7.82 43.79
N LEU H 212 -16.81 8.31 44.23
CA LEU H 212 -17.69 9.10 43.38
C LEU H 212 -17.88 10.54 43.84
N ALA H 213 -17.49 10.86 45.08
CA ALA H 213 -17.91 12.14 45.68
C ALA H 213 -17.36 13.35 44.93
N ASP H 214 -16.21 13.22 44.26
CA ASP H 214 -15.68 14.36 43.52
C ASP H 214 -16.61 14.82 42.41
N ILE H 215 -17.47 13.93 41.89
CA ILE H 215 -18.46 14.29 40.88
C ILE H 215 -19.82 14.54 41.52
N LEU H 216 -20.12 13.86 42.64
CA LEU H 216 -21.45 13.96 43.23
C LEU H 216 -21.53 15.09 44.26
N LYS H 217 -20.42 15.41 44.93
CA LYS H 217 -20.41 16.50 45.90
C LYS H 217 -20.74 17.82 45.21
N PRO H 218 -20.23 18.10 44.00
CA PRO H 218 -20.84 19.19 43.22
C PRO H 218 -22.31 18.96 42.90
N ALA H 219 -22.67 17.73 42.53
CA ALA H 219 -24.08 17.44 42.20
C ALA H 219 -24.97 17.65 43.41
N LEU H 220 -24.46 17.39 44.62
CA LEU H 220 -25.22 17.75 45.82
C LEU H 220 -25.33 19.25 45.96
N SER H 221 -24.22 19.97 45.77
CA SER H 221 -24.25 21.43 45.88
C SER H 221 -25.14 22.05 44.82
N ARG H 222 -25.13 21.50 43.60
CA ARG H 222 -25.99 22.00 42.54
C ARG H 222 -27.45 21.63 42.75
N GLY H 223 -27.71 20.49 43.38
CA GLY H 223 -29.07 20.00 43.52
C GLY H 223 -29.55 19.19 42.33
N GLU H 224 -28.64 18.57 41.60
CA GLU H 224 -28.99 17.79 40.42
C GLU H 224 -29.39 16.37 40.77
N LEU H 225 -28.55 15.67 41.56
CA LEU H 225 -28.72 14.25 41.84
C LEU H 225 -28.99 14.05 43.33
N THR H 226 -30.00 13.23 43.63
CA THR H 226 -30.27 12.75 44.99
C THR H 226 -30.16 11.23 44.97
N VAL H 227 -29.22 10.69 45.74
CA VAL H 227 -28.97 9.26 45.84
C VAL H 227 -29.13 8.84 47.29
N ILE H 228 -29.86 7.74 47.52
CA ILE H 228 -30.43 7.43 48.83
C ILE H 228 -30.06 6.02 49.26
N GLY H 229 -29.88 5.86 50.57
CA GLY H 229 -29.48 4.58 51.12
C GLY H 229 -29.00 4.73 52.55
N ALA H 230 -28.54 3.62 53.12
CA ALA H 230 -28.30 3.50 54.55
C ALA H 230 -26.82 3.30 54.87
N THR H 231 -26.50 3.43 56.15
CA THR H 231 -25.15 3.17 56.67
C THR H 231 -25.25 2.93 58.17
N THR H 232 -24.11 2.98 58.85
CA THR H 232 -24.05 2.91 60.30
C THR H 232 -24.27 4.30 60.88
N GLN H 233 -25.11 4.39 61.93
CA GLN H 233 -25.44 5.70 62.50
C GLN H 233 -24.22 6.40 63.08
N ASP H 234 -23.26 5.64 63.61
CA ASP H 234 -22.02 6.20 64.12
C ASP H 234 -21.05 6.60 63.02
N GLU H 235 -21.14 6.00 61.84
CA GLU H 235 -20.33 6.44 60.71
C GLU H 235 -20.77 7.82 60.21
N TYR H 236 -22.01 8.22 60.50
CA TYR H 236 -22.50 9.53 60.12
C TYR H 236 -21.71 10.68 60.73
N ARG H 237 -20.94 10.43 61.78
CA ARG H 237 -20.16 11.47 62.45
C ARG H 237 -19.25 12.23 61.49
N ASN H 238 -18.82 11.62 60.40
CA ASN H 238 -17.92 12.25 59.44
C ASN H 238 -18.58 13.37 58.63
N THR H 239 -19.88 13.63 58.86
CA THR H 239 -20.54 14.79 58.25
C THR H 239 -19.80 16.08 58.55
N ILE H 240 -19.23 16.18 59.75
CA ILE H 240 -18.57 17.41 60.19
C ILE H 240 -17.40 17.79 59.29
N LEU H 241 -16.80 16.81 58.59
CA LEU H 241 -15.68 17.10 57.72
C LEU H 241 -16.07 18.04 56.59
N LYS H 242 -17.19 17.78 55.92
CA LYS H 242 -17.73 18.63 54.86
C LYS H 242 -19.22 18.82 55.12
N ASN H 243 -19.56 19.27 56.32
CA ASN H 243 -20.94 19.61 56.66
C ASN H 243 -21.59 20.55 55.64
N ALA H 244 -20.82 21.45 55.04
CA ALA H 244 -21.38 22.40 54.08
C ALA H 244 -22.02 21.70 52.88
N ALA H 245 -21.49 20.54 52.49
CA ALA H 245 -22.08 19.73 51.42
C ALA H 245 -23.01 18.65 51.93
N LEU H 246 -22.75 18.10 53.12
CA LEU H 246 -23.49 16.96 53.64
C LEU H 246 -24.55 17.37 54.66
N ALA H 247 -24.19 18.21 55.64
CA ALA H 247 -25.17 18.63 56.64
C ALA H 247 -26.23 19.54 56.02
N ARG H 248 -25.83 20.39 55.07
CA ARG H 248 -26.76 21.30 54.42
C ARG H 248 -27.52 20.67 53.26
N ARG H 249 -27.46 19.33 53.12
CA ARG H 249 -28.19 18.62 52.08
C ARG H 249 -28.92 17.38 52.59
N PHE H 250 -28.83 17.07 53.88
CA PHE H 250 -29.31 15.80 54.43
C PHE H 250 -30.35 16.01 55.53
N ASN H 251 -31.05 14.91 55.83
CA ASN H 251 -32.02 14.83 56.92
C ASN H 251 -31.94 13.43 57.50
N GLU H 252 -31.95 13.34 58.84
CA GLU H 252 -31.73 12.04 59.48
C GLU H 252 -33.01 11.21 59.52
N VAL H 253 -32.84 9.88 59.35
CA VAL H 253 -33.94 8.92 59.41
C VAL H 253 -33.96 8.32 60.80
N LYS H 254 -35.17 8.01 61.28
CA LYS H 254 -35.34 7.25 62.52
C LYS H 254 -35.09 5.77 62.19
N VAL H 255 -34.16 5.19 62.95
CA VAL H 255 -33.38 4.04 62.51
C VAL H 255 -34.26 2.86 62.13
N ASN H 256 -34.92 2.25 63.11
CA ASN H 256 -35.67 1.02 62.90
C ASN H 256 -36.30 0.62 64.23
N ALA H 257 -37.25 -0.31 64.17
CA ALA H 257 -37.86 -0.87 65.37
C ALA H 257 -38.30 -2.31 65.08
N PRO H 258 -37.36 -3.25 64.94
CA PRO H 258 -37.75 -4.65 64.60
C PRO H 258 -38.36 -5.39 65.80
N SER H 259 -39.67 -5.21 65.96
CA SER H 259 -40.39 -5.84 67.05
C SER H 259 -40.71 -7.29 66.71
N ALA H 260 -40.86 -8.12 67.75
CA ALA H 260 -41.25 -9.51 67.55
C ALA H 260 -42.71 -9.64 67.14
N GLU H 261 -43.52 -8.60 67.40
CA GLU H 261 -44.93 -8.65 67.03
C GLU H 261 -45.11 -8.78 65.53
N ASN H 262 -44.43 -7.94 64.75
CA ASN H 262 -44.49 -8.03 63.30
C ASN H 262 -43.61 -9.13 62.74
N THR H 263 -42.65 -9.62 63.53
CA THR H 263 -41.82 -10.74 63.10
C THR H 263 -42.65 -11.96 62.76
N PHE H 264 -43.64 -12.29 63.60
CA PHE H 264 -44.37 -13.54 63.45
C PHE H 264 -45.12 -13.60 62.13
N LYS H 265 -45.82 -12.54 61.75
CA LYS H 265 -46.51 -12.51 60.47
C LYS H 265 -45.52 -12.65 59.33
N ILE H 266 -44.32 -12.07 59.47
CA ILE H 266 -43.28 -12.29 58.48
C ILE H 266 -42.86 -13.75 58.50
N LEU H 267 -42.67 -14.32 59.70
CA LEU H 267 -42.22 -15.72 59.82
C LEU H 267 -43.15 -16.68 59.09
N GLN H 268 -44.45 -16.39 59.06
CA GLN H 268 -45.35 -17.16 58.21
C GLN H 268 -45.05 -16.93 56.74
N GLY H 269 -44.58 -15.73 56.40
CA GLY H 269 -44.09 -15.50 55.04
C GLY H 269 -42.76 -16.17 54.78
N ILE H 270 -41.96 -16.41 55.83
CA ILE H 270 -40.65 -17.02 55.66
C ILE H 270 -40.78 -18.51 55.38
N ARG H 271 -41.73 -19.19 56.05
CA ARG H 271 -41.86 -20.63 55.81
C ARG H 271 -42.27 -20.94 54.38
N ASP H 272 -43.33 -20.30 53.88
CA ASP H 272 -43.79 -20.48 52.51
C ASP H 272 -42.73 -20.15 51.47
N LEU H 273 -41.69 -19.39 51.85
CA LEU H 273 -40.54 -19.11 51.00
C LEU H 273 -39.48 -20.20 51.06
N TYR H 274 -39.34 -20.91 52.19
CA TYR H 274 -38.26 -21.85 52.41
C TYR H 274 -38.70 -23.27 52.79
N GLN H 275 -39.88 -23.45 53.39
CA GLN H 275 -40.25 -24.79 53.84
C GLN H 275 -40.45 -25.75 52.68
N GLN H 276 -40.74 -25.25 51.48
CA GLN H 276 -40.82 -26.12 50.31
C GLN H 276 -39.46 -26.61 49.84
N HIS H 277 -38.37 -25.99 50.31
CA HIS H 277 -37.04 -26.38 49.82
C HIS H 277 -36.65 -27.78 50.29
N HIS H 278 -37.06 -28.17 51.50
CA HIS H 278 -36.63 -29.43 52.11
C HIS H 278 -37.80 -30.37 52.40
N ASN H 279 -38.99 -30.09 51.87
CA ASN H 279 -40.18 -30.90 52.14
C ASN H 279 -40.47 -30.93 53.65
N VAL H 280 -40.28 -29.78 54.30
CA VAL H 280 -40.47 -29.63 55.75
C VAL H 280 -41.76 -28.87 56.00
N ILE H 281 -42.39 -29.16 57.14
CA ILE H 281 -43.49 -28.34 57.66
C ILE H 281 -42.95 -27.53 58.82
N LEU H 282 -43.29 -26.23 58.84
CA LEU H 282 -42.86 -25.30 59.89
C LEU H 282 -44.12 -24.69 60.50
N PRO H 283 -44.80 -25.39 61.40
CA PRO H 283 -46.05 -24.86 61.96
C PRO H 283 -45.81 -23.65 62.84
N ASP H 284 -46.90 -23.13 63.39
CA ASP H 284 -46.83 -21.88 64.15
C ASP H 284 -45.97 -22.00 65.39
N GLU H 285 -46.08 -23.12 66.12
CA GLU H 285 -45.29 -23.28 67.34
C GLU H 285 -43.79 -23.32 67.06
N VAL H 286 -43.40 -23.77 65.87
CA VAL H 286 -41.98 -23.74 65.49
C VAL H 286 -41.55 -22.32 65.17
N LEU H 287 -42.38 -21.58 64.44
CA LEU H 287 -42.06 -20.19 64.13
C LEU H 287 -41.94 -19.35 65.41
N LYS H 288 -42.88 -19.51 66.33
CA LYS H 288 -42.80 -18.82 67.61
C LYS H 288 -41.57 -19.25 68.39
N ALA H 289 -41.32 -20.55 68.46
CA ALA H 289 -40.15 -21.05 69.17
C ALA H 289 -38.85 -20.57 68.52
N ALA H 290 -38.87 -20.29 67.22
CA ALA H 290 -37.67 -19.83 66.54
C ALA H 290 -37.19 -18.47 67.05
N VAL H 291 -38.08 -17.69 67.68
CA VAL H 291 -37.73 -16.40 68.27
C VAL H 291 -37.98 -16.38 69.77
N ASP H 292 -39.14 -16.90 70.20
CA ASP H 292 -39.51 -16.84 71.62
C ASP H 292 -38.54 -17.64 72.48
N TYR H 293 -38.07 -18.78 72.00
CA TYR H 293 -37.08 -19.56 72.72
C TYR H 293 -35.66 -19.06 72.47
N SER H 294 -35.38 -18.58 71.26
CA SER H 294 -34.02 -18.22 70.89
C SER H 294 -33.62 -16.82 71.35
N VAL H 295 -34.57 -15.89 71.48
CA VAL H 295 -34.26 -14.52 71.89
C VAL H 295 -33.46 -14.48 73.18
N GLN H 296 -33.68 -15.46 74.06
CA GLN H 296 -32.97 -15.53 75.32
C GLN H 296 -31.47 -15.67 75.15
N TYR H 297 -31.00 -16.29 74.06
CA TYR H 297 -29.60 -16.66 73.88
C TYR H 297 -28.99 -16.06 72.63
N ILE H 298 -29.54 -14.95 72.12
CA ILE H 298 -29.03 -14.26 70.94
C ILE H 298 -28.82 -12.80 71.31
N PRO H 299 -27.62 -12.39 71.74
CA PRO H 299 -27.33 -10.96 71.92
C PRO H 299 -27.07 -10.19 70.63
N GLN H 300 -27.37 -10.76 69.47
CA GLN H 300 -27.00 -10.18 68.19
C GLN H 300 -28.12 -9.31 67.62
N ARG H 301 -27.71 -8.32 66.82
CA ARG H 301 -28.66 -7.52 66.06
C ARG H 301 -29.32 -8.34 64.95
N SER H 302 -28.74 -9.50 64.61
CA SER H 302 -29.25 -10.32 63.52
C SER H 302 -30.37 -11.28 63.94
N LEU H 303 -30.98 -11.07 65.09
CA LEU H 303 -32.07 -11.94 65.57
C LEU H 303 -33.23 -12.07 64.60
N PRO H 304 -33.72 -10.99 63.96
CA PRO H 304 -34.94 -11.15 63.12
C PRO H 304 -34.81 -12.17 62.00
N ASP H 305 -33.59 -12.49 61.58
CA ASP H 305 -33.35 -13.53 60.58
C ASP H 305 -32.73 -14.79 61.19
N LYS H 306 -32.61 -14.86 62.52
CA LYS H 306 -32.10 -16.08 63.15
C LYS H 306 -33.09 -17.24 63.00
N ALA H 307 -34.38 -16.95 62.88
CA ALA H 307 -35.37 -18.00 62.70
C ALA H 307 -35.12 -18.79 61.42
N ILE H 308 -34.59 -18.15 60.39
CA ILE H 308 -34.23 -18.86 59.17
C ILE H 308 -33.13 -19.86 59.45
N ASP H 309 -32.10 -19.44 60.20
CA ASP H 309 -30.98 -20.33 60.49
C ASP H 309 -31.43 -21.56 61.26
N LEU H 310 -32.40 -21.42 62.16
CA LEU H 310 -32.83 -22.55 62.97
C LEU H 310 -33.61 -23.56 62.14
N VAL H 311 -34.49 -23.09 61.25
CA VAL H 311 -35.22 -24.02 60.40
C VAL H 311 -34.33 -24.54 59.27
N ASP H 312 -33.34 -23.74 58.85
CA ASP H 312 -32.38 -24.22 57.86
C ASP H 312 -31.52 -25.35 58.42
N VAL H 313 -30.96 -25.15 59.62
CA VAL H 313 -30.12 -26.16 60.24
C VAL H 313 -30.96 -27.34 60.71
N THR H 314 -32.20 -27.09 61.11
CA THR H 314 -33.11 -28.18 61.45
C THR H 314 -33.30 -29.11 60.26
N ALA H 315 -33.62 -28.56 59.10
CA ALA H 315 -33.74 -29.38 57.89
C ALA H 315 -32.43 -30.05 57.54
N ALA H 316 -31.31 -29.37 57.79
CA ALA H 316 -30.00 -29.96 57.55
C ALA H 316 -29.78 -31.17 58.45
N HIS H 317 -30.20 -31.08 59.72
CA HIS H 317 -30.03 -32.18 60.65
C HIS H 317 -31.11 -33.25 60.45
N LEU H 318 -32.34 -32.83 60.13
CA LEU H 318 -33.36 -33.81 59.76
C LEU H 318 -33.01 -34.51 58.45
N ALA H 319 -32.27 -33.83 57.56
CA ALA H 319 -31.86 -34.45 56.31
C ALA H 319 -30.86 -35.59 56.51
N ALA H 320 -30.32 -35.75 57.72
CA ALA H 320 -29.47 -36.90 58.01
C ALA H 320 -30.24 -38.21 58.02
N GLN H 321 -31.58 -38.16 58.08
CA GLN H 321 -32.37 -39.38 58.02
C GLN H 321 -32.40 -39.98 56.62
N HIS H 322 -32.50 -39.14 55.58
CA HIS H 322 -32.62 -39.61 54.20
C HIS H 322 -31.61 -38.91 53.28
N PRO H 323 -30.32 -39.20 53.44
CA PRO H 323 -29.34 -38.83 52.40
C PRO H 323 -29.01 -39.92 51.39
N VAL H 324 -29.66 -41.08 51.43
CA VAL H 324 -29.19 -42.25 50.69
C VAL H 324 -30.29 -42.92 49.87
N THR H 325 -31.39 -42.22 49.62
CA THR H 325 -32.43 -42.79 48.76
C THR H 325 -31.88 -42.93 47.35
N ASP H 326 -31.96 -44.14 46.80
CA ASP H 326 -31.45 -44.43 45.46
C ASP H 326 -32.49 -44.11 44.40
N VAL H 327 -32.90 -42.84 44.37
CA VAL H 327 -33.82 -42.37 43.33
C VAL H 327 -33.18 -42.55 41.96
N HIS H 328 -31.86 -42.37 41.88
CA HIS H 328 -31.16 -42.51 40.61
C HIS H 328 -31.04 -43.95 40.15
N ALA H 329 -31.21 -44.92 41.05
CA ALA H 329 -31.18 -46.33 40.64
C ALA H 329 -32.28 -46.62 39.63
N VAL H 330 -33.44 -45.96 39.77
CA VAL H 330 -34.52 -46.13 38.81
C VAL H 330 -34.33 -45.21 37.62
N GLU H 331 -33.84 -43.98 37.83
CA GLU H 331 -33.59 -43.08 36.72
C GLU H 331 -32.60 -43.67 35.73
N ARG H 332 -31.56 -44.34 36.25
CA ARG H 332 -30.58 -44.97 35.37
C ARG H 332 -31.21 -46.15 34.63
N GLU H 333 -32.19 -46.82 35.25
CA GLU H 333 -32.93 -47.85 34.54
C GLU H 333 -33.81 -47.25 33.45
N ILE H 334 -34.40 -46.08 33.73
CA ILE H 334 -35.25 -45.42 32.72
C ILE H 334 -34.41 -45.00 31.51
N GLU H 335 -33.24 -44.41 31.76
CA GLU H 335 -32.39 -43.97 30.66
C GLU H 335 -31.95 -45.14 29.79
N THR H 336 -31.78 -46.31 30.39
CA THR H 336 -31.50 -47.52 29.62
C THR H 336 -32.73 -47.93 28.81
N GLU H 337 -33.88 -48.06 29.48
CA GLU H 337 -35.10 -48.49 28.80
C GLU H 337 -35.55 -47.48 27.76
N LYS H 338 -35.36 -46.19 28.02
CA LYS H 338 -35.65 -45.18 27.01
C LYS H 338 -34.68 -45.29 25.84
N ASP H 339 -33.42 -45.60 26.11
CA ASP H 339 -32.45 -45.76 25.03
C ASP H 339 -32.80 -46.96 24.15
N LYS H 340 -33.34 -48.03 24.75
CA LYS H 340 -33.87 -49.13 23.95
C LYS H 340 -35.13 -48.70 23.21
N GLN H 341 -35.99 -47.93 23.90
CA GLN H 341 -37.22 -47.45 23.27
C GLN H 341 -36.92 -46.66 22.01
N GLU H 342 -35.95 -45.74 22.07
CA GLU H 342 -35.57 -44.98 20.89
C GLU H 342 -35.11 -45.90 19.76
N LYS H 343 -34.50 -47.04 20.10
CA LYS H 343 -34.06 -47.98 19.07
C LYS H 343 -35.21 -48.85 18.58
N ALA H 344 -36.14 -49.21 19.47
CA ALA H 344 -37.34 -49.92 19.05
C ALA H 344 -38.16 -49.09 18.07
N VAL H 345 -38.11 -47.76 18.22
CA VAL H 345 -38.86 -46.88 17.33
C VAL H 345 -38.18 -46.81 15.97
N GLU H 346 -36.86 -46.67 15.94
CA GLU H 346 -36.15 -46.59 14.66
C GLU H 346 -36.33 -47.88 13.86
N ALA H 347 -36.38 -49.02 14.55
CA ALA H 347 -36.70 -50.29 13.91
C ALA H 347 -38.19 -50.46 13.65
N GLU H 348 -39.01 -49.52 14.08
CA GLU H 348 -40.47 -49.60 13.93
C GLU H 348 -41.01 -50.87 14.57
N ASP H 349 -40.47 -51.20 15.74
CA ASP H 349 -40.94 -52.30 16.58
C ASP H 349 -41.73 -51.67 17.71
N PHE H 350 -43.04 -51.54 17.52
CA PHE H 350 -43.89 -50.76 18.41
C PHE H 350 -44.63 -51.60 19.44
N GLU H 351 -44.61 -52.94 19.33
CA GLU H 351 -44.94 -53.75 20.49
C GLU H 351 -43.87 -53.60 21.57
N ALA H 352 -42.61 -53.60 21.16
CA ALA H 352 -41.52 -53.39 22.10
C ALA H 352 -41.49 -51.95 22.61
N ALA H 353 -41.71 -50.98 21.71
CA ALA H 353 -41.67 -49.59 22.11
C ALA H 353 -42.78 -49.26 23.09
N LEU H 354 -43.98 -49.81 22.88
CA LEU H 354 -45.08 -49.60 23.82
C LEU H 354 -44.77 -50.24 25.17
N ASN H 355 -44.19 -51.45 25.15
CA ASN H 355 -43.86 -52.12 26.40
C ASN H 355 -42.89 -51.31 27.24
N TYR H 356 -41.98 -50.57 26.60
CA TYR H 356 -41.01 -49.77 27.33
C TYR H 356 -41.65 -48.50 27.89
N LYS H 357 -42.49 -47.83 27.10
CA LYS H 357 -43.25 -46.70 27.63
C LYS H 357 -44.14 -47.14 28.79
N THR H 358 -44.63 -48.38 28.74
CA THR H 358 -45.44 -48.91 29.83
C THR H 358 -44.60 -49.06 31.10
N ARG H 359 -43.42 -49.70 30.99
CA ARG H 359 -42.60 -49.91 32.17
C ARG H 359 -42.09 -48.59 32.74
N ILE H 360 -41.61 -47.68 31.87
CA ILE H 360 -41.06 -46.41 32.34
C ILE H 360 -42.11 -45.63 33.13
N ALA H 361 -43.36 -45.62 32.65
CA ALA H 361 -44.42 -44.92 33.34
C ALA H 361 -44.57 -45.42 34.77
N GLU H 362 -44.54 -46.75 34.96
CA GLU H 362 -44.50 -47.30 36.31
C GLU H 362 -43.23 -46.88 37.04
N LEU H 363 -42.08 -46.96 36.36
CA LEU H 363 -40.83 -46.60 37.00
C LEU H 363 -40.79 -45.12 37.40
N GLU H 364 -41.39 -44.24 36.56
CA GLU H 364 -41.45 -42.83 36.92
C GLU H 364 -42.37 -42.61 38.11
N ARG H 365 -43.46 -43.36 38.19
CA ARG H 365 -44.36 -43.24 39.35
C ARG H 365 -43.67 -43.72 40.62
N LYS H 366 -42.79 -44.71 40.51
CA LYS H 366 -42.05 -45.18 41.68
C LYS H 366 -41.15 -44.07 42.23
N ILE H 367 -40.43 -43.37 41.36
CA ILE H 367 -39.54 -42.29 41.81
C ILE H 367 -40.36 -41.20 42.51
N GLU H 368 -41.43 -40.75 41.86
CA GLU H 368 -42.21 -39.64 42.39
C GLU H 368 -42.84 -39.99 43.73
N ASN H 369 -43.12 -41.28 43.96
CA ASN H 369 -43.69 -41.71 45.22
C ASN H 369 -42.65 -41.83 46.34
N HIS H 370 -41.35 -41.78 46.02
CA HIS H 370 -40.34 -41.77 47.07
C HIS H 370 -40.43 -40.54 47.95
N THR H 371 -40.90 -39.40 47.40
CA THR H 371 -41.06 -38.18 48.19
C THR H 371 -41.95 -38.40 49.39
N GLU H 372 -42.97 -39.26 49.26
CA GLU H 372 -43.92 -39.48 50.36
C GLU H 372 -43.31 -40.27 51.52
N ASP H 373 -42.20 -40.96 51.30
CA ASP H 373 -41.48 -41.67 52.35
C ASP H 373 -40.41 -40.83 53.01
N MET H 374 -40.36 -39.51 52.72
CA MET H 374 -39.28 -38.64 53.19
C MET H 374 -39.89 -37.32 53.70
N LYS H 375 -40.92 -37.43 54.53
CA LYS H 375 -41.49 -36.27 55.20
C LYS H 375 -40.52 -35.79 56.27
N VAL H 376 -40.32 -34.47 56.32
CA VAL H 376 -39.35 -33.83 57.19
C VAL H 376 -40.14 -33.08 58.25
N THR H 377 -40.16 -33.62 59.48
CA THR H 377 -41.01 -33.10 60.56
C THR H 377 -40.19 -33.06 61.85
N ALA H 378 -39.71 -31.87 62.21
CA ALA H 378 -39.13 -31.67 63.53
C ALA H 378 -40.22 -31.50 64.57
N SER H 379 -39.96 -32.02 65.77
CA SER H 379 -40.68 -31.57 66.94
C SER H 379 -40.16 -30.18 67.31
N VAL H 380 -41.04 -29.37 67.90
CA VAL H 380 -40.62 -28.05 68.36
C VAL H 380 -39.55 -28.17 69.43
N ASN H 381 -39.54 -29.29 70.17
CA ASN H 381 -38.47 -29.56 71.11
C ASN H 381 -37.15 -29.82 70.38
N ASP H 382 -37.20 -30.48 69.22
CA ASP H 382 -35.99 -30.70 68.43
C ASP H 382 -35.46 -29.40 67.84
N VAL H 383 -36.37 -28.51 67.41
CA VAL H 383 -35.95 -27.19 66.94
C VAL H 383 -35.30 -26.42 68.08
N ALA H 384 -35.88 -26.51 69.28
CA ALA H 384 -35.27 -25.85 70.44
C ALA H 384 -33.92 -26.46 70.77
N GLU H 385 -33.76 -27.76 70.49
CA GLU H 385 -32.47 -28.40 70.75
C GLU H 385 -31.42 -27.99 69.72
N SER H 386 -31.84 -27.58 68.52
CA SER H 386 -30.93 -27.00 67.56
C SER H 386 -30.17 -25.80 68.12
N VAL H 387 -30.79 -25.06 69.04
CA VAL H 387 -30.16 -23.88 69.64
C VAL H 387 -28.92 -24.30 70.44
N GLU H 388 -28.91 -25.52 70.97
CA GLU H 388 -27.75 -26.03 71.71
C GLU H 388 -26.75 -26.72 70.80
N ARG H 389 -27.22 -27.45 69.79
CA ARG H 389 -26.34 -28.30 68.99
C ARG H 389 -25.23 -27.49 68.32
N MET H 390 -25.59 -26.37 67.69
CA MET H 390 -24.64 -25.52 66.98
C MET H 390 -24.19 -24.32 67.82
N THR H 391 -24.43 -24.33 69.13
CA THR H 391 -23.95 -23.27 70.02
C THR H 391 -23.17 -23.86 71.19
N GLY H 392 -23.53 -25.07 71.62
CA GLY H 392 -22.83 -25.73 72.71
C GLY H 392 -23.18 -25.21 74.09
N ILE H 393 -24.41 -24.78 74.30
CA ILE H 393 -24.83 -24.07 75.51
C ILE H 393 -25.84 -24.96 76.23
N PRO H 394 -25.49 -25.58 77.41
CA PRO H 394 -26.34 -26.69 77.95
C PRO H 394 -27.66 -26.23 78.54
N VAL H 395 -28.67 -26.13 77.68
CA VAL H 395 -29.95 -25.50 78.03
C VAL H 395 -31.15 -26.32 77.61
N SER H 396 -30.98 -27.63 77.43
CA SER H 396 -32.08 -28.49 77.02
C SER H 396 -33.19 -28.54 78.06
N GLN H 397 -32.90 -28.17 79.32
CA GLN H 397 -33.91 -28.16 80.37
C GLN H 397 -34.97 -27.08 80.18
N MET H 398 -34.73 -26.08 79.35
CA MET H 398 -35.66 -24.97 79.16
C MET H 398 -36.79 -25.38 78.22
N GLY H 399 -37.94 -24.69 78.29
CA GLY H 399 -38.26 -23.61 79.22
C GLY H 399 -39.21 -22.58 78.62
N ALA H 400 -39.73 -21.73 79.51
CA ALA H 400 -40.59 -20.60 79.19
C ALA H 400 -39.96 -19.41 79.92
N SER H 401 -38.67 -19.22 79.68
CA SER H 401 -37.73 -18.75 80.68
C SER H 401 -37.48 -17.25 80.64
N ASP H 402 -38.51 -16.44 80.35
CA ASP H 402 -38.35 -15.00 80.51
C ASP H 402 -38.10 -14.64 81.97
N ILE H 403 -38.77 -15.34 82.89
CA ILE H 403 -38.69 -15.06 84.32
C ILE H 403 -37.83 -16.11 85.02
N GLU H 404 -37.85 -17.34 84.49
CA GLU H 404 -37.12 -18.44 85.12
C GLU H 404 -35.64 -18.12 85.27
N ARG H 405 -35.03 -17.57 84.21
CA ARG H 405 -33.63 -17.21 84.30
C ARG H 405 -33.41 -16.04 85.25
N LEU H 406 -34.35 -15.10 85.26
CA LEU H 406 -34.21 -13.89 86.08
C LEU H 406 -34.05 -14.25 87.55
N LYS H 407 -34.83 -15.21 88.03
CA LYS H 407 -34.83 -15.59 89.44
C LYS H 407 -33.87 -16.74 89.74
N ASP H 408 -33.75 -17.72 88.84
CA ASP H 408 -33.01 -18.94 89.14
C ASP H 408 -31.53 -18.89 88.77
N MET H 409 -31.14 -18.05 87.81
CA MET H 409 -29.71 -17.98 87.47
C MET H 409 -28.90 -17.45 88.64
N ALA H 410 -29.50 -16.63 89.49
CA ALA H 410 -28.82 -16.20 90.71
C ALA H 410 -28.58 -17.39 91.63
N HIS H 411 -29.59 -18.22 91.84
CA HIS H 411 -29.43 -19.44 92.63
C HIS H 411 -28.51 -20.42 91.91
N ARG H 412 -28.63 -20.50 90.59
CA ARG H 412 -27.79 -21.41 89.81
C ARG H 412 -26.32 -21.02 89.93
N LEU H 413 -26.04 -19.72 90.04
CA LEU H 413 -24.65 -19.28 90.20
C LEU H 413 -24.07 -19.83 91.50
N GLN H 414 -24.69 -19.49 92.64
CA GLN H 414 -24.11 -19.78 93.95
C GLN H 414 -23.87 -21.26 94.16
N ASP H 415 -24.60 -22.13 93.45
CA ASP H 415 -24.33 -23.56 93.52
C ASP H 415 -22.92 -23.91 93.02
N LYS H 416 -22.32 -23.04 92.22
CA LYS H 416 -20.96 -23.25 91.71
C LYS H 416 -19.95 -22.23 92.25
N VAL H 417 -20.34 -21.35 93.16
CA VAL H 417 -19.47 -20.31 93.67
C VAL H 417 -18.71 -20.83 94.88
N ILE H 418 -17.48 -20.35 95.05
CA ILE H 418 -16.72 -20.53 96.29
C ILE H 418 -16.51 -19.12 96.85
N GLY H 419 -17.32 -18.74 97.82
CA GLY H 419 -17.14 -17.47 98.50
C GLY H 419 -18.45 -16.97 99.07
N GLN H 420 -18.48 -15.66 99.33
CA GLN H 420 -19.63 -15.00 99.93
C GLN H 420 -20.85 -15.12 99.01
N ASP H 421 -22.04 -15.10 99.61
CA ASP H 421 -23.27 -15.34 98.87
C ASP H 421 -23.93 -14.04 98.40
N LYS H 422 -23.72 -12.92 99.09
CA LYS H 422 -24.40 -11.68 98.72
C LYS H 422 -23.84 -11.07 97.43
N ALA H 423 -22.79 -11.64 96.85
CA ALA H 423 -22.26 -11.11 95.59
C ALA H 423 -23.27 -11.26 94.45
N VAL H 424 -24.07 -12.32 94.45
CA VAL H 424 -24.99 -12.54 93.35
C VAL H 424 -26.11 -11.50 93.36
N GLU H 425 -26.57 -11.09 94.54
CA GLU H 425 -27.64 -10.11 94.62
C GLU H 425 -27.22 -8.77 94.01
N VAL H 426 -25.92 -8.46 94.08
CA VAL H 426 -25.41 -7.24 93.45
C VAL H 426 -25.40 -7.38 91.94
N VAL H 427 -24.86 -8.48 91.43
CA VAL H 427 -24.64 -8.61 89.99
C VAL H 427 -25.90 -9.11 89.28
N ALA H 428 -26.65 -10.01 89.91
CA ALA H 428 -27.81 -10.59 89.24
C ALA H 428 -28.91 -9.55 89.04
N ARG H 429 -29.13 -8.69 90.04
CA ARG H 429 -30.16 -7.66 89.95
C ARG H 429 -29.96 -6.76 88.74
N ALA H 430 -28.70 -6.54 88.35
CA ALA H 430 -28.43 -5.69 87.21
C ALA H 430 -28.73 -6.45 85.91
N ILE H 431 -28.52 -7.77 85.92
CA ILE H 431 -28.93 -8.65 84.81
C ILE H 431 -30.44 -8.83 84.83
N CYS H 432 -31.06 -8.65 85.99
CA CYS H 432 -32.51 -8.77 86.08
C CYS H 432 -33.21 -7.51 85.59
N ARG H 433 -32.84 -6.34 86.15
CA ARG H 433 -33.57 -5.11 85.82
C ARG H 433 -33.36 -4.72 84.36
N ASN H 434 -32.19 -5.00 83.79
CA ASN H 434 -31.99 -4.75 82.36
C ASN H 434 -32.86 -5.67 81.52
N ARG H 435 -32.75 -6.99 81.73
CA ARG H 435 -33.53 -7.94 80.94
C ARG H 435 -35.02 -7.72 81.12
N ALA H 436 -35.43 -7.25 82.31
CA ALA H 436 -36.82 -6.88 82.52
C ALA H 436 -37.17 -5.59 81.78
N GLY H 437 -36.19 -4.75 81.50
CA GLY H 437 -36.41 -3.46 80.86
C GLY H 437 -36.58 -2.30 81.81
N PHE H 438 -36.35 -2.50 83.10
CA PHE H 438 -36.45 -1.43 84.10
C PHE H 438 -35.05 -0.87 84.33
N ASP H 439 -34.70 0.08 83.47
CA ASP H 439 -33.38 0.68 83.44
C ASP H 439 -33.51 2.05 82.81
N GLU H 440 -32.77 3.01 83.35
CA GLU H 440 -32.90 4.40 82.92
C GLU H 440 -32.52 4.53 81.44
N GLY H 441 -32.92 5.67 80.86
CA GLY H 441 -32.81 5.84 79.42
C GLY H 441 -31.39 5.74 78.90
N ASN H 442 -30.40 6.11 79.72
CA ASN H 442 -28.98 5.97 79.35
C ASN H 442 -28.20 5.57 80.60
N ARG H 443 -28.06 4.26 80.80
CA ARG H 443 -27.10 3.72 81.75
C ARG H 443 -26.46 2.49 81.13
N PRO H 444 -25.13 2.45 80.97
CA PRO H 444 -24.56 1.10 81.00
C PRO H 444 -24.81 0.53 82.39
N ILE H 445 -24.74 -0.80 82.50
CA ILE H 445 -25.30 -1.61 83.59
C ILE H 445 -25.07 -0.98 84.96
N GLY H 446 -23.86 -0.48 85.17
CA GLY H 446 -23.43 0.01 86.46
C GLY H 446 -22.05 -0.51 86.77
N ASN H 447 -21.34 0.25 87.59
CA ASN H 447 -19.94 -0.02 87.89
C ASN H 447 -19.84 -0.85 89.15
N PHE H 448 -19.20 -2.01 89.03
CA PHE H 448 -19.04 -2.96 90.13
C PHE H 448 -17.58 -3.04 90.54
N LEU H 449 -17.35 -3.25 91.83
CA LEU H 449 -16.02 -3.40 92.39
C LEU H 449 -16.00 -4.59 93.35
N PHE H 450 -15.15 -5.56 93.05
CA PHE H 450 -14.89 -6.70 93.92
C PHE H 450 -13.52 -6.53 94.56
N VAL H 451 -13.49 -6.40 95.89
CA VAL H 451 -12.25 -6.31 96.64
C VAL H 451 -11.90 -7.72 97.12
N GLY H 452 -10.67 -8.15 96.81
CA GLY H 452 -10.28 -9.52 97.09
C GLY H 452 -8.83 -9.74 96.74
N SER H 453 -8.49 -11.01 96.51
CA SER H 453 -7.13 -11.40 96.14
C SER H 453 -7.23 -12.43 95.01
N THR H 454 -6.08 -12.76 94.42
CA THR H 454 -6.05 -13.58 93.21
C THR H 454 -6.57 -14.99 93.43
N GLY H 455 -6.87 -15.68 92.33
CA GLY H 455 -7.22 -17.10 92.38
C GLY H 455 -8.71 -17.32 92.23
N VAL H 456 -9.26 -18.13 93.13
CA VAL H 456 -10.67 -18.52 93.04
C VAL H 456 -11.57 -17.30 93.27
N GLY H 457 -11.31 -16.55 94.34
CA GLY H 457 -12.14 -15.40 94.64
C GLY H 457 -12.10 -14.35 93.56
N LYS H 458 -11.00 -14.26 92.82
CA LYS H 458 -10.85 -13.23 91.81
C LYS H 458 -11.70 -13.52 90.57
N THR H 459 -11.70 -14.77 90.10
CA THR H 459 -12.14 -15.07 88.74
C THR H 459 -13.46 -15.83 88.62
N GLU H 460 -13.94 -16.50 89.68
CA GLU H 460 -15.16 -17.31 89.51
C GLU H 460 -16.35 -16.44 89.13
N LEU H 461 -16.47 -15.25 89.73
CA LEU H 461 -17.62 -14.38 89.46
C LEU H 461 -17.69 -14.03 87.97
N ALA H 462 -16.62 -13.47 87.42
CA ALA H 462 -16.62 -13.06 86.03
C ALA H 462 -16.81 -14.25 85.09
N LYS H 463 -16.16 -15.38 85.39
CA LYS H 463 -16.27 -16.54 84.52
C LYS H 463 -17.66 -17.17 84.59
N GLN H 464 -18.18 -17.36 85.80
CA GLN H 464 -19.45 -18.06 85.94
C GLN H 464 -20.63 -17.20 85.49
N LEU H 465 -20.52 -15.88 85.66
CA LEU H 465 -21.55 -15.01 85.10
C LEU H 465 -21.55 -15.06 83.57
N ALA H 466 -20.36 -15.11 82.97
CA ALA H 466 -20.26 -15.16 81.52
C ALA H 466 -20.88 -16.44 80.95
N LEU H 467 -20.82 -17.54 81.71
CA LEU H 467 -21.37 -18.81 81.24
C LEU H 467 -22.88 -18.89 81.42
N ASP H 468 -23.43 -18.15 82.39
CA ASP H 468 -24.88 -18.08 82.55
C ASP H 468 -25.47 -16.95 81.72
N MET H 469 -24.74 -15.85 81.53
CA MET H 469 -25.22 -14.79 80.66
C MET H 469 -25.01 -15.15 79.19
N PHE H 470 -23.82 -15.65 78.84
CA PHE H 470 -23.39 -15.73 77.45
C PHE H 470 -22.79 -17.07 77.04
N GLY H 471 -22.44 -17.92 77.99
CA GLY H 471 -22.31 -19.33 77.72
C GLY H 471 -20.92 -19.78 77.34
N THR H 472 -20.05 -18.88 76.88
CA THR H 472 -18.72 -19.27 76.45
C THR H 472 -17.75 -18.12 76.70
N GLN H 473 -16.50 -18.33 76.30
CA GLN H 473 -15.38 -17.47 76.68
C GLN H 473 -15.10 -16.43 75.59
N ASP H 474 -16.14 -15.67 75.25
CA ASP H 474 -16.08 -14.73 74.15
C ASP H 474 -16.29 -13.28 74.57
N ALA H 475 -17.37 -12.99 75.31
CA ALA H 475 -17.75 -11.61 75.61
C ALA H 475 -17.16 -11.17 76.94
N ILE H 476 -15.83 -11.05 76.96
CA ILE H 476 -15.13 -10.64 78.16
C ILE H 476 -13.74 -10.15 77.78
N ILE H 477 -13.32 -9.01 78.33
CA ILE H 477 -11.99 -8.46 78.13
C ILE H 477 -11.39 -8.18 79.51
N ARG H 478 -10.13 -8.54 79.68
CA ARG H 478 -9.38 -8.26 80.90
C ARG H 478 -8.41 -7.11 80.64
N LEU H 479 -8.56 -6.04 81.41
CA LEU H 479 -7.65 -4.90 81.36
C LEU H 479 -6.54 -5.15 82.37
N ASP H 480 -5.34 -5.46 81.87
CA ASP H 480 -4.20 -5.80 82.72
C ASP H 480 -3.59 -4.52 83.24
N MET H 481 -3.79 -4.22 84.53
CA MET H 481 -3.12 -3.09 85.14
C MET H 481 -1.63 -3.34 85.37
N SER H 482 -1.14 -4.55 85.14
CA SER H 482 0.30 -4.79 85.23
C SER H 482 1.05 -3.93 84.21
N GLU H 483 0.42 -3.63 83.07
CA GLU H 483 0.94 -2.65 82.13
C GLU H 483 0.83 -1.21 82.64
N TYR H 484 0.20 -0.99 83.80
CA TYR H 484 0.02 0.32 84.40
C TYR H 484 0.73 0.46 85.76
N SER H 485 1.90 -0.16 85.91
CA SER H 485 2.66 0.00 87.15
C SER H 485 3.43 1.31 87.13
N ASP H 486 3.04 2.25 88.00
CA ASP H 486 3.76 3.52 88.09
C ASP H 486 5.19 3.35 88.59
N ARG H 487 5.46 2.29 89.35
CA ARG H 487 6.76 2.11 89.98
C ARG H 487 7.79 1.48 89.06
N THR H 488 7.36 0.60 88.16
CA THR H 488 8.27 -0.27 87.41
C THR H 488 8.22 -0.06 85.91
N ALA H 489 7.44 0.90 85.42
CA ALA H 489 7.29 1.10 83.97
C ALA H 489 8.53 1.83 83.43
N VAL H 490 9.64 1.10 83.41
CA VAL H 490 10.89 1.56 82.80
C VAL H 490 11.38 0.49 81.84
N SER H 491 10.44 -0.25 81.24
CA SER H 491 10.72 -1.33 80.30
C SER H 491 11.48 -2.49 80.93
N LYS H 492 11.39 -2.66 82.25
CA LYS H 492 11.80 -3.97 82.80
C LYS H 492 10.88 -5.05 82.25
N LEU H 493 9.59 -4.74 82.18
CA LEU H 493 8.55 -5.56 81.56
C LEU H 493 8.01 -4.70 80.41
N ILE H 494 6.79 -4.98 79.95
CA ILE H 494 6.26 -4.69 78.61
C ILE H 494 6.66 -3.32 78.08
N GLY H 495 6.68 -2.30 78.92
CA GLY H 495 7.04 -0.99 78.41
C GLY H 495 7.08 0.08 79.49
N THR H 496 7.19 1.32 79.02
CA THR H 496 7.40 2.49 79.85
C THR H 496 6.07 3.15 80.22
N THR H 497 6.19 4.31 80.87
CA THR H 497 5.04 5.14 81.22
C THR H 497 4.24 5.52 79.97
N ALA H 498 4.92 5.80 78.87
CA ALA H 498 4.24 6.24 77.65
C ALA H 498 3.34 5.16 77.07
N GLY H 499 3.56 3.90 77.41
CA GLY H 499 2.68 2.83 76.96
C GLY H 499 1.33 2.80 77.59
N TYR H 500 1.06 3.68 78.56
CA TYR H 500 -0.23 3.72 79.23
C TYR H 500 -1.34 4.27 78.35
N VAL H 501 -1.01 5.11 77.37
CA VAL H 501 -1.99 5.83 76.55
C VAL H 501 -1.97 5.26 75.15
N GLY H 502 -3.12 5.28 74.49
CA GLY H 502 -3.22 4.92 73.10
C GLY H 502 -3.43 3.45 72.84
N TYR H 503 -2.55 2.59 73.37
CA TYR H 503 -2.64 1.17 73.07
C TYR H 503 -3.89 0.56 73.68
N ASP H 504 -4.10 0.75 74.98
CA ASP H 504 -5.29 0.25 75.65
C ASP H 504 -6.36 1.34 75.66
N ASP H 505 -6.55 1.95 74.47
CA ASP H 505 -7.61 2.90 74.24
C ASP H 505 -8.40 2.52 73.00
N ASN H 506 -7.70 2.17 71.90
CA ASN H 506 -8.39 1.66 70.71
C ASN H 506 -7.56 0.65 69.90
N SER H 507 -6.36 0.29 70.38
CA SER H 507 -5.40 -0.38 69.49
C SER H 507 -5.55 -1.89 69.49
N ASN H 508 -4.61 -2.58 68.82
CA ASN H 508 -4.67 -4.02 68.59
C ASN H 508 -4.50 -4.75 69.93
N THR H 509 -5.58 -5.34 70.50
CA THR H 509 -6.99 -5.30 70.06
C THR H 509 -7.86 -4.91 71.25
N LEU H 510 -8.46 -3.72 71.15
CA LEU H 510 -9.50 -3.30 72.08
C LEU H 510 -10.86 -3.16 71.39
N THR H 511 -10.94 -2.29 70.38
CA THR H 511 -12.24 -1.84 69.88
C THR H 511 -12.91 -2.87 69.00
N GLU H 512 -12.14 -3.63 68.21
CA GLU H 512 -12.72 -4.63 67.33
C GLU H 512 -13.43 -5.73 68.11
N ARG H 513 -13.06 -5.94 69.38
CA ARG H 513 -13.80 -6.83 70.28
C ARG H 513 -14.98 -6.12 70.93
N VAL H 514 -14.86 -4.81 71.17
CA VAL H 514 -15.97 -4.05 71.75
C VAL H 514 -17.09 -3.90 70.72
N ARG H 515 -16.76 -3.88 69.43
CA ARG H 515 -17.78 -3.75 68.40
C ARG H 515 -18.53 -5.06 68.16
N ARG H 516 -17.85 -6.20 68.24
CA ARG H 516 -18.52 -7.48 68.22
C ARG H 516 -19.34 -7.70 69.47
N ASN H 517 -18.85 -7.18 70.60
CA ASN H 517 -19.51 -7.32 71.88
C ASN H 517 -19.62 -5.94 72.52
N PRO H 518 -20.64 -5.14 72.11
CA PRO H 518 -20.93 -3.86 72.79
C PRO H 518 -21.27 -3.99 74.27
N TYR H 519 -21.62 -5.21 74.68
CA TYR H 519 -22.36 -5.53 75.89
C TYR H 519 -21.48 -6.17 76.95
N SER H 520 -20.19 -6.33 76.65
CA SER H 520 -19.37 -7.36 77.27
C SER H 520 -19.18 -7.13 78.77
N ILE H 521 -18.51 -8.09 79.40
CA ILE H 521 -17.94 -7.90 80.73
C ILE H 521 -16.59 -7.23 80.55
N ILE H 522 -16.36 -6.15 81.29
CA ILE H 522 -15.04 -5.53 81.41
C ILE H 522 -14.49 -5.97 82.76
N LEU H 523 -13.22 -6.39 82.77
CA LEU H 523 -12.50 -6.67 83.99
C LEU H 523 -11.27 -5.77 84.09
N LEU H 524 -11.29 -4.89 85.07
CA LEU H 524 -10.12 -4.08 85.42
C LEU H 524 -9.36 -4.85 86.49
N ASP H 525 -8.19 -5.37 86.12
CA ASP H 525 -7.42 -6.28 86.96
C ASP H 525 -6.56 -5.50 87.94
N ALA H 526 -6.92 -5.49 89.22
CA ALA H 526 -6.05 -4.93 90.26
C ALA H 526 -5.79 -3.43 90.11
N ILE H 527 -6.79 -2.61 90.45
CA ILE H 527 -6.74 -1.15 90.32
C ILE H 527 -5.39 -0.58 90.78
N GLU H 528 -4.88 -1.06 91.91
CA GLU H 528 -3.89 -0.31 92.70
C GLU H 528 -2.59 0.02 91.97
N LYS H 529 -2.34 -0.55 90.79
CA LYS H 529 -1.03 -0.40 90.15
C LYS H 529 -0.71 1.04 89.72
N ALA H 530 -1.68 1.96 89.72
CA ALA H 530 -1.49 3.25 89.06
C ALA H 530 -2.09 4.41 89.85
N ASP H 531 -1.61 5.60 89.48
CA ASP H 531 -2.10 6.95 89.77
C ASP H 531 -3.63 6.97 89.71
N PRO H 532 -4.35 7.63 90.64
CA PRO H 532 -5.83 7.62 90.53
C PRO H 532 -6.37 8.22 89.23
N GLN H 533 -5.59 9.03 88.53
CA GLN H 533 -6.07 9.66 87.30
C GLN H 533 -6.18 8.66 86.15
N VAL H 534 -5.32 7.64 86.14
CA VAL H 534 -5.38 6.59 85.12
C VAL H 534 -6.72 5.88 85.19
N ILE H 535 -7.10 5.45 86.38
CA ILE H 535 -8.32 4.69 86.61
C ILE H 535 -9.54 5.59 86.54
N THR H 536 -9.35 6.88 86.83
CA THR H 536 -10.45 7.83 86.84
C THR H 536 -10.98 8.08 85.42
N LEU H 537 -10.15 7.87 84.41
CA LEU H 537 -10.56 8.18 83.03
C LEU H 537 -11.77 7.36 82.61
N LEU H 538 -11.67 6.05 82.75
CA LEU H 538 -12.74 5.18 82.26
C LEU H 538 -14.04 5.42 83.04
N LEU H 539 -13.95 5.53 84.37
CA LEU H 539 -15.15 5.46 85.19
C LEU H 539 -15.96 6.76 85.14
N GLN H 540 -15.31 7.92 85.05
CA GLN H 540 -16.06 9.16 84.85
C GLN H 540 -16.76 9.20 83.50
N VAL H 541 -16.30 8.42 82.53
CA VAL H 541 -16.81 8.44 81.16
C VAL H 541 -17.91 7.41 80.93
N LEU H 542 -18.05 6.42 81.82
CA LEU H 542 -19.10 5.42 81.72
C LEU H 542 -20.47 5.92 82.18
N ASP H 543 -20.58 7.18 82.60
CA ASP H 543 -21.89 7.72 82.98
C ASP H 543 -22.84 7.70 81.80
N ASP H 544 -22.41 8.22 80.66
CA ASP H 544 -23.23 8.34 79.47
C ASP H 544 -23.10 7.15 78.54
N GLY H 545 -22.35 6.12 78.91
CA GLY H 545 -22.15 4.98 78.03
C GLY H 545 -21.47 5.33 76.73
N ARG H 546 -20.53 6.28 76.75
CA ARG H 546 -19.87 6.75 75.54
C ARG H 546 -18.47 7.24 75.89
N LEU H 547 -17.49 6.86 75.08
CA LEU H 547 -16.09 7.24 75.29
C LEU H 547 -15.50 7.71 73.97
N THR H 548 -14.92 8.92 73.98
CA THR H 548 -14.20 9.44 72.83
C THR H 548 -12.73 9.05 72.93
N ASP H 549 -12.22 8.38 71.90
CA ASP H 549 -10.87 7.82 71.95
C ASP H 549 -9.84 8.85 71.49
N GLY H 550 -8.58 8.43 71.40
CA GLY H 550 -7.51 9.31 70.98
C GLY H 550 -7.61 9.81 69.55
N GLN H 551 -8.29 9.07 68.67
CA GLN H 551 -8.46 9.46 67.28
C GLN H 551 -9.70 10.30 67.04
N GLY H 552 -10.43 10.70 68.08
CA GLY H 552 -11.63 11.48 67.92
C GLY H 552 -12.89 10.68 67.66
N ASN H 553 -12.81 9.35 67.61
CA ASN H 553 -13.98 8.51 67.42
C ASN H 553 -14.61 8.14 68.76
N THR H 554 -15.94 8.00 68.75
CA THR H 554 -16.71 7.66 69.94
C THR H 554 -17.12 6.20 69.87
N VAL H 555 -16.82 5.45 70.93
CA VAL H 555 -17.39 4.12 71.13
C VAL H 555 -18.67 4.30 71.94
N ASN H 556 -19.74 3.66 71.51
CA ASN H 556 -21.03 3.68 72.20
C ASN H 556 -21.24 2.35 72.91
N PHE H 557 -21.39 2.41 74.23
CA PHE H 557 -21.56 1.21 75.04
C PHE H 557 -23.03 0.90 75.23
N LYS H 558 -23.39 -0.34 74.89
CA LYS H 558 -24.63 -0.96 75.32
C LYS H 558 -24.33 -1.82 76.53
N ASN H 559 -25.24 -1.79 77.50
CA ASN H 559 -25.49 -2.85 78.48
C ASN H 559 -24.22 -3.56 78.93
N THR H 560 -23.17 -2.77 79.20
CA THR H 560 -21.86 -3.27 79.57
C THR H 560 -21.74 -3.28 81.09
N VAL H 561 -21.18 -4.37 81.62
CA VAL H 561 -20.87 -4.49 83.05
C VAL H 561 -19.36 -4.46 83.20
N ILE H 562 -18.88 -3.63 84.12
CA ILE H 562 -17.47 -3.61 84.52
C ILE H 562 -17.39 -4.10 85.96
N ILE H 563 -16.54 -5.10 86.19
CA ILE H 563 -16.19 -5.54 87.53
C ILE H 563 -14.73 -5.18 87.73
N ALA H 564 -14.50 -4.06 88.40
CA ALA H 564 -13.15 -3.67 88.77
C ALA H 564 -12.69 -4.51 89.96
N THR H 565 -11.37 -4.68 90.07
CA THR H 565 -10.79 -5.54 91.09
C THR H 565 -9.54 -4.89 91.68
N SER H 566 -9.34 -5.17 92.98
CA SER H 566 -8.21 -4.65 93.73
C SER H 566 -7.61 -5.76 94.57
N ASN H 567 -6.39 -5.52 95.06
CA ASN H 567 -5.74 -6.43 96.01
C ASN H 567 -6.04 -5.92 97.42
N ALA H 568 -6.98 -6.58 98.08
CA ALA H 568 -7.52 -6.14 99.35
C ALA H 568 -7.04 -7.02 100.50
N GLY H 569 -7.49 -6.67 101.70
CA GLY H 569 -7.09 -7.38 102.90
C GLY H 569 -7.24 -6.46 104.10
N PHE H 570 -6.71 -6.94 105.23
CA PHE H 570 -6.73 -6.15 106.45
C PHE H 570 -5.87 -6.84 107.50
N GLY H 571 -5.12 -6.03 108.26
CA GLY H 571 -4.30 -6.53 109.36
C GLY H 571 -5.02 -6.41 110.69
N TYR H 572 -4.87 -7.45 111.52
CA TYR H 572 -5.82 -7.73 112.57
C TYR H 572 -5.09 -8.19 113.82
N GLU H 573 -5.87 -8.44 114.89
CA GLU H 573 -5.33 -8.98 116.14
C GLU H 573 -5.42 -10.50 116.16
N ALA H 574 -6.63 -11.05 116.04
CA ALA H 574 -6.87 -12.49 116.04
C ALA H 574 -7.78 -12.81 114.87
N ASN H 575 -7.59 -14.00 114.29
CA ASN H 575 -8.27 -14.37 113.06
C ASN H 575 -9.79 -14.36 113.18
N LEU H 576 -10.34 -14.38 114.39
CA LEU H 576 -11.76 -14.17 114.62
C LEU H 576 -12.14 -12.69 114.69
N THR H 577 -11.20 -11.78 114.44
CA THR H 577 -11.48 -10.34 114.39
C THR H 577 -11.17 -9.75 113.02
N GLU H 578 -11.11 -10.58 111.97
CA GLU H 578 -10.77 -10.08 110.65
C GLU H 578 -11.86 -9.14 110.12
N ASP H 579 -13.13 -9.48 110.34
CA ASP H 579 -14.26 -8.71 109.86
C ASP H 579 -14.72 -7.65 110.86
N ALA H 580 -13.88 -7.28 111.82
CA ALA H 580 -14.29 -6.32 112.84
C ALA H 580 -14.39 -4.91 112.28
N ASP H 581 -13.50 -4.55 111.35
CA ASP H 581 -13.40 -3.19 110.81
C ASP H 581 -13.91 -3.19 109.37
N LYS H 582 -15.19 -2.84 109.20
CA LYS H 582 -15.86 -3.02 107.92
C LYS H 582 -15.52 -1.93 106.90
N PRO H 583 -15.78 -0.64 107.16
CA PRO H 583 -15.43 0.37 106.13
C PRO H 583 -13.94 0.62 105.99
N GLU H 584 -13.12 0.09 106.89
CA GLU H 584 -11.68 0.38 106.85
C GLU H 584 -10.97 -0.36 105.74
N LEU H 585 -11.63 -1.33 105.08
CA LEU H 585 -11.09 -1.89 103.86
C LEU H 585 -10.92 -0.81 102.80
N MET H 586 -11.94 0.04 102.66
CA MET H 586 -11.86 1.15 101.71
C MET H 586 -10.82 2.17 102.14
N ASP H 587 -10.61 2.34 103.45
CA ASP H 587 -9.57 3.24 103.93
C ASP H 587 -8.19 2.65 103.68
N ARG H 588 -8.06 1.33 103.82
CA ARG H 588 -6.81 0.67 103.44
C ARG H 588 -6.54 0.85 101.94
N LEU H 589 -7.57 0.67 101.12
CA LEU H 589 -7.44 0.81 99.68
C LEU H 589 -7.49 2.27 99.21
N LYS H 590 -7.78 3.21 100.11
CA LYS H 590 -7.87 4.63 99.79
C LYS H 590 -6.70 5.22 99.01
N PRO H 591 -5.43 4.86 99.25
CA PRO H 591 -4.33 5.63 98.63
C PRO H 591 -4.34 5.69 97.11
N PHE H 592 -4.96 4.74 96.42
CA PHE H 592 -4.95 4.70 94.96
C PHE H 592 -6.28 5.13 94.33
N PHE H 593 -7.25 5.59 95.12
CA PHE H 593 -8.45 6.21 94.57
C PHE H 593 -8.93 7.31 95.51
N ARG H 594 -10.08 7.87 95.17
CA ARG H 594 -10.69 8.96 95.91
C ARG H 594 -12.19 8.72 95.98
N PRO H 595 -12.91 9.46 96.84
CA PRO H 595 -14.37 9.26 96.92
C PRO H 595 -15.10 9.54 95.62
N GLU H 596 -14.54 10.37 94.74
CA GLU H 596 -15.13 10.58 93.43
C GLU H 596 -15.11 9.30 92.61
N PHE H 597 -14.18 8.40 92.88
CA PHE H 597 -14.08 7.09 92.24
C PHE H 597 -14.91 6.05 92.97
N LEU H 598 -14.98 6.16 94.29
CA LEU H 598 -15.68 5.17 95.10
C LEU H 598 -17.19 5.28 94.96
N ASN H 599 -17.70 6.52 94.99
CA ASN H 599 -19.14 6.76 95.04
C ASN H 599 -19.87 6.39 93.75
N ARG H 600 -19.16 5.99 92.70
CA ARG H 600 -19.77 5.57 91.45
C ARG H 600 -20.08 4.08 91.38
N PHE H 601 -19.91 3.35 92.49
CA PHE H 601 -19.99 1.90 92.49
C PHE H 601 -21.20 1.40 93.26
N ASN H 602 -21.72 0.24 92.85
CA ASN H 602 -23.00 -0.28 93.34
C ASN H 602 -22.75 -1.14 94.59
N ALA H 603 -22.50 -0.39 95.66
CA ALA H 603 -22.45 -0.70 97.09
C ALA H 603 -21.22 -1.42 97.63
N VAL H 604 -20.75 -2.53 97.07
CA VAL H 604 -19.39 -2.89 96.70
C VAL H 604 -19.51 -4.38 96.99
N ILE H 605 -18.63 -5.25 96.49
CA ILE H 605 -18.62 -6.65 96.97
C ILE H 605 -17.43 -6.86 97.90
N GLU H 606 -17.71 -7.39 99.09
CA GLU H 606 -16.78 -7.37 100.22
C GLU H 606 -15.59 -8.30 100.01
N PHE H 607 -14.70 -8.33 101.02
CA PHE H 607 -13.47 -9.11 100.95
C PHE H 607 -13.68 -10.56 101.37
N SER H 608 -14.89 -10.90 101.83
CA SER H 608 -15.15 -11.96 102.81
C SER H 608 -14.34 -13.24 102.62
N HIS H 609 -13.97 -13.85 103.74
CA HIS H 609 -12.84 -14.78 103.82
C HIS H 609 -13.36 -16.21 103.73
N LEU H 610 -12.42 -17.14 103.57
CA LEU H 610 -12.71 -18.56 103.68
C LEU H 610 -12.84 -18.94 105.15
N THR H 611 -13.96 -19.56 105.50
CA THR H 611 -14.31 -19.88 106.87
C THR H 611 -14.02 -21.35 107.18
N LYS H 612 -13.71 -21.62 108.45
CA LYS H 612 -13.70 -23.01 108.94
C LYS H 612 -15.15 -23.44 109.16
N GLU H 613 -15.77 -23.78 108.05
CA GLU H 613 -17.18 -24.13 107.94
C GLU H 613 -17.22 -25.17 106.82
N ASP H 614 -18.32 -25.31 106.10
CA ASP H 614 -18.50 -26.45 105.21
C ASP H 614 -17.52 -26.34 104.04
N LEU H 615 -16.26 -26.71 104.32
CA LEU H 615 -15.24 -26.88 103.29
C LEU H 615 -15.61 -27.97 102.30
N SER H 616 -16.49 -28.91 102.67
CA SER H 616 -16.74 -30.07 101.85
C SER H 616 -17.36 -29.69 100.50
N LYS H 617 -18.04 -28.55 100.43
CA LYS H 617 -18.64 -28.14 99.17
C LYS H 617 -17.57 -27.90 98.10
N ILE H 618 -16.40 -27.38 98.48
CA ILE H 618 -15.28 -27.32 97.54
C ILE H 618 -14.81 -28.73 97.21
N VAL H 619 -14.68 -29.58 98.23
CA VAL H 619 -14.15 -30.94 98.01
C VAL H 619 -15.16 -31.79 97.25
N ASP H 620 -16.46 -31.53 97.43
CA ASP H 620 -17.47 -32.27 96.69
C ASP H 620 -17.41 -31.94 95.20
N LEU H 621 -17.04 -30.69 94.87
CA LEU H 621 -16.93 -30.30 93.46
C LEU H 621 -15.61 -30.78 92.86
N MET H 622 -14.51 -30.66 93.60
CA MET H 622 -13.22 -31.12 93.09
C MET H 622 -13.26 -32.59 92.76
N LEU H 623 -13.77 -33.41 93.69
CA LEU H 623 -13.90 -34.85 93.44
C LEU H 623 -14.78 -35.12 92.23
N ALA H 624 -15.79 -34.28 92.00
CA ALA H 624 -16.60 -34.41 90.78
C ALA H 624 -15.77 -34.07 89.55
N GLU H 625 -14.86 -33.10 89.66
CA GLU H 625 -14.00 -32.76 88.53
C GLU H 625 -13.00 -33.87 88.23
N VAL H 626 -12.61 -34.63 89.26
CA VAL H 626 -11.74 -35.79 89.05
C VAL H 626 -12.43 -36.80 88.15
N ASN H 627 -13.64 -37.22 88.53
CA ASN H 627 -14.33 -38.25 87.76
C ASN H 627 -14.80 -37.71 86.42
N GLN H 628 -15.18 -36.44 86.34
CA GLN H 628 -15.50 -35.83 85.05
C GLN H 628 -14.29 -35.86 84.13
N THR H 629 -13.11 -35.57 84.67
CA THR H 629 -11.87 -35.71 83.89
C THR H 629 -11.65 -37.16 83.49
N LEU H 630 -11.73 -38.08 84.46
CA LEU H 630 -11.49 -39.49 84.17
C LEU H 630 -12.58 -40.09 83.30
N ALA H 631 -13.77 -39.49 83.28
CA ALA H 631 -14.90 -40.08 82.56
C ALA H 631 -14.69 -40.08 81.05
N LYS H 632 -13.75 -39.27 80.55
CA LYS H 632 -13.49 -39.27 79.11
C LYS H 632 -13.03 -40.62 78.62
N LYS H 633 -12.23 -41.33 79.42
CA LYS H 633 -11.77 -42.67 79.10
C LYS H 633 -12.61 -43.75 79.78
N ASP H 634 -13.85 -43.41 80.18
CA ASP H 634 -14.74 -44.35 80.86
C ASP H 634 -14.10 -44.85 82.15
N ILE H 635 -13.52 -43.93 82.91
CA ILE H 635 -12.86 -44.23 84.18
C ILE H 635 -13.59 -43.44 85.26
N ASP H 636 -14.13 -44.16 86.25
CA ASP H 636 -14.95 -43.55 87.28
C ASP H 636 -14.81 -44.38 88.55
N LEU H 637 -14.19 -43.80 89.57
CA LEU H 637 -13.90 -44.48 90.83
C LEU H 637 -14.88 -44.01 91.91
N VAL H 638 -14.98 -44.84 92.96
CA VAL H 638 -15.58 -44.40 94.21
C VAL H 638 -14.55 -43.55 94.94
N VAL H 639 -14.98 -42.36 95.37
CA VAL H 639 -14.11 -41.43 96.09
C VAL H 639 -14.75 -41.12 97.43
N SER H 640 -14.02 -41.39 98.51
CA SER H 640 -14.55 -41.22 99.85
C SER H 640 -14.68 -39.74 100.18
N GLN H 641 -15.76 -39.40 100.89
CA GLN H 641 -15.90 -38.04 101.40
C GLN H 641 -14.86 -37.72 102.46
N ALA H 642 -14.24 -38.73 103.07
CA ALA H 642 -13.19 -38.54 104.06
C ALA H 642 -11.88 -38.01 103.46
N ALA H 643 -11.83 -37.79 102.14
CA ALA H 643 -10.69 -37.11 101.55
C ALA H 643 -10.50 -35.70 102.14
N LYS H 644 -11.58 -35.10 102.63
CA LYS H 644 -11.50 -33.77 103.24
C LYS H 644 -10.58 -33.76 104.46
N ASP H 645 -10.50 -34.88 105.20
CA ASP H 645 -9.81 -34.90 106.48
C ASP H 645 -8.32 -34.60 106.36
N TYR H 646 -7.73 -34.86 105.19
CA TYR H 646 -6.33 -34.58 104.92
C TYR H 646 -6.14 -33.30 104.13
N ILE H 647 -7.13 -32.88 103.36
CA ILE H 647 -7.06 -31.67 102.56
C ILE H 647 -7.18 -30.42 103.43
N THR H 648 -8.25 -30.35 104.21
CA THR H 648 -8.58 -29.14 104.96
C THR H 648 -7.49 -28.76 105.94
N GLU H 649 -6.69 -29.72 106.43
CA GLU H 649 -5.59 -29.44 107.35
C GLU H 649 -4.73 -28.26 106.91
N GLU H 650 -4.57 -28.07 105.60
CA GLU H 650 -4.02 -26.84 105.04
C GLU H 650 -5.08 -25.98 104.36
N GLY H 651 -6.21 -26.57 103.94
CA GLY H 651 -7.23 -25.83 103.20
C GLY H 651 -7.76 -24.60 103.91
N TYR H 652 -8.25 -24.75 105.14
CA TYR H 652 -8.87 -23.64 105.86
C TYR H 652 -7.85 -22.72 106.54
N ASP H 653 -6.58 -22.78 106.14
CA ASP H 653 -5.59 -21.82 106.62
C ASP H 653 -5.96 -20.43 106.15
N GLU H 654 -6.20 -19.51 107.09
CA GLU H 654 -6.62 -18.16 106.75
C GLU H 654 -5.54 -17.39 105.98
N VAL H 655 -4.27 -17.80 106.09
CA VAL H 655 -3.19 -17.10 105.41
C VAL H 655 -3.39 -17.17 103.90
N MET H 656 -3.81 -18.33 103.39
CA MET H 656 -3.85 -18.60 101.96
C MET H 656 -5.24 -18.50 101.36
N GLY H 657 -6.27 -18.95 102.08
CA GLY H 657 -7.60 -19.04 101.51
C GLY H 657 -7.79 -20.35 100.78
N VAL H 658 -8.46 -20.29 99.63
CA VAL H 658 -8.61 -21.48 98.79
C VAL H 658 -7.40 -21.52 97.86
N ARG H 659 -6.21 -21.78 98.42
CA ARG H 659 -5.04 -22.18 97.64
C ARG H 659 -4.78 -23.69 97.69
N PRO H 660 -4.68 -24.33 98.87
CA PRO H 660 -4.31 -25.76 98.87
C PRO H 660 -5.36 -26.70 98.33
N LEU H 661 -6.61 -26.26 98.15
CA LEU H 661 -7.70 -27.18 97.88
C LEU H 661 -7.46 -27.95 96.57
N ARG H 662 -7.13 -27.23 95.50
CA ARG H 662 -6.85 -27.89 94.23
C ARG H 662 -5.49 -28.58 94.23
N ARG H 663 -4.53 -28.07 95.00
CA ARG H 663 -3.17 -28.61 94.95
C ARG H 663 -3.09 -29.97 95.64
N VAL H 664 -3.88 -30.19 96.69
CA VAL H 664 -3.83 -31.46 97.41
C VAL H 664 -4.57 -32.54 96.63
N VAL H 665 -5.76 -32.21 96.11
CA VAL H 665 -6.55 -33.20 95.37
C VAL H 665 -5.84 -33.63 94.10
N GLU H 666 -5.36 -32.66 93.32
CA GLU H 666 -4.77 -33.00 92.03
C GLU H 666 -3.46 -33.76 92.19
N GLN H 667 -2.87 -33.74 93.39
CA GLN H 667 -1.68 -34.56 93.67
C GLN H 667 -2.08 -35.88 94.31
N GLU H 668 -3.05 -35.87 95.21
CA GLU H 668 -3.33 -37.04 96.04
C GLU H 668 -3.96 -38.17 95.22
N ILE H 669 -5.00 -37.86 94.44
CA ILE H 669 -5.76 -38.90 93.73
C ILE H 669 -5.14 -39.19 92.36
N ARG H 670 -4.71 -38.15 91.66
CA ARG H 670 -4.30 -38.26 90.26
C ARG H 670 -3.21 -39.30 90.05
N ASP H 671 -2.23 -39.33 90.95
CA ASP H 671 -1.10 -40.25 90.78
C ASP H 671 -1.48 -41.68 91.12
N LYS H 672 -2.39 -41.87 92.08
CA LYS H 672 -2.78 -43.22 92.49
C LYS H 672 -3.67 -43.88 91.45
N VAL H 673 -4.59 -43.12 90.87
CA VAL H 673 -5.43 -43.67 89.79
C VAL H 673 -4.58 -43.97 88.56
N THR H 674 -3.43 -43.31 88.42
CA THR H 674 -2.54 -43.56 87.29
C THR H 674 -1.81 -44.89 87.45
N ASP H 675 -1.51 -45.28 88.70
CA ASP H 675 -0.70 -46.47 88.93
C ASP H 675 -1.51 -47.74 88.70
N PHE H 676 -2.84 -47.69 88.84
CA PHE H 676 -3.66 -48.89 88.72
C PHE H 676 -4.21 -49.08 87.33
N HIS H 677 -4.28 -48.03 86.50
CA HIS H 677 -4.58 -48.24 85.09
C HIS H 677 -3.53 -49.12 84.42
N LEU H 678 -2.31 -49.15 84.96
CA LEU H 678 -1.25 -50.03 84.49
C LEU H 678 -1.52 -51.49 84.77
N ASP H 679 -2.21 -51.82 85.87
CA ASP H 679 -2.71 -53.16 86.10
C ASP H 679 -3.99 -53.46 85.32
N HIS H 680 -4.48 -52.48 84.53
CA HIS H 680 -5.68 -52.64 83.73
C HIS H 680 -6.88 -53.04 84.59
N LEU H 681 -6.99 -52.38 85.75
CA LEU H 681 -8.08 -52.62 86.68
C LEU H 681 -9.26 -51.72 86.34
N ASP H 682 -10.46 -52.28 86.43
CA ASP H 682 -11.68 -51.55 86.10
C ASP H 682 -11.97 -50.57 87.23
N ALA H 683 -12.09 -49.28 86.87
CA ALA H 683 -12.28 -48.23 87.87
C ALA H 683 -13.59 -48.39 88.64
N LYS H 684 -14.62 -48.97 88.01
CA LYS H 684 -15.93 -49.05 88.64
C LYS H 684 -15.94 -49.95 89.87
N HIS H 685 -14.90 -50.74 90.10
CA HIS H 685 -14.77 -51.58 91.29
C HIS H 685 -13.55 -51.22 92.14
N LEU H 686 -13.02 -50.00 91.99
CA LEU H 686 -11.94 -49.50 92.83
C LEU H 686 -12.49 -48.41 93.74
N GLU H 687 -12.02 -48.37 94.99
CA GLU H 687 -12.49 -47.44 95.99
C GLU H 687 -11.33 -46.65 96.57
N ALA H 688 -11.35 -45.33 96.38
CA ALA H 688 -10.33 -44.44 96.92
C ALA H 688 -10.60 -44.26 98.41
N ASP H 689 -9.84 -45.01 99.22
CA ASP H 689 -10.05 -45.11 100.67
C ASP H 689 -8.72 -44.83 101.36
N MET H 690 -8.62 -43.66 102.00
CA MET H 690 -7.38 -43.23 102.61
C MET H 690 -7.13 -43.94 103.93
N GLU H 691 -5.86 -44.09 104.28
CA GLU H 691 -5.43 -44.70 105.53
C GLU H 691 -4.27 -43.89 106.09
N ASP H 692 -4.48 -43.28 107.26
CA ASP H 692 -3.44 -42.52 107.96
C ASP H 692 -2.88 -41.40 107.09
N GLY H 693 -3.78 -40.66 106.44
CA GLY H 693 -3.40 -39.56 105.60
C GLY H 693 -2.82 -39.94 104.25
N VAL H 694 -2.71 -41.23 103.96
CA VAL H 694 -2.18 -41.74 102.70
C VAL H 694 -3.33 -42.37 101.92
N LEU H 695 -3.42 -42.06 100.63
CA LEU H 695 -4.46 -42.68 99.81
C LEU H 695 -4.04 -44.08 99.36
N VAL H 696 -4.83 -45.06 99.79
CA VAL H 696 -4.71 -46.44 99.31
C VAL H 696 -6.03 -46.77 98.61
N ILE H 697 -6.06 -46.64 97.29
CA ILE H 697 -7.24 -47.02 96.51
C ILE H 697 -7.39 -48.53 96.61
N ARG H 698 -8.59 -48.98 96.94
CA ARG H 698 -8.88 -50.40 97.14
C ARG H 698 -8.92 -51.14 95.81
N LEU I 76 -17.75 32.85 26.30
CA LEU I 76 -17.13 31.69 26.96
C LEU I 76 -18.14 30.78 27.64
N ALA I 77 -19.44 31.01 27.39
CA ALA I 77 -20.49 30.16 27.96
C ALA I 77 -20.65 28.89 27.14
N LYS I 78 -19.55 28.11 27.07
CA LYS I 78 -19.45 27.00 26.13
C LYS I 78 -19.23 25.61 26.74
N LEU I 79 -18.51 25.38 27.86
CA LEU I 79 -17.61 26.17 28.74
C LEU I 79 -18.22 27.12 29.78
N GLY I 80 -19.54 27.24 29.87
CA GLY I 80 -20.13 28.02 30.93
C GLY I 80 -21.60 28.32 30.77
N ARG I 81 -21.98 29.47 31.32
CA ARG I 81 -23.37 29.92 31.42
C ARG I 81 -23.42 31.42 31.21
N ASN I 82 -24.04 31.85 30.12
CA ASN I 82 -24.18 33.26 29.79
C ASN I 82 -25.35 33.81 30.62
N LEU I 83 -25.04 34.64 31.62
CA LEU I 83 -26.04 35.09 32.56
C LEU I 83 -26.88 36.23 32.01
N THR I 84 -26.29 37.11 31.19
CA THR I 84 -27.07 38.18 30.58
C THR I 84 -28.01 37.64 29.51
N ALA I 85 -27.60 36.58 28.79
CA ALA I 85 -28.49 35.97 27.81
C ALA I 85 -29.73 35.40 28.48
N GLU I 86 -29.57 34.78 29.65
CA GLU I 86 -30.72 34.31 30.41
C GLU I 86 -31.50 35.48 31.00
N ALA I 87 -30.82 36.62 31.21
CA ALA I 87 -31.53 37.83 31.63
C ALA I 87 -32.33 38.42 30.48
N ARG I 88 -31.78 38.39 29.27
CA ARG I 88 -32.50 38.88 28.11
C ARG I 88 -33.74 38.06 27.81
N GLU I 89 -33.78 36.79 28.23
CA GLU I 89 -34.91 35.91 28.00
C GLU I 89 -35.90 35.87 29.15
N GLY I 90 -35.71 36.68 30.19
CA GLY I 90 -36.60 36.66 31.32
C GLY I 90 -36.55 35.40 32.14
N LYS I 91 -35.36 34.80 32.28
CA LYS I 91 -35.19 33.53 32.99
C LYS I 91 -34.81 33.71 34.47
N LEU I 92 -34.75 34.94 34.97
CA LEU I 92 -34.27 35.22 36.31
C LEU I 92 -35.44 35.38 37.28
N ASP I 93 -35.13 35.24 38.58
CA ASP I 93 -36.07 35.46 39.66
C ASP I 93 -36.00 36.91 40.10
N PRO I 94 -36.97 37.78 39.74
CA PRO I 94 -36.82 39.20 40.16
C PRO I 94 -37.05 39.41 41.65
N VAL I 95 -36.01 39.10 42.43
CA VAL I 95 -36.01 39.38 43.86
C VAL I 95 -35.53 40.81 44.06
N ILE I 96 -36.19 41.54 44.96
CA ILE I 96 -35.86 42.93 45.26
C ILE I 96 -35.65 43.06 46.77
N GLY I 97 -35.36 44.30 47.19
CA GLY I 97 -34.85 44.56 48.52
C GLY I 97 -33.33 44.52 48.60
N ARG I 98 -32.68 43.86 47.64
CA ARG I 98 -31.24 43.87 47.50
C ARG I 98 -30.75 44.98 46.60
N ASN I 99 -31.55 46.03 46.42
CA ASN I 99 -31.19 47.10 45.49
C ASN I 99 -29.94 47.84 45.94
N LYS I 100 -29.74 47.95 47.26
CA LYS I 100 -28.55 48.63 47.77
C LYS I 100 -27.26 47.92 47.37
N GLU I 101 -27.30 46.61 47.14
CA GLU I 101 -26.12 45.89 46.68
C GLU I 101 -25.94 46.04 45.17
N ILE I 102 -27.00 46.38 44.44
CA ILE I 102 -26.85 46.85 43.07
C ILE I 102 -26.32 48.27 43.06
N GLN I 103 -26.78 49.09 44.01
CA GLN I 103 -26.21 50.42 44.18
C GLN I 103 -24.73 50.32 44.53
N GLU I 104 -24.38 49.33 45.35
CA GLU I 104 -22.97 49.08 45.64
C GLU I 104 -22.27 48.45 44.43
N ALA I 105 -23.02 47.84 43.52
CA ALA I 105 -22.47 47.39 42.26
C ALA I 105 -22.29 48.52 41.25
N SER I 106 -22.60 49.77 41.62
CA SER I 106 -22.25 50.90 40.76
C SER I 106 -20.74 50.99 40.58
N GLU I 107 -19.97 50.66 41.62
CA GLU I 107 -18.52 50.62 41.51
C GLU I 107 -18.02 49.33 40.87
N ILE I 108 -18.73 48.22 41.08
CA ILE I 108 -18.34 46.96 40.47
C ILE I 108 -18.30 47.09 38.95
N LEU I 109 -19.26 47.83 38.39
CA LEU I 109 -19.37 47.95 36.94
C LEU I 109 -18.52 49.08 36.38
N SER I 110 -18.19 50.09 37.19
CA SER I 110 -17.68 51.37 36.68
C SER I 110 -16.18 51.57 36.85
N ARG I 111 -15.56 51.00 37.88
CA ARG I 111 -14.15 51.25 38.14
C ARG I 111 -13.31 50.81 36.95
N ARG I 112 -12.53 51.74 36.40
CA ARG I 112 -11.83 51.51 35.14
C ARG I 112 -10.61 50.60 35.31
N THR I 113 -10.01 50.58 36.49
CA THR I 113 -8.82 49.77 36.73
C THR I 113 -8.78 49.37 38.19
N LYS I 114 -8.08 48.26 38.45
CA LYS I 114 -7.96 47.71 39.81
C LYS I 114 -9.35 47.48 40.39
N ASN I 115 -10.22 46.90 39.58
CA ASN I 115 -11.66 47.04 39.73
C ASN I 115 -12.37 45.73 40.10
N ASN I 116 -11.62 44.74 40.57
CA ASN I 116 -12.20 43.42 40.83
C ASN I 116 -12.68 43.35 42.27
N PRO I 117 -13.99 43.45 42.55
CA PRO I 117 -14.45 43.52 43.94
C PRO I 117 -14.21 42.23 44.72
N VAL I 118 -14.66 42.27 45.98
CA VAL I 118 -14.58 41.14 46.91
C VAL I 118 -15.95 40.99 47.56
N LEU I 119 -16.81 40.18 46.96
CA LEU I 119 -18.16 39.93 47.46
C LEU I 119 -18.10 38.91 48.60
N VAL I 120 -19.16 38.85 49.41
CA VAL I 120 -19.25 37.91 50.53
C VAL I 120 -20.69 37.38 50.60
N GLY I 121 -20.83 36.11 51.01
CA GLY I 121 -22.16 35.54 51.18
C GLY I 121 -22.12 34.07 51.56
N ASP I 122 -23.31 33.51 51.76
CA ASP I 122 -23.51 32.09 52.08
C ASP I 122 -23.65 31.29 50.78
N ALA I 123 -23.44 29.98 50.88
CA ALA I 123 -23.57 29.07 49.75
C ALA I 123 -24.99 29.14 49.22
N GLY I 124 -25.15 29.53 47.95
CA GLY I 124 -26.47 29.75 47.40
C GLY I 124 -27.28 30.78 48.13
N VAL I 125 -26.63 31.76 48.78
CA VAL I 125 -27.34 32.85 49.43
C VAL I 125 -28.16 33.64 48.43
N GLY I 126 -27.70 33.71 47.18
CA GLY I 126 -28.25 34.58 46.18
C GLY I 126 -27.46 35.85 45.99
N LYS I 127 -26.17 35.83 46.29
CA LYS I 127 -25.31 36.95 45.92
C LYS I 127 -24.92 36.82 44.45
N THR I 128 -24.96 35.60 43.92
CA THR I 128 -25.08 35.41 42.48
C THR I 128 -26.32 36.09 41.94
N ALA I 129 -27.44 35.97 42.67
CA ALA I 129 -28.69 36.58 42.22
C ALA I 129 -28.60 38.11 42.21
N VAL I 130 -27.71 38.68 43.04
CA VAL I 130 -27.42 40.10 42.94
C VAL I 130 -26.78 40.42 41.60
N VAL I 131 -25.73 39.67 41.24
CA VAL I 131 -25.04 39.92 39.98
C VAL I 131 -25.94 39.56 38.81
N GLU I 132 -26.80 38.55 38.98
CA GLU I 132 -27.87 38.35 38.01
C GLU I 132 -28.85 39.52 38.06
N GLY I 133 -29.13 40.02 39.25
CA GLY I 133 -29.89 41.27 39.36
C GLY I 133 -29.14 42.44 38.75
N LEU I 134 -27.81 42.41 38.80
CA LEU I 134 -27.02 43.40 38.07
C LEU I 134 -27.14 43.16 36.57
N ALA I 135 -27.03 41.90 36.13
CA ALA I 135 -27.24 41.57 34.73
C ALA I 135 -28.61 42.02 34.25
N GLN I 136 -29.65 41.80 35.08
CA GLN I 136 -30.97 42.31 34.76
C GLN I 136 -30.96 43.83 34.62
N ALA I 137 -30.19 44.51 35.49
CA ALA I 137 -30.09 45.97 35.39
C ALA I 137 -29.39 46.38 34.10
N ILE I 138 -28.46 45.55 33.62
CA ILE I 138 -27.77 45.88 32.37
C ILE I 138 -28.70 45.71 31.18
N VAL I 139 -29.50 44.63 31.18
CA VAL I 139 -30.41 44.39 30.06
C VAL I 139 -31.45 45.50 29.98
N ASN I 140 -32.03 45.88 31.12
CA ASN I 140 -33.09 46.88 31.15
C ASN I 140 -32.56 48.32 31.12
N GLY I 141 -31.25 48.51 31.05
CA GLY I 141 -30.70 49.85 31.05
C GLY I 141 -30.90 50.60 32.34
N ASP I 142 -30.88 49.88 33.47
CA ASP I 142 -30.89 50.49 34.80
C ASP I 142 -29.47 50.71 35.33
N VAL I 143 -28.52 50.93 34.43
CA VAL I 143 -27.11 51.05 34.76
C VAL I 143 -26.54 52.22 33.96
N PRO I 144 -25.41 52.79 34.39
CA PRO I 144 -24.81 53.87 33.60
C PRO I 144 -24.16 53.33 32.32
N ALA I 145 -23.70 54.28 31.50
CA ALA I 145 -23.12 53.92 30.21
C ALA I 145 -21.77 53.22 30.33
N ALA I 146 -21.16 53.23 31.53
CA ALA I 146 -19.87 52.58 31.70
C ALA I 146 -19.92 51.09 31.41
N ILE I 147 -21.09 50.47 31.56
CA ILE I 147 -21.28 49.03 31.47
C ILE I 147 -22.22 48.65 30.32
N LYS I 148 -22.46 49.57 29.37
CA LYS I 148 -23.36 49.26 28.28
C LYS I 148 -22.78 48.15 27.41
N ASN I 149 -23.64 47.18 27.08
CA ASN I 149 -23.28 46.08 26.18
C ASN I 149 -22.11 45.25 26.73
N LYS I 150 -22.06 45.09 28.06
CA LYS I 150 -21.07 44.26 28.72
C LYS I 150 -21.74 42.96 29.16
N GLU I 151 -21.37 41.87 28.51
CA GLU I 151 -21.93 40.56 28.78
C GLU I 151 -21.28 39.96 30.04
N ILE I 152 -22.03 39.11 30.74
CA ILE I 152 -21.53 38.38 31.90
C ILE I 152 -21.62 36.89 31.57
N VAL I 153 -20.56 36.16 31.91
CA VAL I 153 -20.51 34.71 31.75
C VAL I 153 -19.99 34.11 33.05
N SER I 154 -20.65 33.05 33.52
CA SER I 154 -20.19 32.34 34.70
C SER I 154 -19.20 31.25 34.27
N ILE I 155 -17.95 31.39 34.71
CA ILE I 155 -16.89 30.44 34.38
C ILE I 155 -16.85 29.41 35.49
N ASP I 156 -17.04 28.14 35.12
CA ASP I 156 -17.25 27.06 36.09
C ASP I 156 -15.90 26.44 36.41
N ILE I 157 -15.27 26.93 37.48
CA ILE I 157 -14.00 26.37 37.93
C ILE I 157 -14.19 24.97 38.52
N SER I 158 -15.40 24.65 38.99
CA SER I 158 -15.65 23.30 39.50
C SER I 158 -15.51 22.23 38.43
N GLY I 159 -15.65 22.60 37.15
CA GLY I 159 -15.36 21.72 36.04
C GLY I 159 -13.90 21.72 35.63
N LEU I 160 -13.00 22.17 36.49
CA LEU I 160 -11.58 22.15 36.19
C LEU I 160 -11.12 20.72 35.96
N GLU I 161 -10.24 20.53 34.97
CA GLU I 161 -9.67 19.24 34.58
C GLU I 161 -10.70 18.29 33.98
N ALA I 162 -11.94 18.74 33.72
CA ALA I 162 -12.96 17.86 33.17
C ALA I 162 -12.66 17.54 31.72
N GLY I 163 -12.50 16.26 31.41
CA GLY I 163 -12.22 15.80 30.06
C GLY I 163 -10.77 15.55 29.76
N THR I 164 -9.86 15.84 30.69
CA THR I 164 -8.44 15.57 30.50
C THR I 164 -8.06 14.12 30.78
N GLN I 165 -8.92 13.37 31.48
CA GLN I 165 -8.64 12.02 31.96
C GLN I 165 -7.45 11.96 32.93
N TYR I 166 -6.96 13.11 33.40
CA TYR I 166 -5.70 13.21 34.14
C TYR I 166 -4.54 12.58 33.36
N ARG I 167 -4.61 12.62 32.03
CA ARG I 167 -3.51 12.26 31.13
C ARG I 167 -3.04 13.41 30.27
N GLY I 168 -3.93 14.34 29.94
CA GLY I 168 -3.62 15.48 29.08
C GLY I 168 -3.33 16.74 29.88
N SER I 169 -3.87 17.86 29.40
CA SER I 169 -3.65 19.16 30.02
C SER I 169 -4.92 20.01 29.91
N PHE I 170 -5.02 20.99 30.81
CA PHE I 170 -6.08 21.98 30.81
C PHE I 170 -5.58 23.42 30.71
N GLU I 171 -4.30 23.67 31.00
CA GLU I 171 -3.81 25.03 31.17
C GLU I 171 -3.96 25.85 29.89
N GLU I 172 -4.02 25.19 28.74
CA GLU I 172 -4.29 25.89 27.49
C GLU I 172 -5.77 26.26 27.36
N ASN I 173 -6.68 25.44 27.86
CA ASN I 173 -8.09 25.79 27.90
C ASN I 173 -8.37 26.97 28.84
N VAL I 174 -7.42 27.29 29.73
CA VAL I 174 -7.48 28.51 30.53
C VAL I 174 -7.01 29.72 29.74
N GLN I 175 -5.83 29.61 29.12
CA GLN I 175 -5.37 30.65 28.21
C GLN I 175 -6.32 30.86 27.05
N ASN I 176 -7.10 29.83 26.70
CA ASN I 176 -8.16 29.98 25.69
C ASN I 176 -9.39 30.71 26.23
N LEU I 177 -9.58 30.77 27.55
CA LEU I 177 -10.58 31.70 28.08
C LEU I 177 -10.13 33.13 27.82
N VAL I 178 -8.85 33.43 28.09
CA VAL I 178 -8.29 34.75 27.83
C VAL I 178 -8.37 35.08 26.34
N ASN I 179 -8.03 34.12 25.48
CA ASN I 179 -7.85 34.40 24.06
C ASN I 179 -9.13 34.87 23.37
N GLU I 180 -10.30 34.46 23.85
CA GLU I 180 -11.55 34.98 23.27
C GLU I 180 -11.90 36.35 23.81
N VAL I 181 -11.89 36.53 25.13
CA VAL I 181 -12.46 37.73 25.73
C VAL I 181 -11.54 38.94 25.60
N LYS I 182 -10.23 38.73 25.51
CA LYS I 182 -9.31 39.84 25.32
C LYS I 182 -9.60 40.56 24.00
N GLU I 183 -9.95 39.81 22.95
CA GLU I 183 -10.23 40.36 21.64
C GLU I 183 -11.73 40.45 21.33
N ALA I 184 -12.55 39.57 21.92
CA ALA I 184 -13.99 39.69 21.71
C ALA I 184 -14.51 41.02 22.23
N GLY I 185 -13.95 41.50 23.32
CA GLY I 185 -14.29 42.82 23.83
C GLY I 185 -15.60 42.84 24.58
N ASN I 186 -15.59 43.58 25.70
CA ASN I 186 -16.80 43.89 26.46
C ASN I 186 -17.40 42.61 27.08
N ILE I 187 -16.56 41.82 27.74
CA ILE I 187 -16.98 40.63 28.47
C ILE I 187 -16.68 40.84 29.95
N ILE I 188 -17.66 40.53 30.79
CA ILE I 188 -17.48 40.39 32.23
C ILE I 188 -17.53 38.90 32.54
N LEU I 189 -16.81 38.48 33.57
CA LEU I 189 -16.78 37.09 33.98
C LEU I 189 -17.16 36.97 35.46
N PHE I 190 -17.73 35.82 35.82
CA PHE I 190 -18.36 35.65 37.12
C PHE I 190 -17.96 34.31 37.75
N PHE I 191 -17.94 34.27 39.09
CA PHE I 191 -17.89 33.02 39.82
C PHE I 191 -18.84 33.08 41.02
N ASP I 192 -19.38 31.92 41.39
CA ASP I 192 -20.21 31.83 42.59
C ASP I 192 -19.39 32.04 43.85
N ALA I 193 -18.36 31.23 44.05
CA ALA I 193 -17.46 31.37 45.19
C ALA I 193 -16.14 30.71 44.85
N ILE I 194 -15.05 31.45 45.02
CA ILE I 194 -13.71 30.94 44.78
C ILE I 194 -12.82 31.28 45.97
N HIS I 195 -12.08 30.28 46.44
CA HIS I 195 -10.78 30.46 47.07
C HIS I 195 -9.74 29.56 46.38
N GLN I 196 -10.22 28.48 45.73
CA GLN I 196 -9.35 27.44 45.19
C GLN I 196 -8.56 27.88 43.97
N ILE I 197 -8.82 29.07 43.41
CA ILE I 197 -8.07 29.50 42.24
C ILE I 197 -6.59 29.64 42.54
N LEU I 198 -6.26 30.05 43.76
CA LEU I 198 -4.88 30.28 44.16
C LEU I 198 -4.14 29.00 44.51
N GLY I 199 -4.74 27.82 44.30
CA GLY I 199 -3.99 26.59 44.40
C GLY I 199 -2.85 26.54 43.40
N ALA I 200 -3.14 26.86 42.14
CA ALA I 200 -2.11 27.14 41.14
C ALA I 200 -1.70 28.60 41.28
N GLY I 201 -1.15 28.91 42.45
CA GLY I 201 -0.85 30.28 42.81
C GLY I 201 -0.28 30.37 44.21
N SER I 202 -0.80 31.33 44.98
CA SER I 202 -0.39 31.57 46.36
C SER I 202 -1.60 31.45 47.27
N THR I 203 -1.69 30.34 48.00
CA THR I 203 -2.78 30.11 48.95
C THR I 203 -2.19 29.44 50.19
N GLY I 204 -3.07 28.92 51.04
CA GLY I 204 -2.69 28.35 52.32
C GLY I 204 -2.52 26.84 52.30
N GLY I 205 -3.49 26.13 52.88
CA GLY I 205 -3.37 24.69 53.02
C GLY I 205 -3.39 23.95 51.70
N ASP I 206 -4.06 24.50 50.68
CA ASP I 206 -4.19 23.88 49.37
C ASP I 206 -3.23 24.50 48.37
N SER I 207 -2.02 24.87 48.80
CA SER I 207 -1.01 25.41 47.91
C SER I 207 -0.40 24.31 47.06
N GLY I 208 -0.18 24.61 45.78
CA GLY I 208 0.41 23.68 44.86
C GLY I 208 -0.57 22.86 44.03
N SER I 209 -1.84 22.86 44.41
CA SER I 209 -2.85 22.17 43.64
C SER I 209 -3.10 22.90 42.31
N LYS I 210 -4.00 22.33 41.52
CA LYS I 210 -4.31 22.89 40.21
C LYS I 210 -5.40 23.96 40.33
N GLY I 211 -5.30 24.96 39.47
CA GLY I 211 -6.24 26.07 39.51
C GLY I 211 -6.14 26.90 38.24
N LEU I 212 -6.53 28.17 38.36
CA LEU I 212 -6.46 29.12 37.25
C LEU I 212 -5.50 30.27 37.50
N ALA I 213 -5.06 30.50 38.74
CA ALA I 213 -4.38 31.75 39.08
C ALA I 213 -3.08 31.94 38.33
N ASP I 214 -2.40 30.85 37.94
CA ASP I 214 -1.15 31.00 37.19
C ASP I 214 -1.35 31.72 35.86
N ILE I 215 -2.55 31.65 35.29
CA ILE I 215 -2.87 32.38 34.06
C ILE I 215 -3.59 33.69 34.36
N LEU I 216 -4.35 33.75 35.46
CA LEU I 216 -5.15 34.93 35.75
C LEU I 216 -4.40 35.94 36.60
N LYS I 217 -3.46 35.49 37.43
CA LYS I 217 -2.67 36.40 38.25
C LYS I 217 -1.84 37.33 37.36
N PRO I 218 -1.24 36.84 36.26
CA PRO I 218 -0.76 37.79 35.24
C PRO I 218 -1.87 38.65 34.66
N ALA I 219 -3.03 38.05 34.35
CA ALA I 219 -4.14 38.81 33.78
C ALA I 219 -4.61 39.90 34.74
N LEU I 220 -4.54 39.65 36.05
CA LEU I 220 -4.81 40.71 37.00
C LEU I 220 -3.73 41.79 36.95
N SER I 221 -2.46 41.38 36.90
CA SER I 221 -1.37 42.35 36.83
C SER I 221 -1.41 43.15 35.54
N ARG I 222 -1.78 42.49 34.43
CA ARG I 222 -1.90 43.20 33.15
C ARG I 222 -3.13 44.09 33.11
N GLY I 223 -4.20 43.71 33.79
CA GLY I 223 -5.45 44.43 33.69
C GLY I 223 -6.32 43.99 32.54
N GLU I 224 -6.17 42.75 32.09
CA GLU I 224 -6.94 42.23 30.97
C GLU I 224 -8.30 41.70 31.40
N LEU I 225 -8.34 40.84 32.42
CA LEU I 225 -9.54 40.12 32.82
C LEU I 225 -9.95 40.56 34.22
N THR I 226 -11.23 40.84 34.41
CA THR I 226 -11.83 41.06 35.72
C THR I 226 -12.93 40.02 35.91
N VAL I 227 -12.77 39.17 36.92
CA VAL I 227 -13.71 38.10 37.23
C VAL I 227 -14.21 38.30 38.66
N ILE I 228 -15.52 38.20 38.86
CA ILE I 228 -16.18 38.73 40.05
C ILE I 228 -17.04 37.66 40.72
N GLY I 229 -17.12 37.73 42.04
CA GLY I 229 -17.86 36.77 42.81
C GLY I 229 -17.50 36.86 44.28
N ALA I 230 -18.09 35.94 45.06
CA ALA I 230 -18.08 36.02 46.52
C ALA I 230 -17.30 34.89 47.16
N THR I 231 -17.06 35.03 48.45
CA THR I 231 -16.42 34.00 49.27
C THR I 231 -16.73 34.28 50.74
N THR I 232 -15.99 33.63 51.64
CA THR I 232 -16.07 33.89 53.06
C THR I 232 -15.18 35.09 53.42
N GLN I 233 -15.70 36.01 54.25
CA GLN I 233 -14.94 37.21 54.58
C GLN I 233 -13.65 36.90 55.31
N ASP I 234 -13.63 35.84 56.11
CA ASP I 234 -12.43 35.40 56.81
C ASP I 234 -11.44 34.68 55.90
N GLU I 235 -11.92 34.09 54.80
CA GLU I 235 -11.01 33.50 53.82
C GLU I 235 -10.20 34.56 53.09
N TYR I 236 -10.70 35.81 53.07
CA TYR I 236 -10.01 36.91 52.42
C TYR I 236 -8.65 37.21 53.05
N ARG I 237 -8.39 36.73 54.27
CA ARG I 237 -7.13 36.98 54.96
C ARG I 237 -5.92 36.56 54.13
N ASN I 238 -6.06 35.59 53.23
CA ASN I 238 -4.96 35.10 52.41
C ASN I 238 -4.49 36.11 51.36
N THR I 239 -5.12 37.28 51.27
CA THR I 239 -4.64 38.35 50.41
C THR I 239 -3.19 38.70 50.71
N ILE I 240 -2.80 38.64 51.98
CA ILE I 240 -1.47 39.03 52.39
C ILE I 240 -0.38 38.19 51.72
N LEU I 241 -0.71 36.97 51.30
CA LEU I 241 0.28 36.11 50.65
C LEU I 241 0.80 36.73 49.35
N LYS I 242 -0.10 37.23 48.51
CA LYS I 242 0.26 37.92 47.26
C LYS I 242 -0.57 39.20 47.16
N ASN I 243 -0.49 40.01 48.21
CA ASN I 243 -1.13 41.33 48.21
C ASN I 243 -0.79 42.15 46.98
N ALA I 244 0.43 42.02 46.45
CA ALA I 244 0.83 42.80 45.28
C ALA I 244 -0.06 42.54 44.07
N ALA I 245 -0.59 41.32 43.93
CA ALA I 245 -1.53 41.00 42.87
C ALA I 245 -2.99 41.12 43.29
N LEU I 246 -3.29 40.85 44.57
CA LEU I 246 -4.66 40.80 45.06
C LEU I 246 -5.07 42.08 45.77
N ALA I 247 -4.25 42.59 46.69
CA ALA I 247 -4.61 43.81 47.40
C ALA I 247 -4.57 45.02 46.48
N ARG I 248 -3.61 45.04 45.54
CA ARG I 248 -3.48 46.15 44.60
C ARG I 248 -4.41 46.03 43.40
N ARG I 249 -5.38 45.11 43.42
CA ARG I 249 -6.34 44.95 42.35
C ARG I 249 -7.78 44.82 42.84
N PHE I 250 -8.03 44.86 44.16
CA PHE I 250 -9.33 44.55 44.72
C PHE I 250 -9.88 45.69 45.54
N ASN I 251 -11.18 45.59 45.82
CA ASN I 251 -11.92 46.51 46.68
C ASN I 251 -12.98 45.72 47.43
N GLU I 252 -13.11 45.97 48.73
CA GLU I 252 -13.99 45.15 49.56
C GLU I 252 -15.46 45.56 49.42
N VAL I 253 -16.35 44.57 49.46
CA VAL I 253 -17.80 44.77 49.39
C VAL I 253 -18.34 44.74 50.81
N LYS I 254 -19.37 45.55 51.06
CA LYS I 254 -20.13 45.48 52.31
C LYS I 254 -21.08 44.28 52.22
N VAL I 255 -20.96 43.42 53.23
CA VAL I 255 -21.32 42.00 53.11
C VAL I 255 -22.76 41.81 52.67
N ASN I 256 -23.70 42.15 53.56
CA ASN I 256 -25.11 41.87 53.35
C ASN I 256 -25.88 42.39 54.56
N ALA I 257 -27.21 42.50 54.41
CA ALA I 257 -28.09 42.87 55.51
C ALA I 257 -29.45 42.22 55.30
N PRO I 258 -29.57 40.89 55.47
CA PRO I 258 -30.86 40.21 55.24
C PRO I 258 -31.88 40.48 56.34
N SER I 259 -32.59 41.60 56.20
CA SER I 259 -33.59 41.98 57.19
C SER I 259 -34.89 41.22 56.96
N ALA I 260 -35.66 41.04 58.04
CA ALA I 260 -36.97 40.41 57.93
C ALA I 260 -37.98 41.30 57.23
N GLU I 261 -37.73 42.61 57.18
CA GLU I 261 -38.65 43.55 56.54
C GLU I 261 -38.80 43.23 55.05
N ASN I 262 -37.69 43.08 54.35
CA ASN I 262 -37.72 42.72 52.93
C ASN I 262 -37.97 41.24 52.72
N THR I 263 -37.77 40.41 53.75
CA THR I 263 -38.06 38.99 53.63
C THR I 263 -39.53 38.74 53.27
N PHE I 264 -40.45 39.47 53.92
CA PHE I 264 -41.87 39.17 53.76
C PHE I 264 -42.34 39.37 52.32
N LYS I 265 -41.94 40.48 51.69
CA LYS I 265 -42.31 40.69 50.30
C LYS I 265 -41.72 39.61 49.41
N ILE I 266 -40.53 39.14 49.74
CA ILE I 266 -39.97 37.98 49.03
C ILE I 266 -40.82 36.75 49.30
N LEU I 267 -41.19 36.54 50.58
CA LEU I 267 -41.97 35.35 50.96
C LEU I 267 -43.27 35.25 50.16
N GLN I 268 -43.89 36.38 49.82
CA GLN I 268 -45.03 36.36 48.90
C GLN I 268 -44.58 35.92 47.51
N GLY I 269 -43.34 36.26 47.14
CA GLY I 269 -42.79 35.73 45.90
C GLY I 269 -42.43 34.26 46.00
N ILE I 270 -42.15 33.77 47.22
CA ILE I 270 -41.76 32.38 47.40
C ILE I 270 -42.98 31.47 47.28
N ARG I 271 -44.14 31.89 47.80
CA ARG I 271 -45.31 31.02 47.73
C ARG I 271 -45.75 30.80 46.29
N ASP I 272 -45.92 31.85 45.50
CA ASP I 272 -46.29 31.74 44.09
C ASP I 272 -45.29 30.93 43.27
N LEU I 273 -44.08 30.74 43.77
CA LEU I 273 -43.08 29.87 43.15
C LEU I 273 -43.22 28.40 43.57
N TYR I 274 -43.73 28.14 44.77
CA TYR I 274 -43.77 26.78 45.33
C TYR I 274 -45.14 26.30 45.77
N GLN I 275 -46.08 27.20 46.13
CA GLN I 275 -47.36 26.73 46.65
C GLN I 275 -48.17 26.00 45.60
N GLN I 276 -47.91 26.23 44.30
CA GLN I 276 -48.58 25.47 43.26
C GLN I 276 -48.06 24.04 43.15
N HIS I 277 -46.91 23.73 43.75
CA HIS I 277 -46.32 22.41 43.62
C HIS I 277 -47.17 21.34 44.32
N HIS I 278 -47.79 21.68 45.45
CA HIS I 278 -48.50 20.70 46.29
C HIS I 278 -49.99 21.05 46.43
N ASN I 279 -50.51 21.97 45.62
CA ASN I 279 -51.91 22.40 45.74
C ASN I 279 -52.19 22.95 47.14
N VAL I 280 -51.22 23.70 47.68
CA VAL I 280 -51.29 24.27 49.02
C VAL I 280 -51.56 25.76 48.90
N ILE I 281 -52.23 26.32 49.91
CA ILE I 281 -52.34 27.77 50.09
C ILE I 281 -51.42 28.17 51.23
N LEU I 282 -50.66 29.24 51.03
CA LEU I 282 -49.72 29.77 52.01
C LEU I 282 -50.08 31.23 52.28
N PRO I 283 -51.11 31.49 53.08
CA PRO I 283 -51.53 32.89 53.30
C PRO I 283 -50.48 33.68 54.07
N ASP I 284 -50.81 34.95 54.30
CA ASP I 284 -49.86 35.88 54.91
C ASP I 284 -49.46 35.46 56.32
N GLU I 285 -50.41 35.00 57.13
CA GLU I 285 -50.08 34.61 58.49
C GLU I 285 -49.15 33.42 58.55
N VAL I 286 -49.17 32.55 57.52
CA VAL I 286 -48.23 31.44 57.46
C VAL I 286 -46.85 31.94 57.07
N LEU I 287 -46.78 32.86 56.09
CA LEU I 287 -45.49 33.42 55.70
C LEU I 287 -44.83 34.16 56.86
N LYS I 288 -45.61 34.98 57.58
CA LYS I 288 -45.08 35.67 58.75
C LYS I 288 -44.65 34.67 59.83
N ALA I 289 -45.50 33.68 60.10
CA ALA I 289 -45.15 32.67 61.09
C ALA I 289 -43.93 31.87 60.69
N ALA I 290 -43.67 31.74 59.38
CA ALA I 290 -42.51 30.99 58.92
C ALA I 290 -41.19 31.63 59.36
N VAL I 291 -41.19 32.92 59.70
CA VAL I 291 -40.00 33.63 60.18
C VAL I 291 -40.23 34.18 61.59
N ASP I 292 -41.38 34.81 61.82
CA ASP I 292 -41.64 35.45 63.10
C ASP I 292 -41.67 34.44 64.25
N TYR I 293 -42.22 33.25 64.01
CA TYR I 293 -42.22 32.19 65.02
C TYR I 293 -40.91 31.41 65.01
N SER I 294 -40.30 31.23 63.84
CA SER I 294 -39.14 30.37 63.72
C SER I 294 -37.83 31.06 64.09
N VAL I 295 -37.74 32.39 63.91
CA VAL I 295 -36.51 33.13 64.21
C VAL I 295 -36.02 32.87 65.63
N GLN I 296 -36.96 32.62 66.54
CA GLN I 296 -36.61 32.35 67.94
C GLN I 296 -35.74 31.12 68.11
N TYR I 297 -35.87 30.12 67.21
CA TYR I 297 -35.24 28.81 67.38
C TYR I 297 -34.32 28.45 66.22
N ILE I 298 -33.81 29.44 65.49
CA ILE I 298 -32.90 29.21 64.36
C ILE I 298 -31.67 30.07 64.60
N PRO I 299 -30.60 29.54 65.21
CA PRO I 299 -29.34 30.29 65.29
C PRO I 299 -28.51 30.28 64.00
N GLN I 300 -29.09 29.86 62.87
CA GLN I 300 -28.34 29.65 61.64
C GLN I 300 -28.37 30.89 60.76
N ARG I 301 -27.32 31.03 59.95
CA ARG I 301 -27.28 32.05 58.91
C ARG I 301 -28.29 31.75 57.79
N SER I 302 -28.78 30.51 57.71
CA SER I 302 -29.69 30.10 56.64
C SER I 302 -31.15 30.41 56.93
N LEU I 303 -31.44 31.28 57.91
CA LEU I 303 -32.82 31.63 58.24
C LEU I 303 -33.63 32.19 57.06
N PRO I 304 -33.10 33.07 56.20
CA PRO I 304 -33.95 33.68 55.16
C PRO I 304 -34.60 32.68 54.21
N ASP I 305 -34.04 31.47 54.10
CA ASP I 305 -34.63 30.39 53.32
C ASP I 305 -35.23 29.29 54.19
N LYS I 306 -35.27 29.47 55.51
CA LYS I 306 -35.90 28.47 56.37
C LYS I 306 -37.41 28.42 56.15
N ALA I 307 -38.01 29.54 55.72
CA ALA I 307 -39.46 29.55 55.48
C ALA I 307 -39.84 28.56 54.38
N ILE I 308 -38.95 28.33 53.41
CA ILE I 308 -39.21 27.32 52.38
C ILE I 308 -39.28 25.94 53.02
N ASP I 309 -38.34 25.62 53.91
CA ASP I 309 -38.30 24.31 54.53
C ASP I 309 -39.57 24.04 55.33
N LEU I 310 -40.12 25.07 55.98
CA LEU I 310 -41.31 24.86 56.81
C LEU I 310 -42.55 24.60 55.96
N VAL I 311 -42.70 25.33 54.85
CA VAL I 311 -43.84 25.08 53.98
C VAL I 311 -43.61 23.82 53.14
N ASP I 312 -42.35 23.50 52.84
CA ASP I 312 -42.06 22.25 52.14
C ASP I 312 -42.39 21.04 53.01
N VAL I 313 -41.94 21.04 54.26
CA VAL I 313 -42.19 19.91 55.15
C VAL I 313 -43.66 19.90 55.57
N THR I 314 -44.29 21.07 55.67
CA THR I 314 -45.72 21.14 55.94
C THR I 314 -46.50 20.40 54.87
N ALA I 315 -46.22 20.71 53.59
CA ALA I 315 -46.87 20.00 52.50
C ALA I 315 -46.53 18.51 52.53
N ALA I 316 -45.29 18.19 52.92
CA ALA I 316 -44.91 16.78 53.03
C ALA I 316 -45.72 16.07 54.10
N HIS I 317 -45.98 16.74 55.22
CA HIS I 317 -46.76 16.14 56.29
C HIS I 317 -48.26 16.21 56.00
N LEU I 318 -48.72 17.30 55.38
CA LEU I 318 -50.10 17.34 54.92
C LEU I 318 -50.35 16.33 53.80
N ALA I 319 -49.32 16.01 53.02
CA ALA I 319 -49.47 15.02 51.96
C ALA I 319 -49.70 13.62 52.50
N ALA I 320 -49.54 13.40 53.81
CA ALA I 320 -49.88 12.11 54.41
C ALA I 320 -51.38 11.86 54.41
N GLN I 321 -52.20 12.88 54.18
CA GLN I 321 -53.64 12.68 54.10
C GLN I 321 -54.05 11.98 52.81
N HIS I 322 -53.43 12.35 51.68
CA HIS I 322 -53.80 11.81 50.36
C HIS I 322 -52.57 11.29 49.61
N PRO I 323 -51.97 10.18 50.07
CA PRO I 323 -51.01 9.46 49.23
C PRO I 323 -51.58 8.28 48.44
N VAL I 324 -52.89 8.04 48.48
CA VAL I 324 -53.45 6.77 48.00
C VAL I 324 -54.63 6.96 47.05
N THR I 325 -54.79 8.16 46.49
CA THR I 325 -55.85 8.35 45.51
C THR I 325 -55.54 7.52 44.27
N ASP I 326 -56.50 6.69 43.87
CA ASP I 326 -56.32 5.81 42.72
C ASP I 326 -56.70 6.53 41.42
N VAL I 327 -55.99 7.63 41.15
CA VAL I 327 -56.17 8.34 39.90
C VAL I 327 -55.83 7.44 38.73
N HIS I 328 -54.84 6.56 38.90
CA HIS I 328 -54.43 5.66 37.83
C HIS I 328 -55.45 4.54 37.59
N ALA I 329 -56.34 4.26 38.54
CA ALA I 329 -57.37 3.26 38.31
C ALA I 329 -58.26 3.64 37.14
N VAL I 330 -58.50 4.95 36.95
CA VAL I 330 -59.29 5.41 35.81
C VAL I 330 -58.40 5.57 34.58
N GLU I 331 -57.16 6.03 34.75
CA GLU I 331 -56.25 6.16 33.62
C GLU I 331 -56.01 4.82 32.95
N ARG I 332 -55.88 3.75 33.73
CA ARG I 332 -55.70 2.43 33.17
C ARG I 332 -56.97 1.97 32.46
N GLU I 333 -58.14 2.41 32.93
CA GLU I 333 -59.38 2.13 32.21
C GLU I 333 -59.42 2.90 30.90
N ILE I 334 -58.93 4.14 30.89
CA ILE I 334 -58.92 4.94 29.66
C ILE I 334 -58.01 4.30 28.61
N GLU I 335 -56.82 3.88 29.04
CA GLU I 335 -55.88 3.27 28.09
C GLU I 335 -56.45 2.00 27.48
N THR I 336 -57.26 1.26 28.25
CA THR I 336 -57.98 0.11 27.69
C THR I 336 -59.04 0.57 26.70
N GLU I 337 -59.90 1.49 27.12
CA GLU I 337 -60.99 1.95 26.25
C GLU I 337 -60.45 2.68 25.03
N LYS I 338 -59.36 3.41 25.17
CA LYS I 338 -58.72 4.03 24.00
C LYS I 338 -58.14 2.97 23.09
N ASP I 339 -57.57 1.90 23.66
CA ASP I 339 -57.02 0.83 22.83
C ASP I 339 -58.12 0.13 22.05
N LYS I 340 -59.31 -0.01 22.64
CA LYS I 340 -60.46 -0.52 21.89
C LYS I 340 -60.90 0.51 20.86
N GLN I 341 -60.91 1.79 21.24
CA GLN I 341 -61.30 2.87 20.32
C GLN I 341 -60.45 2.85 19.06
N GLU I 342 -59.12 2.71 19.23
CA GLU I 342 -58.24 2.64 18.06
C GLU I 342 -58.59 1.45 17.17
N LYS I 343 -59.09 0.37 17.77
CA LYS I 343 -59.48 -0.80 16.98
C LYS I 343 -60.85 -0.62 16.35
N ALA I 344 -61.77 0.04 17.07
CA ALA I 344 -63.06 0.37 16.48
C ALA I 344 -62.90 1.27 15.27
N VAL I 345 -61.87 2.11 15.27
CA VAL I 345 -61.63 3.01 14.15
C VAL I 345 -61.09 2.23 12.95
N GLU I 346 -60.12 1.35 13.19
CA GLU I 346 -59.56 0.57 12.09
C GLU I 346 -60.61 -0.31 11.43
N ALA I 347 -61.55 -0.83 12.22
CA ALA I 347 -62.69 -1.56 11.69
C ALA I 347 -63.78 -0.64 11.13
N GLU I 348 -63.61 0.68 11.27
CA GLU I 348 -64.59 1.65 10.82
C GLU I 348 -65.94 1.41 11.48
N ASP I 349 -65.90 1.08 12.77
CA ASP I 349 -67.09 0.93 13.61
C ASP I 349 -67.16 2.19 14.48
N PHE I 350 -67.90 3.19 13.99
CA PHE I 350 -67.89 4.51 14.58
C PHE I 350 -69.05 4.77 15.53
N GLU I 351 -70.05 3.88 15.58
CA GLU I 351 -70.94 3.89 16.73
C GLU I 351 -70.20 3.46 17.98
N ALA I 352 -69.36 2.42 17.85
CA ALA I 352 -68.55 1.98 18.97
C ALA I 352 -67.46 2.98 19.30
N ALA I 353 -66.82 3.54 18.27
CA ALA I 353 -65.73 4.50 18.50
C ALA I 353 -66.25 5.76 19.19
N LEU I 354 -67.43 6.24 18.78
CA LEU I 354 -68.02 7.40 19.44
C LEU I 354 -68.38 7.10 20.89
N ASN I 355 -68.92 5.90 21.14
CA ASN I 355 -69.28 5.52 22.49
C ASN I 355 -68.07 5.53 23.42
N TYR I 356 -66.90 5.18 22.90
CA TYR I 356 -65.70 5.14 23.73
C TYR I 356 -65.17 6.55 23.99
N LYS I 357 -65.16 7.41 22.96
CA LYS I 357 -64.81 8.80 23.19
C LYS I 357 -65.77 9.46 24.16
N THR I 358 -67.04 9.03 24.17
CA THR I 358 -68.00 9.55 25.12
C THR I 358 -67.64 9.13 26.55
N ARG I 359 -67.37 7.84 26.75
CA ARG I 359 -67.05 7.37 28.10
C ARG I 359 -65.75 7.97 28.60
N ILE I 360 -64.71 7.99 27.76
CA ILE I 360 -63.40 8.51 28.19
C ILE I 360 -63.51 9.95 28.63
N ALA I 361 -64.30 10.77 27.90
CA ALA I 361 -64.47 12.17 28.27
C ALA I 361 -65.02 12.29 29.68
N GLU I 362 -66.02 11.47 30.02
CA GLU I 362 -66.49 11.42 31.40
C GLU I 362 -65.38 10.92 32.32
N LEU I 363 -64.65 9.87 31.93
CA LEU I 363 -63.60 9.33 32.78
C LEU I 363 -62.48 10.33 32.98
N GLU I 364 -62.15 11.12 31.95
CA GLU I 364 -61.13 12.14 32.11
C GLU I 364 -61.60 13.25 33.06
N ARG I 365 -62.88 13.60 32.99
CA ARG I 365 -63.41 14.60 33.90
C ARG I 365 -63.42 14.10 35.34
N LYS I 366 -63.59 12.79 35.54
CA LYS I 366 -63.53 12.24 36.89
C LYS I 366 -62.13 12.40 37.48
N ILE I 367 -61.09 12.12 36.70
CA ILE I 367 -59.72 12.25 37.20
C ILE I 367 -59.44 13.71 37.57
N GLU I 368 -59.76 14.63 36.66
CA GLU I 368 -59.43 16.04 36.88
C GLU I 368 -60.17 16.59 38.09
N ASN I 369 -61.34 16.04 38.41
CA ASN I 369 -62.10 16.48 39.57
C ASN I 369 -61.58 15.90 40.88
N HIS I 370 -60.68 14.91 40.83
CA HIS I 370 -60.08 14.42 42.06
C HIS I 370 -59.23 15.48 42.75
N THR I 371 -58.65 16.41 41.99
CA THR I 371 -57.85 17.49 42.57
C THR I 371 -58.66 18.30 43.59
N GLU I 372 -59.95 18.48 43.34
CA GLU I 372 -60.78 19.28 44.23
C GLU I 372 -61.04 18.62 45.58
N ASP I 373 -60.85 17.30 45.68
CA ASP I 373 -60.99 16.58 46.94
C ASP I 373 -59.68 16.49 47.71
N MET I 374 -58.63 17.21 47.28
CA MET I 374 -57.28 17.08 47.85
C MET I 374 -56.70 18.48 48.08
N LYS I 375 -57.50 19.37 48.67
CA LYS I 375 -57.00 20.68 49.07
C LYS I 375 -56.05 20.53 50.25
N VAL I 376 -54.93 21.24 50.18
CA VAL I 376 -53.85 21.13 51.16
C VAL I 376 -53.84 22.44 51.93
N THR I 377 -54.32 22.41 53.18
CA THR I 377 -54.52 23.62 53.99
C THR I 377 -54.03 23.35 55.41
N ALA I 378 -52.82 23.83 55.72
CA ALA I 378 -52.36 23.85 57.10
C ALA I 378 -52.98 25.01 57.85
N SER I 379 -53.27 24.77 59.13
CA SER I 379 -53.43 25.87 60.07
C SER I 379 -52.06 26.45 60.38
N VAL I 380 -52.04 27.76 60.66
CA VAL I 380 -50.77 28.39 61.04
C VAL I 380 -50.23 27.78 62.33
N ASN I 381 -51.11 27.24 63.17
CA ASN I 381 -50.67 26.50 64.34
C ASN I 381 -49.99 25.19 63.95
N ASP I 382 -50.46 24.54 62.89
CA ASP I 382 -49.82 23.33 62.41
C ASP I 382 -48.46 23.62 61.78
N VAL I 383 -48.35 24.74 61.08
CA VAL I 383 -47.05 25.16 60.55
C VAL I 383 -46.10 25.44 61.70
N ALA I 384 -46.58 26.09 62.75
CA ALA I 384 -45.75 26.34 63.92
C ALA I 384 -45.36 25.04 64.61
N GLU I 385 -46.23 24.02 64.53
CA GLU I 385 -45.92 22.74 65.13
C GLU I 385 -44.88 21.98 64.31
N SER I 386 -44.79 22.27 63.01
CA SER I 386 -43.70 21.73 62.18
C SER I 386 -42.33 22.06 62.75
N VAL I 387 -42.20 23.21 63.43
CA VAL I 387 -40.92 23.63 64.00
C VAL I 387 -40.48 22.66 65.09
N GLU I 388 -41.44 21.98 65.74
CA GLU I 388 -41.11 20.99 66.77
C GLU I 388 -40.96 19.60 66.18
N ARG I 389 -41.77 19.25 65.19
CA ARG I 389 -41.82 17.87 64.71
C ARG I 389 -40.45 17.41 64.20
N MET I 390 -39.79 18.23 63.38
CA MET I 390 -38.51 17.91 62.79
C MET I 390 -37.33 18.53 63.54
N THR I 391 -37.55 19.02 64.78
CA THR I 391 -36.48 19.54 65.62
C THR I 391 -36.49 18.88 66.99
N GLY I 392 -37.66 18.47 67.47
CA GLY I 392 -37.76 17.80 68.75
C GLY I 392 -37.65 18.72 69.95
N ILE I 393 -38.13 19.95 69.84
CA ILE I 393 -37.91 20.98 70.85
C ILE I 393 -39.28 21.34 71.44
N PRO I 394 -39.59 20.97 72.73
CA PRO I 394 -41.00 21.02 73.21
C PRO I 394 -41.52 22.44 73.45
N VAL I 395 -42.06 23.04 72.39
CA VAL I 395 -42.41 24.46 72.37
C VAL I 395 -43.80 24.72 71.81
N SER I 396 -44.68 23.71 71.83
CA SER I 396 -46.02 23.89 71.31
C SER I 396 -46.83 24.93 72.08
N GLN I 397 -46.41 25.25 73.32
CA GLN I 397 -47.10 26.24 74.12
C GLN I 397 -46.96 27.66 73.59
N MET I 398 -45.99 27.92 72.71
CA MET I 398 -45.73 29.25 72.21
C MET I 398 -46.73 29.60 71.10
N GLY I 399 -46.95 30.91 70.84
CA GLY I 399 -46.37 32.06 71.54
C GLY I 399 -46.17 33.26 70.64
N ALA I 400 -45.90 34.40 71.30
CA ALA I 400 -45.57 35.67 70.66
C ALA I 400 -44.29 36.13 71.37
N SER I 401 -43.30 35.25 71.39
CA SER I 401 -42.39 35.09 72.51
C SER I 401 -41.07 35.84 72.33
N ASP I 402 -41.11 37.04 71.75
CA ASP I 402 -39.91 37.89 71.76
C ASP I 402 -39.54 38.28 73.19
N ILE I 403 -40.55 38.54 74.02
CA ILE I 403 -40.35 39.00 75.40
C ILE I 403 -40.63 37.87 76.37
N GLU I 404 -41.56 36.98 76.01
CA GLU I 404 -41.97 35.90 76.91
C GLU I 404 -40.78 35.05 77.31
N ARG I 405 -39.91 34.69 76.36
CA ARG I 405 -38.74 33.91 76.70
C ARG I 405 -37.75 34.72 77.52
N LEU I 406 -37.63 36.01 77.23
CA LEU I 406 -36.67 36.87 77.91
C LEU I 406 -36.90 36.86 79.42
N LYS I 407 -38.16 36.95 79.83
CA LYS I 407 -38.52 37.05 81.25
C LYS I 407 -38.80 35.68 81.87
N ASP I 408 -39.41 34.75 81.14
CA ASP I 408 -39.89 33.51 81.73
C ASP I 408 -38.89 32.37 81.68
N MET I 409 -37.94 32.38 80.73
CA MET I 409 -36.96 31.29 80.70
C MET I 409 -36.08 31.31 81.94
N ALA I 410 -35.89 32.48 82.55
CA ALA I 410 -35.18 32.53 83.81
C ALA I 410 -35.98 31.83 84.90
N HIS I 411 -37.28 32.10 84.98
CA HIS I 411 -38.12 31.39 85.94
C HIS I 411 -38.27 29.92 85.54
N ARG I 412 -38.34 29.64 84.24
CA ARG I 412 -38.45 28.26 83.78
C ARG I 412 -37.22 27.45 84.16
N LEU I 413 -36.05 28.09 84.17
CA LEU I 413 -34.83 27.40 84.57
C LEU I 413 -34.93 26.93 86.02
N GLN I 414 -35.12 27.87 86.95
CA GLN I 414 -35.04 27.58 88.38
C GLN I 414 -36.03 26.50 88.82
N ASP I 415 -37.13 26.32 88.07
CA ASP I 415 -38.05 25.23 88.37
C ASP I 415 -37.39 23.86 88.22
N LYS I 416 -36.29 23.77 87.46
CA LYS I 416 -35.55 22.53 87.28
C LYS I 416 -34.16 22.55 87.90
N VAL I 417 -33.78 23.61 88.60
CA VAL I 417 -32.44 23.76 89.14
C VAL I 417 -32.41 23.15 90.55
N ILE I 418 -31.26 22.59 90.92
CA ILE I 418 -30.97 22.22 92.30
C ILE I 418 -29.79 23.08 92.73
N GLY I 419 -30.05 24.15 93.46
CA GLY I 419 -29.01 25.00 93.99
C GLY I 419 -29.49 26.41 94.21
N GLN I 420 -28.52 27.32 94.30
CA GLN I 420 -28.79 28.73 94.55
C GLN I 420 -29.61 29.33 93.43
N ASP I 421 -30.39 30.36 93.75
CA ASP I 421 -31.33 30.94 92.80
C ASP I 421 -30.75 32.14 92.06
N LYS I 422 -29.79 32.85 92.64
CA LYS I 422 -29.25 34.05 91.99
C LYS I 422 -28.37 33.72 90.78
N ALA I 423 -28.10 32.45 90.50
CA ALA I 423 -27.30 32.10 89.34
C ALA I 423 -28.00 32.47 88.03
N VAL I 424 -29.33 32.39 87.99
CA VAL I 424 -30.04 32.67 86.75
C VAL I 424 -29.97 34.15 86.40
N GLU I 425 -30.01 35.03 87.41
CA GLU I 425 -29.95 36.47 87.14
C GLU I 425 -28.62 36.85 86.48
N VAL I 426 -27.55 36.11 86.78
CA VAL I 426 -26.27 36.36 86.14
C VAL I 426 -26.30 35.91 84.69
N VAL I 427 -26.76 34.68 84.43
CA VAL I 427 -26.66 34.10 83.10
C VAL I 427 -27.81 34.53 82.21
N ALA I 428 -29.02 34.67 82.77
CA ALA I 428 -30.17 35.00 81.94
C ALA I 428 -30.08 36.42 81.39
N ARG I 429 -29.60 37.36 82.21
CA ARG I 429 -29.48 38.76 81.78
C ARG I 429 -28.60 38.88 80.54
N ALA I 430 -27.60 38.01 80.41
CA ALA I 430 -26.73 38.07 79.25
C ALA I 430 -27.44 37.50 78.02
N ILE I 431 -28.32 36.52 78.24
CA ILE I 431 -29.19 35.99 77.18
C ILE I 431 -30.30 36.99 76.89
N CYS I 432 -30.62 37.85 77.87
CA CYS I 432 -31.65 38.85 77.67
C CYS I 432 -31.11 40.06 76.90
N ARG I 433 -30.01 40.65 77.37
CA ARG I 433 -29.53 41.89 76.76
C ARG I 433 -29.03 41.65 75.33
N ASN I 434 -28.45 40.47 75.06
CA ASN I 434 -28.07 40.13 73.69
C ASN I 434 -29.30 40.00 72.80
N ARG I 435 -30.25 39.13 73.18
CA ARG I 435 -31.43 38.91 72.36
C ARG I 435 -32.24 40.19 72.21
N ALA I 436 -32.19 41.08 73.20
CA ALA I 436 -32.82 42.38 73.07
C ALA I 436 -32.02 43.28 72.12
N GLY I 437 -30.73 43.03 71.96
CA GLY I 437 -29.87 43.84 71.14
C GLY I 437 -29.13 44.93 71.89
N PHE I 438 -29.20 44.95 73.22
CA PHE I 438 -28.48 45.93 74.03
C PHE I 438 -27.16 45.32 74.49
N ASP I 439 -26.17 45.46 73.61
CA ASP I 439 -24.87 44.86 73.81
C ASP I 439 -23.87 45.68 73.00
N GLU I 440 -22.69 45.87 73.57
CA GLU I 440 -21.70 46.74 72.96
C GLU I 440 -21.27 46.20 71.59
N GLY I 441 -20.63 47.07 70.81
CA GLY I 441 -20.36 46.75 69.41
C GLY I 441 -19.50 45.52 69.22
N ASN I 442 -18.63 45.22 70.18
CA ASN I 442 -17.80 44.01 70.14
C ASN I 442 -17.67 43.47 71.56
N ARG I 443 -18.58 42.59 71.94
CA ARG I 443 -18.43 41.77 73.13
C ARG I 443 -18.92 40.36 72.81
N PRO I 444 -18.09 39.33 72.94
CA PRO I 444 -18.76 38.05 73.26
C PRO I 444 -19.43 38.21 74.61
N ILE I 445 -20.40 37.33 74.89
CA ILE I 445 -21.43 37.50 75.93
C ILE I 445 -20.86 38.05 77.23
N GLY I 446 -19.71 37.53 77.63
CA GLY I 446 -19.13 37.83 78.91
C GLY I 446 -18.65 36.55 79.57
N ASN I 447 -17.65 36.72 80.43
CA ASN I 447 -16.95 35.58 81.04
C ASN I 447 -17.61 35.28 82.39
N PHE I 448 -18.08 34.05 82.55
CA PHE I 448 -18.75 33.60 83.75
C PHE I 448 -17.89 32.56 84.47
N LEU I 449 -17.96 32.57 85.80
CA LEU I 449 -17.24 31.63 86.65
C LEU I 449 -18.19 31.09 87.70
N PHE I 450 -18.36 29.77 87.72
CA PHE I 450 -19.11 29.07 88.76
C PHE I 450 -18.13 28.32 89.64
N VAL I 451 -18.07 28.69 90.92
CA VAL I 451 -17.24 28.02 91.90
C VAL I 451 -18.11 26.98 92.60
N GLY I 452 -17.64 25.74 92.62
CA GLY I 452 -18.45 24.65 93.15
C GLY I 452 -17.67 23.35 93.13
N SER I 453 -18.41 22.25 93.14
CA SER I 453 -17.82 20.91 93.10
C SER I 453 -18.61 20.06 92.11
N THR I 454 -18.10 18.86 91.82
CA THR I 454 -18.65 18.03 90.75
C THR I 454 -20.07 17.57 91.02
N GLY I 455 -20.74 17.09 89.97
CA GLY I 455 -22.05 16.46 90.12
C GLY I 455 -23.17 17.39 89.68
N VAL I 456 -24.19 17.49 90.53
CA VAL I 456 -25.38 18.27 90.20
C VAL I 456 -25.05 19.74 90.08
N GLY I 457 -24.35 20.28 91.09
CA GLY I 457 -24.02 21.71 91.07
C GLY I 457 -23.14 22.09 89.89
N LYS I 458 -22.33 21.14 89.40
CA LYS I 458 -21.40 21.46 88.33
C LYS I 458 -22.12 21.61 87.00
N THR I 459 -23.05 20.70 86.68
CA THR I 459 -23.50 20.51 85.31
C THR I 459 -24.92 20.97 85.00
N GLU I 460 -25.80 21.15 86.00
CA GLU I 460 -27.18 21.50 85.68
C GLU I 460 -27.27 22.83 84.95
N LEU I 461 -26.47 23.82 85.37
CA LEU I 461 -26.53 25.14 84.76
C LEU I 461 -26.23 25.07 83.26
N ALA I 462 -25.09 24.50 82.89
CA ALA I 462 -24.72 24.43 81.48
C ALA I 462 -25.71 23.59 80.68
N LYS I 463 -26.16 22.47 81.24
CA LYS I 463 -27.08 21.60 80.51
C LYS I 463 -28.45 22.25 80.36
N GLN I 464 -29.00 22.81 81.44
CA GLN I 464 -30.36 23.32 81.40
C GLN I 464 -30.43 24.63 80.62
N LEU I 465 -29.37 25.44 80.63
CA LEU I 465 -29.33 26.61 79.77
C LEU I 465 -29.30 26.20 78.30
N ALA I 466 -28.55 25.15 77.98
CA ALA I 466 -28.45 24.70 76.59
C ALA I 466 -29.80 24.21 76.06
N LEU I 467 -30.63 23.65 76.94
CA LEU I 467 -31.93 23.14 76.51
C LEU I 467 -32.97 24.25 76.38
N ASP I 468 -32.81 25.35 77.12
CA ASP I 468 -33.69 26.51 76.96
C ASP I 468 -33.18 27.46 75.89
N MET I 469 -31.87 27.58 75.73
CA MET I 469 -31.31 28.39 74.65
C MET I 469 -31.38 27.66 73.32
N PHE I 470 -30.99 26.38 73.30
CA PHE I 470 -30.71 25.68 72.04
C PHE I 470 -31.32 24.30 71.94
N GLY I 471 -31.80 23.72 73.04
CA GLY I 471 -32.76 22.67 72.97
C GLY I 471 -32.20 21.27 72.94
N THR I 472 -30.93 21.09 72.58
CA THR I 472 -30.36 19.76 72.49
C THR I 472 -28.87 19.84 72.79
N GLN I 473 -28.21 18.69 72.70
CA GLN I 473 -26.85 18.49 73.21
C GLN I 473 -25.82 18.69 72.08
N ASP I 474 -25.89 19.86 71.45
CA ASP I 474 -25.08 20.14 70.27
C ASP I 474 -24.12 21.33 70.47
N ALA I 475 -24.64 22.47 70.92
CA ALA I 475 -23.85 23.70 70.97
C ALA I 475 -23.19 23.86 72.34
N ILE I 476 -22.25 22.96 72.61
CA ILE I 476 -21.53 23.00 73.88
C ILE I 476 -20.25 22.18 73.75
N ILE I 477 -19.14 22.75 74.22
CA ILE I 477 -17.84 22.06 74.26
C ILE I 477 -17.33 22.12 75.68
N ARG I 478 -16.79 21.00 76.16
CA ARG I 478 -16.15 20.92 77.47
C ARG I 478 -14.63 20.88 77.30
N LEU I 479 -13.94 21.86 77.88
CA LEU I 479 -12.48 21.89 77.89
C LEU I 479 -12.01 21.15 79.13
N ASP I 480 -11.45 19.97 78.94
CA ASP I 480 -11.03 19.12 80.04
C ASP I 480 -9.67 19.59 80.53
N MET I 481 -9.64 20.24 81.70
CA MET I 481 -8.37 20.61 82.31
C MET I 481 -7.61 19.42 82.87
N SER I 482 -8.22 18.22 82.89
CA SER I 482 -7.47 17.03 83.31
C SER I 482 -6.28 16.77 82.39
N GLU I 483 -6.41 17.16 81.11
CA GLU I 483 -5.28 17.18 80.19
C GLU I 483 -4.28 18.30 80.50
N TYR I 484 -4.56 19.17 81.46
CA TYR I 484 -3.70 20.29 81.85
C TYR I 484 -3.21 20.17 83.30
N SER I 485 -2.94 18.96 83.77
CA SER I 485 -2.38 18.78 85.11
C SER I 485 -0.88 19.05 85.10
N ASP I 486 -0.46 20.14 85.74
CA ASP I 486 0.97 20.44 85.83
C ASP I 486 1.73 19.39 86.64
N ARG I 487 1.07 18.70 87.57
CA ARG I 487 1.73 17.78 88.47
C ARG I 487 1.96 16.40 87.87
N THR I 488 1.05 15.94 87.01
CA THR I 488 1.00 14.56 86.59
C THR I 488 1.20 14.36 85.09
N ALA I 489 1.46 15.43 84.33
CA ALA I 489 1.59 15.31 82.87
C ALA I 489 2.97 14.75 82.52
N VAL I 490 3.12 13.46 82.83
CA VAL I 490 4.30 12.68 82.45
C VAL I 490 3.85 11.42 81.74
N SER I 491 2.71 11.50 81.05
CA SER I 491 2.10 10.38 80.32
C SER I 491 1.67 9.24 81.24
N LYS I 492 1.42 9.51 82.53
CA LYS I 492 0.67 8.52 83.29
C LYS I 492 -0.73 8.37 82.71
N LEU I 493 -1.31 9.50 82.31
CA LEU I 493 -2.58 9.61 81.60
C LEU I 493 -2.22 10.27 80.27
N ILE I 494 -3.20 10.88 79.58
CA ILE I 494 -3.26 11.13 78.15
C ILE I 494 -1.92 11.57 77.55
N GLY I 495 -1.16 12.41 78.26
CA GLY I 495 0.09 12.87 77.68
C GLY I 495 0.88 13.75 78.61
N THR I 496 1.92 14.36 78.02
CA THR I 496 2.92 15.15 78.73
C THR I 496 2.54 16.63 78.73
N THR I 497 3.47 17.43 79.25
CA THR I 497 3.35 18.88 79.25
C THR I 497 3.19 19.41 77.83
N ALA I 498 3.90 18.82 76.86
CA ALA I 498 3.85 19.32 75.49
C ALA I 498 2.48 19.15 74.85
N GLY I 499 1.63 18.27 75.38
CA GLY I 499 0.28 18.14 74.89
C GLY I 499 -0.65 19.28 75.22
N TYR I 500 -0.20 20.26 75.99
CA TYR I 500 -1.03 21.39 76.37
C TYR I 500 -1.28 22.35 75.22
N VAL I 501 -0.38 22.40 74.24
CA VAL I 501 -0.43 23.38 73.16
C VAL I 501 -0.78 22.67 71.87
N GLY I 502 -1.48 23.38 70.99
CA GLY I 502 -1.74 22.89 69.64
C GLY I 502 -2.99 22.04 69.53
N TYR I 503 -3.10 20.99 70.33
CA TYR I 503 -4.23 20.07 70.20
C TYR I 503 -5.53 20.76 70.58
N ASP I 504 -5.58 21.33 71.79
CA ASP I 504 -6.77 22.06 72.25
C ASP I 504 -6.62 23.53 71.89
N ASP I 505 -6.22 23.77 70.63
CA ASP I 505 -6.16 25.12 70.06
C ASP I 505 -6.91 25.15 68.75
N ASN I 506 -6.67 24.16 67.86
CA ASN I 506 -7.45 24.06 66.63
C ASN I 506 -7.64 22.62 66.14
N SER I 507 -7.18 21.62 66.89
CA SER I 507 -7.03 20.28 66.32
C SER I 507 -8.28 19.43 66.47
N ASN I 508 -8.18 18.15 66.10
CA ASN I 508 -9.30 17.22 66.03
C ASN I 508 -9.81 16.95 67.45
N THR I 509 -10.97 17.50 67.84
CA THR I 509 -11.84 18.45 67.12
C THR I 509 -12.15 19.63 68.03
N LEU I 510 -11.63 20.80 67.67
CA LEU I 510 -12.02 22.07 68.30
C LEU I 510 -12.74 22.98 67.33
N THR I 511 -12.09 23.36 66.24
CA THR I 511 -12.56 24.48 65.42
C THR I 511 -13.74 24.10 64.53
N GLU I 512 -13.78 22.87 64.03
CA GLU I 512 -14.89 22.46 63.18
C GLU I 512 -16.22 22.46 63.91
N ARG I 513 -16.21 22.36 65.24
CA ARG I 513 -17.39 22.55 66.06
C ARG I 513 -17.65 24.04 66.36
N VAL I 514 -16.58 24.83 66.47
CA VAL I 514 -16.75 26.27 66.70
C VAL I 514 -17.30 26.94 65.46
N ARG I 515 -17.00 26.40 64.27
CA ARG I 515 -17.52 26.99 63.04
C ARG I 515 -18.98 26.66 62.80
N ARG I 516 -19.42 25.45 63.16
CA ARG I 516 -20.83 25.13 63.15
C ARG I 516 -21.59 25.89 64.21
N ASN I 517 -20.93 26.13 65.34
CA ASN I 517 -21.53 26.83 66.47
C ASN I 517 -20.57 27.94 66.91
N PRO I 518 -20.59 29.09 66.20
CA PRO I 518 -19.83 30.28 66.64
C PRO I 518 -20.22 30.81 68.02
N TYR I 519 -21.39 30.38 68.49
CA TYR I 519 -22.17 31.01 69.54
C TYR I 519 -22.14 30.21 70.84
N SER I 520 -21.42 29.09 70.84
CA SER I 520 -21.72 27.98 71.73
C SER I 520 -21.48 28.34 73.20
N ILE I 521 -21.82 27.40 74.07
CA ILE I 521 -21.37 27.42 75.45
C ILE I 521 -19.97 26.80 75.48
N ILE I 522 -19.04 27.49 76.11
CA ILE I 522 -17.73 26.94 76.45
C ILE I 522 -17.77 26.58 77.93
N LEU I 523 -17.28 25.39 78.25
CA LEU I 523 -17.08 24.96 79.64
C LEU I 523 -15.61 24.66 79.87
N LEU I 524 -14.99 25.45 80.73
CA LEU I 524 -13.65 25.20 81.21
C LEU I 524 -13.80 24.40 82.51
N ASP I 525 -13.42 23.13 82.45
CA ASP I 525 -13.66 22.18 83.54
C ASP I 525 -12.54 22.28 84.58
N ALA I 526 -12.85 22.86 85.74
CA ALA I 526 -11.90 22.81 86.86
C ALA I 526 -10.59 23.54 86.60
N ILE I 527 -10.62 24.88 86.61
CA ILE I 527 -9.46 25.73 86.32
C ILE I 527 -8.18 25.21 86.99
N GLU I 528 -8.26 24.79 88.26
CA GLU I 528 -7.10 24.74 89.14
C GLU I 528 -5.97 23.82 88.67
N LYS I 529 -6.18 22.99 87.64
CA LYS I 529 -5.21 21.97 87.28
C LYS I 529 -3.88 22.54 86.77
N ALA I 530 -3.80 23.84 86.44
CA ALA I 530 -2.66 24.35 85.71
C ALA I 530 -2.19 25.72 86.20
N ASP I 531 -0.96 26.04 85.80
CA ASP I 531 -0.25 27.32 85.81
C ASP I 531 -1.22 28.45 85.44
N PRO I 532 -1.22 29.61 86.10
CA PRO I 532 -2.17 30.67 85.69
C PRO I 532 -2.00 31.14 84.24
N GLN I 533 -0.85 30.91 83.63
CA GLN I 533 -0.62 31.38 82.26
C GLN I 533 -1.41 30.55 81.25
N VAL I 534 -1.63 29.26 81.54
CA VAL I 534 -2.42 28.40 80.64
C VAL I 534 -3.83 28.95 80.52
N ILE I 535 -4.46 29.24 81.66
CA ILE I 535 -5.83 29.71 81.71
C ILE I 535 -5.93 31.17 81.27
N THR I 536 -4.84 31.91 81.44
CA THR I 536 -4.81 33.33 81.10
C THR I 536 -4.90 33.54 79.59
N LEU I 537 -4.48 32.55 78.80
CA LEU I 537 -4.44 32.72 77.35
C LEU I 537 -5.82 32.99 76.78
N LEU I 538 -6.78 32.12 77.09
CA LEU I 538 -8.10 32.25 76.49
C LEU I 538 -8.79 33.53 76.94
N LEU I 539 -8.71 33.86 78.25
CA LEU I 539 -9.57 34.89 78.78
C LEU I 539 -9.10 36.30 78.41
N GLN I 540 -7.79 36.53 78.32
CA GLN I 540 -7.31 37.82 77.82
C GLN I 540 -7.67 38.05 76.37
N VAL I 541 -7.93 36.99 75.61
CA VAL I 541 -8.17 37.05 74.18
C VAL I 541 -9.66 37.14 73.85
N LEU I 542 -10.55 36.83 74.80
CA LEU I 542 -11.98 36.95 74.59
C LEU I 542 -12.50 38.38 74.70
N ASP I 543 -11.63 39.37 74.93
CA ASP I 543 -12.07 40.76 74.95
C ASP I 543 -12.65 41.17 73.61
N ASP I 544 -11.91 40.90 72.53
CA ASP I 544 -12.30 41.31 71.18
C ASP I 544 -13.08 40.23 70.44
N GLY I 545 -13.40 39.11 71.10
CA GLY I 545 -14.10 38.03 70.42
C GLY I 545 -13.34 37.43 69.26
N ARG I 546 -12.01 37.36 69.36
CA ARG I 546 -11.17 36.88 68.28
C ARG I 546 -9.92 36.25 68.86
N LEU I 547 -9.53 35.09 68.32
CA LEU I 547 -8.35 34.36 68.78
C LEU I 547 -7.55 33.90 67.57
N THR I 548 -6.26 34.24 67.55
CA THR I 548 -5.33 33.77 66.53
C THR I 548 -4.69 32.46 66.99
N ASP I 549 -4.83 31.41 66.18
CA ASP I 549 -4.39 30.08 66.57
C ASP I 549 -2.92 29.87 66.22
N GLY I 550 -2.44 28.64 66.44
CA GLY I 550 -1.04 28.32 66.16
C GLY I 550 -0.67 28.38 64.70
N GLN I 551 -1.62 28.20 63.79
CA GLN I 551 -1.37 28.24 62.35
C GLN I 551 -1.51 29.62 61.75
N GLY I 552 -1.72 30.66 62.57
CA GLY I 552 -1.90 32.01 62.07
C GLY I 552 -3.30 32.36 61.63
N ASN I 553 -4.26 31.46 61.78
CA ASN I 553 -5.66 31.73 61.43
C ASN I 553 -6.40 32.28 62.64
N THR I 554 -7.36 33.16 62.38
CA THR I 554 -8.18 33.80 63.40
C THR I 554 -9.56 33.17 63.43
N VAL I 555 -9.99 32.72 64.61
CA VAL I 555 -11.37 32.34 64.84
C VAL I 555 -12.10 33.59 65.33
N ASN I 556 -13.26 33.87 64.75
CA ASN I 556 -14.09 35.00 65.15
C ASN I 556 -15.28 34.49 65.95
N PHE I 557 -15.40 34.93 67.20
CA PHE I 557 -16.46 34.50 68.09
C PHE I 557 -17.66 35.42 67.99
N LYS I 558 -18.82 34.82 67.74
CA LYS I 558 -20.11 35.45 67.96
C LYS I 558 -20.62 34.98 69.31
N ASN I 559 -21.24 35.90 70.05
CA ASN I 559 -22.26 35.64 71.07
C ASN I 559 -22.00 34.36 71.86
N THR I 560 -20.74 34.15 72.25
CA THR I 560 -20.30 32.96 72.95
C THR I 560 -20.30 33.22 74.45
N VAL I 561 -20.79 32.25 75.22
CA VAL I 561 -20.75 32.29 76.67
C VAL I 561 -19.76 31.23 77.15
N ILE I 562 -18.86 31.62 78.04
CA ILE I 562 -17.97 30.70 78.73
C ILE I 562 -18.36 30.66 80.19
N ILE I 563 -18.59 29.46 80.72
CA ILE I 563 -18.77 29.24 82.14
C ILE I 563 -17.56 28.44 82.59
N ALA I 564 -16.58 29.14 83.17
CA ALA I 564 -15.43 28.48 83.76
C ALA I 564 -15.83 27.89 85.11
N THR I 565 -15.12 26.84 85.53
CA THR I 565 -15.45 26.11 86.74
C THR I 565 -14.19 25.75 87.50
N SER I 566 -14.32 25.73 88.83
CA SER I 566 -13.23 25.40 89.74
C SER I 566 -13.74 24.46 90.82
N ASN I 567 -12.80 23.83 91.52
CA ASN I 567 -13.10 23.00 92.69
C ASN I 567 -12.98 23.88 93.93
N ALA I 568 -14.12 24.32 94.45
CA ALA I 568 -14.19 25.30 95.52
C ALA I 568 -14.62 24.66 96.84
N GLY I 569 -14.69 25.49 97.87
CA GLY I 569 -15.03 25.04 99.20
C GLY I 569 -14.49 26.01 100.22
N PHE I 570 -14.57 25.59 101.48
CA PHE I 570 -14.03 26.40 102.58
C PHE I 570 -14.05 25.58 103.85
N GLY I 571 -12.98 25.72 104.67
CA GLY I 571 -12.90 25.06 105.96
C GLY I 571 -13.33 25.98 107.08
N TYR I 572 -14.06 25.41 108.03
CA TYR I 572 -14.94 26.18 108.89
C TYR I 572 -14.89 25.64 110.32
N GLU I 573 -15.62 26.33 111.21
CA GLU I 573 -15.75 25.88 112.59
C GLU I 573 -16.97 24.98 112.78
N ALA I 574 -18.16 25.50 112.48
CA ALA I 574 -19.41 24.76 112.60
C ALA I 574 -20.19 24.95 111.31
N ASN I 575 -20.95 23.91 110.93
CA ASN I 575 -21.62 23.88 109.63
C ASN I 575 -22.58 25.05 109.42
N LEU I 576 -23.01 25.72 110.49
CA LEU I 576 -23.78 26.95 110.39
C LEU I 576 -22.90 28.19 110.21
N THR I 577 -21.58 28.02 110.04
CA THR I 577 -20.66 29.12 109.77
C THR I 577 -19.95 28.95 108.44
N GLU I 578 -20.49 28.13 107.53
CA GLU I 578 -19.83 27.89 106.25
C GLU I 578 -19.78 29.15 105.40
N ASP I 579 -20.87 29.92 105.39
CA ASP I 579 -20.99 31.13 104.59
C ASP I 579 -20.53 32.38 105.34
N ALA I 580 -19.75 32.21 106.41
CA ALA I 580 -19.32 33.37 107.19
C ALA I 580 -18.28 34.21 106.45
N ASP I 581 -17.39 33.56 105.70
CA ASP I 581 -16.26 34.22 105.04
C ASP I 581 -16.53 34.25 103.54
N LYS I 582 -17.07 35.37 103.06
CA LYS I 582 -17.58 35.45 101.70
C LYS I 582 -16.48 35.65 100.65
N PRO I 583 -15.66 36.72 100.69
CA PRO I 583 -14.63 36.86 99.65
C PRO I 583 -13.48 35.88 99.80
N GLU I 584 -13.39 35.16 100.92
CA GLU I 584 -12.25 34.27 101.15
C GLU I 584 -12.30 33.01 100.29
N LEU I 585 -13.43 32.73 99.63
CA LEU I 585 -13.45 31.68 98.63
C LEU I 585 -12.47 32.00 97.50
N MET I 586 -12.47 33.25 97.05
CA MET I 586 -11.52 33.68 96.03
C MET I 586 -10.09 33.65 96.54
N ASP I 587 -9.90 33.93 97.84
CA ASP I 587 -8.56 33.84 98.42
C ASP I 587 -8.11 32.39 98.53
N ARG I 588 -9.04 31.49 98.85
CA ARG I 588 -8.73 30.06 98.82
C ARG I 588 -8.35 29.62 97.42
N LEU I 589 -9.11 30.06 96.41
CA LEU I 589 -8.84 29.71 95.03
C LEU I 589 -7.75 30.57 94.39
N LYS I 590 -7.26 31.59 95.08
CA LYS I 590 -6.21 32.48 94.60
C LYS I 590 -4.97 31.81 94.01
N PRO I 591 -4.43 30.70 94.56
CA PRO I 591 -3.11 30.23 94.09
C PRO I 591 -3.00 29.91 92.61
N PHE I 592 -4.10 29.61 91.93
CA PHE I 592 -4.06 29.23 90.52
C PHE I 592 -4.56 30.33 89.58
N PHE I 593 -4.86 31.52 90.09
CA PHE I 593 -5.13 32.66 89.22
C PHE I 593 -4.64 33.93 89.89
N ARG I 594 -4.93 35.06 89.26
CA ARG I 594 -4.53 36.38 89.73
C ARG I 594 -5.68 37.35 89.50
N PRO I 595 -5.62 38.55 90.09
CA PRO I 595 -6.72 39.52 89.89
C PRO I 595 -6.91 39.92 88.44
N GLU I 596 -5.87 39.83 87.61
CA GLU I 596 -6.03 40.08 86.18
C GLU I 596 -6.97 39.06 85.53
N PHE I 597 -7.07 37.87 86.11
CA PHE I 597 -7.97 36.82 85.65
C PHE I 597 -9.34 36.93 86.32
N LEU I 598 -9.36 37.37 87.58
CA LEU I 598 -10.61 37.44 88.33
C LEU I 598 -11.47 38.61 87.86
N ASN I 599 -10.87 39.76 87.62
CA ASN I 599 -11.61 40.99 87.35
C ASN I 599 -12.29 40.99 85.98
N ARG I 600 -12.10 39.96 85.17
CA ARG I 600 -12.75 39.86 83.86
C ARG I 600 -14.09 39.12 83.92
N PHE I 601 -14.59 38.79 85.11
CA PHE I 601 -15.75 37.92 85.27
C PHE I 601 -16.95 38.69 85.82
N ASN I 602 -18.15 38.23 85.45
CA ASN I 602 -19.40 38.96 85.72
C ASN I 602 -19.94 38.54 87.08
N ALA I 603 -19.26 39.08 88.08
CA ALA I 603 -19.53 39.19 89.52
C ALA I 603 -19.32 37.96 90.40
N VAL I 604 -19.84 36.78 90.06
CA VAL I 604 -19.21 35.46 90.05
C VAL I 604 -20.45 34.67 90.48
N ILE I 605 -20.53 33.35 90.29
CA ILE I 605 -21.62 32.58 90.91
C ILE I 605 -21.05 31.78 92.09
N GLU I 606 -21.68 31.94 93.26
CA GLU I 606 -21.14 31.54 94.54
C GLU I 606 -21.06 30.01 94.70
N PHE I 607 -20.57 29.59 95.88
CA PHE I 607 -20.37 28.17 96.16
C PHE I 607 -21.63 27.51 96.70
N SER I 608 -22.68 28.30 96.93
CA SER I 608 -23.71 28.04 97.94
C SER I 608 -24.16 26.59 98.09
N HIS I 609 -24.45 26.19 99.33
CA HIS I 609 -24.43 24.80 99.75
C HIS I 609 -25.86 24.24 99.73
N LEU I 610 -25.95 22.93 99.88
CA LEU I 610 -27.24 22.26 100.09
C LEU I 610 -27.67 22.48 101.54
N THR I 611 -28.89 22.98 101.71
CA THR I 611 -29.41 23.37 103.00
C THR I 611 -30.36 22.30 103.54
N LYS I 612 -30.44 22.20 104.87
CA LYS I 612 -31.51 21.43 105.51
C LYS I 612 -32.79 22.28 105.47
N GLU I 613 -33.39 22.26 104.30
CA GLU I 613 -34.57 23.05 103.93
C GLU I 613 -35.33 22.15 102.97
N ASP I 614 -36.12 22.70 102.05
CA ASP I 614 -37.07 21.90 101.28
C ASP I 614 -36.29 20.97 100.35
N LEU I 615 -35.78 19.87 100.94
CA LEU I 615 -35.20 18.78 100.16
C LEU I 615 -36.22 18.10 99.25
N SER I 616 -37.52 18.26 99.54
CA SER I 616 -38.54 17.51 98.82
C SER I 616 -38.58 17.87 97.34
N LYS I 617 -38.14 19.09 97.00
CA LYS I 617 -38.15 19.48 95.59
C LYS I 617 -37.23 18.60 94.76
N ILE I 618 -36.11 18.16 95.31
CA ILE I 618 -35.29 17.16 94.63
C ILE I 618 -36.05 15.83 94.57
N VAL I 619 -36.68 15.43 95.69
CA VAL I 619 -37.36 14.14 95.75
C VAL I 619 -38.62 14.16 94.90
N ASP I 620 -39.26 15.32 94.77
CA ASP I 620 -40.45 15.42 93.92
C ASP I 620 -40.07 15.23 92.45
N LEU I 621 -38.88 15.67 92.06
CA LEU I 621 -38.44 15.50 90.68
C LEU I 621 -37.93 14.08 90.42
N MET I 622 -37.15 13.53 91.37
CA MET I 622 -36.65 12.16 91.19
C MET I 622 -37.80 11.17 91.04
N LEU I 623 -38.79 11.26 91.93
CA LEU I 623 -39.96 10.39 91.84
C LEU I 623 -40.68 10.58 90.50
N ALA I 624 -40.67 11.80 89.97
CA ALA I 624 -41.23 12.02 88.64
C ALA I 624 -40.39 11.34 87.56
N GLU I 625 -39.07 11.30 87.76
CA GLU I 625 -38.20 10.61 86.80
C GLU I 625 -38.41 9.11 86.86
N VAL I 626 -38.78 8.58 88.02
CA VAL I 626 -39.08 7.15 88.14
C VAL I 626 -40.27 6.80 87.25
N ASN I 627 -41.38 7.52 87.41
CA ASN I 627 -42.57 7.20 86.64
C ASN I 627 -42.40 7.57 85.17
N GLN I 628 -41.66 8.63 84.87
CA GLN I 628 -41.35 8.94 83.47
C GLN I 628 -40.55 7.81 82.83
N THR I 629 -39.60 7.25 83.58
CA THR I 629 -38.87 6.08 83.10
C THR I 629 -39.82 4.89 82.93
N LEU I 630 -40.61 4.60 83.95
CA LEU I 630 -41.52 3.46 83.90
C LEU I 630 -42.65 3.68 82.89
N ALA I 631 -42.96 4.94 82.55
CA ALA I 631 -44.09 5.22 81.69
C ALA I 631 -43.89 4.70 80.27
N LYS I 632 -42.64 4.40 79.88
CA LYS I 632 -42.41 3.87 78.54
C LYS I 632 -43.13 2.56 78.32
N LYS I 633 -43.19 1.72 79.35
CA LYS I 633 -43.91 0.44 79.30
C LYS I 633 -45.31 0.55 79.90
N ASP I 634 -45.85 1.76 79.99
CA ASP I 634 -47.17 1.99 80.58
C ASP I 634 -47.21 1.50 82.02
N ILE I 635 -46.17 1.84 82.78
CA ILE I 635 -46.03 1.48 84.18
C ILE I 635 -45.94 2.77 84.98
N ASP I 636 -46.88 2.94 85.91
CA ASP I 636 -47.01 4.19 86.66
C ASP I 636 -47.60 3.85 88.02
N LEU I 637 -46.81 4.01 89.08
CA LEU I 637 -47.21 3.67 90.44
C LEU I 637 -47.53 4.92 91.23
N VAL I 638 -48.27 4.73 92.32
CA VAL I 638 -48.38 5.75 93.36
C VAL I 638 -47.11 5.72 94.18
N VAL I 639 -46.49 6.87 94.38
CA VAL I 639 -45.25 6.99 95.14
C VAL I 639 -45.50 7.99 96.27
N SER I 640 -45.28 7.53 97.50
CA SER I 640 -45.56 8.35 98.66
C SER I 640 -44.53 9.47 98.79
N GLN I 641 -44.98 10.64 99.22
CA GLN I 641 -44.07 11.74 99.51
C GLN I 641 -43.19 11.43 100.72
N ALA I 642 -43.61 10.47 101.56
CA ALA I 642 -42.83 10.05 102.72
C ALA I 642 -41.55 9.29 102.35
N ALA I 643 -41.29 9.06 101.07
CA ALA I 643 -40.00 8.52 100.65
C ALA I 643 -38.84 9.41 101.09
N LYS I 644 -39.09 10.71 101.27
CA LYS I 644 -38.06 11.64 101.73
C LYS I 644 -37.51 11.25 103.10
N ASP I 645 -38.35 10.66 103.97
CA ASP I 645 -37.99 10.45 105.35
C ASP I 645 -36.80 9.51 105.52
N TYR I 646 -36.56 8.64 104.54
CA TYR I 646 -35.43 7.72 104.54
C TYR I 646 -34.28 8.20 103.67
N ILE I 647 -34.57 9.01 102.66
CA ILE I 647 -33.56 9.54 101.75
C ILE I 647 -32.74 10.62 102.42
N THR I 648 -33.40 11.65 102.94
CA THR I 648 -32.73 12.83 103.46
C THR I 648 -31.78 12.51 104.60
N GLU I 649 -32.02 11.43 105.34
CA GLU I 649 -31.15 11.00 106.45
C GLU I 649 -29.67 11.02 106.07
N GLU I 650 -29.35 10.71 104.80
CA GLU I 650 -28.04 10.96 104.23
C GLU I 650 -28.02 12.12 103.24
N GLY I 651 -29.18 12.47 102.67
CA GLY I 651 -29.24 13.51 101.65
C GLY I 651 -28.68 14.85 102.08
N TYR I 652 -29.16 15.41 103.19
CA TYR I 652 -28.74 16.74 103.63
C TYR I 652 -27.42 16.73 104.38
N ASP I 653 -26.63 15.67 104.27
CA ASP I 653 -25.29 15.66 104.84
C ASP I 653 -24.43 16.71 104.13
N GLU I 654 -23.93 17.69 104.89
CA GLU I 654 -23.14 18.77 104.32
C GLU I 654 -21.84 18.29 103.71
N VAL I 655 -21.35 17.12 104.13
CA VAL I 655 -20.09 16.60 103.61
C VAL I 655 -20.19 16.35 102.11
N MET I 656 -21.32 15.79 101.67
CA MET I 656 -21.48 15.31 100.30
C MET I 656 -22.28 16.26 99.41
N GLY I 657 -23.32 16.91 99.95
CA GLY I 657 -24.21 17.70 99.12
C GLY I 657 -25.30 16.83 98.53
N VAL I 658 -25.63 17.08 97.26
CA VAL I 658 -26.59 16.24 96.56
C VAL I 658 -25.80 15.10 95.91
N ARG I 659 -25.27 14.19 96.74
CA ARG I 659 -24.78 12.90 96.27
C ARG I 659 -25.77 11.76 96.56
N PRO I 660 -26.26 11.56 97.80
CA PRO I 660 -27.11 10.39 98.06
C PRO I 660 -28.48 10.43 97.42
N LEU I 661 -28.93 11.58 96.93
CA LEU I 661 -30.33 11.73 96.54
C LEU I 661 -30.70 10.77 95.42
N ARG I 662 -29.89 10.72 94.37
CA ARG I 662 -30.15 9.79 93.26
C ARG I 662 -29.81 8.36 93.64
N ARG I 663 -28.84 8.16 94.53
CA ARG I 663 -28.37 6.80 94.83
C ARG I 663 -29.38 6.04 95.68
N VAL I 664 -30.11 6.74 96.55
CA VAL I 664 -31.09 6.06 97.42
C VAL I 664 -32.36 5.74 96.63
N VAL I 665 -32.84 6.70 95.83
CA VAL I 665 -34.07 6.49 95.07
C VAL I 665 -33.89 5.39 94.04
N GLU I 666 -32.81 5.46 93.26
CA GLU I 666 -32.61 4.50 92.18
C GLU I 666 -32.37 3.09 92.70
N GLN I 667 -32.03 2.96 93.99
CA GLN I 667 -31.90 1.64 94.61
C GLN I 667 -33.20 1.23 95.31
N GLU I 668 -33.86 2.18 95.97
CA GLU I 668 -34.98 1.84 96.85
C GLU I 668 -36.20 1.39 96.06
N ILE I 669 -36.60 2.16 95.05
CA ILE I 669 -37.84 1.89 94.32
C ILE I 669 -37.61 0.93 93.16
N ARG I 670 -36.50 1.11 92.44
CA ARG I 670 -36.25 0.40 91.18
C ARG I 670 -36.34 -1.11 91.34
N ASP I 671 -35.78 -1.64 92.42
CA ASP I 671 -35.74 -3.09 92.60
C ASP I 671 -37.10 -3.64 93.03
N LYS I 672 -37.87 -2.86 93.79
CA LYS I 672 -39.17 -3.33 94.27
C LYS I 672 -40.19 -3.34 93.14
N VAL I 673 -40.18 -2.32 92.28
CA VAL I 673 -41.08 -2.31 91.13
C VAL I 673 -40.71 -3.42 90.15
N THR I 674 -39.46 -3.88 90.19
CA THR I 674 -39.04 -4.96 89.30
C THR I 674 -39.59 -6.30 89.78
N ASP I 675 -39.74 -6.47 91.10
CA ASP I 675 -40.15 -7.76 91.63
C ASP I 675 -41.63 -8.04 91.39
N PHE I 676 -42.44 -6.98 91.23
CA PHE I 676 -43.90 -7.17 91.09
C PHE I 676 -44.34 -7.22 89.64
N HIS I 677 -43.53 -6.70 88.71
CA HIS I 677 -43.81 -6.94 87.30
C HIS I 677 -43.79 -8.43 86.97
N LEU I 678 -43.05 -9.22 87.75
CA LEU I 678 -43.01 -10.68 87.63
C LEU I 678 -44.33 -11.33 88.01
N ASP I 679 -45.06 -10.77 88.97
CA ASP I 679 -46.43 -11.19 89.26
C ASP I 679 -47.43 -10.63 88.25
N HIS I 680 -46.96 -9.84 87.28
CA HIS I 680 -47.83 -9.25 86.25
C HIS I 680 -48.93 -8.42 86.90
N LEU I 681 -48.56 -7.65 87.91
CA LEU I 681 -49.49 -6.77 88.61
C LEU I 681 -49.54 -5.41 87.93
N ASP I 682 -50.75 -4.86 87.83
CA ASP I 682 -50.96 -3.58 87.17
C ASP I 682 -50.45 -2.47 88.08
N ALA I 683 -49.53 -1.65 87.56
CA ALA I 683 -48.90 -0.61 88.36
C ALA I 683 -49.89 0.43 88.85
N LYS I 684 -50.97 0.67 88.09
CA LYS I 684 -51.90 1.73 88.43
C LYS I 684 -52.65 1.47 89.73
N HIS I 685 -52.59 0.25 90.27
CA HIS I 685 -53.21 -0.10 91.54
C HIS I 685 -52.20 -0.56 92.59
N LEU I 686 -50.92 -0.22 92.41
CA LEU I 686 -49.88 -0.49 93.39
C LEU I 686 -49.45 0.83 94.03
N GLU I 687 -49.16 0.80 95.34
CA GLU I 687 -48.80 1.98 96.10
C GLU I 687 -47.48 1.76 96.81
N ALA I 688 -46.48 2.57 96.47
CA ALA I 688 -45.17 2.51 97.10
C ALA I 688 -45.27 3.18 98.47
N ASP I 689 -45.40 2.34 99.50
CA ASP I 689 -45.67 2.76 100.88
C ASP I 689 -44.63 2.14 101.80
N MET I 690 -43.71 2.96 102.30
CA MET I 690 -42.61 2.46 103.11
C MET I 690 -43.06 2.15 104.53
N GLU I 691 -42.37 1.19 105.15
CA GLU I 691 -42.62 0.78 106.53
C GLU I 691 -41.27 0.58 107.22
N ASP I 692 -41.00 1.39 108.23
CA ASP I 692 -39.79 1.28 109.05
C ASP I 692 -38.53 1.38 108.18
N GLY I 693 -38.52 2.36 107.28
CA GLY I 693 -37.38 2.57 106.41
C GLY I 693 -37.24 1.57 105.27
N VAL I 694 -38.14 0.60 105.16
CA VAL I 694 -38.13 -0.41 104.11
C VAL I 694 -39.32 -0.14 103.19
N LEU I 695 -39.08 -0.19 101.88
CA LEU I 695 -40.18 0.00 100.93
C LEU I 695 -40.96 -1.30 100.76
N VAL I 696 -42.23 -1.25 101.12
CA VAL I 696 -43.19 -2.31 100.84
C VAL I 696 -44.27 -1.74 99.93
N ILE I 697 -44.12 -1.93 98.63
CA ILE I 697 -45.13 -1.49 97.67
C ILE I 697 -46.38 -2.32 97.91
N ARG I 698 -47.52 -1.64 98.02
CA ARG I 698 -48.80 -2.28 98.32
C ARG I 698 -49.33 -3.04 97.12
N LEU J 76 12.46 40.14 17.87
CA LEU J 76 11.94 39.11 18.77
C LEU J 76 10.56 39.44 19.32
N ALA J 77 9.91 40.48 18.78
CA ALA J 77 8.57 40.85 19.21
C ALA J 77 7.52 39.96 18.53
N LYS J 78 7.63 38.66 18.79
CA LYS J 78 6.90 37.66 18.03
C LYS J 78 5.96 36.74 18.82
N LEU J 79 6.18 36.34 20.10
CA LEU J 79 7.33 36.38 21.06
C LEU J 79 7.61 37.69 21.82
N GLY J 80 6.85 38.75 21.62
CA GLY J 80 7.02 39.94 22.43
C GLY J 80 6.31 41.18 21.93
N ARG J 81 6.92 42.32 22.24
CA ARG J 81 6.36 43.63 21.99
C ARG J 81 7.48 44.58 21.60
N ASN J 82 7.46 45.04 20.35
CA ASN J 82 8.47 45.98 19.84
C ASN J 82 8.11 47.37 20.33
N LEU J 83 8.89 47.90 21.27
CA LEU J 83 8.54 49.16 21.91
C LEU J 83 8.91 50.37 21.06
N THR J 84 10.00 50.29 20.29
CA THR J 84 10.34 51.40 19.40
C THR J 84 9.37 51.50 18.23
N ALA J 85 8.86 50.36 17.75
CA ALA J 85 7.87 50.38 16.69
C ALA J 85 6.60 51.10 17.15
N GLU J 86 6.17 50.86 18.38
CA GLU J 86 5.05 51.59 18.92
C GLU J 86 5.41 53.05 19.19
N ALA J 87 6.71 53.32 19.42
CA ALA J 87 7.15 54.71 19.53
C ALA J 87 7.15 55.40 18.18
N ARG J 88 7.53 54.69 17.11
CA ARG J 88 7.49 55.26 15.77
C ARG J 88 6.08 55.58 15.32
N GLU J 89 5.08 54.90 15.88
CA GLU J 89 3.68 55.12 15.52
C GLU J 89 2.96 56.10 16.43
N GLY J 90 3.66 56.71 17.38
CA GLY J 90 3.01 57.63 18.29
C GLY J 90 2.05 56.98 19.25
N LYS J 91 2.34 55.76 19.70
CA LYS J 91 1.46 55.01 20.59
C LYS J 91 1.76 55.19 22.07
N LEU J 92 2.72 56.04 22.42
CA LEU J 92 3.18 56.19 23.80
C LEU J 92 2.50 57.38 24.47
N ASP J 93 2.53 57.37 25.80
CA ASP J 93 2.05 58.46 26.64
C ASP J 93 3.18 59.44 26.91
N PRO J 94 3.24 60.62 26.25
CA PRO J 94 4.40 61.50 26.52
C PRO J 94 4.34 62.15 27.89
N VAL J 95 4.73 61.38 28.90
CA VAL J 95 4.88 61.90 30.27
C VAL J 95 6.27 62.50 30.39
N ILE J 96 6.37 63.67 31.03
CA ILE J 96 7.63 64.37 31.23
C ILE J 96 7.80 64.66 32.72
N GLY J 97 8.90 65.33 33.05
CA GLY J 97 9.38 65.44 34.41
C GLY J 97 10.30 64.32 34.81
N ARG J 98 10.27 63.19 34.09
CA ARG J 98 11.21 62.09 34.27
C ARG J 98 12.43 62.23 33.37
N ASN J 99 12.71 63.44 32.89
CA ASN J 99 13.80 63.64 31.94
C ASN J 99 15.16 63.29 32.56
N LYS J 100 15.32 63.52 33.87
CA LYS J 100 16.57 63.20 34.54
C LYS J 100 16.88 61.71 34.50
N GLU J 101 15.86 60.85 34.43
CA GLU J 101 16.09 59.42 34.31
C GLU J 101 16.39 59.02 32.87
N ILE J 102 16.00 59.85 31.90
CA ILE J 102 16.52 59.71 30.54
C ILE J 102 17.94 60.23 30.48
N GLN J 103 18.23 61.31 31.21
CA GLN J 103 19.62 61.76 31.33
C GLN J 103 20.46 60.69 32.00
N GLU J 104 19.91 60.01 32.99
CA GLU J 104 20.59 58.87 33.59
C GLU J 104 20.64 57.68 32.65
N ALA J 105 19.72 57.63 31.67
CA ALA J 105 19.79 56.63 30.62
C ALA J 105 20.82 56.98 29.55
N SER J 106 21.55 58.09 29.69
CA SER J 106 22.68 58.34 28.80
C SER J 106 23.73 57.24 28.93
N GLU J 107 23.92 56.72 30.15
CA GLU J 107 24.84 55.60 30.35
C GLU J 107 24.21 54.26 29.98
N ILE J 108 22.88 54.13 30.17
CA ILE J 108 22.19 52.88 29.81
C ILE J 108 22.40 52.59 28.33
N LEU J 109 22.37 53.63 27.50
CA LEU J 109 22.45 53.44 26.05
C LEU J 109 23.90 53.39 25.55
N SER J 110 24.84 53.99 26.30
CA SER J 110 26.17 54.30 25.76
C SER J 110 27.28 53.36 26.22
N ARG J 111 27.20 52.79 27.42
CA ARG J 111 28.28 51.97 27.94
C ARG J 111 28.54 50.79 27.00
N ARG J 112 29.78 50.68 26.52
CA ARG J 112 30.11 49.72 25.48
C ARG J 112 30.20 48.29 26.01
N THR J 113 30.51 48.11 27.29
CA THR J 113 30.65 46.78 27.86
C THR J 113 30.29 46.83 29.35
N LYS J 114 29.88 45.69 29.87
CA LYS J 114 29.48 45.57 31.27
C LYS J 114 28.38 46.58 31.58
N ASN J 115 27.41 46.67 30.66
CA ASN J 115 26.58 47.86 30.50
C ASN J 115 25.12 47.63 30.85
N ASN J 116 24.81 46.56 31.59
CA ASN J 116 23.43 46.21 31.88
C ASN J 116 22.99 46.87 33.19
N PRO J 117 22.22 47.96 33.17
CA PRO J 117 21.92 48.67 34.42
C PRO J 117 21.04 47.87 35.37
N VAL J 118 20.72 48.52 36.51
CA VAL J 118 19.86 47.97 37.54
C VAL J 118 18.84 49.04 37.90
N LEU J 119 17.70 49.02 37.24
CA LEU J 119 16.61 49.97 37.46
C LEU J 119 15.82 49.55 38.71
N VAL J 120 15.05 50.48 39.27
CA VAL J 120 14.22 50.22 40.45
C VAL J 120 12.90 50.95 40.29
N GLY J 121 11.82 50.37 40.80
CA GLY J 121 10.51 51.02 40.74
C GLY J 121 9.40 50.14 41.29
N ASP J 122 8.20 50.72 41.31
CA ASP J 122 6.97 50.05 41.75
C ASP J 122 6.33 49.32 40.55
N ALA J 123 5.45 48.36 40.85
CA ALA J 123 4.72 47.61 39.82
C ALA J 123 3.88 48.58 39.00
N GLY J 124 4.14 48.64 37.69
CA GLY J 124 3.49 49.62 36.86
C GLY J 124 3.73 51.04 37.26
N VAL J 125 4.85 51.34 37.92
CA VAL J 125 5.20 52.70 38.27
C VAL J 125 5.33 53.57 37.03
N GLY J 126 5.73 52.98 35.92
CA GLY J 126 6.09 53.69 34.72
C GLY J 126 7.58 53.89 34.55
N LYS J 127 8.39 52.99 35.12
CA LYS J 127 9.81 52.97 34.81
C LYS J 127 10.03 52.25 33.48
N THR J 128 9.10 51.39 33.11
CA THR J 128 8.94 51.00 31.71
C THR J 128 8.69 52.23 30.84
N ALA J 129 7.83 53.15 31.31
CA ALA J 129 7.53 54.35 30.54
C ALA J 129 8.75 55.24 30.38
N VAL J 130 9.72 55.16 31.30
CA VAL J 130 11.01 55.83 31.10
C VAL J 130 11.72 55.23 29.89
N VAL J 131 11.85 53.90 29.86
CA VAL J 131 12.53 53.25 28.76
C VAL J 131 11.73 53.41 27.47
N GLU J 132 10.39 53.44 27.57
CA GLU J 132 9.59 53.87 26.44
C GLU J 132 9.87 55.33 26.13
N GLY J 133 10.02 56.16 27.16
CA GLY J 133 10.48 57.52 26.97
C GLY J 133 11.88 57.57 26.40
N LEU J 134 12.71 56.58 26.73
CA LEU J 134 14.00 56.45 26.07
C LEU J 134 13.82 56.03 24.62
N ALA J 135 12.94 55.05 24.37
CA ALA J 135 12.63 54.66 22.99
C ALA J 135 12.11 55.84 22.20
N GLN J 136 11.24 56.66 22.80
CA GLN J 136 10.80 57.88 22.15
C GLN J 136 11.97 58.80 21.83
N ALA J 137 12.94 58.88 22.76
CA ALA J 137 14.12 59.71 22.51
C ALA J 137 14.96 59.14 21.37
N ILE J 138 14.94 57.82 21.18
CA ILE J 138 15.69 57.22 20.08
C ILE J 138 15.02 57.51 18.76
N VAL J 139 13.68 57.42 18.71
CA VAL J 139 12.96 57.67 17.46
C VAL J 139 13.15 59.12 17.03
N ASN J 140 13.00 60.06 17.97
CA ASN J 140 13.09 61.49 17.66
C ASN J 140 14.53 61.99 17.57
N GLY J 141 15.53 61.13 17.76
CA GLY J 141 16.91 61.58 17.71
C GLY J 141 17.28 62.51 18.84
N ASP J 142 16.70 62.31 20.03
CA ASP J 142 17.10 63.02 21.24
C ASP J 142 18.14 62.24 22.03
N VAL J 143 18.97 61.47 21.32
CA VAL J 143 19.96 60.58 21.93
C VAL J 143 21.26 60.71 21.13
N PRO J 144 22.39 60.35 21.72
CA PRO J 144 23.65 60.40 20.96
C PRO J 144 23.72 59.29 19.92
N ALA J 145 24.77 59.34 19.10
CA ALA J 145 24.94 58.38 18.02
C ALA J 145 25.26 56.97 18.51
N ALA J 146 25.60 56.82 19.79
CA ALA J 146 25.93 55.50 20.32
C ALA J 146 24.76 54.51 20.20
N ILE J 147 23.53 55.03 20.17
CA ILE J 147 22.32 54.23 20.21
C ILE J 147 21.48 54.41 18.94
N LYS J 148 22.07 54.94 17.87
CA LYS J 148 21.30 55.15 16.65
C LYS J 148 20.86 53.81 16.06
N ASN J 149 19.59 53.74 15.67
CA ASN J 149 19.03 52.56 15.00
C ASN J 149 19.12 51.32 15.88
N LYS J 150 18.97 51.50 17.20
CA LYS J 150 18.93 50.40 18.15
C LYS J 150 17.49 50.17 18.59
N GLU J 151 16.92 49.05 18.17
CA GLU J 151 15.54 48.70 18.47
C GLU J 151 15.45 48.14 19.89
N ILE J 152 14.28 48.32 20.52
CA ILE J 152 14.00 47.76 21.84
C ILE J 152 12.82 46.81 21.68
N VAL J 153 12.91 45.64 22.32
CA VAL J 153 11.85 44.65 22.34
C VAL J 153 11.66 44.20 23.79
N SER J 154 10.42 44.12 24.24
CA SER J 154 10.11 43.61 25.56
C SER J 154 9.93 42.10 25.48
N ILE J 155 10.81 41.36 26.15
CA ILE J 155 10.79 39.90 26.16
C ILE J 155 9.97 39.49 27.37
N ASP J 156 8.90 38.74 27.13
CA ASP J 156 7.89 38.43 28.15
C ASP J 156 8.28 37.12 28.83
N ILE J 157 9.01 37.23 29.94
CA ILE J 157 9.37 36.05 30.71
C ILE J 157 8.15 35.45 31.41
N SER J 158 7.11 36.23 31.64
CA SER J 158 5.89 35.69 32.25
C SER J 158 5.21 34.66 31.36
N GLY J 159 5.46 34.69 30.05
CA GLY J 159 5.03 33.65 29.14
C GLY J 159 5.99 32.48 29.04
N LEU J 160 6.87 32.31 30.03
CA LEU J 160 7.79 31.18 30.03
C LEU J 160 6.99 29.88 30.08
N GLU J 161 7.47 28.88 29.33
CA GLU J 161 6.86 27.54 29.21
C GLU J 161 5.51 27.56 28.53
N ALA J 162 5.06 28.69 27.97
CA ALA J 162 3.75 28.75 27.32
C ALA J 162 3.78 27.98 26.01
N GLY J 163 2.91 26.98 25.90
CA GLY J 163 2.81 26.17 24.70
C GLY J 163 3.56 24.85 24.75
N THR J 164 4.33 24.60 25.80
CA THR J 164 5.04 23.34 25.95
C THR J 164 4.16 22.21 26.48
N GLN J 165 3.01 22.54 27.07
CA GLN J 165 2.13 21.59 27.76
C GLN J 165 2.80 20.90 28.95
N TYR J 166 3.97 21.38 29.38
CA TYR J 166 4.83 20.69 30.34
C TYR J 166 5.13 19.26 29.91
N ARG J 167 5.18 19.02 28.59
CA ARG J 167 5.65 17.77 28.01
C ARG J 167 6.87 17.95 27.13
N GLY J 168 7.04 19.11 26.51
CA GLY J 168 8.14 19.40 25.62
C GLY J 168 9.25 20.17 26.29
N SER J 169 9.78 21.17 25.58
CA SER J 169 10.89 21.98 26.07
C SER J 169 10.72 23.42 25.61
N PHE J 170 11.37 24.33 26.33
CA PHE J 170 11.45 25.74 25.99
C PHE J 170 12.87 26.25 25.84
N GLU J 171 13.87 25.54 26.37
CA GLU J 171 15.22 26.09 26.47
C GLU J 171 15.81 26.42 25.10
N GLU J 172 15.32 25.77 24.04
CA GLU J 172 15.73 26.12 22.69
C GLU J 172 15.08 27.40 22.20
N ASN J 173 13.84 27.67 22.60
CA ASN J 173 13.20 28.95 22.30
C ASN J 173 13.88 30.12 23.01
N VAL J 174 14.69 29.85 24.03
CA VAL J 174 15.54 30.85 24.66
C VAL J 174 16.81 31.07 23.84
N GLN J 175 17.52 29.99 23.50
CA GLN J 175 18.66 30.09 22.60
C GLN J 175 18.24 30.66 21.24
N ASN J 176 16.98 30.50 20.85
CA ASN J 176 16.47 31.12 19.65
C ASN J 176 16.20 32.62 19.82
N LEU J 177 16.05 33.11 21.05
CA LEU J 177 16.11 34.56 21.25
C LEU J 177 17.51 35.07 20.92
N VAL J 178 18.54 34.38 21.41
CA VAL J 178 19.92 34.75 21.12
C VAL J 178 20.19 34.66 19.62
N ASN J 179 19.72 33.61 18.97
CA ASN J 179 20.12 33.31 17.60
C ASN J 179 19.68 34.37 16.60
N GLU J 180 18.59 35.10 16.88
CA GLU J 180 18.22 36.20 15.98
C GLU J 180 19.02 37.47 16.27
N VAL J 181 19.09 37.89 17.54
CA VAL J 181 19.61 39.22 17.85
C VAL J 181 21.14 39.27 17.78
N LYS J 182 21.82 38.14 17.99
CA LYS J 182 23.28 38.13 17.86
C LYS J 182 23.70 38.48 16.44
N GLU J 183 22.95 38.02 15.45
CA GLU J 183 23.25 38.27 14.04
C GLU J 183 22.37 39.34 13.41
N ALA J 184 21.15 39.54 13.92
CA ALA J 184 20.32 40.62 13.40
C ALA J 184 20.98 41.98 13.63
N GLY J 185 21.66 42.12 14.75
CA GLY J 185 22.42 43.32 15.02
C GLY J 185 21.56 44.49 15.47
N ASN J 186 22.08 45.22 16.46
CA ASN J 186 21.50 46.48 16.92
C ASN J 186 20.11 46.26 17.53
N ILE J 187 20.01 45.30 18.45
CA ILE J 187 18.80 45.02 19.21
C ILE J 187 19.08 45.28 20.68
N ILE J 188 18.18 46.02 21.33
CA ILE J 188 18.11 46.14 22.77
C ILE J 188 16.94 45.30 23.24
N LEU J 189 17.02 44.75 24.45
CA LEU J 189 15.96 43.94 25.03
C LEU J 189 15.56 44.49 26.39
N PHE J 190 14.30 44.28 26.75
CA PHE J 190 13.70 44.94 27.90
C PHE J 190 12.90 43.96 28.75
N PHE J 191 12.82 44.23 30.05
CA PHE J 191 11.86 43.58 30.93
C PHE J 191 11.25 44.59 31.88
N ASP J 192 10.00 44.33 32.27
CA ASP J 192 9.33 45.18 33.26
C ASP J 192 9.97 45.02 34.63
N ALA J 193 10.00 43.79 35.15
CA ALA J 193 10.63 43.49 36.42
C ALA J 193 10.99 42.02 36.46
N ILE J 194 12.25 41.72 36.77
CA ILE J 194 12.73 40.36 36.88
C ILE J 194 13.51 40.20 38.18
N HIS J 195 13.19 39.14 38.90
CA HIS J 195 14.14 38.44 39.78
C HIS J 195 14.15 36.95 39.44
N GLN J 196 13.05 36.46 38.84
CA GLN J 196 12.84 35.04 38.61
C GLN J 196 13.74 34.43 37.54
N ILE J 197 14.51 35.24 36.81
CA ILE J 197 15.37 34.69 35.77
C ILE J 197 16.42 33.76 36.36
N LEU J 198 16.89 34.07 37.56
CA LEU J 198 17.93 33.29 38.22
C LEU J 198 17.41 32.03 38.87
N GLY J 199 16.13 31.67 38.67
CA GLY J 199 15.67 30.36 39.08
C GLY J 199 16.42 29.25 38.36
N ALA J 200 16.52 29.36 37.03
CA ALA J 200 17.45 28.55 36.25
C ALA J 200 18.83 29.20 36.30
N GLY J 201 19.36 29.27 37.51
CA GLY J 201 20.59 30.02 37.76
C GLY J 201 20.94 29.98 39.23
N SER J 202 21.31 31.16 39.75
CA SER J 202 21.70 31.32 41.15
C SER J 202 20.79 32.37 41.80
N THR J 203 19.85 31.90 42.61
CA THR J 203 18.93 32.77 43.33
C THR J 203 18.74 32.23 44.74
N GLY J 204 17.73 32.74 45.44
CA GLY J 204 17.49 32.40 46.82
C GLY J 204 16.44 31.32 47.02
N GLY J 205 15.25 31.72 47.47
CA GLY J 205 14.21 30.75 47.79
C GLY J 205 13.69 29.99 46.60
N ASP J 206 13.74 30.59 45.41
CA ASP J 206 13.24 29.96 44.19
C ASP J 206 14.39 29.42 43.34
N SER J 207 15.41 28.86 43.98
CA SER J 207 16.52 28.25 43.25
C SER J 207 16.12 26.90 42.69
N GLY J 208 16.55 26.63 41.46
CA GLY J 208 16.26 25.38 40.80
C GLY J 208 15.05 25.39 39.89
N SER J 209 14.21 26.42 39.99
CA SER J 209 13.06 26.54 39.11
C SER J 209 13.52 26.87 37.69
N LYS J 210 12.55 26.98 36.78
CA LYS J 210 12.84 27.26 35.38
C LYS J 210 12.95 28.75 35.14
N GLY J 211 13.81 29.12 34.21
CA GLY J 211 14.06 30.51 33.91
C GLY J 211 14.81 30.66 32.61
N LEU J 212 15.53 31.80 32.49
CA LEU J 212 16.35 32.08 31.32
C LEU J 212 17.84 32.17 31.62
N ALA J 213 18.24 32.27 32.90
CA ALA J 213 19.61 32.65 33.23
C ALA J 213 20.63 31.63 32.75
N ASP J 214 20.26 30.35 32.65
CA ASP J 214 21.20 29.35 32.16
C ASP J 214 21.69 29.64 30.75
N ILE J 215 20.90 30.33 29.95
CA ILE J 215 21.30 30.74 28.61
C ILE J 215 21.83 32.17 28.58
N LEU J 216 21.33 33.02 29.49
CA LEU J 216 21.70 34.44 29.46
C LEU J 216 22.93 34.72 30.31
N LYS J 217 23.15 33.95 31.38
CA LYS J 217 24.31 34.14 32.23
C LYS J 217 25.59 33.90 31.44
N PRO J 218 25.66 32.90 30.55
CA PRO J 218 26.73 32.90 29.55
C PRO J 218 26.71 34.13 28.65
N ALA J 219 25.52 34.53 28.18
CA ALA J 219 25.42 35.68 27.30
C ALA J 219 25.91 36.94 27.99
N LEU J 220 25.70 37.05 29.30
CA LEU J 220 26.28 38.15 30.06
C LEU J 220 27.80 38.03 30.10
N SER J 221 28.31 36.82 30.37
CA SER J 221 29.75 36.62 30.43
C SER J 221 30.40 36.85 29.06
N ARG J 222 29.72 36.44 27.99
CA ARG J 222 30.24 36.67 26.65
C ARG J 222 30.14 38.12 26.22
N GLY J 223 29.12 38.84 26.71
CA GLY J 223 28.87 40.19 26.27
C GLY J 223 28.03 40.29 25.01
N GLU J 224 27.20 39.27 24.75
CA GLU J 224 26.37 39.25 23.56
C GLU J 224 25.06 40.02 23.75
N LEU J 225 24.33 39.73 24.84
CA LEU J 225 22.99 40.26 25.06
C LEU J 225 23.00 41.17 26.29
N THR J 226 22.38 42.34 26.16
CA THR J 226 22.10 43.24 27.28
C THR J 226 20.59 43.42 27.35
N VAL J 227 19.99 43.01 28.47
CA VAL J 227 18.56 43.10 28.70
C VAL J 227 18.33 43.93 29.96
N ILE J 228 17.39 44.88 29.88
CA ILE J 228 17.32 45.99 30.84
C ILE J 228 15.92 46.10 31.42
N GLY J 229 15.86 46.52 32.69
CA GLY J 229 14.61 46.64 33.39
C GLY J 229 14.83 46.77 34.89
N ALA J 230 13.73 46.81 35.63
CA ALA J 230 13.72 47.21 37.03
C ALA J 230 13.32 46.07 37.95
N THR J 231 13.53 46.30 39.25
CA THR J 231 13.12 45.36 40.29
C THR J 231 13.06 46.13 41.62
N THR J 232 13.01 45.38 42.72
CA THR J 232 13.08 45.94 44.06
C THR J 232 14.54 46.13 44.44
N GLN J 233 14.87 47.29 45.03
CA GLN J 233 16.27 47.57 45.37
C GLN J 233 16.82 46.60 46.40
N ASP J 234 15.99 46.10 47.30
CA ASP J 234 16.40 45.11 48.28
C ASP J 234 16.51 43.71 47.70
N GLU J 235 15.81 43.42 46.60
CA GLU J 235 16.00 42.14 45.92
C GLU J 235 17.36 42.06 45.24
N TYR J 236 17.99 43.20 44.96
CA TYR J 236 19.32 43.24 44.36
C TYR J 236 20.39 42.58 45.22
N ARG J 237 20.12 42.38 46.51
CA ARG J 237 21.09 41.76 47.43
C ARG J 237 21.60 40.41 46.93
N ASN J 238 20.80 39.68 46.14
CA ASN J 238 21.18 38.37 45.64
C ASN J 238 22.31 38.41 44.60
N THR J 239 22.79 39.61 44.24
CA THR J 239 23.96 39.72 43.37
C THR J 239 25.14 38.95 43.93
N ILE J 240 25.29 38.92 45.26
CA ILE J 240 26.43 38.29 45.89
C ILE J 240 26.51 36.80 45.57
N LEU J 241 25.39 36.17 45.23
CA LEU J 241 25.40 34.74 44.92
C LEU J 241 26.27 34.44 43.70
N LYS J 242 26.12 35.22 42.63
CA LYS J 242 26.93 35.08 41.41
C LYS J 242 27.37 36.49 40.99
N ASN J 243 28.00 37.20 41.93
CA ASN J 243 28.60 38.50 41.64
C ASN J 243 29.50 38.48 40.41
N ALA J 244 30.21 37.37 40.17
CA ALA J 244 31.13 37.29 39.03
C ALA J 244 30.41 37.50 37.70
N ALA J 245 29.15 37.09 37.60
CA ALA J 245 28.34 37.32 36.40
C ALA J 245 27.48 38.56 36.50
N LEU J 246 27.02 38.92 37.70
CA LEU J 246 26.08 40.02 37.89
C LEU J 246 26.75 41.30 38.34
N ALA J 247 27.63 41.24 39.35
CA ALA J 247 28.30 42.45 39.81
C ALA J 247 29.30 42.96 38.79
N ARG J 248 29.97 42.05 38.08
CA ARG J 248 30.95 42.42 37.06
C ARG J 248 30.31 42.75 35.71
N ARG J 249 28.98 42.88 35.64
CA ARG J 249 28.30 43.24 34.41
C ARG J 249 27.25 44.33 34.60
N PHE J 250 27.06 44.85 35.82
CA PHE J 250 25.95 45.74 36.13
C PHE J 250 26.43 47.08 36.68
N ASN J 251 25.50 48.04 36.68
CA ASN J 251 25.70 49.37 37.25
C ASN J 251 24.37 49.82 37.84
N GLU J 252 24.41 50.39 39.05
CA GLU J 252 23.18 50.71 39.76
C GLU J 252 22.57 52.01 39.27
N VAL J 253 21.23 52.05 39.24
CA VAL J 253 20.46 53.23 38.84
C VAL J 253 20.01 53.95 40.10
N LYS J 254 19.96 55.29 40.03
CA LYS J 254 19.37 56.09 41.10
C LYS J 254 17.85 56.01 40.94
N VAL J 255 17.20 55.61 42.04
CA VAL J 255 15.90 54.95 42.02
C VAL J 255 14.85 55.79 41.33
N ASN J 256 14.45 56.90 41.95
CA ASN J 256 13.35 57.73 41.47
C ASN J 256 13.20 58.90 42.42
N ALA J 257 12.43 59.91 41.98
CA ALA J 257 12.10 61.05 42.82
C ALA J 257 10.73 61.60 42.42
N PRO J 258 9.63 60.89 42.71
CA PRO J 258 8.29 61.35 42.28
C PRO J 258 7.79 62.53 43.11
N SER J 259 8.20 63.73 42.70
CA SER J 259 7.80 64.95 43.39
C SER J 259 6.40 65.37 42.99
N ALA J 260 5.72 66.08 43.88
CA ALA J 260 4.39 66.60 43.57
C ALA J 260 4.46 67.76 42.58
N GLU J 261 5.63 68.39 42.44
CA GLU J 261 5.77 69.50 41.51
C GLU J 261 5.51 69.07 40.07
N ASN J 262 6.14 67.97 39.64
CA ASN J 262 5.91 67.44 38.30
C ASN J 262 4.62 66.63 38.21
N THR J 263 4.08 66.21 39.35
CA THR J 263 2.80 65.49 39.35
C THR J 263 1.69 66.32 38.72
N PHE J 264 1.63 67.61 39.06
CA PHE J 264 0.49 68.44 38.65
C PHE J 264 0.41 68.57 37.13
N LYS J 265 1.54 68.83 36.47
CA LYS J 265 1.54 68.91 35.02
C LYS J 265 1.12 67.58 34.41
N ILE J 266 1.52 66.46 35.04
CA ILE J 266 1.02 65.16 34.60
C ILE J 266 -0.47 65.07 34.84
N LEU J 267 -0.94 65.51 36.01
CA LEU J 267 -2.36 65.43 36.36
C LEU J 267 -3.24 66.13 35.32
N GLN J 268 -2.75 67.23 34.72
CA GLN J 268 -3.46 67.82 33.60
C GLN J 268 -3.44 66.89 32.39
N GLY J 269 -2.37 66.09 32.25
CA GLY J 269 -2.36 65.06 31.24
C GLY J 269 -3.27 63.89 31.59
N ILE J 270 -3.51 63.68 32.88
CA ILE J 270 -4.34 62.54 33.30
C ILE J 270 -5.82 62.83 33.04
N ARG J 271 -6.25 64.08 33.25
CA ARG J 271 -7.67 64.37 33.03
C ARG J 271 -8.06 64.20 31.57
N ASP J 272 -7.32 64.81 30.65
CA ASP J 272 -7.57 64.68 29.21
C ASP J 272 -7.52 63.24 28.73
N LEU J 273 -6.91 62.33 29.49
CA LEU J 273 -6.90 60.90 29.20
C LEU J 273 -8.13 60.18 29.74
N TYR J 274 -8.72 60.67 30.85
CA TYR J 274 -9.80 59.98 31.54
C TYR J 274 -11.08 60.80 31.73
N GLN J 275 -11.01 62.13 31.77
CA GLN J 275 -12.22 62.91 32.05
C GLN J 275 -13.25 62.78 30.95
N GLN J 276 -12.84 62.43 29.73
CA GLN J 276 -13.80 62.19 28.66
C GLN J 276 -14.56 60.88 28.84
N HIS J 277 -14.08 59.98 29.70
CA HIS J 277 -14.72 58.68 29.86
C HIS J 277 -16.10 58.79 30.48
N HIS J 278 -16.30 59.73 31.41
CA HIS J 278 -17.54 59.84 32.17
C HIS J 278 -18.24 61.17 31.97
N ASN J 279 -17.83 61.95 30.96
CA ASN J 279 -18.40 63.29 30.73
C ASN J 279 -18.23 64.17 31.96
N VAL J 280 -17.06 64.07 32.60
CA VAL J 280 -16.74 64.81 33.82
C VAL J 280 -15.75 65.91 33.47
N ILE J 281 -15.81 67.00 34.24
CA ILE J 281 -14.79 68.04 34.22
C ILE J 281 -13.94 67.90 35.48
N LEU J 282 -12.62 67.97 35.32
CA LEU J 282 -11.66 67.84 36.41
C LEU J 282 -10.79 69.09 36.41
N PRO J 283 -11.29 70.22 36.95
CA PRO J 283 -10.51 71.46 36.91
C PRO J 283 -9.26 71.37 37.78
N ASP J 284 -8.51 72.48 37.78
CA ASP J 284 -7.22 72.50 38.46
C ASP J 284 -7.35 72.28 39.96
N GLU J 285 -8.34 72.88 40.60
CA GLU J 285 -8.49 72.72 42.04
C GLU J 285 -8.81 71.28 42.43
N VAL J 286 -9.44 70.51 41.53
CA VAL J 286 -9.68 69.09 41.81
C VAL J 286 -8.39 68.30 41.66
N LEU J 287 -7.60 68.60 40.62
CA LEU J 287 -6.32 67.92 40.44
C LEU J 287 -5.39 68.18 41.62
N LYS J 288 -5.30 69.44 42.06
CA LYS J 288 -4.49 69.78 43.22
C LYS J 288 -5.02 69.08 44.47
N ALA J 289 -6.34 69.13 44.68
CA ALA J 289 -6.93 68.48 45.84
C ALA J 289 -6.74 66.97 45.80
N ALA J 290 -6.61 66.39 44.60
CA ALA J 290 -6.42 64.95 44.49
C ALA J 290 -5.11 64.49 45.12
N VAL J 291 -4.12 65.38 45.29
CA VAL J 291 -2.85 65.08 45.93
C VAL J 291 -2.64 65.93 47.17
N ASP J 292 -2.91 67.24 47.08
CA ASP J 292 -2.65 68.14 48.20
C ASP J 292 -3.49 67.79 49.42
N TYR J 293 -4.74 67.39 49.21
CA TYR J 293 -5.59 66.95 50.33
C TYR J 293 -5.36 65.50 50.69
N SER J 294 -5.05 64.66 49.70
CA SER J 294 -4.95 63.22 49.94
C SER J 294 -3.60 62.79 50.49
N VAL J 295 -2.51 63.52 50.18
CA VAL J 295 -1.17 63.15 50.63
C VAL J 295 -1.13 62.97 52.14
N GLN J 296 -1.96 63.72 52.87
CA GLN J 296 -2.01 63.63 54.31
C GLN J 296 -2.40 62.24 54.81
N TYR J 297 -3.20 61.49 54.04
CA TYR J 297 -3.81 60.24 54.48
C TYR J 297 -3.44 59.05 53.60
N ILE J 298 -2.32 59.13 52.88
CA ILE J 298 -1.86 58.05 52.01
C ILE J 298 -0.41 57.74 52.41
N PRO J 299 -0.16 56.78 53.29
CA PRO J 299 1.22 56.33 53.53
C PRO J 299 1.80 55.41 52.46
N GLN J 300 1.17 55.30 51.30
CA GLN J 300 1.54 54.33 50.28
C GLN J 300 2.51 54.93 49.27
N ARG J 301 3.33 54.05 48.70
CA ARG J 301 4.18 54.41 47.57
C ARG J 301 3.37 54.70 46.32
N SER J 302 2.10 54.26 46.28
CA SER J 302 1.26 54.41 45.10
C SER J 302 0.54 55.76 45.03
N LEU J 303 0.97 56.75 45.81
CA LEU J 303 0.34 58.07 45.80
C LEU J 303 0.30 58.74 44.42
N PRO J 304 1.36 58.70 43.60
CA PRO J 304 1.31 59.46 42.33
C PRO J 304 0.18 59.08 41.40
N ASP J 305 -0.39 57.88 41.54
CA ASP J 305 -1.55 57.44 40.79
C ASP J 305 -2.82 57.39 41.64
N LYS J 306 -2.77 57.85 42.89
CA LYS J 306 -3.98 57.88 43.71
C LYS J 306 -4.97 58.91 43.19
N ALA J 307 -4.48 59.97 42.51
CA ALA J 307 -5.39 60.96 41.97
C ALA J 307 -6.34 60.37 40.94
N ILE J 308 -5.90 59.33 40.22
CA ILE J 308 -6.79 58.65 39.28
C ILE J 308 -7.92 57.97 40.04
N ASP J 309 -7.60 57.29 41.15
CA ASP J 309 -8.61 56.58 41.91
C ASP J 309 -9.67 57.54 42.45
N LEU J 310 -9.27 58.75 42.85
CA LEU J 310 -10.23 59.68 43.43
C LEU J 310 -11.19 60.22 42.36
N VAL J 311 -10.68 60.54 41.18
CA VAL J 311 -11.56 61.01 40.11
C VAL J 311 -12.33 59.84 39.49
N ASP J 312 -11.76 58.64 39.52
CA ASP J 312 -12.49 57.46 39.04
C ASP J 312 -13.67 57.15 39.96
N VAL J 313 -13.43 57.11 41.27
CA VAL J 313 -14.50 56.80 42.22
C VAL J 313 -15.47 57.97 42.31
N THR J 314 -14.99 59.21 42.13
CA THR J 314 -15.87 60.36 42.08
C THR J 314 -16.89 60.21 40.95
N ALA J 315 -16.42 59.91 39.75
CA ALA J 315 -17.33 59.67 38.64
C ALA J 315 -18.23 58.48 38.91
N ALA J 316 -17.71 57.46 39.59
CA ALA J 316 -18.54 56.31 39.95
C ALA J 316 -19.66 56.72 40.90
N HIS J 317 -19.37 57.60 41.85
CA HIS J 317 -20.38 58.04 42.79
C HIS J 317 -21.27 59.12 42.19
N LEU J 318 -20.71 60.01 41.36
CA LEU J 318 -21.54 60.94 40.61
C LEU J 318 -22.42 60.22 39.60
N ALA J 319 -21.97 59.06 39.10
CA ALA J 319 -22.77 58.30 38.15
C ALA J 319 -24.02 57.71 38.80
N ALA J 320 -24.14 57.77 40.13
CA ALA J 320 -25.37 57.34 40.78
C ALA J 320 -26.54 58.28 40.50
N GLN J 321 -26.27 59.48 39.97
CA GLN J 321 -27.35 60.39 39.63
C GLN J 321 -28.08 59.95 38.36
N HIS J 322 -27.35 59.45 37.36
CA HIS J 322 -27.94 59.07 36.06
C HIS J 322 -27.51 57.65 35.66
N PRO J 323 -27.99 56.63 36.36
CA PRO J 323 -27.89 55.25 35.83
C PRO J 323 -29.12 54.74 35.09
N VAL J 324 -30.15 55.56 34.89
CA VAL J 324 -31.45 55.05 34.44
C VAL J 324 -32.01 55.81 33.25
N THR J 325 -31.18 56.57 32.53
CA THR J 325 -31.67 57.24 31.34
C THR J 325 -32.04 56.19 30.29
N ASP J 326 -33.27 56.26 29.80
CA ASP J 326 -33.78 55.30 28.83
C ASP J 326 -33.41 55.72 27.40
N VAL J 327 -32.10 55.85 27.17
CA VAL J 327 -31.62 56.13 25.83
C VAL J 327 -32.03 55.03 24.87
N HIS J 328 -32.08 53.79 25.35
CA HIS J 328 -32.46 52.65 24.51
C HIS J 328 -33.94 52.63 24.19
N ALA J 329 -34.78 53.35 24.95
CA ALA J 329 -36.20 53.40 24.63
C ALA J 329 -36.43 54.03 23.26
N VAL J 330 -35.57 54.99 22.87
CA VAL J 330 -35.67 55.59 21.55
C VAL J 330 -34.93 54.74 20.51
N GLU J 331 -33.78 54.16 20.90
CA GLU J 331 -33.04 53.31 19.97
C GLU J 331 -33.89 52.12 19.53
N ARG J 332 -34.65 51.54 20.46
CA ARG J 332 -35.53 50.43 20.09
C ARG J 332 -36.66 50.90 19.20
N GLU J 333 -37.09 52.15 19.35
CA GLU J 333 -38.07 52.72 18.43
C GLU J 333 -37.45 52.92 17.04
N ILE J 334 -36.18 53.35 17.00
CA ILE J 334 -35.51 53.56 15.72
C ILE J 334 -35.36 52.23 14.97
N GLU J 335 -34.94 51.19 15.67
CA GLU J 335 -34.75 49.89 15.03
C GLU J 335 -36.07 49.35 14.47
N THR J 336 -37.19 49.67 15.13
CA THR J 336 -38.49 49.34 14.58
C THR J 336 -38.79 50.16 13.34
N GLU J 337 -38.66 51.49 13.45
CA GLU J 337 -38.96 52.37 12.33
C GLU J 337 -38.01 52.15 11.16
N LYS J 338 -36.74 51.84 11.45
CA LYS J 338 -35.81 51.49 10.38
C LYS J 338 -36.21 50.16 9.73
N ASP J 339 -36.68 49.21 10.53
CA ASP J 339 -37.10 47.93 9.98
C ASP J 339 -38.31 48.10 9.07
N LYS J 340 -39.22 49.03 9.41
CA LYS J 340 -40.30 49.37 8.50
C LYS J 340 -39.76 50.11 7.28
N GLN J 341 -38.79 51.02 7.50
CA GLN J 341 -38.18 51.76 6.40
C GLN J 341 -37.59 50.83 5.36
N GLU J 342 -36.85 49.81 5.81
CA GLU J 342 -36.28 48.83 4.88
C GLU J 342 -37.38 48.12 4.09
N LYS J 343 -38.55 47.95 4.68
CA LYS J 343 -39.66 47.30 3.97
C LYS J 343 -40.38 48.29 3.05
N ALA J 344 -40.50 49.55 3.48
CA ALA J 344 -41.04 50.57 2.60
C ALA J 344 -40.20 50.73 1.35
N VAL J 345 -38.89 50.51 1.46
CA VAL J 345 -38.00 50.64 0.32
C VAL J 345 -38.18 49.46 -0.63
N GLU J 346 -38.25 48.24 -0.10
CA GLU J 346 -38.44 47.06 -0.95
C GLU J 346 -39.75 47.13 -1.71
N ALA J 347 -40.79 47.68 -1.08
CA ALA J 347 -42.05 47.93 -1.75
C ALA J 347 -42.02 49.18 -2.62
N GLU J 348 -40.91 49.93 -2.62
CA GLU J 348 -40.78 51.16 -3.38
C GLU J 348 -41.87 52.16 -3.00
N ASP J 349 -42.15 52.23 -1.70
CA ASP J 349 -43.07 53.20 -1.11
C ASP J 349 -42.20 54.26 -0.44
N PHE J 350 -41.89 55.31 -1.19
CA PHE J 350 -40.90 56.29 -0.76
C PHE J 350 -41.49 57.54 -0.12
N GLU J 351 -42.81 57.72 -0.18
CA GLU J 351 -43.43 58.66 0.75
C GLU J 351 -43.35 58.14 2.17
N ALA J 352 -43.59 56.83 2.35
CA ALA J 352 -43.46 56.22 3.67
C ALA J 352 -42.00 56.13 4.09
N ALA J 353 -41.12 55.77 3.16
CA ALA J 353 -39.70 55.64 3.49
C ALA J 353 -39.11 56.97 3.91
N LEU J 354 -39.47 58.06 3.20
CA LEU J 354 -38.99 59.38 3.58
C LEU J 354 -39.52 59.80 4.94
N ASN J 355 -40.80 59.50 5.21
CA ASN J 355 -41.39 59.84 6.51
C ASN J 355 -40.65 59.18 7.65
N TYR J 356 -40.14 57.96 7.44
CA TYR J 356 -39.43 57.26 8.50
C TYR J 356 -38.03 57.82 8.69
N LYS J 357 -37.33 58.12 7.60
CA LYS J 357 -36.03 58.80 7.72
C LYS J 357 -36.20 60.15 8.40
N THR J 358 -37.34 60.81 8.18
CA THR J 358 -37.61 62.07 8.84
C THR J 358 -37.76 61.89 10.34
N ARG J 359 -38.58 60.91 10.76
CA ARG J 359 -38.80 60.71 12.19
C ARG J 359 -37.53 60.24 12.88
N ILE J 360 -36.81 59.29 12.28
CA ILE J 360 -35.59 58.76 12.91
C ILE J 360 -34.58 59.87 13.14
N ALA J 361 -34.43 60.78 12.18
CA ALA J 361 -33.49 61.89 12.33
C ALA J 361 -33.81 62.71 13.57
N GLU J 362 -35.09 63.01 13.79
CA GLU J 362 -35.51 63.64 15.03
C GLU J 362 -35.21 62.73 16.22
N LEU J 363 -35.53 61.44 16.12
CA LEU J 363 -35.32 60.52 17.22
C LEU J 363 -33.83 60.39 17.54
N GLU J 364 -32.97 60.39 16.52
CA GLU J 364 -31.53 60.33 16.77
C GLU J 364 -31.04 61.60 17.46
N ARG J 365 -31.60 62.76 17.08
CA ARG J 365 -31.21 64.01 17.73
C ARG J 365 -31.66 64.03 19.19
N LYS J 366 -32.79 63.37 19.49
CA LYS J 366 -33.23 63.29 20.88
C LYS J 366 -32.24 62.51 21.74
N ILE J 367 -31.75 61.37 21.23
CA ILE J 367 -30.78 60.57 21.98
C ILE J 367 -29.51 61.38 22.24
N GLU J 368 -28.96 61.97 21.18
CA GLU J 368 -27.69 62.69 21.30
C GLU J 368 -27.80 63.87 22.25
N ASN J 369 -28.99 64.46 22.37
CA ASN J 369 -29.20 65.57 23.28
C ASN J 369 -29.37 65.13 24.74
N HIS J 370 -29.55 63.84 25.00
CA HIS J 370 -29.59 63.37 26.38
C HIS J 370 -28.27 63.58 27.11
N THR J 371 -27.15 63.55 26.37
CA THR J 371 -25.83 63.79 26.98
C THR J 371 -25.78 65.14 27.70
N GLU J 372 -26.47 66.16 27.17
CA GLU J 372 -26.43 67.49 27.75
C GLU J 372 -27.16 67.58 29.08
N ASP J 373 -28.06 66.62 29.38
CA ASP J 373 -28.75 66.58 30.66
C ASP J 373 -28.02 65.72 31.69
N MET J 374 -26.78 65.31 31.41
CA MET J 374 -26.03 64.38 32.27
C MET J 374 -24.60 64.88 32.44
N LYS J 375 -24.46 66.18 32.75
CA LYS J 375 -23.15 66.74 33.08
C LYS J 375 -22.71 66.22 34.45
N VAL J 376 -21.45 65.83 34.54
CA VAL J 376 -20.88 65.19 35.72
C VAL J 376 -19.91 66.21 36.32
N THR J 377 -20.30 66.84 37.43
CA THR J 377 -19.55 67.94 38.03
C THR J 377 -19.50 67.75 39.55
N ALA J 378 -18.37 67.24 40.05
CA ALA J 378 -18.13 67.24 41.48
C ALA J 378 -17.67 68.61 41.95
N SER J 379 -18.10 68.98 43.16
CA SER J 379 -17.41 70.02 43.89
C SER J 379 -16.10 69.45 44.42
N VAL J 380 -15.10 70.32 44.54
CA VAL J 380 -13.82 69.89 45.10
C VAL J 380 -13.99 69.41 46.54
N ASN J 381 -15.02 69.92 47.23
CA ASN J 381 -15.35 69.40 48.55
C ASN J 381 -15.90 67.99 48.47
N ASP J 382 -16.65 67.66 47.41
CA ASP J 382 -17.14 66.31 47.22
C ASP J 382 -16.01 65.35 46.88
N VAL J 383 -15.05 65.80 46.09
CA VAL J 383 -13.86 64.99 45.79
C VAL J 383 -13.09 64.74 47.08
N ALA J 384 -12.96 65.76 47.93
CA ALA J 384 -12.29 65.58 49.20
C ALA J 384 -13.07 64.63 50.10
N GLU J 385 -14.40 64.62 49.96
CA GLU J 385 -15.21 63.71 50.77
C GLU J 385 -15.08 62.27 50.28
N SER J 386 -14.73 62.07 49.00
CA SER J 386 -14.41 60.74 48.50
C SER J 386 -13.30 60.07 49.30
N VAL J 387 -12.38 60.86 49.85
CA VAL J 387 -11.26 60.33 50.62
C VAL J 387 -11.77 59.65 51.90
N GLU J 388 -12.93 60.09 52.40
CA GLU J 388 -13.53 59.47 53.58
C GLU J 388 -14.47 58.32 53.21
N ARG J 389 -15.21 58.46 52.12
CA ARG J 389 -16.27 57.50 51.80
C ARG J 389 -15.71 56.09 51.64
N MET J 390 -14.63 55.93 50.90
CA MET J 390 -14.03 54.63 50.64
C MET J 390 -12.83 54.34 51.55
N THR J 391 -12.66 55.11 52.63
CA THR J 391 -11.60 54.85 53.61
C THR J 391 -12.18 54.76 55.03
N GLY J 392 -13.26 55.49 55.29
CA GLY J 392 -13.91 55.44 56.59
C GLY J 392 -13.20 56.22 57.67
N ILE J 393 -12.56 57.33 57.32
CA ILE J 393 -11.67 58.07 58.22
C ILE J 393 -12.30 59.44 58.46
N PRO J 394 -12.85 59.74 59.69
CA PRO J 394 -13.74 60.92 59.86
C PRO J 394 -13.00 62.26 59.81
N VAL J 395 -12.84 62.79 58.58
CA VAL J 395 -11.98 63.94 58.34
C VAL J 395 -12.64 64.99 57.46
N SER J 396 -13.97 65.00 57.42
CA SER J 396 -14.68 65.99 56.59
C SER J 396 -14.44 67.42 57.06
N GLN J 397 -14.00 67.61 58.31
CA GLN J 397 -13.72 68.95 58.83
C GLN J 397 -12.51 69.61 58.17
N MET J 398 -11.65 68.85 57.50
CA MET J 398 -10.44 69.40 56.89
C MET J 398 -10.76 70.09 55.57
N GLY J 399 -9.90 71.00 55.12
CA GLY J 399 -8.68 71.48 55.79
C GLY J 399 -7.59 71.88 54.82
N ALA J 400 -6.57 72.56 55.38
CA ALA J 400 -5.35 72.96 54.68
C ALA J 400 -4.22 72.49 55.58
N SER J 401 -4.27 71.20 55.91
CA SER J 401 -3.84 70.69 57.21
C SER J 401 -2.42 70.16 57.23
N ASP J 402 -1.49 70.81 56.51
CA ASP J 402 -0.09 70.47 56.68
C ASP J 402 0.39 70.78 58.09
N ILE J 403 -0.09 71.89 58.66
CA ILE J 403 0.33 72.36 59.98
C ILE J 403 -0.77 72.09 61.00
N GLU J 404 -2.03 72.12 60.55
CA GLU J 404 -3.16 71.95 61.47
C GLU J 404 -3.06 70.63 62.22
N ARG J 405 -2.74 69.53 61.51
CA ARG J 405 -2.60 68.26 62.19
C ARG J 405 -1.38 68.24 63.11
N LEU J 406 -0.30 68.90 62.68
CA LEU J 406 0.94 68.89 63.45
C LEU J 406 0.72 69.43 64.86
N LYS J 407 -0.05 70.51 64.98
CA LYS J 407 -0.27 71.16 66.27
C LYS J 407 -1.52 70.65 66.98
N ASP J 408 -2.59 70.35 66.25
CA ASP J 408 -3.89 70.05 66.87
C ASP J 408 -4.10 68.57 67.17
N MET J 409 -3.44 67.66 66.45
CA MET J 409 -3.64 66.24 66.75
C MET J 409 -3.13 65.91 68.14
N ALA J 410 -2.13 66.65 68.63
CA ALA J 410 -1.69 66.46 70.01
C ALA J 410 -2.79 66.86 70.98
N HIS J 411 -3.43 68.00 70.75
CA HIS J 411 -4.56 68.41 71.57
C HIS J 411 -5.76 67.49 71.34
N ARG J 412 -5.96 67.05 70.10
CA ARG J 412 -7.06 66.15 69.79
C ARG J 412 -6.90 64.82 70.51
N LEU J 413 -5.67 64.37 70.69
CA LEU J 413 -5.43 63.13 71.42
C LEU J 413 -5.92 63.25 72.86
N GLN J 414 -5.37 64.21 73.62
CA GLN J 414 -5.60 64.30 75.06
C GLN J 414 -7.09 64.46 75.39
N ASP J 415 -7.90 64.97 74.46
CA ASP J 415 -9.34 65.03 74.68
C ASP J 415 -9.95 63.64 74.85
N LYS J 416 -9.28 62.60 74.35
CA LYS J 416 -9.74 61.21 74.47
C LYS J 416 -8.87 60.35 75.37
N VAL J 417 -7.83 60.92 76.00
CA VAL J 417 -6.89 60.15 76.80
C VAL J 417 -7.39 60.09 78.24
N ILE J 418 -7.10 58.97 78.91
CA ILE J 418 -7.27 58.84 80.35
C ILE J 418 -5.87 58.62 80.92
N GLY J 419 -5.26 59.68 81.43
CA GLY J 419 -3.96 59.56 82.08
C GLY J 419 -3.20 60.87 82.02
N GLN J 420 -1.89 60.75 82.21
CA GLN J 420 -1.00 61.91 82.23
C GLN J 420 -1.02 62.62 80.90
N ASP J 421 -0.75 63.93 80.92
CA ASP J 421 -0.86 64.76 79.73
C ASP J 421 0.47 64.91 78.98
N LYS J 422 1.60 64.80 79.67
CA LYS J 422 2.89 65.01 79.01
C LYS J 422 3.27 63.87 78.05
N ALA J 423 2.48 62.79 78.01
CA ALA J 423 2.78 61.70 77.08
C ALA J 423 2.68 62.15 75.63
N VAL J 424 1.76 63.06 75.32
CA VAL J 424 1.57 63.46 73.92
C VAL J 424 2.77 64.27 73.43
N GLU J 425 3.37 65.09 74.29
CA GLU J 425 4.52 65.89 73.88
C GLU J 425 5.69 65.01 73.47
N VAL J 426 5.81 63.82 74.07
CA VAL J 426 6.86 62.88 73.70
C VAL J 426 6.56 62.27 72.33
N VAL J 427 5.33 61.78 72.14
CA VAL J 427 5.02 61.01 70.94
C VAL J 427 4.65 61.93 69.77
N ALA J 428 3.95 63.04 70.04
CA ALA J 428 3.50 63.90 68.95
C ALA J 428 4.67 64.59 68.27
N ARG J 429 5.65 65.04 69.06
CA ARG J 429 6.82 65.73 68.50
C ARG J 429 7.54 64.87 67.47
N ALA J 430 7.53 63.54 67.66
CA ALA J 430 8.19 62.67 66.72
C ALA J 430 7.36 62.53 65.44
N ILE J 431 6.02 62.61 65.57
CA ILE J 431 5.12 62.67 64.42
C ILE J 431 5.18 64.05 63.79
N CYS J 432 5.58 65.06 64.58
CA CYS J 432 5.69 66.41 64.04
C CYS J 432 6.99 66.59 63.26
N ARG J 433 8.14 66.28 63.89
CA ARG J 433 9.43 66.55 63.25
C ARG J 433 9.63 65.69 62.00
N ASN J 434 9.11 64.45 61.99
CA ASN J 434 9.17 63.64 60.79
C ASN J 434 8.31 64.24 59.68
N ARG J 435 7.03 64.49 59.96
CA ARG J 435 6.13 65.02 58.93
C ARG J 435 6.60 66.39 58.46
N ALA J 436 7.25 67.15 59.33
CA ALA J 436 7.87 68.41 58.91
C ALA J 436 9.10 68.17 58.06
N GLY J 437 9.74 67.01 58.21
CA GLY J 437 10.97 66.70 57.50
C GLY J 437 12.23 67.03 58.24
N PHE J 438 12.14 67.41 59.52
CA PHE J 438 13.31 67.70 60.35
C PHE J 438 13.67 66.45 61.15
N ASP J 439 14.46 65.60 60.49
CA ASP J 439 14.83 64.30 61.02
C ASP J 439 16.13 63.89 60.35
N GLU J 440 17.01 63.28 61.13
CA GLU J 440 18.34 62.95 60.65
C GLU J 440 18.26 61.98 59.47
N GLY J 441 19.39 61.87 58.74
CA GLY J 441 19.38 61.14 57.48
C GLY J 441 19.01 59.67 57.62
N ASN J 442 19.29 59.08 58.78
CA ASN J 442 18.89 57.69 59.05
C ASN J 442 18.51 57.59 60.53
N ARG J 443 17.22 57.79 60.81
CA ARG J 443 16.64 57.44 62.09
C ARG J 443 15.26 56.84 61.84
N PRO J 444 15.00 55.60 62.27
CA PRO J 444 13.58 55.36 62.59
C PRO J 444 13.21 56.28 63.74
N ILE J 445 11.89 56.50 63.90
CA ILE J 445 11.31 57.61 64.68
C ILE J 445 12.04 57.85 65.99
N GLY J 446 12.35 56.77 66.69
CA GLY J 446 12.91 56.84 68.02
C GLY J 446 12.22 55.84 68.91
N ASN J 447 12.94 55.40 69.93
CA ASN J 447 12.49 54.33 70.81
C ASN J 447 11.77 54.92 72.02
N PHE J 448 10.53 54.53 72.22
CA PHE J 448 9.69 55.03 73.30
C PHE J 448 9.42 53.91 74.30
N LEU J 449 9.31 54.29 75.58
CA LEU J 449 9.02 53.36 76.66
C LEU J 449 7.95 53.97 77.55
N PHE J 450 6.83 53.26 77.68
CA PHE J 450 5.77 53.62 78.61
C PHE J 450 5.78 52.63 79.78
N VAL J 451 6.04 53.13 80.97
CA VAL J 451 6.01 52.33 82.19
C VAL J 451 4.63 52.48 82.81
N GLY J 452 3.97 51.35 83.07
CA GLY J 452 2.60 51.38 83.54
C GLY J 452 2.12 49.98 83.84
N SER J 453 0.80 49.82 83.82
CA SER J 453 0.14 48.53 84.07
C SER J 453 -0.96 48.34 83.04
N THR J 454 -1.54 47.14 83.01
CA THR J 454 -2.47 46.76 81.96
C THR J 454 -3.76 47.58 81.97
N GLY J 455 -4.50 47.52 80.87
CA GLY J 455 -5.82 48.12 80.81
C GLY J 455 -5.82 49.42 80.04
N VAL J 456 -6.44 50.44 80.63
CA VAL J 456 -6.60 51.73 79.96
C VAL J 456 -5.24 52.38 79.75
N GLY J 457 -4.43 52.47 80.81
CA GLY J 457 -3.14 53.11 80.69
C GLY J 457 -2.22 52.43 79.70
N LYS J 458 -2.40 51.12 79.50
CA LYS J 458 -1.51 50.37 78.62
C LYS J 458 -1.79 50.68 77.15
N THR J 459 -3.07 50.72 76.76
CA THR J 459 -3.44 50.59 75.35
C THR J 459 -3.99 51.87 74.70
N GLU J 460 -4.46 52.86 75.46
CA GLU J 460 -5.07 54.03 74.82
C GLU J 460 -4.07 54.76 73.93
N LEU J 461 -2.83 54.90 74.39
CA LEU J 461 -1.82 55.63 73.63
C LEU J 461 -1.62 55.02 72.25
N ALA J 462 -1.30 53.73 72.20
CA ALA J 462 -1.05 53.07 70.92
C ALA J 462 -2.29 53.08 70.03
N LYS J 463 -3.46 52.84 70.61
CA LYS J 463 -4.68 52.78 69.81
C LYS J 463 -5.07 54.17 69.30
N GLN J 464 -5.04 55.18 70.17
CA GLN J 464 -5.52 56.50 69.78
C GLN J 464 -4.54 57.19 68.84
N LEU J 465 -3.23 56.92 68.99
CA LEU J 465 -2.27 57.44 68.02
C LEU J 465 -2.49 56.81 66.65
N ALA J 466 -2.79 55.51 66.62
CA ALA J 466 -3.01 54.82 65.34
C ALA J 466 -4.22 55.38 64.61
N LEU J 467 -5.23 55.86 65.36
CA LEU J 467 -6.44 56.38 64.72
C LEU J 467 -6.26 57.82 64.24
N ASP J 468 -5.36 58.58 64.87
CA ASP J 468 -5.02 59.91 64.38
C ASP J 468 -3.91 59.89 63.34
N MET J 469 -2.97 58.95 63.45
CA MET J 469 -1.95 58.81 62.43
C MET J 469 -2.48 58.08 61.20
N PHE J 470 -3.21 56.97 61.42
CA PHE J 470 -3.51 56.03 60.35
C PHE J 470 -4.95 55.57 60.28
N GLY J 471 -5.75 55.82 61.31
CA GLY J 471 -7.17 55.85 61.16
C GLY J 471 -7.88 54.54 61.42
N THR J 472 -7.18 53.42 61.35
CA THR J 472 -7.83 52.12 61.55
C THR J 472 -6.82 51.15 62.16
N GLN J 473 -7.27 49.91 62.34
CA GLN J 473 -6.57 48.91 63.14
C GLN J 473 -5.70 48.01 62.25
N ASP J 474 -4.83 48.66 61.47
CA ASP J 474 -4.02 47.95 60.47
C ASP J 474 -2.52 48.04 60.73
N ALA J 475 -2.00 49.26 60.92
CA ALA J 475 -0.56 49.47 60.99
C ALA J 475 -0.07 49.41 62.44
N ILE J 476 -0.17 48.21 63.01
CA ILE J 476 0.26 48.01 64.38
C ILE J 476 0.47 46.52 64.63
N ILE J 477 1.59 46.17 65.27
CA ILE J 477 1.90 44.79 65.65
C ILE J 477 2.21 44.79 67.13
N ARG J 478 1.68 43.79 67.84
CA ARG J 478 1.97 43.59 69.26
C ARG J 478 2.92 42.40 69.41
N LEU J 479 4.08 42.65 70.02
CA LEU J 479 5.04 41.61 70.33
C LEU J 479 4.73 41.08 71.72
N ASP J 480 4.19 39.88 71.79
CA ASP J 480 3.76 39.28 73.05
C ASP J 480 4.98 38.71 73.76
N MET J 481 5.43 39.38 74.82
CA MET J 481 6.51 38.81 75.63
C MET J 481 6.05 37.64 76.48
N SER J 482 4.75 37.33 76.51
CA SER J 482 4.31 36.12 77.22
C SER J 482 4.92 34.87 76.60
N GLU J 483 5.19 34.90 75.29
CA GLU J 483 5.97 33.86 74.65
C GLU J 483 7.45 33.91 75.01
N TYR J 484 7.89 34.90 75.79
CA TYR J 484 9.27 35.07 76.22
C TYR J 484 9.43 34.98 77.74
N SER J 485 8.67 34.12 78.39
CA SER J 485 8.82 33.92 79.83
C SER J 485 10.00 32.97 80.12
N ASP J 486 11.07 33.51 80.70
CA ASP J 486 12.21 32.67 81.05
C ASP J 486 11.86 31.64 82.12
N ARG J 487 10.86 31.91 82.96
CA ARG J 487 10.55 31.05 84.09
C ARG J 487 9.67 29.87 83.72
N THR J 488 8.77 30.05 82.74
CA THR J 488 7.69 29.10 82.49
C THR J 488 7.75 28.48 81.10
N ALA J 489 8.77 28.78 80.29
CA ALA J 489 8.84 28.27 78.92
C ALA J 489 9.30 26.80 78.94
N VAL J 490 8.41 25.95 79.43
CA VAL J 490 8.59 24.50 79.39
C VAL J 490 7.36 23.86 78.76
N SER J 491 6.72 24.59 77.84
CA SER J 491 5.52 24.15 77.14
C SER J 491 4.32 23.96 78.07
N LYS J 492 4.30 24.62 79.24
CA LYS J 492 3.03 24.74 79.93
C LYS J 492 2.04 25.53 79.08
N LEU J 493 2.55 26.59 78.44
CA LEU J 493 1.85 27.41 77.47
C LEU J 493 2.65 27.25 76.18
N ILE J 494 2.52 28.19 75.25
CA ILE J 494 2.75 28.06 73.80
C ILE J 494 3.97 27.21 73.46
N GLY J 495 5.07 27.35 74.20
CA GLY J 495 6.24 26.58 73.85
C GLY J 495 7.38 26.79 74.82
N THR J 496 8.54 26.26 74.40
CA THR J 496 9.74 26.20 75.20
C THR J 496 10.65 27.40 74.95
N THR J 497 11.84 27.36 75.55
CA THR J 497 12.86 28.37 75.35
C THR J 497 13.24 28.49 73.87
N ALA J 498 13.28 27.36 73.16
CA ALA J 498 13.70 27.39 71.76
C ALA J 498 12.72 28.14 70.88
N GLY J 499 11.48 28.33 71.31
CA GLY J 499 10.52 29.11 70.56
C GLY J 499 10.78 30.60 70.56
N TYR J 500 11.78 31.07 71.29
CA TYR J 500 12.10 32.49 71.34
C TYR J 500 12.73 33.01 70.06
N VAL J 501 13.39 32.15 69.28
CA VAL J 501 14.16 32.54 68.11
C VAL J 501 13.45 32.05 66.87
N GLY J 502 13.59 32.80 65.78
CA GLY J 502 13.11 32.36 64.49
C GLY J 502 11.66 32.72 64.20
N TYR J 503 10.74 32.33 65.08
CA TYR J 503 9.32 32.55 64.82
C TYR J 503 8.98 34.03 64.85
N ASP J 504 9.34 34.71 65.93
CA ASP J 504 9.11 36.16 66.05
C ASP J 504 10.36 36.91 65.55
N ASP J 505 10.85 36.46 64.39
CA ASP J 505 11.95 37.13 63.69
C ASP J 505 11.55 37.40 62.24
N ASN J 506 11.00 36.38 61.56
CA ASN J 506 10.47 36.60 60.21
C ASN J 506 9.27 35.70 59.86
N SER J 507 8.76 34.91 60.81
CA SER J 507 7.87 33.81 60.44
C SER J 507 6.41 34.23 60.42
N ASN J 508 5.51 33.25 60.24
CA ASN J 508 4.08 33.47 60.05
C ASN J 508 3.48 34.03 61.35
N THR J 509 3.13 35.32 61.42
CA THR J 509 3.34 36.39 60.42
C THR J 509 3.99 37.58 61.10
N LEU J 510 5.25 37.86 60.72
CA LEU J 510 5.92 39.09 61.10
C LEU J 510 6.21 39.97 59.89
N THR J 511 6.97 39.47 58.92
CA THR J 511 7.55 40.33 57.90
C THR J 511 6.55 40.75 56.84
N GLU J 512 5.60 39.88 56.49
CA GLU J 512 4.62 40.23 55.47
C GLU J 512 3.74 41.40 55.90
N ARG J 513 3.61 41.62 57.21
CA ARG J 513 2.95 42.83 57.73
C ARG J 513 3.90 44.02 57.80
N VAL J 514 5.19 43.76 58.04
CA VAL J 514 6.18 44.85 58.05
C VAL J 514 6.39 45.39 56.64
N ARG J 515 6.23 44.55 55.62
CA ARG J 515 6.40 45.00 54.24
C ARG J 515 5.22 45.81 53.74
N ARG J 516 4.00 45.45 54.14
CA ARG J 516 2.84 46.29 53.87
C ARG J 516 2.90 47.58 54.65
N ASN J 517 3.44 47.52 55.86
CA ASN J 517 3.54 48.67 56.74
C ASN J 517 4.98 48.78 57.24
N PRO J 518 5.88 49.35 56.42
CA PRO J 518 7.26 49.65 56.86
C PRO J 518 7.35 50.59 58.05
N TYR J 519 6.25 51.30 58.31
CA TYR J 519 6.18 52.52 59.09
C TYR J 519 5.53 52.30 60.45
N SER J 520 5.13 51.07 60.74
CA SER J 520 4.05 50.79 61.68
C SER J 520 4.41 51.20 63.11
N ILE J 521 3.44 51.05 63.99
CA ILE J 521 3.66 51.07 65.43
C ILE J 521 4.09 49.65 65.83
N ILE J 522 5.20 49.56 66.56
CA ILE J 522 5.60 48.32 67.22
C ILE J 522 5.23 48.47 68.69
N LEU J 523 4.61 47.43 69.25
CA LEU J 523 4.35 47.35 70.68
C LEU J 523 5.06 46.13 71.25
N LEU J 524 6.03 46.38 72.12
CA LEU J 524 6.67 45.34 72.91
C LEU J 524 5.91 45.26 74.23
N ASP J 525 5.18 44.16 74.41
CA ASP J 525 4.24 44.00 75.52
C ASP J 525 4.99 43.48 76.75
N ALA J 526 5.18 44.34 77.75
CA ALA J 526 5.70 43.90 79.04
C ALA J 526 7.11 43.32 78.99
N ILE J 527 8.12 44.20 78.83
CA ILE J 527 9.53 43.81 78.69
C ILE J 527 9.93 42.71 79.67
N GLU J 528 9.50 42.80 80.93
CA GLU J 528 10.15 42.12 82.05
C GLU J 528 10.19 40.59 81.94
N LYS J 529 9.47 39.98 80.99
CA LYS J 529 9.35 38.54 80.97
C LYS J 529 10.66 37.80 80.68
N ALA J 530 11.72 38.48 80.24
CA ALA J 530 12.88 37.79 79.69
C ALA J 530 14.20 38.44 80.11
N ASP J 531 15.26 37.63 79.95
CA ASP J 531 16.68 37.93 79.96
C ASP J 531 16.94 39.26 79.26
N PRO J 532 17.80 40.17 79.76
CA PRO J 532 18.02 41.44 79.03
C PRO J 532 18.55 41.27 77.62
N GLN J 533 19.16 40.12 77.29
CA GLN J 533 19.71 39.92 75.95
C GLN J 533 18.63 39.74 74.90
N VAL J 534 17.48 39.16 75.29
CA VAL J 534 16.36 38.99 74.36
C VAL J 534 15.88 40.35 73.87
N ILE J 535 15.65 41.25 74.81
CA ILE J 535 15.11 42.58 74.51
C ILE J 535 16.20 43.46 73.89
N THR J 536 17.46 43.18 74.20
CA THR J 536 18.57 43.96 73.71
C THR J 536 18.74 43.81 72.20
N LEU J 537 18.30 42.68 71.64
CA LEU J 537 18.52 42.42 70.22
C LEU J 537 17.87 43.47 69.34
N LEU J 538 16.57 43.69 69.54
CA LEU J 538 15.85 44.61 68.67
C LEU J 538 16.36 46.04 68.81
N LEU J 539 16.60 46.49 70.05
CA LEU J 539 16.82 47.91 70.28
C LEU J 539 18.21 48.37 69.84
N GLN J 540 19.24 47.52 70.00
CA GLN J 540 20.55 47.87 69.47
C GLN J 540 20.57 47.94 67.95
N VAL J 541 19.62 47.27 67.29
CA VAL J 541 19.58 47.15 65.83
C VAL J 541 18.71 48.22 65.19
N LEU J 542 17.85 48.91 65.97
CA LEU J 542 17.03 50.00 65.44
C LEU J 542 17.79 51.31 65.27
N ASP J 543 19.10 51.34 65.56
CA ASP J 543 19.87 52.55 65.32
C ASP J 543 19.87 52.92 63.85
N ASP J 544 20.20 51.96 62.99
CA ASP J 544 20.32 52.17 61.56
C ASP J 544 19.03 51.90 60.80
N GLY J 545 17.93 51.58 61.50
CA GLY J 545 16.69 51.25 60.83
C GLY J 545 16.78 50.03 59.93
N ARG J 546 17.57 49.03 60.32
CA ARG J 546 17.80 47.85 59.50
C ARG J 546 18.09 46.67 60.40
N LEU J 547 17.49 45.52 60.10
CA LEU J 547 17.66 44.30 60.88
C LEU J 547 17.89 43.12 59.94
N THR J 548 18.97 42.38 60.15
CA THR J 548 19.26 41.16 59.40
C THR J 548 18.65 39.98 60.15
N ASP J 549 17.80 39.21 59.45
CA ASP J 549 17.04 38.15 60.09
C ASP J 549 17.84 36.84 60.08
N GLY J 550 17.22 35.77 60.55
CA GLY J 550 17.87 34.47 60.61
C GLY J 550 18.23 33.87 59.26
N GLN J 551 17.52 34.25 58.20
CA GLN J 551 17.77 33.75 56.86
C GLN J 551 18.77 34.59 56.07
N GLY J 552 19.38 35.60 56.70
CA GLY J 552 20.33 36.45 56.01
C GLY J 552 19.72 37.62 55.26
N ASN J 553 18.40 37.79 55.30
CA ASN J 553 17.73 38.90 54.64
C ASN J 553 17.62 40.09 55.59
N THR J 554 17.68 41.29 55.01
CA THR J 554 17.61 42.53 55.77
C THR J 554 16.23 43.16 55.57
N VAL J 555 15.55 43.46 56.68
CA VAL J 555 14.36 44.31 56.66
C VAL J 555 14.82 45.75 56.84
N ASN J 556 14.32 46.64 56.00
CA ASN J 556 14.63 48.06 56.07
C ASN J 556 13.43 48.80 56.66
N PHE J 557 13.64 49.48 57.79
CA PHE J 557 12.59 50.19 58.48
C PHE J 557 12.52 51.64 58.03
N LYS J 558 11.34 52.05 57.60
CA LYS J 558 10.97 53.45 57.48
C LYS J 558 10.21 53.85 58.72
N ASN J 559 10.49 55.06 59.20
CA ASN J 559 9.59 55.89 60.01
C ASN J 559 8.74 55.08 60.99
N THR J 560 9.38 54.11 61.66
CA THR J 560 8.72 53.20 62.57
C THR J 560 8.84 53.72 63.99
N VAL J 561 7.74 53.64 64.75
CA VAL J 561 7.73 53.99 66.17
C VAL J 561 7.53 52.70 66.96
N ILE J 562 8.37 52.50 67.97
CA ILE J 562 8.21 51.41 68.93
C ILE J 562 7.86 52.04 70.27
N ILE J 563 6.77 51.58 70.88
CA ILE J 563 6.42 51.90 72.25
C ILE J 563 6.58 50.61 73.04
N ALA J 564 7.70 50.47 73.71
CA ALA J 564 7.91 49.35 74.62
C ALA J 564 7.14 49.59 75.91
N THR J 565 6.77 48.50 76.59
CA THR J 565 5.95 48.57 77.78
C THR J 565 6.45 47.59 78.84
N SER J 566 6.29 47.99 80.09
CA SER J 566 6.69 47.20 81.25
C SER J 566 5.60 47.23 82.30
N ASN J 567 5.69 46.32 83.26
CA ASN J 567 4.80 46.29 84.41
C ASN J 567 5.49 47.05 85.55
N ALA J 568 5.06 48.29 85.75
CA ALA J 568 5.72 49.22 86.66
C ALA J 568 4.90 49.44 87.93
N GLY J 569 5.44 50.27 88.81
CA GLY J 569 4.81 50.55 90.08
C GLY J 569 5.85 51.01 91.08
N PHE J 570 5.43 51.10 92.33
CA PHE J 570 6.34 51.47 93.41
C PHE J 570 5.64 51.27 94.74
N GLY J 571 6.39 50.77 95.74
CA GLY J 571 5.88 50.60 97.08
C GLY J 571 6.25 51.77 97.98
N TYR J 572 5.30 52.17 98.82
CA TYR J 572 5.29 53.51 99.37
C TYR J 572 4.85 53.47 100.83
N GLU J 573 4.85 54.66 101.46
CA GLU J 573 4.36 54.80 102.83
C GLU J 573 2.88 55.17 102.86
N ALA J 574 2.52 56.31 102.26
CA ALA J 574 1.15 56.79 102.19
C ALA J 574 0.85 57.17 100.75
N ASN J 575 -0.41 56.98 100.35
CA ASN J 575 -0.80 57.14 98.94
C ASN J 575 -0.52 58.55 98.40
N LEU J 576 -0.33 59.54 99.27
CA LEU J 576 0.12 60.86 98.86
C LEU J 576 1.64 60.95 98.72
N THR J 577 2.37 59.84 98.86
CA THR J 577 3.81 59.79 98.67
C THR J 577 4.21 58.84 97.54
N GLU J 578 3.27 58.50 96.64
CA GLU J 578 3.57 57.56 95.58
C GLU J 578 4.60 58.12 94.60
N ASP J 579 4.50 59.42 94.27
CA ASP J 579 5.38 60.07 93.33
C ASP J 579 6.60 60.70 94.00
N ALA J 580 6.93 60.27 95.23
CA ALA J 580 8.05 60.89 95.95
C ALA J 580 9.39 60.48 95.35
N ASP J 581 9.49 59.23 94.88
CA ASP J 581 10.76 58.66 94.41
C ASP J 581 10.68 58.51 92.88
N LYS J 582 11.21 59.51 92.17
CA LYS J 582 11.02 59.61 90.73
C LYS J 582 11.92 58.69 89.93
N PRO J 583 13.26 58.77 90.02
CA PRO J 583 14.08 57.85 89.21
C PRO J 583 14.07 56.42 89.71
N GLU J 584 13.52 56.16 90.90
CA GLU J 584 13.57 54.81 91.47
C GLU J 584 12.61 53.85 90.78
N LEU J 585 11.70 54.35 89.94
CA LEU J 585 10.93 53.45 89.08
C LEU J 585 11.85 52.67 88.16
N MET J 586 12.84 53.35 87.57
CA MET J 586 13.82 52.69 86.72
C MET J 586 14.70 51.74 87.54
N ASP J 587 14.96 52.08 88.79
CA ASP J 587 15.74 51.18 89.66
C ASP J 587 14.91 49.95 90.03
N ARG J 588 13.61 50.14 90.25
CA ARG J 588 12.72 49.00 90.46
C ARG J 588 12.70 48.11 89.23
N LEU J 589 12.59 48.72 88.04
CA LEU J 589 12.56 47.96 86.79
C LEU J 589 13.94 47.55 86.30
N LYS J 590 15.01 48.00 86.96
CA LYS J 590 16.39 47.67 86.61
C LYS J 590 16.70 46.19 86.38
N PRO J 591 16.17 45.23 87.16
CA PRO J 591 16.68 43.85 87.04
C PRO J 591 16.59 43.22 85.66
N PHE J 592 15.67 43.67 84.80
CA PHE J 592 15.48 43.07 83.49
C PHE J 592 16.04 43.90 82.35
N PHE J 593 16.74 45.00 82.63
CA PHE J 593 17.48 45.71 81.60
C PHE J 593 18.73 46.32 82.21
N ARG J 594 19.44 47.10 81.39
CA ARG J 594 20.68 47.75 81.78
C ARG J 594 20.68 49.16 81.20
N PRO J 595 21.62 50.02 81.65
CA PRO J 595 21.66 51.39 81.09
C PRO J 595 21.91 51.44 79.59
N GLU J 596 22.55 50.42 79.02
CA GLU J 596 22.70 50.36 77.58
C GLU J 596 21.36 50.25 76.88
N PHE J 597 20.36 49.70 77.55
CA PHE J 597 18.99 49.59 77.05
C PHE J 597 18.17 50.83 77.39
N LEU J 598 18.43 51.42 78.55
CA LEU J 598 17.65 52.57 79.01
C LEU J 598 18.01 53.82 78.23
N ASN J 599 19.29 54.06 78.00
CA ASN J 599 19.76 55.31 77.42
C ASN J 599 19.39 55.50 75.95
N ARG J 600 18.77 54.51 75.32
CA ARG J 600 18.33 54.61 73.93
C ARG J 600 16.90 55.14 73.79
N PHE J 601 16.27 55.58 74.88
CA PHE J 601 14.85 55.93 74.90
C PHE J 601 14.65 57.43 75.08
N ASN J 602 13.54 57.93 74.52
CA ASN J 602 13.28 59.37 74.43
C ASN J 602 12.55 59.84 75.69
N ALA J 603 13.34 59.91 76.74
CA ALA J 603 13.19 60.52 78.06
C ALA J 603 12.34 59.80 79.10
N VAL J 604 11.13 59.35 78.81
CA VAL J 604 10.52 58.05 79.09
C VAL J 604 9.09 58.56 79.34
N ILE J 605 8.04 57.74 79.29
CA ILE J 605 6.73 58.19 79.76
C ILE J 605 6.43 57.56 81.12
N GLU J 606 6.08 58.40 82.09
CA GLU J 606 6.08 58.05 83.51
C GLU J 606 4.94 57.07 83.86
N PHE J 607 4.88 56.72 85.14
CA PHE J 607 3.92 55.73 85.64
C PHE J 607 2.57 56.37 85.97
N SER J 608 2.48 57.70 85.87
CA SER J 608 1.58 58.55 86.67
C SER J 608 0.18 57.99 86.89
N HIS J 609 -0.37 58.23 88.08
CA HIS J 609 -1.45 57.45 88.66
C HIS J 609 -2.78 58.13 88.40
N LEU J 610 -3.86 57.40 88.68
CA LEU J 610 -5.19 57.99 88.70
C LEU J 610 -5.39 58.78 89.97
N THR J 611 -5.79 60.04 89.83
CA THR J 611 -5.89 60.98 90.93
C THR J 611 -7.34 61.13 91.37
N LYS J 612 -7.54 61.44 92.66
CA LYS J 612 -8.84 61.89 93.14
C LYS J 612 -9.01 63.36 92.74
N GLU J 613 -9.36 63.51 91.47
CA GLU J 613 -9.50 64.79 90.78
C GLU J 613 -10.62 64.54 89.78
N ASP J 614 -10.66 65.26 88.66
CA ASP J 614 -11.86 65.27 87.82
C ASP J 614 -12.03 63.88 87.18
N LEU J 615 -12.56 62.96 87.99
CA LEU J 615 -12.99 61.65 87.49
C LEU J 615 -14.12 61.76 86.46
N SER J 616 -14.84 62.88 86.45
CA SER J 616 -16.05 62.98 85.63
C SER J 616 -15.72 62.90 84.15
N LYS J 617 -14.49 63.25 83.76
CA LYS J 617 -14.13 63.18 82.34
C LYS J 617 -14.18 61.75 81.84
N ILE J 618 -13.82 60.77 82.67
CA ILE J 618 -14.03 59.38 82.30
C ILE J 618 -15.53 59.08 82.24
N VAL J 619 -16.28 59.55 83.23
CA VAL J 619 -17.71 59.25 83.31
C VAL J 619 -18.47 59.99 82.20
N ASP J 620 -17.99 61.17 81.81
CA ASP J 620 -18.64 61.89 80.72
C ASP J 620 -18.48 61.15 79.40
N LEU J 621 -17.34 60.46 79.22
CA LEU J 621 -17.14 59.69 77.99
C LEU J 621 -17.87 58.36 78.02
N MET J 622 -17.84 57.67 79.16
CA MET J 622 -18.56 56.39 79.26
C MET J 622 -20.04 56.57 78.99
N LEU J 623 -20.66 57.57 79.63
CA LEU J 623 -22.07 57.85 79.41
C LEU J 623 -22.33 58.19 77.94
N ALA J 624 -21.37 58.83 77.26
CA ALA J 624 -21.50 59.07 75.83
C ALA J 624 -21.42 57.75 75.05
N GLU J 625 -20.61 56.80 75.52
CA GLU J 625 -20.53 55.51 74.86
C GLU J 625 -21.81 54.71 75.05
N VAL J 626 -22.52 54.94 76.17
CA VAL J 626 -23.80 54.28 76.38
C VAL J 626 -24.79 54.72 75.30
N ASN J 627 -24.97 56.02 75.14
CA ASN J 627 -25.95 56.52 74.18
C ASN J 627 -25.49 56.28 72.75
N GLN J 628 -24.18 56.33 72.49
CA GLN J 628 -23.68 55.97 71.16
C GLN J 628 -23.99 54.51 70.85
N THR J 629 -23.85 53.64 71.84
CA THR J 629 -24.26 52.24 71.67
C THR J 629 -25.76 52.14 71.44
N LEU J 630 -26.55 52.79 72.30
CA LEU J 630 -28.00 52.73 72.19
C LEU J 630 -28.51 53.45 70.95
N ALA J 631 -27.73 54.39 70.41
CA ALA J 631 -28.21 55.20 69.29
C ALA J 631 -28.40 54.38 68.02
N LYS J 632 -27.81 53.19 67.94
CA LYS J 632 -28.00 52.36 66.75
C LYS J 632 -29.47 52.01 66.55
N LYS J 633 -30.19 51.76 67.63
CA LYS J 633 -31.62 51.47 67.58
C LYS J 633 -32.47 52.70 67.85
N ASP J 634 -31.90 53.91 67.68
CA ASP J 634 -32.60 55.16 67.95
C ASP J 634 -33.07 55.22 69.40
N ILE J 635 -32.17 54.86 70.31
CA ILE J 635 -32.43 54.84 71.75
C ILE J 635 -31.42 55.79 72.39
N ASP J 636 -31.94 56.81 73.07
CA ASP J 636 -31.10 57.88 73.63
C ASP J 636 -31.81 58.43 74.86
N LEU J 637 -31.22 58.19 76.03
CA LEU J 637 -31.80 58.59 77.30
C LEU J 637 -31.09 59.82 77.86
N VAL J 638 -31.76 60.50 78.78
CA VAL J 638 -31.11 61.48 79.64
C VAL J 638 -30.36 60.71 80.72
N VAL J 639 -29.08 61.03 80.90
CA VAL J 639 -28.22 60.39 81.89
C VAL J 639 -27.68 61.46 82.81
N SER J 640 -27.94 61.31 84.10
CA SER J 640 -27.55 62.31 85.08
C SER J 640 -26.04 62.29 85.28
N GLN J 641 -25.46 63.47 85.46
CA GLN J 641 -24.05 63.56 85.81
C GLN J 641 -23.78 63.00 87.21
N ALA J 642 -24.81 62.90 88.05
CA ALA J 642 -24.69 62.34 89.40
C ALA J 642 -24.43 60.84 89.40
N ALA J 643 -24.37 60.19 88.23
CA ALA J 643 -23.94 58.80 88.16
C ALA J 643 -22.54 58.62 88.73
N LYS J 644 -21.71 59.66 88.69
CA LYS J 644 -20.37 59.61 89.25
C LYS J 644 -20.37 59.28 90.74
N ASP J 645 -21.40 59.74 91.46
CA ASP J 645 -21.40 59.66 92.93
C ASP J 645 -21.34 58.23 93.44
N TYR J 646 -21.82 57.27 92.66
CA TYR J 646 -21.80 55.85 93.00
C TYR J 646 -20.65 55.11 92.34
N ILE J 647 -20.16 55.59 91.20
CA ILE J 647 -19.07 54.96 90.48
C ILE J 647 -17.75 55.20 91.17
N THR J 648 -17.41 56.47 91.41
CA THR J 648 -16.09 56.85 91.92
C THR J 648 -15.78 56.21 93.26
N GLU J 649 -16.80 55.88 94.07
CA GLU J 649 -16.62 55.24 95.36
C GLU J 649 -15.64 54.07 95.31
N GLU J 650 -15.62 53.35 94.19
CA GLU J 650 -14.55 52.39 93.88
C GLU J 650 -13.61 52.88 92.78
N GLY J 651 -14.05 53.83 91.94
CA GLY J 651 -13.25 54.27 90.82
C GLY J 651 -11.88 54.82 91.20
N TYR J 652 -11.82 55.80 92.10
CA TYR J 652 -10.56 56.44 92.46
C TYR J 652 -9.75 55.64 93.48
N ASP J 653 -10.05 54.35 93.66
CA ASP J 653 -9.22 53.50 94.50
C ASP J 653 -7.83 53.36 93.86
N GLU J 654 -6.80 53.79 94.60
CA GLU J 654 -5.44 53.77 94.07
C GLU J 654 -4.94 52.35 93.82
N VAL J 655 -5.53 51.35 94.47
CA VAL J 655 -5.10 49.96 94.29
C VAL J 655 -5.28 49.53 92.85
N MET J 656 -6.41 49.90 92.24
CA MET J 656 -6.82 49.39 90.95
C MET J 656 -6.57 50.37 89.80
N GLY J 657 -6.76 51.66 90.02
CA GLY J 657 -6.70 52.63 88.94
C GLY J 657 -8.04 52.74 88.23
N VAL J 658 -8.00 52.84 86.90
CA VAL J 658 -9.23 52.84 86.12
C VAL J 658 -9.56 51.40 85.80
N ARG J 659 -9.94 50.62 86.82
CA ARG J 659 -10.60 49.33 86.62
C ARG J 659 -12.12 49.40 86.83
N PRO J 660 -12.64 49.93 87.95
CA PRO J 660 -14.10 49.87 88.15
C PRO J 660 -14.92 50.76 87.25
N LEU J 661 -14.30 51.71 86.54
CA LEU J 661 -15.07 52.74 85.85
C LEU J 661 -15.99 52.13 84.79
N ARG J 662 -15.46 51.25 83.95
CA ARG J 662 -16.28 50.59 82.93
C ARG J 662 -17.18 49.51 83.53
N ARG J 663 -16.75 48.90 84.63
CA ARG J 663 -17.50 47.77 85.18
C ARG J 663 -18.78 48.23 85.88
N VAL J 664 -18.75 49.42 86.49
CA VAL J 664 -19.94 49.91 87.21
C VAL J 664 -20.95 50.45 86.21
N VAL J 665 -20.50 51.22 85.22
CA VAL J 665 -21.42 51.82 84.25
C VAL J 665 -22.09 50.74 83.42
N GLU J 666 -21.31 49.80 82.89
CA GLU J 666 -21.85 48.80 81.99
C GLU J 666 -22.81 47.85 82.71
N GLN J 667 -22.75 47.81 84.05
CA GLN J 667 -23.71 47.04 84.83
C GLN J 667 -24.88 47.90 85.28
N GLU J 668 -24.61 49.15 85.68
CA GLU J 668 -25.63 49.96 86.34
C GLU J 668 -26.73 50.39 85.36
N ILE J 669 -26.35 50.92 84.21
CA ILE J 669 -27.32 51.50 83.27
C ILE J 669 -27.85 50.44 82.30
N ARG J 670 -26.97 49.57 81.82
CA ARG J 670 -27.29 48.64 80.74
C ARG J 670 -28.51 47.78 81.04
N ASP J 671 -28.60 47.29 82.28
CA ASP J 671 -29.69 46.39 82.63
C ASP J 671 -31.00 47.15 82.82
N LYS J 672 -30.94 48.39 83.31
CA LYS J 672 -32.16 49.15 83.55
C LYS J 672 -32.78 49.64 82.24
N VAL J 673 -31.95 50.08 81.29
CA VAL J 673 -32.47 50.47 79.98
C VAL J 673 -33.04 49.25 79.24
N THR J 674 -32.58 48.05 79.59
CA THR J 674 -33.10 46.85 78.96
C THR J 674 -34.50 46.51 79.46
N ASP J 675 -34.78 46.84 80.72
CA ASP J 675 -36.06 46.45 81.31
C ASP J 675 -37.20 47.29 80.79
N PHE J 676 -36.92 48.53 80.34
CA PHE J 676 -37.98 49.44 79.93
C PHE J 676 -38.24 49.39 78.43
N HIS J 677 -37.28 48.91 77.63
CA HIS J 677 -37.59 48.62 76.23
C HIS J 677 -38.69 47.58 76.09
N LEU J 678 -38.86 46.73 77.11
CA LEU J 678 -39.93 45.76 77.17
C LEU J 678 -41.31 46.39 77.34
N ASP J 679 -41.39 47.52 78.05
CA ASP J 679 -42.61 48.32 78.08
C ASP J 679 -42.78 49.17 76.84
N HIS J 680 -41.83 49.10 75.90
CA HIS J 680 -41.88 49.87 74.65
C HIS J 680 -41.99 51.36 74.93
N LEU J 681 -41.21 51.82 75.91
CA LEU J 681 -41.17 53.22 76.28
C LEU J 681 -40.13 53.96 75.45
N ASP J 682 -40.48 55.17 75.03
CA ASP J 682 -39.60 55.98 74.20
C ASP J 682 -38.46 56.53 75.06
N ALA J 683 -37.23 56.24 74.65
CA ALA J 683 -36.06 56.64 75.43
C ALA J 683 -35.92 58.14 75.58
N LYS J 684 -36.40 58.91 74.58
CA LYS J 684 -36.20 60.35 74.59
C LYS J 684 -36.95 61.05 75.73
N HIS J 685 -37.87 60.35 76.41
CA HIS J 685 -38.59 60.89 77.55
C HIS J 685 -38.35 60.10 78.83
N LEU J 686 -37.25 59.33 78.90
CA LEU J 686 -36.83 58.63 80.10
C LEU J 686 -35.58 59.29 80.65
N GLU J 687 -35.48 59.38 81.98
CA GLU J 687 -34.38 60.05 82.66
C GLU J 687 -33.74 59.10 83.66
N ALA J 688 -32.46 58.80 83.44
CA ALA J 688 -31.69 57.95 84.34
C ALA J 688 -31.31 58.76 85.56
N ASP J 689 -32.08 58.57 86.65
CA ASP J 689 -31.99 59.38 87.86
C ASP J 689 -31.85 58.43 89.05
N MET J 690 -30.65 58.40 89.64
CA MET J 690 -30.37 57.46 90.71
C MET J 690 -30.96 57.93 92.03
N GLU J 691 -31.28 56.96 92.89
CA GLU J 691 -31.82 57.21 94.23
C GLU J 691 -31.15 56.26 95.22
N ASP J 692 -30.38 56.83 96.15
CA ASP J 692 -29.73 56.05 97.21
C ASP J 692 -28.80 54.98 96.63
N GLY J 693 -28.01 55.37 95.64
CA GLY J 693 -27.08 54.47 95.00
C GLY J 693 -27.69 53.47 94.05
N VAL J 694 -29.01 53.49 93.86
CA VAL J 694 -29.72 52.59 92.97
C VAL J 694 -30.23 53.41 91.80
N LEU J 695 -30.06 52.90 90.59
CA LEU J 695 -30.59 53.59 89.42
C LEU J 695 -32.07 53.30 89.24
N VAL J 696 -32.87 54.37 89.30
CA VAL J 696 -34.29 54.33 88.95
C VAL J 696 -34.48 55.27 87.77
N ILE J 697 -34.48 54.72 86.56
CA ILE J 697 -34.74 55.52 85.36
C ILE J 697 -36.20 55.98 85.44
N ARG J 698 -36.42 57.27 85.22
CA ARG J 698 -37.74 57.88 85.32
C ARG J 698 -38.61 57.50 84.14
N LEU K 76 37.86 20.53 15.22
CA LEU K 76 36.70 20.47 16.10
C LEU K 76 36.04 21.83 16.31
N ALA K 77 36.43 22.83 15.52
CA ALA K 77 35.83 24.16 15.61
C ALA K 77 34.51 24.20 14.84
N LYS K 78 33.57 23.35 15.27
CA LYS K 78 32.37 23.08 14.49
C LYS K 78 31.03 23.39 15.17
N LEU K 79 30.81 23.26 16.50
CA LEU K 79 31.54 22.67 17.66
C LEU K 79 32.68 23.48 18.31
N GLY K 80 33.01 24.66 17.83
CA GLY K 80 33.98 25.49 18.51
C GLY K 80 34.51 26.67 17.73
N ARG K 81 35.75 27.02 18.04
CA ARG K 81 36.41 28.21 17.50
C ARG K 81 37.88 27.89 17.26
N ASN K 82 38.27 27.90 15.98
CA ASN K 82 39.66 27.63 15.59
C ASN K 82 40.46 28.90 15.83
N LEU K 83 41.33 28.88 16.84
CA LEU K 83 42.03 30.09 17.24
C LEU K 83 43.24 30.38 16.35
N THR K 84 43.92 29.35 15.84
CA THR K 84 45.03 29.59 14.92
C THR K 84 44.53 30.08 13.58
N ALA K 85 43.35 29.62 13.13
CA ALA K 85 42.78 30.12 11.89
C ALA K 85 42.49 31.60 11.97
N GLU K 86 41.98 32.06 13.12
CA GLU K 86 41.79 33.50 13.31
C GLU K 86 43.12 34.20 13.48
N ALA K 87 44.16 33.48 13.94
CA ALA K 87 45.50 34.06 13.98
C ALA K 87 46.09 34.17 12.58
N ARG K 88 45.84 33.18 11.72
CA ARG K 88 46.32 33.26 10.35
C ARG K 88 45.67 34.40 9.57
N GLU K 89 44.48 34.84 9.97
CA GLU K 89 43.77 35.92 9.29
C GLU K 89 44.02 37.28 9.92
N GLY K 90 44.89 37.39 10.92
CA GLY K 90 45.13 38.67 11.56
C GLY K 90 43.97 39.20 12.36
N LYS K 91 43.21 38.31 13.00
CA LYS K 91 42.02 38.70 13.76
C LYS K 91 42.28 38.94 15.24
N LEU K 92 43.53 38.85 15.69
CA LEU K 92 43.87 38.95 17.10
C LEU K 92 44.32 40.35 17.47
N ASP K 93 44.27 40.64 18.78
CA ASP K 93 44.75 41.89 19.34
C ASP K 93 46.21 41.73 19.74
N PRO K 94 47.19 42.28 18.97
CA PRO K 94 48.59 42.06 19.37
C PRO K 94 48.99 42.84 20.61
N VAL K 95 48.60 42.31 21.76
CA VAL K 95 49.04 42.85 23.06
C VAL K 95 50.39 42.23 23.40
N ILE K 96 51.30 43.05 23.91
CA ILE K 96 52.64 42.62 24.29
C ILE K 96 52.90 43.04 25.73
N GLY K 97 54.11 42.72 26.21
CA GLY K 97 54.43 42.76 27.61
C GLY K 97 54.15 41.47 28.33
N ARG K 98 53.31 40.61 27.77
CA ARG K 98 53.06 39.26 28.27
C ARG K 98 53.98 38.24 27.62
N ASN K 99 55.13 38.68 27.09
CA ASN K 99 56.01 37.77 26.37
C ASN K 99 56.60 36.71 27.30
N LYS K 100 56.81 37.05 28.57
CA LYS K 100 57.34 36.08 29.52
C LYS K 100 56.40 34.90 29.74
N GLU K 101 55.09 35.10 29.55
CA GLU K 101 54.16 33.99 29.65
C GLU K 101 54.11 33.17 28.37
N ILE K 102 54.54 33.75 27.24
CA ILE K 102 54.82 32.96 26.06
C ILE K 102 56.14 32.22 26.23
N GLN K 103 57.13 32.87 26.86
CA GLN K 103 58.35 32.16 27.23
C GLN K 103 58.05 31.03 28.18
N GLU K 104 57.11 31.23 29.11
CA GLU K 104 56.66 30.16 29.98
C GLU K 104 55.82 29.15 29.21
N ALA K 105 55.25 29.56 28.08
CA ALA K 105 54.57 28.62 27.18
C ALA K 105 55.55 27.83 26.32
N SER K 106 56.86 28.02 26.48
CA SER K 106 57.83 27.14 25.84
C SER K 106 57.65 25.70 26.31
N GLU K 107 57.32 25.52 27.60
CA GLU K 107 57.05 24.19 28.11
C GLU K 107 55.64 23.72 27.78
N ILE K 108 54.67 24.64 27.70
CA ILE K 108 53.29 24.28 27.35
C ILE K 108 53.27 23.60 25.99
N LEU K 109 54.08 24.07 25.06
CA LEU K 109 54.06 23.55 23.69
C LEU K 109 54.98 22.33 23.52
N SER K 110 56.01 22.19 24.37
CA SER K 110 57.12 21.29 24.09
C SER K 110 57.10 19.98 24.88
N ARG K 111 56.56 19.97 26.10
CA ARG K 111 56.60 18.77 26.93
C ARG K 111 55.91 17.60 26.22
N ARG K 112 56.65 16.52 26.03
CA ARG K 112 56.16 15.41 25.20
C ARG K 112 55.10 14.58 25.90
N THR K 113 55.12 14.53 27.23
CA THR K 113 54.15 13.73 27.98
C THR K 113 53.90 14.38 29.33
N LYS K 114 52.73 14.08 29.90
CA LYS K 114 52.32 14.64 31.19
C LYS K 114 52.37 16.15 31.13
N ASN K 115 51.86 16.70 30.02
CA ASN K 115 52.24 18.02 29.55
C ASN K 115 51.11 19.04 29.61
N ASN K 116 50.06 18.77 30.39
CA ASN K 116 48.90 19.64 30.41
C ASN K 116 49.05 20.69 31.52
N PRO K 117 49.39 21.94 31.20
CA PRO K 117 49.68 22.92 32.26
C PRO K 117 48.46 23.27 33.10
N VAL K 118 48.70 24.19 34.05
CA VAL K 118 47.67 24.72 34.94
C VAL K 118 47.82 26.23 34.94
N LEU K 119 47.10 26.91 34.06
CA LEU K 119 47.12 28.37 33.94
C LEU K 119 46.23 28.97 35.03
N VAL K 120 46.43 30.26 35.30
CA VAL K 120 45.64 31.00 36.30
C VAL K 120 45.35 32.39 35.77
N GLY K 121 44.18 32.94 36.11
CA GLY K 121 43.84 34.29 35.70
C GLY K 121 42.43 34.69 36.11
N ASP K 122 42.10 35.95 35.81
CA ASP K 122 40.77 36.52 36.04
C ASP K 122 39.87 36.27 34.83
N ALA K 123 38.55 36.37 35.05
CA ALA K 123 37.56 36.18 33.99
C ALA K 123 37.79 37.22 32.90
N GLY K 124 38.07 36.75 31.68
CA GLY K 124 38.44 37.65 30.62
C GLY K 124 39.66 38.48 30.90
N VAL K 125 40.58 37.99 31.73
CA VAL K 125 41.83 38.69 31.98
C VAL K 125 42.64 38.85 30.70
N GLY K 126 42.49 37.90 29.77
CA GLY K 126 43.34 37.82 28.60
C GLY K 126 44.44 36.80 28.73
N LYS K 127 44.25 35.77 29.56
CA LYS K 127 45.17 34.64 29.57
C LYS K 127 44.82 33.70 28.41
N THR K 128 43.57 33.75 27.96
CA THR K 128 43.25 33.30 26.61
C THR K 128 44.06 34.06 25.57
N ALA K 129 44.19 35.37 25.74
CA ALA K 129 44.95 36.17 24.79
C ALA K 129 46.43 35.80 24.78
N VAL K 130 46.94 35.25 25.88
CA VAL K 130 48.29 34.69 25.88
C VAL K 130 48.35 33.50 24.94
N VAL K 131 47.41 32.55 25.09
CA VAL K 131 47.40 31.37 24.24
C VAL K 131 47.08 31.75 22.80
N GLU K 132 46.23 32.78 22.62
CA GLU K 132 46.10 33.37 21.29
C GLU K 132 47.42 34.03 20.88
N GLY K 133 48.09 34.69 21.82
CA GLY K 133 49.43 35.16 21.56
C GLY K 133 50.40 34.03 21.30
N LEU K 134 50.17 32.87 21.92
CA LEU K 134 50.93 31.68 21.56
C LEU K 134 50.56 31.20 20.17
N ALA K 135 49.25 31.17 19.86
CA ALA K 135 48.82 30.82 18.51
C ALA K 135 49.43 31.77 17.48
N GLN K 136 49.47 33.07 17.79
CA GLN K 136 50.14 34.02 16.92
C GLN K 136 51.61 33.65 16.75
N ALA K 137 52.26 33.21 17.84
CA ALA K 137 53.66 32.82 17.75
C ALA K 137 53.82 31.57 16.88
N ILE K 138 52.81 30.70 16.86
CA ILE K 138 52.88 29.49 16.03
C ILE K 138 52.73 29.87 14.56
N VAL K 139 51.81 30.78 14.25
CA VAL K 139 51.59 31.18 12.86
C VAL K 139 52.84 31.85 12.29
N ASN K 140 53.43 32.77 13.07
CA ASN K 140 54.58 33.54 12.62
C ASN K 140 55.91 32.78 12.77
N GLY K 141 55.88 31.55 13.27
CA GLY K 141 57.11 30.81 13.47
C GLY K 141 58.01 31.38 14.54
N ASP K 142 57.43 31.96 15.58
CA ASP K 142 58.16 32.42 16.75
C ASP K 142 58.21 31.33 17.84
N VAL K 143 58.18 30.08 17.42
CA VAL K 143 58.10 28.93 18.33
C VAL K 143 59.08 27.86 17.81
N PRO K 144 59.50 26.93 18.66
CA PRO K 144 60.39 25.86 18.18
C PRO K 144 59.63 24.87 17.33
N ALA K 145 60.39 23.93 16.75
CA ALA K 145 59.81 22.94 15.84
C ALA K 145 58.92 21.92 16.55
N ALA K 146 58.96 21.88 17.89
CA ALA K 146 58.14 20.93 18.62
C ALA K 146 56.64 21.14 18.38
N ILE K 147 56.25 22.36 18.02
CA ILE K 147 54.85 22.77 17.90
C ILE K 147 54.51 23.18 16.47
N LYS K 148 55.34 22.83 15.50
CA LYS K 148 55.07 23.24 14.13
C LYS K 148 53.80 22.57 13.62
N ASN K 149 52.94 23.37 12.98
CA ASN K 149 51.71 22.88 12.36
C ASN K 149 50.77 22.23 13.38
N LYS K 150 50.75 22.78 14.60
CA LYS K 150 49.84 22.33 15.65
C LYS K 150 48.72 23.35 15.79
N GLU K 151 47.52 22.96 15.40
CA GLU K 151 46.35 23.82 15.44
C GLU K 151 45.80 23.88 16.87
N ILE K 152 45.16 24.99 17.20
CA ILE K 152 44.48 25.17 18.48
C ILE K 152 43.00 25.40 18.20
N VAL K 153 42.14 24.74 18.97
CA VAL K 153 40.70 24.90 18.90
C VAL K 153 40.17 25.09 20.31
N SER K 154 39.29 26.07 20.49
CA SER K 154 38.63 26.28 21.77
C SER K 154 37.36 25.44 21.83
N ILE K 155 37.34 24.48 22.75
CA ILE K 155 36.21 23.58 22.93
C ILE K 155 35.31 24.21 23.99
N ASP K 156 34.05 24.47 23.61
CA ASP K 156 33.13 25.25 24.43
C ASP K 156 32.34 24.30 25.31
N ILE K 157 32.85 24.08 26.53
CA ILE K 157 32.14 23.27 27.51
C ILE K 157 30.86 23.94 28.00
N SER K 158 30.78 25.27 27.90
CA SER K 158 29.55 25.96 28.30
C SER K 158 28.37 25.60 27.41
N GLY K 159 28.61 25.12 26.20
CA GLY K 159 27.59 24.56 25.35
C GLY K 159 27.32 23.09 25.59
N LEU K 160 27.71 22.57 26.75
CA LEU K 160 27.42 21.18 27.09
C LEU K 160 25.92 20.95 27.12
N GLU K 161 25.50 19.79 26.61
CA GLU K 161 24.09 19.36 26.53
C GLU K 161 23.26 20.21 25.57
N ALA K 162 23.87 21.11 24.81
CA ALA K 162 23.11 21.96 23.89
C ALA K 162 22.61 21.14 22.72
N GLY K 163 21.28 21.12 22.54
CA GLY K 163 20.65 20.39 21.46
C GLY K 163 20.13 19.03 21.82
N THR K 164 20.37 18.55 23.04
CA THR K 164 19.87 17.26 23.48
C THR K 164 18.41 17.32 23.94
N GLN K 165 17.88 18.52 24.22
CA GLN K 165 16.56 18.73 24.82
C GLN K 165 16.42 18.08 26.20
N TYR K 166 17.52 17.62 26.81
CA TYR K 166 17.50 16.79 28.00
C TYR K 166 16.62 15.55 27.82
N ARG K 167 16.53 15.05 26.59
CA ARG K 167 15.89 13.77 26.26
C ARG K 167 16.86 12.78 25.65
N GLY K 168 17.88 13.25 24.94
CA GLY K 168 18.85 12.41 24.27
C GLY K 168 20.14 12.24 25.08
N SER K 169 21.27 12.32 24.38
CA SER K 169 22.58 12.13 25.00
C SER K 169 23.60 13.05 24.33
N PHE K 170 24.67 13.32 25.08
CA PHE K 170 25.82 14.08 24.59
C PHE K 170 27.12 13.31 24.68
N GLU K 171 27.20 12.25 25.49
CA GLU K 171 28.48 11.63 25.81
C GLU K 171 29.18 11.08 24.57
N GLU K 172 28.42 10.78 23.51
CA GLU K 172 29.02 10.38 22.24
C GLU K 172 29.60 11.55 21.49
N ASN K 173 28.99 12.73 21.57
CA ASN K 173 29.57 13.94 21.00
C ASN K 173 30.86 14.35 21.70
N VAL K 174 31.13 13.82 22.88
CA VAL K 174 32.42 13.97 23.56
C VAL K 174 33.44 13.00 23.01
N GLN K 175 33.08 11.71 22.95
CA GLN K 175 33.93 10.73 22.31
C GLN K 175 34.17 11.05 20.83
N ASN K 176 33.25 11.80 20.22
CA ASN K 176 33.45 12.29 18.85
C ASN K 176 34.42 13.47 18.80
N LEU K 177 34.65 14.18 19.90
CA LEU K 177 35.78 15.11 19.93
C LEU K 177 37.08 14.33 19.84
N VAL K 178 37.20 13.25 20.62
CA VAL K 178 38.38 12.39 20.59
C VAL K 178 38.56 11.79 19.20
N ASN K 179 37.47 11.30 18.60
CA ASN K 179 37.57 10.50 17.39
C ASN K 179 38.15 11.26 16.20
N GLU K 180 37.99 12.58 16.15
CA GLU K 180 38.64 13.34 15.08
C GLU K 180 40.10 13.62 15.37
N VAL K 181 40.41 14.13 16.57
CA VAL K 181 41.75 14.67 16.82
C VAL K 181 42.77 13.57 17.07
N LYS K 182 42.35 12.40 17.56
CA LYS K 182 43.28 11.29 17.74
C LYS K 182 43.88 10.87 16.41
N GLU K 183 43.09 10.88 15.34
CA GLU K 183 43.54 10.49 14.01
C GLU K 183 43.83 11.66 13.08
N ALA K 184 43.17 12.80 13.30
CA ALA K 184 43.48 13.99 12.50
C ALA K 184 44.93 14.40 12.69
N GLY K 185 45.43 14.27 13.91
CA GLY K 185 46.83 14.54 14.18
C GLY K 185 47.14 16.02 14.30
N ASN K 186 47.99 16.33 15.28
CA ASN K 186 48.55 17.67 15.46
C ASN K 186 47.46 18.70 15.78
N ILE K 187 46.63 18.37 16.77
CA ILE K 187 45.59 19.28 17.28
C ILE K 187 45.91 19.58 18.74
N ILE K 188 45.86 20.86 19.08
CA ILE K 188 45.85 21.33 20.46
C ILE K 188 44.43 21.78 20.76
N LEU K 189 44.00 21.65 22.02
CA LEU K 189 42.68 22.06 22.45
C LEU K 189 42.78 23.03 23.62
N PHE K 190 41.78 23.91 23.73
CA PHE K 190 41.85 25.04 24.65
C PHE K 190 40.54 25.21 25.41
N PHE K 191 40.64 25.75 26.63
CA PHE K 191 39.48 26.25 27.35
C PHE K 191 39.82 27.58 28.03
N ASP K 192 38.80 28.43 28.17
CA ASP K 192 38.98 29.69 28.89
C ASP K 192 39.19 29.44 30.38
N ALA K 193 38.25 28.76 31.03
CA ALA K 193 38.37 28.42 32.43
C ALA K 193 37.47 27.23 32.71
N ILE K 194 38.04 26.18 33.31
CA ILE K 194 37.31 24.99 33.69
C ILE K 194 37.63 24.62 35.13
N HIS K 195 36.57 24.36 35.90
CA HIS K 195 36.61 23.43 37.02
C HIS K 195 35.49 22.40 36.88
N GLN K 196 34.44 22.75 36.12
CA GLN K 196 33.22 21.96 36.03
C GLN K 196 33.39 20.65 35.24
N ILE K 197 34.54 20.42 34.60
CA ILE K 197 34.73 19.18 33.84
C ILE K 197 34.65 17.97 34.75
N LEU K 198 35.14 18.11 35.98
CA LEU K 198 35.19 17.00 36.92
C LEU K 198 33.85 16.73 37.60
N GLY K 199 32.77 17.40 37.18
CA GLY K 199 31.44 17.01 37.63
C GLY K 199 31.12 15.58 37.23
N ALA K 200 31.33 15.27 35.95
CA ALA K 200 31.34 13.88 35.47
C ALA K 200 32.73 13.29 35.74
N GLY K 201 33.07 13.23 37.03
CA GLY K 201 34.41 12.86 37.43
C GLY K 201 34.55 12.93 38.94
N SER K 202 35.65 13.52 39.39
CA SER K 202 35.97 13.67 40.81
C SER K 202 36.14 15.16 41.12
N THR K 203 35.14 15.76 41.77
CA THR K 203 35.19 17.15 42.16
C THR K 203 34.58 17.28 43.56
N GLY K 204 34.29 18.52 43.95
CA GLY K 204 33.81 18.81 45.29
C GLY K 204 32.31 18.94 45.38
N GLY K 205 31.81 20.17 45.52
CA GLY K 205 30.40 20.41 45.72
C GLY K 205 29.53 20.02 44.55
N ASP K 206 30.07 20.08 43.34
CA ASP K 206 29.34 19.76 42.12
C ASP K 206 29.69 18.37 41.59
N SER K 207 29.91 17.42 42.51
CA SER K 207 30.19 16.04 42.12
C SER K 207 28.92 15.36 41.64
N GLY K 208 29.05 14.57 40.57
CA GLY K 208 27.93 13.83 40.01
C GLY K 208 27.21 14.52 38.87
N SER K 209 27.45 15.81 38.66
CA SER K 209 26.84 16.51 37.55
C SER K 209 27.45 16.05 36.24
N LYS K 210 26.97 16.63 35.15
CA LYS K 210 27.42 16.25 33.82
C LYS K 210 28.65 17.07 33.42
N GLY K 211 29.54 16.43 32.66
CA GLY K 211 30.78 17.07 32.27
C GLY K 211 31.43 16.30 31.14
N LEU K 212 32.76 16.46 31.04
CA LEU K 212 33.56 15.75 30.05
C LEU K 212 34.57 14.79 30.65
N ALA K 213 34.85 14.86 31.96
CA ALA K 213 36.00 14.17 32.52
C ALA K 213 35.90 12.66 32.40
N ASP K 214 34.69 12.10 32.36
CA ASP K 214 34.56 10.65 32.22
C ASP K 214 35.16 10.14 30.91
N ILE K 215 35.22 10.98 29.88
CA ILE K 215 35.85 10.61 28.61
C ILE K 215 37.29 11.12 28.54
N LEU K 216 37.58 12.26 29.20
CA LEU K 216 38.90 12.87 29.08
C LEU K 216 39.86 12.35 30.15
N LYS K 217 39.36 11.95 31.32
CA LYS K 217 40.22 11.42 32.37
C LYS K 217 40.90 10.13 31.90
N PRO K 218 40.20 9.23 31.17
CA PRO K 218 40.96 8.21 30.43
C PRO K 218 41.91 8.79 29.40
N ALA K 219 41.47 9.80 28.65
CA ALA K 219 42.34 10.41 27.63
C ALA K 219 43.59 11.01 28.26
N LEU K 220 43.47 11.55 29.48
CA LEU K 220 44.65 11.99 30.20
C LEU K 220 45.53 10.80 30.58
N SER K 221 44.92 9.73 31.09
CA SER K 221 45.69 8.55 31.48
C SER K 221 46.35 7.90 30.26
N ARG K 222 45.65 7.88 29.13
CA ARG K 222 46.23 7.33 27.91
C ARG K 222 47.28 8.23 27.31
N GLY K 223 47.16 9.54 27.48
CA GLY K 223 48.06 10.48 26.83
C GLY K 223 47.64 10.85 25.43
N GLU K 224 46.35 10.77 25.11
CA GLU K 224 45.84 11.09 23.79
C GLU K 224 45.59 12.58 23.61
N LEU K 225 44.85 13.19 24.55
CA LEU K 225 44.39 14.57 24.41
C LEU K 225 45.02 15.42 25.50
N THR K 226 45.53 16.60 25.10
CA THR K 226 45.98 17.64 26.01
C THR K 226 45.15 18.89 25.75
N VAL K 227 44.39 19.32 26.76
CA VAL K 227 43.52 20.50 26.66
C VAL K 227 43.95 21.49 27.74
N ILE K 228 44.08 22.76 27.36
CA ILE K 228 44.84 23.74 28.14
C ILE K 228 44.00 24.98 28.39
N GLY K 229 44.22 25.59 29.56
CA GLY K 229 43.47 26.75 29.96
C GLY K 229 43.66 27.03 31.44
N ALA K 230 42.94 28.05 31.92
CA ALA K 230 43.17 28.64 33.23
C ALA K 230 42.00 28.43 34.18
N THR K 231 42.24 28.72 35.45
CA THR K 231 41.22 28.68 36.49
C THR K 231 41.70 29.53 37.68
N THR K 232 41.04 29.36 38.82
CA THR K 232 41.46 29.99 40.07
C THR K 232 42.52 29.11 40.73
N GLN K 233 43.59 29.74 41.23
CA GLN K 233 44.69 28.97 41.82
C GLN K 233 44.26 28.19 43.06
N ASP K 234 43.30 28.71 43.81
CA ASP K 234 42.76 28.02 44.97
C ASP K 234 41.79 26.90 44.59
N GLU K 235 41.16 26.97 43.41
CA GLU K 235 40.34 25.86 42.94
C GLU K 235 41.19 24.65 42.58
N TYR K 236 42.48 24.84 42.31
CA TYR K 236 43.39 23.75 42.00
C TYR K 236 43.53 22.74 43.14
N ARG K 237 43.15 23.12 44.37
CA ARG K 237 43.26 22.23 45.52
C ARG K 237 42.57 20.89 45.32
N ASN K 238 41.54 20.82 44.46
CA ASN K 238 40.80 19.59 44.21
C ASN K 238 41.61 18.56 43.44
N THR K 239 42.85 18.85 43.04
CA THR K 239 43.73 17.86 42.44
C THR K 239 43.88 16.63 43.33
N ILE K 240 43.88 16.83 44.65
CA ILE K 240 44.10 15.74 45.58
C ILE K 240 43.04 14.66 45.46
N LEU K 241 41.85 15.00 44.97
CA LEU K 241 40.78 14.02 44.84
C LEU K 241 41.16 12.90 43.87
N LYS K 242 41.72 13.24 42.71
CA LYS K 242 42.19 12.27 41.72
C LYS K 242 43.57 12.74 41.23
N ASN K 243 44.48 12.95 42.20
CA ASN K 243 45.86 13.27 41.88
C ASN K 243 46.49 12.29 40.89
N ALA K 244 46.10 11.01 40.93
CA ALA K 244 46.69 10.02 40.03
C ALA K 244 46.44 10.37 38.57
N ALA K 245 45.32 11.01 38.25
CA ALA K 245 45.03 11.45 36.90
C ALA K 245 45.43 12.91 36.66
N LEU K 246 45.35 13.75 37.68
CA LEU K 246 45.57 15.19 37.53
C LEU K 246 46.97 15.61 37.97
N ALA K 247 47.43 15.17 39.14
CA ALA K 247 48.77 15.56 39.59
C ALA K 247 49.86 14.90 38.74
N ARG K 248 49.62 13.66 38.30
CA ARG K 248 50.59 12.94 37.48
C ARG K 248 50.49 13.29 36.00
N ARG K 249 49.74 14.33 35.64
CA ARG K 249 49.63 14.77 34.25
C ARG K 249 49.78 16.28 34.08
N PHE K 250 50.00 17.04 35.16
CA PHE K 250 49.95 18.49 35.12
C PHE K 250 51.26 19.12 35.60
N ASN K 251 51.39 20.41 35.29
CA ASN K 251 52.51 21.24 35.72
C ASN K 251 51.97 22.64 35.97
N GLU K 252 52.38 23.26 37.08
CA GLU K 252 51.80 24.54 37.48
C GLU K 252 52.43 25.71 36.71
N VAL K 253 51.59 26.71 36.39
CA VAL K 253 52.02 27.93 35.71
C VAL K 253 52.23 29.02 36.75
N LYS K 254 53.21 29.88 36.51
CA LYS K 254 53.40 31.08 37.32
C LYS K 254 52.37 32.11 36.86
N VAL K 255 51.60 32.59 37.84
CA VAL K 255 50.26 33.12 37.62
C VAL K 255 50.26 34.28 36.62
N ASN K 256 50.82 35.42 37.02
CA ASN K 256 50.76 36.64 36.22
C ASN K 256 51.53 37.71 36.96
N ALA K 257 51.81 38.82 36.27
CA ALA K 257 52.44 39.99 36.86
C ALA K 257 51.99 41.25 36.12
N PRO K 258 50.73 41.67 36.27
CA PRO K 258 50.24 42.84 35.51
C PRO K 258 50.78 44.15 36.06
N SER K 259 51.98 44.53 35.61
CA SER K 259 52.62 45.75 36.06
C SER K 259 52.06 46.95 35.31
N ALA K 260 52.12 48.12 35.95
CA ALA K 260 51.68 49.35 35.31
C ALA K 260 52.66 49.81 34.22
N GLU K 261 53.90 49.30 34.26
CA GLU K 261 54.88 49.69 33.26
C GLU K 261 54.45 49.26 31.86
N ASN K 262 54.04 48.00 31.70
CA ASN K 262 53.55 47.52 30.42
C ASN K 262 52.11 47.92 30.15
N THR K 263 51.38 48.33 31.20
CA THR K 263 50.01 48.81 31.01
C THR K 263 49.97 50.00 30.06
N PHE K 264 50.90 50.96 30.22
CA PHE K 264 50.81 52.21 29.49
C PHE K 264 50.93 52.00 27.98
N LYS K 265 51.89 51.17 27.55
CA LYS K 265 52.01 50.87 26.13
C LYS K 265 50.75 50.20 25.60
N ILE K 266 50.13 49.35 26.43
CA ILE K 266 48.84 48.78 26.07
C ILE K 266 47.80 49.89 25.98
N LEU K 267 47.78 50.78 26.98
CA LEU K 267 46.78 51.86 27.01
C LEU K 267 46.80 52.71 25.75
N GLN K 268 47.98 52.90 25.15
CA GLN K 268 48.03 53.53 23.83
C GLN K 268 47.39 52.64 22.77
N GLY K 269 47.48 51.32 22.95
CA GLY K 269 46.74 50.41 22.09
C GLY K 269 45.26 50.41 22.38
N ILE K 270 44.87 50.77 23.62
CA ILE K 270 43.45 50.76 23.98
C ILE K 270 42.73 51.96 23.38
N ARG K 271 43.39 53.13 23.34
CA ARG K 271 42.72 54.31 22.79
C ARG K 271 42.41 54.13 21.31
N ASP K 272 43.40 53.76 20.50
CA ASP K 272 43.20 53.52 19.07
C ASP K 272 42.15 52.45 18.78
N LEU K 273 41.82 51.61 19.75
CA LEU K 273 40.74 50.63 19.66
C LEU K 273 39.38 51.21 20.00
N TYR K 274 39.32 52.22 20.88
CA TYR K 274 38.06 52.74 21.41
C TYR K 274 37.85 54.24 21.23
N GLN K 275 38.92 55.04 21.13
CA GLN K 275 38.72 56.49 21.05
C GLN K 275 38.01 56.91 19.78
N GLN K 276 38.07 56.09 18.72
CA GLN K 276 37.32 56.39 17.51
C GLN K 276 35.81 56.16 17.68
N HIS K 277 35.40 55.45 18.73
CA HIS K 277 33.98 55.13 18.89
C HIS K 277 33.14 56.37 19.20
N HIS K 278 33.69 57.33 19.94
CA HIS K 278 32.95 58.50 20.41
C HIS K 278 33.53 59.81 19.90
N ASN K 279 34.44 59.77 18.92
CA ASN K 279 35.10 60.97 18.41
C ASN K 279 35.83 61.70 19.54
N VAL K 280 36.47 60.92 20.43
CA VAL K 280 37.18 61.44 21.58
C VAL K 280 38.68 61.34 21.32
N ILE K 281 39.44 62.25 21.92
CA ILE K 281 40.90 62.16 22.00
C ILE K 281 41.26 61.74 23.42
N LEU K 282 42.18 60.77 23.53
CA LEU K 282 42.65 60.24 24.81
C LEU K 282 44.16 60.40 24.85
N PRO K 283 44.67 61.60 25.13
CA PRO K 283 46.12 61.81 25.11
C PRO K 283 46.82 61.04 26.22
N ASP K 284 48.15 61.19 26.26
CA ASP K 284 48.97 60.41 27.19
C ASP K 284 48.64 60.73 28.64
N GLU K 285 48.44 62.00 28.99
CA GLU K 285 48.14 62.35 30.37
C GLU K 285 46.83 61.76 30.85
N VAL K 286 45.88 61.52 29.95
CA VAL K 286 44.63 60.87 30.32
C VAL K 286 44.85 59.38 30.54
N LEU K 287 45.64 58.74 29.67
CA LEU K 287 45.96 57.33 29.85
C LEU K 287 46.70 57.09 31.16
N LYS K 288 47.70 57.93 31.45
CA LYS K 288 48.42 57.81 32.72
C LYS K 288 47.48 58.07 33.90
N ALA K 289 46.67 59.12 33.81
CA ALA K 289 45.73 59.42 34.88
C ALA K 289 44.71 58.31 35.07
N ALA K 290 44.40 57.56 34.00
CA ALA K 290 43.43 56.48 34.11
C ALA K 290 43.88 55.37 35.04
N VAL K 291 45.20 55.26 35.32
CA VAL K 291 45.75 54.27 36.24
C VAL K 291 46.48 54.95 37.40
N ASP K 292 47.31 55.96 37.09
CA ASP K 292 48.12 56.60 38.13
C ASP K 292 47.25 57.30 39.18
N TYR K 293 46.14 57.91 38.75
CA TYR K 293 45.22 58.53 39.70
C TYR K 293 44.23 57.52 40.28
N SER K 294 43.83 56.52 39.49
CA SER K 294 42.79 55.60 39.91
C SER K 294 43.32 54.46 40.78
N VAL K 295 44.57 54.05 40.61
CA VAL K 295 45.14 52.93 41.39
C VAL K 295 44.96 53.16 42.88
N GLN K 296 44.96 54.41 43.32
CA GLN K 296 44.79 54.73 44.73
C GLN K 296 43.45 54.26 45.29
N TYR K 297 42.40 54.19 44.46
CA TYR K 297 41.03 53.95 44.91
C TYR K 297 40.41 52.72 44.27
N ILE K 298 41.22 51.77 43.80
CA ILE K 298 40.74 50.53 43.18
C ILE K 298 41.41 49.37 43.91
N PRO K 299 40.78 48.78 44.92
CA PRO K 299 41.32 47.55 45.52
C PRO K 299 41.05 46.28 44.71
N GLN K 300 40.62 46.40 43.46
CA GLN K 300 40.16 45.26 42.67
C GLN K 300 41.28 44.69 41.83
N ARG K 301 41.17 43.39 41.55
CA ARG K 301 42.05 42.73 40.58
C ARG K 301 41.79 43.22 39.16
N SER K 302 40.65 43.86 38.91
CA SER K 302 40.27 44.29 37.57
C SER K 302 40.86 45.66 37.19
N LEU K 303 41.86 46.16 37.92
CA LEU K 303 42.46 47.46 37.62
C LEU K 303 43.00 47.59 36.19
N PRO K 304 43.69 46.58 35.62
CA PRO K 304 44.31 46.80 34.30
C PRO K 304 43.33 47.16 33.20
N ASP K 305 42.04 46.86 33.37
CA ASP K 305 41.00 47.25 32.43
C ASP K 305 40.10 48.36 32.99
N LYS K 306 40.42 48.92 34.17
CA LYS K 306 39.63 50.02 34.71
C LYS K 306 39.81 51.27 33.86
N ALA K 307 40.95 51.43 33.18
CA ALA K 307 41.16 52.60 32.35
C ALA K 307 40.14 52.67 31.22
N ILE K 308 39.67 51.52 30.73
CA ILE K 308 38.62 51.51 29.73
C ILE K 308 37.34 52.10 30.30
N ASP K 309 36.98 51.69 31.52
CA ASP K 309 35.75 52.18 32.13
C ASP K 309 35.77 53.69 32.31
N LEU K 310 36.93 54.25 32.63
CA LEU K 310 36.99 55.69 32.89
C LEU K 310 36.85 56.49 31.60
N VAL K 311 37.47 56.03 30.51
CA VAL K 311 37.32 56.72 29.24
C VAL K 311 35.96 56.40 28.62
N ASP K 312 35.41 55.23 28.89
CA ASP K 312 34.06 54.91 28.43
C ASP K 312 33.02 55.80 29.10
N VAL K 313 33.08 55.91 30.43
CA VAL K 313 32.11 56.73 31.15
C VAL K 313 32.37 58.20 30.90
N THR K 314 33.64 58.58 30.68
CA THR K 314 33.96 59.95 30.31
C THR K 314 33.24 60.34 29.02
N ALA K 315 33.36 59.51 27.99
CA ALA K 315 32.65 59.77 26.74
C ALA K 315 31.15 59.75 26.96
N ALA K 316 30.66 58.88 27.85
CA ALA K 316 29.24 58.84 28.16
C ALA K 316 28.79 60.14 28.79
N HIS K 317 29.60 60.71 29.68
CA HIS K 317 29.25 61.97 30.32
C HIS K 317 29.53 63.17 29.41
N LEU K 318 30.61 63.12 28.63
CA LEU K 318 30.82 64.15 27.61
C LEU K 318 29.75 64.09 26.54
N ALA K 319 29.19 62.91 26.28
CA ALA K 319 28.13 62.79 25.28
C ALA K 319 26.84 63.49 25.71
N ALA K 320 26.74 63.93 26.97
CA ALA K 320 25.60 64.72 27.40
C ALA K 320 25.58 66.11 26.77
N GLN K 321 26.69 66.56 26.17
CA GLN K 321 26.71 67.84 25.48
C GLN K 321 25.96 67.79 24.16
N HIS K 322 26.09 66.71 23.40
CA HIS K 322 25.49 66.58 22.08
C HIS K 322 24.70 65.28 21.94
N PRO K 323 23.58 65.14 22.64
CA PRO K 323 22.61 64.08 22.31
C PRO K 323 21.48 64.47 21.39
N VAL K 324 21.45 65.70 20.88
CA VAL K 324 20.24 66.24 20.23
C VAL K 324 20.51 66.86 18.87
N THR K 325 21.66 66.55 18.26
CA THR K 325 21.91 67.04 16.90
C THR K 325 20.91 66.40 15.95
N ASP K 326 20.20 67.24 15.20
CA ASP K 326 19.19 66.77 14.26
C ASP K 326 19.82 66.44 12.90
N VAL K 327 20.76 65.48 12.94
CA VAL K 327 21.36 64.98 11.71
C VAL K 327 20.28 64.37 10.82
N HIS K 328 19.29 63.73 11.43
CA HIS K 328 18.22 63.10 10.67
C HIS K 328 17.27 64.09 10.04
N ALA K 329 17.23 65.34 10.52
CA ALA K 329 16.38 66.35 9.90
C ALA K 329 16.78 66.59 8.45
N VAL K 330 18.08 66.48 8.14
CA VAL K 330 18.54 66.61 6.76
C VAL K 330 18.41 65.29 6.02
N GLU K 331 18.70 64.16 6.70
CA GLU K 331 18.56 62.86 6.06
C GLU K 331 17.13 62.62 5.59
N ARG K 332 16.14 63.03 6.39
CA ARG K 332 14.75 62.89 5.99
C ARG K 332 14.43 63.81 4.83
N GLU K 333 15.10 64.96 4.74
CA GLU K 333 14.95 65.82 3.56
C GLU K 333 15.57 65.16 2.34
N ILE K 334 16.71 64.49 2.51
CA ILE K 334 17.36 63.82 1.38
C ILE K 334 16.48 62.70 0.84
N GLU K 335 15.91 61.89 1.75
CA GLU K 335 15.08 60.77 1.32
C GLU K 335 13.85 61.26 0.56
N THR K 336 13.34 62.45 0.91
CA THR K 336 12.27 63.07 0.15
C THR K 336 12.78 63.52 -1.22
N GLU K 337 13.87 64.28 -1.24
CA GLU K 337 14.40 64.80 -2.50
C GLU K 337 14.89 63.68 -3.40
N LYS K 338 15.46 62.62 -2.82
CA LYS K 338 15.84 61.46 -3.62
C LYS K 338 14.61 60.76 -4.17
N ASP K 339 13.53 60.69 -3.38
CA ASP K 339 12.30 60.06 -3.86
C ASP K 339 11.70 60.85 -5.02
N LYS K 340 11.82 62.17 -4.98
CA LYS K 340 11.43 62.97 -6.14
C LYS K 340 12.40 62.76 -7.30
N GLN K 341 13.69 62.67 -6.99
CA GLN K 341 14.72 62.43 -8.01
C GLN K 341 14.42 61.15 -8.78
N GLU K 342 14.10 60.07 -8.07
CA GLU K 342 13.76 58.81 -8.74
C GLU K 342 12.56 58.98 -9.66
N LYS K 343 11.63 59.88 -9.31
CA LYS K 343 10.47 60.11 -10.15
C LYS K 343 10.80 61.05 -11.31
N ALA K 344 11.67 62.03 -11.08
CA ALA K 344 12.14 62.88 -12.17
C ALA K 344 12.87 62.06 -13.23
N VAL K 345 13.53 60.98 -12.80
CA VAL K 345 14.25 60.14 -13.74
C VAL K 345 13.28 59.29 -14.56
N GLU K 346 12.27 58.70 -13.91
CA GLU K 346 11.30 57.89 -14.63
C GLU K 346 10.54 58.72 -15.66
N ALA K 347 10.26 59.98 -15.34
CA ALA K 347 9.67 60.91 -16.28
C ALA K 347 10.69 61.47 -17.27
N GLU K 348 11.97 61.12 -17.12
CA GLU K 348 13.05 61.63 -17.97
C GLU K 348 13.09 63.15 -17.95
N ASP K 349 12.90 63.72 -16.76
CA ASP K 349 13.02 65.16 -16.50
C ASP K 349 14.35 65.34 -15.79
N PHE K 350 15.40 65.60 -16.57
CA PHE K 350 16.77 65.59 -16.07
C PHE K 350 17.30 66.98 -15.73
N GLU K 351 16.60 68.05 -16.08
CA GLU K 351 16.87 69.33 -15.42
C GLU K 351 16.46 69.27 -13.96
N ALA K 352 15.30 68.66 -13.69
CA ALA K 352 14.85 68.49 -12.31
C ALA K 352 15.71 67.46 -11.58
N ALA K 353 16.04 66.35 -12.25
CA ALA K 353 16.83 65.31 -11.61
C ALA K 353 18.22 65.81 -11.24
N LEU K 354 18.84 66.60 -12.13
CA LEU K 354 20.14 67.18 -11.83
C LEU K 354 20.06 68.16 -10.66
N ASN K 355 18.99 68.98 -10.63
CA ASN K 355 18.82 69.94 -9.55
C ASN K 355 18.74 69.25 -8.19
N TYR K 356 18.14 68.06 -8.15
CA TYR K 356 18.01 67.33 -6.88
C TYR K 356 19.33 66.70 -6.47
N LYS K 357 20.07 66.11 -7.42
CA LYS K 357 21.40 65.62 -7.10
C LYS K 357 22.31 66.77 -6.65
N THR K 358 22.08 67.97 -7.18
CA THR K 358 22.85 69.13 -6.74
C THR K 358 22.54 69.47 -5.30
N ARG K 359 21.24 69.57 -4.95
CA ARG K 359 20.88 69.93 -3.58
C ARG K 359 21.31 68.87 -2.58
N ILE K 360 21.08 67.59 -2.91
CA ILE K 360 21.42 66.51 -1.97
C ILE K 360 22.91 66.52 -1.67
N ALA K 361 23.74 66.75 -2.68
CA ALA K 361 25.19 66.80 -2.46
C ALA K 361 25.55 67.86 -1.43
N GLU K 362 24.94 69.04 -1.53
CA GLU K 362 25.10 70.05 -0.48
C GLU K 362 24.55 69.54 0.85
N LEU K 363 23.35 68.93 0.83
CA LEU K 363 22.74 68.45 2.06
C LEU K 363 23.57 67.34 2.70
N GLU K 364 24.18 66.48 1.89
CA GLU K 364 25.04 65.44 2.45
C GLU K 364 26.30 66.04 3.06
N ARG K 365 26.84 67.09 2.44
CA ARG K 365 28.02 67.76 3.01
C ARG K 365 27.68 68.45 4.32
N LYS K 366 26.43 68.93 4.46
CA LYS K 366 26.03 69.54 5.72
C LYS K 366 26.03 68.52 6.85
N ILE K 367 25.49 67.32 6.61
CA ILE K 367 25.46 66.28 7.64
C ILE K 367 26.89 65.91 8.05
N GLU K 368 27.75 65.64 7.07
CA GLU K 368 29.10 65.17 7.37
C GLU K 368 29.90 66.24 8.13
N ASN K 369 29.57 67.51 7.93
CA ASN K 369 30.25 68.59 8.63
C ASN K 369 29.74 68.78 10.06
N HIS K 370 28.62 68.15 10.43
CA HIS K 370 28.16 68.22 11.81
C HIS K 370 29.15 67.56 12.78
N THR K 371 29.89 66.54 12.30
CA THR K 371 30.88 65.87 13.14
C THR K 371 31.91 66.86 13.69
N GLU K 372 32.27 67.88 12.91
CA GLU K 372 33.28 68.83 13.33
C GLU K 372 32.81 69.74 14.45
N ASP K 373 31.50 69.87 14.67
CA ASP K 373 30.96 70.65 15.77
C ASP K 373 30.73 69.82 17.03
N MET K 374 31.23 68.57 17.07
CA MET K 374 30.95 67.65 18.17
C MET K 374 32.25 66.95 18.58
N LYS K 375 33.31 67.74 18.75
CA LYS K 375 34.57 67.21 19.28
C LYS K 375 34.40 66.89 20.76
N VAL K 376 34.91 65.73 21.16
CA VAL K 376 34.73 65.19 22.51
C VAL K 376 36.10 65.26 23.18
N THR K 377 36.27 66.22 24.10
CA THR K 377 37.58 66.50 24.70
C THR K 377 37.39 66.70 26.21
N ALA K 378 37.70 65.67 27.00
CA ALA K 378 37.79 65.83 28.44
C ALA K 378 39.11 66.48 28.82
N SER K 379 39.06 67.31 29.86
CA SER K 379 40.26 67.64 30.60
C SER K 379 40.65 66.44 31.44
N VAL K 380 41.96 66.28 31.68
CA VAL K 380 42.42 65.20 32.54
C VAL K 380 41.87 65.37 33.95
N ASN K 381 41.57 66.61 34.35
CA ASN K 381 40.89 66.84 35.62
C ASN K 381 39.46 66.33 35.60
N ASP K 382 38.79 66.43 34.45
CA ASP K 382 37.44 65.89 34.33
C ASP K 382 37.45 64.36 34.34
N VAL K 383 38.45 63.75 33.72
CA VAL K 383 38.61 62.30 33.80
C VAL K 383 38.85 61.87 35.23
N ALA K 384 39.68 62.62 35.95
CA ALA K 384 39.92 62.32 37.37
C ALA K 384 38.64 62.51 38.18
N GLU K 385 37.78 63.44 37.77
CA GLU K 385 36.53 63.66 38.48
C GLU K 385 35.54 62.54 38.21
N SER K 386 35.67 61.86 37.06
CA SER K 386 34.89 60.65 36.80
C SER K 386 35.04 59.60 37.89
N VAL K 387 36.22 59.55 38.53
CA VAL K 387 36.49 58.58 39.58
C VAL K 387 35.59 58.82 40.79
N GLU K 388 35.15 60.07 40.98
CA GLU K 388 34.23 60.40 42.07
C GLU K 388 32.78 60.28 41.65
N ARG K 389 32.45 60.65 40.41
CA ARG K 389 31.05 60.75 39.99
C ARG K 389 30.34 59.42 40.13
N MET K 390 30.96 58.33 39.65
CA MET K 390 30.36 57.00 39.69
C MET K 390 30.87 56.16 40.85
N THR K 391 31.51 56.77 41.85
CA THR K 391 31.94 56.07 43.05
C THR K 391 31.45 56.77 44.32
N GLY K 392 31.28 58.09 44.25
CA GLY K 392 30.78 58.85 45.38
C GLY K 392 31.78 59.07 46.50
N ILE K 393 33.05 59.21 46.16
CA ILE K 393 34.15 59.25 47.13
C ILE K 393 34.77 60.64 47.07
N PRO K 394 34.60 61.53 48.11
CA PRO K 394 34.92 62.97 47.94
C PRO K 394 36.42 63.27 47.88
N VAL K 395 36.99 63.19 46.67
CA VAL K 395 38.43 63.23 46.47
C VAL K 395 38.85 64.18 45.36
N SER K 396 38.01 65.16 45.03
CA SER K 396 38.34 66.10 43.98
C SER K 396 39.57 66.94 44.31
N GLN K 397 39.94 67.04 45.59
CA GLN K 397 41.12 67.80 46.00
C GLN K 397 42.43 67.17 45.54
N MET K 398 42.43 65.90 45.16
CA MET K 398 43.66 65.21 44.76
C MET K 398 44.04 65.56 43.32
N GLY K 399 45.32 65.41 42.97
CA GLY K 399 46.43 64.97 43.81
C GLY K 399 47.49 64.18 43.06
N ALA K 400 48.63 64.01 43.73
CA ALA K 400 49.76 63.20 43.26
C ALA K 400 50.08 62.28 44.44
N SER K 401 49.05 61.57 44.89
CA SER K 401 48.88 61.25 46.30
C SER K 401 49.39 59.87 46.69
N ASP K 402 50.51 59.43 46.12
CA ASP K 402 51.15 58.22 46.61
C ASP K 402 51.63 58.41 48.05
N ILE K 403 52.14 59.59 48.37
CA ILE K 403 52.70 59.90 49.68
C ILE K 403 51.74 60.77 50.47
N GLU K 404 50.98 61.62 49.77
CA GLU K 404 50.07 62.55 50.44
C GLU K 404 49.09 61.83 51.33
N ARG K 405 48.50 60.73 50.85
CA ARG K 405 47.57 59.98 51.69
C ARG K 405 48.31 59.28 52.84
N LEU K 406 49.53 58.81 52.58
CA LEU K 406 50.29 58.08 53.59
C LEU K 406 50.48 58.91 54.85
N LYS K 407 50.80 60.19 54.68
CA LYS K 407 51.10 61.08 55.80
C LYS K 407 49.88 61.85 56.29
N ASP K 408 48.99 62.27 55.38
CA ASP K 408 47.91 63.18 55.75
C ASP K 408 46.63 62.48 56.16
N MET K 409 46.38 61.23 55.71
CA MET K 409 45.16 60.55 56.13
C MET K 409 45.17 60.29 57.63
N ALA K 410 46.34 60.15 58.23
CA ALA K 410 46.42 60.03 59.68
C ALA K 410 45.97 61.32 60.35
N HIS K 411 46.45 62.47 59.85
CA HIS K 411 45.99 63.75 60.36
C HIS K 411 44.53 64.00 59.99
N ARG K 412 44.13 63.57 58.80
CA ARG K 412 42.74 63.74 58.37
C ARG K 412 41.79 62.95 59.26
N LEU K 413 42.24 61.79 59.75
CA LEU K 413 41.41 61.01 60.66
C LEU K 413 41.11 61.79 61.93
N GLN K 414 42.17 62.18 62.67
CA GLN K 414 42.02 62.74 64.01
C GLN K 414 41.17 64.01 63.99
N ASP K 415 41.09 64.72 62.87
CA ASP K 415 40.19 65.86 62.76
C ASP K 415 38.73 65.48 62.96
N LYS K 416 38.39 64.20 62.74
CA LYS K 416 37.02 63.70 62.93
C LYS K 416 36.89 62.71 64.09
N VAL K 417 37.96 62.47 64.85
CA VAL K 417 37.93 61.48 65.92
C VAL K 417 37.49 62.15 67.21
N ILE K 418 36.80 61.39 68.05
CA ILE K 418 36.53 61.77 69.44
C ILE K 418 37.23 60.74 70.32
N GLY K 419 38.41 61.08 70.82
CA GLY K 419 39.12 60.21 71.72
C GLY K 419 40.62 60.47 71.68
N GLN K 420 41.36 59.46 72.16
CA GLN K 420 42.81 59.54 72.23
C GLN K 420 43.41 59.70 70.84
N ASP K 421 44.58 60.33 70.77
CA ASP K 421 45.20 60.65 69.48
C ASP K 421 46.21 59.60 69.04
N LYS K 422 46.82 58.86 69.96
CA LYS K 422 47.83 57.88 69.56
C LYS K 422 47.25 56.66 68.84
N ALA K 423 45.92 56.54 68.77
CA ALA K 423 45.33 55.41 68.06
C ALA K 423 45.67 55.42 66.57
N VAL K 424 45.79 56.60 65.97
CA VAL K 424 46.05 56.66 64.53
C VAL K 424 47.46 56.18 64.21
N GLU K 425 48.43 56.46 65.07
CA GLU K 425 49.80 56.02 64.82
C GLU K 425 49.90 54.50 64.78
N VAL K 426 49.03 53.81 65.53
CA VAL K 426 49.02 52.35 65.49
C VAL K 426 48.41 51.86 64.18
N VAL K 427 47.25 52.40 63.79
CA VAL K 427 46.53 51.86 62.65
C VAL K 427 47.04 52.44 61.33
N ALA K 428 47.43 53.71 61.31
CA ALA K 428 47.85 54.34 60.06
C ALA K 428 49.17 53.75 59.57
N ARG K 429 50.10 53.50 60.48
CA ARG K 429 51.41 52.95 60.12
C ARG K 429 51.27 51.62 59.37
N ALA K 430 50.23 50.85 59.70
CA ALA K 430 50.03 49.57 59.03
C ALA K 430 49.45 49.80 57.63
N ILE K 431 48.65 50.86 57.47
CA ILE K 431 48.17 51.29 56.16
C ILE K 431 49.29 51.97 55.39
N CYS K 432 50.28 52.50 56.12
CA CYS K 432 51.41 53.14 55.46
C CYS K 432 52.43 52.12 54.97
N ARG K 433 52.89 51.22 55.84
CA ARG K 433 53.96 50.29 55.46
C ARG K 433 53.49 49.31 54.40
N ASN K 434 52.22 48.90 54.43
CA ASN K 434 51.68 48.07 53.37
C ASN K 434 51.64 48.81 52.05
N ARG K 435 50.99 49.98 52.01
CA ARG K 435 50.87 50.73 50.76
C ARG K 435 52.24 51.14 50.24
N ALA K 436 53.20 51.34 51.14
CA ALA K 436 54.58 51.60 50.71
C ALA K 436 55.23 50.33 50.17
N GLY K 437 54.75 49.15 50.59
CA GLY K 437 55.34 47.90 50.19
C GLY K 437 56.37 47.34 51.15
N PHE K 438 56.53 47.96 52.33
CA PHE K 438 57.48 47.48 53.34
C PHE K 438 56.70 46.61 54.33
N ASP K 439 56.59 45.34 53.96
CA ASP K 439 55.82 44.36 54.71
C ASP K 439 56.38 42.99 54.39
N GLU K 440 56.44 42.14 55.41
CA GLU K 440 57.07 40.84 55.26
C GLU K 440 56.33 40.00 54.22
N GLY K 441 56.99 38.93 53.76
CA GLY K 441 56.49 38.17 52.63
C GLY K 441 55.13 37.55 52.85
N ASN K 442 54.80 37.24 54.10
CA ASN K 442 53.47 36.72 54.45
C ASN K 442 53.07 37.29 55.81
N ARG K 443 52.39 38.43 55.79
CA ARG K 443 51.69 38.94 56.96
C ARG K 443 50.36 39.51 56.49
N PRO K 444 49.22 39.02 56.99
CA PRO K 444 48.11 40.00 57.03
C PRO K 444 48.52 41.12 57.97
N ILE K 445 47.84 42.26 57.82
CA ILE K 445 48.27 43.58 58.32
C ILE K 445 48.86 43.51 59.72
N GLY K 446 48.21 42.76 60.58
CA GLY K 446 48.55 42.72 61.98
C GLY K 446 47.30 42.80 62.83
N ASN K 447 47.39 42.24 64.02
CA ASN K 447 46.23 42.10 64.89
C ASN K 447 46.18 43.28 65.85
N PHE K 448 45.06 44.01 65.83
CA PHE K 448 44.84 45.20 66.64
C PHE K 448 43.77 44.93 67.68
N LEU K 449 43.93 45.55 68.86
CA LEU K 449 42.99 45.43 69.95
C LEU K 449 42.72 46.81 70.52
N PHE K 450 41.45 47.23 70.49
CA PHE K 450 41.00 48.45 71.13
C PHE K 450 40.20 48.09 72.37
N VAL K 451 40.69 48.51 73.54
CA VAL K 451 39.99 48.31 74.81
C VAL K 451 39.20 49.56 75.09
N GLY K 452 37.91 49.39 75.35
CA GLY K 452 37.02 50.53 75.50
C GLY K 452 35.62 50.07 75.87
N SER K 453 34.65 50.94 75.58
CA SER K 453 33.24 50.66 75.84
C SER K 453 32.43 51.11 74.62
N THR K 454 31.14 50.77 74.62
CA THR K 454 30.30 50.96 73.44
C THR K 454 30.09 52.43 73.08
N GLY K 455 29.62 52.68 71.86
CA GLY K 455 29.24 54.02 71.46
C GLY K 455 30.28 54.66 70.56
N VAL K 456 30.63 55.90 70.88
CA VAL K 456 31.54 56.68 70.05
C VAL K 456 32.92 56.04 70.04
N GLY K 457 33.45 55.75 71.24
CA GLY K 457 34.79 55.18 71.32
C GLY K 457 34.91 53.83 70.62
N LYS K 458 33.80 53.09 70.56
CA LYS K 458 33.83 51.76 69.98
C LYS K 458 33.96 51.81 68.46
N THR K 459 33.18 52.67 67.80
CA THR K 459 32.91 52.54 66.37
C THR K 459 33.56 53.59 65.47
N GLU K 460 33.98 54.75 66.00
CA GLU K 460 34.52 55.79 65.11
C GLU K 460 35.77 55.30 64.38
N LEU K 461 36.65 54.57 65.06
CA LEU K 461 37.90 54.13 64.45
C LEU K 461 37.62 53.26 63.23
N ALA K 462 36.83 52.20 63.40
CA ALA K 462 36.56 51.29 62.29
C ALA K 462 35.81 52.00 61.16
N LYS K 463 34.85 52.84 61.51
CA LYS K 463 34.06 53.52 60.47
C LYS K 463 34.89 54.55 59.73
N GLN K 464 35.64 55.38 60.46
CA GLN K 464 36.36 56.48 59.83
C GLN K 464 37.57 55.97 59.05
N LEU K 465 38.19 54.88 59.50
CA LEU K 465 39.25 54.26 58.70
C LEU K 465 38.69 53.71 57.40
N ALA K 466 37.50 53.10 57.46
CA ALA K 466 36.90 52.51 56.26
C ALA K 466 36.58 53.59 55.22
N LEU K 467 36.25 54.80 55.68
CA LEU K 467 35.91 55.88 54.74
C LEU K 467 37.16 56.54 54.14
N ASP K 468 38.29 56.51 54.85
CA ASP K 468 39.54 56.99 54.29
C ASP K 468 40.29 55.92 53.52
N MET K 469 40.17 54.66 53.95
CA MET K 469 40.77 53.57 53.19
C MET K 469 39.92 53.21 51.97
N PHE K 470 38.60 53.09 52.15
CA PHE K 470 37.73 52.45 51.17
C PHE K 470 36.47 53.21 50.84
N GLY K 471 36.10 54.21 51.65
CA GLY K 471 35.21 55.24 51.21
C GLY K 471 33.74 55.00 51.45
N THR K 472 33.33 53.75 51.67
CA THR K 472 31.92 53.45 51.88
C THR K 472 31.79 52.23 52.79
N GLN K 473 30.54 51.82 53.02
CA GLN K 473 30.19 50.86 54.06
C GLN K 473 30.11 49.45 53.49
N ASP K 474 31.19 49.03 52.85
CA ASP K 474 31.22 47.75 52.13
C ASP K 474 32.25 46.76 52.69
N ALA K 475 33.50 47.19 52.83
CA ALA K 475 34.59 46.28 53.19
C ALA K 475 34.79 46.23 54.70
N ILE K 476 33.79 45.68 55.38
CA ILE K 476 33.84 45.56 56.83
C ILE K 476 32.82 44.52 57.29
N ILE K 477 33.24 43.63 58.18
CA ILE K 477 32.37 42.62 58.78
C ILE K 477 32.51 42.73 60.29
N ARG K 478 31.37 42.67 60.98
CA ARG K 478 31.33 42.66 62.44
C ARG K 478 31.03 41.26 62.93
N LEU K 479 31.93 40.70 63.73
CA LEU K 479 31.75 39.40 64.36
C LEU K 479 31.07 39.64 65.72
N ASP K 480 29.80 39.28 65.80
CA ASP K 480 29.01 39.52 67.01
C ASP K 480 29.32 38.43 68.02
N MET K 481 30.07 38.77 69.07
CA MET K 481 30.30 37.81 70.15
C MET K 481 29.07 37.61 71.01
N SER K 482 27.98 38.37 70.81
CA SER K 482 26.75 38.11 71.55
C SER K 482 26.21 36.73 71.23
N GLU K 483 26.47 36.22 70.01
CA GLU K 483 26.21 34.84 69.66
C GLU K 483 27.19 33.86 70.33
N TYR K 484 28.19 34.36 71.05
CA TYR K 484 29.19 33.54 71.75
C TYR K 484 29.16 33.73 73.26
N SER K 485 27.97 33.91 73.84
CA SER K 485 27.84 34.00 75.30
C SER K 485 27.87 32.61 75.93
N ASP K 486 28.95 32.30 76.66
CA ASP K 486 29.01 31.02 77.34
C ASP K 486 27.96 30.87 78.43
N ARG K 487 27.48 31.98 79.00
CA ARG K 487 26.57 31.94 80.13
C ARG K 487 25.12 31.75 79.73
N THR K 488 24.72 32.28 78.57
CA THR K 488 23.32 32.42 78.20
C THR K 488 22.94 31.65 76.94
N ALA K 489 23.86 30.90 76.33
CA ALA K 489 23.58 30.20 75.08
C ALA K 489 22.76 28.94 75.37
N VAL K 490 21.51 29.17 75.76
CA VAL K 490 20.52 28.10 75.94
C VAL K 490 19.27 28.46 75.14
N SER K 491 19.46 29.17 74.02
CA SER K 491 18.38 29.61 73.14
C SER K 491 17.42 30.59 73.82
N LYS K 492 17.87 31.30 74.86
CA LYS K 492 17.10 32.48 75.26
C LYS K 492 17.12 33.51 74.13
N LEU K 493 18.28 33.65 73.49
CA LEU K 493 18.50 34.45 72.30
C LEU K 493 18.95 33.45 71.23
N ILE K 494 19.63 33.92 70.19
CA ILE K 494 19.75 33.33 68.85
C ILE K 494 19.90 31.81 68.88
N GLY K 495 20.68 31.27 69.81
CA GLY K 495 20.86 29.83 69.81
C GLY K 495 21.70 29.35 70.97
N THR K 496 22.06 28.07 70.87
CA THR K 496 22.76 27.33 71.92
C THR K 496 24.27 27.37 71.71
N THR K 497 24.97 26.62 72.56
CA THR K 497 26.41 26.45 72.46
C THR K 497 26.82 25.90 71.09
N ALA K 498 26.02 24.98 70.54
CA ALA K 498 26.37 24.36 69.27
C ALA K 498 26.36 25.35 68.11
N GLY K 499 25.69 26.48 68.25
CA GLY K 499 25.71 27.51 67.23
C GLY K 499 27.01 28.26 67.10
N TYR K 500 27.97 27.98 67.97
CA TYR K 500 29.26 28.67 67.92
C TYR K 500 30.12 28.24 66.74
N VAL K 501 29.92 27.01 66.24
CA VAL K 501 30.79 26.41 65.23
C VAL K 501 30.00 26.33 63.92
N GLY K 502 30.72 26.44 62.81
CA GLY K 502 30.13 26.21 61.50
C GLY K 502 29.49 27.44 60.88
N TYR K 503 28.56 28.07 61.59
CA TYR K 503 27.83 29.20 61.00
C TYR K 503 28.75 30.40 60.78
N ASP K 504 29.45 30.82 61.83
CA ASP K 504 30.40 31.93 61.71
C ASP K 504 31.79 31.37 61.41
N ASP K 505 31.82 30.45 60.44
CA ASP K 505 33.07 29.91 59.92
C ASP K 505 33.09 30.02 58.40
N ASN K 506 31.98 29.62 57.73
CA ASN K 506 31.87 29.82 56.28
C ASN K 506 30.44 30.06 55.80
N SER K 507 29.46 30.15 56.71
CA SER K 507 28.06 30.03 56.30
C SER K 507 27.44 31.36 55.92
N ASN K 508 26.12 31.36 55.67
CA ASN K 508 25.39 32.51 55.15
C ASN K 508 25.36 33.61 56.22
N THR K 509 26.13 34.70 56.06
CA THR K 509 27.12 34.99 55.01
C THR K 509 28.42 35.42 55.67
N LEU K 510 29.45 34.59 55.53
CA LEU K 510 30.82 34.95 55.89
C LEU K 510 31.73 35.02 54.68
N THR K 511 31.88 33.91 53.96
CA THR K 511 32.96 33.78 52.99
C THR K 511 32.70 34.53 51.71
N GLU K 512 31.43 34.60 51.26
CA GLU K 512 31.12 35.30 50.02
C GLU K 512 31.42 36.79 50.12
N ARG K 513 31.45 37.35 51.33
CA ARG K 513 31.92 38.72 51.55
C ARG K 513 33.44 38.78 51.68
N VAL K 514 34.07 37.73 52.21
CA VAL K 514 35.53 37.69 52.30
C VAL K 514 36.14 37.54 50.92
N ARG K 515 35.44 36.90 49.99
CA ARG K 515 35.97 36.73 48.64
C ARG K 515 35.85 38.00 47.81
N ARG K 516 34.77 38.76 47.99
CA ARG K 516 34.68 40.07 47.37
C ARG K 516 35.66 41.04 47.99
N ASN K 517 35.91 40.88 49.29
CA ASN K 517 36.81 41.75 50.04
C ASN K 517 37.79 40.87 50.81
N PRO K 518 38.86 40.38 50.12
CA PRO K 518 39.95 39.66 50.81
C PRO K 518 40.67 40.47 51.88
N TYR K 519 40.49 41.80 51.81
CA TYR K 519 41.35 42.81 52.41
C TYR K 519 40.69 43.47 53.61
N SER K 520 39.49 43.05 53.96
CA SER K 520 38.53 43.89 54.67
C SER K 520 39.01 44.23 56.09
N ILE K 521 38.23 45.06 56.76
CA ILE K 521 38.32 45.24 58.19
C ILE K 521 37.49 44.13 58.84
N ILE K 522 38.09 43.43 59.79
CA ILE K 522 37.38 42.51 60.67
C ILE K 522 37.19 43.22 62.00
N LEU K 523 35.97 43.15 62.53
CA LEU K 523 35.67 43.63 63.88
C LEU K 523 35.17 42.48 64.73
N LEU K 524 35.94 42.13 65.74
CA LEU K 524 35.52 41.18 66.77
C LEU K 524 34.91 42.01 67.90
N ASP K 525 33.59 41.89 68.05
CA ASP K 525 32.80 42.74 68.95
C ASP K 525 32.84 42.16 70.36
N ALA K 526 33.57 42.81 71.27
CA ALA K 526 33.51 42.44 72.69
C ALA K 526 33.97 41.02 73.00
N ILE K 527 35.30 40.80 72.95
CA ILE K 527 35.93 39.49 73.18
C ILE K 527 35.28 38.73 74.33
N GLU K 528 35.02 39.41 75.45
CA GLU K 528 34.86 38.75 76.75
C GLU K 528 33.73 37.73 76.83
N LYS K 529 32.85 37.65 75.84
CA LYS K 529 31.65 36.82 75.97
C LYS K 529 31.95 35.33 76.05
N ALA K 530 33.17 34.87 75.75
CA ALA K 530 33.43 33.44 75.56
C ALA K 530 34.75 32.98 76.17
N ASP K 531 34.82 31.65 76.34
CA ASP K 531 35.96 30.79 76.61
C ASP K 531 37.18 31.28 75.82
N PRO K 532 38.41 31.35 76.39
CA PRO K 532 39.54 31.82 75.58
C PRO K 532 39.82 30.97 74.33
N GLN K 533 39.36 29.73 74.28
CA GLN K 533 39.62 28.88 73.12
C GLN K 533 38.83 29.31 71.89
N VAL K 534 37.63 29.86 72.10
CA VAL K 534 36.83 30.37 70.98
C VAL K 534 37.58 31.46 70.24
N ILE K 535 38.08 32.44 70.99
CA ILE K 535 38.77 33.59 70.44
C ILE K 535 40.16 33.21 69.96
N THR K 536 40.74 32.18 70.57
CA THR K 536 42.09 31.74 70.23
C THR K 536 42.16 31.16 68.82
N LEU K 537 41.03 30.64 68.32
CA LEU K 537 41.04 29.96 67.02
C LEU K 537 41.46 30.91 65.91
N LEU K 538 40.79 32.06 65.80
CA LEU K 538 41.06 32.96 64.69
C LEU K 538 42.48 33.52 64.76
N LEU K 539 42.92 33.92 65.96
CA LEU K 539 44.13 34.72 66.05
C LEU K 539 45.40 33.88 65.88
N GLN K 540 45.41 32.63 66.36
CA GLN K 540 46.55 31.76 66.07
C GLN K 540 46.68 31.42 64.59
N VAL K 541 45.58 31.54 63.83
CA VAL K 541 45.54 31.15 62.43
C VAL K 541 45.83 32.31 61.49
N LEU K 542 45.77 33.56 61.98
CA LEU K 542 46.09 34.73 61.17
C LEU K 542 47.59 34.96 61.00
N ASP K 543 48.44 34.10 61.57
CA ASP K 543 49.88 34.24 61.35
C ASP K 543 50.22 34.11 59.87
N ASP K 544 49.74 33.06 59.23
CA ASP K 544 50.06 32.77 57.84
C ASP K 544 49.04 33.36 56.87
N GLY K 545 48.07 34.13 57.34
CA GLY K 545 47.05 34.68 56.47
C GLY K 545 46.22 33.62 55.77
N ARG K 546 45.95 32.50 56.42
CA ARG K 546 45.22 31.40 55.82
C ARG K 546 44.47 30.64 56.90
N LEU K 547 43.21 30.29 56.62
CA LEU K 547 42.36 29.57 57.56
C LEU K 547 41.64 28.44 56.82
N THR K 548 41.78 27.22 57.34
CA THR K 548 41.05 26.06 56.83
C THR K 548 39.73 25.93 57.56
N ASP K 549 38.63 25.91 56.80
CA ASP K 549 37.30 25.94 57.38
C ASP K 549 36.81 24.52 57.70
N GLY K 550 35.56 24.41 58.14
CA GLY K 550 34.99 23.13 58.49
C GLY K 550 34.83 22.17 57.34
N GLN K 551 34.72 22.68 56.11
CA GLN K 551 34.55 21.84 54.93
C GLN K 551 35.88 21.46 54.28
N GLY K 552 37.01 21.79 54.90
CA GLY K 552 38.30 21.48 54.33
C GLY K 552 38.83 22.48 53.33
N ASN K 553 38.11 23.57 53.06
CA ASN K 553 38.57 24.61 52.15
C ASN K 553 39.36 25.67 52.91
N THR K 554 40.34 26.25 52.23
CA THR K 554 41.21 27.28 52.79
C THR K 554 40.80 28.64 52.24
N VAL K 555 40.56 29.59 53.13
CA VAL K 555 40.44 30.99 52.76
C VAL K 555 41.83 31.61 52.86
N ASN K 556 42.23 32.35 51.83
CA ASN K 556 43.51 33.05 51.80
C ASN K 556 43.28 34.54 52.03
N PHE K 557 43.87 35.08 53.09
CA PHE K 557 43.70 36.47 53.46
C PHE K 557 44.80 37.33 52.82
N LYS K 558 44.37 38.36 52.12
CA LYS K 558 45.21 39.48 51.75
C LYS K 558 44.96 40.60 52.74
N ASN K 559 46.05 41.28 53.14
CA ASN K 559 46.06 42.65 53.63
C ASN K 559 44.85 42.99 54.49
N THR K 560 44.49 42.08 55.39
CA THR K 560 43.33 42.19 56.24
C THR K 560 43.74 42.78 57.58
N VAL K 561 42.94 43.71 58.10
CA VAL K 561 43.13 44.28 59.42
C VAL K 561 41.99 43.80 60.30
N ILE K 562 42.32 43.30 61.49
CA ILE K 562 41.34 42.96 62.51
C ILE K 562 41.53 43.92 63.68
N ILE K 563 40.45 44.57 64.08
CA ILE K 563 40.40 45.36 65.31
C ILE K 563 39.48 44.63 66.25
N ALA K 564 40.06 43.86 67.17
CA ALA K 564 39.30 43.21 68.22
C ALA K 564 38.93 44.24 69.27
N THR K 565 37.83 43.99 69.98
CA THR K 565 37.29 44.92 70.96
C THR K 565 36.82 44.19 72.20
N SER K 566 36.96 44.86 73.35
CA SER K 566 36.57 44.33 74.64
C SER K 566 35.84 45.41 75.43
N ASN K 567 35.15 44.98 76.48
CA ASN K 567 34.51 45.90 77.42
C ASN K 567 35.47 46.15 78.57
N ALA K 568 36.14 47.30 78.54
CA ALA K 568 37.23 47.61 79.45
C ALA K 568 36.81 48.66 80.48
N GLY K 569 37.75 48.99 81.35
CA GLY K 569 37.50 49.94 82.41
C GLY K 569 38.48 49.70 83.55
N PHE K 570 38.22 50.38 84.67
CA PHE K 570 39.03 50.19 85.86
C PHE K 570 38.36 50.90 87.04
N GLY K 571 38.42 50.26 88.22
CA GLY K 571 37.89 50.85 89.43
C GLY K 571 38.99 51.53 90.24
N TYR K 572 38.64 52.69 90.80
CA TYR K 572 39.64 53.68 91.18
C TYR K 572 39.25 54.33 92.51
N GLU K 573 40.13 55.23 92.98
CA GLU K 573 39.86 56.00 94.18
C GLU K 573 39.19 57.33 93.86
N ALA K 574 39.86 58.17 93.06
CA ALA K 574 39.34 59.46 92.65
C ALA K 574 39.51 59.59 91.15
N ASN K 575 38.58 60.31 90.51
CA ASN K 575 38.52 60.36 89.05
C ASN K 575 39.79 60.91 88.41
N LEU K 576 40.63 61.61 89.17
CA LEU K 576 41.96 62.01 88.73
C LEU K 576 43.01 60.92 88.89
N THR K 577 42.62 59.71 89.32
CA THR K 577 43.52 58.57 89.44
C THR K 577 43.09 57.41 88.54
N GLU K 578 42.28 57.67 87.51
CA GLU K 578 41.80 56.60 86.66
C GLU K 578 42.95 55.98 85.86
N ASP K 579 43.88 56.80 85.37
CA ASP K 579 44.99 56.33 84.57
C ASP K 579 46.22 56.00 85.40
N ALA K 580 46.06 55.77 86.70
CA ALA K 580 47.21 55.51 87.57
C ALA K 580 47.78 54.11 87.32
N ASP K 581 46.92 53.14 87.04
CA ASP K 581 47.32 51.73 86.91
C ASP K 581 47.23 51.34 85.44
N LYS K 582 48.37 51.40 84.74
CA LYS K 582 48.39 51.28 83.29
C LYS K 582 48.29 49.83 82.81
N PRO K 583 49.22 48.92 83.17
CA PRO K 583 49.08 47.54 82.67
C PRO K 583 47.96 46.76 83.32
N GLU K 584 47.35 47.28 84.39
CA GLU K 584 46.33 46.52 85.11
C GLU K 584 45.01 46.45 84.36
N LEU K 585 44.84 47.24 83.29
CA LEU K 585 43.70 47.04 82.39
C LEU K 585 43.74 45.65 81.79
N MET K 586 44.92 45.22 81.35
CA MET K 586 45.08 43.87 80.81
C MET K 586 44.89 42.81 81.89
N ASP K 587 45.26 43.12 83.14
CA ASP K 587 45.03 42.20 84.24
C ASP K 587 43.55 42.12 84.58
N ARG K 588 42.84 43.25 84.49
CA ARG K 588 41.39 43.23 84.64
C ARG K 588 40.74 42.38 83.55
N LEU K 589 41.20 42.56 82.31
CA LEU K 589 40.66 41.82 81.18
C LEU K 589 41.26 40.41 81.05
N LYS K 590 42.25 40.07 81.86
CA LYS K 590 42.91 38.77 81.84
C LYS K 590 42.00 37.55 81.86
N PRO K 591 40.87 37.51 82.62
CA PRO K 591 40.16 36.24 82.78
C PRO K 591 39.67 35.58 81.50
N PHE K 592 39.48 36.34 80.41
CA PHE K 592 38.95 35.78 79.17
C PHE K 592 40.00 35.61 78.08
N PHE K 593 41.28 35.87 78.37
CA PHE K 593 42.35 35.54 77.44
C PHE K 593 43.59 35.15 78.22
N ARG K 594 44.67 34.93 77.50
CA ARG K 594 45.96 34.52 78.05
C ARG K 594 47.06 35.26 77.33
N PRO K 595 48.30 35.23 77.85
CA PRO K 595 49.40 35.93 77.17
C PRO K 595 49.67 35.42 75.76
N GLU K 596 49.33 34.17 75.46
CA GLU K 596 49.45 33.67 74.10
C GLU K 596 48.53 34.43 73.14
N PHE K 597 47.43 34.98 73.65
CA PHE K 597 46.50 35.80 72.88
C PHE K 597 46.90 37.26 72.90
N LEU K 598 47.47 37.72 74.02
CA LEU K 598 47.82 39.13 74.16
C LEU K 598 49.04 39.49 73.33
N ASN K 599 50.07 38.63 73.35
CA ASN K 599 51.36 38.94 72.73
C ASN K 599 51.32 38.99 71.21
N ARG K 600 50.19 38.67 70.58
CA ARG K 600 50.05 38.72 69.13
C ARG K 600 49.55 40.08 68.63
N PHE K 601 49.43 41.08 69.50
CA PHE K 601 48.78 42.35 69.18
C PHE K 601 49.78 43.49 69.14
N ASN K 602 49.49 44.49 68.30
CA ASN K 602 50.43 45.58 67.98
C ASN K 602 50.25 46.71 68.99
N ALA K 603 50.77 46.42 70.18
CA ALA K 603 51.07 47.23 71.35
C ALA K 603 49.93 47.64 72.27
N VAL K 604 48.82 48.19 71.78
CA VAL K 604 47.42 47.87 72.08
C VAL K 604 46.89 49.31 71.95
N ILE K 605 45.58 49.56 71.78
CA ILE K 605 45.06 50.92 71.90
C ILE K 605 44.32 51.06 73.23
N GLU K 606 44.69 52.08 74.00
CA GLU K 606 44.35 52.20 75.42
C GLU K 606 42.87 52.49 75.64
N PHE K 607 42.48 52.62 76.92
CA PHE K 607 41.10 52.82 77.30
C PHE K 607 40.71 54.30 77.26
N SER K 608 41.67 55.19 77.00
CA SER K 608 41.70 56.57 77.48
C SER K 608 40.35 57.30 77.47
N HIS K 609 40.14 58.15 78.47
CA HIS K 609 38.81 58.58 78.89
C HIS K 609 38.50 59.94 78.28
N LEU K 610 37.23 60.34 78.41
CA LEU K 610 36.81 61.69 78.07
C LEU K 610 37.24 62.64 79.19
N THR K 611 37.95 63.70 78.80
CA THR K 611 38.55 64.64 79.73
C THR K 611 37.71 65.90 79.84
N LYS K 612 37.76 66.55 81.01
CA LYS K 612 37.25 67.90 81.15
C LYS K 612 38.27 68.86 80.55
N GLU K 613 38.23 68.92 79.23
CA GLU K 613 39.14 69.67 78.38
C GLU K 613 38.29 70.10 77.21
N ASP K 614 38.86 70.31 76.02
CA ASP K 614 38.14 70.99 74.94
C ASP K 614 37.00 70.09 74.46
N LEU K 615 35.91 70.09 75.24
CA LEU K 615 34.65 69.47 74.82
C LEU K 615 34.07 70.12 73.58
N SER K 616 34.45 71.36 73.28
CA SER K 616 33.80 72.11 72.22
C SER K 616 34.01 71.46 70.85
N LYS K 617 35.10 70.69 70.69
CA LYS K 617 35.34 70.05 69.41
C LYS K 617 34.24 69.05 69.07
N ILE K 618 33.68 68.36 70.07
CA ILE K 618 32.50 67.55 69.82
C ILE K 618 31.31 68.44 69.49
N VAL K 619 31.14 69.54 70.24
CA VAL K 619 29.99 70.41 70.05
C VAL K 619 30.11 71.18 68.73
N ASP K 620 31.34 71.48 68.31
CA ASP K 620 31.53 72.17 67.03
C ASP K 620 31.14 71.26 65.87
N LEU K 621 31.33 69.94 66.02
CA LEU K 621 30.95 69.01 64.96
C LEU K 621 29.45 68.72 64.99
N MET K 622 28.88 68.53 66.19
CA MET K 622 27.44 68.27 66.29
C MET K 622 26.65 69.41 65.69
N LEU K 623 26.98 70.65 66.06
CA LEU K 623 26.30 71.81 65.50
C LEU K 623 26.46 71.87 63.98
N ALA K 624 27.59 71.41 63.47
CA ALA K 624 27.76 71.30 62.01
C ALA K 624 26.84 70.24 61.43
N GLU K 625 26.62 69.15 62.17
CA GLU K 625 25.71 68.11 61.69
C GLU K 625 24.26 68.60 61.71
N VAL K 626 23.93 69.52 62.61
CA VAL K 626 22.59 70.10 62.63
C VAL K 626 22.33 70.85 61.32
N ASN K 627 23.23 71.78 60.97
CA ASN K 627 23.04 72.57 59.77
C ASN K 627 23.21 71.75 58.51
N GLN K 628 24.10 70.75 58.53
CA GLN K 628 24.21 69.84 57.39
C GLN K 628 22.91 69.07 57.19
N THR K 629 22.28 68.64 58.29
CA THR K 629 20.97 68.02 58.20
C THR K 629 19.94 69.01 57.67
N LEU K 630 19.89 70.21 58.27
CA LEU K 630 18.90 71.21 57.85
C LEU K 630 19.19 71.75 56.46
N ALA K 631 20.44 71.64 55.99
CA ALA K 631 20.80 72.24 54.71
C ALA K 631 20.11 71.56 53.53
N LYS K 632 19.58 70.35 53.72
CA LYS K 632 18.88 69.68 52.63
C LYS K 632 17.67 70.48 52.15
N LYS K 633 16.97 71.13 53.09
CA LYS K 633 15.83 71.98 52.77
C LYS K 633 16.22 73.46 52.70
N ASP K 634 17.51 73.76 52.52
CA ASP K 634 18.00 75.13 52.47
C ASP K 634 17.68 75.86 53.78
N ILE K 635 17.95 75.18 54.90
CA ILE K 635 17.70 75.71 56.23
C ILE K 635 19.04 75.72 56.96
N ASP K 636 19.46 76.91 57.39
CA ASP K 636 20.78 77.10 57.98
C ASP K 636 20.68 78.26 58.96
N LEU K 637 20.82 77.97 60.25
CA LEU K 637 20.70 78.94 61.31
C LEU K 637 22.07 79.33 61.86
N VAL K 638 22.12 80.47 62.52
CA VAL K 638 23.25 80.81 63.39
C VAL K 638 23.10 80.03 64.68
N VAL K 639 24.15 79.35 65.09
CA VAL K 639 24.16 78.54 66.31
C VAL K 639 25.28 79.04 67.19
N SER K 640 24.94 79.44 68.42
CA SER K 640 25.92 80.01 69.32
C SER K 640 26.86 78.95 69.84
N GLN K 641 28.13 79.31 70.00
CA GLN K 641 29.09 78.41 70.63
C GLN K 641 28.77 78.20 72.11
N ALA K 642 27.99 79.08 72.72
CA ALA K 642 27.58 78.96 74.11
C ALA K 642 26.59 77.83 74.34
N ALA K 643 26.19 77.08 73.30
CA ALA K 643 25.40 75.87 73.50
C ALA K 643 26.14 74.86 74.36
N LYS K 644 27.48 74.90 74.37
CA LYS K 644 28.27 74.01 75.20
C LYS K 644 27.94 74.17 76.69
N ASP K 645 27.61 75.38 77.13
CA ASP K 645 27.48 75.68 78.55
C ASP K 645 26.39 74.86 79.23
N TYR K 646 25.39 74.40 78.48
CA TYR K 646 24.30 73.58 78.99
C TYR K 646 24.50 72.11 78.68
N ILE K 647 25.24 71.78 77.62
CA ILE K 647 25.50 70.41 77.22
C ILE K 647 26.50 69.75 78.15
N THR K 648 27.67 70.37 78.30
CA THR K 648 28.78 69.76 79.03
C THR K 648 28.44 69.44 80.48
N GLU K 649 27.48 70.18 81.07
CA GLU K 649 27.05 69.94 82.45
C GLU K 649 26.80 68.46 82.74
N GLU K 650 26.31 67.72 81.74
CA GLU K 650 26.28 66.27 81.78
C GLU K 650 27.31 65.63 80.86
N GLY K 651 27.78 66.35 79.84
CA GLY K 651 28.70 65.77 78.86
C GLY K 651 29.98 65.20 79.46
N TYR K 652 30.72 66.00 80.24
CA TYR K 652 32.00 65.54 80.77
C TYR K 652 31.87 64.70 82.03
N ASP K 653 30.68 64.13 82.29
CA ASP K 653 30.53 63.18 83.38
C ASP K 653 31.34 61.93 83.07
N GLU K 654 32.30 61.61 83.96
CA GLU K 654 33.18 60.47 83.74
C GLU K 654 32.44 59.14 83.77
N VAL K 655 31.25 59.10 84.39
CA VAL K 655 30.48 57.87 84.47
C VAL K 655 30.10 57.39 83.08
N MET K 656 29.68 58.30 82.22
CA MET K 656 29.09 57.97 80.93
C MET K 656 30.05 58.14 79.75
N GLY K 657 30.91 59.15 79.78
CA GLY K 657 31.74 59.46 78.63
C GLY K 657 30.99 60.35 77.64
N VAL K 658 31.17 60.06 76.35
CA VAL K 658 30.42 60.79 75.33
C VAL K 658 29.10 60.03 75.12
N ARG K 659 28.22 60.07 76.13
CA ARG K 659 26.82 59.69 75.95
C ARG K 659 25.89 60.90 75.81
N PRO K 660 25.91 61.89 76.72
CA PRO K 660 24.91 62.97 76.63
C PRO K 660 25.10 63.92 75.46
N LEU K 661 26.26 63.90 74.79
CA LEU K 661 26.59 64.96 73.84
C LEU K 661 25.58 65.00 72.69
N ARG K 662 25.28 63.84 72.08
CA ARG K 662 24.30 63.80 71.01
C ARG K 662 22.88 63.91 71.53
N ARG K 663 22.62 63.46 72.77
CA ARG K 663 21.26 63.43 73.27
C ARG K 663 20.76 64.83 73.62
N VAL K 664 21.65 65.71 74.09
CA VAL K 664 21.23 67.06 74.47
C VAL K 664 21.04 67.93 73.22
N VAL K 665 21.97 67.83 72.26
CA VAL K 665 21.88 68.66 71.05
C VAL K 665 20.66 68.28 70.23
N GLU K 666 20.47 66.98 70.00
CA GLU K 666 19.39 66.53 69.13
C GLU K 666 18.01 66.80 69.74
N GLN K 667 17.97 67.06 71.05
CA GLN K 667 16.72 67.46 71.70
C GLN K 667 16.61 68.97 71.79
N GLU K 668 17.71 69.67 72.08
CA GLU K 668 17.65 71.08 72.41
C GLU K 668 17.32 71.93 71.18
N ILE K 669 18.02 71.71 70.07
CA ILE K 669 17.89 72.57 68.89
C ILE K 669 16.78 72.06 67.97
N ARG K 670 16.70 70.74 67.79
CA ARG K 670 15.84 70.13 66.78
C ARG K 670 14.38 70.56 66.92
N ASP K 671 13.88 70.61 68.16
CA ASP K 671 12.48 70.93 68.38
C ASP K 671 12.20 72.41 68.19
N LYS K 672 13.18 73.27 68.53
CA LYS K 672 12.96 74.72 68.41
C LYS K 672 13.00 75.16 66.96
N VAL K 673 13.91 74.60 66.16
CA VAL K 673 13.94 74.92 64.74
C VAL K 673 12.69 74.39 64.04
N THR K 674 12.04 73.38 64.62
CA THR K 674 10.81 72.84 64.04
C THR K 674 9.64 73.78 64.27
N ASP K 675 9.64 74.50 65.40
CA ASP K 675 8.49 75.32 65.75
C ASP K 675 8.43 76.60 64.89
N PHE K 676 9.57 77.06 64.38
CA PHE K 676 9.61 78.32 63.64
C PHE K 676 9.47 78.12 62.14
N HIS K 677 9.76 76.92 61.62
CA HIS K 677 9.41 76.62 60.24
C HIS K 677 7.92 76.75 60.00
N LEU K 678 7.11 76.57 61.03
CA LEU K 678 5.67 76.76 60.98
C LEU K 678 5.27 78.21 60.79
N ASP K 679 6.04 79.16 61.32
CA ASP K 679 5.86 80.57 61.00
C ASP K 679 6.47 80.94 59.65
N HIS K 680 7.08 79.97 58.95
CA HIS K 680 7.68 80.20 57.64
C HIS K 680 8.74 81.29 57.72
N LEU K 681 9.55 81.24 58.78
CA LEU K 681 10.63 82.19 58.98
C LEU K 681 11.90 81.69 58.30
N ASP K 682 12.62 82.63 57.68
CA ASP K 682 13.84 82.29 56.96
C ASP K 682 14.94 82.01 57.97
N ALA K 683 15.54 80.82 57.87
CA ALA K 683 16.55 80.39 58.84
C ALA K 683 17.79 81.28 58.82
N LYS K 684 18.11 81.88 57.67
CA LYS K 684 19.34 82.65 57.55
C LYS K 684 19.34 83.91 58.41
N HIS K 685 18.19 84.31 58.95
CA HIS K 685 18.08 85.46 59.85
C HIS K 685 17.58 85.08 61.24
N LEU K 686 17.69 83.81 61.62
CA LEU K 686 17.36 83.34 62.96
C LEU K 686 18.65 82.97 63.68
N GLU K 687 18.72 83.27 64.98
CA GLU K 687 19.91 83.05 65.79
C GLU K 687 19.55 82.21 67.01
N ALA K 688 20.15 81.02 67.11
CA ALA K 688 19.95 80.13 68.25
C ALA K 688 20.77 80.66 69.42
N ASP K 689 20.07 81.36 70.32
CA ASP K 689 20.68 82.10 71.42
C ASP K 689 19.99 81.67 72.72
N MET K 690 20.71 80.92 73.55
CA MET K 690 20.14 80.36 74.76
C MET K 690 20.04 81.41 75.87
N GLU K 691 19.07 81.24 76.75
CA GLU K 691 18.85 82.11 77.89
C GLU K 691 18.51 81.25 79.10
N ASP K 692 19.38 81.27 80.12
CA ASP K 692 19.16 80.54 81.37
C ASP K 692 18.96 79.05 81.12
N GLY K 693 19.82 78.48 80.29
CA GLY K 693 19.76 77.06 79.98
C GLY K 693 18.65 76.65 79.05
N VAL K 694 17.82 77.60 78.58
CA VAL K 694 16.71 77.34 77.66
C VAL K 694 17.07 77.96 76.32
N LEU K 695 16.84 77.22 75.24
CA LEU K 695 17.09 77.76 73.92
C LEU K 695 15.93 78.63 73.47
N VAL K 696 16.22 79.90 73.23
CA VAL K 696 15.30 80.84 72.60
C VAL K 696 15.95 81.31 71.30
N ILE K 697 15.58 80.67 70.19
CA ILE K 697 16.08 81.08 68.88
C ILE K 697 15.49 82.46 68.59
N ARG K 698 16.35 83.38 68.18
CA ARG K 698 15.95 84.77 67.93
C ARG K 698 15.16 84.89 66.63
N LEU L 76 39.32 -11.22 20.34
CA LEU L 76 38.49 -10.20 20.96
C LEU L 76 39.09 -8.80 20.87
N ALA L 77 40.14 -8.65 20.07
CA ALA L 77 40.78 -7.34 19.87
C ALA L 77 40.00 -6.54 18.83
N LYS L 78 38.72 -6.27 19.16
CA LYS L 78 37.78 -5.74 18.18
C LYS L 78 37.11 -4.41 18.51
N LEU L 79 36.82 -4.01 19.78
CA LEU L 79 36.78 -4.64 21.13
C LEU L 79 38.10 -4.82 21.89
N GLY L 80 39.24 -4.41 21.36
CA GLY L 80 40.47 -4.44 22.13
C GLY L 80 41.75 -4.26 21.35
N ARG L 81 42.80 -4.89 21.86
CA ARG L 81 44.16 -4.74 21.35
C ARG L 81 44.86 -6.09 21.45
N ASN L 82 45.19 -6.69 20.31
CA ASN L 82 45.88 -7.97 20.26
C ASN L 82 47.37 -7.70 20.50
N LEU L 83 47.86 -8.10 21.67
CA LEU L 83 49.22 -7.76 22.07
C LEU L 83 50.26 -8.67 21.42
N THR L 84 49.93 -9.95 21.19
CA THR L 84 50.87 -10.83 20.51
C THR L 84 50.99 -10.47 19.03
N ALA L 85 49.91 -10.01 18.41
CA ALA L 85 49.97 -9.57 17.02
C ALA L 85 50.93 -8.39 16.86
N GLU L 86 50.89 -7.46 17.82
CA GLU L 86 51.85 -6.36 17.79
C GLU L 86 53.25 -6.85 18.16
N ALA L 87 53.33 -7.96 18.90
CA ALA L 87 54.63 -8.57 19.16
C ALA L 87 55.17 -9.26 17.91
N ARG L 88 54.29 -9.91 17.14
CA ARG L 88 54.72 -10.55 15.90
C ARG L 88 55.21 -9.53 14.87
N GLU L 89 54.77 -8.28 14.96
CA GLU L 89 55.16 -7.23 14.03
C GLU L 89 56.33 -6.39 14.52
N GLY L 90 56.93 -6.74 15.66
CA GLY L 90 58.03 -5.96 16.18
C GLY L 90 57.65 -4.57 16.65
N LYS L 91 56.45 -4.42 17.23
CA LYS L 91 55.95 -3.12 17.65
C LYS L 91 56.23 -2.81 19.13
N LEU L 92 56.96 -3.68 19.83
CA LEU L 92 57.18 -3.53 21.27
C LEU L 92 58.52 -2.88 21.55
N ASP L 93 58.65 -2.35 22.78
CA ASP L 93 59.88 -1.78 23.28
C ASP L 93 60.69 -2.86 23.99
N PRO L 94 61.76 -3.41 23.39
CA PRO L 94 62.48 -4.50 24.09
C PRO L 94 63.28 -3.99 25.29
N VAL L 95 62.57 -3.77 26.39
CA VAL L 95 63.19 -3.44 27.67
C VAL L 95 63.58 -4.75 28.36
N ILE L 96 64.78 -4.78 28.96
CA ILE L 96 65.28 -5.95 29.65
C ILE L 96 65.70 -5.53 31.06
N GLY L 97 66.23 -6.51 31.81
CA GLY L 97 66.39 -6.37 33.24
C GLY L 97 65.19 -6.82 34.04
N ARG L 98 64.02 -6.88 33.41
CA ARG L 98 62.81 -7.44 34.00
C ARG L 98 62.65 -8.93 33.70
N ASN L 99 63.75 -9.61 33.36
CA ASN L 99 63.66 -11.01 32.97
C ASN L 99 63.17 -11.88 34.11
N LYS L 100 63.51 -11.53 35.36
CA LYS L 100 63.07 -12.30 36.50
C LYS L 100 61.55 -12.31 36.65
N GLU L 101 60.87 -11.27 36.18
CA GLU L 101 59.41 -11.26 36.20
C GLU L 101 58.82 -12.05 35.04
N ILE L 102 59.59 -12.25 33.98
CA ILE L 102 59.23 -13.25 32.97
C ILE L 102 59.49 -14.65 33.52
N GLN L 103 60.59 -14.82 34.27
CA GLN L 103 60.83 -16.07 34.96
C GLN L 103 59.72 -16.36 35.95
N GLU L 104 59.23 -15.31 36.63
CA GLU L 104 58.08 -15.45 37.51
C GLU L 104 56.80 -15.66 36.70
N ALA L 105 56.80 -15.24 35.43
CA ALA L 105 55.69 -15.55 34.53
C ALA L 105 55.75 -16.98 33.99
N SER L 106 56.75 -17.78 34.41
CA SER L 106 56.71 -19.20 34.09
C SER L 106 55.48 -19.88 34.68
N GLU L 107 55.06 -19.45 35.88
CA GLU L 107 53.84 -19.96 36.49
C GLU L 107 52.60 -19.30 35.92
N ILE L 108 52.69 -18.02 35.53
CA ILE L 108 51.55 -17.32 34.94
C ILE L 108 51.07 -18.06 33.70
N LEU L 109 52.01 -18.58 32.91
CA LEU L 109 51.65 -19.23 31.65
C LEU L 109 51.33 -20.71 31.82
N SER L 110 51.84 -21.35 32.87
CA SER L 110 51.87 -22.81 32.95
C SER L 110 50.83 -23.43 33.86
N ARG L 111 50.41 -22.75 34.93
CA ARG L 111 49.48 -23.35 35.88
C ARG L 111 48.18 -23.75 35.19
N ARG L 112 47.83 -25.03 35.30
CA ARG L 112 46.72 -25.57 34.52
C ARG L 112 45.36 -25.16 35.07
N THR L 113 45.27 -24.86 36.37
CA THR L 113 44.00 -24.50 36.98
C THR L 113 44.28 -23.58 38.17
N LYS L 114 43.27 -22.77 38.50
CA LYS L 114 43.36 -21.81 39.59
C LYS L 114 44.56 -20.89 39.38
N ASN L 115 44.71 -20.43 38.13
CA ASN L 115 45.99 -19.99 37.58
C ASN L 115 46.04 -18.50 37.29
N ASN L 116 45.11 -17.72 37.85
CA ASN L 116 45.02 -16.29 37.52
C ASN L 116 45.88 -15.48 38.50
N PRO L 117 47.07 -15.02 38.12
CA PRO L 117 47.95 -14.36 39.10
C PRO L 117 47.40 -13.03 39.61
N VAL L 118 48.21 -12.41 40.48
CA VAL L 118 47.91 -11.10 41.07
C VAL L 118 49.16 -10.25 40.92
N LEU L 119 49.25 -9.50 39.83
CA LEU L 119 50.39 -8.62 39.54
C LEU L 119 50.22 -7.33 40.34
N VAL L 120 51.33 -6.58 40.49
CA VAL L 120 51.33 -5.30 41.20
C VAL L 120 52.24 -4.33 40.47
N GLY L 121 51.90 -3.04 40.49
CA GLY L 121 52.73 -2.03 39.85
C GLY L 121 52.10 -0.65 39.90
N ASP L 122 52.87 0.33 39.39
CA ASP L 122 52.44 1.72 39.27
C ASP L 122 51.72 1.94 37.93
N ALA L 123 50.94 3.02 37.85
CA ALA L 123 50.21 3.38 36.64
C ALA L 123 51.21 3.61 35.51
N GLY L 124 51.09 2.82 34.45
CA GLY L 124 52.06 2.87 33.37
C GLY L 124 53.48 2.56 33.80
N VAL L 125 53.64 1.77 34.87
CA VAL L 125 54.97 1.35 35.30
C VAL L 125 55.67 0.55 34.22
N GLY L 126 54.91 -0.16 33.39
CA GLY L 126 55.42 -1.12 32.44
C GLY L 126 55.35 -2.54 32.93
N LYS L 127 54.40 -2.85 33.81
CA LYS L 127 54.13 -4.25 34.14
C LYS L 127 53.25 -4.86 33.06
N THR L 128 52.51 -4.02 32.34
CA THR L 128 52.01 -4.39 31.03
C THR L 128 53.16 -4.76 30.10
N ALA L 129 54.25 -3.98 30.14
CA ALA L 129 55.39 -4.26 29.27
C ALA L 129 56.06 -5.58 29.63
N VAL L 130 55.91 -6.04 30.87
CA VAL L 130 56.35 -7.39 31.23
C VAL L 130 55.52 -8.42 30.46
N VAL L 131 54.19 -8.29 30.52
CA VAL L 131 53.32 -9.24 29.84
C VAL L 131 53.47 -9.09 28.32
N GLU L 132 53.72 -7.87 27.85
CA GLU L 132 54.15 -7.71 26.46
C GLU L 132 55.52 -8.36 26.26
N GLY L 133 56.41 -8.21 27.24
CA GLY L 133 57.65 -8.96 27.22
C GLY L 133 57.42 -10.45 27.30
N LEU L 134 56.35 -10.87 27.99
CA LEU L 134 55.95 -12.27 27.95
C LEU L 134 55.41 -12.63 26.57
N ALA L 135 54.57 -11.77 26.00
CA ALA L 135 54.09 -11.99 24.64
C ALA L 135 55.25 -12.09 23.66
N GLN L 136 56.24 -11.21 23.81
CA GLN L 136 57.45 -11.32 22.99
C GLN L 136 58.13 -12.67 23.20
N ALA L 137 58.16 -13.16 24.43
CA ALA L 137 58.75 -14.47 24.69
C ALA L 137 57.94 -15.58 24.04
N ILE L 138 56.63 -15.39 23.90
CA ILE L 138 55.80 -16.41 23.25
C ILE L 138 56.06 -16.42 21.75
N VAL L 139 56.18 -15.24 21.14
CA VAL L 139 56.40 -15.16 19.70
C VAL L 139 57.75 -15.77 19.34
N ASN L 140 58.80 -15.44 20.10
CA ASN L 140 60.15 -15.92 19.82
C ASN L 140 60.40 -17.32 20.34
N GLY L 141 59.42 -17.97 20.96
CA GLY L 141 59.64 -19.31 21.51
C GLY L 141 60.61 -19.35 22.67
N ASP L 142 60.63 -18.30 23.49
CA ASP L 142 61.40 -18.28 24.73
C ASP L 142 60.55 -18.73 25.91
N VAL L 143 59.58 -19.61 25.66
CA VAL L 143 58.61 -20.07 26.65
C VAL L 143 58.45 -21.58 26.48
N PRO L 144 57.97 -22.28 27.51
CA PRO L 144 57.75 -23.72 27.36
C PRO L 144 56.54 -24.00 26.48
N ALA L 145 56.34 -25.29 26.20
CA ALA L 145 55.25 -25.71 25.31
C ALA L 145 53.88 -25.53 25.94
N ALA L 146 53.80 -25.27 27.25
CA ALA L 146 52.51 -25.08 27.90
C ALA L 146 51.72 -23.92 27.32
N ILE L 147 52.42 -22.93 26.75
CA ILE L 147 51.82 -21.68 26.29
C ILE L 147 52.00 -21.50 24.78
N LYS L 148 52.31 -22.57 24.04
CA LYS L 148 52.51 -22.43 22.61
C LYS L 148 51.21 -22.04 21.93
N ASN L 149 51.29 -21.05 21.03
CA ASN L 149 50.17 -20.61 20.23
C ASN L 149 49.02 -20.09 21.09
N LYS L 150 49.36 -19.43 22.21
CA LYS L 150 48.38 -18.80 23.09
C LYS L 150 48.44 -17.30 22.87
N GLU L 151 47.38 -16.76 22.28
CA GLU L 151 47.29 -15.34 21.97
C GLU L 151 46.92 -14.55 23.23
N ILE L 152 47.34 -13.30 23.29
CA ILE L 152 46.98 -12.38 24.37
C ILE L 152 46.21 -11.21 23.75
N VAL L 153 45.12 -10.82 24.41
CA VAL L 153 44.31 -9.67 24.00
C VAL L 153 44.05 -8.83 25.24
N SER L 154 44.23 -7.52 25.11
CA SER L 154 43.91 -6.59 26.18
C SER L 154 42.45 -6.18 26.08
N ILE L 155 41.66 -6.55 27.08
CA ILE L 155 40.23 -6.24 27.12
C ILE L 155 40.08 -4.93 27.88
N ASP L 156 39.49 -3.94 27.22
CA ASP L 156 39.45 -2.56 27.72
C ASP L 156 38.18 -2.37 28.53
N ILE L 157 38.28 -2.59 29.84
CA ILE L 157 37.16 -2.36 30.74
C ILE L 157 36.82 -0.87 30.86
N SER L 158 37.79 0.01 30.60
CA SER L 158 37.52 1.43 30.63
C SER L 158 36.52 1.87 29.57
N GLY L 159 36.37 1.10 28.50
CA GLY L 159 35.32 1.29 27.53
C GLY L 159 34.02 0.62 27.87
N LEU L 160 33.81 0.28 29.14
CA LEU L 160 32.55 -0.31 29.58
C LEU L 160 31.40 0.66 29.31
N GLU L 161 30.27 0.11 28.87
CA GLU L 161 29.05 0.86 28.54
C GLU L 161 29.20 1.77 27.33
N ALA L 162 30.33 1.72 26.61
CA ALA L 162 30.52 2.60 25.47
C ALA L 162 29.63 2.17 24.31
N GLY L 163 28.77 3.08 23.87
CA GLY L 163 27.86 2.84 22.78
C GLY L 163 26.46 2.44 23.18
N THR L 164 26.20 2.24 24.46
CA THR L 164 24.87 1.91 24.93
C THR L 164 23.96 3.12 25.07
N GLN L 165 24.51 4.34 25.10
CA GLN L 165 23.80 5.59 25.37
C GLN L 165 23.15 5.62 26.75
N TYR L 166 23.48 4.66 27.63
CA TYR L 166 22.76 4.42 28.89
C TYR L 166 21.26 4.25 28.66
N ARG L 167 20.88 3.70 27.50
CA ARG L 167 19.51 3.28 27.21
C ARG L 167 19.40 1.80 26.94
N GLY L 168 20.46 1.17 26.42
CA GLY L 168 20.47 -0.23 26.07
C GLY L 168 21.13 -1.09 27.13
N SER L 169 21.94 -2.04 26.69
CA SER L 169 22.62 -2.98 27.59
C SER L 169 24.01 -3.30 27.05
N PHE L 170 24.86 -3.75 27.97
CA PHE L 170 26.21 -4.22 27.65
C PHE L 170 26.46 -5.65 28.10
N GLU L 171 25.66 -6.19 29.04
CA GLU L 171 26.00 -7.45 29.69
C GLU L 171 26.08 -8.60 28.69
N GLU L 172 25.41 -8.48 27.55
CA GLU L 172 25.55 -9.48 26.50
C GLU L 172 26.86 -9.35 25.74
N ASN L 173 27.37 -8.13 25.56
CA ASN L 173 28.68 -7.93 24.98
C ASN L 173 29.80 -8.46 25.88
N VAL L 174 29.51 -8.71 27.16
CA VAL L 174 30.42 -9.39 28.07
C VAL L 174 30.36 -10.90 27.86
N GLN L 175 29.15 -11.46 27.89
CA GLN L 175 28.97 -12.87 27.56
C GLN L 175 29.45 -13.18 26.14
N ASN L 176 29.45 -12.17 25.26
CA ASN L 176 30.02 -12.34 23.92
C ASN L 176 31.54 -12.32 23.92
N LEU L 177 32.19 -11.78 24.97
CA LEU L 177 33.61 -12.02 25.11
C LEU L 177 33.86 -13.49 25.40
N VAL L 178 33.08 -14.07 26.31
CA VAL L 178 33.19 -15.50 26.64
C VAL L 178 32.90 -16.34 25.40
N ASN L 179 31.87 -15.99 24.64
CA ASN L 179 31.37 -16.86 23.58
C ASN L 179 32.38 -17.09 22.46
N GLU L 180 33.30 -16.15 22.22
CA GLU L 180 34.34 -16.38 21.23
C GLU L 180 35.49 -17.22 21.79
N VAL L 181 36.01 -16.84 22.95
CA VAL L 181 37.27 -17.42 23.42
C VAL L 181 37.07 -18.82 24.01
N LYS L 182 35.88 -19.13 24.53
CA LYS L 182 35.63 -20.47 25.04
C LYS L 182 35.75 -21.51 23.93
N GLU L 183 35.30 -21.17 22.71
CA GLU L 183 35.35 -22.06 21.56
C GLU L 183 36.48 -21.75 20.59
N ALA L 184 36.92 -20.49 20.52
CA ALA L 184 38.07 -20.16 19.66
C ALA L 184 39.31 -20.91 20.12
N GLY L 185 39.47 -21.07 21.42
CA GLY L 185 40.56 -21.88 21.96
C GLY L 185 41.88 -21.14 21.96
N ASN L 186 42.62 -21.33 23.06
CA ASN L 186 44.00 -20.86 23.18
C ASN L 186 44.07 -19.32 23.15
N ILE L 187 43.23 -18.67 23.96
CA ILE L 187 43.25 -17.22 24.14
C ILE L 187 43.61 -16.91 25.58
N ILE L 188 44.55 -15.99 25.75
CA ILE L 188 44.83 -15.36 27.03
C ILE L 188 44.24 -13.95 26.97
N LEU L 189 43.81 -13.42 28.11
CA LEU L 189 43.26 -12.08 28.20
C LEU L 189 44.00 -11.26 29.25
N PHE L 190 44.03 -9.94 29.04
CA PHE L 190 44.89 -9.06 29.81
C PHE L 190 44.14 -7.81 30.26
N PHE L 191 44.56 -7.25 31.39
CA PHE L 191 44.17 -5.90 31.79
C PHE L 191 45.37 -5.16 32.35
N ASP L 192 45.36 -3.83 32.18
CA ASP L 192 46.40 -2.99 32.76
C ASP L 192 46.28 -2.95 34.27
N ALA L 193 45.12 -2.53 34.78
CA ALA L 193 44.87 -2.51 36.22
C ALA L 193 43.37 -2.54 36.44
N ILE L 194 42.91 -3.48 37.27
CA ILE L 194 41.50 -3.60 37.62
C ILE L 194 41.36 -3.72 39.13
N HIS L 195 40.45 -2.93 39.68
CA HIS L 195 39.71 -3.28 40.89
C HIS L 195 38.20 -3.15 40.64
N GLN L 196 37.84 -2.33 39.63
CA GLN L 196 36.45 -1.96 39.38
C GLN L 196 35.60 -3.10 38.81
N ILE L 197 36.20 -4.24 38.46
CA ILE L 197 35.41 -5.34 37.91
C ILE L 197 34.39 -5.84 38.92
N LEU L 198 34.74 -5.81 40.20
CA LEU L 198 33.89 -6.33 41.25
C LEU L 198 32.79 -5.36 41.66
N GLY L 199 32.63 -4.24 40.95
CA GLY L 199 31.45 -3.40 41.15
C GLY L 199 30.18 -4.16 40.85
N ALA L 200 30.13 -4.82 39.70
CA ALA L 200 29.10 -5.82 39.41
C ALA L 200 29.52 -7.15 40.03
N GLY L 201 29.64 -7.14 41.35
CA GLY L 201 30.19 -8.26 42.08
C GLY L 201 30.26 -7.97 43.57
N SER L 202 31.41 -8.29 44.16
CA SER L 202 31.67 -8.09 45.59
C SER L 202 32.90 -7.21 45.74
N THR L 203 32.68 -5.93 46.09
CA THR L 203 33.76 -4.98 46.32
C THR L 203 33.40 -4.13 47.53
N GLY L 204 34.15 -3.03 47.70
CA GLY L 204 33.99 -2.18 48.87
C GLY L 204 33.12 -0.97 48.62
N GLY L 205 33.75 0.20 48.50
CA GLY L 205 33.00 1.44 48.38
C GLY L 205 32.21 1.56 47.10
N ASP L 206 32.66 0.91 46.03
CA ASP L 206 31.99 0.96 44.73
C ASP L 206 31.19 -0.31 44.46
N SER L 207 30.55 -0.86 45.50
CA SER L 207 29.70 -2.03 45.35
C SER L 207 28.37 -1.64 44.70
N GLY L 208 27.91 -2.48 43.77
CA GLY L 208 26.66 -2.27 43.09
C GLY L 208 26.77 -1.57 41.75
N SER L 209 27.92 -0.98 41.46
CA SER L 209 28.13 -0.35 40.16
C SER L 209 28.22 -1.41 39.06
N LYS L 210 28.40 -0.94 37.83
CA LYS L 210 28.47 -1.84 36.68
C LYS L 210 29.90 -2.32 36.46
N GLY L 211 30.02 -3.55 35.99
CA GLY L 211 31.32 -4.15 35.79
C GLY L 211 31.21 -5.39 34.94
N LEU L 212 32.19 -6.29 35.10
CA LEU L 212 32.21 -7.56 34.39
C LEU L 212 32.09 -8.78 35.30
N ALA L 213 32.27 -8.62 36.62
CA ALA L 213 32.46 -9.77 37.49
C ALA L 213 31.24 -10.68 37.53
N ASP L 214 30.03 -10.15 37.30
CA ASP L 214 28.85 -11.01 37.31
C ASP L 214 28.90 -12.08 36.23
N ILE L 215 29.64 -11.85 35.15
CA ILE L 215 29.83 -12.85 34.09
C ILE L 215 31.14 -13.60 34.26
N LEU L 216 32.15 -12.94 34.83
CA LEU L 216 33.48 -13.55 34.93
C LEU L 216 33.66 -14.33 36.22
N LYS L 217 32.97 -13.94 37.30
CA LYS L 217 33.07 -14.65 38.57
C LYS L 217 32.55 -16.08 38.41
N PRO L 218 31.45 -16.31 37.66
CA PRO L 218 31.18 -17.69 37.22
C PRO L 218 32.29 -18.27 36.35
N ALA L 219 32.82 -17.49 35.40
CA ALA L 219 33.88 -17.99 34.54
C ALA L 219 35.12 -18.37 35.35
N LEU L 220 35.39 -17.65 36.44
CA LEU L 220 36.46 -18.08 37.34
C LEU L 220 36.10 -19.38 38.03
N SER L 221 34.87 -19.50 38.53
CA SER L 221 34.44 -20.72 39.20
C SER L 221 34.42 -21.90 38.24
N ARG L 222 34.02 -21.67 36.99
CA ARG L 222 34.01 -22.73 35.99
C ARG L 222 35.42 -23.09 35.52
N GLY L 223 36.33 -22.11 35.51
CA GLY L 223 37.65 -22.34 34.96
C GLY L 223 37.74 -22.13 33.47
N GLU L 224 36.85 -21.31 32.91
CA GLU L 224 36.84 -21.06 31.47
C GLU L 224 37.82 -19.96 31.07
N LEU L 225 37.78 -18.80 31.75
CA LEU L 225 38.53 -17.62 31.36
C LEU L 225 39.54 -17.29 32.44
N THR L 226 40.78 -17.01 32.03
CA THR L 226 41.82 -16.47 32.88
C THR L 226 42.25 -15.13 32.31
N VAL L 227 42.07 -14.05 33.07
CA VAL L 227 42.40 -12.70 32.65
C VAL L 227 43.39 -12.13 33.67
N ILE L 228 44.46 -11.51 33.17
CA ILE L 228 45.66 -11.26 33.97
C ILE L 228 46.06 -9.79 33.90
N GLY L 229 46.61 -9.30 35.01
CA GLY L 229 47.00 -7.90 35.10
C GLY L 229 47.26 -7.52 36.54
N ALA L 230 47.55 -6.22 36.73
CA ALA L 230 48.09 -5.72 37.99
C ALA L 230 47.13 -4.76 38.68
N THR L 231 47.46 -4.45 39.93
CA THR L 231 46.72 -3.46 40.72
C THR L 231 47.61 -3.01 41.88
N THR L 232 47.01 -2.35 42.87
CA THR L 232 47.70 -1.97 44.10
C THR L 232 47.68 -3.15 45.07
N GLN L 233 48.83 -3.41 45.70
CA GLN L 233 48.92 -4.58 46.60
C GLN L 233 47.99 -4.45 47.79
N ASP L 234 47.73 -3.24 48.26
CA ASP L 234 46.80 -3.00 49.35
C ASP L 234 45.34 -3.10 48.92
N GLU L 235 45.05 -2.87 47.64
CA GLU L 235 43.69 -3.08 47.13
C GLU L 235 43.32 -4.55 47.11
N TYR L 236 44.32 -5.44 47.10
CA TYR L 236 44.08 -6.88 47.12
C TYR L 236 43.35 -7.36 48.37
N ARG L 237 43.33 -6.54 49.43
CA ARG L 237 42.68 -6.90 50.69
C ARG L 237 41.22 -7.31 50.49
N ASN L 238 40.54 -6.79 49.46
CA ASN L 238 39.15 -7.09 49.21
C ASN L 238 38.89 -8.53 48.75
N THR L 239 39.95 -9.33 48.60
CA THR L 239 39.79 -10.76 48.32
C THR L 239 38.89 -11.44 49.34
N ILE L 240 38.99 -11.00 50.60
CA ILE L 240 38.25 -11.63 51.69
C ILE L 240 36.74 -11.56 51.48
N LEU L 241 36.27 -10.58 50.71
CA LEU L 241 34.83 -10.45 50.47
C LEU L 241 34.27 -11.67 49.75
N LYS L 242 34.94 -12.14 48.70
CA LYS L 242 34.56 -13.34 47.95
C LYS L 242 35.82 -14.17 47.72
N ASN L 243 36.52 -14.47 48.81
CA ASN L 243 37.67 -15.38 48.77
C ASN L 243 37.37 -16.69 48.05
N ALA L 244 36.14 -17.21 48.16
CA ALA L 244 35.80 -18.48 47.54
C ALA L 244 35.98 -18.43 46.03
N ALA L 245 35.76 -17.27 45.40
CA ALA L 245 35.99 -17.10 43.97
C ALA L 245 37.36 -16.53 43.64
N LEU L 246 37.91 -15.69 44.53
CA LEU L 246 39.15 -14.97 44.26
C LEU L 246 40.36 -15.64 44.93
N ALA L 247 40.27 -15.98 46.22
CA ALA L 247 41.40 -16.61 46.89
C ALA L 247 41.63 -18.03 46.37
N ARG L 248 40.55 -18.74 46.05
CA ARG L 248 40.66 -20.11 45.54
C ARG L 248 40.93 -20.17 44.04
N ARG L 249 41.27 -19.05 43.40
CA ARG L 249 41.60 -19.01 41.99
C ARG L 249 42.86 -18.21 41.67
N PHE L 250 43.52 -17.64 42.67
CA PHE L 250 44.61 -16.68 42.46
C PHE L 250 45.90 -17.13 43.12
N ASN L 251 47.00 -16.48 42.70
CA ASN L 251 48.33 -16.67 43.25
C ASN L 251 49.04 -15.33 43.22
N GLU L 252 49.72 -14.98 44.30
CA GLU L 252 50.31 -13.64 44.41
C GLU L 252 51.63 -13.55 43.67
N VAL L 253 51.88 -12.38 43.06
CA VAL L 253 53.12 -12.08 42.35
C VAL L 253 54.03 -11.30 43.27
N LYS L 254 55.34 -11.52 43.14
CA LYS L 254 56.34 -10.71 43.83
C LYS L 254 56.49 -9.41 43.05
N VAL L 255 56.32 -8.31 43.77
CA VAL L 255 55.87 -7.03 43.21
C VAL L 255 56.79 -6.55 42.11
N ASN L 256 58.01 -6.14 42.47
CA ASN L 256 58.94 -5.52 41.54
C ASN L 256 60.23 -5.22 42.30
N ALA L 257 61.28 -4.90 41.55
CA ALA L 257 62.55 -4.47 42.13
C ALA L 257 63.26 -3.53 41.16
N PRO L 258 62.76 -2.29 40.99
CA PRO L 258 63.39 -1.37 40.01
C PRO L 258 64.72 -0.81 40.51
N SER L 259 65.78 -1.56 40.27
CA SER L 259 67.11 -1.15 40.70
C SER L 259 67.71 -0.14 39.72
N ALA L 260 68.61 0.70 40.22
CA ALA L 260 69.31 1.65 39.34
C ALA L 260 70.32 0.96 38.45
N GLU L 261 70.74 -0.27 38.81
CA GLU L 261 71.71 -0.99 37.99
C GLU L 261 71.16 -1.27 36.60
N ASN L 262 69.95 -1.81 36.51
CA ASN L 262 69.32 -2.05 35.21
C ASN L 262 68.73 -0.80 34.61
N THR L 263 68.51 0.24 35.41
CA THR L 263 68.01 1.52 34.89
C THR L 263 68.94 2.08 33.82
N PHE L 264 70.26 2.03 34.06
CA PHE L 264 71.20 2.72 33.18
C PHE L 264 71.18 2.14 31.77
N LYS L 265 71.18 0.81 31.65
CA LYS L 265 71.10 0.19 30.33
C LYS L 265 69.80 0.56 29.64
N ILE L 266 68.72 0.67 30.41
CA ILE L 266 67.47 1.17 29.85
C ILE L 266 67.65 2.63 29.42
N LEU L 267 68.28 3.45 30.27
CA LEU L 267 68.46 4.87 29.97
C LEU L 267 69.18 5.09 28.64
N GLN L 268 70.11 4.20 28.28
CA GLN L 268 70.68 4.25 26.94
C GLN L 268 69.64 3.90 25.89
N GLY L 269 68.68 3.05 26.24
CA GLY L 269 67.56 2.81 25.35
C GLY L 269 66.59 3.98 25.32
N ILE L 270 66.55 4.78 26.39
CA ILE L 270 65.62 5.90 26.45
C ILE L 270 66.10 7.05 25.56
N ARG L 271 67.41 7.29 25.54
CA ARG L 271 67.91 8.41 24.73
C ARG L 271 67.65 8.18 23.25
N ASP L 272 68.03 7.02 22.71
CA ASP L 272 67.79 6.67 21.31
C ASP L 272 66.31 6.69 20.92
N LEU L 273 65.41 6.64 21.90
CA LEU L 273 63.98 6.79 21.69
C LEU L 273 63.52 8.23 21.68
N TYR L 274 64.22 9.13 22.40
CA TYR L 274 63.78 10.51 22.58
C TYR L 274 64.81 11.57 22.19
N GLN L 275 66.11 11.27 22.21
CA GLN L 275 67.09 12.32 21.94
C GLN L 275 67.02 12.80 20.49
N GLN L 276 66.48 12.00 19.57
CA GLN L 276 66.29 12.45 18.21
C GLN L 276 65.13 13.44 18.07
N HIS L 277 64.26 13.55 19.09
CA HIS L 277 63.10 14.43 18.99
C HIS L 277 63.50 15.90 18.96
N HIS L 278 64.56 16.29 19.69
CA HIS L 278 64.94 17.69 19.85
C HIS L 278 66.34 17.97 19.32
N ASN L 279 66.94 17.04 18.56
CA ASN L 279 68.31 17.20 18.07
C ASN L 279 69.29 17.38 19.23
N VAL L 280 69.06 16.63 20.31
CA VAL L 280 69.86 16.72 21.53
C VAL L 280 70.76 15.49 21.61
N ILE L 281 71.91 15.65 22.24
CA ILE L 281 72.77 14.53 22.64
C ILE L 281 72.62 14.34 24.14
N LEU L 282 72.46 13.08 24.56
CA LEU L 282 72.31 12.70 25.96
C LEU L 282 73.40 11.70 26.30
N PRO L 283 74.63 12.15 26.54
CA PRO L 283 75.73 11.21 26.80
C PRO L 283 75.53 10.47 28.13
N ASP L 284 76.50 9.60 28.43
CA ASP L 284 76.39 8.72 29.59
C ASP L 284 76.35 9.50 30.89
N GLU L 285 77.17 10.55 31.02
CA GLU L 285 77.19 11.31 32.26
C GLU L 285 75.88 12.03 32.52
N VAL L 286 75.12 12.36 31.47
CA VAL L 286 73.79 12.95 31.64
C VAL L 286 72.80 11.89 32.10
N LEU L 287 72.85 10.70 31.49
CA LEU L 287 71.97 9.62 31.89
C LEU L 287 72.20 9.23 33.35
N LYS L 288 73.47 9.09 33.74
CA LYS L 288 73.79 8.80 35.14
C LYS L 288 73.32 9.92 36.05
N ALA L 289 73.61 11.17 35.68
CA ALA L 289 73.19 12.30 36.48
C ALA L 289 71.68 12.41 36.58
N ALA L 290 70.95 11.90 35.57
CA ALA L 290 69.50 11.95 35.59
C ALA L 290 68.90 11.14 36.73
N VAL L 291 69.65 10.17 37.28
CA VAL L 291 69.21 9.36 38.41
C VAL L 291 70.14 9.52 39.61
N ASP L 292 71.45 9.48 39.36
CA ASP L 292 72.42 9.54 40.47
C ASP L 292 72.34 10.86 41.22
N TYR L 293 72.12 11.98 40.51
CA TYR L 293 71.95 13.27 41.15
C TYR L 293 70.51 13.48 41.62
N SER L 294 69.54 12.96 40.88
CA SER L 294 68.14 13.24 41.18
C SER L 294 67.57 12.35 42.28
N VAL L 295 68.07 11.12 42.43
CA VAL L 295 67.54 10.18 43.43
C VAL L 295 67.53 10.81 44.83
N GLN L 296 68.46 11.71 45.10
CA GLN L 296 68.53 12.38 46.39
C GLN L 296 67.29 13.19 46.71
N TYR L 297 66.60 13.72 45.69
CA TYR L 297 65.52 14.69 45.87
C TYR L 297 64.20 14.21 45.26
N ILE L 298 64.03 12.91 45.09
CA ILE L 298 62.80 12.33 44.54
C ILE L 298 62.30 11.27 45.52
N PRO L 299 61.41 11.60 46.44
CA PRO L 299 60.78 10.56 47.27
C PRO L 299 59.67 9.77 46.58
N GLN L 300 59.54 9.86 45.26
CA GLN L 300 58.42 9.29 44.53
C GLN L 300 58.74 7.90 44.02
N ARG L 301 57.69 7.10 43.88
CA ARG L 301 57.80 5.80 43.22
C ARG L 301 58.07 5.95 41.72
N SER L 302 57.84 7.14 41.16
CA SER L 302 57.99 7.37 39.73
C SER L 302 59.42 7.73 39.32
N LEU L 303 60.42 7.49 40.18
CA LEU L 303 61.81 7.79 39.86
C LEU L 303 62.33 7.13 38.58
N PRO L 304 62.03 5.85 38.29
CA PRO L 304 62.65 5.21 37.11
C PRO L 304 62.35 5.91 35.79
N ASP L 305 61.28 6.70 35.71
CA ASP L 305 60.96 7.50 34.55
C ASP L 305 61.20 8.99 34.77
N LYS L 306 61.78 9.38 35.91
CA LYS L 306 62.09 10.79 36.13
C LYS L 306 63.20 11.26 35.21
N ALA L 307 64.08 10.35 34.77
CA ALA L 307 65.16 10.75 33.86
C ALA L 307 64.61 11.27 32.54
N ILE L 308 63.45 10.77 32.11
CA ILE L 308 62.82 11.30 30.91
C ILE L 308 62.41 12.76 31.12
N ASP L 309 61.81 13.06 32.28
CA ASP L 309 61.35 14.42 32.56
C ASP L 309 62.51 15.40 32.56
N LEU L 310 63.69 14.97 33.05
CA LEU L 310 64.82 15.90 33.14
C LEU L 310 65.39 16.20 31.76
N VAL L 311 65.49 15.19 30.89
CA VAL L 311 65.98 15.45 29.54
C VAL L 311 64.89 16.09 28.69
N ASP L 312 63.62 15.83 28.99
CA ASP L 312 62.53 16.50 28.28
C ASP L 312 62.51 17.99 28.61
N VAL L 313 62.58 18.33 29.89
CA VAL L 313 62.55 19.73 30.29
C VAL L 313 63.86 20.42 29.93
N THR L 314 64.96 19.67 29.95
CA THR L 314 66.24 20.22 29.49
C THR L 314 66.14 20.69 28.04
N ALA L 315 65.63 19.83 27.16
CA ALA L 315 65.42 20.21 25.78
C ALA L 315 64.43 21.36 25.66
N ALA L 316 63.42 21.38 26.54
CA ALA L 316 62.46 22.48 26.54
C ALA L 316 63.13 23.79 26.90
N HIS L 317 64.05 23.76 27.86
CA HIS L 317 64.75 24.97 28.27
C HIS L 317 65.88 25.30 27.30
N LEU L 318 66.58 24.29 26.78
CA LEU L 318 67.55 24.54 25.72
C LEU L 318 66.88 25.04 24.45
N ALA L 319 65.62 24.65 24.21
CA ALA L 319 64.89 25.12 23.05
C ALA L 319 64.58 26.61 23.10
N ALA L 320 64.80 27.26 24.25
CA ALA L 320 64.64 28.71 24.33
C ALA L 320 65.73 29.45 23.55
N GLN L 321 66.80 28.76 23.16
CA GLN L 321 67.84 29.40 22.35
C GLN L 321 67.37 29.61 20.91
N HIS L 322 66.66 28.64 20.32
CA HIS L 322 66.25 28.70 18.92
C HIS L 322 64.75 28.41 18.78
N PRO L 323 63.89 29.32 19.23
CA PRO L 323 62.47 29.27 18.84
C PRO L 323 62.09 30.16 17.66
N VAL L 324 63.03 30.84 17.00
CA VAL L 324 62.70 31.90 16.06
C VAL L 324 63.41 31.77 14.72
N THR L 325 63.94 30.59 14.41
CA THR L 325 64.53 30.39 13.10
C THR L 325 63.45 30.49 12.04
N ASP L 326 63.67 31.36 11.06
CA ASP L 326 62.71 31.59 9.98
C ASP L 326 62.92 30.60 8.84
N VAL L 327 62.80 29.30 9.19
CA VAL L 327 62.85 28.26 8.17
C VAL L 327 61.74 28.44 7.16
N HIS L 328 60.58 28.92 7.62
CA HIS L 328 59.44 29.11 6.73
C HIS L 328 59.63 30.31 5.80
N ALA L 329 60.53 31.24 6.11
CA ALA L 329 60.80 32.35 5.21
C ALA L 329 61.30 31.87 3.86
N VAL L 330 62.05 30.76 3.85
CA VAL L 330 62.52 30.19 2.59
C VAL L 330 61.46 29.26 2.01
N GLU L 331 60.75 28.50 2.85
CA GLU L 331 59.69 27.63 2.36
C GLU L 331 58.62 28.42 1.63
N ARG L 332 58.27 29.59 2.16
CA ARG L 332 57.27 30.42 1.49
C ARG L 332 57.83 30.97 0.18
N GLU L 333 59.14 31.18 0.10
CA GLU L 333 59.76 31.55 -1.17
C GLU L 333 59.72 30.39 -2.16
N ILE L 334 59.91 29.16 -1.67
CA ILE L 334 59.88 28.00 -2.55
C ILE L 334 58.49 27.81 -3.12
N GLU L 335 57.46 27.92 -2.27
CA GLU L 335 56.09 27.74 -2.74
C GLU L 335 55.71 28.77 -3.79
N THR L 336 56.27 29.98 -3.69
CA THR L 336 56.09 30.98 -4.73
C THR L 336 56.82 30.57 -6.01
N GLU L 337 58.11 30.24 -5.89
CA GLU L 337 58.90 29.88 -7.05
C GLU L 337 58.41 28.59 -7.69
N LYS L 338 57.94 27.64 -6.88
CA LYS L 338 57.34 26.44 -7.43
C LYS L 338 56.03 26.77 -8.16
N ASP L 339 55.25 27.70 -7.61
CA ASP L 339 54.00 28.09 -8.25
C ASP L 339 54.27 28.76 -9.60
N LYS L 340 55.36 29.52 -9.70
CA LYS L 340 55.78 30.04 -11.01
C LYS L 340 56.28 28.91 -11.89
N GLN L 341 57.04 27.98 -11.31
CA GLN L 341 57.56 26.83 -12.05
C GLN L 341 56.43 26.05 -12.71
N GLU L 342 55.36 25.77 -11.96
CA GLU L 342 54.22 25.07 -12.53
C GLU L 342 53.61 25.84 -13.70
N LYS L 343 53.69 27.17 -13.66
CA LYS L 343 53.16 27.97 -14.75
C LYS L 343 54.14 28.05 -15.92
N ALA L 344 55.44 28.09 -15.63
CA ALA L 344 56.44 28.03 -16.68
C ALA L 344 56.33 26.71 -17.46
N VAL L 345 55.92 25.65 -16.78
CA VAL L 345 55.77 24.35 -17.44
C VAL L 345 54.55 24.34 -18.34
N GLU L 346 53.42 24.86 -17.86
CA GLU L 346 52.20 24.88 -18.66
C GLU L 346 52.40 25.73 -19.92
N ALA L 347 53.17 26.81 -19.81
CA ALA L 347 53.55 27.61 -20.97
C ALA L 347 54.68 26.98 -21.78
N GLU L 348 55.23 25.86 -21.31
CA GLU L 348 56.34 25.19 -21.98
C GLU L 348 57.53 26.13 -22.13
N ASP L 349 57.78 26.91 -21.08
CA ASP L 349 58.95 27.79 -20.98
C ASP L 349 59.92 27.09 -20.03
N PHE L 350 60.83 26.30 -20.59
CA PHE L 350 61.68 25.40 -19.81
C PHE L 350 63.06 25.97 -19.53
N GLU L 351 63.45 27.09 -20.15
CA GLU L 351 64.57 27.85 -19.61
C GLU L 351 64.18 28.46 -18.26
N ALA L 352 62.96 29.00 -18.17
CA ALA L 352 62.48 29.55 -16.92
C ALA L 352 62.21 28.44 -15.90
N ALA L 353 61.61 27.34 -16.35
CA ALA L 353 61.29 26.24 -15.44
C ALA L 353 62.55 25.63 -14.85
N LEU L 354 63.60 25.46 -15.67
CA LEU L 354 64.86 24.94 -15.16
C LEU L 354 65.50 25.91 -14.18
N ASN L 355 65.44 27.20 -14.46
CA ASN L 355 66.01 28.20 -13.56
C ASN L 355 65.36 28.15 -12.19
N TYR L 356 64.06 27.84 -12.13
CA TYR L 356 63.37 27.78 -10.85
C TYR L 356 63.72 26.51 -10.09
N LYS L 357 63.78 25.37 -10.78
CA LYS L 357 64.25 24.15 -10.13
C LYS L 357 65.69 24.31 -9.64
N THR L 358 66.49 25.12 -10.34
CA THR L 358 67.85 25.39 -9.90
C THR L 358 67.85 26.19 -8.60
N ARG L 359 67.07 27.28 -8.55
CA ARG L 359 67.05 28.11 -7.35
C ARG L 359 66.47 27.35 -6.16
N ILE L 360 65.35 26.63 -6.36
CA ILE L 360 64.70 25.92 -5.26
C ILE L 360 65.66 24.90 -4.65
N ALA L 361 66.42 24.19 -5.48
CA ALA L 361 67.37 23.21 -4.97
C ALA L 361 68.36 23.87 -4.01
N GLU L 362 68.88 25.04 -4.37
CA GLU L 362 69.70 25.80 -3.44
C GLU L 362 68.89 26.21 -2.22
N LEU L 363 67.66 26.69 -2.43
CA LEU L 363 66.85 27.14 -1.29
C LEU L 363 66.51 25.98 -0.36
N GLU L 364 66.27 24.79 -0.93
CA GLU L 364 66.01 23.62 -0.08
C GLU L 364 67.26 23.22 0.71
N ARG L 365 68.43 23.34 0.11
CA ARG L 365 69.67 23.04 0.82
C ARG L 365 69.92 24.04 1.94
N LYS L 366 69.48 25.30 1.76
CA LYS L 366 69.63 26.28 2.82
C LYS L 366 68.80 25.90 4.04
N ILE L 367 67.55 25.48 3.83
CA ILE L 367 66.68 25.08 4.94
C ILE L 367 67.29 23.91 5.70
N GLU L 368 67.68 22.86 4.96
CA GLU L 368 68.19 21.64 5.59
C GLU L 368 69.47 21.92 6.37
N ASN L 369 70.25 22.92 5.95
CA ASN L 369 71.47 23.27 6.65
C ASN L 369 71.23 24.10 7.91
N HIS L 370 70.01 24.61 8.10
CA HIS L 370 69.70 25.32 9.35
C HIS L 370 69.78 24.41 10.56
N THR L 371 69.50 23.11 10.38
CA THR L 371 69.59 22.15 11.48
C THR L 371 70.97 22.15 12.11
N GLU L 372 72.02 22.35 11.31
CA GLU L 372 73.39 22.30 11.83
C GLU L 372 73.74 23.49 12.70
N ASP L 373 72.97 24.59 12.62
CA ASP L 373 73.17 25.75 13.47
C ASP L 373 72.33 25.69 14.75
N MET L 374 71.69 24.55 15.05
CA MET L 374 70.75 24.41 16.16
C MET L 374 71.05 23.12 16.92
N LYS L 375 72.32 22.87 17.22
CA LYS L 375 72.69 21.74 18.06
C LYS L 375 72.27 22.02 19.50
N VAL L 376 71.69 21.01 20.13
CA VAL L 376 71.11 21.12 21.46
C VAL L 376 72.01 20.31 22.40
N THR L 377 72.81 21.01 23.21
CA THR L 377 73.84 20.38 24.04
C THR L 377 73.80 21.00 25.44
N ALA L 378 73.17 20.30 26.38
CA ALA L 378 73.29 20.68 27.78
C ALA L 378 74.61 20.21 28.37
N SER L 379 75.17 21.02 29.25
CA SER L 379 76.15 20.52 30.19
C SER L 379 75.45 19.68 31.24
N VAL L 380 76.15 18.67 31.76
CA VAL L 380 75.59 17.85 32.83
C VAL L 380 75.30 18.70 34.06
N ASN L 381 76.04 19.80 34.24
CA ASN L 381 75.72 20.75 35.30
C ASN L 381 74.40 21.47 35.04
N ASP L 382 74.10 21.76 33.77
CA ASP L 382 72.82 22.38 33.42
C ASP L 382 71.67 21.41 33.62
N VAL L 383 71.88 20.13 33.30
CA VAL L 383 70.86 19.12 33.57
C VAL L 383 70.62 19.01 35.08
N ALA L 384 71.70 19.05 35.86
CA ALA L 384 71.55 19.02 37.31
C ALA L 384 70.84 20.27 37.81
N GLU L 385 71.02 21.40 37.11
CA GLU L 385 70.34 22.62 37.53
C GLU L 385 68.85 22.58 37.17
N SER L 386 68.47 21.77 36.17
CA SER L 386 67.05 21.53 35.90
C SER L 386 66.32 21.00 37.12
N VAL L 387 67.01 20.26 37.99
CA VAL L 387 66.38 19.69 39.18
C VAL L 387 65.93 20.79 40.12
N GLU L 388 66.60 21.96 40.07
CA GLU L 388 66.21 23.10 40.91
C GLU L 388 65.19 23.99 40.21
N ARG L 389 65.33 24.17 38.88
CA ARG L 389 64.52 25.17 38.18
C ARG L 389 63.04 24.88 38.31
N MET L 390 62.63 23.63 38.10
CA MET L 390 61.24 23.23 38.17
C MET L 390 60.85 22.60 39.51
N THR L 391 61.69 22.76 40.55
CA THR L 391 61.38 22.28 41.89
C THR L 391 61.53 23.39 42.91
N GLY L 392 62.45 24.33 42.67
CA GLY L 392 62.64 25.45 43.58
C GLY L 392 63.41 25.12 44.83
N ILE L 393 64.35 24.20 44.76
CA ILE L 393 65.03 23.64 45.93
C ILE L 393 66.50 24.05 45.84
N PRO L 394 67.01 24.98 46.70
CA PRO L 394 68.34 25.63 46.44
C PRO L 394 69.53 24.70 46.67
N VAL L 395 69.89 23.94 45.62
CA VAL L 395 70.86 22.85 45.74
C VAL L 395 71.91 22.88 44.62
N SER L 396 72.12 24.05 44.01
CA SER L 396 73.11 24.15 42.95
C SER L 396 74.53 23.86 43.43
N GLN L 397 74.78 23.94 44.74
CA GLN L 397 76.10 23.66 45.29
C GLN L 397 76.50 22.19 45.20
N MET L 398 75.53 21.29 44.97
CA MET L 398 75.81 19.86 44.94
C MET L 398 76.40 19.46 43.59
N GLY L 399 77.12 18.33 43.53
CA GLY L 399 77.46 17.44 44.63
C GLY L 399 77.58 15.98 44.22
N ALA L 400 78.14 15.19 45.14
CA ALA L 400 78.28 13.74 45.02
C ALA L 400 77.73 13.19 46.33
N SER L 401 76.50 13.61 46.65
CA SER L 401 76.07 13.87 48.01
C SER L 401 75.33 12.71 48.66
N ASP L 402 75.74 11.47 48.39
CA ASP L 402 75.20 10.35 49.15
C ASP L 402 75.59 10.47 50.62
N ILE L 403 76.81 10.91 50.90
CA ILE L 403 77.35 11.00 52.26
C ILE L 403 77.35 12.45 52.72
N GLU L 404 77.55 13.38 51.77
CA GLU L 404 77.65 14.80 52.12
C GLU L 404 76.41 15.28 52.87
N ARG L 405 75.23 14.91 52.40
CA ARG L 405 74.01 15.31 53.12
C ARG L 405 73.90 14.60 54.47
N LEU L 406 74.34 13.34 54.53
CA LEU L 406 74.22 12.56 55.75
C LEU L 406 74.92 13.24 56.92
N LYS L 407 76.12 13.78 56.67
CA LYS L 407 76.92 14.39 57.72
C LYS L 407 76.71 15.89 57.84
N ASP L 408 76.49 16.59 56.72
CA ASP L 408 76.48 18.06 56.74
C ASP L 408 75.09 18.65 56.95
N MET L 409 74.01 17.94 56.62
CA MET L 409 72.68 18.50 56.84
C MET L 409 72.42 18.70 58.33
N ALA L 410 73.04 17.88 59.18
CA ALA L 410 72.94 18.09 60.61
C ALA L 410 73.60 19.40 61.01
N HIS L 411 74.81 19.66 60.50
CA HIS L 411 75.48 20.93 60.74
C HIS L 411 74.74 22.07 60.05
N ARG L 412 74.21 21.81 58.85
CA ARG L 412 73.47 22.83 58.13
C ARG L 412 72.21 23.24 58.88
N LEU L 413 71.59 22.30 59.59
CA LEU L 413 70.41 22.63 60.39
C LEU L 413 70.76 23.65 61.47
N GLN L 414 71.70 23.28 62.36
CA GLN L 414 71.98 24.08 63.55
C GLN L 414 72.40 25.51 63.22
N ASP L 415 72.93 25.75 62.02
CA ASP L 415 73.25 27.10 61.59
C ASP L 415 72.00 27.98 61.52
N LYS L 416 70.81 27.37 61.39
CA LYS L 416 69.54 28.11 61.34
C LYS L 416 68.65 27.85 62.55
N VAL L 417 69.12 27.09 63.55
CA VAL L 417 68.29 26.73 64.70
C VAL L 417 68.46 27.79 65.78
N ILE L 418 67.39 28.02 66.54
CA ILE L 418 67.44 28.79 67.78
C ILE L 418 67.07 27.83 68.89
N GLY L 419 68.06 27.30 69.59
CA GLY L 419 67.81 26.44 70.74
C GLY L 419 68.97 25.50 70.97
N GLN L 420 68.65 24.42 71.71
CA GLN L 420 69.65 23.42 72.07
C GLN L 420 70.22 22.75 70.83
N ASP L 421 71.46 22.27 70.95
CA ASP L 421 72.16 21.72 69.79
C ASP L 421 72.03 20.20 69.69
N LYS L 422 71.80 19.50 70.80
CA LYS L 422 71.73 18.04 70.75
C LYS L 422 70.45 17.52 70.08
N ALA L 423 69.52 18.41 69.73
CA ALA L 423 68.31 17.96 69.05
C ALA L 423 68.61 17.36 67.69
N VAL L 424 69.62 17.87 66.99
CA VAL L 424 69.88 17.39 65.63
C VAL L 424 70.44 15.96 65.68
N GLU L 425 71.24 15.63 66.69
CA GLU L 425 71.80 14.28 66.78
C GLU L 425 70.71 13.23 66.95
N VAL L 426 69.59 13.61 67.58
CA VAL L 426 68.46 12.70 67.71
C VAL L 426 67.76 12.51 66.37
N VAL L 427 67.45 13.62 65.68
CA VAL L 427 66.62 13.54 64.48
C VAL L 427 67.45 13.21 63.25
N ALA L 428 68.67 13.74 63.15
CA ALA L 428 69.49 13.53 61.95
C ALA L 428 69.90 12.06 61.82
N ARG L 429 70.27 11.43 62.95
CA ARG L 429 70.71 10.04 62.93
C ARG L 429 69.64 9.12 62.33
N ALA L 430 68.36 9.47 62.53
CA ALA L 430 67.29 8.65 61.98
C ALA L 430 67.16 8.89 60.47
N ILE L 431 67.46 10.11 60.02
CA ILE L 431 67.54 10.43 58.60
C ILE L 431 68.82 9.85 58.02
N CYS L 432 69.83 9.62 58.86
CA CYS L 432 71.08 9.04 58.40
C CYS L 432 70.97 7.53 58.25
N ARG L 433 70.54 6.83 59.31
CA ARG L 433 70.54 5.37 59.27
C ARG L 433 69.53 4.83 58.26
N ASN L 434 68.41 5.52 58.06
CA ASN L 434 67.46 5.13 57.02
C ASN L 434 68.07 5.32 55.63
N ARG L 435 68.54 6.53 55.33
CA ARG L 435 69.10 6.80 54.01
C ARG L 435 70.32 5.92 53.74
N ALA L 436 71.06 5.56 54.79
CA ALA L 436 72.15 4.61 54.64
C ALA L 436 71.63 3.19 54.40
N GLY L 437 70.41 2.90 54.84
CA GLY L 437 69.84 1.58 54.74
C GLY L 437 70.03 0.70 55.95
N PHE L 438 70.55 1.25 57.05
CA PHE L 438 70.74 0.49 58.29
C PHE L 438 69.54 0.74 59.20
N ASP L 439 68.51 -0.07 58.96
CA ASP L 439 67.24 0.07 59.64
C ASP L 439 66.56 -1.30 59.60
N GLU L 440 65.90 -1.64 60.70
CA GLU L 440 65.31 -2.96 60.85
C GLU L 440 64.25 -3.20 59.79
N GLY L 441 63.88 -4.47 59.61
CA GLY L 441 63.03 -4.86 58.49
C GLY L 441 61.68 -4.20 58.49
N ASN L 442 61.16 -3.84 59.68
CA ASN L 442 59.89 -3.11 59.80
C ASN L 442 60.01 -2.14 60.97
N ARG L 443 60.44 -0.93 60.67
CA ARG L 443 60.32 0.19 61.59
C ARG L 443 59.93 1.43 60.79
N PRO L 444 58.80 2.07 61.09
CA PRO L 444 58.82 3.52 60.77
C PRO L 444 59.91 4.16 61.63
N ILE L 445 60.36 5.34 61.21
CA ILE L 445 61.61 5.99 61.62
C ILE L 445 61.88 5.83 63.12
N GLY L 446 60.84 6.04 63.91
CA GLY L 446 60.96 6.09 65.35
C GLY L 446 60.18 7.27 65.89
N ASN L 447 59.75 7.14 67.14
CA ASN L 447 58.86 8.10 67.76
C ASN L 447 59.69 9.13 68.53
N PHE L 448 59.52 10.40 68.19
CA PHE L 448 60.25 11.51 68.79
C PHE L 448 59.30 12.38 69.61
N LEU L 449 59.83 12.93 70.70
CA LEU L 449 59.08 13.81 71.58
C LEU L 449 59.94 15.02 71.91
N PHE L 450 59.44 16.21 71.57
CA PHE L 450 60.05 17.47 71.95
C PHE L 450 59.21 18.12 73.03
N VAL L 451 59.79 18.30 74.22
CA VAL L 451 59.12 18.99 75.31
C VAL L 451 59.56 20.45 75.28
N GLY L 452 58.58 21.35 75.27
CA GLY L 452 58.88 22.76 75.10
C GLY L 452 57.62 23.59 75.21
N SER L 453 57.68 24.78 74.62
CA SER L 453 56.54 25.70 74.60
C SER L 453 56.42 26.29 73.20
N THR L 454 55.33 27.02 72.97
CA THR L 454 54.98 27.49 71.62
C THR L 454 56.00 28.48 71.06
N GLY L 455 55.93 28.69 69.75
CA GLY L 455 56.73 29.73 69.11
C GLY L 455 57.93 29.16 68.38
N VAL L 456 59.09 29.76 68.62
CA VAL L 456 60.31 29.39 67.91
C VAL L 456 60.72 27.96 68.28
N GLY L 457 60.78 27.67 69.58
CA GLY L 457 61.20 26.35 70.02
C GLY L 457 60.28 25.25 69.53
N LYS L 458 59.01 25.57 69.31
CA LYS L 458 58.04 24.57 68.92
C LYS L 458 58.22 24.14 67.47
N THR L 459 58.42 25.10 66.56
CA THR L 459 58.21 24.87 65.13
C THR L 459 59.47 24.84 64.28
N GLU L 460 60.61 25.40 64.73
CA GLU L 460 61.78 25.45 63.86
C GLU L 460 62.25 24.05 63.47
N LEU L 461 62.23 23.11 64.41
CA LEU L 461 62.71 21.76 64.14
C LEU L 461 61.93 21.12 62.99
N ALA L 462 60.60 21.06 63.12
CA ALA L 462 59.79 20.43 62.09
C ALA L 462 59.90 21.15 60.76
N LYS L 463 59.91 22.49 60.78
CA LYS L 463 59.97 23.25 59.53
C LYS L 463 61.33 23.11 58.87
N GLN L 464 62.41 23.27 59.64
CA GLN L 464 63.74 23.28 59.05
C GLN L 464 64.17 21.88 58.60
N LEU L 465 63.71 20.84 59.31
CA LEU L 465 63.96 19.48 58.83
C LEU L 465 63.23 19.23 57.51
N ALA L 466 62.00 19.73 57.39
CA ALA L 466 61.23 19.52 56.17
C ALA L 466 61.89 20.18 54.97
N LEU L 467 62.59 21.31 55.19
CA LEU L 467 63.23 22.02 54.09
C LEU L 467 64.57 21.38 53.69
N ASP L 468 65.23 20.70 54.63
CA ASP L 468 66.44 19.95 54.29
C ASP L 468 66.14 18.54 53.83
N MET L 469 65.07 17.92 54.36
CA MET L 469 64.67 16.61 53.87
C MET L 469 63.90 16.72 52.57
N PHE L 470 62.96 17.66 52.48
CA PHE L 470 61.96 17.65 51.40
C PHE L 470 61.74 19.00 50.74
N GLY L 471 62.22 20.09 51.32
CA GLY L 471 62.46 21.29 50.58
C GLY L 471 61.31 22.28 50.54
N THR L 472 60.08 21.83 50.82
CA THR L 472 58.94 22.73 50.75
C THR L 472 57.89 22.27 51.76
N GLN L 473 56.76 22.98 51.76
CA GLN L 473 55.75 22.88 52.81
C GLN L 473 54.65 21.91 52.41
N ASP L 474 55.05 20.69 52.06
CA ASP L 474 54.13 19.69 51.52
C ASP L 474 54.01 18.45 52.40
N ALA L 475 55.14 17.82 52.76
CA ALA L 475 55.12 16.54 53.44
C ALA L 475 55.14 16.72 54.96
N ILE L 476 54.04 17.27 55.46
CA ILE L 476 53.92 17.51 56.90
C ILE L 476 52.45 17.69 57.24
N ILE L 477 51.99 17.03 58.31
CA ILE L 477 50.63 17.18 58.82
C ILE L 477 50.74 17.51 60.31
N ARG L 478 49.92 18.47 60.74
CA ARG L 478 49.82 18.84 62.15
C ARG L 478 48.53 18.30 62.73
N LEU L 479 48.65 17.46 63.77
CA LEU L 479 47.50 16.94 64.49
C LEU L 479 47.19 17.90 65.63
N ASP L 480 46.10 18.63 65.50
CA ASP L 480 45.72 19.65 66.46
C ASP L 480 45.03 18.97 67.65
N MET L 481 45.72 18.88 68.78
CA MET L 481 45.10 18.37 69.98
C MET L 481 44.10 19.35 70.59
N SER L 482 44.00 20.58 70.07
CA SER L 482 42.97 21.49 70.55
C SER L 482 41.58 20.94 70.30
N GLU L 483 41.43 20.14 69.23
CA GLU L 483 40.21 19.37 69.01
C GLU L 483 40.06 18.20 69.98
N TYR L 484 41.05 17.94 70.84
CA TYR L 484 41.04 16.86 71.81
C TYR L 484 41.09 17.36 73.25
N SER L 485 40.43 18.49 73.54
CA SER L 485 40.36 18.98 74.91
C SER L 485 39.28 18.23 75.70
N ASP L 486 39.70 17.42 76.68
CA ASP L 486 38.73 16.71 77.50
C ASP L 486 37.89 17.66 78.35
N ARG L 487 38.40 18.85 78.66
CA ARG L 487 37.74 19.76 79.58
C ARG L 487 36.67 20.62 78.90
N THR L 488 36.88 20.97 77.63
CA THR L 488 36.10 22.00 76.96
C THR L 488 35.33 21.49 75.74
N ALA L 489 35.37 20.20 75.44
CA ALA L 489 34.71 19.66 74.26
C ALA L 489 33.21 19.54 74.52
N VAL L 490 32.56 20.70 74.59
CA VAL L 490 31.11 20.78 74.68
C VAL L 490 30.61 21.74 73.60
N SER L 491 31.34 21.79 72.47
CA SER L 491 31.02 22.65 71.34
C SER L 491 31.12 24.13 71.67
N LYS L 492 31.89 24.52 72.69
CA LYS L 492 32.29 25.91 72.78
C LYS L 492 33.14 26.28 71.57
N LEU L 493 34.02 25.37 71.18
CA LEU L 493 34.83 25.43 69.97
C LEU L 493 34.41 24.20 69.16
N ILE L 494 35.26 23.76 68.23
CA ILE L 494 34.94 22.98 67.03
C ILE L 494 33.87 21.92 67.26
N GLY L 495 33.92 21.22 68.40
CA GLY L 495 32.94 20.17 68.61
C GLY L 495 33.05 19.51 69.97
N THR L 496 32.31 18.42 70.11
CA THR L 496 32.15 17.70 71.35
C THR L 496 33.16 16.56 71.46
N THR L 497 32.99 15.77 72.53
CA THR L 497 33.80 14.57 72.76
C THR L 497 33.71 13.60 71.58
N ALA L 498 32.52 13.48 70.98
CA ALA L 498 32.32 12.52 69.90
C ALA L 498 33.12 12.88 68.66
N GLY L 499 33.55 14.13 68.51
CA GLY L 499 34.40 14.52 67.41
C GLY L 499 35.82 14.01 67.47
N TYR L 500 36.20 13.33 68.55
CA TYR L 500 37.54 12.80 68.69
C TYR L 500 37.81 11.61 67.78
N VAL L 501 36.78 10.87 67.39
CA VAL L 501 36.92 9.62 66.66
C VAL L 501 36.42 9.82 65.24
N GLY L 502 37.02 9.10 64.30
CA GLY L 502 36.53 9.08 62.94
C GLY L 502 37.09 10.17 62.05
N TYR L 503 36.94 11.44 62.47
CA TYR L 503 37.34 12.55 61.61
C TYR L 503 38.86 12.58 61.44
N ASP L 504 39.60 12.58 62.56
CA ASP L 504 41.06 12.56 62.52
C ASP L 504 41.54 11.10 62.59
N ASP L 505 40.90 10.26 61.76
CA ASP L 505 41.31 8.88 61.58
C ASP L 505 41.47 8.58 60.10
N ASN L 506 40.50 8.97 59.27
CA ASN L 506 40.64 8.84 57.82
C ASN L 506 39.93 9.94 57.02
N SER L 507 39.32 10.93 57.68
CA SER L 507 38.36 11.78 57.00
C SER L 507 38.99 12.99 56.34
N ASN L 508 38.16 13.90 55.82
CA ASN L 508 38.58 15.06 55.02
C ASN L 508 39.36 16.02 55.93
N THR L 509 40.69 16.11 55.80
CA THR L 509 41.60 15.31 54.96
C THR L 509 42.74 14.79 55.83
N LEU L 510 42.77 13.47 56.01
CA LEU L 510 43.91 12.78 56.60
C LEU L 510 44.60 11.86 55.62
N THR L 511 43.89 10.88 55.08
CA THR L 511 44.53 9.76 54.39
C THR L 511 44.99 10.14 52.99
N GLU L 512 44.25 11.00 52.28
CA GLU L 512 44.64 11.38 50.93
C GLU L 512 45.97 12.13 50.92
N ARG L 513 46.36 12.74 52.04
CA ARG L 513 47.69 13.32 52.19
C ARG L 513 48.72 12.27 52.62
N VAL L 514 48.29 11.27 53.40
CA VAL L 514 49.21 10.20 53.80
C VAL L 514 49.55 9.32 52.61
N ARG L 515 48.64 9.21 51.64
CA ARG L 515 48.91 8.38 50.46
C ARG L 515 49.85 9.08 49.48
N ARG L 516 49.73 10.40 49.32
CA ARG L 516 50.70 11.15 48.55
C ARG L 516 52.05 11.19 49.24
N ASN L 517 52.03 11.22 50.58
CA ASN L 517 53.24 11.28 51.38
C ASN L 517 53.16 10.18 52.44
N PRO L 518 53.50 8.92 52.07
CA PRO L 518 53.61 7.83 53.05
C PRO L 518 54.65 8.07 54.14
N TYR L 519 55.54 9.02 53.88
CA TYR L 519 56.85 9.18 54.52
C TYR L 519 56.88 10.36 55.48
N SER L 520 55.76 11.08 55.60
CA SER L 520 55.76 12.48 55.99
C SER L 520 56.25 12.67 57.42
N ILE L 521 56.36 13.94 57.81
CA ILE L 521 56.49 14.33 59.21
C ILE L 521 55.08 14.38 59.79
N ILE L 522 54.89 13.72 60.93
CA ILE L 522 53.68 13.88 61.73
C ILE L 522 54.04 14.79 62.90
N LEU L 523 53.18 15.76 63.17
CA LEU L 523 53.29 16.60 64.35
C LEU L 523 52.04 16.45 65.20
N LEU L 524 52.23 15.90 66.40
CA LEU L 524 51.18 15.86 67.41
C LEU L 524 51.37 17.10 68.28
N ASP L 525 50.42 18.03 68.16
CA ASP L 525 50.52 19.35 68.77
C ASP L 525 50.03 19.30 70.21
N ALA L 526 50.96 19.39 71.17
CA ALA L 526 50.57 19.55 72.57
C ALA L 526 49.77 18.37 73.15
N ILE L 527 50.46 17.24 73.41
CA ILE L 527 49.85 16.00 73.91
C ILE L 527 48.80 16.27 74.99
N GLU L 528 49.10 17.16 75.95
CA GLU L 528 48.43 17.17 77.25
C GLU L 528 46.92 17.38 77.21
N LYS L 529 46.34 17.73 76.06
CA LYS L 529 44.93 18.12 76.03
C LYS L 529 43.97 16.97 76.36
N ALA L 530 44.43 15.72 76.38
CA ALA L 530 43.51 14.59 76.41
C ALA L 530 43.97 13.47 77.34
N ASP L 531 43.00 12.60 77.67
CA ASP L 531 43.07 11.28 78.29
C ASP L 531 44.26 10.51 77.72
N PRO L 532 45.06 9.78 78.52
CA PRO L 532 46.20 9.05 77.92
C PRO L 532 45.80 8.02 76.87
N GLN L 533 44.54 7.56 76.87
CA GLN L 533 44.12 6.55 75.91
C GLN L 533 44.00 7.11 74.50
N VAL L 534 43.64 8.40 74.37
CA VAL L 534 43.56 9.03 73.06
C VAL L 534 44.91 9.00 72.37
N ILE L 535 45.94 9.43 73.10
CA ILE L 535 47.30 9.53 72.56
C ILE L 535 47.92 8.15 72.44
N THR L 536 47.48 7.21 73.27
CA THR L 536 48.03 5.86 73.28
C THR L 536 47.68 5.11 72.00
N LEU L 537 46.59 5.49 71.33
CA LEU L 537 46.14 4.75 70.15
C LEU L 537 47.19 4.76 69.05
N LEU L 538 47.64 5.96 68.66
CA LEU L 538 48.56 6.07 67.54
C LEU L 538 49.89 5.40 67.85
N LEU L 539 50.42 5.62 69.05
CA LEU L 539 51.82 5.25 69.31
C LEU L 539 52.00 3.74 69.51
N GLN L 540 51.03 3.06 70.12
CA GLN L 540 51.10 1.61 70.19
C GLN L 540 51.00 0.95 68.82
N VAL L 541 50.43 1.64 67.84
CA VAL L 541 50.16 1.09 66.52
C VAL L 541 51.29 1.39 65.53
N LEU L 542 52.17 2.34 65.84
CA LEU L 542 53.32 2.66 64.99
C LEU L 542 54.46 1.65 65.11
N ASP L 543 54.32 0.61 65.94
CA ASP L 543 55.36 -0.40 66.02
C ASP L 543 55.56 -1.09 64.67
N ASP L 544 54.47 -1.55 64.08
CA ASP L 544 54.51 -2.29 62.83
C ASP L 544 54.37 -1.41 61.60
N GLY L 545 54.30 -0.09 61.77
CA GLY L 545 54.11 0.79 60.63
C GLY L 545 52.80 0.57 59.90
N ARG L 546 51.74 0.21 60.62
CA ARG L 546 50.45 -0.10 60.01
C ARG L 546 49.34 0.24 60.99
N LEU L 547 48.28 0.88 60.49
CA LEU L 547 47.13 1.27 61.29
C LEU L 547 45.85 0.90 60.57
N THR L 548 44.98 0.16 61.25
CA THR L 548 43.65 -0.18 60.73
C THR L 548 42.66 0.90 61.18
N ASP L 549 41.97 1.51 60.21
CA ASP L 549 41.12 2.65 60.48
C ASP L 549 39.71 2.18 60.86
N GLY L 550 38.79 3.14 61.05
CA GLY L 550 37.43 2.83 61.41
C GLY L 550 36.65 2.06 60.37
N GLN L 551 37.02 2.18 59.10
CA GLN L 551 36.34 1.49 58.00
C GLN L 551 36.92 0.12 57.70
N GLY L 552 37.87 -0.35 58.51
CA GLY L 552 38.50 -1.64 58.27
C GLY L 552 39.65 -1.63 57.29
N ASN L 553 40.03 -0.47 56.76
CA ASN L 553 41.16 -0.37 55.84
C ASN L 553 42.45 -0.10 56.62
N THR L 554 43.55 -0.63 56.10
CA THR L 554 44.87 -0.47 56.70
C THR L 554 45.67 0.55 55.92
N VAL L 555 46.21 1.54 56.62
CA VAL L 555 47.21 2.44 56.08
C VAL L 555 48.58 1.84 56.39
N ASN L 556 49.45 1.76 55.38
CA ASN L 556 50.81 1.26 55.55
C ASN L 556 51.78 2.42 55.54
N PHE L 557 52.53 2.58 56.64
CA PHE L 557 53.47 3.68 56.79
C PHE L 557 54.86 3.26 56.30
N LYS L 558 55.39 4.07 55.40
CA LYS L 558 56.82 4.06 55.10
C LYS L 558 57.46 5.19 55.89
N ASN L 559 58.67 4.92 56.40
CA ASN L 559 59.70 5.90 56.72
C ASN L 559 59.14 7.21 57.26
N THR L 560 58.17 7.10 58.16
CA THR L 560 57.47 8.25 58.74
C THR L 560 58.12 8.63 60.06
N VAL L 561 58.30 9.93 60.27
CA VAL L 561 58.78 10.47 61.53
C VAL L 561 57.64 11.22 62.20
N ILE L 562 57.42 10.93 63.48
CA ILE L 562 56.48 11.67 64.31
C ILE L 562 57.28 12.43 65.36
N ILE L 563 57.07 13.74 65.45
CA ILE L 563 57.59 14.57 66.53
C ILE L 563 56.39 15.00 67.35
N ALA L 564 56.13 14.30 68.44
CA ALA L 564 55.10 14.70 69.38
C ALA L 564 55.60 15.88 70.21
N THR L 565 54.66 16.70 70.69
CA THR L 565 54.99 17.91 71.42
C THR L 565 54.06 18.09 72.61
N SER L 566 54.62 18.69 73.67
CA SER L 566 53.89 18.95 74.90
C SER L 566 54.21 20.36 75.38
N ASN L 567 53.39 20.85 76.31
CA ASN L 567 53.64 22.13 76.98
C ASN L 567 54.39 21.84 78.27
N ALA L 568 55.70 22.08 78.24
CA ALA L 568 56.60 21.69 79.31
C ALA L 568 57.09 22.91 80.10
N GLY L 569 57.90 22.64 81.10
CA GLY L 569 58.41 23.67 81.98
C GLY L 569 58.81 23.07 83.31
N PHE L 570 59.09 23.95 84.26
CA PHE L 570 59.43 23.53 85.62
C PHE L 570 59.49 24.75 86.53
N GLY L 571 58.98 24.58 87.75
CA GLY L 571 59.04 25.62 88.76
C GLY L 571 60.22 25.44 89.70
N TYR L 572 60.86 26.57 90.02
CA TYR L 572 62.24 26.56 90.49
C TYR L 572 62.42 27.56 91.62
N GLU L 573 63.65 27.60 92.15
CA GLU L 573 64.01 28.58 93.17
C GLU L 573 64.61 29.83 92.55
N ALA L 574 65.72 29.69 91.83
CA ALA L 574 66.40 30.79 91.16
C ALA L 574 66.67 30.38 89.73
N ASN L 575 66.65 31.37 88.82
CA ASN L 575 66.72 31.10 87.39
C ASN L 575 68.00 30.36 86.98
N LEU L 576 69.03 30.37 87.82
CA LEU L 576 70.21 29.55 87.61
C LEU L 576 70.05 28.12 88.13
N THR L 577 68.85 27.74 88.61
CA THR L 577 68.55 26.39 89.04
C THR L 577 67.43 25.75 88.22
N GLU L 578 67.16 26.27 87.01
CA GLU L 578 66.08 25.74 86.21
C GLU L 578 66.37 24.31 85.76
N ASP L 579 67.61 24.03 85.37
CA ASP L 579 68.02 22.71 84.89
C ASP L 579 68.51 21.80 86.00
N ALA L 580 68.18 22.09 87.26
CA ALA L 580 68.67 21.28 88.36
C ALA L 580 67.99 19.91 88.42
N ASP L 581 66.70 19.87 88.08
CA ASP L 581 65.89 18.65 88.21
C ASP L 581 65.60 18.11 86.81
N LYS L 582 66.42 17.15 86.36
CA LYS L 582 66.40 16.71 84.97
C LYS L 582 65.25 15.75 84.66
N PRO L 583 65.13 14.58 85.31
CA PRO L 583 64.02 13.69 84.96
C PRO L 583 62.66 14.18 85.45
N GLU L 584 62.63 15.21 86.29
CA GLU L 584 61.36 15.65 86.86
C GLU L 584 60.49 16.41 85.86
N LEU L 585 61.03 16.77 84.69
CA LEU L 585 60.19 17.27 83.61
C LEU L 585 59.17 16.21 83.19
N MET L 586 59.63 14.96 83.07
CA MET L 586 58.72 13.86 82.75
C MET L 586 57.74 13.59 83.88
N ASP L 587 58.16 13.82 85.12
CA ASP L 587 57.25 13.66 86.25
C ASP L 587 56.22 14.78 86.28
N ARG L 588 56.63 16.00 85.92
CA ARG L 588 55.68 17.09 85.75
C ARG L 588 54.68 16.76 84.66
N LEU L 589 55.15 16.25 83.53
CA LEU L 589 54.30 15.90 82.40
C LEU L 589 53.62 14.54 82.57
N LYS L 590 53.96 13.79 83.61
CA LYS L 590 53.38 12.47 83.88
C LYS L 590 51.85 12.38 83.86
N PRO L 591 51.08 13.36 84.35
CA PRO L 591 49.63 13.12 84.52
C PRO L 591 48.87 12.76 83.25
N PHE L 592 49.38 13.12 82.06
CA PHE L 592 48.67 12.86 80.81
C PHE L 592 49.28 11.72 79.99
N PHE L 593 50.28 11.01 80.52
CA PHE L 593 50.75 9.79 79.88
C PHE L 593 51.22 8.81 80.95
N ARG L 594 51.78 7.70 80.50
CA ARG L 594 52.27 6.64 81.36
C ARG L 594 53.59 6.11 80.80
N PRO L 595 54.32 5.31 81.58
CA PRO L 595 55.60 4.79 81.06
C PRO L 595 55.46 3.93 79.81
N GLU L 596 54.29 3.32 79.60
CA GLU L 596 54.05 2.59 78.36
C GLU L 596 54.09 3.51 77.15
N PHE L 597 53.78 4.79 77.35
CA PHE L 597 53.83 5.82 76.31
C PHE L 597 55.22 6.45 76.23
N LEU L 598 55.88 6.60 77.38
CA LEU L 598 57.17 7.26 77.43
C LEU L 598 58.28 6.39 76.84
N ASN L 599 58.28 5.10 77.17
CA ASN L 599 59.38 4.21 76.82
C ASN L 599 59.46 3.89 75.33
N ARG L 600 58.51 4.37 74.52
CA ARG L 600 58.53 4.17 73.08
C ARG L 600 59.27 5.27 72.32
N PHE L 601 59.92 6.20 73.03
CA PHE L 601 60.49 7.40 72.42
C PHE L 601 62.01 7.39 72.46
N ASN L 602 62.62 8.03 71.46
CA ASN L 602 64.06 7.96 71.23
C ASN L 602 64.78 9.04 72.04
N ALA L 603 64.83 8.76 73.33
CA ALA L 603 65.60 9.34 74.44
C ALA L 603 65.13 10.66 75.03
N VAL L 604 64.85 11.70 74.26
CA VAL L 604 63.70 12.60 74.29
C VAL L 604 64.46 13.87 73.89
N ILE L 605 63.82 14.94 73.42
CA ILE L 605 64.52 16.23 73.26
C ILE L 605 64.08 17.17 74.38
N GLU L 606 65.08 17.73 75.09
CA GLU L 606 64.88 18.39 76.38
C GLU L 606 64.13 19.72 76.23
N PHE L 607 63.93 20.39 77.38
CA PHE L 607 63.18 21.64 77.44
C PHE L 607 64.05 22.85 77.13
N SER L 608 65.36 22.64 76.98
CA SER L 608 66.41 23.61 77.29
C SER L 608 66.11 25.06 76.90
N HIS L 609 66.57 25.99 77.74
CA HIS L 609 66.03 27.35 77.81
C HIS L 609 66.89 28.29 76.99
N LEU L 610 66.38 29.50 76.80
CA LEU L 610 67.15 30.59 76.23
C LEU L 610 68.11 31.14 77.28
N THR L 611 69.39 31.20 76.93
CA THR L 611 70.45 31.57 77.85
C THR L 611 70.87 33.02 77.64
N LYS L 612 71.34 33.67 78.70
CA LYS L 612 72.04 34.94 78.57
C LYS L 612 73.47 34.65 78.09
N GLU L 613 73.54 34.41 76.78
CA GLU L 613 74.74 34.00 76.07
C GLU L 613 74.58 34.63 74.69
N ASP L 614 75.17 34.06 73.65
CA ASP L 614 75.27 34.77 72.36
C ASP L 614 73.88 34.92 71.77
N LEU L 615 73.13 35.90 72.29
CA LEU L 615 71.86 36.33 71.70
C LEU L 615 72.04 36.88 70.28
N SER L 616 73.26 37.32 69.93
CA SER L 616 73.46 38.02 68.66
C SER L 616 73.18 37.12 67.47
N LYS L 617 73.28 35.81 67.63
CA LYS L 617 73.01 34.91 66.51
C LYS L 617 71.55 35.01 66.07
N ILE L 618 70.62 35.22 67.01
CA ILE L 618 69.25 35.52 66.61
C ILE L 618 69.19 36.88 65.93
N VAL L 619 69.87 37.88 66.50
CA VAL L 619 69.82 39.24 65.96
C VAL L 619 70.54 39.31 64.62
N ASP L 620 71.58 38.50 64.43
CA ASP L 620 72.29 38.49 63.15
C ASP L 620 71.39 37.92 62.05
N LEU L 621 70.51 36.98 62.39
CA LEU L 621 69.60 36.42 61.40
C LEU L 621 68.42 37.34 61.14
N MET L 622 67.84 37.93 62.20
CA MET L 622 66.72 38.84 62.02
C MET L 622 67.11 40.02 61.14
N LEU L 623 68.25 40.64 61.42
CA LEU L 623 68.72 41.75 60.60
C LEU L 623 68.93 41.31 59.15
N ALA L 624 69.33 40.05 58.95
CA ALA L 624 69.44 39.53 57.59
C ALA L 624 68.07 39.38 56.95
N GLU L 625 67.05 39.04 57.75
CA GLU L 625 65.70 38.93 57.22
C GLU L 625 65.14 40.31 56.87
N VAL L 626 65.59 41.35 57.57
CA VAL L 626 65.17 42.72 57.23
C VAL L 626 65.64 43.06 55.83
N ASN L 627 66.94 42.90 55.56
CA ASN L 627 67.48 43.27 54.26
C ASN L 627 67.02 42.32 53.17
N GLN L 628 66.83 41.04 53.49
CA GLN L 628 66.26 40.11 52.53
C GLN L 628 64.84 40.53 52.15
N THR L 629 64.05 40.98 53.13
CA THR L 629 62.75 41.53 52.85
C THR L 629 62.86 42.80 51.99
N LEU L 630 63.72 43.73 52.42
CA LEU L 630 63.86 44.99 51.70
C LEU L 630 64.53 44.79 50.34
N ALA L 631 65.27 43.70 50.15
CA ALA L 631 66.03 43.50 48.92
C ALA L 631 65.12 43.31 47.71
N LYS L 632 63.84 42.97 47.92
CA LYS L 632 62.93 42.79 46.79
C LYS L 632 62.79 44.08 45.99
N LYS L 633 62.78 45.23 46.66
CA LYS L 633 62.72 46.53 46.01
C LYS L 633 64.10 47.17 45.86
N ASP L 634 65.17 46.36 45.92
CA ASP L 634 66.54 46.86 45.82
C ASP L 634 66.83 47.87 46.93
N ILE L 635 66.42 47.51 48.14
CA ILE L 635 66.60 48.35 49.33
C ILE L 635 67.44 47.54 50.31
N ASP L 636 68.61 48.09 50.68
CA ASP L 636 69.57 47.37 51.52
C ASP L 636 70.35 48.42 52.31
N LEU L 637 70.15 48.43 53.63
CA LEU L 637 70.77 49.39 54.51
C LEU L 637 71.92 48.76 55.28
N VAL L 638 72.80 49.61 55.81
CA VAL L 638 73.74 49.20 56.84
C VAL L 638 72.99 49.12 58.15
N VAL L 639 73.12 48.00 58.86
CA VAL L 639 72.45 47.78 60.13
C VAL L 639 73.52 47.48 61.18
N SER L 640 73.54 48.28 62.23
CA SER L 640 74.57 48.14 63.26
C SER L 640 74.33 46.89 64.09
N GLN L 641 75.42 46.22 64.46
CA GLN L 641 75.32 45.10 65.39
C GLN L 641 74.89 45.55 66.78
N ALA L 642 75.04 46.84 67.10
CA ALA L 642 74.61 47.38 68.38
C ALA L 642 73.09 47.45 68.53
N ALA L 643 72.32 47.03 67.52
CA ALA L 643 70.88 46.89 67.68
C ALA L 643 70.54 45.91 68.80
N LYS L 644 71.44 44.95 69.09
CA LYS L 644 71.21 44.00 70.18
C LYS L 644 71.06 44.69 71.52
N ASP L 645 71.75 45.82 71.74
CA ASP L 645 71.83 46.44 73.05
C ASP L 645 70.46 46.88 73.58
N TYR L 646 69.51 47.16 72.69
CA TYR L 646 68.16 47.55 73.05
C TYR L 646 67.17 46.40 72.97
N ILE L 647 67.45 45.40 72.14
CA ILE L 647 66.59 44.24 71.97
C ILE L 647 66.69 43.30 73.16
N THR L 648 67.90 42.87 73.48
CA THR L 648 68.12 41.84 74.48
C THR L 648 67.59 42.24 75.86
N GLU L 649 67.51 43.55 76.15
CA GLU L 649 66.98 44.05 77.43
C GLU L 649 65.68 43.37 77.83
N GLU L 650 64.85 43.02 76.85
CA GLU L 650 63.71 42.12 77.05
C GLU L 650 63.92 40.74 76.46
N GLY L 651 64.82 40.61 75.48
CA GLY L 651 65.02 39.34 74.79
C GLY L 651 65.37 38.17 75.70
N TYR L 652 66.43 38.32 76.52
CA TYR L 652 66.88 37.21 77.36
C TYR L 652 66.08 37.07 78.66
N ASP L 653 64.89 37.66 78.73
CA ASP L 653 64.01 37.42 79.87
C ASP L 653 63.59 35.96 79.90
N GLU L 654 63.93 35.26 80.99
CA GLU L 654 63.63 33.84 81.10
C GLU L 654 62.13 33.56 81.12
N VAL L 655 61.31 34.55 81.48
CA VAL L 655 59.86 34.34 81.55
C VAL L 655 59.31 34.00 80.18
N MET L 656 59.79 34.68 79.13
CA MET L 656 59.22 34.60 77.80
C MET L 656 60.01 33.72 76.85
N GLY L 657 61.34 33.74 76.93
CA GLY L 657 62.16 33.04 75.96
C GLY L 657 62.41 33.92 74.73
N VAL L 658 62.36 33.30 73.55
CA VAL L 658 62.48 34.07 72.31
C VAL L 658 61.07 34.51 71.93
N ARG L 659 60.48 35.42 72.71
CA ARG L 659 59.30 36.17 72.28
C ARG L 659 59.64 37.59 71.82
N PRO L 660 60.36 38.42 72.58
CA PRO L 660 60.55 39.82 72.15
C PRO L 660 61.46 39.99 70.95
N LEU L 661 62.22 38.98 70.55
CA LEU L 661 63.28 39.18 69.56
C LEU L 661 62.71 39.68 68.23
N ARG L 662 61.68 39.01 67.72
CA ARG L 662 61.06 39.45 66.48
C ARG L 662 60.21 40.70 66.67
N ARG L 663 59.64 40.89 67.86
CA ARG L 663 58.72 42.00 68.07
C ARG L 663 59.45 43.33 68.14
N VAL L 664 60.67 43.35 68.67
CA VAL L 664 61.42 44.60 68.78
C VAL L 664 62.01 44.99 67.43
N VAL L 665 62.58 44.03 66.71
CA VAL L 665 63.22 44.34 65.43
C VAL L 665 62.17 44.79 64.42
N GLU L 666 61.07 44.05 64.31
CA GLU L 666 60.08 44.35 63.29
C GLU L 666 59.37 45.68 63.56
N GLN L 667 59.47 46.19 64.79
CA GLN L 667 58.95 47.52 65.11
C GLN L 667 60.03 48.58 64.99
N GLU L 668 61.25 48.28 65.43
CA GLU L 668 62.27 49.30 65.55
C GLU L 668 62.77 49.79 64.19
N ILE L 669 63.12 48.87 63.30
CA ILE L 669 63.73 49.23 62.02
C ILE L 669 62.67 49.51 60.95
N ARG L 670 61.62 48.69 60.93
CA ARG L 670 60.66 48.69 59.82
C ARG L 670 60.04 50.07 59.61
N ASP L 671 59.70 50.75 60.70
CA ASP L 671 59.03 52.04 60.58
C ASP L 671 60.00 53.14 60.16
N LYS L 672 61.26 53.05 60.59
CA LYS L 672 62.23 54.10 60.26
C LYS L 672 62.67 54.02 58.81
N VAL L 673 62.85 52.80 58.29
CA VAL L 673 63.19 52.64 56.87
C VAL L 673 62.01 53.06 56.00
N THR L 674 60.79 53.03 56.55
CA THR L 674 59.62 53.45 55.79
C THR L 674 59.57 54.97 55.65
N ASP L 675 60.07 55.69 56.66
CA ASP L 675 59.95 57.14 56.65
C ASP L 675 60.91 57.79 55.66
N PHE L 676 62.03 57.12 55.35
CA PHE L 676 63.06 57.71 54.49
C PHE L 676 62.89 57.33 53.03
N HIS L 677 62.17 56.23 52.73
CA HIS L 677 61.79 55.97 51.35
C HIS L 677 60.93 57.10 50.79
N LEU L 678 60.23 57.83 51.64
CA LEU L 678 59.45 59.00 51.27
C LEU L 678 60.31 60.17 50.82
N ASP L 679 61.50 60.33 51.39
CA ASP L 679 62.48 61.27 50.87
C ASP L 679 63.23 60.74 49.65
N HIS L 680 62.91 59.51 49.22
CA HIS L 680 63.53 58.90 48.05
C HIS L 680 65.04 58.83 48.22
N LEU L 681 65.48 58.46 49.42
CA LEU L 681 66.89 58.31 49.73
C LEU L 681 67.35 56.90 49.40
N ASP L 682 68.56 56.81 48.84
CA ASP L 682 69.13 55.53 48.44
C ASP L 682 69.57 54.78 49.68
N ALA L 683 69.05 53.56 49.86
CA ALA L 683 69.33 52.78 51.06
C ALA L 683 70.81 52.43 51.19
N LYS L 684 71.52 52.29 50.08
CA LYS L 684 72.91 51.85 50.13
C LYS L 684 73.83 52.85 50.81
N HIS L 685 73.37 54.08 51.05
CA HIS L 685 74.13 55.10 51.76
C HIS L 685 73.45 55.56 53.05
N LEU L 686 72.54 54.76 53.60
CA LEU L 686 71.90 55.03 54.88
C LEU L 686 72.42 54.01 55.89
N GLU L 687 72.63 54.46 57.13
CA GLU L 687 73.19 53.64 58.20
C GLU L 687 72.26 53.66 59.40
N ALA L 688 71.74 52.49 59.76
CA ALA L 688 70.87 52.35 60.94
C ALA L 688 71.74 52.37 62.18
N ASP L 689 71.79 53.54 62.82
CA ASP L 689 72.70 53.82 63.94
C ASP L 689 71.87 54.36 65.10
N MET L 690 71.70 53.55 66.15
CA MET L 690 70.86 53.91 67.27
C MET L 690 71.56 54.90 68.19
N GLU L 691 70.74 55.73 68.86
CA GLU L 691 71.22 56.70 69.83
C GLU L 691 70.28 56.70 71.04
N ASP L 692 70.82 56.31 72.20
CA ASP L 692 70.07 56.33 73.45
C ASP L 692 68.80 55.46 73.35
N GLY L 693 68.96 54.27 72.79
CA GLY L 693 67.86 53.34 72.64
C GLY L 693 66.87 53.68 71.55
N VAL L 694 67.08 54.77 70.82
CA VAL L 694 66.21 55.20 69.72
C VAL L 694 66.98 55.02 68.42
N LEU L 695 66.32 54.45 67.42
CA LEU L 695 66.96 54.30 66.11
C LEU L 695 66.89 55.60 65.33
N VAL L 696 68.06 56.14 65.01
CA VAL L 696 68.22 57.25 64.09
C VAL L 696 69.05 56.77 62.92
N ILE L 697 68.38 56.37 61.83
CA ILE L 697 69.08 55.96 60.62
C ILE L 697 69.76 57.19 60.04
N ARG L 698 71.05 57.05 59.73
CA ARG L 698 71.87 58.16 59.23
C ARG L 698 71.50 58.50 57.79
N LEU M 76 15.75 -31.21 29.39
CA LEU M 76 15.96 -29.80 29.70
C LEU M 76 17.43 -29.38 29.56
N ALA M 77 18.27 -30.25 28.99
CA ALA M 77 19.68 -29.93 28.77
C ALA M 77 19.84 -29.09 27.51
N LYS M 78 19.21 -27.91 27.52
CA LYS M 78 19.04 -27.11 26.31
C LYS M 78 19.63 -25.70 26.34
N LEU M 79 19.68 -24.93 27.45
CA LEU M 79 19.12 -24.98 28.84
C LEU M 79 19.80 -25.88 29.88
N GLY M 80 20.86 -26.59 29.56
CA GLY M 80 21.58 -27.34 30.57
C GLY M 80 22.58 -28.34 30.05
N ARG M 81 22.75 -29.40 30.85
CA ARG M 81 23.76 -30.42 30.63
C ARG M 81 23.19 -31.77 31.04
N ASN M 82 23.00 -32.66 30.06
CA ASN M 82 22.46 -34.00 30.31
C ASN M 82 23.62 -34.86 30.82
N LEU M 83 23.57 -35.20 32.11
CA LEU M 83 24.68 -35.89 32.74
C LEU M 83 24.69 -37.39 32.45
N THR M 84 23.50 -38.00 32.31
CA THR M 84 23.47 -39.42 31.94
C THR M 84 23.89 -39.64 30.50
N ALA M 85 23.57 -38.69 29.61
CA ALA M 85 24.02 -38.79 28.22
C ALA M 85 25.54 -38.78 28.13
N GLU M 86 26.19 -37.94 28.94
CA GLU M 86 27.65 -37.96 29.00
C GLU M 86 28.15 -39.21 29.70
N ALA M 87 27.33 -39.80 30.57
CA ALA M 87 27.68 -41.08 31.17
C ALA M 87 27.56 -42.21 30.16
N ARG M 88 26.53 -42.16 29.30
CA ARG M 88 26.38 -43.17 28.26
C ARG M 88 27.52 -43.13 27.25
N GLU M 89 28.19 -42.00 27.09
CA GLU M 89 29.28 -41.84 26.14
C GLU M 89 30.66 -42.06 26.78
N GLY M 90 30.72 -42.44 28.05
CA GLY M 90 32.01 -42.64 28.69
C GLY M 90 32.79 -41.36 28.91
N LYS M 91 32.12 -40.25 29.19
CA LYS M 91 32.77 -38.95 29.34
C LYS M 91 33.12 -38.61 30.80
N LEU M 92 32.88 -39.52 31.74
CA LEU M 92 33.06 -39.26 33.15
C LEU M 92 34.41 -39.77 33.64
N ASP M 93 34.84 -39.23 34.78
CA ASP M 93 36.06 -39.66 35.47
C ASP M 93 35.71 -40.77 36.46
N PRO M 94 36.02 -42.05 36.17
CA PRO M 94 35.61 -43.10 37.13
C PRO M 94 36.45 -43.08 38.41
N VAL M 95 36.10 -42.16 39.30
CA VAL M 95 36.70 -42.10 40.63
C VAL M 95 35.93 -43.04 41.54
N ILE M 96 36.65 -43.80 42.37
CA ILE M 96 36.04 -44.76 43.29
C ILE M 96 36.56 -44.47 44.70
N GLY M 97 36.12 -45.29 45.66
CA GLY M 97 36.26 -44.99 47.06
C GLY M 97 35.10 -44.20 47.63
N ARG M 98 34.34 -43.52 46.78
CA ARG M 98 33.10 -42.85 47.16
C ARG M 98 31.88 -43.74 47.02
N ASN M 99 32.08 -45.06 47.00
CA ASN M 99 30.97 -45.98 46.77
C ASN M 99 29.94 -45.90 47.88
N LYS M 100 30.37 -45.63 49.11
CA LYS M 100 29.44 -45.52 50.23
C LYS M 100 28.45 -44.38 50.05
N GLU M 101 28.83 -43.33 49.32
CA GLU M 101 27.90 -42.24 49.04
C GLU M 101 26.97 -42.58 47.89
N ILE M 102 27.35 -43.54 47.03
CA ILE M 102 26.40 -44.14 46.10
C ILE M 102 25.48 -45.09 46.85
N GLN M 103 26.03 -45.82 47.83
CA GLN M 103 25.19 -46.63 48.70
C GLN M 103 24.22 -45.76 49.46
N GLU M 104 24.67 -44.58 49.89
CA GLU M 104 23.78 -43.61 50.51
C GLU M 104 22.84 -43.00 49.48
N ALA M 105 23.21 -43.03 48.20
CA ALA M 105 22.31 -42.63 47.14
C ALA M 105 21.28 -43.70 46.80
N SER M 106 21.28 -44.84 47.51
CA SER M 106 20.19 -45.80 47.36
C SER M 106 18.85 -45.17 47.75
N GLU M 107 18.87 -44.31 48.77
CA GLU M 107 17.65 -43.60 49.17
C GLU M 107 17.38 -42.39 48.27
N ILE M 108 18.44 -41.74 47.76
CA ILE M 108 18.27 -40.60 46.87
C ILE M 108 17.44 -41.01 45.64
N LEU M 109 17.69 -42.22 45.13
CA LEU M 109 17.03 -42.66 43.91
C LEU M 109 15.68 -43.32 44.19
N SER M 110 15.47 -43.86 45.40
CA SER M 110 14.37 -44.79 45.65
C SER M 110 13.18 -44.20 46.39
N ARG M 111 13.39 -43.21 47.25
CA ARG M 111 12.28 -42.67 48.05
C ARG M 111 11.18 -42.12 47.16
N ARG M 112 9.97 -42.66 47.33
CA ARG M 112 8.88 -42.37 46.41
C ARG M 112 8.30 -40.98 46.61
N THR M 113 8.40 -40.42 47.81
CA THR M 113 7.84 -39.10 48.10
C THR M 113 8.66 -38.44 49.20
N LYS M 114 8.61 -37.11 49.21
CA LYS M 114 9.36 -36.31 50.18
C LYS M 114 10.84 -36.67 50.12
N ASN M 115 11.34 -36.78 48.88
CA ASN M 115 12.53 -37.56 48.57
C ASN M 115 13.72 -36.72 48.12
N ASN M 116 13.69 -35.42 48.38
CA ASN M 116 14.73 -34.53 47.87
C ASN M 116 15.86 -34.41 48.90
N PRO M 117 17.00 -35.08 48.72
CA PRO M 117 18.02 -35.08 49.78
C PRO M 117 18.66 -33.71 50.02
N VAL M 118 19.61 -33.71 50.94
CA VAL M 118 20.40 -32.52 51.29
C VAL M 118 21.86 -32.93 51.32
N LEU M 119 22.55 -32.79 50.19
CA LEU M 119 23.95 -33.13 50.05
C LEU M 119 24.80 -32.00 50.63
N VAL M 120 26.07 -32.31 50.93
CA VAL M 120 27.02 -31.33 51.47
C VAL M 120 28.39 -31.56 50.83
N GLY M 121 29.14 -30.48 50.63
CA GLY M 121 30.49 -30.61 50.07
C GLY M 121 31.14 -29.26 49.82
N ASP M 122 32.40 -29.33 49.36
CA ASP M 122 33.19 -28.15 49.00
C ASP M 122 32.95 -27.80 47.53
N ALA M 123 33.29 -26.56 47.15
CA ALA M 123 33.15 -26.09 45.78
C ALA M 123 34.02 -26.95 44.87
N GLY M 124 33.39 -27.61 43.89
CA GLY M 124 34.10 -28.55 43.06
C GLY M 124 34.75 -29.69 43.82
N VAL M 125 34.20 -30.06 44.99
CA VAL M 125 34.72 -31.20 45.72
C VAL M 125 34.61 -32.48 44.91
N GLY M 126 33.61 -32.56 44.04
CA GLY M 126 33.27 -33.78 43.35
C GLY M 126 32.10 -34.51 43.96
N LYS M 127 31.21 -33.80 44.66
CA LYS M 127 29.96 -34.40 45.09
C LYS M 127 28.97 -34.40 43.93
N THR M 128 29.17 -33.49 42.97
CA THR M 128 28.63 -33.68 41.63
C THR M 128 29.13 -34.97 41.03
N ALA M 129 30.42 -35.27 41.19
CA ALA M 129 31.00 -36.49 40.63
C ALA M 129 30.39 -37.74 41.27
N VAL M 130 29.89 -37.63 42.50
CA VAL M 130 29.11 -38.72 43.09
C VAL M 130 27.84 -38.94 42.30
N VAL M 131 27.08 -37.87 42.07
CA VAL M 131 25.83 -38.00 41.33
C VAL M 131 26.11 -38.38 39.88
N GLU M 132 27.23 -37.89 39.33
CA GLU M 132 27.69 -38.44 38.05
C GLU M 132 28.08 -39.91 38.22
N GLY M 133 28.72 -40.24 39.34
CA GLY M 133 28.95 -41.63 39.67
C GLY M 133 27.66 -42.39 39.88
N LEU M 134 26.61 -41.70 40.37
CA LEU M 134 25.29 -42.31 40.41
C LEU M 134 24.72 -42.46 39.01
N ALA M 135 24.87 -41.43 38.17
CA ALA M 135 24.46 -41.54 36.77
C ALA M 135 25.17 -42.69 36.08
N GLN M 136 26.48 -42.83 36.33
CA GLN M 136 27.22 -43.98 35.81
C GLN M 136 26.60 -45.29 36.31
N ALA M 137 26.19 -45.32 37.57
CA ALA M 137 25.56 -46.53 38.11
C ALA M 137 24.22 -46.80 37.44
N ILE M 138 23.52 -45.75 37.01
CA ILE M 138 22.25 -45.93 36.31
C ILE M 138 22.47 -46.49 34.92
N VAL M 139 23.49 -45.97 34.21
CA VAL M 139 23.76 -46.43 32.85
C VAL M 139 24.17 -47.89 32.86
N ASN M 140 25.06 -48.27 33.77
CA ASN M 140 25.58 -49.63 33.85
C ASN M 140 24.64 -50.60 34.58
N GLY M 141 23.49 -50.13 35.05
CA GLY M 141 22.59 -51.00 35.78
C GLY M 141 23.12 -51.47 37.11
N ASP M 142 23.90 -50.62 37.80
CA ASP M 142 24.35 -50.87 39.16
C ASP M 142 23.40 -50.27 40.18
N VAL M 143 22.12 -50.18 39.83
CA VAL M 143 21.10 -49.51 40.65
C VAL M 143 19.85 -50.39 40.62
N PRO M 144 18.96 -50.25 41.60
CA PRO M 144 17.72 -51.02 41.58
C PRO M 144 16.77 -50.52 40.51
N ALA M 145 15.67 -51.26 40.34
CA ALA M 145 14.69 -50.94 39.31
C ALA M 145 13.92 -49.66 39.60
N ALA M 146 14.00 -49.12 40.82
CA ALA M 146 13.28 -47.90 41.16
C ALA M 146 13.70 -46.72 40.28
N ILE M 147 14.92 -46.74 39.76
CA ILE M 147 15.52 -45.63 39.05
C ILE M 147 15.85 -46.00 37.59
N LYS M 148 15.26 -47.08 37.08
CA LYS M 148 15.55 -47.48 35.71
C LYS M 148 15.05 -46.44 34.72
N ASN M 149 15.90 -46.09 33.76
CA ASN M 149 15.55 -45.17 32.68
C ASN M 149 15.18 -43.79 33.22
N LYS M 150 15.84 -43.36 34.30
CA LYS M 150 15.65 -42.03 34.87
C LYS M 150 16.86 -41.16 34.49
N GLU M 151 16.62 -40.19 33.62
CA GLU M 151 17.65 -39.29 33.15
C GLU M 151 17.94 -38.22 34.20
N ILE M 152 19.18 -37.72 34.19
CA ILE M 152 19.60 -36.62 35.05
C ILE M 152 20.02 -35.47 34.16
N VAL M 153 19.60 -34.25 34.51
CA VAL M 153 19.98 -33.03 33.81
C VAL M 153 20.40 -32.00 34.86
N SER M 154 21.52 -31.33 34.61
CA SER M 154 21.97 -30.26 35.48
C SER M 154 21.35 -28.95 35.02
N ILE M 155 20.51 -28.36 35.86
CA ILE M 155 19.83 -27.11 35.57
C ILE M 155 20.69 -25.99 36.12
N ASP M 156 21.11 -25.08 35.23
CA ASP M 156 22.11 -24.07 35.55
C ASP M 156 21.40 -22.81 36.04
N ILE M 157 21.24 -22.72 37.36
CA ILE M 157 20.65 -21.52 37.97
C ILE M 157 21.57 -20.31 37.83
N SER M 158 22.87 -20.52 37.68
CA SER M 158 23.79 -19.41 37.49
C SER M 158 23.52 -18.66 36.20
N GLY M 159 22.89 -19.29 35.22
CA GLY M 159 22.41 -18.62 34.03
C GLY M 159 21.04 -18.00 34.17
N LEU M 160 20.59 -17.77 35.39
CA LEU M 160 19.30 -17.12 35.62
C LEU M 160 19.32 -15.72 35.01
N GLU M 161 18.20 -15.33 34.40
CA GLU M 161 18.00 -14.04 33.74
C GLU M 161 18.85 -13.86 32.49
N ALA M 162 19.56 -14.90 32.04
CA ALA M 162 20.42 -14.76 30.87
C ALA M 162 19.58 -14.64 29.60
N GLY M 163 19.75 -13.54 28.88
CA GLY M 163 19.02 -13.29 27.66
C GLY M 163 17.79 -12.41 27.79
N THR M 164 17.42 -12.03 29.02
CA THR M 164 16.28 -11.15 29.23
C THR M 164 16.62 -9.68 29.02
N GLN M 165 17.90 -9.32 29.03
CA GLN M 165 18.38 -7.93 28.99
C GLN M 165 17.92 -7.12 30.19
N TYR M 166 17.36 -7.75 31.22
CA TYR M 166 16.67 -7.08 32.32
C TYR M 166 15.57 -6.14 31.80
N ARG M 167 14.97 -6.48 30.66
CA ARG M 167 13.78 -5.80 30.14
C ARG M 167 12.58 -6.73 30.03
N GLY M 168 12.81 -8.03 29.82
CA GLY M 168 11.75 -9.02 29.65
C GLY M 168 11.48 -9.78 30.92
N SER M 169 11.29 -11.09 30.79
CA SER M 169 10.97 -11.96 31.90
C SER M 169 11.64 -13.32 31.72
N PHE M 170 11.81 -14.02 32.85
CA PHE M 170 12.33 -15.38 32.87
C PHE M 170 11.38 -16.36 33.54
N GLU M 171 10.41 -15.89 34.33
CA GLU M 171 9.63 -16.79 35.20
C GLU M 171 8.85 -17.82 34.38
N GLU M 172 8.56 -17.51 33.12
CA GLU M 172 7.94 -18.50 32.24
C GLU M 172 8.92 -19.56 31.77
N ASN M 173 10.18 -19.21 31.56
CA ASN M 173 11.21 -20.19 31.25
C ASN M 173 11.48 -21.13 32.42
N VAL M 174 11.04 -20.76 33.62
CA VAL M 174 11.07 -21.66 34.78
C VAL M 174 9.89 -22.61 34.75
N GLN M 175 8.68 -22.08 34.58
CA GLN M 175 7.49 -22.92 34.40
C GLN M 175 7.64 -23.80 33.15
N ASN M 176 8.44 -23.39 32.18
CA ASN M 176 8.75 -24.23 31.03
C ASN M 176 9.74 -25.33 31.34
N LEU M 177 10.52 -25.21 32.43
CA LEU M 177 11.25 -26.38 32.91
C LEU M 177 10.27 -27.43 33.41
N VAL M 178 9.29 -27.00 34.20
CA VAL M 178 8.25 -27.90 34.70
C VAL M 178 7.48 -28.53 33.54
N ASN M 179 7.11 -27.71 32.54
CA ASN M 179 6.18 -28.16 31.51
C ASN M 179 6.70 -29.31 30.68
N GLU M 180 8.02 -29.45 30.52
CA GLU M 180 8.56 -30.61 29.80
C GLU M 180 8.63 -31.84 30.70
N VAL M 181 9.21 -31.72 31.88
CA VAL M 181 9.54 -32.89 32.68
C VAL M 181 8.33 -33.50 33.37
N LYS M 182 7.30 -32.69 33.66
CA LYS M 182 6.08 -33.24 34.25
C LYS M 182 5.43 -34.25 33.33
N GLU M 183 5.46 -33.99 32.02
CA GLU M 183 4.86 -34.87 31.02
C GLU M 183 5.87 -35.73 30.28
N ALA M 184 7.12 -35.28 30.15
CA ALA M 184 8.14 -36.12 29.53
C ALA M 184 8.35 -37.40 30.32
N GLY M 185 8.27 -37.31 31.63
CA GLY M 185 8.32 -38.49 32.48
C GLY M 185 9.74 -39.00 32.68
N ASN M 186 10.03 -39.39 33.92
CA ASN M 186 11.27 -40.08 34.28
C ASN M 186 12.49 -39.18 34.08
N ILE M 187 12.40 -37.96 34.61
CA ILE M 187 13.50 -36.99 34.61
C ILE M 187 13.92 -36.73 36.06
N ILE M 188 15.21 -36.78 36.31
CA ILE M 188 15.83 -36.29 37.53
C ILE M 188 16.52 -34.98 37.18
N LEU M 189 16.59 -34.06 38.14
CA LEU M 189 17.26 -32.78 37.95
C LEU M 189 18.31 -32.56 39.02
N PHE M 190 19.35 -31.79 38.67
CA PHE M 190 20.54 -31.69 39.49
C PHE M 190 20.99 -30.24 39.63
N PHE M 191 21.65 -29.92 40.75
CA PHE M 191 22.40 -28.68 40.88
C PHE M 191 23.71 -28.96 41.61
N ASP M 192 24.73 -28.15 41.28
CA ASP M 192 26.02 -28.24 41.96
C ASP M 192 25.89 -27.77 43.40
N ALA M 193 25.45 -26.53 43.60
CA ALA M 193 25.23 -26.00 44.93
C ALA M 193 24.24 -24.85 44.84
N ILE M 194 23.19 -24.91 45.66
CA ILE M 194 22.17 -23.86 45.71
C ILE M 194 21.91 -23.49 47.16
N HIS M 195 21.91 -22.18 47.41
CA HIS M 195 21.11 -21.57 48.46
C HIS M 195 20.26 -20.44 47.88
N GLN M 196 20.69 -19.89 46.74
CA GLN M 196 20.09 -18.69 46.15
C GLN M 196 18.71 -18.92 45.56
N ILE M 197 18.23 -20.17 45.47
CA ILE M 197 16.90 -20.42 44.91
C ILE M 197 15.82 -19.75 45.73
N LEU M 198 16.02 -19.68 47.05
CA LEU M 198 15.02 -19.14 47.94
C LEU M 198 15.04 -17.61 48.00
N GLY M 199 15.82 -16.95 47.13
CA GLY M 199 15.69 -15.51 46.98
C GLY M 199 14.30 -15.11 46.52
N ALA M 200 13.82 -15.78 45.46
CA ALA M 200 12.41 -15.72 45.08
C ALA M 200 11.63 -16.73 45.93
N GLY M 201 11.66 -16.49 47.23
CA GLY M 201 11.12 -17.44 48.19
C GLY M 201 11.32 -16.95 49.62
N SER M 202 11.79 -17.86 50.47
CA SER M 202 12.04 -17.58 51.89
C SER M 202 13.49 -17.89 52.20
N THR M 203 14.31 -16.84 52.33
CA THR M 203 15.72 -16.99 52.67
C THR M 203 16.09 -15.89 53.66
N GLY M 204 17.39 -15.70 53.87
CA GLY M 204 17.89 -14.76 54.86
C GLY M 204 18.28 -13.41 54.30
N GLY M 205 19.58 -13.15 54.18
CA GLY M 205 20.05 -11.85 53.75
C GLY M 205 19.69 -11.50 52.32
N ASP M 206 19.53 -12.50 51.46
CA ASP M 206 19.21 -12.29 50.05
C ASP M 206 17.73 -12.56 49.78
N SER M 207 16.86 -12.20 50.72
CA SER M 207 15.41 -12.35 50.52
C SER M 207 14.89 -11.28 49.56
N GLY M 208 13.99 -11.70 48.67
CA GLY M 208 13.38 -10.79 47.71
C GLY M 208 14.05 -10.76 46.36
N SER M 209 15.26 -11.30 46.24
CA SER M 209 15.93 -11.36 44.96
C SER M 209 15.23 -12.36 44.03
N LYS M 210 15.76 -12.48 42.82
CA LYS M 210 15.18 -13.38 41.83
C LYS M 210 15.74 -14.79 41.98
N GLY M 211 14.90 -15.77 41.69
CA GLY M 211 15.29 -17.16 41.85
C GLY M 211 14.31 -18.07 41.13
N LEU M 212 14.24 -19.32 41.61
CA LEU M 212 13.31 -20.32 41.08
C LEU M 212 12.27 -20.78 42.08
N ALA M 213 12.44 -20.50 43.38
CA ALA M 213 11.64 -21.16 44.40
C ALA M 213 10.16 -20.83 44.29
N ASP M 214 9.80 -19.66 43.75
CA ASP M 214 8.38 -19.32 43.61
C ASP M 214 7.65 -20.31 42.70
N ILE M 215 8.35 -20.96 41.77
CA ILE M 215 7.76 -21.97 40.91
C ILE M 215 8.03 -23.38 41.44
N LEU M 216 9.15 -23.57 42.13
CA LEU M 216 9.53 -24.91 42.58
C LEU M 216 8.99 -25.24 43.96
N LYS M 217 8.81 -24.23 44.82
CA LYS M 217 8.25 -24.45 46.15
C LYS M 217 6.83 -25.00 46.06
N PRO M 218 5.99 -24.52 45.12
CA PRO M 218 4.78 -25.31 44.81
C PRO M 218 5.08 -26.70 44.27
N ALA M 219 6.08 -26.81 43.37
CA ALA M 219 6.42 -28.11 42.81
C ALA M 219 6.88 -29.07 43.90
N LEU M 220 7.56 -28.57 44.93
CA LEU M 220 7.88 -29.40 46.08
C LEU M 220 6.62 -29.80 46.83
N SER M 221 5.71 -28.84 47.07
CA SER M 221 4.48 -29.14 47.78
C SER M 221 3.60 -30.11 46.98
N ARG M 222 3.58 -29.96 45.65
CA ARG M 222 2.81 -30.87 44.82
C ARG M 222 3.46 -32.25 44.70
N GLY M 223 4.79 -32.30 44.76
CA GLY M 223 5.50 -33.55 44.53
C GLY M 223 5.78 -33.83 43.09
N GLU M 224 5.87 -32.79 42.25
CA GLU M 224 6.12 -32.96 40.82
C GLU M 224 7.60 -33.09 40.51
N LEU M 225 8.43 -32.16 41.02
CA LEU M 225 9.83 -32.07 40.67
C LEU M 225 10.69 -32.33 41.90
N THR M 226 11.71 -33.17 41.72
CA THR M 226 12.76 -33.39 42.71
C THR M 226 14.09 -32.99 42.08
N VAL M 227 14.75 -31.99 42.65
CA VAL M 227 16.03 -31.48 42.16
C VAL M 227 17.05 -31.60 43.29
N ILE M 228 18.24 -32.11 42.96
CA ILE M 228 19.16 -32.65 43.96
C ILE M 228 20.54 -32.03 43.80
N GLY M 229 21.22 -31.86 44.93
CA GLY M 229 22.53 -31.24 44.93
C GLY M 229 22.93 -30.85 46.35
N ALA M 230 24.09 -30.19 46.44
CA ALA M 230 24.77 -29.97 47.71
C ALA M 230 24.85 -28.50 48.08
N THR M 231 25.25 -28.24 49.31
CA THR M 231 25.48 -26.89 49.82
C THR M 231 26.35 -26.98 51.07
N THR M 232 26.41 -25.89 51.83
CA THR M 232 27.10 -25.85 53.12
C THR M 232 26.13 -26.36 54.19
N GLN M 233 26.64 -27.23 55.08
CA GLN M 233 25.78 -27.81 56.11
C GLN M 233 25.21 -26.77 57.06
N ASP M 234 25.95 -25.69 57.32
CA ASP M 234 25.48 -24.60 58.15
C ASP M 234 24.50 -23.69 57.43
N GLU M 235 24.54 -23.64 56.09
CA GLU M 235 23.53 -22.88 55.34
C GLU M 235 22.16 -23.55 55.41
N TYR M 236 22.13 -24.86 55.72
CA TYR M 236 20.87 -25.59 55.85
C TYR M 236 19.98 -25.05 56.98
N ARG M 237 20.54 -24.27 57.91
CA ARG M 237 19.78 -23.72 59.03
C ARG M 237 18.54 -22.94 58.58
N ASN M 238 18.56 -22.37 57.38
CA ASN M 238 17.44 -21.58 56.87
C ASN M 238 16.20 -22.43 56.54
N THR M 239 16.27 -23.75 56.71
CA THR M 239 15.09 -24.60 56.57
C THR M 239 13.95 -24.12 57.47
N ILE M 240 14.28 -23.62 58.66
CA ILE M 240 13.27 -23.22 59.62
C ILE M 240 12.37 -22.11 59.09
N LEU M 241 12.85 -21.33 58.13
CA LEU M 241 12.04 -20.24 57.57
C LEU M 241 10.78 -20.78 56.90
N LYS M 242 10.90 -21.81 56.08
CA LYS M 242 9.77 -22.47 55.41
C LYS M 242 9.96 -23.99 55.56
N ASN M 243 10.12 -24.43 56.80
CA ASN M 243 10.18 -25.85 57.11
C ASN M 243 9.02 -26.64 56.50
N ALA M 244 7.83 -26.04 56.42
CA ALA M 244 6.67 -26.74 55.89
C ALA M 244 6.88 -27.21 54.46
N ALA M 245 7.66 -26.45 53.67
CA ALA M 245 8.00 -26.86 52.31
C ALA M 245 9.34 -27.58 52.22
N LEU M 246 10.30 -27.24 53.09
CA LEU M 246 11.65 -27.77 53.01
C LEU M 246 11.90 -28.92 53.98
N ALA M 247 11.51 -28.75 55.26
CA ALA M 247 11.73 -29.83 56.22
C ALA M 247 10.81 -31.02 55.94
N ARG M 248 9.58 -30.76 55.48
CA ARG M 248 8.63 -31.83 55.17
C ARG M 248 8.84 -32.43 53.78
N ARG M 249 9.95 -32.11 53.10
CA ARG M 249 10.24 -32.67 51.79
C ARG M 249 11.68 -33.16 51.65
N PHE M 250 12.51 -33.05 52.71
CA PHE M 250 13.94 -33.30 52.61
C PHE M 250 14.40 -34.38 53.59
N ASN M 251 15.62 -34.87 53.33
CA ASN M 251 16.30 -35.84 54.16
C ASN M 251 17.78 -35.52 54.13
N GLU M 252 18.45 -35.54 55.28
CA GLU M 252 19.83 -35.10 55.36
C GLU M 252 20.79 -36.19 54.90
N VAL M 253 21.88 -35.78 54.23
CA VAL M 253 22.93 -36.67 53.75
C VAL M 253 24.07 -36.63 54.76
N LYS M 254 24.75 -37.76 54.94
CA LYS M 254 25.99 -37.82 55.72
C LYS M 254 27.11 -37.29 54.84
N VAL M 255 27.81 -36.29 55.38
CA VAL M 255 28.52 -35.28 54.59
C VAL M 255 29.54 -35.92 53.65
N ASN M 256 30.61 -36.48 54.21
CA ASN M 256 31.73 -36.99 53.43
C ASN M 256 32.75 -37.56 54.41
N ALA M 257 33.71 -38.32 53.87
CA ALA M 257 34.83 -38.84 54.64
C ALA M 257 36.05 -38.99 53.74
N PRO M 258 36.69 -37.89 53.32
CA PRO M 258 37.84 -37.99 52.40
C PRO M 258 39.10 -38.50 53.09
N SER M 259 39.21 -39.81 53.18
CA SER M 259 40.37 -40.43 53.83
C SER M 259 41.56 -40.47 52.88
N ALA M 260 42.77 -40.48 53.46
CA ALA M 260 43.98 -40.59 52.65
C ALA M 260 44.15 -41.99 52.08
N GLU M 261 43.46 -42.99 52.65
CA GLU M 261 43.58 -44.36 52.16
C GLU M 261 43.08 -44.47 50.72
N ASN M 262 41.89 -43.93 50.44
CA ASN M 262 41.35 -43.94 49.09
C ASN M 262 41.96 -42.85 48.22
N THR M 263 42.58 -41.84 48.83
CA THR M 263 43.25 -40.79 48.07
C THR M 263 44.33 -41.38 47.16
N PHE M 264 45.14 -42.31 47.68
CA PHE M 264 46.30 -42.79 46.94
C PHE M 264 45.91 -43.48 45.63
N LYS M 265 44.91 -44.35 45.68
CA LYS M 265 44.44 -44.99 44.46
C LYS M 265 43.92 -43.96 43.47
N ILE M 266 43.28 -42.90 43.97
CA ILE M 266 42.88 -41.81 43.10
C ILE M 266 44.13 -41.12 42.55
N LEU M 267 45.12 -40.86 43.41
CA LEU M 267 46.33 -40.16 42.99
C LEU M 267 47.03 -40.87 41.83
N GLN M 268 46.96 -42.20 41.78
CA GLN M 268 47.44 -42.92 40.60
C GLN M 268 46.54 -42.62 39.40
N GLY M 269 45.26 -42.37 39.63
CA GLY M 269 44.40 -41.90 38.56
C GLY M 269 44.67 -40.45 38.19
N ILE M 270 45.20 -39.67 39.13
CA ILE M 270 45.46 -38.26 38.86
C ILE M 270 46.70 -38.09 37.97
N ARG M 271 47.73 -38.92 38.18
CA ARG M 271 48.93 -38.77 37.37
C ARG M 271 48.66 -39.08 35.90
N ASP M 272 48.05 -40.21 35.60
CA ASP M 272 47.69 -40.59 34.24
C ASP M 272 46.78 -39.58 33.55
N LEU M 273 46.11 -38.72 34.32
CA LEU M 273 45.30 -37.62 33.79
C LEU M 273 46.12 -36.37 33.50
N TYR M 274 47.22 -36.14 34.25
CA TYR M 274 47.99 -34.90 34.17
C TYR M 274 49.48 -35.08 33.87
N GLN M 275 50.09 -36.22 34.21
CA GLN M 275 51.52 -36.34 34.02
C GLN M 275 51.92 -36.32 32.56
N GLN M 276 51.00 -36.67 31.65
CA GLN M 276 51.29 -36.56 30.22
C GLN M 276 51.31 -35.11 29.73
N HIS M 277 50.79 -34.16 30.53
CA HIS M 277 50.71 -32.78 30.08
C HIS M 277 52.10 -32.15 29.95
N HIS M 278 53.04 -32.50 30.84
CA HIS M 278 54.34 -31.86 30.91
C HIS M 278 55.48 -32.84 30.66
N ASN M 279 55.20 -34.04 30.16
CA ASN M 279 56.22 -35.07 29.96
C ASN M 279 56.93 -35.39 31.27
N VAL M 280 56.17 -35.45 32.36
CA VAL M 280 56.69 -35.69 33.70
C VAL M 280 56.32 -37.11 34.11
N ILE M 281 57.16 -37.72 34.95
CA ILE M 281 56.84 -38.96 35.65
C ILE M 281 56.53 -38.62 37.10
N LEU M 282 55.45 -39.20 37.61
CA LEU M 282 54.99 -38.98 38.99
C LEU M 282 54.91 -40.34 39.67
N PRO M 283 56.04 -40.91 40.11
CA PRO M 283 56.00 -42.25 40.71
C PRO M 283 55.26 -42.26 42.04
N ASP M 284 55.20 -43.46 42.63
CA ASP M 284 54.40 -43.65 43.85
C ASP M 284 54.92 -42.81 45.01
N GLU M 285 56.23 -42.73 45.19
CA GLU M 285 56.77 -41.96 46.31
C GLU M 285 56.46 -40.47 46.20
N VAL M 286 56.27 -39.96 44.97
CA VAL M 286 55.87 -38.57 44.79
C VAL M 286 54.40 -38.40 45.13
N LEU M 287 53.55 -39.34 44.71
CA LEU M 287 52.13 -39.27 45.04
C LEU M 287 51.92 -39.35 46.54
N LYS M 288 52.62 -40.27 47.21
CA LYS M 288 52.53 -40.37 48.67
C LYS M 288 53.04 -39.10 49.33
N ALA M 289 54.20 -38.60 48.87
CA ALA M 289 54.76 -37.38 49.43
C ALA M 289 53.85 -36.18 49.19
N ALA M 290 53.05 -36.21 48.12
CA ALA M 290 52.16 -35.10 47.83
C ALA M 290 51.09 -34.90 48.91
N VAL M 291 50.80 -35.94 49.71
CA VAL M 291 49.85 -35.85 50.81
C VAL M 291 50.53 -36.16 52.15
N ASP M 292 51.35 -37.20 52.19
CA ASP M 292 51.96 -37.62 53.46
C ASP M 292 52.89 -36.55 54.01
N TYR M 293 53.63 -35.84 53.15
CA TYR M 293 54.47 -34.75 53.58
C TYR M 293 53.70 -33.45 53.72
N SER M 294 52.70 -33.23 52.86
CA SER M 294 52.01 -31.95 52.81
C SER M 294 50.90 -31.83 53.86
N VAL M 295 50.28 -32.95 54.26
CA VAL M 295 49.18 -32.91 55.23
C VAL M 295 49.58 -32.17 56.50
N GLN M 296 50.86 -32.23 56.85
CA GLN M 296 51.35 -31.55 58.05
C GLN M 296 51.16 -30.04 57.99
N TYR M 297 51.17 -29.45 56.80
CA TYR M 297 51.20 -27.99 56.63
C TYR M 297 50.03 -27.47 55.82
N ILE M 298 48.91 -28.20 55.76
CA ILE M 298 47.72 -27.80 55.03
C ILE M 298 46.54 -27.88 56.01
N PRO M 299 46.17 -26.79 56.68
CA PRO M 299 44.93 -26.79 57.48
C PRO M 299 43.65 -26.64 56.67
N GLN M 300 43.70 -26.80 55.35
CA GLN M 300 42.58 -26.50 54.47
C GLN M 300 41.75 -27.75 54.21
N ARG M 301 40.46 -27.52 53.94
CA ARG M 301 39.57 -28.57 53.47
C ARG M 301 39.93 -29.04 52.06
N SER M 302 40.72 -28.24 51.33
CA SER M 302 41.06 -28.55 49.94
C SER M 302 42.27 -29.47 49.81
N LEU M 303 42.68 -30.15 50.89
CA LEU M 303 43.82 -31.07 50.83
C LEU M 303 43.72 -32.17 49.77
N PRO M 304 42.56 -32.83 49.59
CA PRO M 304 42.53 -33.97 48.65
C PRO M 304 42.94 -33.63 47.22
N ASP M 305 42.85 -32.35 46.83
CA ASP M 305 43.31 -31.88 45.53
C ASP M 305 44.60 -31.07 45.62
N LYS M 306 45.21 -30.96 46.81
CA LYS M 306 46.48 -30.26 46.92
C LYS M 306 47.60 -31.00 46.20
N ALA M 307 47.49 -32.32 46.07
CA ALA M 307 48.52 -33.09 45.37
C ALA M 307 48.64 -32.65 43.92
N ILE M 308 47.53 -32.22 43.31
CA ILE M 308 47.58 -31.71 41.94
C ILE M 308 48.42 -30.44 41.90
N ASP M 309 48.21 -29.53 42.85
CA ASP M 309 48.94 -28.27 42.87
C ASP M 309 50.44 -28.50 43.01
N LEU M 310 50.85 -29.51 43.77
CA LEU M 310 52.27 -29.74 43.99
C LEU M 310 52.94 -30.29 42.73
N VAL M 311 52.28 -31.21 42.04
CA VAL M 311 52.85 -31.74 40.80
C VAL M 311 52.69 -30.73 39.67
N ASP M 312 51.65 -29.89 39.71
CA ASP M 312 51.49 -28.83 38.72
C ASP M 312 52.61 -27.79 38.86
N VAL M 313 52.85 -27.31 40.08
CA VAL M 313 53.88 -26.31 40.30
C VAL M 313 55.27 -26.93 40.14
N THR M 314 55.41 -28.21 40.47
CA THR M 314 56.67 -28.91 40.24
C THR M 314 57.03 -28.88 38.76
N ALA M 315 56.08 -29.27 37.90
CA ALA M 315 56.32 -29.21 36.46
C ALA M 315 56.55 -27.77 36.00
N ALA M 316 55.87 -26.81 36.64
CA ALA M 316 56.10 -25.41 36.30
C ALA M 316 57.52 -24.98 36.65
N HIS M 317 58.04 -25.46 37.77
CA HIS M 317 59.40 -25.11 38.18
C HIS M 317 60.43 -25.95 37.44
N LEU M 318 60.13 -27.23 37.19
CA LEU M 318 60.99 -28.04 36.34
C LEU M 318 61.00 -27.53 34.90
N ALA M 319 59.90 -26.90 34.46
CA ALA M 319 59.85 -26.36 33.12
C ALA M 319 60.78 -25.16 32.93
N ALA M 320 61.36 -24.64 34.01
CA ALA M 320 62.37 -23.59 33.88
C ALA M 320 63.67 -24.10 33.27
N GLN M 321 63.85 -25.42 33.19
CA GLN M 321 65.05 -25.97 32.55
C GLN M 321 64.98 -25.84 31.03
N HIS M 322 63.81 -26.07 30.44
CA HIS M 322 63.65 -26.06 28.98
C HIS M 322 62.47 -25.17 28.56
N PRO M 323 62.60 -23.85 28.71
CA PRO M 323 61.67 -22.93 28.04
C PRO M 323 62.14 -22.38 26.70
N VAL M 324 63.30 -22.79 26.19
CA VAL M 324 63.96 -22.09 25.08
C VAL M 324 64.36 -23.03 23.94
N THR M 325 63.82 -24.24 23.89
CA THR M 325 64.12 -25.12 22.77
C THR M 325 63.54 -24.51 21.49
N ASP M 326 64.40 -24.35 20.49
CA ASP M 326 64.01 -23.75 19.22
C ASP M 326 63.43 -24.81 18.28
N VAL M 327 62.35 -25.45 18.74
CA VAL M 327 61.64 -26.41 17.90
C VAL M 327 61.11 -25.71 16.65
N HIS M 328 60.70 -24.44 16.78
CA HIS M 328 60.17 -23.70 15.67
C HIS M 328 61.23 -23.29 14.66
N ALA M 329 62.51 -23.30 15.05
CA ALA M 329 63.57 -22.99 14.10
C ALA M 329 63.59 -24.00 12.95
N VAL M 330 63.24 -25.26 13.23
CA VAL M 330 63.16 -26.27 12.18
C VAL M 330 61.80 -26.21 11.50
N GLU M 331 60.72 -25.97 12.26
CA GLU M 331 59.39 -25.86 11.65
C GLU M 331 59.33 -24.75 10.63
N ARG M 332 59.99 -23.61 10.92
CA ARG M 332 60.02 -22.51 9.96
C ARG M 332 60.85 -22.88 8.74
N GLU M 333 61.87 -23.73 8.92
CA GLU M 333 62.61 -24.26 7.77
C GLU M 333 61.73 -25.20 6.95
N ILE M 334 60.90 -26.01 7.61
CA ILE M 334 60.03 -26.94 6.89
C ILE M 334 59.01 -26.16 6.06
N GLU M 335 58.40 -25.13 6.65
CA GLU M 335 57.40 -24.35 5.94
C GLU M 335 58.00 -23.67 4.71
N THR M 336 59.27 -23.28 4.79
CA THR M 336 59.97 -22.77 3.60
C THR M 336 60.18 -23.88 2.59
N GLU M 337 60.76 -25.01 3.02
CA GLU M 337 61.05 -26.09 2.09
C GLU M 337 59.78 -26.70 1.52
N LYS M 338 58.71 -26.76 2.32
CA LYS M 338 57.42 -27.21 1.79
C LYS M 338 56.87 -26.21 0.78
N ASP M 339 57.06 -24.91 1.03
CA ASP M 339 56.59 -23.90 0.10
C ASP M 339 57.33 -23.99 -1.22
N LYS M 340 58.62 -24.34 -1.18
CA LYS M 340 59.35 -24.63 -2.42
C LYS M 340 58.85 -25.93 -3.04
N GLN M 341 58.60 -26.94 -2.21
CA GLN M 341 58.09 -28.23 -2.69
C GLN M 341 56.80 -28.04 -3.47
N GLU M 342 55.86 -27.26 -2.93
CA GLU M 342 54.62 -27.00 -3.65
C GLU M 342 54.87 -26.34 -5.00
N LYS M 343 55.94 -25.55 -5.10
CA LYS M 343 56.26 -24.90 -6.38
C LYS M 343 57.01 -25.85 -7.30
N ALA M 344 57.86 -26.72 -6.75
CA ALA M 344 58.50 -27.75 -7.55
C ALA M 344 57.47 -28.68 -8.18
N VAL M 345 56.35 -28.89 -7.47
CA VAL M 345 55.30 -29.76 -7.99
C VAL M 345 54.54 -29.08 -9.12
N GLU M 346 54.20 -27.81 -8.96
CA GLU M 346 53.47 -27.09 -10.00
C GLU M 346 54.30 -27.00 -11.28
N ALA M 347 55.61 -26.86 -11.13
CA ALA M 347 56.52 -26.90 -12.28
C ALA M 347 56.80 -28.32 -12.74
N GLU M 348 56.28 -29.33 -12.04
CA GLU M 348 56.51 -30.73 -12.38
C GLU M 348 58.00 -31.05 -12.38
N ASP M 349 58.72 -30.49 -11.40
CA ASP M 349 60.13 -30.77 -11.16
C ASP M 349 60.18 -31.69 -9.95
N PHE M 350 60.18 -33.00 -10.21
CA PHE M 350 60.01 -34.00 -9.18
C PHE M 350 61.32 -34.60 -8.67
N GLU M 351 62.45 -34.32 -9.32
CA GLU M 351 63.73 -34.53 -8.64
C GLU M 351 63.89 -33.54 -7.50
N ALA M 352 63.51 -32.29 -7.74
CA ALA M 352 63.56 -31.28 -6.68
C ALA M 352 62.49 -31.54 -5.63
N ALA M 353 61.28 -31.91 -6.06
CA ALA M 353 60.19 -32.16 -5.12
C ALA M 353 60.51 -33.33 -4.20
N LEU M 354 61.10 -34.39 -4.76
CA LEU M 354 61.48 -35.54 -3.93
C LEU M 354 62.59 -35.17 -2.95
N ASN M 355 63.55 -34.36 -3.40
CA ASN M 355 64.64 -33.93 -2.52
C ASN M 355 64.12 -33.17 -1.32
N TYR M 356 63.05 -32.39 -1.50
CA TYR M 356 62.49 -31.62 -0.40
C TYR M 356 61.71 -32.49 0.56
N LYS M 357 60.92 -33.43 0.04
CA LYS M 357 60.25 -34.40 0.91
C LYS M 357 61.28 -35.23 1.68
N THR M 358 62.44 -35.48 1.07
CA THR M 358 63.50 -36.20 1.75
C THR M 358 64.05 -35.38 2.92
N ARG M 359 64.39 -34.10 2.68
CA ARG M 359 64.95 -33.28 3.74
C ARG M 359 63.93 -33.05 4.86
N ILE M 360 62.68 -32.73 4.50
CA ILE M 360 61.67 -32.44 5.52
C ILE M 360 61.48 -33.64 6.44
N ALA M 361 61.47 -34.86 5.88
CA ALA M 361 61.31 -36.05 6.69
C ALA M 361 62.39 -36.14 7.76
N GLU M 362 63.64 -35.87 7.38
CA GLU M 362 64.71 -35.76 8.36
C GLU M 362 64.44 -34.63 9.33
N LEU M 363 64.04 -33.46 8.82
CA LEU M 363 63.79 -32.31 9.68
C LEU M 363 62.64 -32.57 10.65
N GLU M 364 61.61 -33.29 10.20
CA GLU M 364 60.51 -33.63 11.10
C GLU M 364 60.97 -34.60 12.18
N ARG M 365 61.84 -35.55 11.82
CA ARG M 365 62.37 -36.48 12.81
C ARG M 365 63.25 -35.75 13.83
N LYS M 366 63.93 -34.68 13.42
CA LYS M 366 64.73 -33.91 14.36
C LYS M 366 63.84 -33.25 15.42
N ILE M 367 62.73 -32.65 15.00
CA ILE M 367 61.82 -32.00 15.94
C ILE M 367 61.28 -33.02 16.94
N GLU M 368 60.76 -34.14 16.43
CA GLU M 368 60.14 -35.14 17.29
C GLU M 368 61.13 -35.72 18.29
N ASN M 369 62.41 -35.76 17.93
CA ASN M 369 63.43 -36.27 18.83
C ASN M 369 63.85 -35.26 19.89
N HIS M 370 63.45 -33.99 19.77
CA HIS M 370 63.74 -33.02 20.82
C HIS M 370 63.03 -33.38 22.12
N THR M 371 61.87 -34.03 22.05
CA THR M 371 61.14 -34.44 23.25
C THR M 371 62.01 -35.32 24.15
N GLU M 372 62.87 -36.15 23.58
CA GLU M 372 63.68 -37.07 24.37
C GLU M 372 64.77 -36.35 25.16
N ASP M 373 65.13 -35.12 24.78
CA ASP M 373 66.10 -34.32 25.52
C ASP M 373 65.45 -33.45 26.58
N MET M 374 64.16 -33.63 26.87
CA MET M 374 63.40 -32.75 27.77
C MET M 374 62.56 -33.61 28.71
N LYS M 375 63.18 -34.63 29.30
CA LYS M 375 62.52 -35.42 30.34
C LYS M 375 62.39 -34.59 31.60
N VAL M 376 61.21 -34.66 32.22
CA VAL M 376 60.86 -33.84 33.38
C VAL M 376 60.78 -34.79 34.57
N THR M 377 61.79 -34.74 35.44
CA THR M 377 61.92 -35.71 36.55
C THR M 377 62.31 -34.95 37.82
N ALA M 378 61.33 -34.70 38.69
CA ALA M 378 61.63 -34.21 40.02
C ALA M 378 62.10 -35.35 40.92
N SER M 379 63.03 -35.02 41.81
CA SER M 379 63.24 -35.86 42.98
C SER M 379 62.09 -35.61 43.95
N VAL M 380 61.76 -36.65 44.72
CA VAL M 380 60.71 -36.50 45.73
C VAL M 380 61.12 -35.45 46.76
N ASN M 381 62.42 -35.26 46.97
CA ASN M 381 62.89 -34.17 47.81
C ASN M 381 62.61 -32.81 47.19
N ASP M 382 62.70 -32.70 45.87
CA ASP M 382 62.36 -31.46 45.19
C ASP M 382 60.87 -31.17 45.25
N VAL M 383 60.04 -32.21 45.14
CA VAL M 383 58.61 -32.05 45.31
C VAL M 383 58.29 -31.57 46.72
N ALA M 384 58.98 -32.15 47.71
CA ALA M 384 58.80 -31.72 49.09
C ALA M 384 59.27 -30.29 49.28
N GLU M 385 60.28 -29.87 48.51
CA GLU M 385 60.76 -28.50 48.61
C GLU M 385 59.79 -27.52 47.97
N SER M 386 58.97 -27.98 47.01
CA SER M 386 57.89 -27.17 46.48
C SER M 386 56.95 -26.66 47.57
N VAL M 387 56.78 -27.43 48.63
CA VAL M 387 55.90 -27.05 49.73
C VAL M 387 56.41 -25.79 50.42
N GLU M 388 57.73 -25.55 50.38
CA GLU M 388 58.31 -24.35 50.97
C GLU M 388 58.38 -23.20 49.96
N ARG M 389 58.66 -23.51 48.69
CA ARG M 389 58.94 -22.44 47.72
C ARG M 389 57.75 -21.50 47.57
N MET M 390 56.55 -22.05 47.43
CA MET M 390 55.33 -21.26 47.24
C MET M 390 54.55 -21.06 48.53
N THR M 391 55.16 -21.32 49.69
CA THR M 391 54.53 -21.07 50.99
C THR M 391 55.43 -20.24 51.89
N GLY M 392 56.75 -20.37 51.73
CA GLY M 392 57.69 -19.60 52.52
C GLY M 392 57.87 -20.07 53.95
N ILE M 393 57.77 -21.37 54.18
CA ILE M 393 57.73 -21.95 55.52
C ILE M 393 58.99 -22.79 55.70
N PRO M 394 59.99 -22.37 56.54
CA PRO M 394 61.35 -23.00 56.48
C PRO M 394 61.40 -24.41 57.07
N VAL M 395 61.10 -25.40 56.22
CA VAL M 395 60.88 -26.77 56.66
C VAL M 395 61.63 -27.79 55.81
N SER M 396 62.69 -27.36 55.13
CA SER M 396 63.45 -28.28 54.28
C SER M 396 64.13 -29.39 55.09
N GLN M 397 64.28 -29.21 56.40
CA GLN M 397 64.90 -30.22 57.25
C GLN M 397 64.02 -31.47 57.41
N MET M 398 62.74 -31.40 57.10
CA MET M 398 61.82 -32.51 57.30
C MET M 398 61.96 -33.51 56.15
N GLY M 399 61.56 -34.78 56.38
CA GLY M 399 61.05 -35.33 57.64
C GLY M 399 60.02 -36.43 57.43
N ALA M 400 59.74 -37.13 58.53
CA ALA M 400 58.72 -38.18 58.61
C ALA M 400 57.88 -37.81 59.84
N SER M 401 57.40 -36.57 59.83
CA SER M 401 57.27 -35.77 61.04
C SER M 401 55.87 -35.80 61.65
N ASP M 402 55.20 -36.95 61.62
CA ASP M 402 53.96 -37.08 62.38
C ASP M 402 54.23 -36.95 63.88
N ILE M 403 55.34 -37.50 64.35
CA ILE M 403 55.70 -37.51 65.77
C ILE M 403 56.79 -36.48 66.05
N GLU M 404 57.67 -36.26 65.06
CA GLU M 404 58.80 -35.36 65.25
C GLU M 404 58.33 -33.97 65.66
N ARG M 405 57.31 -33.44 65.00
CA ARG M 405 56.80 -32.13 65.39
C ARG M 405 56.13 -32.17 66.76
N LEU M 406 55.44 -33.27 67.06
CA LEU M 406 54.70 -33.38 68.31
C LEU M 406 55.63 -33.20 69.51
N LYS M 407 56.81 -33.80 69.46
CA LYS M 407 57.76 -33.75 70.57
C LYS M 407 58.76 -32.61 70.46
N ASP M 408 59.21 -32.28 69.25
CA ASP M 408 60.31 -31.33 69.10
C ASP M 408 59.87 -29.88 68.94
N MET M 409 58.65 -29.62 68.46
CA MET M 409 58.21 -28.24 68.34
C MET M 409 58.12 -27.57 69.71
N ALA M 410 57.85 -28.34 70.76
CA ALA M 410 57.88 -27.78 72.10
C ALA M 410 59.30 -27.35 72.47
N HIS M 411 60.29 -28.19 72.20
CA HIS M 411 61.68 -27.82 72.43
C HIS M 411 62.11 -26.72 71.47
N ARG M 412 61.62 -26.78 70.22
CA ARG M 412 61.96 -25.76 69.23
C ARG M 412 61.44 -24.40 69.65
N LEU M 413 60.29 -24.37 70.32
CA LEU M 413 59.74 -23.10 70.81
C LEU M 413 60.69 -22.46 71.81
N GLN M 414 60.97 -23.16 72.91
CA GLN M 414 61.71 -22.58 74.04
C GLN M 414 63.08 -22.07 73.63
N ASP M 415 63.67 -22.60 72.56
CA ASP M 415 64.92 -22.06 72.05
C ASP M 415 64.79 -20.61 71.61
N LYS M 416 63.58 -20.14 71.31
CA LYS M 416 63.32 -18.76 70.90
C LYS M 416 62.50 -17.99 71.91
N VAL M 417 62.17 -18.56 73.07
CA VAL M 417 61.31 -17.91 74.05
C VAL M 417 62.18 -17.10 75.01
N ILE M 418 61.63 -15.99 75.50
CA ILE M 418 62.20 -15.25 76.62
C ILE M 418 61.16 -15.31 77.74
N GLY M 419 61.37 -16.22 78.69
CA GLY M 419 60.50 -16.31 79.84
C GLY M 419 60.51 -17.70 80.44
N GLN M 420 59.45 -17.98 81.21
CA GLN M 420 59.31 -19.26 81.90
C GLN M 420 59.22 -20.40 80.89
N ASP M 421 59.64 -21.59 81.32
CA ASP M 421 59.73 -22.73 80.42
C ASP M 421 58.49 -23.62 80.46
N LYS M 422 57.75 -23.64 81.58
CA LYS M 422 56.60 -24.52 81.68
C LYS M 422 55.42 -24.07 80.83
N ALA M 423 55.50 -22.90 80.18
CA ALA M 423 54.41 -22.45 79.32
C ALA M 423 54.21 -23.37 78.13
N VAL M 424 55.28 -23.96 77.60
CA VAL M 424 55.15 -24.79 76.41
C VAL M 424 54.41 -26.09 76.74
N GLU M 425 54.62 -26.65 77.93
CA GLU M 425 53.95 -27.89 78.30
C GLU M 425 52.43 -27.71 78.35
N VAL M 426 51.98 -26.50 78.68
CA VAL M 426 50.55 -26.22 78.68
C VAL M 426 50.02 -26.14 77.24
N VAL M 427 50.69 -25.37 76.38
CA VAL M 427 50.16 -25.09 75.06
C VAL M 427 50.50 -26.22 74.07
N ALA M 428 51.69 -26.80 74.18
CA ALA M 428 52.11 -27.82 73.21
C ALA M 428 51.27 -29.08 73.35
N ARG M 429 50.96 -29.49 74.59
CA ARG M 429 50.18 -30.69 74.83
C ARG M 429 48.83 -30.63 74.13
N ALA M 430 48.26 -29.42 74.01
CA ALA M 430 46.97 -29.28 73.36
C ALA M 430 47.13 -29.40 71.83
N ILE M 431 48.29 -28.95 71.32
CA ILE M 431 48.65 -29.15 69.91
C ILE M 431 49.06 -30.60 69.69
N CYS M 432 49.50 -31.28 70.74
CA CYS M 432 49.88 -32.68 70.62
C CYS M 432 48.66 -33.60 70.64
N ARG M 433 47.80 -33.46 71.67
CA ARG M 433 46.67 -34.40 71.80
C ARG M 433 45.67 -34.24 70.67
N ASN M 434 45.49 -33.02 70.16
CA ASN M 434 44.62 -32.82 68.99
C ASN M 434 45.22 -33.48 67.76
N ARG M 435 46.47 -33.14 67.41
CA ARG M 435 47.09 -33.69 66.22
C ARG M 435 47.22 -35.21 66.32
N ALA M 436 47.38 -35.73 67.54
CA ALA M 436 47.35 -37.17 67.74
C ALA M 436 45.94 -37.74 67.56
N GLY M 437 44.92 -36.92 67.77
CA GLY M 437 43.54 -37.37 67.70
C GLY M 437 42.94 -37.78 69.02
N PHE M 438 43.64 -37.56 70.14
CA PHE M 438 43.13 -37.87 71.47
C PHE M 438 42.50 -36.61 72.07
N ASP M 439 41.23 -36.43 71.72
CA ASP M 439 40.48 -35.25 72.09
C ASP M 439 39.01 -35.62 72.07
N GLU M 440 38.27 -35.09 73.04
CA GLU M 440 36.88 -35.46 73.21
C GLU M 440 36.06 -35.08 71.98
N GLY M 441 34.86 -35.66 71.89
CA GLY M 441 34.08 -35.54 70.67
C GLY M 441 33.71 -34.12 70.30
N ASN M 442 33.58 -33.24 71.30
CA ASN M 442 33.32 -31.82 71.06
C ASN M 442 34.10 -31.01 72.10
N ARG M 443 35.32 -30.63 71.75
CA ARG M 443 36.06 -29.61 72.49
C ARG M 443 36.78 -28.73 71.49
N PRO M 444 36.53 -27.42 71.46
CA PRO M 444 37.66 -26.60 71.00
C PRO M 444 38.80 -26.78 71.98
N ILE M 445 40.03 -26.46 71.53
CA ILE M 445 41.30 -26.88 72.12
C ILE M 445 41.28 -26.82 73.65
N GLY M 446 40.74 -25.73 74.16
CA GLY M 446 40.79 -25.44 75.58
C GLY M 446 41.16 -24.00 75.79
N ASN M 447 40.73 -23.47 76.93
CA ASN M 447 40.86 -22.05 77.23
C ASN M 447 42.14 -21.83 78.03
N PHE M 448 43.02 -20.98 77.52
CA PHE M 448 44.30 -20.68 78.13
C PHE M 448 44.32 -19.23 78.61
N LEU M 449 45.04 -19.01 79.72
CA LEU M 449 45.19 -17.69 80.32
C LEU M 449 46.64 -17.47 80.67
N PHE M 450 47.25 -16.44 80.10
CA PHE M 450 48.59 -16.00 80.44
C PHE M 450 48.50 -14.71 81.24
N VAL M 451 48.95 -14.74 82.48
CA VAL M 451 49.00 -13.55 83.33
C VAL M 451 50.39 -12.96 83.22
N GLY M 452 50.46 -11.67 82.89
CA GLY M 452 51.73 -11.03 82.62
C GLY M 452 51.54 -9.56 82.36
N SER M 453 52.52 -8.98 81.67
CA SER M 453 52.50 -7.56 81.30
C SER M 453 52.94 -7.43 79.84
N THR M 454 52.81 -6.23 79.29
CA THR M 454 53.00 -6.00 77.87
C THR M 454 54.44 -6.25 77.42
N GLY M 455 54.63 -6.38 76.11
CA GLY M 455 55.97 -6.46 75.54
C GLY M 455 56.33 -7.87 75.15
N VAL M 456 57.53 -8.30 75.56
CA VAL M 456 58.05 -9.60 75.18
C VAL M 456 57.22 -10.71 75.79
N GLY M 457 56.96 -10.63 77.10
CA GLY M 457 56.20 -11.67 77.77
C GLY M 457 54.79 -11.81 77.22
N LYS M 458 54.23 -10.72 76.71
CA LYS M 458 52.86 -10.74 76.24
C LYS M 458 52.72 -11.48 74.91
N THR M 459 53.62 -11.24 73.96
CA THR M 459 53.38 -11.57 72.57
C THR M 459 54.21 -12.72 72.01
N GLU M 460 55.35 -13.10 72.63
CA GLU M 460 56.18 -14.13 72.02
C GLU M 460 55.43 -15.46 71.90
N LEU M 461 54.65 -15.82 72.93
CA LEU M 461 53.95 -17.10 72.91
C LEU M 461 53.00 -17.20 71.72
N ALA M 462 52.11 -16.22 71.57
CA ALA M 462 51.15 -16.27 70.47
C ALA M 462 51.83 -16.21 69.12
N LYS M 463 52.86 -15.37 68.99
CA LYS M 463 53.54 -15.23 67.70
C LYS M 463 54.34 -16.47 67.36
N GLN M 464 55.11 -16.99 68.32
CA GLN M 464 56.01 -18.10 68.02
C GLN M 464 55.24 -19.41 67.85
N LEU M 465 54.11 -19.56 68.55
CA LEU M 465 53.26 -20.73 68.30
C LEU M 465 52.65 -20.66 66.90
N ALA M 466 52.26 -19.46 66.47
CA ALA M 466 51.66 -19.32 65.14
C ALA M 466 52.65 -19.67 64.04
N LEU M 467 53.95 -19.42 64.27
CA LEU M 467 54.96 -19.71 63.25
C LEU M 467 55.34 -21.19 63.23
N ASP M 468 55.21 -21.89 64.35
CA ASP M 468 55.42 -23.33 64.37
C ASP M 468 54.17 -24.11 64.02
N MET M 469 52.99 -23.60 64.39
CA MET M 469 51.75 -24.24 63.99
C MET M 469 51.41 -23.92 62.54
N PHE M 470 51.51 -22.65 62.15
CA PHE M 470 50.93 -22.17 60.89
C PHE M 470 51.83 -21.32 60.05
N GLY M 471 52.95 -20.84 60.58
CA GLY M 471 54.06 -20.44 59.77
C GLY M 471 54.08 -18.98 59.38
N THR M 472 52.94 -18.29 59.44
CA THR M 472 52.90 -16.90 59.02
C THR M 472 51.82 -16.17 59.83
N GLN M 473 51.64 -14.88 59.51
CA GLN M 473 50.87 -13.95 60.33
C GLN M 473 49.42 -13.84 59.81
N ASP M 474 48.77 -15.01 59.72
CA ASP M 474 47.44 -15.08 59.11
C ASP M 474 46.38 -15.58 60.08
N ALA M 475 46.60 -16.72 60.75
CA ALA M 475 45.58 -17.36 61.55
C ALA M 475 45.65 -16.90 63.01
N ILE M 476 45.34 -15.63 63.21
CA ILE M 476 45.37 -15.04 64.54
C ILE M 476 44.56 -13.76 64.54
N ILE M 477 43.71 -13.59 65.55
CA ILE M 477 42.93 -12.38 65.75
C ILE M 477 43.19 -11.88 67.17
N ARG M 478 43.37 -10.57 67.32
CA ARG M 478 43.53 -9.93 68.61
C ARG M 478 42.24 -9.18 68.97
N LEU M 479 41.64 -9.56 70.09
CA LEU M 479 40.46 -8.87 70.61
C LEU M 479 40.94 -7.76 71.54
N ASP M 480 40.81 -6.52 71.09
CA ASP M 480 41.29 -5.36 71.83
C ASP M 480 40.27 -5.02 72.91
N MET M 481 40.60 -5.31 74.17
CA MET M 481 39.75 -4.88 75.27
C MET M 481 39.83 -3.38 75.52
N SER M 482 40.74 -2.66 74.86
CA SER M 482 40.75 -1.21 75.00
C SER M 482 39.44 -0.60 74.51
N GLU M 483 38.78 -1.25 73.54
CA GLU M 483 37.42 -0.90 73.16
C GLU M 483 36.38 -1.29 74.21
N TYR M 484 36.78 -1.98 75.28
CA TYR M 484 35.91 -2.42 76.36
C TYR M 484 36.24 -1.80 77.70
N SER M 485 36.67 -0.54 77.71
CA SER M 485 36.94 0.16 78.97
C SER M 485 35.65 0.66 79.59
N ASP M 486 35.24 0.08 80.72
CA ASP M 486 34.04 0.54 81.41
C ASP M 486 34.19 1.96 81.94
N ARG M 487 35.41 2.41 82.21
CA ARG M 487 35.63 3.70 82.85
C ARG M 487 35.64 4.86 81.86
N THR M 488 36.10 4.63 80.63
CA THR M 488 36.41 5.70 79.70
C THR M 488 35.59 5.66 78.42
N ALA M 489 34.64 4.72 78.29
CA ALA M 489 33.86 4.59 77.06
C ALA M 489 32.78 5.68 77.01
N VAL M 490 33.26 6.91 76.80
CA VAL M 490 32.39 8.06 76.58
C VAL M 490 32.84 8.77 75.30
N SER M 491 33.39 8.00 74.36
CA SER M 491 33.91 8.51 73.09
C SER M 491 35.09 9.45 73.27
N LYS M 492 35.83 9.36 74.37
CA LYS M 492 37.15 9.99 74.37
C LYS M 492 38.03 9.31 73.33
N LEU M 493 37.93 7.99 73.25
CA LEU M 493 38.56 7.13 72.25
C LEU M 493 37.38 6.48 71.50
N ILE M 494 37.63 5.35 70.84
CA ILE M 494 36.89 4.81 69.70
C ILE M 494 35.37 4.97 69.83
N GLY M 495 34.82 4.77 71.02
CA GLY M 495 33.38 4.88 71.14
C GLY M 495 32.89 4.70 72.56
N THR M 496 31.57 4.58 72.67
CA THR M 496 30.84 4.54 73.93
C THR M 496 30.62 3.11 74.39
N THR M 497 29.86 2.98 75.48
CA THR M 497 29.45 1.68 76.01
C THR M 497 28.71 0.86 74.96
N ALA M 498 27.88 1.52 74.15
CA ALA M 498 27.08 0.78 73.18
C ALA M 498 27.92 0.13 72.10
N GLY M 499 29.16 0.57 71.90
CA GLY M 499 30.05 -0.07 70.95
C GLY M 499 30.56 -1.42 71.37
N TYR M 500 30.24 -1.87 72.58
CA TYR M 500 30.70 -3.17 73.07
C TYR M 500 30.01 -4.34 72.38
N VAL M 501 28.79 -4.14 71.88
CA VAL M 501 27.96 -5.21 71.35
C VAL M 501 27.86 -5.05 69.84
N GLY M 502 27.74 -6.16 69.13
CA GLY M 502 27.48 -6.15 67.71
C GLY M 502 28.70 -6.06 66.84
N TYR M 503 29.56 -5.06 67.07
CA TYR M 503 30.71 -4.86 66.19
C TYR M 503 31.71 -6.01 66.35
N ASP M 504 32.13 -6.27 67.58
CA ASP M 504 33.06 -7.37 67.86
C ASP M 504 32.26 -8.63 68.20
N ASP M 505 31.25 -8.89 67.36
CA ASP M 505 30.46 -10.11 67.44
C ASP M 505 30.40 -10.78 66.08
N ASN M 506 30.12 -10.00 65.01
CA ASN M 506 30.18 -10.54 63.65
C ASN M 506 30.59 -9.52 62.59
N SER M 507 30.93 -8.28 62.98
CA SER M 507 30.99 -7.19 62.02
C SER M 507 32.36 -7.05 61.37
N ASN M 508 32.54 -5.99 60.58
CA ASN M 508 33.73 -5.76 59.77
C ASN M 508 34.92 -5.50 60.69
N THR M 509 35.86 -6.45 60.84
CA THR M 509 35.87 -7.83 60.32
C THR M 509 36.16 -8.80 61.46
N LEU M 510 35.17 -9.61 61.80
CA LEU M 510 35.35 -10.74 62.70
C LEU M 510 35.14 -12.07 62.00
N THR M 511 33.95 -12.30 61.44
CA THR M 511 33.54 -13.63 61.03
C THR M 511 34.19 -14.08 59.72
N GLU M 512 34.41 -13.15 58.78
CA GLU M 512 35.01 -13.51 57.52
C GLU M 512 36.44 -14.02 57.69
N ARG M 513 37.11 -13.65 58.79
CA ARG M 513 38.39 -14.23 59.14
C ARG M 513 38.23 -15.54 59.91
N VAL M 514 37.16 -15.69 60.70
CA VAL M 514 36.91 -16.94 61.40
C VAL M 514 36.51 -18.04 60.42
N ARG M 515 35.88 -17.67 59.30
CA ARG M 515 35.49 -18.67 58.31
C ARG M 515 36.67 -19.15 57.48
N ARG M 516 37.61 -18.27 57.14
CA ARG M 516 38.85 -18.69 56.52
C ARG M 516 39.71 -19.48 57.47
N ASN M 517 39.66 -19.14 58.75
CA ASN M 517 40.44 -19.80 59.79
C ASN M 517 39.50 -20.18 60.93
N PRO M 518 38.78 -21.32 60.79
CA PRO M 518 37.96 -21.86 61.89
C PRO M 518 38.77 -22.21 63.14
N TYR M 519 40.09 -22.34 62.96
CA TYR M 519 41.01 -23.04 63.85
C TYR M 519 41.89 -22.09 64.63
N SER M 520 41.71 -20.78 64.44
CA SER M 520 42.76 -19.80 64.65
C SER M 520 43.17 -19.70 66.12
N ILE M 521 44.18 -18.88 66.36
CA ILE M 521 44.49 -18.39 67.71
C ILE M 521 43.60 -17.19 67.96
N ILE M 522 42.92 -17.19 69.10
CA ILE M 522 42.23 -16.02 69.61
C ILE M 522 43.09 -15.42 70.70
N LEU M 523 43.27 -14.10 70.67
CA LEU M 523 43.93 -13.38 71.74
C LEU M 523 42.98 -12.35 72.33
N LEU M 524 42.62 -12.55 73.59
CA LEU M 524 41.87 -11.58 74.36
C LEU M 524 42.89 -10.71 75.09
N ASP M 525 43.00 -9.46 74.66
CA ASP M 525 44.05 -8.54 75.12
C ASP M 525 43.63 -7.88 76.42
N ALA M 526 44.25 -8.27 77.54
CA ALA M 526 44.05 -7.55 78.80
C ALA M 526 42.61 -7.57 79.32
N ILE M 527 42.19 -8.73 79.86
CA ILE M 527 40.81 -8.95 80.37
C ILE M 527 40.30 -7.75 81.15
N GLU M 528 41.12 -7.18 82.03
CA GLU M 528 40.65 -6.37 83.16
C GLU M 528 39.82 -5.14 82.78
N LYS M 529 39.78 -4.76 81.50
CA LYS M 529 39.18 -3.48 81.13
C LYS M 529 37.66 -3.42 81.37
N ALA M 530 37.00 -4.55 81.64
CA ALA M 530 35.54 -4.59 81.62
C ALA M 530 34.94 -5.41 82.75
N ASP M 531 33.64 -5.16 82.97
CA ASP M 531 32.64 -5.91 83.73
C ASP M 531 32.84 -7.41 83.52
N PRO M 532 32.77 -8.28 84.56
CA PRO M 532 32.97 -9.72 84.30
C PRO M 532 31.96 -10.32 83.32
N GLN M 533 30.81 -9.69 83.11
CA GLN M 533 29.81 -10.25 82.21
C GLN M 533 30.24 -10.14 80.74
N VAL M 534 30.98 -9.10 80.39
CA VAL M 534 31.48 -8.94 79.03
C VAL M 534 32.37 -10.11 78.65
N ILE M 535 33.32 -10.43 79.52
CA ILE M 535 34.29 -11.49 79.28
C ILE M 535 33.64 -12.86 79.45
N THR M 536 32.60 -12.93 80.28
CA THR M 536 31.92 -14.19 80.56
C THR M 536 31.19 -14.71 79.34
N LEU M 537 30.80 -13.83 78.42
CA LEU M 537 30.01 -14.25 77.26
C LEU M 537 30.75 -15.27 76.41
N LEU M 538 31.97 -14.93 76.00
CA LEU M 538 32.69 -15.81 75.09
C LEU M 538 33.02 -17.14 75.75
N LEU M 539 33.48 -17.12 77.00
CA LEU M 539 34.08 -18.30 77.59
C LEU M 539 33.04 -19.35 77.99
N GLN M 540 31.86 -18.92 78.47
CA GLN M 540 30.79 -19.88 78.72
C GLN M 540 30.28 -20.56 77.45
N VAL M 541 30.49 -19.92 76.30
CA VAL M 541 29.96 -20.39 75.01
C VAL M 541 30.97 -21.26 74.26
N LEU M 542 32.25 -21.23 74.64
CA LEU M 542 33.25 -22.08 74.02
C LEU M 542 33.23 -23.53 74.51
N ASP M 543 32.31 -23.89 75.40
CA ASP M 543 32.20 -25.28 75.82
C ASP M 543 31.85 -26.19 74.64
N ASP M 544 30.83 -25.82 73.87
CA ASP M 544 30.35 -26.62 72.76
C ASP M 544 30.99 -26.24 71.44
N GLY M 545 31.95 -25.32 71.43
CA GLY M 545 32.56 -24.88 70.19
C GLY M 545 31.58 -24.24 69.23
N ARG M 546 30.59 -23.52 69.74
CA ARG M 546 29.55 -22.91 68.90
C ARG M 546 29.05 -21.64 69.58
N LEU M 547 28.87 -20.58 68.80
CA LEU M 547 28.40 -19.29 69.30
C LEU M 547 27.33 -18.76 68.36
N THR M 548 26.16 -18.42 68.93
CA THR M 548 25.09 -17.78 68.19
C THR M 548 25.25 -16.26 68.28
N ASP M 549 25.32 -15.60 67.12
CA ASP M 549 25.62 -14.18 67.07
C ASP M 549 24.34 -13.35 67.20
N GLY M 550 24.49 -12.03 67.06
CA GLY M 550 23.34 -11.13 67.17
C GLY M 550 22.31 -11.29 66.08
N GLN M 551 22.70 -11.80 64.91
CA GLN M 551 21.78 -11.99 63.79
C GLN M 551 21.12 -13.36 63.78
N GLY M 552 21.34 -14.17 64.82
CA GLY M 552 20.76 -15.51 64.87
C GLY M 552 21.56 -16.58 64.17
N ASN M 553 22.71 -16.25 63.58
CA ASN M 553 23.56 -17.23 62.93
C ASN M 553 24.56 -17.82 63.93
N THR M 554 24.90 -19.09 63.71
CA THR M 554 25.83 -19.82 64.56
C THR M 554 27.16 -19.95 63.86
N VAL M 555 28.24 -19.54 64.53
CA VAL M 555 29.60 -19.85 64.10
C VAL M 555 29.99 -21.17 64.77
N ASN M 556 30.54 -22.09 64.00
CA ASN M 556 31.02 -23.37 64.50
C ASN M 556 32.54 -23.35 64.56
N PHE M 557 33.08 -23.54 65.76
CA PHE M 557 34.52 -23.51 65.97
C PHE M 557 35.13 -24.90 65.85
N LYS M 558 36.13 -25.01 65.00
CA LYS M 558 37.06 -26.12 65.00
C LYS M 558 38.30 -25.69 65.76
N ASN M 559 38.83 -26.63 66.56
CA ASN M 559 40.24 -26.69 66.97
C ASN M 559 40.86 -25.32 67.22
N THR M 560 40.11 -24.47 67.90
CA THR M 560 40.50 -23.09 68.17
C THR M 560 41.14 -23.01 69.55
N VAL M 561 42.24 -22.27 69.64
CA VAL M 561 42.92 -21.98 70.90
C VAL M 561 42.72 -20.50 71.22
N ILE M 562 42.30 -20.22 72.45
CA ILE M 562 42.23 -18.85 72.96
C ILE M 562 43.27 -18.73 74.07
N ILE M 563 44.13 -17.71 73.94
CA ILE M 563 45.05 -17.31 75.01
C ILE M 563 44.56 -15.96 75.49
N ALA M 564 43.81 -15.95 76.59
CA ALA M 564 43.41 -14.71 77.23
C ALA M 564 44.60 -14.14 78.00
N THR M 565 44.59 -12.82 78.17
CA THR M 565 45.70 -12.11 78.80
C THR M 565 45.18 -11.03 79.74
N SER M 566 45.94 -10.81 80.81
CA SER M 566 45.63 -9.82 81.83
C SER M 566 46.88 -9.05 82.20
N ASN M 567 46.68 -7.91 82.86
CA ASN M 567 47.79 -7.12 83.41
C ASN M 567 47.99 -7.55 84.86
N ALA M 568 49.02 -8.37 85.08
CA ALA M 568 49.25 -9.02 86.36
C ALA M 568 50.46 -8.43 87.08
N GLY M 569 50.73 -8.96 88.26
CA GLY M 569 51.81 -8.48 89.10
C GLY M 569 51.53 -8.83 90.54
N PHE M 570 52.36 -8.25 91.42
CA PHE M 570 52.18 -8.44 92.85
C PHE M 570 53.11 -7.50 93.60
N GLY M 571 52.60 -6.93 94.71
CA GLY M 571 53.39 -6.08 95.57
C GLY M 571 53.96 -6.84 96.75
N TYR M 572 55.22 -6.52 97.08
CA TYR M 572 56.07 -7.43 97.82
C TYR M 572 56.91 -6.66 98.83
N GLU M 573 57.70 -7.42 99.61
CA GLU M 573 58.63 -6.81 100.56
C GLU M 573 60.00 -6.60 99.93
N ALA M 574 60.64 -7.69 99.48
CA ALA M 574 61.95 -7.65 98.85
C ALA M 574 61.89 -8.46 97.57
N ASN M 575 62.67 -8.03 96.56
CA ASN M 575 62.58 -8.59 95.22
C ASN M 575 62.85 -10.10 95.18
N LEU M 576 63.48 -10.65 96.20
CA LEU M 576 63.62 -12.09 96.36
C LEU M 576 62.40 -12.75 96.99
N THR M 577 61.32 -12.00 97.25
CA THR M 577 60.07 -12.54 97.77
C THR M 577 58.90 -12.31 96.81
N GLU M 578 59.18 -12.06 95.52
CA GLU M 578 58.11 -11.79 94.57
C GLU M 578 57.23 -13.02 94.37
N ASP M 579 57.84 -14.21 94.30
CA ASP M 579 57.11 -15.45 94.06
C ASP M 579 56.68 -16.14 95.36
N ALA M 580 56.63 -15.40 96.46
CA ALA M 580 56.28 -16.02 97.74
C ALA M 580 54.79 -16.37 97.81
N ASP M 581 53.94 -15.53 97.22
CA ASP M 581 52.48 -15.67 97.31
C ASP M 581 51.95 -16.14 95.95
N LYS M 582 51.77 -17.45 95.81
CA LYS M 582 51.48 -18.05 94.51
C LYS M 582 50.02 -17.89 94.07
N PRO M 583 49.02 -18.39 94.83
CA PRO M 583 47.63 -18.21 94.35
C PRO M 583 47.11 -16.80 94.48
N GLU M 584 47.84 -15.91 95.17
CA GLU M 584 47.34 -14.56 95.41
C GLU M 584 47.40 -13.68 94.16
N LEU M 585 48.09 -14.14 93.10
CA LEU M 585 47.97 -13.45 91.81
C LEU M 585 46.53 -13.48 91.32
N MET M 586 45.88 -14.62 91.44
CA MET M 586 44.47 -14.74 91.07
C MET M 586 43.58 -13.91 91.99
N ASP M 587 43.96 -13.78 93.26
CA ASP M 587 43.21 -12.94 94.18
C ASP M 587 43.40 -11.47 93.85
N ARG M 588 44.61 -11.09 93.44
CA ARG M 588 44.84 -9.74 92.96
C ARG M 588 43.99 -9.46 91.71
N LEU M 589 43.96 -10.41 90.78
CA LEU M 589 43.20 -10.27 89.55
C LEU M 589 41.72 -10.59 89.72
N LYS M 590 41.31 -11.08 90.90
CA LYS M 590 39.92 -11.41 91.20
C LYS M 590 38.86 -10.35 90.86
N PRO M 591 39.10 -9.04 91.07
CA PRO M 591 37.97 -8.09 90.95
C PRO M 591 37.27 -8.08 89.59
N PHE M 592 37.92 -8.49 88.51
CA PHE M 592 37.33 -8.43 87.18
C PHE M 592 36.89 -9.80 86.65
N PHE M 593 36.97 -10.86 87.45
CA PHE M 593 36.37 -12.13 87.08
C PHE M 593 35.88 -12.84 88.34
N ARG M 594 35.41 -14.07 88.14
CA ARG M 594 34.86 -14.90 89.21
C ARG M 594 35.34 -16.32 89.02
N PRO M 595 35.17 -17.20 90.01
CA PRO M 595 35.60 -18.59 89.84
C PRO M 595 34.92 -19.32 88.71
N GLU M 596 33.71 -18.90 88.33
CA GLU M 596 33.06 -19.49 87.16
C GLU M 596 33.84 -19.21 85.88
N PHE M 597 34.62 -18.13 85.85
CA PHE M 597 35.48 -17.76 84.75
C PHE M 597 36.86 -18.40 84.88
N LEU M 598 37.34 -18.53 86.12
CA LEU M 598 38.68 -19.05 86.35
C LEU M 598 38.75 -20.55 86.13
N ASN M 599 37.75 -21.29 86.60
CA ASN M 599 37.78 -22.74 86.60
C ASN M 599 37.67 -23.36 85.20
N ARG M 600 37.47 -22.55 84.16
CA ARG M 600 37.39 -23.04 82.80
C ARG M 600 38.75 -23.06 82.09
N PHE M 601 39.84 -22.79 82.80
CA PHE M 601 41.15 -22.58 82.19
C PHE M 601 42.11 -23.71 82.55
N ASN M 602 43.05 -23.98 81.63
CA ASN M 602 43.94 -25.15 81.72
C ASN M 602 45.18 -24.79 82.52
N ALA M 603 44.95 -24.71 83.83
CA ALA M 603 45.82 -24.64 84.99
C ALA M 603 46.50 -23.32 85.32
N VAL M 604 47.16 -22.63 84.39
CA VAL M 604 47.11 -21.21 84.06
C VAL M 604 48.58 -21.06 83.68
N ILE M 605 49.01 -20.02 82.97
CA ILE M 605 50.45 -19.76 82.81
C ILE M 605 50.85 -18.57 83.69
N GLU M 606 51.88 -18.78 84.52
CA GLU M 606 52.19 -17.91 85.65
C GLU M 606 52.74 -16.55 85.20
N PHE M 607 53.06 -15.71 86.19
CA PHE M 607 53.53 -14.34 85.93
C PHE M 607 55.03 -14.29 85.68
N SER M 608 55.72 -15.43 85.84
CA SER M 608 57.12 -15.51 86.25
C SER M 608 58.06 -14.47 85.63
N HIS M 609 59.02 -14.02 86.43
CA HIS M 609 59.70 -12.74 86.23
C HIS M 609 61.02 -12.97 85.50
N LEU M 610 61.62 -11.87 85.07
CA LEU M 610 62.99 -11.89 84.54
C LEU M 610 63.98 -11.99 85.70
N THR M 611 64.85 -12.98 85.63
CA THR M 611 65.78 -13.30 86.70
C THR M 611 67.17 -12.74 86.40
N LYS M 612 67.91 -12.43 87.46
CA LYS M 612 69.35 -12.17 87.33
C LYS M 612 70.06 -13.52 87.21
N GLU M 613 69.98 -14.04 85.98
CA GLU M 613 70.47 -15.35 85.59
C GLU M 613 70.92 -15.15 84.15
N ASP M 614 70.92 -16.20 83.32
CA ASP M 614 71.58 -16.13 82.02
C ASP M 614 70.82 -15.16 81.12
N LEU M 615 71.08 -13.85 81.36
CA LEU M 615 70.62 -12.80 80.46
C LEU M 615 71.22 -12.92 79.07
N SER M 616 72.35 -13.62 78.92
CA SER M 616 73.08 -13.62 77.66
C SER M 616 72.26 -14.26 76.54
N LYS M 617 71.31 -15.14 76.88
CA LYS M 617 70.50 -15.77 75.85
C LYS M 617 69.67 -14.74 75.10
N ILE M 618 69.19 -13.70 75.79
CA ILE M 618 68.55 -12.59 75.07
C ILE M 618 69.59 -11.85 74.24
N VAL M 619 70.76 -11.59 74.82
CA VAL M 619 71.79 -10.81 74.12
C VAL M 619 72.38 -11.62 72.96
N ASP M 620 72.43 -12.95 73.11
CA ASP M 620 72.94 -13.78 72.01
C ASP M 620 71.99 -13.74 70.81
N LEU M 621 70.68 -13.60 71.07
CA LEU M 621 69.71 -13.52 69.98
C LEU M 621 69.67 -12.13 69.37
N MET M 622 69.70 -11.08 70.22
CA MET M 622 69.68 -9.72 69.70
C MET M 622 70.87 -9.47 68.77
N LEU M 623 72.08 -9.84 69.22
CA LEU M 623 73.26 -9.69 68.39
C LEU M 623 73.13 -10.47 67.09
N ALA M 624 72.43 -11.61 67.12
CA ALA M 624 72.16 -12.34 65.89
C ALA M 624 71.20 -11.57 65.00
N GLU M 625 70.24 -10.86 65.60
CA GLU M 625 69.32 -10.05 64.81
C GLU M 625 70.03 -8.86 64.19
N VAL M 626 71.08 -8.36 64.84
CA VAL M 626 71.87 -7.27 64.26
C VAL M 626 72.51 -7.72 62.96
N ASN M 627 73.23 -8.84 63.00
CA ASN M 627 73.92 -9.32 61.81
C ASN M 627 72.95 -9.84 60.75
N GLN M 628 71.83 -10.45 61.18
CA GLN M 628 70.80 -10.84 60.23
C GLN M 628 70.23 -9.62 59.51
N THR M 629 70.03 -8.53 60.25
CA THR M 629 69.61 -7.27 59.62
C THR M 629 70.70 -6.76 58.68
N LEU M 630 71.94 -6.69 59.16
CA LEU M 630 73.03 -6.18 58.34
C LEU M 630 73.38 -7.12 57.19
N ALA M 631 73.02 -8.40 57.30
CA ALA M 631 73.41 -9.38 56.29
C ALA M 631 72.74 -9.13 54.94
N LYS M 632 71.64 -8.34 54.92
CA LYS M 632 70.98 -8.06 53.65
C LYS M 632 71.91 -7.33 52.69
N LYS M 633 72.75 -6.44 53.21
CA LYS M 633 73.74 -5.72 52.41
C LYS M 633 75.12 -6.36 52.47
N ASP M 634 75.19 -7.64 52.85
CA ASP M 634 76.46 -8.36 52.99
C ASP M 634 77.36 -7.67 54.00
N ILE M 635 76.77 -7.32 55.14
CA ILE M 635 77.47 -6.64 56.23
C ILE M 635 77.35 -7.53 57.46
N ASP M 636 78.49 -7.95 58.00
CA ASP M 636 78.53 -8.91 59.09
C ASP M 636 79.78 -8.64 59.90
N LEU M 637 79.62 -8.17 61.13
CA LEU M 637 80.71 -7.81 62.02
C LEU M 637 80.92 -8.86 63.09
N VAL M 638 82.11 -8.85 63.67
CA VAL M 638 82.36 -9.56 64.92
C VAL M 638 81.75 -8.73 66.05
N VAL M 639 80.94 -9.38 66.89
CA VAL M 639 80.29 -8.73 68.01
C VAL M 639 80.70 -9.45 69.29
N SER M 640 81.27 -8.71 70.22
CA SER M 640 81.78 -9.31 71.46
C SER M 640 80.63 -9.73 72.35
N GLN M 641 80.80 -10.87 73.02
CA GLN M 641 79.84 -11.28 74.04
C GLN M 641 79.84 -10.35 75.24
N ALA M 642 80.90 -9.56 75.42
CA ALA M 642 80.98 -8.60 76.51
C ALA M 642 80.06 -7.40 76.34
N ALA M 643 79.28 -7.34 75.24
CA ALA M 643 78.23 -6.34 75.12
C ALA M 643 77.21 -6.44 76.24
N LYS M 644 77.06 -7.64 76.82
CA LYS M 644 76.13 -7.82 77.94
C LYS M 644 76.49 -6.94 79.14
N ASP M 645 77.79 -6.69 79.35
CA ASP M 645 78.25 -6.04 80.58
C ASP M 645 77.69 -4.63 80.75
N TYR M 646 77.34 -3.97 79.65
CA TYR M 646 76.75 -2.64 79.67
C TYR M 646 75.24 -2.67 79.51
N ILE M 647 74.70 -3.70 78.89
CA ILE M 647 73.25 -3.83 78.68
C ILE M 647 72.55 -4.21 79.96
N THR M 648 72.99 -5.31 80.58
CA THR M 648 72.28 -5.87 81.73
C THR M 648 72.18 -4.91 82.90
N GLU M 649 73.12 -3.95 83.01
CA GLU M 649 73.11 -2.95 84.08
C GLU M 649 71.72 -2.32 84.27
N GLU M 650 70.97 -2.16 83.19
CA GLU M 650 69.55 -1.85 83.24
C GLU M 650 68.66 -3.02 82.88
N GLY M 651 69.18 -4.00 82.14
CA GLY M 651 68.37 -5.11 81.66
C GLY M 651 67.66 -5.90 82.76
N TYR M 652 68.41 -6.38 83.76
CA TYR M 652 67.82 -7.22 84.81
C TYR M 652 67.14 -6.41 85.90
N ASP M 653 66.81 -5.15 85.65
CA ASP M 653 66.02 -4.38 86.60
C ASP M 653 64.62 -4.99 86.71
N GLU M 654 64.26 -5.41 87.92
CA GLU M 654 62.97 -6.07 88.13
C GLU M 654 61.79 -5.14 87.87
N VAL M 655 62.01 -3.83 87.94
CA VAL M 655 60.92 -2.88 87.72
C VAL M 655 60.36 -3.01 86.30
N MET M 656 61.24 -3.19 85.32
CA MET M 656 60.87 -3.13 83.91
C MET M 656 60.75 -4.50 83.26
N GLY M 657 61.62 -5.45 83.63
CA GLY M 657 61.67 -6.73 82.93
C GLY M 657 62.55 -6.64 81.70
N VAL M 658 62.10 -7.28 80.61
CA VAL M 658 62.82 -7.17 79.35
C VAL M 658 62.28 -5.95 78.61
N ARG M 659 62.55 -4.75 79.14
CA ARG M 659 62.39 -3.51 78.39
C ARG M 659 63.71 -2.97 77.83
N PRO M 660 64.77 -2.79 78.65
CA PRO M 660 65.98 -2.15 78.09
C PRO M 660 66.76 -2.99 77.10
N LEU M 661 66.48 -4.29 77.00
CA LEU M 661 67.37 -5.18 76.24
C LEU M 661 67.45 -4.76 74.77
N ARG M 662 66.29 -4.55 74.14
CA ARG M 662 66.30 -4.11 72.75
C ARG M 662 66.69 -2.64 72.60
N ARG M 663 66.42 -1.82 73.62
CA ARG M 663 66.66 -0.39 73.49
C ARG M 663 68.15 -0.06 73.55
N VAL M 664 68.92 -0.83 74.32
CA VAL M 664 70.36 -0.55 74.45
C VAL M 664 71.10 -1.06 73.21
N VAL M 665 70.77 -2.28 72.75
CA VAL M 665 71.46 -2.85 71.61
C VAL M 665 71.19 -2.04 70.35
N GLU M 666 69.91 -1.72 70.10
CA GLU M 666 69.56 -1.04 68.86
C GLU M 666 70.11 0.39 68.81
N GLN M 667 70.51 0.93 69.98
CA GLN M 667 71.17 2.23 70.01
C GLN M 667 72.68 2.09 69.99
N GLU M 668 73.22 1.09 70.72
CA GLU M 668 74.65 1.02 70.95
C GLU M 668 75.41 0.64 69.67
N ILE M 669 74.96 -0.42 68.98
CA ILE M 669 75.70 -0.94 67.83
C ILE M 669 75.28 -0.25 66.54
N ARG M 670 73.98 0.01 66.38
CA ARG M 670 73.41 0.46 65.11
C ARG M 670 74.08 1.74 64.61
N ASP M 671 74.34 2.68 65.51
CA ASP M 671 74.89 3.97 65.09
C ASP M 671 76.37 3.85 64.76
N LYS M 672 77.10 2.97 65.46
CA LYS M 672 78.54 2.83 65.22
C LYS M 672 78.82 2.12 63.91
N VAL M 673 78.03 1.08 63.60
CA VAL M 673 78.20 0.40 62.32
C VAL M 673 77.80 1.32 61.18
N THR M 674 76.97 2.33 61.44
CA THR M 674 76.58 3.28 60.40
C THR M 674 77.71 4.24 60.09
N ASP M 675 78.53 4.58 61.08
CA ASP M 675 79.57 5.58 60.88
C ASP M 675 80.72 5.05 60.05
N PHE M 676 80.95 3.72 60.07
CA PHE M 676 82.11 3.14 59.38
C PHE M 676 81.76 2.68 57.96
N HIS M 677 80.48 2.44 57.66
CA HIS M 677 80.11 2.23 56.27
C HIS M 677 80.44 3.44 55.40
N LEU M 678 80.51 4.62 56.00
CA LEU M 678 80.92 5.85 55.33
C LEU M 678 82.39 5.85 54.94
N ASP M 679 83.25 5.20 55.72
CA ASP M 679 84.63 4.96 55.33
C ASP M 679 84.75 3.79 54.35
N HIS M 680 83.64 3.14 54.01
CA HIS M 680 83.62 2.01 53.08
C HIS M 680 84.53 0.89 53.57
N LEU M 681 84.46 0.62 54.87
CA LEU M 681 85.25 -0.44 55.50
C LEU M 681 84.48 -1.75 55.44
N ASP M 682 85.22 -2.82 55.16
CA ASP M 682 84.62 -4.15 55.04
C ASP M 682 84.27 -4.66 56.44
N ALA M 683 83.00 -5.00 56.64
CA ALA M 683 82.52 -5.43 57.96
C ALA M 683 83.20 -6.69 58.45
N LYS M 684 83.61 -7.57 57.53
CA LYS M 684 84.15 -8.87 57.93
C LYS M 684 85.49 -8.75 58.67
N HIS M 685 86.12 -7.57 58.65
CA HIS M 685 87.36 -7.32 59.38
C HIS M 685 87.21 -6.22 60.43
N LEU M 686 85.99 -5.92 60.86
CA LEU M 686 85.72 -4.98 61.95
C LEU M 686 85.23 -5.76 63.16
N GLU M 687 85.65 -5.33 64.35
CA GLU M 687 85.33 -6.01 65.60
C GLU M 687 84.69 -5.03 66.57
N ALA M 688 83.45 -5.30 66.95
CA ALA M 688 82.72 -4.48 67.91
C ALA M 688 83.24 -4.81 69.31
N ASP M 689 84.14 -3.95 69.81
CA ASP M 689 84.87 -4.17 71.05
C ASP M 689 84.70 -2.94 71.94
N MET M 690 83.93 -3.09 73.00
CA MET M 690 83.61 -1.96 73.87
C MET M 690 84.77 -1.63 74.80
N GLU M 691 84.85 -0.35 75.18
CA GLU M 691 85.87 0.15 76.10
C GLU M 691 85.21 1.12 77.07
N ASP M 692 85.20 0.76 78.36
CA ASP M 692 84.65 1.61 79.42
C ASP M 692 83.19 1.97 79.15
N GLY M 693 82.40 0.97 78.79
CA GLY M 693 80.99 1.17 78.52
C GLY M 693 80.66 1.85 77.21
N VAL M 694 81.68 2.20 76.41
CA VAL M 694 81.50 2.85 75.11
C VAL M 694 81.91 1.87 74.04
N LEU M 695 81.10 1.76 72.99
CA LEU M 695 81.46 0.88 71.88
C LEU M 695 82.45 1.56 70.94
N VAL M 696 83.62 0.97 70.83
CA VAL M 696 84.63 1.34 69.83
C VAL M 696 84.84 0.14 68.92
N ILE M 697 84.15 0.11 67.79
CA ILE M 697 84.34 -0.94 66.80
C ILE M 697 85.76 -0.81 66.25
N ARG M 698 86.49 -1.91 66.22
CA ARG M 698 87.88 -1.93 65.78
C ARG M 698 87.98 -1.79 64.28
N LEU N 76 -15.11 -24.37 35.55
CA LEU N 76 -13.91 -23.57 35.71
C LEU N 76 -12.64 -24.42 35.85
N ALA N 77 -12.74 -25.71 35.57
CA ALA N 77 -11.58 -26.60 35.63
C ALA N 77 -10.77 -26.49 34.34
N LYS N 78 -10.28 -25.28 34.07
CA LYS N 78 -9.72 -24.94 32.77
C LYS N 78 -8.26 -24.46 32.76
N LEU N 79 -7.68 -23.75 33.76
CA LEU N 79 -8.15 -23.03 34.98
C LEU N 79 -8.46 -23.85 36.24
N GLY N 80 -8.30 -25.17 36.25
CA GLY N 80 -8.45 -25.93 37.46
C GLY N 80 -8.56 -27.43 37.29
N ARG N 81 -9.28 -28.03 38.23
CA ARG N 81 -9.42 -29.48 38.35
C ARG N 81 -10.83 -29.81 38.78
N ASN N 82 -11.58 -30.47 37.90
CA ASN N 82 -12.97 -30.87 38.18
C ASN N 82 -12.91 -32.14 39.04
N LEU N 83 -13.26 -32.01 40.32
CA LEU N 83 -13.10 -33.12 41.25
C LEU N 83 -14.23 -34.14 41.14
N THR N 84 -15.45 -33.70 40.83
CA THR N 84 -16.54 -34.66 40.64
C THR N 84 -16.36 -35.44 39.34
N ALA N 85 -15.81 -34.82 38.30
CA ALA N 85 -15.53 -35.55 37.07
C ALA N 85 -14.54 -36.68 37.30
N GLU N 86 -13.51 -36.43 38.12
CA GLU N 86 -12.59 -37.50 38.48
C GLU N 86 -13.26 -38.50 39.41
N ALA N 87 -14.28 -38.06 40.16
CA ALA N 87 -15.06 -38.99 40.97
C ALA N 87 -15.96 -39.86 40.09
N ARG N 88 -16.54 -39.27 39.03
CA ARG N 88 -17.37 -40.05 38.12
C ARG N 88 -16.56 -41.11 37.37
N GLU N 89 -15.25 -40.91 37.23
CA GLU N 89 -14.37 -41.84 36.53
C GLU N 89 -13.69 -42.85 37.45
N GLY N 90 -14.00 -42.83 38.74
CA GLY N 90 -13.35 -43.75 39.66
C GLY N 90 -11.88 -43.47 39.89
N LYS N 91 -11.48 -42.19 39.88
CA LYS N 91 -10.08 -41.82 40.02
C LYS N 91 -9.67 -41.51 41.46
N LEU N 92 -10.56 -41.70 42.44
CA LEU N 92 -10.30 -41.33 43.82
C LEU N 92 -9.85 -42.52 44.64
N ASP N 93 -9.21 -42.23 45.78
CA ASP N 93 -8.80 -43.22 46.75
C ASP N 93 -9.91 -43.44 47.76
N PRO N 94 -10.68 -44.55 47.69
CA PRO N 94 -11.79 -44.69 48.67
C PRO N 94 -11.29 -44.99 50.08
N VAL N 95 -10.85 -43.95 50.77
CA VAL N 95 -10.49 -44.03 52.18
C VAL N 95 -11.75 -43.83 53.01
N ILE N 96 -11.91 -44.65 54.05
CA ILE N 96 -13.07 -44.59 54.93
C ILE N 96 -12.58 -44.45 56.38
N GLY N 97 -13.54 -44.41 57.30
CA GLY N 97 -13.29 -44.00 58.66
C GLY N 97 -13.44 -42.51 58.88
N ARG N 98 -13.39 -41.72 57.81
CA ARG N 98 -13.68 -40.29 57.85
C ARG N 98 -15.14 -39.99 57.54
N ASN N 99 -16.02 -40.98 57.73
CA ASN N 99 -17.42 -40.80 57.38
C ASN N 99 -18.08 -39.73 58.23
N LYS N 100 -17.65 -39.59 59.49
CA LYS N 100 -18.22 -38.56 60.35
C LYS N 100 -17.98 -37.15 59.83
N GLU N 101 -16.89 -36.94 59.08
CA GLU N 101 -16.64 -35.63 58.49
C GLU N 101 -17.45 -35.44 57.21
N ILE N 102 -17.90 -36.53 56.58
CA ILE N 102 -18.93 -36.43 55.55
C ILE N 102 -20.28 -36.18 56.19
N GLN N 103 -20.53 -36.81 57.34
CA GLN N 103 -21.74 -36.51 58.10
C GLN N 103 -21.73 -35.04 58.54
N GLU N 104 -20.55 -34.53 58.91
CA GLU N 104 -20.42 -33.11 59.20
C GLU N 104 -20.50 -32.28 57.94
N ALA N 105 -20.23 -32.87 56.78
CA ALA N 105 -20.45 -32.21 55.50
C ALA N 105 -21.93 -32.22 55.08
N SER N 106 -22.82 -32.77 55.91
CA SER N 106 -24.25 -32.61 55.65
C SER N 106 -24.65 -31.15 55.67
N GLU N 107 -24.03 -30.36 56.56
CA GLU N 107 -24.28 -28.92 56.59
C GLU N 107 -23.49 -28.17 55.53
N ILE N 108 -22.29 -28.66 55.18
CA ILE N 108 -21.49 -28.02 54.14
C ILE N 108 -22.27 -27.97 52.84
N LEU N 109 -23.01 -29.04 52.53
CA LEU N 109 -23.72 -29.13 51.26
C LEU N 109 -25.11 -28.48 51.33
N SER N 110 -25.71 -28.37 52.52
CA SER N 110 -27.13 -28.10 52.64
C SER N 110 -27.49 -26.68 53.03
N ARG N 111 -26.64 -25.99 53.80
CA ARG N 111 -26.97 -24.65 54.28
C ARG N 111 -27.23 -23.70 53.10
N ARG N 112 -28.42 -23.11 53.09
CA ARG N 112 -28.86 -22.34 51.92
C ARG N 112 -28.17 -20.98 51.83
N THR N 113 -27.75 -20.42 52.96
CA THR N 113 -27.11 -19.11 52.96
C THR N 113 -26.12 -19.03 54.10
N LYS N 114 -25.14 -18.14 53.96
CA LYS N 114 -24.09 -17.96 54.96
C LYS N 114 -23.41 -19.29 55.26
N ASN N 115 -23.11 -20.02 54.17
CA ASN N 115 -22.94 -21.47 54.23
C ASN N 115 -21.51 -21.92 53.93
N ASN N 116 -20.54 -21.01 54.03
CA ASN N 116 -19.17 -21.34 53.65
C ASN N 116 -18.40 -21.84 54.88
N PRO N 117 -18.17 -23.14 55.02
CA PRO N 117 -17.57 -23.64 56.27
C PRO N 117 -16.13 -23.20 56.46
N VAL N 118 -15.54 -23.67 57.57
CA VAL N 118 -14.16 -23.41 57.93
C VAL N 118 -13.53 -24.75 58.32
N LEU N 119 -12.92 -25.42 57.35
CA LEU N 119 -12.28 -26.71 57.56
C LEU N 119 -10.89 -26.49 58.17
N VAL N 120 -10.32 -27.54 58.75
CA VAL N 120 -8.98 -27.49 59.37
C VAL N 120 -8.26 -28.80 59.06
N GLY N 121 -6.94 -28.72 58.89
CA GLY N 121 -6.14 -29.92 58.66
C GLY N 121 -4.68 -29.60 58.39
N ASP N 122 -3.90 -30.68 58.23
CA ASP N 122 -2.48 -30.61 57.89
C ASP N 122 -2.29 -30.56 56.38
N ALA N 123 -1.11 -30.11 55.93
CA ALA N 123 -0.77 -30.04 54.51
C ALA N 123 -0.83 -31.43 53.92
N GLY N 124 -1.70 -31.62 52.92
CA GLY N 124 -1.92 -32.94 52.38
C GLY N 124 -2.40 -33.95 53.38
N VAL N 125 -3.09 -33.51 54.44
CA VAL N 125 -3.67 -34.44 55.41
C VAL N 125 -4.68 -35.37 54.75
N GLY N 126 -5.34 -34.90 53.70
CA GLY N 126 -6.46 -35.57 53.09
C GLY N 126 -7.79 -35.03 53.54
N LYS N 127 -7.87 -33.77 53.94
CA LYS N 127 -9.15 -33.12 54.15
C LYS N 127 -9.72 -32.67 52.83
N THR N 128 -8.86 -32.47 51.83
CA THR N 128 -9.28 -32.51 50.44
C THR N 128 -9.93 -33.84 50.11
N ALA N 129 -9.33 -34.94 50.59
CA ALA N 129 -9.87 -36.27 50.30
C ALA N 129 -11.24 -36.46 50.95
N VAL N 130 -11.54 -35.73 52.02
CA VAL N 130 -12.90 -35.71 52.56
C VAL N 130 -13.85 -35.10 51.55
N VAL N 131 -13.51 -33.92 51.03
CA VAL N 131 -14.37 -33.25 50.06
C VAL N 131 -14.41 -34.04 48.76
N GLU N 132 -13.31 -34.70 48.41
CA GLU N 132 -13.37 -35.69 47.33
C GLU N 132 -14.25 -36.86 47.75
N GLY N 133 -14.14 -37.28 49.02
CA GLY N 133 -15.07 -38.24 49.55
C GLY N 133 -16.48 -37.73 49.57
N LEU N 134 -16.65 -36.41 49.74
CA LEU N 134 -17.97 -35.81 49.58
C LEU N 134 -18.39 -35.82 48.11
N ALA N 135 -17.47 -35.47 47.21
CA ALA N 135 -17.75 -35.57 45.78
C ALA N 135 -18.13 -36.99 45.39
N GLN N 136 -17.42 -37.99 45.93
CA GLN N 136 -17.80 -39.38 45.72
C GLN N 136 -19.21 -39.64 46.23
N ALA N 137 -19.57 -39.06 47.37
CA ALA N 137 -20.92 -39.24 47.89
C ALA N 137 -21.95 -38.58 46.99
N ILE N 138 -21.57 -37.49 46.30
CA ILE N 138 -22.51 -36.84 45.38
C ILE N 138 -22.71 -37.69 44.14
N VAL N 139 -21.64 -38.27 43.61
CA VAL N 139 -21.75 -39.10 42.40
C VAL N 139 -22.61 -40.32 42.67
N ASN N 140 -22.37 -40.99 43.79
CA ASN N 140 -23.08 -42.23 44.13
C ASN N 140 -24.45 -41.97 44.75
N GLY N 141 -24.86 -40.72 44.92
CA GLY N 141 -26.15 -40.43 45.53
C GLY N 141 -26.21 -40.81 47.00
N ASP N 142 -25.10 -40.68 47.72
CA ASP N 142 -25.07 -40.84 49.17
C ASP N 142 -25.27 -39.52 49.89
N VAL N 143 -26.00 -38.60 49.27
CA VAL N 143 -26.18 -37.23 49.77
C VAL N 143 -27.67 -36.88 49.58
N PRO N 144 -28.17 -35.89 50.34
CA PRO N 144 -29.57 -35.48 50.13
C PRO N 144 -29.73 -34.71 48.83
N ALA N 145 -31.00 -34.41 48.52
CA ALA N 145 -31.34 -33.74 47.28
C ALA N 145 -30.86 -32.29 47.24
N ALA N 146 -30.45 -31.72 48.39
CA ALA N 146 -30.01 -30.33 48.41
C ALA N 146 -28.80 -30.09 47.52
N ILE N 147 -28.00 -31.14 47.27
CA ILE N 147 -26.72 -31.05 46.57
C ILE N 147 -26.74 -31.86 45.27
N LYS N 148 -27.91 -32.24 44.78
CA LYS N 148 -27.97 -33.04 43.56
C LYS N 148 -27.45 -32.24 42.38
N ASN N 149 -26.59 -32.88 41.58
CA ASN N 149 -26.06 -32.29 40.35
C ASN N 149 -25.28 -31.02 40.63
N LYS N 150 -24.57 -30.97 41.77
CA LYS N 150 -23.69 -29.85 42.12
C LYS N 150 -22.25 -30.29 41.91
N GLU N 151 -21.61 -29.70 40.90
CA GLU N 151 -20.24 -30.01 40.55
C GLU N 151 -19.28 -29.30 41.50
N ILE N 152 -18.10 -29.89 41.70
CA ILE N 152 -17.04 -29.29 42.50
C ILE N 152 -15.84 -29.09 41.58
N VAL N 153 -15.20 -27.92 41.69
CA VAL N 153 -13.99 -27.59 40.94
C VAL N 153 -12.98 -27.00 41.92
N SER N 154 -11.74 -27.46 41.85
CA SER N 154 -10.67 -26.91 42.65
C SER N 154 -10.04 -25.72 41.92
N ILE N 155 -10.17 -24.53 42.50
CA ILE N 155 -9.64 -23.30 41.91
C ILE N 155 -8.25 -23.10 42.50
N ASP N 156 -7.26 -23.04 41.62
CA ASP N 156 -5.85 -23.06 42.02
C ASP N 156 -5.37 -21.62 42.20
N ILE N 157 -5.46 -21.13 43.44
CA ILE N 157 -4.95 -19.80 43.75
C ILE N 157 -3.44 -19.73 43.68
N SER N 158 -2.76 -20.87 43.83
CA SER N 158 -1.30 -20.88 43.71
C SER N 158 -0.83 -20.52 42.31
N GLY N 159 -1.68 -20.69 41.29
CA GLY N 159 -1.42 -20.20 39.96
C GLY N 159 -1.83 -18.76 39.74
N LEU N 160 -2.01 -17.99 40.80
CA LEU N 160 -2.34 -16.57 40.67
C LEU N 160 -1.23 -15.85 39.91
N GLU N 161 -1.64 -14.92 39.04
CA GLU N 161 -0.75 -14.11 38.20
C GLU N 161 0.01 -14.92 37.15
N ALA N 162 -0.31 -16.22 36.98
CA ALA N 162 0.41 -17.03 36.01
C ALA N 162 0.00 -16.64 34.60
N GLY N 163 0.99 -16.23 33.80
CA GLY N 163 0.77 -15.83 32.43
C GLY N 163 0.65 -14.35 32.20
N THR N 164 0.64 -13.53 33.27
CA THR N 164 0.57 -12.09 33.13
C THR N 164 1.92 -11.45 32.83
N GLN N 165 3.03 -12.17 33.05
CA GLN N 165 4.39 -11.66 32.96
C GLN N 165 4.66 -10.51 33.92
N TYR N 166 3.77 -10.26 34.89
CA TYR N 166 3.79 -9.06 35.72
C TYR N 166 3.83 -7.78 34.88
N ARG N 167 3.24 -7.82 33.69
CA ARG N 167 3.01 -6.65 32.84
C ARG N 167 1.54 -6.38 32.59
N GLY N 168 0.70 -7.41 32.59
CA GLY N 168 -0.71 -7.30 32.33
C GLY N 168 -1.54 -7.28 33.59
N SER N 169 -2.66 -8.02 33.57
CA SER N 169 -3.59 -8.06 34.70
C SER N 169 -4.18 -9.45 34.82
N PHE N 170 -4.66 -9.76 36.03
CA PHE N 170 -5.38 -10.99 36.32
C PHE N 170 -6.76 -10.76 36.89
N GLU N 171 -7.07 -9.56 37.40
CA GLU N 171 -8.29 -9.35 38.17
C GLU N 171 -9.54 -9.62 37.34
N GLU N 172 -9.44 -9.52 36.01
CA GLU N 172 -10.55 -9.89 35.15
C GLU N 172 -10.71 -11.40 35.03
N ASN N 173 -9.61 -12.15 35.05
CA ASN N 173 -9.69 -13.60 35.08
C ASN N 173 -10.28 -14.12 36.38
N VAL N 174 -10.36 -13.29 37.42
CA VAL N 174 -11.07 -13.60 38.65
C VAL N 174 -12.57 -13.34 38.49
N GLN N 175 -12.92 -12.15 38.00
CA GLN N 175 -14.31 -11.86 37.67
C GLN N 175 -14.84 -12.81 36.60
N ASN N 176 -13.95 -13.37 35.77
CA ASN N 176 -14.35 -14.40 34.82
C ASN N 176 -14.56 -15.76 35.48
N LEU N 177 -14.03 -16.00 36.67
CA LEU N 177 -14.47 -17.17 37.43
C LEU N 177 -15.93 -16.99 37.84
N VAL N 178 -16.27 -15.80 38.34
CA VAL N 178 -17.66 -15.49 38.72
C VAL N 178 -18.57 -15.59 37.51
N ASN N 179 -18.14 -15.05 36.36
CA ASN N 179 -19.03 -14.89 35.21
C ASN N 179 -19.54 -16.21 34.64
N GLU N 180 -18.79 -17.31 34.79
CA GLU N 180 -19.29 -18.60 34.35
C GLU N 180 -20.23 -19.23 35.37
N VAL N 181 -19.82 -19.29 36.64
CA VAL N 181 -20.54 -20.09 37.62
C VAL N 181 -21.81 -19.41 38.10
N LYS N 182 -21.88 -18.07 38.07
CA LYS N 182 -23.10 -17.39 38.46
C LYS N 182 -24.26 -17.77 37.54
N GLU N 183 -23.98 -17.94 36.25
CA GLU N 183 -24.99 -18.29 35.26
C GLU N 183 -24.96 -19.76 34.85
N ALA N 184 -23.80 -20.42 34.94
CA ALA N 184 -23.75 -21.85 34.65
C ALA N 184 -24.64 -22.62 35.61
N GLY N 185 -24.69 -22.19 36.87
CA GLY N 185 -25.58 -22.79 37.83
C GLY N 185 -25.07 -24.10 38.38
N ASN N 186 -25.26 -24.27 39.69
CA ASN N 186 -25.01 -25.53 40.39
C ASN N 186 -23.52 -25.91 40.34
N ILE N 187 -22.66 -24.94 40.70
CA ILE N 187 -21.22 -25.15 40.81
C ILE N 187 -20.82 -24.93 42.28
N ILE N 188 -20.03 -25.87 42.80
CA ILE N 188 -19.32 -25.71 44.06
C ILE N 188 -17.86 -25.48 43.71
N LEU N 189 -17.16 -24.72 44.55
CA LEU N 189 -15.74 -24.44 44.35
C LEU N 189 -14.95 -24.82 45.59
N PHE N 190 -13.68 -25.19 45.38
CA PHE N 190 -12.86 -25.80 46.42
C PHE N 190 -11.48 -25.18 46.46
N PHE N 191 -10.86 -25.19 47.66
CA PHE N 191 -9.44 -24.93 47.81
C PHE N 191 -8.84 -25.90 48.81
N ASP N 192 -7.55 -26.22 48.61
CA ASP N 192 -6.84 -27.06 49.56
C ASP N 192 -6.62 -26.32 50.88
N ALA N 193 -5.96 -25.17 50.83
CA ALA N 193 -5.76 -24.35 52.01
C ALA N 193 -5.52 -22.91 51.57
N ILE N 194 -6.28 -21.99 52.15
CA ILE N 194 -6.13 -20.56 51.87
C ILE N 194 -6.07 -19.79 53.18
N HIS N 195 -5.09 -18.89 53.26
CA HIS N 195 -5.19 -17.66 54.04
C HIS N 195 -4.85 -16.47 53.16
N GLN N 196 -4.10 -16.70 52.08
CA GLN N 196 -3.54 -15.64 51.25
C GLN N 196 -4.57 -14.92 50.40
N ILE N 197 -5.83 -15.38 50.37
CA ILE N 197 -6.85 -14.70 49.56
C ILE N 197 -7.07 -13.28 50.05
N LEU N 198 -6.96 -13.06 51.36
CA LEU N 198 -7.22 -11.77 51.96
C LEU N 198 -6.05 -10.80 51.83
N GLY N 199 -5.00 -11.17 51.08
CA GLY N 199 -3.98 -10.19 50.74
C GLY N 199 -4.54 -9.04 49.95
N ALA N 200 -5.31 -9.35 48.90
CA ALA N 200 -6.15 -8.36 48.23
C ALA N 200 -7.46 -8.23 49.00
N GLY N 201 -7.32 -7.79 50.24
CA GLY N 201 -8.44 -7.77 51.18
C GLY N 201 -8.00 -7.27 52.54
N SER N 202 -8.45 -7.98 53.57
CA SER N 202 -8.14 -7.66 54.97
C SER N 202 -7.44 -8.85 55.62
N THR N 203 -6.13 -8.75 55.80
CA THR N 203 -5.35 -9.80 56.44
C THR N 203 -4.32 -9.13 57.35
N GLY N 204 -3.35 -9.93 57.81
CA GLY N 204 -2.35 -9.47 58.76
C GLY N 204 -1.05 -9.03 58.14
N GLY N 205 -0.01 -9.85 58.27
CA GLY N 205 1.31 -9.48 57.79
C GLY N 205 1.41 -9.32 56.29
N ASP N 206 0.59 -10.05 55.54
CA ASP N 206 0.60 -10.02 54.08
C ASP N 206 -0.54 -9.16 53.53
N SER N 207 -0.87 -8.07 54.21
CA SER N 207 -1.89 -7.15 53.74
C SER N 207 -1.38 -6.31 52.57
N GLY N 208 -2.23 -6.13 51.57
CA GLY N 208 -1.90 -5.33 50.40
C GLY N 208 -1.37 -6.12 49.22
N SER N 209 -1.00 -7.38 49.43
CA SER N 209 -0.55 -8.22 48.33
C SER N 209 -1.72 -8.57 47.41
N LYS N 210 -1.42 -9.32 46.36
CA LYS N 210 -2.43 -9.70 45.39
C LYS N 210 -3.16 -10.96 45.81
N GLY N 211 -4.44 -11.04 45.47
CA GLY N 211 -5.25 -12.17 45.87
C GLY N 211 -6.54 -12.19 45.08
N LEU N 212 -7.56 -12.82 45.67
CA LEU N 212 -8.89 -12.89 45.08
C LEU N 212 -9.97 -12.19 45.88
N ALA N 213 -9.70 -11.82 47.14
CA ALA N 213 -10.78 -11.41 48.04
C ALA N 213 -11.47 -10.13 47.58
N ASP N 214 -10.78 -9.26 46.85
CA ASP N 214 -11.43 -8.03 46.38
C ASP N 214 -12.61 -8.33 45.45
N ILE N 215 -12.62 -9.48 44.78
CA ILE N 215 -13.73 -9.90 43.93
C ILE N 215 -14.66 -10.86 44.68
N LEU N 216 -14.11 -11.65 45.61
CA LEU N 216 -14.91 -12.67 46.28
C LEU N 216 -15.57 -12.14 47.55
N LYS N 217 -14.96 -11.16 48.21
CA LYS N 217 -15.55 -10.58 49.41
C LYS N 217 -16.88 -9.91 49.09
N PRO N 218 -17.01 -9.21 47.95
CA PRO N 218 -18.37 -8.89 47.47
C PRO N 218 -19.21 -10.12 47.19
N ALA N 219 -18.62 -11.14 46.54
CA ALA N 219 -19.37 -12.35 46.23
C ALA N 219 -19.86 -13.05 47.49
N LEU N 220 -19.08 -12.97 48.58
CA LEU N 220 -19.58 -13.46 49.86
C LEU N 220 -20.73 -12.61 50.36
N SER N 221 -20.59 -11.29 50.29
CA SER N 221 -21.65 -10.39 50.74
C SER N 221 -22.90 -10.55 49.90
N ARG N 222 -22.74 -10.75 48.60
CA ARG N 222 -23.89 -10.96 47.72
C ARG N 222 -24.52 -12.34 47.91
N GLY N 223 -23.72 -13.34 48.27
CA GLY N 223 -24.20 -14.70 48.35
C GLY N 223 -24.16 -15.44 47.03
N GLU N 224 -23.28 -15.04 46.12
CA GLU N 224 -23.18 -15.67 44.81
C GLU N 224 -22.30 -16.92 44.83
N LEU N 225 -21.09 -16.82 45.39
CA LEU N 225 -20.10 -17.88 45.33
C LEU N 225 -19.81 -18.39 46.74
N THR N 226 -19.78 -19.72 46.89
CA THR N 226 -19.32 -20.39 48.09
C THR N 226 -18.13 -21.26 47.71
N VAL N 227 -16.97 -20.98 48.29
CA VAL N 227 -15.73 -21.72 48.03
C VAL N 227 -15.23 -22.28 49.35
N ILE N 228 -14.84 -23.55 49.35
CA ILE N 228 -14.71 -24.33 50.58
C ILE N 228 -13.32 -24.99 50.64
N GLY N 229 -12.82 -25.11 51.85
CA GLY N 229 -11.50 -25.69 52.07
C GLY N 229 -11.01 -25.39 53.47
N ALA N 230 -9.77 -25.81 53.73
CA ALA N 230 -9.22 -25.87 55.08
C ALA N 230 -8.05 -24.91 55.27
N THR N 231 -7.67 -24.73 56.53
CA THR N 231 -6.51 -23.94 56.91
C THR N 231 -6.08 -24.33 58.31
N THR N 232 -5.23 -23.51 58.94
CA THR N 232 -4.84 -23.68 60.32
C THR N 232 -5.89 -23.04 61.23
N GLN N 233 -6.26 -23.74 62.30
CA GLN N 233 -7.32 -23.24 63.19
C GLN N 233 -6.93 -21.93 63.86
N ASP N 234 -5.64 -21.74 64.14
CA ASP N 234 -5.15 -20.50 64.72
C ASP N 234 -5.05 -19.37 63.70
N GLU N 235 -4.92 -19.68 62.41
CA GLU N 235 -4.96 -18.65 61.38
C GLU N 235 -6.36 -18.05 61.24
N TYR N 236 -7.39 -18.77 61.69
CA TYR N 236 -8.76 -18.28 61.64
C TYR N 236 -8.98 -17.02 62.48
N ARG N 237 -8.06 -16.72 63.40
CA ARG N 237 -8.18 -15.54 64.26
C ARG N 237 -8.36 -14.25 63.48
N ASN N 238 -7.86 -14.18 62.24
CA ASN N 238 -7.95 -12.98 61.42
C ASN N 238 -9.38 -12.68 60.94
N THR N 239 -10.35 -13.53 61.28
CA THR N 239 -11.75 -13.23 60.99
C THR N 239 -12.17 -11.88 61.56
N ILE N 240 -11.62 -11.52 62.73
CA ILE N 240 -12.02 -10.30 63.40
C ILE N 240 -11.72 -9.06 62.57
N LEU N 241 -10.77 -9.14 61.63
CA LEU N 241 -10.44 -7.99 60.80
C LEU N 241 -11.62 -7.55 59.95
N LYS N 242 -12.31 -8.50 59.30
CA LYS N 242 -13.50 -8.24 58.50
C LYS N 242 -14.55 -9.30 58.85
N ASN N 243 -14.84 -9.41 60.15
CA ASN N 243 -15.90 -10.28 60.62
C ASN N 243 -17.22 -10.07 59.89
N ALA N 244 -17.53 -8.83 59.47
CA ALA N 244 -18.78 -8.55 58.80
C ALA N 244 -18.93 -9.34 57.50
N ALA N 245 -17.81 -9.63 56.81
CA ALA N 245 -17.83 -10.46 55.61
C ALA N 245 -17.53 -11.93 55.90
N LEU N 246 -16.70 -12.21 56.91
CA LEU N 246 -16.22 -13.56 57.18
C LEU N 246 -16.99 -14.23 58.31
N ALA N 247 -17.18 -13.54 59.45
CA ALA N 247 -17.91 -14.15 60.56
C ALA N 247 -19.39 -14.31 60.23
N ARG N 248 -19.96 -13.34 59.50
CA ARG N 248 -21.37 -13.40 59.12
C ARG N 248 -21.63 -14.25 57.88
N ARG N 249 -20.65 -15.03 57.43
CA ARG N 249 -20.81 -15.91 56.28
C ARG N 249 -20.26 -17.31 56.51
N PHE N 250 -19.70 -17.61 57.70
CA PHE N 250 -18.96 -18.84 57.93
C PHE N 250 -19.54 -19.63 59.11
N ASN N 251 -19.12 -20.90 59.17
CA ASN N 251 -19.46 -21.81 60.25
C ASN N 251 -18.25 -22.72 60.49
N GLU N 252 -17.91 -22.94 61.75
CA GLU N 252 -16.68 -23.66 62.07
C GLU N 252 -16.87 -25.18 61.96
N VAL N 253 -15.83 -25.87 61.48
CA VAL N 253 -15.81 -27.32 61.35
C VAL N 253 -15.09 -27.90 62.56
N LYS N 254 -15.53 -29.07 63.01
CA LYS N 254 -14.82 -29.83 64.04
C LYS N 254 -13.64 -30.53 63.35
N VAL N 255 -12.46 -30.28 63.91
CA VAL N 255 -11.20 -30.36 63.17
C VAL N 255 -10.98 -31.73 62.56
N ASN N 256 -10.74 -32.74 63.40
CA ASN N 256 -10.37 -34.08 62.94
C ASN N 256 -10.20 -34.96 64.16
N ALA N 257 -10.14 -36.27 63.94
CA ALA N 257 -9.86 -37.24 64.98
C ALA N 257 -9.15 -38.45 64.38
N PRO N 258 -7.88 -38.32 63.98
CA PRO N 258 -7.17 -39.46 63.34
C PRO N 258 -6.77 -40.53 64.35
N SER N 259 -7.71 -41.43 64.62
CA SER N 259 -7.47 -42.53 65.56
C SER N 259 -6.69 -43.65 64.90
N ALA N 260 -5.95 -44.41 65.71
CA ALA N 260 -5.22 -45.56 65.21
C ALA N 260 -6.16 -46.71 64.85
N GLU N 261 -7.39 -46.70 65.38
CA GLU N 261 -8.33 -47.77 65.09
C GLU N 261 -8.68 -47.81 63.60
N ASN N 262 -9.01 -46.66 63.01
CA ASN N 262 -9.30 -46.60 61.58
C ASN N 262 -8.03 -46.56 60.74
N THR N 263 -6.89 -46.24 61.35
CA THR N 263 -5.62 -46.25 60.62
C THR N 263 -5.34 -47.62 60.04
N PHE N 264 -5.56 -48.68 60.82
CA PHE N 264 -5.14 -50.01 60.42
C PHE N 264 -5.85 -50.48 59.15
N LYS N 265 -7.16 -50.28 59.08
CA LYS N 265 -7.90 -50.64 57.87
C LYS N 265 -7.40 -49.84 56.68
N ILE N 266 -7.03 -48.58 56.90
CA ILE N 266 -6.40 -47.80 55.84
C ILE N 266 -5.05 -48.41 55.49
N LEU N 267 -4.26 -48.77 56.51
CA LEU N 267 -2.92 -49.32 56.28
C LEU N 267 -2.96 -50.55 55.39
N GLN N 268 -4.02 -51.37 55.48
CA GLN N 268 -4.21 -52.44 54.52
C GLN N 268 -4.49 -51.89 53.13
N GLY N 269 -5.14 -50.73 53.06
CA GLY N 269 -5.29 -50.05 51.78
C GLY N 269 -3.99 -49.43 51.30
N ILE N 270 -3.09 -49.10 52.23
CA ILE N 270 -1.83 -48.45 51.85
C ILE N 270 -0.88 -49.47 51.23
N ARG N 271 -0.85 -50.70 51.76
CA ARG N 271 0.09 -51.68 51.21
C ARG N 271 -0.26 -52.02 49.76
N ASP N 272 -1.52 -52.38 49.47
CA ASP N 272 -1.97 -52.68 48.12
C ASP N 272 -1.76 -51.53 47.15
N LEU N 273 -1.55 -50.31 47.64
CA LEU N 273 -1.21 -49.15 46.83
C LEU N 273 0.29 -49.02 46.58
N TYR N 274 1.13 -49.51 47.50
CA TYR N 274 2.57 -49.30 47.44
C TYR N 274 3.41 -50.58 47.49
N GLN N 275 2.92 -51.67 48.08
CA GLN N 275 3.75 -52.86 48.22
C GLN N 275 4.09 -53.49 46.88
N GLN N 276 3.29 -53.24 45.84
CA GLN N 276 3.62 -53.72 44.51
C GLN N 276 4.76 -52.93 43.87
N HIS N 277 5.11 -51.76 44.42
CA HIS N 277 6.15 -50.94 43.80
C HIS N 277 7.52 -51.58 43.90
N HIS N 278 7.81 -52.29 45.00
CA HIS N 278 9.14 -52.83 45.27
C HIS N 278 9.14 -54.35 45.39
N ASN N 279 8.05 -55.02 44.99
CA ASN N 279 7.94 -56.47 45.12
C ASN N 279 8.10 -56.89 46.59
N VAL N 280 7.51 -56.10 47.49
CA VAL N 280 7.59 -56.32 48.93
C VAL N 280 6.25 -56.85 49.41
N ILE N 281 6.29 -57.65 50.48
CA ILE N 281 5.10 -58.04 51.23
C ILE N 281 5.09 -57.24 52.53
N LEU N 282 3.93 -56.69 52.87
CA LEU N 282 3.73 -55.90 54.09
C LEU N 282 2.61 -56.54 54.89
N PRO N 283 2.88 -57.62 55.62
CA PRO N 283 1.80 -58.31 56.36
C PRO N 283 1.26 -57.44 57.48
N ASP N 284 0.28 -58.02 58.20
CA ASP N 284 -0.44 -57.26 59.23
C ASP N 284 0.48 -56.83 60.36
N GLU N 285 1.37 -57.71 60.81
CA GLU N 285 2.26 -57.36 61.92
C GLU N 285 3.20 -56.20 61.56
N VAL N 286 3.53 -56.04 60.28
CA VAL N 286 4.35 -54.90 59.85
C VAL N 286 3.51 -53.63 59.86
N LEU N 287 2.27 -53.71 59.37
CA LEU N 287 1.39 -52.54 59.38
C LEU N 287 1.12 -52.07 60.82
N LYS N 288 0.83 -53.01 61.72
CA LYS N 288 0.63 -52.65 63.12
C LYS N 288 1.91 -52.08 63.71
N ALA N 289 3.05 -52.72 63.46
CA ALA N 289 4.32 -52.22 63.97
C ALA N 289 4.67 -50.86 63.40
N ALA N 290 4.18 -50.54 62.20
CA ALA N 290 4.46 -49.25 61.60
C ALA N 290 3.87 -48.09 62.40
N VAL N 291 2.87 -48.34 63.24
CA VAL N 291 2.26 -47.32 64.09
C VAL N 291 2.41 -47.69 65.57
N ASP N 292 2.13 -48.94 65.92
CA ASP N 292 2.15 -49.35 67.32
C ASP N 292 3.54 -49.23 67.93
N TYR N 293 4.58 -49.53 67.16
CA TYR N 293 5.95 -49.36 67.63
C TYR N 293 6.44 -47.93 67.45
N SER N 294 6.01 -47.27 66.37
CA SER N 294 6.53 -45.95 66.03
C SER N 294 5.87 -44.82 66.80
N VAL N 295 4.60 -44.97 67.19
CA VAL N 295 3.88 -43.91 67.89
C VAL N 295 4.63 -43.43 69.12
N GLN N 296 5.40 -44.32 69.74
CA GLN N 296 6.18 -43.97 70.93
C GLN N 296 7.22 -42.89 70.66
N TYR N 297 7.74 -42.80 69.42
CA TYR N 297 8.87 -41.94 69.09
C TYR N 297 8.55 -40.93 67.99
N ILE N 298 7.28 -40.60 67.80
CA ILE N 298 6.86 -39.64 66.79
C ILE N 298 5.99 -38.59 67.49
N PRO N 299 6.56 -37.46 67.94
CA PRO N 299 5.72 -36.36 68.44
C PRO N 299 5.04 -35.52 67.38
N GLN N 300 5.02 -35.97 66.12
CA GLN N 300 4.56 -35.17 65.00
C GLN N 300 3.08 -35.40 64.72
N ARG N 301 2.45 -34.38 64.15
CA ARG N 301 1.10 -34.50 63.63
C ARG N 301 1.04 -35.39 62.40
N SER N 302 2.18 -35.64 61.77
CA SER N 302 2.25 -36.43 60.53
C SER N 302 2.32 -37.93 60.76
N LEU N 303 2.01 -38.42 61.97
CA LEU N 303 2.05 -39.84 62.27
C LEU N 303 1.18 -40.71 61.36
N PRO N 304 -0.06 -40.33 61.01
CA PRO N 304 -0.90 -41.25 60.22
C PRO N 304 -0.31 -41.67 58.89
N ASP N 305 0.63 -40.89 58.34
CA ASP N 305 1.34 -41.25 57.12
C ASP N 305 2.79 -41.65 57.38
N LYS N 306 3.21 -41.76 58.65
CA LYS N 306 4.56 -42.22 58.95
C LYS N 306 4.75 -43.68 58.57
N ALA N 307 3.67 -44.47 58.58
CA ALA N 307 3.79 -45.88 58.21
C ALA N 307 4.25 -46.04 56.77
N ILE N 308 3.90 -45.09 55.90
CA ILE N 308 4.39 -45.13 54.53
C ILE N 308 5.90 -44.95 54.51
N ASP N 309 6.42 -43.99 55.28
CA ASP N 309 7.85 -43.73 55.30
C ASP N 309 8.63 -44.95 55.78
N LEU N 310 8.08 -45.70 56.73
CA LEU N 310 8.82 -46.84 57.27
C LEU N 310 8.89 -47.99 56.26
N VAL N 311 7.79 -48.25 55.55
CA VAL N 311 7.82 -49.30 54.53
C VAL N 311 8.53 -48.81 53.28
N ASP N 312 8.50 -47.51 53.01
CA ASP N 312 9.26 -46.95 51.88
C ASP N 312 10.76 -47.08 52.13
N VAL N 313 11.22 -46.67 53.31
CA VAL N 313 12.65 -46.74 53.62
C VAL N 313 13.07 -48.18 53.84
N THR N 314 12.16 -49.02 54.35
CA THR N 314 12.45 -50.45 54.46
C THR N 314 12.77 -51.05 53.10
N ALA N 315 11.91 -50.80 52.10
CA ALA N 315 12.18 -51.27 50.76
C ALA N 315 13.45 -50.65 50.20
N ALA N 316 13.72 -49.39 50.55
CA ALA N 316 14.95 -48.74 50.10
C ALA N 316 16.18 -49.44 50.69
N HIS N 317 16.09 -49.86 51.96
CA HIS N 317 17.22 -50.54 52.59
C HIS N 317 17.27 -52.02 52.19
N LEU N 318 16.10 -52.66 52.04
CA LEU N 318 16.09 -54.00 51.49
C LEU N 318 16.55 -54.03 50.04
N ALA N 319 16.34 -52.94 49.31
CA ALA N 319 16.78 -52.86 47.92
C ALA N 319 18.30 -52.85 47.80
N ALA N 320 19.03 -52.68 48.91
CA ALA N 320 20.48 -52.78 48.87
C ALA N 320 20.96 -54.21 48.62
N GLN N 321 20.07 -55.21 48.74
CA GLN N 321 20.45 -56.58 48.44
C GLN N 321 20.58 -56.81 46.93
N HIS N 322 19.67 -56.24 46.13
CA HIS N 322 19.64 -56.45 44.68
C HIS N 322 19.59 -55.14 43.91
N PRO N 323 20.67 -54.35 43.93
CA PRO N 323 20.80 -53.25 42.97
C PRO N 323 21.60 -53.56 41.71
N VAL N 324 22.05 -54.80 41.51
CA VAL N 324 23.06 -55.09 40.49
C VAL N 324 22.66 -56.26 39.58
N THR N 325 21.39 -56.63 39.56
CA THR N 325 20.97 -57.69 38.64
C THR N 325 21.12 -57.18 37.21
N ASP N 326 21.84 -57.96 36.40
CA ASP N 326 22.10 -57.58 35.01
C ASP N 326 20.97 -58.06 34.10
N VAL N 327 19.76 -57.56 34.40
CA VAL N 327 18.61 -57.84 33.54
C VAL N 327 18.87 -57.30 32.14
N HIS N 328 19.56 -56.17 32.04
CA HIS N 328 19.84 -55.57 30.74
C HIS N 328 20.89 -56.35 29.95
N ALA N 329 21.68 -57.19 30.60
CA ALA N 329 22.64 -58.01 29.86
C ALA N 329 21.94 -58.93 28.86
N VAL N 330 20.74 -59.40 29.21
CA VAL N 330 19.97 -60.22 28.30
C VAL N 330 19.16 -59.35 27.34
N GLU N 331 18.62 -58.23 27.82
CA GLU N 331 17.88 -57.33 26.95
C GLU N 331 18.74 -56.82 25.81
N ARG N 332 20.02 -56.51 26.10
CA ARG N 332 20.92 -56.07 25.04
C ARG N 332 21.23 -57.20 24.08
N GLU N 333 21.22 -58.45 24.56
CA GLU N 333 21.35 -59.59 23.67
C GLU N 333 20.11 -59.75 22.79
N ILE N 334 18.92 -59.49 23.36
CA ILE N 334 17.69 -59.61 22.59
C ILE N 334 17.66 -58.57 21.48
N GLU N 335 18.04 -57.32 21.80
CA GLU N 335 18.01 -56.26 20.80
C GLU N 335 18.98 -56.56 19.66
N THR N 336 20.09 -57.24 19.96
CA THR N 336 20.99 -57.70 18.90
C THR N 336 20.33 -58.82 18.07
N GLU N 337 19.82 -59.85 18.75
CA GLU N 337 19.22 -60.98 18.05
C GLU N 337 17.97 -60.55 17.30
N LYS N 338 17.19 -59.62 17.85
CA LYS N 338 16.04 -59.08 17.13
C LYS N 338 16.50 -58.28 15.91
N ASP N 339 17.60 -57.54 16.04
CA ASP N 339 18.11 -56.77 14.91
C ASP N 339 18.59 -57.70 13.80
N LYS N 340 19.15 -58.85 14.15
CA LYS N 340 19.45 -59.86 13.14
C LYS N 340 18.17 -60.47 12.58
N GLN N 341 17.20 -60.73 13.46
CA GLN N 341 15.91 -61.28 13.03
C GLN N 341 15.25 -60.40 11.99
N GLU N 342 15.23 -59.08 12.20
CA GLU N 342 14.66 -58.17 11.22
C GLU N 342 15.39 -58.27 9.89
N LYS N 343 16.68 -58.57 9.92
CA LYS N 343 17.44 -58.71 8.68
C LYS N 343 17.23 -60.08 8.04
N ALA N 344 17.10 -61.12 8.87
CA ALA N 344 16.76 -62.44 8.35
C ALA N 344 15.42 -62.42 7.63
N VAL N 345 14.51 -61.56 8.10
CA VAL N 345 13.19 -61.47 7.49
C VAL N 345 13.28 -60.75 6.14
N GLU N 346 14.01 -59.64 6.08
CA GLU N 346 14.15 -58.90 4.83
C GLU N 346 14.81 -59.75 3.75
N ALA N 347 15.77 -60.60 4.15
CA ALA N 347 16.36 -61.57 3.24
C ALA N 347 15.48 -62.79 3.02
N GLU N 348 14.33 -62.88 3.71
CA GLU N 348 13.43 -64.02 3.60
C GLU N 348 14.15 -65.32 3.96
N ASP N 349 14.98 -65.26 4.98
CA ASP N 349 15.67 -66.41 5.56
C ASP N 349 14.94 -66.75 6.85
N PHE N 350 13.96 -67.65 6.75
CA PHE N 350 13.04 -67.90 7.84
C PHE N 350 13.39 -69.12 8.67
N GLU N 351 14.36 -69.93 8.24
CA GLU N 351 14.99 -70.84 9.20
C GLU N 351 15.80 -70.06 10.23
N ALA N 352 16.53 -69.05 9.77
CA ALA N 352 17.27 -68.19 10.69
C ALA N 352 16.34 -67.32 11.51
N ALA N 353 15.30 -66.76 10.88
CA ALA N 353 14.38 -65.89 11.59
C ALA N 353 13.63 -66.66 12.68
N LEU N 354 13.22 -67.89 12.40
CA LEU N 354 12.55 -68.71 13.41
C LEU N 354 13.51 -69.05 14.55
N ASN N 355 14.77 -69.36 14.23
CA ASN N 355 15.75 -69.68 15.26
C ASN N 355 15.94 -68.52 16.23
N TYR N 356 15.85 -67.29 15.73
CA TYR N 356 16.05 -66.12 16.59
C TYR N 356 14.82 -65.87 17.47
N LYS N 357 13.62 -66.01 16.90
CA LYS N 357 12.41 -65.93 17.72
C LYS N 357 12.40 -67.03 18.77
N THR N 358 12.99 -68.18 18.46
CA THR N 358 13.09 -69.26 19.44
C THR N 358 14.02 -68.87 20.59
N ARG N 359 15.21 -68.36 20.27
CA ARG N 359 16.15 -68.00 21.32
C ARG N 359 15.63 -66.85 22.17
N ILE N 360 15.08 -65.81 21.52
CA ILE N 360 14.60 -64.64 22.26
C ILE N 360 13.52 -65.04 23.26
N ALA N 361 12.61 -65.93 22.85
CA ALA N 361 11.55 -66.38 23.75
C ALA N 361 12.14 -66.98 25.01
N GLU N 362 13.16 -67.82 24.88
CA GLU N 362 13.88 -68.30 26.05
C GLU N 362 14.54 -67.15 26.80
N LEU N 363 15.19 -66.23 26.08
CA LEU N 363 15.87 -65.12 26.72
C LEU N 363 14.89 -64.21 27.45
N GLU N 364 13.69 -64.01 26.89
CA GLU N 364 12.69 -63.21 27.57
C GLU N 364 12.19 -63.90 28.83
N ARG N 365 12.05 -65.23 28.78
CA ARG N 365 11.63 -65.97 29.97
C ARG N 365 12.69 -65.90 31.05
N LYS N 366 13.97 -65.84 30.66
CA LYS N 366 15.03 -65.72 31.66
C LYS N 366 14.92 -64.39 32.42
N ILE N 367 14.68 -63.29 31.70
CA ILE N 367 14.54 -61.98 32.35
C ILE N 367 13.37 -61.99 33.33
N GLU N 368 12.20 -62.45 32.85
CA GLU N 368 11.00 -62.41 33.68
C GLU N 368 11.14 -63.27 34.92
N ASN N 369 11.95 -64.33 34.85
CA ASN N 369 12.18 -65.19 36.00
C ASN N 369 13.17 -64.60 36.99
N HIS N 370 13.89 -63.54 36.64
CA HIS N 370 14.76 -62.88 37.61
C HIS N 370 13.99 -62.27 38.76
N THR N 371 12.73 -61.85 38.52
CA THR N 371 11.90 -61.29 39.59
C THR N 371 11.74 -62.26 40.75
N GLU N 372 11.69 -63.57 40.47
CA GLU N 372 11.48 -64.56 41.51
C GLU N 372 12.68 -64.73 42.42
N ASP N 373 13.87 -64.30 42.00
CA ASP N 373 15.07 -64.33 42.82
C ASP N 373 15.29 -63.04 43.61
N MET N 374 14.29 -62.14 43.64
CA MET N 374 14.44 -60.81 44.24
C MET N 374 13.19 -60.50 45.08
N LYS N 375 12.78 -61.47 45.91
CA LYS N 375 11.70 -61.24 46.86
C LYS N 375 12.20 -60.32 47.97
N VAL N 376 11.36 -59.35 48.32
CA VAL N 376 11.70 -58.29 49.28
C VAL N 376 10.87 -58.55 50.52
N THR N 377 11.51 -59.05 51.59
CA THR N 377 10.81 -59.50 52.79
C THR N 377 11.58 -59.01 54.03
N ALA N 378 11.09 -57.92 54.63
CA ALA N 378 11.61 -57.51 55.93
C ALA N 378 10.99 -58.36 57.03
N SER N 379 11.80 -58.63 58.05
CA SER N 379 11.24 -59.03 59.34
C SER N 379 10.64 -57.81 60.00
N VAL N 380 9.59 -58.03 60.80
CA VAL N 380 8.99 -56.93 61.54
C VAL N 380 10.00 -56.32 62.51
N ASN N 381 10.98 -57.11 62.96
CA ASN N 381 12.07 -56.56 63.75
C ASN N 381 12.96 -55.64 62.93
N ASP N 382 13.16 -55.96 61.64
CA ASP N 382 13.94 -55.07 60.77
C ASP N 382 13.19 -53.78 60.48
N VAL N 383 11.87 -53.85 60.32
CA VAL N 383 11.06 -52.65 60.16
C VAL N 383 11.16 -51.79 61.42
N ALA N 384 11.11 -52.42 62.58
CA ALA N 384 11.25 -51.69 63.84
C ALA N 384 12.65 -51.09 63.95
N GLU N 385 13.65 -51.75 63.36
CA GLU N 385 15.00 -51.21 63.40
C GLU N 385 15.16 -50.02 62.45
N SER N 386 14.33 -49.95 61.41
CA SER N 386 14.28 -48.76 60.56
C SER N 386 14.01 -47.49 61.36
N VAL N 387 13.26 -47.60 62.46
CA VAL N 387 12.94 -46.44 63.29
C VAL N 387 14.19 -45.86 63.92
N GLU N 388 15.22 -46.68 64.13
CA GLU N 388 16.50 -46.21 64.68
C GLU N 388 17.45 -45.78 63.58
N ARG N 389 17.47 -46.48 62.44
CA ARG N 389 18.50 -46.25 61.42
C ARG N 389 18.47 -44.81 60.92
N MET N 390 17.28 -44.30 60.59
CA MET N 390 17.12 -42.95 60.06
C MET N 390 16.70 -41.93 61.14
N THR N 391 16.84 -42.28 62.41
CA THR N 391 16.56 -41.35 63.51
C THR N 391 17.73 -41.27 64.48
N GLY N 392 18.49 -42.37 64.62
CA GLY N 392 19.65 -42.37 65.49
C GLY N 392 19.34 -42.46 66.96
N ILE N 393 18.27 -43.17 67.33
CA ILE N 393 17.74 -43.18 68.69
C ILE N 393 17.90 -44.60 69.22
N PRO N 394 18.83 -44.88 70.20
CA PRO N 394 19.21 -46.28 70.51
C PRO N 394 18.14 -47.07 71.25
N VAL N 395 17.23 -47.68 70.49
CA VAL N 395 16.03 -48.29 71.03
C VAL N 395 15.77 -49.69 70.49
N SER N 396 16.82 -50.36 70.00
CA SER N 396 16.64 -51.70 69.45
C SER N 396 16.18 -52.71 70.50
N GLN N 397 16.37 -52.40 71.78
CA GLN N 397 15.93 -53.28 72.86
C GLN N 397 14.42 -53.40 72.98
N MET N 398 13.66 -52.47 72.40
CA MET N 398 12.21 -52.47 72.53
C MET N 398 11.58 -53.47 71.56
N GLY N 399 10.35 -53.93 71.86
CA GLY N 399 9.54 -53.60 73.03
C GLY N 399 8.05 -53.60 72.74
N ALA N 400 7.28 -53.56 73.84
CA ALA N 400 5.82 -53.47 73.82
C ALA N 400 5.51 -52.32 74.79
N SER N 401 6.15 -51.18 74.53
CA SER N 401 6.62 -50.29 75.58
C SER N 401 5.66 -49.14 75.87
N ASP N 402 4.35 -49.37 75.84
CA ASP N 402 3.42 -48.37 76.33
C ASP N 402 3.62 -48.12 77.83
N ILE N 403 3.90 -49.18 78.59
CA ILE N 403 4.06 -49.10 80.04
C ILE N 403 5.53 -49.20 80.42
N GLU N 404 6.31 -49.94 79.62
CA GLU N 404 7.72 -50.15 79.94
C GLU N 404 8.46 -48.83 80.08
N ARG N 405 8.24 -47.89 79.16
CA ARG N 405 8.89 -46.60 79.27
C ARG N 405 8.37 -45.80 80.45
N LEU N 406 7.07 -45.92 80.74
CA LEU N 406 6.45 -45.16 81.81
C LEU N 406 7.13 -45.43 83.14
N LYS N 407 7.43 -46.70 83.42
CA LYS N 407 8.02 -47.10 84.69
C LYS N 407 9.55 -47.13 84.67
N ASP N 408 10.15 -47.55 83.55
CA ASP N 408 11.59 -47.80 83.52
C ASP N 408 12.42 -46.60 83.10
N MET N 409 11.86 -45.64 82.35
CA MET N 409 12.64 -44.47 81.97
C MET N 409 13.03 -43.65 83.20
N ALA N 410 12.21 -43.70 84.24
CA ALA N 410 12.60 -43.05 85.49
C ALA N 410 13.82 -43.72 86.10
N HIS N 411 13.83 -45.05 86.14
CA HIS N 411 14.99 -45.78 86.62
C HIS N 411 16.15 -45.63 85.64
N ARG N 412 15.86 -45.61 84.34
CA ARG N 412 16.91 -45.46 83.33
C ARG N 412 17.59 -44.10 83.48
N LEU N 413 16.84 -43.06 83.87
CA LEU N 413 17.43 -41.75 84.08
C LEU N 413 18.48 -41.81 85.17
N GLN N 414 18.08 -42.19 86.39
CA GLN N 414 18.94 -42.10 87.57
C GLN N 414 20.24 -42.88 87.41
N ASP N 415 20.25 -43.91 86.55
CA ASP N 415 21.50 -44.62 86.25
C ASP N 415 22.55 -43.69 85.64
N LYS N 416 22.13 -42.59 85.02
CA LYS N 416 23.04 -41.62 84.42
C LYS N 416 23.07 -40.28 85.13
N VAL N 417 22.36 -40.13 86.25
CA VAL N 417 22.25 -38.85 86.95
C VAL N 417 23.38 -38.74 87.96
N ILE N 418 23.86 -37.53 88.19
CA ILE N 418 24.74 -37.21 89.31
C ILE N 418 23.97 -36.21 90.18
N GLY N 419 23.37 -36.71 91.25
CA GLY N 419 22.69 -35.85 92.20
C GLY N 419 21.60 -36.60 92.94
N GLN N 420 20.67 -35.82 93.50
CA GLN N 420 19.57 -36.36 94.29
C GLN N 420 18.69 -37.25 93.43
N ASP N 421 18.03 -38.22 94.07
CA ASP N 421 17.25 -39.22 93.36
C ASP N 421 15.78 -38.85 93.24
N LYS N 422 15.24 -38.06 94.17
CA LYS N 422 13.81 -37.75 94.13
C LYS N 422 13.45 -36.79 93.00
N ALA N 423 14.42 -36.27 92.25
CA ALA N 423 14.10 -35.38 91.14
C ALA N 423 13.32 -36.11 90.04
N VAL N 424 13.60 -37.40 89.84
CA VAL N 424 12.92 -38.11 88.74
C VAL N 424 11.44 -38.31 89.06
N GLU N 425 11.10 -38.54 90.33
CA GLU N 425 9.70 -38.75 90.68
C GLU N 425 8.87 -37.50 90.40
N VAL N 426 9.48 -36.32 90.47
CA VAL N 426 8.77 -35.08 90.13
C VAL N 426 8.56 -34.99 88.63
N VAL N 427 9.61 -35.21 87.84
CA VAL N 427 9.54 -34.95 86.41
C VAL N 427 8.95 -36.15 85.66
N ALA N 428 9.27 -37.37 86.09
CA ALA N 428 8.81 -38.55 85.36
C ALA N 428 7.29 -38.70 85.46
N ARG N 429 6.72 -38.44 86.64
CA ARG N 429 5.28 -38.57 86.86
C ARG N 429 4.50 -37.69 85.88
N ALA N 430 5.06 -36.55 85.51
CA ALA N 430 4.37 -35.67 84.57
C ALA N 430 4.47 -36.22 83.15
N ILE N 431 5.58 -36.91 82.84
CA ILE N 431 5.72 -37.63 81.58
C ILE N 431 4.89 -38.90 81.62
N CYS N 432 4.59 -39.41 82.82
CA CYS N 432 3.78 -40.61 82.95
C CYS N 432 2.29 -40.28 82.81
N ARG N 433 1.79 -39.33 83.60
CA ARG N 433 0.35 -39.06 83.61
C ARG N 433 -0.12 -38.48 82.28
N ASN N 434 0.71 -37.70 81.61
CA ASN N 434 0.37 -37.23 80.27
C ASN N 434 0.31 -38.38 79.28
N ARG N 435 1.38 -39.16 79.17
CA ARG N 435 1.42 -40.25 78.20
C ARG N 435 0.34 -41.28 78.51
N ALA N 436 -0.02 -41.43 79.78
CA ALA N 436 -1.15 -42.29 80.14
C ALA N 436 -2.48 -41.65 79.74
N GLY N 437 -2.52 -40.33 79.63
CA GLY N 437 -3.75 -39.61 79.32
C GLY N 437 -4.51 -39.12 80.53
N PHE N 438 -3.94 -39.22 81.73
CA PHE N 438 -4.58 -38.74 82.95
C PHE N 438 -4.04 -37.33 83.25
N ASP N 439 -4.70 -36.36 82.62
CA ASP N 439 -4.29 -34.97 82.68
C ASP N 439 -5.53 -34.12 82.40
N GLU N 440 -5.65 -33.02 83.12
CA GLU N 440 -6.83 -32.19 83.04
C GLU N 440 -7.01 -31.64 81.63
N GLY N 441 -8.22 -31.15 81.34
CA GLY N 441 -8.58 -30.79 79.98
C GLY N 441 -7.70 -29.70 79.38
N ASN N 442 -7.16 -28.81 80.22
CA ASN N 442 -6.23 -27.78 79.76
C ASN N 442 -5.17 -27.59 80.85
N ARG N 443 -4.07 -28.32 80.72
CA ARG N 443 -2.86 -28.05 81.47
C ARG N 443 -1.67 -28.26 80.55
N PRO N 444 -0.83 -27.25 80.32
CA PRO N 444 0.55 -27.67 80.00
C PRO N 444 1.10 -28.40 81.22
N ILE N 445 2.16 -29.20 81.00
CA ILE N 445 2.62 -30.27 81.90
C ILE N 445 2.59 -29.85 83.36
N GLY N 446 3.05 -28.64 83.63
CA GLY N 446 3.23 -28.15 84.97
C GLY N 446 4.57 -27.45 85.09
N ASN N 447 4.64 -26.54 86.04
CA ASN N 447 5.79 -25.66 86.19
C ASN N 447 6.74 -26.28 87.21
N PHE N 448 7.99 -26.51 86.80
CA PHE N 448 9.01 -27.12 87.63
C PHE N 448 10.11 -26.09 87.93
N LEU N 449 10.68 -26.21 89.13
CA LEU N 449 11.76 -25.35 89.58
C LEU N 449 12.85 -26.20 90.21
N PHE N 450 14.05 -26.12 89.66
CA PHE N 450 15.24 -26.75 90.22
C PHE N 450 16.13 -25.68 90.82
N VAL N 451 16.33 -25.73 92.13
CA VAL N 451 17.23 -24.81 92.83
C VAL N 451 18.59 -25.49 92.93
N GLY N 452 19.63 -24.80 92.48
CA GLY N 452 20.95 -25.39 92.41
C GLY N 452 21.97 -24.39 91.95
N SER N 453 23.07 -24.90 91.41
CA SER N 453 24.16 -24.08 90.89
C SER N 453 24.61 -24.65 89.55
N THR N 454 25.47 -23.93 88.85
CA THR N 454 25.84 -24.28 87.47
C THR N 454 26.59 -25.59 87.37
N GLY N 455 26.68 -26.12 86.15
CA GLY N 455 27.50 -27.30 85.89
C GLY N 455 26.67 -28.56 85.76
N VAL N 456 27.10 -29.61 86.47
CA VAL N 456 26.47 -30.91 86.36
C VAL N 456 25.04 -30.86 86.91
N GLY N 457 24.89 -30.31 88.11
CA GLY N 457 23.57 -30.25 88.72
C GLY N 457 22.58 -29.43 87.91
N LYS N 458 23.08 -28.45 87.17
CA LYS N 458 22.20 -27.56 86.42
C LYS N 458 21.61 -28.25 85.20
N THR N 459 22.42 -28.99 84.45
CA THR N 459 22.07 -29.35 83.07
C THR N 459 21.75 -30.82 82.83
N GLU N 460 22.17 -31.75 83.72
CA GLU N 460 21.94 -33.16 83.44
C GLU N 460 20.46 -33.48 83.33
N LEU N 461 19.63 -32.88 84.19
CA LEU N 461 18.20 -33.18 84.18
C LEU N 461 17.57 -32.84 82.84
N ALA N 462 17.74 -31.60 82.38
CA ALA N 462 17.14 -31.18 81.13
C ALA N 462 17.70 -31.97 79.94
N LYS N 463 19.01 -32.22 79.93
CA LYS N 463 19.61 -32.94 78.82
C LYS N 463 19.19 -34.40 78.80
N GLN N 464 19.25 -35.06 79.96
CA GLN N 464 18.98 -36.50 79.99
C GLN N 464 17.50 -36.80 79.81
N LEU N 465 16.62 -35.90 80.28
CA LEU N 465 15.20 -36.06 80.00
C LEU N 465 14.92 -35.92 78.51
N ALA N 466 15.60 -34.98 77.85
CA ALA N 466 15.39 -34.75 76.42
C ALA N 466 15.81 -35.97 75.60
N LEU N 467 16.82 -36.71 76.07
CA LEU N 467 17.30 -37.88 75.33
C LEU N 467 16.42 -39.10 75.57
N ASP N 468 15.74 -39.18 76.71
CA ASP N 468 14.78 -40.25 76.95
C ASP N 468 13.40 -39.91 76.44
N MET N 469 13.01 -38.63 76.48
CA MET N 469 11.74 -38.21 75.90
C MET N 469 11.83 -38.10 74.39
N PHE N 470 12.90 -37.48 73.88
CA PHE N 470 12.94 -37.03 72.49
C PHE N 470 14.22 -37.37 71.75
N GLY N 471 15.27 -37.76 72.45
CA GLY N 471 16.34 -38.51 71.86
C GLY N 471 17.48 -37.69 71.30
N THR N 472 17.27 -36.40 71.04
CA THR N 472 18.33 -35.58 70.45
C THR N 472 18.16 -34.15 70.93
N GLN N 473 19.03 -33.27 70.43
CA GLN N 473 19.21 -31.92 70.95
C GLN N 473 18.39 -30.91 70.14
N ASP N 474 17.08 -31.19 70.04
CA ASP N 474 16.20 -30.40 69.18
C ASP N 474 15.08 -29.70 69.95
N ALA N 475 14.34 -30.43 70.78
CA ALA N 475 13.14 -29.89 71.42
C ALA N 475 13.48 -29.31 72.79
N ILE N 476 14.24 -28.22 72.77
CA ILE N 476 14.65 -27.57 74.01
C ILE N 476 15.11 -26.15 73.68
N ILE N 477 14.65 -25.18 74.46
CA ILE N 477 15.06 -23.78 74.34
C ILE N 477 15.53 -23.32 75.71
N ARG N 478 16.64 -22.60 75.74
CA ARG N 478 17.18 -22.00 76.95
C ARG N 478 16.90 -20.49 76.94
N LEU N 479 16.18 -20.01 77.95
CA LEU N 479 15.91 -18.58 78.13
C LEU N 479 17.03 -18.02 78.99
N ASP N 480 17.91 -17.25 78.38
CA ASP N 480 19.08 -16.70 79.06
C ASP N 480 18.64 -15.47 79.86
N MET N 481 18.56 -15.60 81.18
CA MET N 481 18.30 -14.43 82.01
C MET N 481 19.48 -13.48 82.10
N SER N 482 20.64 -13.85 81.56
CA SER N 482 21.76 -12.90 81.53
C SER N 482 21.41 -11.66 80.71
N GLU N 483 20.54 -11.83 79.71
CA GLU N 483 19.94 -10.69 79.00
C GLU N 483 18.92 -9.93 79.84
N TYR N 484 18.60 -10.40 81.06
CA TYR N 484 17.65 -9.78 81.96
C TYR N 484 18.29 -9.32 83.27
N SER N 485 19.52 -8.83 83.22
CA SER N 485 20.17 -8.29 84.41
C SER N 485 19.68 -6.87 84.68
N ASP N 486 18.92 -6.68 85.76
CA ASP N 486 18.48 -5.33 86.11
C ASP N 486 19.63 -4.41 86.49
N ARG N 487 20.74 -4.97 86.97
CA ARG N 487 21.84 -4.16 87.48
C ARG N 487 22.78 -3.66 86.39
N THR N 488 22.96 -4.44 85.32
CA THR N 488 24.03 -4.22 84.35
C THR N 488 23.52 -3.94 82.94
N ALA N 489 22.21 -3.87 82.72
CA ALA N 489 21.67 -3.67 81.38
C ALA N 489 21.80 -2.20 80.97
N VAL N 490 23.05 -1.82 80.73
CA VAL N 490 23.39 -0.50 80.19
C VAL N 490 24.28 -0.69 78.97
N SER N 491 24.10 -1.80 78.26
CA SER N 491 24.87 -2.16 77.07
C SER N 491 26.35 -2.40 77.38
N LYS N 492 26.71 -2.73 78.63
CA LYS N 492 28.03 -3.30 78.83
C LYS N 492 28.12 -4.63 78.09
N LEU N 493 27.05 -5.42 78.14
CA LEU N 493 26.85 -6.65 77.40
C LEU N 493 25.63 -6.38 76.52
N ILE N 494 24.96 -7.44 76.05
CA ILE N 494 24.12 -7.51 74.86
C ILE N 494 23.26 -6.26 74.64
N GLY N 495 22.70 -5.70 75.70
CA GLY N 495 21.85 -4.54 75.51
C GLY N 495 21.33 -3.95 76.80
N THR N 496 20.39 -3.03 76.63
CA THR N 496 19.83 -2.22 77.71
C THR N 496 18.56 -2.87 78.29
N THR N 497 17.93 -2.12 79.19
CA THR N 497 16.66 -2.52 79.77
C THR N 497 15.60 -2.74 78.70
N ALA N 498 15.60 -1.90 77.66
CA ALA N 498 14.57 -2.01 76.63
C ALA N 498 14.67 -3.31 75.84
N GLY N 499 15.81 -3.98 75.86
CA GLY N 499 15.94 -5.27 75.20
C GLY N 499 15.22 -6.40 75.88
N TYR N 500 14.60 -6.17 77.03
CA TYR N 500 13.89 -7.20 77.76
C TYR N 500 12.58 -7.60 77.09
N VAL N 501 11.98 -6.70 76.32
CA VAL N 501 10.64 -6.90 75.76
C VAL N 501 10.78 -7.08 74.24
N GLY N 502 9.88 -7.87 73.68
CA GLY N 502 9.78 -8.00 72.23
C GLY N 502 10.69 -9.07 71.64
N TYR N 503 11.99 -8.99 71.91
CA TYR N 503 12.91 -9.93 71.29
C TYR N 503 12.69 -11.35 71.79
N ASP N 504 12.70 -11.54 73.11
CA ASP N 504 12.43 -12.86 73.70
C ASP N 504 10.94 -12.98 74.01
N ASP N 505 10.14 -12.59 73.02
CA ASP N 505 8.69 -12.77 73.07
C ASP N 505 8.21 -13.47 71.81
N ASN N 506 8.66 -13.03 70.63
CA ASN N 506 8.36 -13.74 69.38
C ASN N 506 9.46 -13.65 68.33
N SER N 507 10.59 -13.01 68.64
CA SER N 507 11.52 -12.59 67.58
C SER N 507 12.54 -13.68 67.23
N ASN N 508 13.50 -13.32 66.37
CA ASN N 508 14.48 -14.25 65.80
C ASN N 508 15.41 -14.74 66.92
N THR N 509 15.27 -16.00 67.39
CA THR N 509 14.25 -17.01 67.04
C THR N 509 13.65 -17.56 68.32
N LEU N 510 12.37 -17.26 68.53
CA LEU N 510 11.58 -17.89 69.58
C LEU N 510 10.45 -18.75 69.01
N THR N 511 9.55 -18.16 68.25
CA THR N 511 8.28 -18.80 67.93
C THR N 511 8.42 -19.86 66.85
N GLU N 512 9.31 -19.66 65.88
CA GLU N 512 9.49 -20.65 64.82
C GLU N 512 10.00 -21.97 65.35
N ARG N 513 10.66 -21.97 66.50
CA ARG N 513 11.03 -23.20 67.19
C ARG N 513 9.88 -23.73 68.06
N VAL N 514 9.05 -22.84 68.60
CA VAL N 514 7.90 -23.29 69.39
C VAL N 514 6.86 -23.92 68.49
N ARG N 515 6.79 -23.50 67.22
CA ARG N 515 5.81 -24.07 66.29
C ARG N 515 6.24 -25.44 65.79
N ARG N 516 7.53 -25.66 65.57
CA ARG N 516 8.04 -26.98 65.27
C ARG N 516 7.94 -27.89 66.47
N ASN N 517 8.11 -27.33 67.66
CA ASN N 517 8.06 -28.08 68.90
C ASN N 517 7.11 -27.35 69.86
N PRO N 518 5.78 -27.58 69.70
CA PRO N 518 4.79 -27.06 70.67
C PRO N 518 4.99 -27.58 72.09
N TYR N 519 5.75 -28.67 72.22
CA TYR N 519 5.76 -29.58 73.36
C TYR N 519 7.03 -29.44 74.19
N SER N 520 7.91 -28.53 73.80
CA SER N 520 9.33 -28.63 74.12
C SER N 520 9.59 -28.51 75.62
N ILE N 521 10.87 -28.68 75.97
CA ILE N 521 11.37 -28.29 77.28
C ILE N 521 11.71 -26.80 77.20
N ILE N 522 11.21 -26.03 78.16
CA ILE N 522 11.64 -24.65 78.37
C ILE N 522 12.60 -24.66 79.55
N LEU N 523 13.72 -23.97 79.40
CA LEU N 523 14.66 -23.73 80.49
C LEU N 523 14.80 -22.24 80.73
N LEU N 524 14.35 -21.81 81.90
CA LEU N 524 14.58 -20.45 82.37
C LEU N 524 15.86 -20.48 83.19
N ASP N 525 16.91 -19.87 82.66
CA ASP N 525 18.27 -19.96 83.21
C ASP N 525 18.45 -18.91 84.31
N ALA N 526 18.48 -19.35 85.57
CA ALA N 526 18.85 -18.45 86.67
C ALA N 526 17.89 -17.28 86.88
N ILE N 527 16.70 -17.57 87.44
CA ILE N 527 15.63 -16.58 87.66
C ILE N 527 16.17 -15.25 88.18
N GLU N 528 17.10 -15.29 89.14
CA GLU N 528 17.36 -14.15 90.03
C GLU N 528 17.79 -12.86 89.35
N LYS N 529 18.12 -12.89 88.06
CA LYS N 529 18.71 -11.72 87.41
C LYS N 529 17.78 -10.52 87.32
N ALA N 530 16.48 -10.68 87.58
CA ALA N 530 15.51 -9.62 87.25
C ALA N 530 14.43 -9.45 88.31
N ASP N 531 13.79 -8.28 88.21
CA ASP N 531 12.54 -7.83 88.83
C ASP N 531 11.53 -8.98 88.86
N PRO N 532 10.78 -9.22 89.96
CA PRO N 532 9.81 -10.35 89.91
C PRO N 532 8.75 -10.24 88.82
N GLN N 533 8.50 -9.03 88.30
CA GLN N 533 7.47 -8.87 87.28
C GLN N 533 7.90 -9.45 85.93
N VAL N 534 9.19 -9.43 85.63
CA VAL N 534 9.70 -10.03 84.40
C VAL N 534 9.38 -11.51 84.36
N ILE N 535 9.71 -12.21 85.44
CA ILE N 535 9.54 -13.65 85.53
C ILE N 535 8.07 -14.00 85.73
N THR N 536 7.31 -13.08 86.32
CA THR N 536 5.90 -13.31 86.60
C THR N 536 5.08 -13.39 85.32
N LEU N 537 5.55 -12.77 84.23
CA LEU N 537 4.76 -12.72 83.00
C LEU N 537 4.51 -14.12 82.45
N LEU N 538 5.57 -14.90 82.26
CA LEU N 538 5.41 -16.21 81.64
C LEU N 538 4.57 -17.14 82.51
N LEU N 539 4.83 -17.16 83.82
CA LEU N 539 4.28 -18.21 84.65
C LEU N 539 2.79 -18.00 84.96
N GLN N 540 2.33 -16.76 85.11
CA GLN N 540 0.91 -16.52 85.25
C GLN N 540 0.12 -16.87 83.98
N VAL N 541 0.79 -16.90 82.83
CA VAL N 541 0.16 -17.12 81.54
C VAL N 541 0.17 -18.59 81.12
N LEU N 542 1.00 -19.42 81.75
CA LEU N 542 1.03 -20.85 81.46
C LEU N 542 -0.12 -21.63 82.10
N ASP N 543 -1.03 -20.97 82.82
CA ASP N 543 -2.18 -21.67 83.36
C ASP N 543 -3.04 -22.27 82.26
N ASP N 544 -3.38 -21.47 81.26
CA ASP N 544 -4.25 -21.89 80.17
C ASP N 544 -3.49 -22.44 78.97
N GLY N 545 -2.16 -22.55 79.06
CA GLY N 545 -1.38 -23.02 77.93
C GLY N 545 -1.47 -22.12 76.71
N ARG N 546 -1.58 -20.81 76.92
CA ARG N 546 -1.75 -19.87 75.83
C ARG N 546 -1.13 -18.53 76.22
N LEU N 547 -0.40 -17.92 75.29
CA LEU N 547 0.26 -16.63 75.52
C LEU N 547 0.03 -15.72 74.33
N THR N 548 -0.49 -14.52 74.59
CA THR N 548 -0.66 -13.49 73.57
C THR N 548 0.60 -12.64 73.51
N ASP N 549 1.20 -12.54 72.33
CA ASP N 549 2.49 -11.88 72.17
C ASP N 549 2.29 -10.37 71.92
N GLY N 550 3.40 -9.68 71.67
CA GLY N 550 3.35 -8.25 71.43
C GLY N 550 2.61 -7.84 70.17
N GLN N 551 2.53 -8.73 69.17
CA GLN N 551 1.84 -8.44 67.92
C GLN N 551 0.37 -8.83 67.94
N GLY N 552 -0.15 -9.25 69.08
CA GLY N 552 -1.55 -9.66 69.17
C GLY N 552 -1.83 -11.09 68.77
N ASN N 553 -0.81 -11.87 68.42
CA ASN N 553 -0.98 -13.28 68.08
C ASN N 553 -0.83 -14.16 69.33
N THR N 554 -1.58 -15.26 69.35
CA THR N 554 -1.58 -16.20 70.46
C THR N 554 -0.78 -17.44 70.06
N VAL N 555 0.19 -17.81 70.90
CA VAL N 555 0.85 -19.11 70.80
C VAL N 555 0.06 -20.07 71.70
N ASN N 556 -0.25 -21.25 71.17
CA ASN N 556 -0.95 -22.29 71.91
C ASN N 556 0.04 -23.38 72.29
N PHE N 557 0.19 -23.62 73.58
CA PHE N 557 1.14 -24.60 74.10
C PHE N 557 0.46 -25.95 74.27
N LYS N 558 1.07 -26.96 73.67
CA LYS N 558 0.81 -28.35 74.00
C LYS N 558 1.90 -28.82 74.95
N ASN N 559 1.48 -29.61 75.94
CA ASN N 559 2.33 -30.59 76.65
C ASN N 559 3.75 -30.12 76.86
N THR N 560 3.90 -28.86 77.27
CA THR N 560 5.20 -28.22 77.45
C THR N 560 5.60 -28.31 78.91
N VAL N 561 6.88 -28.63 79.14
CA VAL N 561 7.46 -28.64 80.48
C VAL N 561 8.45 -27.49 80.56
N ILE N 562 8.34 -26.69 81.63
CA ILE N 562 9.31 -25.66 81.96
C ILE N 562 10.04 -26.08 83.24
N ILE N 563 11.36 -26.09 83.18
CA ILE N 563 12.20 -26.26 84.35
C ILE N 563 12.91 -24.94 84.56
N ALA N 564 12.39 -24.13 85.47
CA ALA N 564 13.04 -22.89 85.86
C ALA N 564 14.20 -23.22 86.79
N THR N 565 15.21 -22.34 86.80
CA THR N 565 16.42 -22.55 87.56
C THR N 565 16.87 -21.26 88.23
N SER N 566 17.48 -21.43 89.40
CA SER N 566 17.99 -20.32 90.20
C SER N 566 19.37 -20.67 90.74
N ASN N 567 20.08 -19.65 91.21
CA ASN N 567 21.37 -19.83 91.88
C ASN N 567 21.10 -19.91 93.38
N ALA N 568 21.12 -21.13 93.91
CA ALA N 568 20.71 -21.41 95.27
C ALA N 568 21.91 -21.74 96.16
N GLY N 569 21.63 -22.00 97.43
CA GLY N 569 22.65 -22.29 98.40
C GLY N 569 22.14 -21.97 99.79
N PHE N 570 23.07 -21.99 100.75
CA PHE N 570 22.74 -21.65 102.13
C PHE N 570 24.03 -21.56 102.94
N GLY N 571 24.07 -20.55 103.84
CA GLY N 571 25.19 -20.39 104.74
C GLY N 571 24.93 -21.02 106.09
N TYR N 572 25.97 -21.65 106.64
CA TYR N 572 25.78 -22.68 107.64
C TYR N 572 26.86 -22.58 108.72
N GLU N 573 26.75 -23.45 109.72
CA GLU N 573 27.77 -23.54 110.77
C GLU N 573 28.84 -24.56 110.44
N ALA N 574 28.44 -25.82 110.26
CA ALA N 574 29.35 -26.92 109.92
C ALA N 574 28.75 -27.68 108.76
N ASN N 575 29.63 -28.22 107.90
CA ASN N 575 29.20 -28.83 106.65
C ASN N 575 28.23 -29.99 106.84
N LEU N 576 28.16 -30.57 108.03
CA LEU N 576 27.15 -31.55 108.38
C LEU N 576 25.82 -30.92 108.81
N THR N 577 25.69 -29.59 108.75
CA THR N 577 24.46 -28.89 109.05
C THR N 577 23.92 -28.11 107.85
N GLU N 578 24.35 -28.47 106.64
CA GLU N 578 23.91 -27.73 105.45
C GLU N 578 22.42 -27.91 105.21
N ASP N 579 21.90 -29.12 105.41
CA ASP N 579 20.50 -29.44 105.18
C ASP N 579 19.64 -29.25 106.42
N ALA N 580 20.11 -28.47 107.40
CA ALA N 580 19.35 -28.30 108.64
C ALA N 580 18.12 -27.42 108.43
N ASP N 581 18.24 -26.40 107.58
CA ASP N 581 17.20 -25.40 107.37
C ASP N 581 16.57 -25.62 106.00
N LYS N 582 15.45 -26.35 105.98
CA LYS N 582 14.87 -26.83 104.72
C LYS N 582 14.07 -25.75 103.97
N PRO N 583 13.01 -25.17 104.55
CA PRO N 583 12.27 -24.14 103.77
C PRO N 583 13.02 -22.83 103.63
N GLU N 584 14.13 -22.63 104.34
CA GLU N 584 14.83 -21.36 104.31
C GLU N 584 15.59 -21.15 103.00
N LEU N 585 15.75 -22.18 102.17
CA LEU N 585 16.26 -21.97 100.82
C LEU N 585 15.33 -21.05 100.04
N MET N 586 14.02 -21.26 100.15
CA MET N 586 13.06 -20.39 99.51
C MET N 586 13.07 -19.00 100.12
N ASP N 587 13.35 -18.89 101.42
CA ASP N 587 13.47 -17.58 102.04
C ASP N 587 14.74 -16.86 101.60
N ARG N 588 15.82 -17.62 101.41
CA ARG N 588 17.03 -17.04 100.82
C ARG N 588 16.75 -16.54 99.41
N LEU N 589 16.05 -17.35 98.62
CA LEU N 589 15.73 -16.98 97.24
C LEU N 589 14.52 -16.05 97.14
N LYS N 590 13.84 -15.77 98.24
CA LYS N 590 12.66 -14.90 98.28
C LYS N 590 12.81 -13.54 97.60
N PRO N 591 13.95 -12.83 97.70
CA PRO N 591 13.96 -11.43 97.22
C PRO N 591 13.58 -11.22 95.77
N PHE N 592 13.73 -12.23 94.90
CA PHE N 592 13.47 -12.07 93.48
C PHE N 592 12.16 -12.74 93.03
N PHE N 593 11.36 -13.27 93.96
CA PHE N 593 10.02 -13.72 93.62
C PHE N 593 9.10 -13.52 94.81
N ARG N 594 7.88 -13.99 94.68
CA ARG N 594 6.84 -13.86 95.69
C ARG N 594 6.07 -15.17 95.76
N PRO N 595 5.24 -15.35 96.81
CA PRO N 595 4.46 -16.60 96.91
C PRO N 595 3.52 -16.83 95.74
N GLU N 596 3.08 -15.77 95.07
CA GLU N 596 2.27 -15.93 93.86
C GLU N 596 3.05 -16.64 92.76
N PHE N 597 4.37 -16.52 92.77
CA PHE N 597 5.26 -17.20 91.83
C PHE N 597 5.65 -18.58 92.32
N LEU N 598 5.80 -18.72 93.65
CA LEU N 598 6.26 -19.98 94.22
C LEU N 598 5.16 -21.04 94.20
N ASN N 599 3.93 -20.65 94.53
CA ASN N 599 2.85 -21.61 94.71
C ASN N 599 2.37 -22.24 93.40
N ARG N 600 2.90 -21.84 92.25
CA ARG N 600 2.54 -22.42 90.97
C ARG N 600 3.43 -23.60 90.57
N PHE N 601 4.31 -24.06 91.45
CA PHE N 601 5.34 -25.03 91.12
C PHE N 601 5.08 -26.37 91.81
N ASN N 602 5.52 -27.46 91.15
CA ASN N 602 5.19 -28.82 91.56
C ASN N 602 6.23 -29.32 92.56
N ALA N 603 6.08 -28.78 93.76
CA ALA N 603 6.64 -29.11 95.07
C ALA N 603 8.07 -28.70 95.38
N VAL N 604 9.06 -28.97 94.53
CA VAL N 604 10.14 -28.10 94.04
C VAL N 604 11.22 -29.18 93.97
N ILE N 605 12.32 -29.01 93.23
CA ILE N 605 13.45 -29.94 93.36
C ILE N 605 14.57 -29.28 94.16
N GLU N 606 15.03 -29.96 95.20
CA GLU N 606 15.86 -29.37 96.26
C GLU N 606 17.26 -29.02 95.78
N PHE N 607 18.06 -28.48 96.70
CA PHE N 607 19.42 -28.02 96.39
C PHE N 607 20.44 -29.16 96.47
N SER N 608 20.00 -30.35 96.90
CA SER N 608 20.83 -31.35 97.60
C SER N 608 22.25 -31.52 97.08
N HIS N 609 23.18 -31.75 98.00
CA HIS N 609 24.60 -31.49 97.81
C HIS N 609 25.30 -32.78 97.40
N LEU N 610 26.57 -32.63 96.98
CA LEU N 610 27.44 -33.77 96.76
C LEU N 610 27.95 -34.28 98.10
N THR N 611 27.76 -35.57 98.34
CA THR N 611 28.06 -36.20 99.62
C THR N 611 29.39 -36.95 99.55
N LYS N 612 30.06 -37.04 100.71
CA LYS N 612 31.19 -37.96 100.85
C LYS N 612 30.62 -39.37 101.03
N GLU N 613 30.24 -39.93 99.89
CA GLU N 613 29.56 -41.22 99.78
C GLU N 613 30.06 -41.77 98.45
N ASP N 614 29.30 -42.62 97.77
CA ASP N 614 29.85 -43.38 96.64
C ASP N 614 30.15 -42.42 95.49
N LEU N 615 31.30 -41.73 95.62
CA LEU N 615 31.84 -40.93 94.53
C LEU N 615 32.21 -41.78 93.31
N SER N 616 32.41 -43.09 93.50
CA SER N 616 32.93 -43.93 92.43
C SER N 616 31.97 -44.00 91.25
N LYS N 617 30.68 -43.78 91.48
CA LYS N 617 29.72 -43.82 90.37
C LYS N 617 30.00 -42.73 89.35
N ILE N 618 30.46 -41.56 89.80
CA ILE N 618 30.93 -40.55 88.84
C ILE N 618 32.20 -41.05 88.16
N VAL N 619 33.13 -41.62 88.94
CA VAL N 619 34.42 -42.04 88.38
C VAL N 619 34.23 -43.26 87.48
N ASP N 620 33.25 -44.12 87.79
CA ASP N 620 32.99 -45.27 86.94
C ASP N 620 32.46 -44.83 85.57
N LEU N 621 31.72 -43.71 85.52
CA LEU N 621 31.20 -43.22 84.25
C LEU N 621 32.28 -42.44 83.49
N MET N 622 33.05 -41.60 84.18
CA MET N 622 34.11 -40.85 83.52
C MET N 622 35.10 -41.78 82.85
N LEU N 623 35.57 -42.81 83.58
CA LEU N 623 36.49 -43.78 83.01
C LEU N 623 35.87 -44.49 81.81
N ALA N 624 34.55 -44.69 81.83
CA ALA N 624 33.87 -45.25 80.66
C ALA N 624 33.89 -44.26 79.50
N GLU N 625 33.79 -42.96 79.80
CA GLU N 625 33.85 -41.96 78.74
C GLU N 625 35.24 -41.86 78.14
N VAL N 626 36.27 -42.17 78.94
CA VAL N 626 37.64 -42.20 78.42
C VAL N 626 37.76 -43.27 77.34
N ASN N 627 37.37 -44.51 77.67
CA ASN N 627 37.51 -45.59 76.71
C ASN N 627 36.54 -45.46 75.55
N GLN N 628 35.33 -44.92 75.80
CA GLN N 628 34.41 -44.64 74.71
C GLN N 628 35.01 -43.62 73.74
N THR N 629 35.68 -42.59 74.28
CA THR N 629 36.41 -41.65 73.44
C THR N 629 37.54 -42.35 72.70
N LEU N 630 38.37 -43.10 73.42
CA LEU N 630 39.50 -43.78 72.79
C LEU N 630 39.05 -44.90 71.85
N ALA N 631 37.83 -45.43 72.04
CA ALA N 631 37.40 -46.58 71.26
C ALA N 631 37.21 -46.23 69.78
N LYS N 632 37.11 -44.94 69.44
CA LYS N 632 36.97 -44.57 68.03
C LYS N 632 38.17 -45.03 67.21
N LYS N 633 39.37 -44.96 67.78
CA LYS N 633 40.59 -45.41 67.13
C LYS N 633 40.98 -46.83 67.56
N ASP N 634 40.03 -47.60 68.10
CA ASP N 634 40.28 -48.95 68.58
C ASP N 634 41.34 -48.94 69.68
N ILE N 635 41.19 -48.01 70.61
CA ILE N 635 42.10 -47.84 71.74
C ILE N 635 41.28 -48.02 73.01
N ASP N 636 41.68 -49.00 73.83
CA ASP N 636 40.91 -49.37 75.01
C ASP N 636 41.89 -49.94 76.03
N LEU N 637 42.08 -49.21 77.14
CA LEU N 637 43.02 -49.58 78.18
C LEU N 637 42.30 -50.16 79.38
N VAL N 638 43.05 -50.88 80.20
CA VAL N 638 42.61 -51.21 81.55
C VAL N 638 42.80 -49.98 82.42
N VAL N 639 41.74 -49.60 83.14
CA VAL N 639 41.77 -48.42 84.02
C VAL N 639 41.41 -48.89 85.43
N SER N 640 42.31 -48.62 86.36
CA SER N 640 42.11 -49.08 87.73
C SER N 640 41.01 -48.29 88.41
N GLN N 641 40.23 -48.97 89.24
CA GLN N 641 39.24 -48.28 90.06
C GLN N 641 39.90 -47.40 91.12
N ALA N 642 41.17 -47.64 91.43
CA ALA N 642 41.92 -46.83 92.40
C ALA N 642 42.23 -45.44 91.88
N ALA N 643 41.83 -45.09 90.65
CA ALA N 643 41.94 -43.71 90.19
C ALA N 643 41.16 -42.76 91.08
N LYS N 644 40.11 -43.26 91.75
CA LYS N 644 39.32 -42.43 92.66
C LYS N 644 40.17 -41.86 93.80
N ASP N 645 41.19 -42.60 94.24
CA ASP N 645 41.93 -42.24 95.45
C ASP N 645 42.63 -40.90 95.33
N TYR N 646 42.96 -40.47 94.12
CA TYR N 646 43.60 -39.19 93.85
C TYR N 646 42.61 -38.12 93.38
N ILE N 647 41.50 -38.54 92.79
CA ILE N 647 40.48 -37.61 92.29
C ILE N 647 39.67 -37.03 93.43
N THR N 648 39.08 -37.89 94.26
CA THR N 648 38.15 -37.47 95.29
C THR N 648 38.77 -36.50 96.29
N GLU N 649 40.10 -36.56 96.48
CA GLU N 649 40.81 -35.66 97.39
C GLU N 649 40.40 -34.20 97.22
N GLU N 650 40.07 -33.80 95.99
CA GLU N 650 39.40 -32.54 95.70
C GLU N 650 37.95 -32.71 95.29
N GLY N 651 37.57 -33.90 94.80
CA GLY N 651 36.22 -34.12 94.31
C GLY N 651 35.12 -33.84 95.31
N TYR N 652 35.17 -34.45 96.50
CA TYR N 652 34.11 -34.30 97.49
C TYR N 652 34.24 -33.03 98.31
N ASP N 653 35.01 -32.04 97.85
CA ASP N 653 35.04 -30.74 98.51
C ASP N 653 33.66 -30.08 98.39
N GLU N 654 33.05 -29.79 99.54
CA GLU N 654 31.71 -29.21 99.55
C GLU N 654 31.68 -27.81 98.94
N VAL N 655 32.81 -27.13 98.89
CA VAL N 655 32.85 -25.78 98.34
C VAL N 655 32.45 -25.79 96.87
N MET N 656 32.94 -26.78 96.11
CA MET N 656 32.81 -26.80 94.67
C MET N 656 31.71 -27.75 94.18
N GLY N 657 31.53 -28.90 94.81
CA GLY N 657 30.61 -29.90 94.30
C GLY N 657 31.31 -30.80 93.28
N VAL N 658 30.59 -31.13 92.21
CA VAL N 658 31.19 -31.90 91.13
C VAL N 658 31.80 -30.89 90.16
N ARG N 659 32.88 -30.21 90.58
CA ARG N 659 33.75 -29.48 89.67
C ARG N 659 35.04 -30.23 89.36
N PRO N 660 35.82 -30.71 90.34
CA PRO N 660 37.12 -31.34 89.99
C PRO N 660 37.02 -32.68 89.29
N LEU N 661 35.86 -33.32 89.28
CA LEU N 661 35.78 -34.72 88.85
C LEU N 661 36.22 -34.86 87.39
N ARG N 662 35.68 -34.02 86.50
CA ARG N 662 36.08 -34.08 85.09
C ARG N 662 37.46 -33.47 84.86
N ARG N 663 37.86 -32.52 85.69
CA ARG N 663 39.12 -31.81 85.45
C ARG N 663 40.33 -32.69 85.80
N VAL N 664 40.20 -33.56 86.80
CA VAL N 664 41.32 -34.41 87.19
C VAL N 664 41.47 -35.58 86.21
N VAL N 665 40.35 -36.20 85.83
CA VAL N 665 40.41 -37.36 84.93
C VAL N 665 40.92 -36.94 83.56
N GLU N 666 40.36 -35.86 83.01
CA GLU N 666 40.71 -35.46 81.64
C GLU N 666 42.14 -34.97 81.56
N GLN N 667 42.76 -34.64 82.70
CA GLN N 667 44.19 -34.30 82.72
C GLN N 667 45.05 -35.51 83.05
N GLU N 668 44.60 -36.36 83.97
CA GLU N 668 45.45 -37.40 84.51
C GLU N 668 45.70 -38.50 83.48
N ILE N 669 44.65 -39.01 82.84
CA ILE N 669 44.78 -40.16 81.94
C ILE N 669 45.10 -39.72 80.52
N ARG N 670 44.45 -38.64 80.06
CA ARG N 670 44.51 -38.23 78.65
C ARG N 670 45.93 -38.04 78.15
N ASP N 671 46.78 -37.41 78.97
CA ASP N 671 48.13 -37.11 78.53
C ASP N 671 49.01 -38.35 78.55
N LYS N 672 48.78 -39.28 79.47
CA LYS N 672 49.60 -40.48 79.57
C LYS N 672 49.29 -41.46 78.44
N VAL N 673 48.02 -41.61 78.10
CA VAL N 673 47.66 -42.46 76.96
C VAL N 673 48.17 -41.86 75.66
N THR N 674 48.39 -40.54 75.63
CA THR N 674 48.92 -39.90 74.43
C THR N 674 50.40 -40.19 74.24
N ASP N 675 51.13 -40.35 75.35
CA ASP N 675 52.57 -40.53 75.25
C ASP N 675 52.95 -41.93 74.75
N PHE N 676 52.08 -42.92 74.96
CA PHE N 676 52.42 -44.29 74.61
C PHE N 676 51.90 -44.68 73.23
N HIS N 677 50.92 -43.96 72.69
CA HIS N 677 50.57 -44.15 71.29
C HIS N 677 51.75 -43.83 70.37
N LEU N 678 52.67 -42.99 70.83
CA LEU N 678 53.91 -42.67 70.11
C LEU N 678 54.86 -43.85 70.04
N ASP N 679 54.89 -44.70 71.07
CA ASP N 679 55.61 -45.97 71.00
C ASP N 679 54.84 -47.03 70.23
N HIS N 680 53.64 -46.71 69.73
CA HIS N 680 52.81 -47.63 68.96
C HIS N 680 52.52 -48.90 69.77
N LEU N 681 52.22 -48.71 71.05
CA LEU N 681 51.89 -49.80 71.94
C LEU N 681 50.39 -50.08 71.88
N ASP N 682 50.05 -51.38 71.89
CA ASP N 682 48.65 -51.81 71.81
C ASP N 682 47.98 -51.54 73.15
N ALA N 683 46.89 -50.77 73.12
CA ALA N 683 46.20 -50.37 74.34
C ALA N 683 45.64 -51.57 75.11
N LYS N 684 45.28 -52.64 74.41
CA LYS N 684 44.62 -53.77 75.07
C LYS N 684 45.53 -54.49 76.06
N HIS N 685 46.84 -54.22 76.03
CA HIS N 685 47.79 -54.80 76.97
C HIS N 685 48.49 -53.74 77.83
N LEU N 686 47.92 -52.54 77.95
CA LEU N 686 48.40 -51.50 78.83
C LEU N 686 47.43 -51.34 80.00
N GLU N 687 47.98 -51.10 81.20
CA GLU N 687 47.20 -50.98 82.42
C GLU N 687 47.49 -49.67 83.11
N ALA N 688 46.47 -48.83 83.24
CA ALA N 688 46.58 -47.55 83.93
C ALA N 688 46.60 -47.82 85.43
N ASP N 689 47.81 -47.81 86.01
CA ASP N 689 48.05 -48.20 87.39
C ASP N 689 48.84 -47.08 88.07
N MET N 690 48.18 -46.35 88.96
CA MET N 690 48.80 -45.20 89.60
C MET N 690 49.75 -45.62 90.71
N GLU N 691 50.76 -44.78 90.94
CA GLU N 691 51.76 -44.98 91.99
C GLU N 691 52.03 -43.65 92.68
N ASP N 692 51.69 -43.56 93.96
CA ASP N 692 51.94 -42.37 94.77
C ASP N 692 51.29 -41.13 94.17
N GLY N 693 50.02 -41.28 93.76
CA GLY N 693 49.28 -40.18 93.18
C GLY N 693 49.66 -39.82 91.76
N VAL N 694 50.61 -40.52 91.16
CA VAL N 694 51.06 -40.29 89.79
C VAL N 694 50.62 -41.48 88.95
N LEU N 695 50.06 -41.20 87.77
CA LEU N 695 49.67 -42.28 86.88
C LEU N 695 50.88 -42.79 86.10
N VAL N 696 51.19 -44.07 86.30
CA VAL N 696 52.16 -44.81 85.50
C VAL N 696 51.43 -45.94 84.81
N ILE N 697 51.02 -45.73 83.57
CA ILE N 697 50.38 -46.77 82.78
C ILE N 697 51.42 -47.85 82.51
N ARG N 698 51.04 -49.10 82.78
CA ARG N 698 51.95 -50.24 82.65
C ARG N 698 52.19 -50.58 81.19
#